data_3OGK
#
_entry.id   3OGK
#
_cell.length_a   121.847
_cell.length_b   221.455
_cell.length_c   148.474
_cell.angle_alpha   90.00
_cell.angle_beta   104.49
_cell.angle_gamma   90.00
#
_symmetry.space_group_name_H-M   'P 1 21 1'
#
loop_
_entity.id
_entity.type
_entity.pdbx_description
1 polymer 'SKP1-like protein 1A'
2 polymer 'Coronatine-insensitive protein 1'
3 polymer 'JAZ1 incomplete degron peptide'
4 non-polymer '(1S,2S)-2-ethyl-1-({[(3aS,4S,6R,7aS)-6-ethyl-1-oxooctahydro-1H-inden-4-yl]carbonyl}amino)cyclopropanecarboxylic acid'
5 non-polymer 'PHOSPHATE ION'
#
loop_
_entity_poly.entity_id
_entity_poly.type
_entity_poly.pdbx_seq_one_letter_code
_entity_poly.pdbx_strand_id
1 'polypeptide(L)'
;MSAKKIVLKSSDGESFEVEEAVALESQTIAHMVEDDCVDNGVPLPNVTSKILAKVIEYCKRHVEAAASKAEAVEGAATSD
DDLKAWDADFMKIDQATLFELILAANYLNIKNLLDLTCQTVADMIKGKTPEEIRTTFNIKNDFTPEEEEEVRRENQWAFE
;
A,C,E,G,I,K,M,O
2 'polypeptide(L)'
;MEDPDIKRCKLSCVATVDDVIEQVMTYITDPKDRDSASLVCRRWFKIDSETREHVTMALCYTATPDRLSRRFPNLRSLKL
KGKPRAAMFNLIPENWGGYVTPWVTEISNNLRQLKSVHFRRMIVSDLDLDRLAKARADDLETLKLDKCSGFTTDGLLSIV
THCRKIKTLLMEESSFSEKDGKWLHELAQHNTSLEVLNFYMTEFAKISPKDLETIARNCRSLVSVKVGDFEILELVGFFK
AAANLEEFCGGSLNEDIGMPEKYMNLVFPRKLCRLGLSYMGPNEMPILFPFAAQIRKLDLLYALLETEDHCTLIQKCPNL
EVLETRNVIGDRGLEVLAQYCKQLKRLRIERGADEQGMEDEEGLVSQRGLIALAQGCQELEYMAVYVSDITNESLESIGT
YLKNLCDFRLVLLDREERITDLPLDNGVRSLLIGCKKLRRFAFYLRQGGLTDLGLSYIGQYSPNVRWMLLGYVGESDEGL
MEFSRGCPNLQKLEMRGCCFSERAIAAAVTKLPSLRYLWVQGYRASMTGQDLMQMARPYWNIELIPSRRVPEVNQQGEIR
EMEHPAHILAYYSLAGQRTDCPTTVRVLKEPI
;
B,D,F,H,J,L,N,P
3 'polypeptide(L)' RRASLHRFLEKRKDRVTSKAPY Q,R,S,U,V,W,X
#
# COMPACT_ATOMS: atom_id res chain seq x y z
N LYS A 5 54.11 8.89 -23.12
CA LYS A 5 53.78 7.46 -23.17
C LYS A 5 53.19 6.95 -21.87
N ILE A 6 51.99 6.37 -21.94
CA ILE A 6 51.28 5.84 -20.77
C ILE A 6 50.99 4.32 -20.84
N VAL A 7 50.91 3.68 -19.67
CA VAL A 7 50.65 2.24 -19.61
C VAL A 7 49.23 1.96 -19.17
N LEU A 8 48.54 1.15 -19.96
CA LEU A 8 47.18 0.75 -19.62
C LEU A 8 47.15 -0.75 -19.33
N LYS A 9 46.73 -1.10 -18.13
CA LYS A 9 46.70 -2.50 -17.73
C LYS A 9 45.29 -3.11 -17.88
N SER A 10 45.12 -3.91 -18.92
CA SER A 10 43.87 -4.60 -19.21
C SER A 10 43.39 -5.57 -18.10
N SER A 11 42.18 -6.09 -18.25
CA SER A 11 41.53 -6.91 -17.24
C SER A 11 41.95 -8.38 -17.29
N ASP A 12 43.22 -8.62 -17.63
CA ASP A 12 43.76 -9.98 -17.62
C ASP A 12 45.28 -9.88 -17.62
N GLY A 13 45.78 -8.87 -16.92
CA GLY A 13 47.21 -8.61 -16.85
C GLY A 13 47.83 -8.52 -18.23
N GLU A 14 47.67 -7.38 -18.88
CA GLU A 14 48.20 -7.18 -20.24
C GLU A 14 48.57 -5.72 -20.40
N SER A 15 49.84 -5.41 -20.21
CA SER A 15 50.28 -4.03 -20.34
C SER A 15 50.16 -3.53 -21.79
N PHE A 16 49.80 -2.27 -21.93
CA PHE A 16 49.66 -1.64 -23.24
C PHE A 16 50.42 -0.32 -23.31
N GLU A 17 51.42 -0.29 -24.18
CA GLU A 17 52.18 0.92 -24.43
C GLU A 17 51.38 1.81 -25.37
N VAL A 18 50.95 2.98 -24.90
CA VAL A 18 50.18 3.90 -25.74
C VAL A 18 50.60 5.36 -25.57
N GLU A 19 50.46 6.13 -26.64
CA GLU A 19 50.94 7.51 -26.65
C GLU A 19 50.15 8.37 -25.70
N GLU A 20 50.71 9.54 -25.40
CA GLU A 20 50.03 10.52 -24.56
C GLU A 20 48.61 10.83 -25.03
N ALA A 21 48.51 11.55 -26.15
CA ALA A 21 47.23 12.09 -26.63
C ALA A 21 46.24 11.01 -27.07
N VAL A 22 46.70 9.76 -27.17
CA VAL A 22 45.81 8.66 -27.50
C VAL A 22 45.05 8.20 -26.28
N ALA A 23 45.75 8.00 -25.17
CA ALA A 23 45.11 7.59 -23.94
C ALA A 23 44.24 8.70 -23.36
N LEU A 24 44.43 9.94 -23.83
CA LEU A 24 43.65 11.08 -23.34
C LEU A 24 42.28 11.24 -23.99
N GLU A 25 42.01 10.48 -25.05
CA GLU A 25 40.67 10.49 -25.64
C GLU A 25 39.67 10.04 -24.61
N SER A 26 40.10 9.17 -23.70
CA SER A 26 39.28 8.71 -22.59
C SER A 26 39.33 9.70 -21.43
N GLN A 27 38.26 10.46 -21.20
CA GLN A 27 38.23 11.34 -20.05
C GLN A 27 38.32 10.57 -18.74
N THR A 28 38.14 9.25 -18.77
CA THR A 28 38.29 8.45 -17.55
C THR A 28 39.76 8.25 -17.26
N ILE A 29 40.56 8.11 -18.31
CA ILE A 29 42.01 7.97 -18.17
C ILE A 29 42.66 9.35 -17.99
N ALA A 30 42.00 10.39 -18.48
CA ALA A 30 42.49 11.77 -18.28
C ALA A 30 42.27 12.29 -16.84
N HIS A 31 41.07 12.09 -16.29
CA HIS A 31 40.77 12.48 -14.90
C HIS A 31 41.56 11.60 -13.92
N MET A 32 42.43 10.76 -14.47
CA MET A 32 43.22 9.84 -13.67
C MET A 32 44.72 10.12 -13.85
N VAL A 33 45.04 11.31 -14.33
CA VAL A 33 46.42 11.79 -14.34
C VAL A 33 46.50 12.99 -13.40
N GLU A 34 45.38 13.30 -12.74
CA GLU A 34 45.36 14.29 -11.68
C GLU A 34 45.94 13.64 -10.43
N ASP A 35 45.16 12.74 -9.86
CA ASP A 35 45.60 11.88 -8.76
C ASP A 35 46.52 10.79 -9.30
N ASP A 36 47.21 11.11 -10.39
CA ASP A 36 48.05 10.17 -11.15
C ASP A 36 48.31 8.80 -10.52
N CYS A 37 47.47 7.83 -10.89
CA CYS A 37 47.73 6.43 -10.53
C CYS A 37 48.74 5.87 -11.53
N VAL A 38 49.08 6.69 -12.53
CA VAL A 38 49.98 6.30 -13.61
C VAL A 38 51.30 5.70 -13.11
N ASP A 39 51.61 5.93 -11.83
CA ASP A 39 52.82 5.39 -11.20
C ASP A 39 52.95 3.89 -11.48
N ASN A 40 51.82 3.19 -11.45
CA ASN A 40 51.78 1.75 -11.66
C ASN A 40 51.03 1.39 -12.95
N GLY A 41 50.88 2.38 -13.83
CA GLY A 41 50.03 2.25 -15.01
C GLY A 41 48.56 2.32 -14.62
N VAL A 42 47.72 2.85 -15.51
CA VAL A 42 46.29 2.99 -15.22
C VAL A 42 45.58 1.61 -15.16
N PRO A 43 45.10 1.24 -13.97
CA PRO A 43 44.48 -0.07 -13.79
C PRO A 43 43.01 -0.05 -14.26
N LEU A 44 42.73 -0.57 -15.46
CA LEU A 44 41.34 -0.68 -15.88
C LEU A 44 40.90 -2.12 -16.16
N PRO A 45 40.42 -2.81 -15.12
CA PRO A 45 40.14 -4.26 -15.13
C PRO A 45 38.72 -4.60 -15.58
N ASN A 46 38.09 -3.72 -16.34
CA ASN A 46 36.74 -3.99 -16.83
C ASN A 46 36.69 -4.13 -18.34
N VAL A 47 37.83 -3.87 -18.96
CA VAL A 47 37.96 -4.05 -20.39
C VAL A 47 38.79 -5.27 -20.71
N THR A 48 38.19 -6.18 -21.46
CA THR A 48 38.90 -7.34 -21.99
C THR A 48 40.12 -6.80 -22.76
N SER A 49 41.19 -7.60 -22.84
CA SER A 49 42.38 -7.15 -23.54
C SER A 49 42.14 -7.06 -25.06
N LYS A 50 41.34 -7.99 -25.57
CA LYS A 50 40.92 -8.00 -26.97
C LYS A 50 40.16 -6.70 -27.35
N ILE A 51 39.33 -6.25 -26.44
CA ILE A 51 38.50 -5.06 -26.63
C ILE A 51 39.35 -3.80 -26.51
N LEU A 52 40.12 -3.72 -25.42
CA LEU A 52 40.98 -2.58 -25.16
C LEU A 52 41.85 -2.32 -26.38
N ALA A 53 42.35 -3.39 -26.98
CA ALA A 53 43.09 -3.29 -28.23
C ALA A 53 42.31 -2.51 -29.28
N LYS A 54 41.07 -2.95 -29.52
CA LYS A 54 40.22 -2.32 -30.51
C LYS A 54 39.93 -0.85 -30.17
N VAL A 55 39.78 -0.55 -28.88
CA VAL A 55 39.56 0.85 -28.46
C VAL A 55 40.74 1.74 -28.82
N ILE A 56 41.94 1.23 -28.55
CA ILE A 56 43.16 1.99 -28.79
C ILE A 56 43.35 2.22 -30.28
N GLU A 57 43.03 1.19 -31.07
CA GLU A 57 43.09 1.32 -32.52
C GLU A 57 42.23 2.48 -32.99
N TYR A 58 41.01 2.57 -32.45
CA TYR A 58 40.07 3.64 -32.80
C TYR A 58 40.64 5.01 -32.44
N CYS A 59 41.12 5.12 -31.21
CA CYS A 59 41.66 6.38 -30.72
C CYS A 59 42.92 6.79 -31.49
N LYS A 60 43.81 5.83 -31.72
CA LYS A 60 45.00 6.07 -32.53
C LYS A 60 44.62 6.82 -33.81
N ARG A 61 43.68 6.27 -34.58
CA ARG A 61 43.30 6.84 -35.88
C ARG A 61 42.65 8.22 -35.81
N HIS A 62 41.82 8.46 -34.79
CA HIS A 62 41.06 9.70 -34.73
C HIS A 62 41.94 10.87 -34.31
N VAL A 63 42.93 10.59 -33.45
CA VAL A 63 43.93 11.58 -33.06
C VAL A 63 44.73 12.06 -34.27
N GLU A 64 44.91 11.16 -35.24
CA GLU A 64 45.54 11.51 -36.51
C GLU A 64 44.57 12.26 -37.44
N ALA A 65 43.71 13.07 -36.83
CA ALA A 65 43.01 14.13 -37.53
C ALA A 65 43.75 15.43 -37.23
N ALA A 66 45.02 15.29 -36.86
CA ALA A 66 45.95 16.41 -36.77
C ALA A 66 46.25 16.90 -38.18
N ALA A 67 46.86 16.04 -38.99
CA ALA A 67 46.78 16.22 -40.43
C ALA A 67 45.29 16.15 -40.67
N SER A 68 44.67 17.28 -41.02
CA SER A 68 43.21 17.38 -41.01
C SER A 68 42.50 16.72 -42.22
N ASP A 80 38.34 14.40 -43.33
CA ASP A 80 37.06 13.96 -42.76
C ASP A 80 36.45 12.85 -43.60
N ASP A 81 36.57 12.99 -44.92
CA ASP A 81 35.91 12.09 -45.84
C ASP A 81 36.36 10.64 -45.62
N ASP A 82 37.66 10.45 -45.41
CA ASP A 82 38.25 9.12 -45.27
C ASP A 82 37.98 8.52 -43.89
N LEU A 83 37.47 9.35 -42.97
CA LEU A 83 37.15 8.90 -41.63
C LEU A 83 35.86 8.08 -41.58
N LYS A 84 34.79 8.62 -42.17
CA LYS A 84 33.54 7.88 -42.20
C LYS A 84 33.74 6.56 -42.90
N ALA A 85 34.79 6.49 -43.70
CA ALA A 85 35.15 5.26 -44.35
C ALA A 85 35.80 4.26 -43.38
N TRP A 86 36.87 4.67 -42.70
CA TRP A 86 37.54 3.80 -41.72
C TRP A 86 36.58 3.42 -40.61
N ASP A 87 35.79 4.40 -40.17
CA ASP A 87 34.77 4.17 -39.15
C ASP A 87 33.81 3.05 -39.57
N ALA A 88 33.14 3.25 -40.70
CA ALA A 88 32.24 2.23 -41.22
C ALA A 88 32.90 0.85 -41.31
N ASP A 89 34.16 0.82 -41.73
CA ASP A 89 34.87 -0.44 -41.90
C ASP A 89 35.27 -1.02 -40.51
N PHE A 90 35.43 -0.13 -39.55
CA PHE A 90 35.82 -0.51 -38.20
C PHE A 90 34.66 -1.22 -37.55
N MET A 91 33.45 -0.83 -37.95
CA MET A 91 32.22 -1.35 -37.36
C MET A 91 31.72 -2.67 -37.97
N LYS A 92 32.39 -3.11 -39.04
CA LYS A 92 32.14 -4.44 -39.60
C LYS A 92 32.60 -5.52 -38.61
N ILE A 93 31.99 -5.55 -37.43
CA ILE A 93 32.28 -6.55 -36.43
C ILE A 93 30.99 -7.24 -36.04
N ASP A 94 31.07 -8.21 -35.14
CA ASP A 94 29.89 -8.97 -34.72
C ASP A 94 29.18 -8.28 -33.56
N GLN A 95 27.94 -8.68 -33.32
CA GLN A 95 27.14 -8.06 -32.27
C GLN A 95 27.83 -8.06 -30.91
N ALA A 96 28.11 -9.25 -30.41
CA ALA A 96 28.73 -9.37 -29.09
C ALA A 96 29.92 -8.38 -28.94
N THR A 97 30.59 -8.08 -30.04
CA THR A 97 31.79 -7.27 -29.97
C THR A 97 31.43 -5.79 -30.02
N LEU A 98 30.46 -5.47 -30.87
CA LEU A 98 29.85 -4.14 -30.86
C LEU A 98 29.39 -3.75 -29.47
N PHE A 99 28.67 -4.63 -28.80
CA PHE A 99 28.14 -4.32 -27.49
C PHE A 99 29.25 -4.09 -26.49
N GLU A 100 30.29 -4.92 -26.55
CA GLU A 100 31.42 -4.79 -25.62
C GLU A 100 32.16 -3.46 -25.83
N LEU A 101 32.10 -2.94 -27.06
CA LEU A 101 32.73 -1.66 -27.36
C LEU A 101 31.95 -0.56 -26.75
N ILE A 102 30.63 -0.64 -26.82
CA ILE A 102 29.75 0.36 -26.20
C ILE A 102 30.01 0.46 -24.69
N LEU A 103 29.89 -0.69 -24.02
CA LEU A 103 30.24 -0.81 -22.60
C LEU A 103 31.62 -0.25 -22.29
N ALA A 104 32.56 -0.43 -23.21
CA ALA A 104 33.93 0.04 -23.02
C ALA A 104 34.05 1.53 -23.21
N ALA A 105 33.38 2.06 -24.21
CA ALA A 105 33.40 3.51 -24.46
C ALA A 105 32.77 4.24 -23.28
N ASN A 106 31.75 3.62 -22.70
CA ASN A 106 31.09 4.18 -21.54
C ASN A 106 31.96 4.10 -20.28
N TYR A 107 32.66 2.97 -20.12
CA TYR A 107 33.59 2.73 -19.00
C TYR A 107 34.76 3.73 -18.98
N LEU A 108 35.44 3.88 -20.12
CA LEU A 108 36.38 4.96 -20.32
C LEU A 108 35.44 6.12 -20.53
N ASN A 109 35.78 7.08 -21.36
CA ASN A 109 34.79 8.13 -21.60
C ASN A 109 34.96 8.76 -22.96
N ILE A 110 34.83 7.94 -23.97
CA ILE A 110 35.17 8.36 -25.30
C ILE A 110 33.87 8.69 -26.00
N LYS A 111 33.51 9.97 -25.98
CA LYS A 111 32.26 10.40 -26.60
C LYS A 111 32.19 10.08 -28.09
N ASN A 112 33.29 10.23 -28.81
CA ASN A 112 33.31 9.88 -30.24
C ASN A 112 32.92 8.42 -30.43
N LEU A 113 33.47 7.53 -29.60
CA LEU A 113 33.30 6.09 -29.78
C LEU A 113 31.93 5.54 -29.41
N LEU A 114 31.24 6.18 -28.48
CA LEU A 114 29.93 5.75 -28.04
C LEU A 114 28.90 6.16 -29.06
N ASP A 115 29.10 7.35 -29.60
CA ASP A 115 28.26 7.85 -30.67
C ASP A 115 28.40 6.98 -31.93
N LEU A 116 29.40 6.14 -31.99
CA LEU A 116 29.59 5.30 -33.16
C LEU A 116 29.11 3.86 -32.93
N THR A 117 29.36 3.31 -31.75
CA THR A 117 28.91 1.97 -31.48
C THR A 117 27.38 1.97 -31.27
N CYS A 118 26.90 2.92 -30.47
CA CYS A 118 25.47 3.06 -30.23
C CYS A 118 24.70 3.28 -31.51
N GLN A 119 25.21 4.17 -32.34
CA GLN A 119 24.62 4.38 -33.65
C GLN A 119 24.65 3.12 -34.52
N THR A 120 25.71 2.33 -34.41
CA THR A 120 25.79 1.10 -35.17
C THR A 120 24.70 0.11 -34.75
N VAL A 121 24.40 0.05 -33.44
CA VAL A 121 23.39 -0.86 -32.97
C VAL A 121 22.06 -0.30 -33.40
N ALA A 122 21.94 1.01 -33.36
CA ALA A 122 20.69 1.66 -33.74
C ALA A 122 20.37 1.48 -35.20
N ASP A 123 21.40 1.46 -36.02
CA ASP A 123 21.21 1.22 -37.46
C ASP A 123 20.69 -0.20 -37.75
N MET A 124 20.95 -1.14 -36.85
CA MET A 124 20.45 -2.49 -36.99
C MET A 124 18.93 -2.51 -36.78
N ILE A 125 18.44 -1.65 -35.87
CA ILE A 125 17.02 -1.55 -35.53
C ILE A 125 16.24 -0.80 -36.61
N LYS A 126 16.83 0.27 -37.11
CA LYS A 126 16.14 1.17 -38.03
C LYS A 126 15.61 0.48 -39.30
N GLY A 127 14.32 0.66 -39.54
CA GLY A 127 13.66 0.03 -40.66
C GLY A 127 13.05 -1.34 -40.42
N LYS A 128 13.53 -2.09 -39.42
CA LYS A 128 13.00 -3.44 -39.17
C LYS A 128 11.64 -3.38 -38.47
N THR A 129 10.83 -4.42 -38.64
CA THR A 129 9.60 -4.55 -37.89
C THR A 129 9.88 -5.20 -36.54
N PRO A 130 8.91 -5.15 -35.62
CA PRO A 130 9.16 -5.71 -34.29
C PRO A 130 9.59 -7.18 -34.37
N GLU A 131 9.05 -7.95 -35.31
CA GLU A 131 9.42 -9.35 -35.38
C GLU A 131 10.87 -9.46 -35.83
N GLU A 132 11.19 -8.82 -36.94
CA GLU A 132 12.57 -8.74 -37.44
C GLU A 132 13.61 -8.27 -36.40
N ILE A 133 13.23 -7.32 -35.55
CA ILE A 133 14.09 -6.89 -34.46
C ILE A 133 14.40 -8.02 -33.49
N ARG A 134 13.41 -8.73 -32.97
CA ARG A 134 13.72 -9.74 -31.93
C ARG A 134 14.28 -11.00 -32.56
N THR A 135 14.03 -11.14 -33.86
CA THR A 135 14.70 -12.16 -34.66
C THR A 135 16.20 -11.90 -34.61
N THR A 136 16.60 -10.75 -35.13
CA THR A 136 18.02 -10.45 -35.27
C THR A 136 18.71 -10.01 -33.99
N PHE A 137 18.19 -10.41 -32.84
CA PHE A 137 18.77 -10.12 -31.52
C PHE A 137 18.38 -11.25 -30.57
N ASN A 138 17.56 -12.18 -31.09
CA ASN A 138 17.08 -13.31 -30.31
C ASN A 138 16.43 -12.85 -28.99
N ILE A 139 15.26 -12.18 -29.12
CA ILE A 139 14.51 -11.67 -27.97
C ILE A 139 13.11 -12.30 -27.96
N LYS A 140 12.73 -12.90 -26.82
CA LYS A 140 11.42 -13.50 -26.71
C LYS A 140 10.34 -12.44 -26.47
N ASN A 141 9.40 -12.33 -27.42
CA ASN A 141 8.20 -11.52 -27.23
C ASN A 141 7.39 -11.88 -25.98
N ASP A 142 7.58 -11.15 -24.88
CA ASP A 142 6.89 -11.44 -23.64
C ASP A 142 5.60 -10.63 -23.34
N PHE A 143 4.98 -10.09 -24.39
CA PHE A 143 3.73 -9.36 -24.23
C PHE A 143 2.53 -10.31 -24.09
N THR A 144 1.65 -10.08 -23.14
CA THR A 144 0.33 -10.69 -23.26
C THR A 144 -0.32 -10.08 -24.51
N PRO A 145 -1.20 -10.82 -25.14
CA PRO A 145 -1.81 -10.27 -26.37
C PRO A 145 -2.58 -8.96 -26.13
N GLU A 146 -3.13 -8.74 -24.95
CA GLU A 146 -3.84 -7.51 -24.65
C GLU A 146 -2.84 -6.37 -24.64
N GLU A 147 -1.68 -6.60 -24.06
CA GLU A 147 -0.66 -5.56 -23.94
C GLU A 147 -0.19 -5.16 -25.31
N GLU A 148 0.12 -6.17 -26.13
CA GLU A 148 0.59 -5.92 -27.48
C GLU A 148 -0.46 -5.15 -28.24
N GLU A 149 -1.72 -5.43 -27.98
CA GLU A 149 -2.78 -4.76 -28.72
C GLU A 149 -2.87 -3.30 -28.30
N GLU A 150 -2.88 -3.05 -27.00
CA GLU A 150 -2.98 -1.69 -26.50
C GLU A 150 -1.85 -0.86 -27.10
N VAL A 151 -0.63 -1.35 -26.98
CA VAL A 151 0.52 -0.64 -27.51
C VAL A 151 0.43 -0.40 -29.02
N ARG A 152 -0.05 -1.37 -29.75
CA ARG A 152 -0.22 -1.21 -31.17
C ARG A 152 -1.32 -0.16 -31.45
N ARG A 153 -2.41 -0.19 -30.70
CA ARG A 153 -3.45 0.81 -30.89
C ARG A 153 -2.95 2.19 -30.56
N GLU A 154 -2.22 2.32 -29.48
CA GLU A 154 -1.76 3.62 -29.06
C GLU A 154 -0.86 4.16 -30.17
N ASN A 155 0.04 3.30 -30.64
CA ASN A 155 0.98 3.69 -31.67
C ASN A 155 0.36 4.12 -33.01
N GLN A 156 -0.79 3.56 -33.39
CA GLN A 156 -1.32 3.79 -34.72
C GLN A 156 -2.53 4.68 -34.75
N TRP A 157 -3.23 4.78 -33.63
CA TRP A 157 -4.44 5.57 -33.62
C TRP A 157 -4.21 6.90 -32.94
N ALA A 158 -3.25 6.96 -32.02
CA ALA A 158 -3.16 8.07 -31.08
C ALA A 158 -1.85 8.88 -31.11
N PHE A 159 -0.75 8.21 -30.82
CA PHE A 159 0.50 8.88 -30.63
C PHE A 159 1.54 8.70 -31.76
N GLU A 160 1.93 9.82 -32.38
CA GLU A 160 3.12 9.90 -33.23
C GLU A 160 2.79 9.87 -34.73
N SER B 12 31.49 -11.23 -15.36
CA SER B 12 31.52 -11.05 -16.81
C SER B 12 31.00 -12.28 -17.56
N CYS B 13 29.82 -12.13 -18.14
CA CYS B 13 29.19 -13.15 -18.98
C CYS B 13 29.01 -12.51 -20.37
N VAL B 14 28.61 -13.31 -21.36
CA VAL B 14 28.34 -12.81 -22.71
C VAL B 14 27.45 -11.56 -22.60
N ALA B 15 27.89 -10.43 -23.16
CA ALA B 15 27.05 -9.21 -23.12
C ALA B 15 25.88 -9.28 -24.11
N THR B 16 24.66 -9.05 -23.62
CA THR B 16 23.42 -9.13 -24.42
C THR B 16 23.08 -7.73 -24.91
N VAL B 17 22.14 -7.63 -25.85
CA VAL B 17 21.61 -6.34 -26.23
C VAL B 17 21.00 -5.66 -25.02
N ASP B 18 20.44 -6.46 -24.11
CA ASP B 18 19.78 -5.94 -22.92
C ASP B 18 20.72 -5.12 -22.06
N ASP B 19 22.02 -5.37 -22.16
CA ASP B 19 23.03 -4.68 -21.34
C ASP B 19 23.34 -3.29 -21.91
N VAL B 20 22.70 -2.98 -23.01
CA VAL B 20 23.12 -1.83 -23.78
C VAL B 20 21.94 -1.05 -24.42
N ILE B 21 20.72 -1.57 -24.33
CA ILE B 21 19.56 -0.99 -24.99
C ILE B 21 19.08 0.34 -24.37
N GLU B 22 19.19 0.50 -23.06
CA GLU B 22 18.83 1.77 -22.44
C GLU B 22 19.62 2.88 -23.11
N GLN B 23 20.87 2.59 -23.46
CA GLN B 23 21.78 3.58 -24.04
C GLN B 23 21.48 3.83 -25.51
N VAL B 24 21.33 2.75 -26.27
CA VAL B 24 21.15 2.79 -27.70
C VAL B 24 19.82 3.41 -28.09
N MET B 25 18.78 3.16 -27.28
CA MET B 25 17.43 3.64 -27.59
C MET B 25 17.42 5.13 -27.86
N THR B 26 18.20 5.88 -27.11
CA THR B 26 18.26 7.32 -27.30
C THR B 26 18.95 7.78 -28.56
N TYR B 27 19.34 6.87 -29.44
CA TYR B 27 19.93 7.23 -30.74
C TYR B 27 18.94 6.93 -31.85
N ILE B 28 17.83 6.33 -31.47
CA ILE B 28 16.80 6.01 -32.43
C ILE B 28 15.92 7.22 -32.35
N THR B 29 15.82 7.91 -33.47
CA THR B 29 15.17 9.20 -33.51
C THR B 29 13.84 9.15 -34.27
N ASP B 30 13.78 8.35 -35.34
CA ASP B 30 12.61 8.26 -36.21
C ASP B 30 11.38 7.73 -35.46
N PRO B 31 10.30 8.51 -35.48
CA PRO B 31 9.06 8.10 -34.81
C PRO B 31 8.59 6.70 -35.21
N LYS B 32 8.86 6.27 -36.44
CA LYS B 32 8.38 4.97 -36.89
C LYS B 32 9.25 3.84 -36.35
N ASP B 33 10.46 4.17 -35.92
CA ASP B 33 11.39 3.16 -35.47
C ASP B 33 11.20 3.02 -33.98
N ARG B 34 10.82 4.10 -33.35
CA ARG B 34 10.47 4.08 -31.94
C ARG B 34 9.23 3.24 -31.78
N ASP B 35 8.28 3.47 -32.68
CA ASP B 35 7.09 2.66 -32.78
C ASP B 35 7.45 1.19 -32.69
N SER B 36 8.22 0.69 -33.67
CA SER B 36 8.61 -0.71 -33.71
C SER B 36 9.28 -1.10 -32.42
N ALA B 37 10.29 -0.35 -32.03
CA ALA B 37 11.09 -0.70 -30.86
C ALA B 37 10.24 -0.94 -29.61
N SER B 38 9.20 -0.13 -29.47
CA SER B 38 8.33 -0.19 -28.31
C SER B 38 7.56 -1.49 -28.28
N LEU B 39 7.57 -2.22 -29.40
CA LEU B 39 6.81 -3.42 -29.57
C LEU B 39 7.63 -4.71 -29.58
N VAL B 40 8.94 -4.64 -29.32
CA VAL B 40 9.73 -5.86 -29.30
C VAL B 40 9.61 -6.65 -28.01
N CYS B 41 9.27 -6.01 -26.90
CA CYS B 41 9.12 -6.74 -25.64
C CYS B 41 8.92 -5.79 -24.48
N ARG B 42 8.44 -6.31 -23.36
CA ARG B 42 8.11 -5.46 -22.26
C ARG B 42 9.22 -4.47 -21.88
N ARG B 43 10.47 -4.90 -21.96
CA ARG B 43 11.57 -4.03 -21.51
C ARG B 43 11.82 -2.87 -22.44
N TRP B 44 11.78 -3.14 -23.73
CA TRP B 44 11.96 -2.12 -24.73
C TRP B 44 10.79 -1.13 -24.68
N PHE B 45 9.59 -1.65 -24.47
CA PHE B 45 8.46 -0.79 -24.30
C PHE B 45 8.71 0.20 -23.19
N LYS B 46 9.28 -0.25 -22.09
CA LYS B 46 9.43 0.59 -20.94
C LYS B 46 10.54 1.61 -21.15
N ILE B 47 11.58 1.22 -21.87
CA ILE B 47 12.68 2.15 -22.12
C ILE B 47 12.24 3.24 -23.09
N ASP B 48 11.48 2.84 -24.10
CA ASP B 48 10.95 3.81 -25.04
C ASP B 48 10.03 4.76 -24.29
N SER B 49 9.17 4.22 -23.46
CA SER B 49 8.25 5.00 -22.63
C SER B 49 8.92 6.10 -21.83
N GLU B 50 10.05 5.80 -21.25
CA GLU B 50 10.73 6.75 -20.39
C GLU B 50 11.71 7.64 -21.12
N THR B 51 11.94 7.44 -22.41
CA THR B 51 12.94 8.23 -23.09
C THR B 51 12.37 9.01 -24.23
N ARG B 52 11.13 8.70 -24.64
CA ARG B 52 10.54 9.39 -25.78
C ARG B 52 10.55 10.88 -25.49
N GLU B 53 10.99 11.67 -26.44
CA GLU B 53 11.09 13.11 -26.23
C GLU B 53 9.96 13.90 -26.87
N HIS B 54 9.53 13.49 -28.06
CA HIS B 54 8.46 14.17 -28.74
C HIS B 54 7.32 13.23 -29.16
N VAL B 55 6.09 13.70 -28.99
CA VAL B 55 4.91 13.02 -29.46
C VAL B 55 3.95 13.98 -30.20
N THR B 56 3.41 13.60 -31.32
CA THR B 56 2.41 14.38 -31.99
C THR B 56 1.10 13.65 -31.95
N MET B 57 0.00 14.33 -31.70
CA MET B 57 -1.29 13.69 -31.78
C MET B 57 -2.04 14.34 -32.88
N ALA B 58 -2.34 13.60 -33.95
CA ALA B 58 -3.04 14.21 -35.07
C ALA B 58 -4.48 14.60 -34.76
N LEU B 59 -5.07 14.02 -33.70
CA LEU B 59 -6.44 14.33 -33.31
C LEU B 59 -6.56 14.19 -31.83
N CYS B 60 -6.76 15.29 -31.14
CA CYS B 60 -6.69 15.30 -29.70
C CYS B 60 -7.66 14.28 -29.07
N TYR B 61 -8.75 14.02 -29.74
CA TYR B 61 -9.83 13.25 -29.18
C TYR B 61 -9.58 11.72 -29.25
N THR B 62 -8.38 11.35 -29.61
CA THR B 62 -8.02 10.01 -29.99
C THR B 62 -7.57 9.25 -28.75
N ALA B 63 -7.17 9.99 -27.72
CA ALA B 63 -6.87 9.39 -26.42
C ALA B 63 -7.03 10.44 -25.36
N THR B 64 -7.16 10.02 -24.10
CA THR B 64 -7.24 10.97 -22.98
C THR B 64 -5.85 11.42 -22.56
N PRO B 65 -5.77 12.60 -21.94
CA PRO B 65 -4.48 13.11 -21.51
C PRO B 65 -3.85 12.19 -20.49
N ASP B 66 -4.67 11.57 -19.66
CA ASP B 66 -4.15 10.55 -18.77
C ASP B 66 -3.35 9.48 -19.49
N ARG B 67 -3.88 8.94 -20.59
CA ARG B 67 -3.18 7.90 -21.32
C ARG B 67 -1.85 8.37 -21.84
N LEU B 68 -1.83 9.56 -22.45
CA LEU B 68 -0.62 10.18 -22.96
C LEU B 68 0.49 10.23 -21.92
N SER B 69 0.20 10.79 -20.74
CA SER B 69 1.24 10.98 -19.73
C SER B 69 1.60 9.69 -18.98
N ARG B 70 0.81 8.64 -19.17
CA ARG B 70 1.13 7.36 -18.54
C ARG B 70 2.11 6.64 -19.41
N ARG B 71 1.84 6.67 -20.71
CA ARG B 71 2.75 6.11 -21.70
C ARG B 71 4.07 6.89 -21.87
N PHE B 72 4.02 8.22 -21.81
CA PHE B 72 5.24 9.03 -22.04
C PHE B 72 5.48 10.12 -20.99
N PRO B 73 5.77 9.73 -19.74
CA PRO B 73 5.89 10.69 -18.65
C PRO B 73 6.96 11.76 -18.86
N ASN B 74 7.96 11.53 -19.68
CA ASN B 74 9.05 12.48 -19.80
C ASN B 74 9.12 13.25 -21.09
N LEU B 75 7.97 13.46 -21.72
CA LEU B 75 7.92 14.24 -22.94
C LEU B 75 8.67 15.53 -22.74
N ARG B 76 9.40 15.97 -23.76
CA ARG B 76 9.97 17.30 -23.75
C ARG B 76 9.14 18.20 -24.69
N SER B 77 8.48 17.60 -25.66
CA SER B 77 7.85 18.34 -26.72
C SER B 77 6.52 17.69 -27.12
N LEU B 78 5.44 18.46 -27.17
CA LEU B 78 4.12 17.92 -27.51
C LEU B 78 3.45 18.70 -28.61
N LYS B 79 2.74 18.03 -29.50
CA LYS B 79 2.02 18.72 -30.54
C LYS B 79 0.65 18.12 -30.72
N LEU B 80 -0.41 18.90 -30.50
CA LEU B 80 -1.77 18.41 -30.62
C LEU B 80 -2.52 19.13 -31.70
N LYS B 81 -3.25 18.40 -32.53
CA LYS B 81 -4.16 19.03 -33.49
C LYS B 81 -5.59 18.79 -33.01
N GLY B 82 -6.47 19.74 -33.28
CA GLY B 82 -7.86 19.59 -32.92
C GLY B 82 -8.81 19.51 -34.10
N LYS B 83 -9.34 20.66 -34.52
CA LYS B 83 -10.36 20.71 -35.56
C LYS B 83 -9.83 20.09 -36.82
N PRO B 84 -10.70 19.38 -37.55
CA PRO B 84 -10.45 18.84 -38.88
C PRO B 84 -9.91 19.91 -39.84
N ARG B 85 -9.03 19.54 -40.75
CA ARG B 85 -8.44 20.46 -41.71
C ARG B 85 -9.50 21.34 -42.38
N ALA B 86 -10.69 20.80 -42.55
CA ALA B 86 -11.74 21.53 -43.22
C ALA B 86 -12.02 22.87 -42.55
N ALA B 87 -11.59 23.00 -41.31
CA ALA B 87 -11.90 24.18 -40.52
C ALA B 87 -11.18 25.39 -41.09
N MET B 88 -10.09 25.14 -41.79
CA MET B 88 -9.29 26.19 -42.40
C MET B 88 -10.01 26.80 -43.59
N PHE B 89 -11.17 26.25 -43.92
CA PHE B 89 -11.93 26.69 -45.06
C PHE B 89 -13.34 27.06 -44.68
N ASN B 90 -13.49 27.54 -43.46
CA ASN B 90 -14.79 27.83 -42.88
C ASN B 90 -15.89 26.82 -43.09
N LEU B 91 -15.57 25.55 -42.87
CA LEU B 91 -16.53 24.50 -43.07
C LEU B 91 -16.96 23.86 -41.73
N ILE B 92 -16.19 24.14 -40.69
CA ILE B 92 -16.40 23.54 -39.37
C ILE B 92 -16.88 24.60 -38.36
N PRO B 93 -17.97 24.29 -37.62
CA PRO B 93 -18.51 25.20 -36.62
C PRO B 93 -17.42 25.65 -35.66
N GLU B 94 -17.50 26.88 -35.20
CA GLU B 94 -16.45 27.45 -34.39
C GLU B 94 -16.33 26.69 -33.09
N ASN B 95 -17.47 26.27 -32.55
CA ASN B 95 -17.55 25.59 -31.24
C ASN B 95 -17.36 24.06 -31.32
N TRP B 96 -16.97 23.56 -32.49
CA TRP B 96 -16.87 22.13 -32.74
C TRP B 96 -16.11 21.38 -31.68
N GLY B 97 -15.03 21.95 -31.17
CA GLY B 97 -14.21 21.25 -30.21
C GLY B 97 -12.75 21.59 -30.38
N GLY B 98 -11.89 20.84 -29.74
CA GLY B 98 -10.48 21.09 -29.82
C GLY B 98 -10.00 21.84 -28.60
N TYR B 99 -10.75 21.76 -27.50
CA TYR B 99 -10.39 22.49 -26.27
C TYR B 99 -9.11 21.96 -25.67
N VAL B 100 -8.20 22.86 -25.44
CA VAL B 100 -6.84 22.52 -25.07
C VAL B 100 -6.74 22.34 -23.54
N THR B 101 -7.82 22.65 -22.86
CA THR B 101 -7.70 22.79 -21.41
C THR B 101 -7.39 21.49 -20.58
N PRO B 102 -8.02 20.36 -20.89
CA PRO B 102 -7.64 19.14 -20.20
C PRO B 102 -6.18 18.80 -20.42
N TRP B 103 -5.69 19.06 -21.63
CA TRP B 103 -4.28 18.87 -21.90
C TRP B 103 -3.39 19.78 -21.09
N VAL B 104 -3.78 21.03 -20.87
CA VAL B 104 -2.90 21.83 -20.04
C VAL B 104 -3.01 21.46 -18.58
N THR B 105 -4.17 21.00 -18.14
CA THR B 105 -4.11 20.56 -16.75
C THR B 105 -3.26 19.28 -16.63
N GLU B 106 -3.29 18.38 -17.61
CA GLU B 106 -2.42 17.24 -17.55
C GLU B 106 -0.93 17.61 -17.60
N ILE B 107 -0.59 18.59 -18.43
CA ILE B 107 0.78 19.13 -18.44
C ILE B 107 1.21 19.68 -17.07
N SER B 108 0.37 20.48 -16.43
CA SER B 108 0.65 20.92 -15.06
C SER B 108 1.04 19.83 -14.09
N ASN B 109 0.25 18.75 -14.05
CA ASN B 109 0.50 17.70 -13.07
C ASN B 109 1.51 16.62 -13.47
N ASN B 110 1.58 16.26 -14.75
CA ASN B 110 2.24 15.00 -15.10
C ASN B 110 3.29 15.02 -16.21
N LEU B 111 3.34 16.08 -16.99
CA LEU B 111 4.40 16.16 -17.96
C LEU B 111 5.32 17.23 -17.46
N ARG B 112 5.94 16.97 -16.33
CA ARG B 112 6.84 17.93 -15.71
C ARG B 112 8.14 18.24 -16.46
N GLN B 113 8.30 17.71 -17.67
CA GLN B 113 9.57 17.90 -18.35
C GLN B 113 9.38 18.71 -19.58
N LEU B 114 8.12 19.04 -19.87
CA LEU B 114 7.73 19.63 -21.13
C LEU B 114 8.40 20.96 -21.33
N LYS B 115 9.10 21.14 -22.45
CA LYS B 115 9.71 22.42 -22.74
C LYS B 115 9.12 23.10 -24.01
N SER B 116 8.29 22.38 -24.75
CA SER B 116 7.75 22.90 -25.99
C SER B 116 6.31 22.40 -26.20
N VAL B 117 5.40 23.30 -26.56
CA VAL B 117 4.01 22.96 -26.87
C VAL B 117 3.54 23.60 -28.16
N HIS B 118 2.94 22.81 -29.04
CA HIS B 118 2.41 23.27 -30.32
C HIS B 118 0.93 22.86 -30.37
N PHE B 119 0.02 23.82 -30.30
CA PHE B 119 -1.40 23.54 -30.46
C PHE B 119 -1.76 23.93 -31.87
N ARG B 120 -2.43 23.06 -32.60
CA ARG B 120 -2.78 23.39 -33.96
C ARG B 120 -4.27 23.24 -34.16
N ARG B 121 -4.94 24.32 -34.53
CA ARG B 121 -6.37 24.30 -34.76
C ARG B 121 -7.12 23.93 -33.51
N MET B 122 -6.75 24.53 -32.39
CA MET B 122 -7.43 24.25 -31.13
C MET B 122 -8.03 25.52 -30.50
N ILE B 123 -8.94 25.31 -29.55
CA ILE B 123 -9.52 26.35 -28.71
C ILE B 123 -8.62 26.51 -27.48
N VAL B 124 -8.00 27.67 -27.35
CA VAL B 124 -7.13 28.00 -26.23
C VAL B 124 -7.65 29.25 -25.52
N SER B 125 -8.02 29.16 -24.24
CA SER B 125 -8.49 30.31 -23.47
C SER B 125 -7.40 30.99 -22.64
N ASP B 126 -7.71 32.14 -22.06
CA ASP B 126 -6.71 32.84 -21.24
C ASP B 126 -6.45 32.06 -19.98
N LEU B 127 -7.45 31.40 -19.44
CA LEU B 127 -7.24 30.63 -18.24
C LEU B 127 -6.31 29.51 -18.60
N ASP B 128 -6.52 28.86 -19.74
CA ASP B 128 -5.61 27.75 -19.99
C ASP B 128 -4.19 28.24 -20.30
N LEU B 129 -4.02 29.42 -20.88
CA LEU B 129 -2.63 29.81 -20.98
C LEU B 129 -2.00 30.36 -19.75
N ASP B 130 -2.78 31.01 -18.89
CA ASP B 130 -2.26 31.40 -17.58
C ASP B 130 -1.79 30.15 -16.84
N ARG B 131 -2.57 29.07 -16.90
CA ARG B 131 -2.16 27.85 -16.22
C ARG B 131 -0.85 27.29 -16.77
N LEU B 132 -0.75 27.26 -18.09
CA LEU B 132 0.42 26.74 -18.76
C LEU B 132 1.59 27.54 -18.31
N ALA B 133 1.45 28.87 -18.32
CA ALA B 133 2.58 29.78 -18.05
C ALA B 133 3.14 29.54 -16.65
N LYS B 134 2.25 29.49 -15.68
CA LYS B 134 2.65 29.31 -14.31
C LYS B 134 3.17 27.89 -14.02
N ALA B 135 2.58 26.87 -14.62
CA ALA B 135 3.04 25.53 -14.42
C ALA B 135 4.41 25.24 -15.00
N ARG B 136 4.74 25.88 -16.12
CA ARG B 136 5.92 25.50 -16.88
C ARG B 136 6.97 26.60 -16.79
N ALA B 137 6.51 27.84 -16.63
CA ALA B 137 7.37 28.99 -16.36
C ALA B 137 8.65 29.04 -17.19
N ASP B 138 9.79 29.14 -16.53
CA ASP B 138 11.07 29.29 -17.20
C ASP B 138 11.44 28.11 -18.06
N ASP B 139 10.75 27.00 -17.91
CA ASP B 139 11.05 25.83 -18.75
C ASP B 139 10.45 25.87 -20.15
N LEU B 140 9.40 26.66 -20.34
CA LEU B 140 8.77 26.73 -21.66
C LEU B 140 9.64 27.46 -22.63
N GLU B 141 10.39 26.72 -23.42
CA GLU B 141 11.27 27.31 -24.41
C GLU B 141 10.48 27.71 -25.64
N THR B 142 9.39 26.99 -25.93
CA THR B 142 8.63 27.22 -27.15
C THR B 142 7.11 27.01 -27.02
N LEU B 143 6.34 27.97 -27.49
CA LEU B 143 4.90 27.83 -27.51
C LEU B 143 4.40 28.21 -28.90
N LYS B 144 3.59 27.36 -29.52
CA LYS B 144 3.04 27.65 -30.82
C LYS B 144 1.50 27.63 -30.80
N LEU B 145 0.87 28.79 -30.89
CA LEU B 145 -0.57 28.83 -31.02
C LEU B 145 -0.86 28.93 -32.52
N ASP B 146 -1.04 27.80 -33.17
CA ASP B 146 -1.05 27.70 -34.62
C ASP B 146 -2.49 27.56 -35.11
N LYS B 147 -3.02 28.60 -35.73
CA LYS B 147 -4.43 28.61 -36.14
C LYS B 147 -5.39 28.30 -34.98
N CYS B 148 -5.09 28.85 -33.82
CA CYS B 148 -5.96 28.63 -32.66
C CYS B 148 -6.90 29.80 -32.44
N SER B 149 -7.89 29.63 -31.57
CA SER B 149 -8.79 30.73 -31.24
C SER B 149 -9.17 30.64 -29.79
N GLY B 150 -9.81 31.69 -29.25
CA GLY B 150 -10.40 31.65 -27.90
C GLY B 150 -9.67 32.35 -26.77
N PHE B 151 -8.50 32.92 -27.05
CA PHE B 151 -7.78 33.66 -26.05
C PHE B 151 -7.78 35.17 -26.27
N THR B 152 -6.95 35.87 -25.49
CA THR B 152 -6.75 37.31 -25.64
C THR B 152 -5.32 37.71 -25.32
N THR B 153 -5.01 38.99 -25.46
CA THR B 153 -3.73 39.53 -25.04
C THR B 153 -3.39 39.34 -23.54
N ASP B 154 -4.38 39.11 -22.71
CA ASP B 154 -4.10 38.81 -21.32
C ASP B 154 -3.36 37.49 -21.22
N GLY B 155 -3.71 36.57 -22.11
CA GLY B 155 -3.09 35.26 -22.09
C GLY B 155 -1.68 35.37 -22.58
N LEU B 156 -1.47 36.15 -23.65
CA LEU B 156 -0.10 36.35 -24.16
C LEU B 156 0.76 36.97 -23.07
N LEU B 157 0.23 37.98 -22.40
CA LEU B 157 0.99 38.69 -21.40
C LEU B 157 1.41 37.73 -20.31
N SER B 158 0.50 36.84 -19.94
CA SER B 158 0.76 35.88 -18.91
C SER B 158 1.90 34.96 -19.28
N ILE B 159 1.95 34.44 -20.52
CA ILE B 159 3.08 33.57 -20.80
C ILE B 159 4.37 34.36 -20.97
N VAL B 160 4.33 35.56 -21.55
CA VAL B 160 5.61 36.29 -21.70
C VAL B 160 6.18 36.86 -20.39
N THR B 161 5.35 37.02 -19.36
CA THR B 161 5.91 37.43 -18.08
C THR B 161 6.39 36.24 -17.17
N HIS B 162 5.75 35.08 -17.29
CA HIS B 162 6.14 33.92 -16.49
C HIS B 162 7.13 33.01 -17.19
N CYS B 163 7.16 33.05 -18.52
CA CYS B 163 8.11 32.25 -19.27
C CYS B 163 9.23 33.15 -19.80
N ARG B 164 10.26 33.34 -18.98
CA ARG B 164 11.22 34.41 -19.19
C ARG B 164 12.32 34.00 -20.15
N LYS B 165 12.30 32.74 -20.53
CA LYS B 165 13.29 32.22 -21.43
C LYS B 165 12.73 31.72 -22.76
N ILE B 166 11.52 32.12 -23.13
CA ILE B 166 10.96 31.66 -24.38
C ILE B 166 11.90 31.87 -25.57
N LYS B 167 12.17 30.81 -26.32
CA LYS B 167 13.02 30.91 -27.50
C LYS B 167 12.14 31.07 -28.73
N THR B 168 11.00 30.40 -28.74
CA THR B 168 10.14 30.55 -29.91
C THR B 168 8.67 30.70 -29.52
N LEU B 169 8.05 31.77 -30.00
CA LEU B 169 6.67 32.14 -29.66
C LEU B 169 5.94 32.41 -30.95
N LEU B 170 4.89 31.63 -31.26
CA LEU B 170 4.17 31.75 -32.52
C LEU B 170 2.64 31.89 -32.38
N MET B 171 2.03 32.72 -33.20
CA MET B 171 0.58 32.90 -33.18
C MET B 171 -0.04 32.91 -34.56
N GLU B 172 0.71 32.52 -35.57
CA GLU B 172 0.27 32.61 -36.95
C GLU B 172 -1.20 32.24 -37.15
N GLU B 173 -1.94 33.07 -37.85
CA GLU B 173 -3.32 32.80 -38.20
C GLU B 173 -4.23 32.54 -37.02
N SER B 174 -3.83 32.92 -35.82
CA SER B 174 -4.74 32.72 -34.68
C SER B 174 -5.70 33.85 -34.52
N SER B 175 -6.91 33.55 -34.05
CA SER B 175 -7.83 34.64 -33.69
C SER B 175 -8.03 34.82 -32.18
N PHE B 176 -7.85 36.03 -31.70
CA PHE B 176 -7.90 36.31 -30.27
C PHE B 176 -8.45 37.75 -30.14
N SER B 177 -8.73 38.21 -28.94
CA SER B 177 -9.19 39.56 -28.74
C SER B 177 -8.00 40.42 -28.36
N GLU B 178 -7.76 41.52 -29.08
CA GLU B 178 -6.64 42.39 -28.74
C GLU B 178 -7.08 43.54 -27.84
N LYS B 179 -6.81 43.45 -26.54
CA LYS B 179 -7.10 44.54 -25.61
C LYS B 179 -5.97 45.56 -25.42
N ASP B 180 -4.73 45.15 -25.63
CA ASP B 180 -3.59 46.03 -25.44
C ASP B 180 -2.31 45.51 -26.11
N GLY B 181 -1.23 46.27 -26.01
CA GLY B 181 0.06 45.86 -26.56
C GLY B 181 1.15 45.54 -25.54
N LYS B 182 0.78 45.26 -24.30
CA LYS B 182 1.80 45.07 -23.27
C LYS B 182 2.54 43.76 -23.38
N TRP B 183 1.96 42.76 -24.02
CA TRP B 183 2.70 41.52 -24.18
C TRP B 183 3.99 41.75 -24.94
N LEU B 184 3.92 42.47 -26.06
CA LEU B 184 5.13 42.78 -26.86
C LEU B 184 6.10 43.65 -26.04
N HIS B 185 5.55 44.62 -25.32
CA HIS B 185 6.36 45.49 -24.52
C HIS B 185 7.09 44.72 -23.44
N GLU B 186 6.39 43.77 -22.84
CA GLU B 186 6.97 42.95 -21.82
C GLU B 186 8.12 42.13 -22.39
N LEU B 187 7.99 41.64 -23.62
CA LEU B 187 9.08 40.91 -24.24
C LEU B 187 10.26 41.89 -24.44
N ALA B 188 9.97 43.06 -24.99
CA ALA B 188 10.99 44.06 -25.23
C ALA B 188 11.80 44.35 -23.99
N GLN B 189 11.15 44.34 -22.85
CA GLN B 189 11.85 44.81 -21.66
C GLN B 189 12.68 43.78 -20.94
N HIS B 190 12.40 42.50 -21.12
CA HIS B 190 13.03 41.47 -20.29
C HIS B 190 13.57 40.26 -21.04
N ASN B 191 13.12 40.07 -22.28
CA ASN B 191 13.46 38.86 -23.02
C ASN B 191 14.72 39.02 -23.81
N THR B 192 15.52 37.96 -23.76
CA THR B 192 16.87 37.99 -24.28
C THR B 192 17.13 36.83 -25.21
N SER B 193 16.26 35.84 -25.09
CA SER B 193 16.51 34.52 -25.60
C SER B 193 15.75 34.19 -26.87
N LEU B 194 14.79 35.04 -27.21
CA LEU B 194 13.96 34.88 -28.40
C LEU B 194 14.77 34.54 -29.68
N GLU B 195 14.43 33.42 -30.31
CA GLU B 195 15.04 33.01 -31.57
C GLU B 195 14.04 33.21 -32.73
N VAL B 196 12.78 32.86 -32.52
CA VAL B 196 11.74 33.03 -33.52
C VAL B 196 10.44 33.56 -32.94
N LEU B 197 9.95 34.62 -33.55
CA LEU B 197 8.77 35.34 -33.14
C LEU B 197 7.87 35.47 -34.36
N ASN B 198 6.63 35.01 -34.25
CA ASN B 198 5.82 34.83 -35.43
C ASN B 198 4.39 35.17 -35.15
N PHE B 199 3.94 36.34 -35.59
CA PHE B 199 2.53 36.63 -35.61
C PHE B 199 2.16 37.01 -37.04
N TYR B 200 2.52 36.15 -37.99
CA TYR B 200 2.40 36.43 -39.42
C TYR B 200 1.02 36.85 -39.95
N MET B 201 0.01 36.07 -39.63
CA MET B 201 -1.23 36.36 -40.27
C MET B 201 -2.23 36.83 -39.21
N THR B 202 -1.94 37.99 -38.62
CA THR B 202 -2.71 38.47 -37.48
C THR B 202 -2.95 39.96 -37.42
N GLU B 203 -4.16 40.31 -36.97
CA GLU B 203 -4.55 41.68 -36.73
C GLU B 203 -4.08 42.14 -35.37
N PHE B 204 -2.96 42.85 -35.32
CA PHE B 204 -2.57 43.59 -34.11
C PHE B 204 -2.55 45.05 -34.49
N ALA B 205 -3.36 45.83 -33.80
CA ALA B 205 -3.36 47.27 -34.01
C ALA B 205 -2.80 48.05 -32.83
N LYS B 206 -2.51 47.39 -31.71
CA LYS B 206 -2.06 48.10 -30.51
C LYS B 206 -0.61 47.80 -30.10
N ILE B 207 0.15 47.09 -30.94
CA ILE B 207 1.54 46.85 -30.57
C ILE B 207 2.44 47.86 -31.25
N SER B 208 3.56 48.17 -30.63
CA SER B 208 4.43 49.24 -31.08
C SER B 208 5.66 48.74 -31.85
N PRO B 209 5.90 49.28 -33.06
CA PRO B 209 7.10 48.87 -33.78
C PRO B 209 8.36 49.19 -32.98
N LYS B 210 8.34 50.18 -32.11
CA LYS B 210 9.50 50.42 -31.22
C LYS B 210 9.84 49.18 -30.39
N ASP B 211 8.83 48.48 -29.90
CA ASP B 211 9.02 47.33 -29.01
C ASP B 211 9.72 46.25 -29.77
N LEU B 212 9.36 46.12 -31.04
CA LEU B 212 9.89 45.06 -31.89
C LEU B 212 11.37 45.31 -32.18
N GLU B 213 11.68 46.56 -32.48
CA GLU B 213 13.03 47.03 -32.62
C GLU B 213 13.82 46.80 -31.36
N THR B 214 13.24 47.07 -30.20
CA THR B 214 14.02 46.81 -29.02
C THR B 214 14.28 45.32 -28.71
N ILE B 215 13.36 44.46 -29.10
CA ILE B 215 13.59 43.02 -29.05
C ILE B 215 14.76 42.59 -29.97
N ALA B 216 14.84 43.16 -31.17
CA ALA B 216 15.95 42.87 -32.08
C ALA B 216 17.29 43.27 -31.50
N ARG B 217 17.29 44.37 -30.80
CA ARG B 217 18.46 44.89 -30.16
C ARG B 217 18.93 43.99 -29.03
N ASN B 218 18.02 43.34 -28.33
CA ASN B 218 18.34 42.52 -27.14
C ASN B 218 18.49 41.00 -27.35
N CYS B 219 17.95 40.49 -28.46
CA CYS B 219 17.94 39.07 -28.76
C CYS B 219 18.98 38.72 -29.84
N ARG B 220 20.17 38.40 -29.38
CA ARG B 220 21.24 38.18 -30.33
C ARG B 220 20.95 36.99 -31.26
N SER B 221 20.09 36.07 -30.85
CA SER B 221 19.90 34.87 -31.62
C SER B 221 18.61 34.95 -32.41
N LEU B 222 18.09 36.15 -32.55
CA LEU B 222 16.85 36.33 -33.26
C LEU B 222 17.10 36.03 -34.76
N VAL B 223 16.47 34.97 -35.25
CA VAL B 223 16.72 34.43 -36.58
C VAL B 223 15.53 34.63 -37.52
N SER B 224 14.31 34.56 -36.99
CA SER B 224 13.10 34.63 -37.80
C SER B 224 12.05 35.50 -37.16
N VAL B 225 11.51 36.45 -37.91
CA VAL B 225 10.33 37.15 -37.46
C VAL B 225 9.31 37.40 -38.57
N LYS B 226 8.05 37.14 -38.25
CA LYS B 226 6.94 37.35 -39.16
C LYS B 226 5.92 38.19 -38.41
N VAL B 227 5.24 39.07 -39.11
CA VAL B 227 4.64 40.19 -38.46
C VAL B 227 3.37 40.57 -39.19
N GLY B 228 2.54 41.43 -38.59
CA GLY B 228 1.31 41.90 -39.23
C GLY B 228 1.47 43.11 -40.15
N ASP B 229 0.50 44.01 -40.15
CA ASP B 229 0.55 45.15 -41.06
C ASP B 229 1.35 46.39 -40.59
N PHE B 230 2.52 46.20 -39.97
CA PHE B 230 3.45 47.27 -39.69
C PHE B 230 3.94 47.95 -40.97
N GLU B 231 3.95 49.29 -41.03
CA GLU B 231 4.56 50.00 -42.13
C GLU B 231 6.04 49.63 -42.17
N ILE B 232 6.51 49.10 -43.29
CA ILE B 232 7.90 48.71 -43.39
C ILE B 232 8.87 49.84 -43.02
N LEU B 233 8.51 51.08 -43.34
CA LEU B 233 9.39 52.20 -42.99
C LEU B 233 9.59 52.32 -41.47
N GLU B 234 8.57 51.94 -40.70
CA GLU B 234 8.62 51.96 -39.24
C GLU B 234 9.52 50.87 -38.67
N LEU B 235 9.97 49.96 -39.54
CA LEU B 235 10.80 48.85 -39.12
C LEU B 235 12.25 49.04 -39.50
N VAL B 236 12.60 50.23 -39.98
CA VAL B 236 13.96 50.48 -40.42
C VAL B 236 14.94 50.24 -39.30
N GLY B 237 14.59 50.70 -38.10
CA GLY B 237 15.41 50.50 -36.92
C GLY B 237 15.55 49.03 -36.57
N PHE B 238 14.42 48.33 -36.65
CA PHE B 238 14.39 46.89 -36.42
C PHE B 238 15.34 46.16 -37.37
N PHE B 239 15.30 46.49 -38.66
CA PHE B 239 16.15 45.79 -39.62
C PHE B 239 17.65 46.01 -39.38
N LYS B 240 18.07 47.23 -39.04
CA LYS B 240 19.46 47.46 -38.63
C LYS B 240 19.87 46.67 -37.40
N ALA B 241 18.96 46.50 -36.45
CA ALA B 241 19.28 45.84 -35.18
C ALA B 241 19.21 44.31 -35.26
N ALA B 242 18.41 43.78 -36.16
CA ALA B 242 18.31 42.32 -36.33
C ALA B 242 19.45 41.71 -37.15
N ALA B 243 20.68 41.87 -36.69
CA ALA B 243 21.86 41.43 -37.42
C ALA B 243 21.80 39.98 -37.90
N ASN B 244 21.24 39.09 -37.11
CA ASN B 244 21.24 37.69 -37.48
C ASN B 244 19.99 37.24 -38.18
N LEU B 245 19.09 38.15 -38.48
CA LEU B 245 17.84 37.77 -39.12
C LEU B 245 18.06 37.00 -40.42
N GLU B 246 17.40 35.86 -40.56
CA GLU B 246 17.45 35.05 -41.77
C GLU B 246 16.13 35.03 -42.48
N GLU B 247 15.07 35.29 -41.72
CA GLU B 247 13.73 35.20 -42.27
C GLU B 247 12.94 36.41 -41.83
N PHE B 248 12.20 37.02 -42.75
CA PHE B 248 11.25 38.03 -42.39
C PHE B 248 10.06 37.92 -43.33
N CYS B 249 8.85 37.87 -42.78
CA CYS B 249 7.61 37.97 -43.59
C CYS B 249 6.67 38.96 -42.95
N GLY B 250 5.85 39.61 -43.76
CA GLY B 250 4.84 40.51 -43.26
C GLY B 250 5.14 41.95 -43.55
N GLY B 251 4.77 42.81 -42.61
CA GLY B 251 4.88 44.24 -42.81
C GLY B 251 3.91 44.67 -43.88
N SER B 252 3.87 45.96 -44.14
CA SER B 252 3.03 46.55 -45.14
C SER B 252 3.88 47.48 -45.98
N LEU B 253 3.85 47.32 -47.31
CA LEU B 253 4.47 48.26 -48.22
C LEU B 253 3.38 49.13 -48.79
N ASN B 254 3.28 50.36 -48.30
CA ASN B 254 2.26 51.31 -48.75
C ASN B 254 2.87 52.45 -49.55
N GLU B 255 2.73 52.39 -50.88
CA GLU B 255 3.28 53.44 -51.71
C GLU B 255 2.32 54.61 -51.75
N ASP B 256 2.87 55.82 -51.79
CA ASP B 256 2.07 57.00 -52.12
C ASP B 256 2.79 57.71 -53.25
N ILE B 257 2.02 58.27 -54.17
CA ILE B 257 2.61 58.90 -55.35
C ILE B 257 3.53 60.03 -54.91
N GLY B 258 3.20 60.63 -53.77
CA GLY B 258 4.01 61.66 -53.14
C GLY B 258 5.51 61.34 -53.07
N MET B 259 5.86 60.22 -52.47
CA MET B 259 7.27 59.78 -52.46
C MET B 259 7.47 58.70 -53.50
N PRO B 260 8.05 59.05 -54.64
CA PRO B 260 8.24 58.11 -55.73
C PRO B 260 9.25 57.07 -55.30
N GLU B 261 10.18 57.46 -54.44
CA GLU B 261 11.19 56.55 -53.95
C GLU B 261 11.05 56.34 -52.47
N LYS B 262 9.81 56.14 -52.01
CA LYS B 262 9.48 55.98 -50.58
C LYS B 262 10.43 55.02 -49.89
N TYR B 263 10.65 53.89 -50.54
CA TYR B 263 11.50 52.85 -49.99
C TYR B 263 12.91 52.98 -50.50
N MET B 264 13.36 52.08 -51.34
CA MET B 264 14.63 52.26 -52.05
C MET B 264 15.85 52.41 -51.13
N ASN B 265 15.61 52.77 -49.87
CA ASN B 265 16.69 52.97 -48.89
C ASN B 265 16.53 52.03 -47.70
N LEU B 266 16.04 50.82 -47.97
CA LEU B 266 15.93 49.84 -46.94
C LEU B 266 17.24 49.11 -46.71
N VAL B 267 17.69 49.10 -45.47
CA VAL B 267 18.77 48.24 -45.03
C VAL B 267 18.17 46.89 -44.67
N PHE B 268 18.29 45.87 -45.50
CA PHE B 268 17.82 44.55 -45.05
C PHE B 268 18.97 43.77 -44.42
N PRO B 269 18.69 43.04 -43.34
CA PRO B 269 19.78 42.33 -42.68
C PRO B 269 20.58 41.45 -43.65
N ARG B 270 21.90 41.47 -43.54
CA ARG B 270 22.73 40.77 -44.50
C ARG B 270 22.74 39.29 -44.21
N LYS B 271 21.73 38.56 -44.63
CA LYS B 271 21.63 37.14 -44.23
C LYS B 271 20.21 36.72 -44.55
N LEU B 272 19.33 37.72 -44.60
CA LEU B 272 17.96 37.56 -45.04
C LEU B 272 17.98 36.75 -46.30
N CYS B 273 17.27 35.63 -46.30
CA CYS B 273 17.29 34.74 -47.44
C CYS B 273 15.98 33.99 -47.55
N ARG B 274 15.08 34.27 -46.62
CA ARG B 274 13.76 33.67 -46.57
C ARG B 274 12.81 34.80 -46.28
N LEU B 275 11.96 35.19 -47.21
CA LEU B 275 11.19 36.39 -46.97
C LEU B 275 9.94 36.53 -47.79
N GLY B 276 9.06 37.42 -47.34
CA GLY B 276 7.87 37.79 -48.08
C GLY B 276 7.36 39.13 -47.59
N LEU B 277 7.36 40.16 -48.42
CA LEU B 277 6.92 41.50 -48.01
C LEU B 277 5.49 41.68 -48.49
N SER B 278 4.57 41.94 -47.59
CA SER B 278 3.16 41.99 -47.97
C SER B 278 2.79 43.27 -48.69
N TYR B 279 1.92 43.13 -49.68
CA TYR B 279 1.44 44.23 -50.51
C TYR B 279 2.50 44.78 -51.47
N MET B 280 3.65 44.11 -51.54
CA MET B 280 4.75 44.53 -52.41
C MET B 280 4.35 44.67 -53.88
N GLY B 281 4.48 45.88 -54.41
CA GLY B 281 4.15 46.15 -55.81
C GLY B 281 5.35 46.11 -56.73
N PRO B 282 5.14 46.48 -57.99
CA PRO B 282 6.26 46.38 -58.92
C PRO B 282 7.26 47.51 -58.64
N ASN B 283 6.77 48.64 -58.14
CA ASN B 283 7.62 49.79 -57.86
C ASN B 283 8.54 49.59 -56.66
N GLU B 284 8.13 48.74 -55.72
CA GLU B 284 8.96 48.43 -54.55
C GLU B 284 9.71 47.10 -54.66
N MET B 285 9.26 46.25 -55.55
CA MET B 285 9.96 44.99 -55.86
C MET B 285 11.49 45.07 -55.96
N PRO B 286 12.01 46.10 -56.63
CA PRO B 286 13.46 46.18 -56.83
C PRO B 286 14.28 46.17 -55.55
N ILE B 287 13.74 46.49 -54.39
CA ILE B 287 14.60 46.56 -53.21
C ILE B 287 15.16 45.20 -52.84
N LEU B 288 14.69 44.17 -53.55
CA LEU B 288 15.13 42.80 -53.37
C LEU B 288 16.28 42.45 -54.29
N PHE B 289 16.45 43.19 -55.39
CA PHE B 289 17.43 42.84 -56.40
C PHE B 289 18.86 42.73 -55.83
N PRO B 290 19.26 43.67 -54.98
CA PRO B 290 20.61 43.73 -54.43
C PRO B 290 21.13 42.43 -53.84
N PHE B 291 20.22 41.53 -53.48
CA PHE B 291 20.59 40.28 -52.81
C PHE B 291 19.71 39.09 -53.24
N ALA B 292 18.98 39.24 -54.33
CA ALA B 292 18.13 38.17 -54.84
C ALA B 292 18.86 36.84 -55.09
N ALA B 293 20.15 36.88 -55.35
CA ALA B 293 20.90 35.65 -55.57
C ALA B 293 20.91 34.80 -54.31
N GLN B 294 20.54 35.39 -53.21
CA GLN B 294 20.75 34.81 -51.90
C GLN B 294 19.46 34.20 -51.39
N ILE B 295 18.34 34.63 -51.98
CA ILE B 295 17.00 34.29 -51.57
C ILE B 295 16.67 32.84 -51.85
N ARG B 296 16.34 32.09 -50.82
CA ARG B 296 16.05 30.67 -50.97
C ARG B 296 14.57 30.35 -50.76
N LYS B 297 13.84 31.30 -50.18
CA LYS B 297 12.41 31.16 -49.96
C LYS B 297 11.68 32.46 -50.24
N LEU B 298 10.60 32.39 -50.99
CA LEU B 298 9.86 33.57 -51.38
C LEU B 298 8.40 33.34 -51.12
N ASP B 299 7.77 34.26 -50.40
CA ASP B 299 6.32 34.22 -50.13
C ASP B 299 5.54 35.38 -50.77
N LEU B 300 5.12 35.18 -52.02
CA LEU B 300 4.49 36.25 -52.79
C LEU B 300 3.01 36.09 -52.72
N LEU B 301 2.58 35.43 -51.65
CA LEU B 301 1.19 35.11 -51.43
C LEU B 301 0.33 36.36 -51.24
N TYR B 302 0.89 37.37 -50.60
CA TYR B 302 0.16 38.59 -50.31
C TYR B 302 0.74 39.77 -51.07
N ALA B 303 1.31 39.49 -52.23
CA ALA B 303 1.96 40.50 -53.02
C ALA B 303 1.01 41.10 -54.07
N LEU B 304 1.19 42.39 -54.35
CA LEU B 304 0.39 43.10 -55.31
C LEU B 304 1.11 43.21 -56.66
N LEU B 305 1.69 42.12 -57.14
CA LEU B 305 2.38 42.22 -58.39
C LEU B 305 1.82 41.29 -59.46
N GLU B 306 1.96 41.71 -60.73
CA GLU B 306 1.28 41.08 -61.84
C GLU B 306 2.14 40.02 -62.49
N THR B 307 1.54 39.28 -63.40
CA THR B 307 2.23 38.14 -63.99
C THR B 307 3.57 38.50 -64.64
N GLU B 308 3.65 39.65 -65.30
CA GLU B 308 4.90 40.16 -65.85
C GLU B 308 5.97 40.32 -64.75
N ASP B 309 5.57 40.98 -63.66
CA ASP B 309 6.44 41.28 -62.53
C ASP B 309 6.95 40.03 -61.85
N HIS B 310 6.14 38.98 -61.84
CA HIS B 310 6.60 37.71 -61.28
C HIS B 310 7.79 37.18 -62.01
N CYS B 311 7.72 37.20 -63.33
CA CYS B 311 8.79 36.63 -64.14
C CYS B 311 10.09 37.38 -63.86
N THR B 312 10.01 38.70 -63.70
CA THR B 312 11.21 39.51 -63.60
C THR B 312 11.91 39.27 -62.28
N LEU B 313 11.13 39.01 -61.24
CA LEU B 313 11.71 38.70 -59.92
C LEU B 313 12.17 37.26 -59.84
N ILE B 314 11.31 36.33 -60.25
CA ILE B 314 11.68 34.92 -60.26
C ILE B 314 13.01 34.73 -60.96
N GLN B 315 13.13 35.35 -62.13
CA GLN B 315 14.33 35.31 -62.96
C GLN B 315 15.62 35.70 -62.22
N LYS B 316 15.53 36.53 -61.19
CA LYS B 316 16.71 36.91 -60.44
C LYS B 316 17.02 36.05 -59.21
N CYS B 317 16.30 34.95 -59.03
CA CYS B 317 16.47 34.10 -57.86
C CYS B 317 16.86 32.65 -58.18
N PRO B 318 18.05 32.45 -58.72
CA PRO B 318 18.53 31.15 -59.18
C PRO B 318 18.56 30.11 -58.07
N ASN B 319 18.67 30.54 -56.84
CA ASN B 319 18.84 29.59 -55.76
C ASN B 319 17.58 29.37 -54.95
N LEU B 320 16.47 29.89 -55.46
CA LEU B 320 15.15 29.71 -54.87
C LEU B 320 14.81 28.22 -54.69
N GLU B 321 14.58 27.79 -53.47
CA GLU B 321 14.05 26.45 -53.31
C GLU B 321 12.61 26.36 -52.85
N VAL B 322 12.05 27.45 -52.34
CA VAL B 322 10.63 27.42 -51.98
C VAL B 322 9.93 28.63 -52.49
N LEU B 323 8.81 28.45 -53.16
CA LEU B 323 8.06 29.58 -53.64
C LEU B 323 6.59 29.38 -53.36
N GLU B 324 5.96 30.36 -52.73
CA GLU B 324 4.51 30.32 -52.54
C GLU B 324 3.96 31.52 -53.22
N THR B 325 2.89 31.36 -53.96
CA THR B 325 2.32 32.48 -54.71
C THR B 325 0.89 32.25 -55.16
N ARG B 326 0.21 33.31 -55.58
CA ARG B 326 -1.12 33.15 -56.11
C ARG B 326 -1.00 32.71 -57.59
N ASN B 327 -2.10 32.41 -58.24
CA ASN B 327 -2.03 31.92 -59.61
C ASN B 327 -1.69 33.00 -60.67
N VAL B 328 -1.63 34.25 -60.26
CA VAL B 328 -1.19 35.33 -61.11
C VAL B 328 0.17 35.01 -61.70
N ILE B 329 0.94 34.19 -61.03
CA ILE B 329 2.21 33.72 -61.54
C ILE B 329 2.10 33.38 -63.01
N GLY B 330 0.97 32.84 -63.41
CA GLY B 330 0.69 32.48 -64.78
C GLY B 330 1.52 31.36 -65.39
N ASP B 331 1.10 30.89 -66.55
CA ASP B 331 1.90 29.92 -67.26
C ASP B 331 3.25 30.57 -67.54
N ARG B 332 3.21 31.86 -67.88
CA ARG B 332 4.43 32.56 -68.26
C ARG B 332 5.42 32.50 -67.12
N GLY B 333 4.96 32.75 -65.91
CA GLY B 333 5.81 32.70 -64.73
C GLY B 333 6.37 31.32 -64.44
N LEU B 334 5.56 30.28 -64.60
CA LEU B 334 6.05 28.91 -64.44
C LEU B 334 7.16 28.59 -65.42
N GLU B 335 7.05 29.10 -66.66
CA GLU B 335 8.10 28.89 -67.67
C GLU B 335 9.41 29.53 -67.22
N VAL B 336 9.34 30.72 -66.63
CA VAL B 336 10.51 31.38 -66.11
C VAL B 336 11.15 30.58 -64.97
N LEU B 337 10.30 30.15 -64.04
CA LEU B 337 10.72 29.35 -62.89
C LEU B 337 11.33 28.06 -63.35
N ALA B 338 10.84 27.56 -64.48
CA ALA B 338 11.26 26.30 -65.06
C ALA B 338 12.75 26.22 -65.38
N GLN B 339 13.39 27.31 -65.80
CA GLN B 339 14.81 27.18 -66.12
C GLN B 339 15.76 28.03 -65.33
N TYR B 340 15.25 29.01 -64.59
CA TYR B 340 16.13 29.78 -63.71
C TYR B 340 16.32 29.18 -62.32
N CYS B 341 15.30 28.50 -61.82
CA CYS B 341 15.34 27.93 -60.50
C CYS B 341 15.31 26.41 -60.58
N LYS B 342 16.45 25.81 -60.79
CA LYS B 342 16.51 24.38 -60.98
C LYS B 342 16.47 23.65 -59.64
N GLN B 343 16.77 24.35 -58.56
CA GLN B 343 16.86 23.74 -57.25
C GLN B 343 15.53 23.78 -56.52
N LEU B 344 14.49 24.24 -57.17
CA LEU B 344 13.18 24.33 -56.54
C LEU B 344 12.71 23.03 -55.88
N LYS B 345 12.42 23.08 -54.59
CA LYS B 345 11.91 21.91 -53.89
C LYS B 345 10.42 21.98 -53.55
N ARG B 346 9.87 23.16 -53.31
CA ARG B 346 8.47 23.25 -52.93
C ARG B 346 7.83 24.41 -53.60
N LEU B 347 6.66 24.19 -54.19
CA LEU B 347 5.91 25.19 -54.90
C LEU B 347 4.43 25.10 -54.53
N ARG B 348 3.85 26.22 -54.10
CA ARG B 348 2.44 26.28 -53.85
C ARG B 348 1.85 27.42 -54.64
N ILE B 349 0.85 27.15 -55.48
CA ILE B 349 0.15 28.18 -56.22
C ILE B 349 -1.27 28.30 -55.70
N GLU B 350 -1.53 29.23 -54.79
CA GLU B 350 -2.86 29.39 -54.23
C GLU B 350 -3.75 30.01 -55.26
N ARG B 351 -5.04 30.10 -54.98
CA ARG B 351 -5.95 30.70 -55.95
C ARG B 351 -6.15 32.15 -55.61
N GLY B 352 -6.19 33.00 -56.63
CA GLY B 352 -6.23 34.44 -56.45
C GLY B 352 -7.62 35.05 -56.43
N ALA B 353 -7.73 36.33 -56.73
CA ALA B 353 -9.03 36.98 -56.90
C ALA B 353 -9.72 36.45 -58.16
N ASP B 354 -10.74 35.64 -57.97
CA ASP B 354 -11.33 34.82 -59.03
C ASP B 354 -12.73 35.32 -59.41
N GLU B 355 -12.98 36.60 -59.16
CA GLU B 355 -14.28 37.22 -59.45
C GLU B 355 -14.26 38.00 -60.77
N GLN B 356 -13.50 39.10 -60.80
CA GLN B 356 -13.41 39.97 -61.97
C GLN B 356 -12.15 39.70 -62.79
N GLY B 357 -12.21 38.70 -63.67
CA GLY B 357 -11.05 38.33 -64.46
C GLY B 357 -9.91 37.88 -63.57
N MET B 358 -9.13 36.92 -64.04
CA MET B 358 -8.09 36.27 -63.24
C MET B 358 -6.94 37.18 -62.78
N GLU B 359 -7.26 38.39 -62.32
CA GLU B 359 -6.26 39.39 -61.92
C GLU B 359 -5.52 40.04 -63.11
N ASP B 360 -5.33 39.27 -64.17
CA ASP B 360 -4.92 39.76 -65.50
C ASP B 360 -5.09 38.64 -66.55
N GLU B 361 -4.86 38.94 -67.83
CA GLU B 361 -5.12 37.94 -68.87
C GLU B 361 -3.94 36.99 -69.11
N GLU B 362 -3.19 36.72 -68.04
CA GLU B 362 -2.15 35.68 -68.05
C GLU B 362 -2.21 34.90 -66.74
N GLY B 363 -2.98 35.40 -65.78
CA GLY B 363 -3.11 34.80 -64.46
C GLY B 363 -3.92 33.52 -64.39
N LEU B 364 -3.61 32.62 -65.29
CA LEU B 364 -4.20 31.32 -65.33
C LEU B 364 -3.02 30.39 -65.47
N VAL B 365 -2.95 29.36 -64.65
CA VAL B 365 -1.96 28.32 -64.94
C VAL B 365 -2.67 27.10 -65.52
N SER B 366 -1.97 26.35 -66.36
CA SER B 366 -2.57 25.34 -67.22
C SER B 366 -1.59 24.24 -67.56
N GLN B 367 -1.98 23.34 -68.48
CA GLN B 367 -1.12 22.27 -68.98
C GLN B 367 0.25 22.81 -69.33
N ARG B 368 0.26 24.00 -69.95
CA ARG B 368 1.47 24.61 -70.48
C ARG B 368 2.49 24.78 -69.37
N GLY B 369 2.05 25.42 -68.31
CA GLY B 369 2.91 25.67 -67.18
C GLY B 369 3.31 24.40 -66.44
N LEU B 370 2.34 23.52 -66.20
CA LEU B 370 2.62 22.30 -65.48
C LEU B 370 3.69 21.53 -66.20
N ILE B 371 3.53 21.34 -67.51
CA ILE B 371 4.47 20.54 -68.28
C ILE B 371 5.85 21.22 -68.37
N ALA B 372 5.84 22.54 -68.47
CA ALA B 372 7.08 23.32 -68.41
C ALA B 372 7.77 23.08 -67.08
N LEU B 373 7.00 23.21 -66.01
CA LEU B 373 7.48 22.99 -64.65
C LEU B 373 8.10 21.61 -64.45
N ALA B 374 7.37 20.60 -64.87
CA ALA B 374 7.81 19.23 -64.77
C ALA B 374 9.16 19.03 -65.38
N GLN B 375 9.42 19.71 -66.49
CA GLN B 375 10.69 19.50 -67.20
C GLN B 375 11.85 20.28 -66.60
N GLY B 376 11.54 21.41 -65.98
CA GLY B 376 12.56 22.29 -65.45
C GLY B 376 12.99 22.01 -64.03
N CYS B 377 12.02 21.85 -63.14
CA CYS B 377 12.30 21.74 -61.71
C CYS B 377 12.19 20.32 -61.21
N GLN B 378 13.15 19.48 -61.60
CA GLN B 378 12.99 18.07 -61.38
C GLN B 378 13.29 17.67 -59.94
N GLU B 379 13.65 18.62 -59.12
CA GLU B 379 13.97 18.32 -57.76
C GLU B 379 12.78 18.51 -56.82
N LEU B 380 11.69 19.04 -57.35
CA LEU B 380 10.45 19.24 -56.60
C LEU B 380 10.00 18.09 -55.71
N GLU B 381 9.76 18.38 -54.44
CA GLU B 381 9.29 17.43 -53.46
C GLU B 381 7.85 17.71 -53.08
N TYR B 382 7.44 18.97 -53.19
CA TYR B 382 6.08 19.39 -52.82
C TYR B 382 5.54 20.30 -53.91
N MET B 383 4.43 19.91 -54.50
CA MET B 383 3.79 20.73 -55.52
C MET B 383 2.30 20.81 -55.25
N ALA B 384 1.78 22.02 -54.99
CA ALA B 384 0.36 22.24 -54.79
C ALA B 384 -0.09 23.40 -55.66
N VAL B 385 -1.14 23.18 -56.44
CA VAL B 385 -1.48 24.04 -57.53
C VAL B 385 -2.99 24.13 -57.69
N TYR B 386 -3.51 25.33 -57.77
CA TYR B 386 -4.87 25.54 -58.26
C TYR B 386 -4.72 25.91 -59.73
N VAL B 387 -5.23 25.06 -60.59
CA VAL B 387 -4.98 25.14 -62.00
C VAL B 387 -6.28 25.53 -62.75
N SER B 388 -6.19 26.32 -63.81
CA SER B 388 -7.40 26.73 -64.53
C SER B 388 -7.83 25.78 -65.64
N ASP B 389 -6.94 24.86 -66.03
CA ASP B 389 -7.22 23.87 -67.04
C ASP B 389 -6.13 22.78 -67.05
N ILE B 390 -6.50 21.49 -67.11
CA ILE B 390 -5.52 20.41 -67.24
C ILE B 390 -5.73 19.53 -68.43
N THR B 391 -4.72 18.71 -68.68
CA THR B 391 -4.75 17.76 -69.75
C THR B 391 -4.09 16.52 -69.20
N ASN B 392 -4.52 15.34 -69.65
CA ASN B 392 -3.86 14.11 -69.30
C ASN B 392 -2.37 14.15 -69.55
N GLU B 393 -1.95 14.95 -70.52
CA GLU B 393 -0.56 14.96 -70.90
C GLU B 393 0.30 15.54 -69.80
N SER B 394 -0.21 16.58 -69.15
CA SER B 394 0.55 17.26 -68.11
C SER B 394 0.75 16.36 -66.91
N LEU B 395 -0.30 15.68 -66.48
CA LEU B 395 -0.14 14.70 -65.41
C LEU B 395 0.91 13.68 -65.79
N GLU B 396 0.90 13.24 -67.03
CA GLU B 396 1.88 12.27 -67.50
C GLU B 396 3.31 12.76 -67.37
N SER B 397 3.57 14.03 -67.69
CA SER B 397 4.93 14.57 -67.56
C SER B 397 5.41 14.77 -66.12
N ILE B 398 4.49 15.15 -65.23
CA ILE B 398 4.73 15.18 -63.79
C ILE B 398 5.26 13.83 -63.39
N GLY B 399 4.55 12.81 -63.83
CA GLY B 399 4.87 11.43 -63.50
C GLY B 399 6.17 10.94 -64.08
N THR B 400 6.57 11.52 -65.20
CA THR B 400 7.77 11.05 -65.84
C THR B 400 9.05 11.77 -65.36
N TYR B 401 8.95 13.07 -65.09
CA TYR B 401 10.14 13.84 -64.79
C TYR B 401 10.43 14.05 -63.32
N LEU B 402 9.43 14.40 -62.51
CA LEU B 402 9.72 14.76 -61.13
C LEU B 402 9.36 13.66 -60.17
N LYS B 403 10.26 12.68 -60.09
CA LYS B 403 10.21 11.64 -59.08
C LYS B 403 10.40 12.32 -57.78
N ASN B 404 10.65 11.54 -56.77
CA ASN B 404 10.77 12.06 -55.41
C ASN B 404 9.90 13.30 -55.08
N LEU B 405 8.75 13.42 -55.74
CA LEU B 405 7.64 14.22 -55.29
C LEU B 405 6.97 13.49 -54.09
N CYS B 406 6.74 14.17 -52.97
CA CYS B 406 6.20 13.51 -51.78
C CYS B 406 4.79 13.94 -51.52
N ASP B 407 4.40 15.09 -52.02
CA ASP B 407 3.13 15.67 -51.70
C ASP B 407 2.73 16.36 -52.99
N PHE B 408 1.65 15.94 -53.59
CA PHE B 408 1.15 16.56 -54.80
C PHE B 408 -0.33 16.89 -54.64
N ARG B 409 -0.70 18.14 -54.85
CA ARG B 409 -2.09 18.55 -54.77
C ARG B 409 -2.47 19.37 -55.97
N LEU B 410 -3.61 19.02 -56.58
CA LEU B 410 -4.11 19.69 -57.77
C LEU B 410 -5.58 19.94 -57.53
N VAL B 411 -6.02 21.16 -57.76
CA VAL B 411 -7.45 21.46 -57.73
C VAL B 411 -7.75 22.17 -59.01
N LEU B 412 -8.77 21.78 -59.78
CA LEU B 412 -9.08 22.61 -60.91
C LEU B 412 -10.25 23.54 -60.63
N LEU B 413 -9.99 24.82 -60.88
CA LEU B 413 -10.93 25.89 -60.60
C LEU B 413 -12.24 25.66 -61.33
N ASP B 414 -13.27 26.38 -60.92
CA ASP B 414 -14.55 26.17 -61.55
C ASP B 414 -14.84 27.24 -62.61
N ARG B 415 -13.92 28.18 -62.75
CA ARG B 415 -14.09 29.33 -63.64
C ARG B 415 -14.34 28.91 -65.08
N GLU B 416 -13.39 28.18 -65.66
CA GLU B 416 -13.49 27.79 -67.05
C GLU B 416 -14.67 26.89 -67.36
N GLU B 417 -15.25 27.08 -68.52
CA GLU B 417 -16.38 26.28 -68.98
C GLU B 417 -15.88 25.02 -69.63
N ARG B 418 -15.01 25.15 -70.62
CA ARG B 418 -14.49 24.00 -71.34
C ARG B 418 -13.13 23.64 -70.80
N ILE B 419 -12.95 22.39 -70.39
CA ILE B 419 -11.63 21.92 -70.04
C ILE B 419 -11.10 21.02 -71.16
N THR B 420 -9.94 21.35 -71.70
CA THR B 420 -9.38 20.61 -72.84
C THR B 420 -9.85 19.17 -72.94
N ASP B 421 -9.12 18.21 -72.37
CA ASP B 421 -9.67 16.86 -72.32
C ASP B 421 -10.00 16.48 -70.88
N LEU B 422 -11.18 15.95 -70.60
CA LEU B 422 -11.54 15.86 -69.18
C LEU B 422 -11.27 14.55 -68.46
N PRO B 423 -11.93 13.45 -68.85
CA PRO B 423 -11.67 12.24 -68.05
C PRO B 423 -10.16 12.04 -67.88
N LEU B 424 -9.66 12.14 -66.65
CA LEU B 424 -8.23 12.22 -66.40
C LEU B 424 -7.59 10.92 -66.02
N ASP B 425 -8.31 9.83 -66.20
CA ASP B 425 -7.88 8.51 -65.76
C ASP B 425 -6.45 8.18 -66.14
N ASN B 426 -6.09 8.36 -67.40
CA ASN B 426 -4.79 7.83 -67.83
C ASN B 426 -3.64 8.68 -67.34
N GLY B 427 -3.93 9.94 -67.08
CA GLY B 427 -2.98 10.86 -66.46
C GLY B 427 -2.69 10.59 -64.99
N VAL B 428 -3.73 10.52 -64.17
CA VAL B 428 -3.57 10.15 -62.76
C VAL B 428 -2.75 8.90 -62.63
N ARG B 429 -3.10 7.93 -63.46
CA ARG B 429 -2.45 6.63 -63.45
C ARG B 429 -0.93 6.69 -63.68
N SER B 430 -0.47 7.48 -64.66
CA SER B 430 0.98 7.53 -64.86
C SER B 430 1.66 8.41 -63.85
N LEU B 431 0.93 9.41 -63.36
CA LEU B 431 1.41 10.26 -62.29
C LEU B 431 1.70 9.41 -61.08
N LEU B 432 0.72 8.62 -60.64
CA LEU B 432 0.89 7.79 -59.46
C LEU B 432 1.96 6.72 -59.66
N ILE B 433 2.20 6.36 -60.91
CA ILE B 433 3.17 5.31 -61.20
C ILE B 433 4.61 5.79 -61.23
N GLY B 434 4.82 6.99 -61.76
CA GLY B 434 6.12 7.62 -61.75
C GLY B 434 6.56 8.25 -60.44
N CYS B 435 5.64 8.92 -59.75
CA CYS B 435 5.93 9.50 -58.43
C CYS B 435 5.65 8.47 -57.34
N LYS B 436 6.56 7.53 -57.14
CA LYS B 436 6.30 6.46 -56.22
C LYS B 436 6.77 6.76 -54.83
N LYS B 437 7.24 7.98 -54.58
CA LYS B 437 7.62 8.38 -53.24
C LYS B 437 6.43 9.08 -52.55
N LEU B 438 5.35 9.25 -53.30
CA LEU B 438 4.23 10.07 -52.89
C LEU B 438 3.52 9.64 -51.58
N ARG B 439 3.50 10.51 -50.58
CA ARG B 439 2.84 10.21 -49.29
C ARG B 439 1.51 10.94 -49.10
N ARG B 440 1.39 12.12 -49.68
CA ARG B 440 0.17 12.88 -49.56
C ARG B 440 -0.30 13.25 -50.97
N PHE B 441 -1.59 13.19 -51.18
CA PHE B 441 -2.12 13.34 -52.52
C PHE B 441 -3.50 13.98 -52.49
N ALA B 442 -3.67 15.08 -53.21
CA ALA B 442 -5.00 15.71 -53.26
C ALA B 442 -5.36 15.91 -54.71
N PHE B 443 -6.58 15.57 -55.04
CA PHE B 443 -7.05 15.60 -56.42
C PHE B 443 -8.51 16.08 -56.46
N TYR B 444 -8.74 17.34 -56.78
CA TYR B 444 -10.05 17.93 -56.57
C TYR B 444 -10.53 18.51 -57.88
N LEU B 445 -11.58 17.92 -58.47
CA LEU B 445 -11.99 18.28 -59.83
C LEU B 445 -13.41 18.82 -59.98
N ARG B 446 -14.06 18.43 -61.07
CA ARG B 446 -15.43 18.84 -61.41
C ARG B 446 -16.09 17.56 -61.84
N GLN B 447 -17.41 17.52 -61.98
CA GLN B 447 -18.04 16.19 -62.11
C GLN B 447 -17.46 15.27 -63.20
N GLY B 448 -17.36 15.78 -64.41
CA GLY B 448 -16.80 14.95 -65.46
C GLY B 448 -15.38 14.46 -65.24
N GLY B 449 -14.72 14.97 -64.20
CA GLY B 449 -13.28 14.87 -64.11
C GLY B 449 -12.65 13.51 -64.14
N LEU B 450 -13.25 12.55 -63.44
CA LEU B 450 -12.64 11.24 -63.31
C LEU B 450 -13.73 10.19 -63.29
N THR B 451 -13.44 9.07 -63.92
CA THR B 451 -14.40 7.97 -64.03
C THR B 451 -14.11 6.92 -62.99
N ASP B 452 -15.07 6.04 -62.72
CA ASP B 452 -14.86 4.96 -61.80
C ASP B 452 -13.56 4.23 -62.12
N LEU B 453 -13.21 4.17 -63.40
CA LEU B 453 -12.03 3.42 -63.76
C LEU B 453 -10.82 4.17 -63.22
N GLY B 454 -10.82 5.50 -63.37
CA GLY B 454 -9.77 6.35 -62.84
C GLY B 454 -9.69 6.30 -61.34
N LEU B 455 -10.83 6.37 -60.68
CA LEU B 455 -10.90 6.28 -59.23
C LEU B 455 -10.24 4.98 -58.76
N SER B 456 -10.44 3.90 -59.50
CA SER B 456 -9.82 2.66 -59.08
C SER B 456 -8.30 2.74 -59.26
N TYR B 457 -7.87 3.49 -60.26
CA TYR B 457 -6.45 3.65 -60.55
C TYR B 457 -5.76 4.30 -59.37
N ILE B 458 -6.44 5.27 -58.77
CA ILE B 458 -5.88 5.98 -57.64
C ILE B 458 -5.63 5.03 -56.49
N GLY B 459 -6.59 4.15 -56.24
CA GLY B 459 -6.45 3.17 -55.20
C GLY B 459 -5.45 2.09 -55.54
N GLN B 460 -5.30 1.84 -56.83
CA GLN B 460 -4.40 0.80 -57.28
C GLN B 460 -2.91 1.24 -57.28
N TYR B 461 -2.64 2.51 -57.59
CA TYR B 461 -1.27 2.93 -57.74
C TYR B 461 -0.74 3.92 -56.72
N SER B 462 -1.20 3.82 -55.49
CA SER B 462 -0.73 4.74 -54.45
C SER B 462 -0.38 4.05 -53.16
N PRO B 463 0.55 3.12 -53.23
CA PRO B 463 0.97 2.27 -52.11
C PRO B 463 1.53 3.04 -50.91
N ASN B 464 2.07 4.23 -51.13
CA ASN B 464 2.71 4.94 -50.05
C ASN B 464 1.91 6.12 -49.52
N VAL B 465 0.72 6.33 -50.05
CA VAL B 465 -0.05 7.47 -49.70
C VAL B 465 -0.75 7.30 -48.35
N ARG B 466 -0.44 8.17 -47.40
CA ARG B 466 -1.05 8.17 -46.11
C ARG B 466 -2.28 9.06 -46.08
N TRP B 467 -2.30 10.15 -46.84
CA TRP B 467 -3.43 11.10 -46.79
C TRP B 467 -3.92 11.37 -48.19
N MET B 468 -5.23 11.45 -48.35
CA MET B 468 -5.78 11.84 -49.63
C MET B 468 -6.95 12.80 -49.45
N LEU B 469 -6.98 13.89 -50.22
CA LEU B 469 -8.19 14.71 -50.36
C LEU B 469 -8.70 14.51 -51.75
N LEU B 470 -9.91 13.97 -51.91
CA LEU B 470 -10.45 13.70 -53.24
C LEU B 470 -11.62 14.59 -53.52
N GLY B 471 -11.56 15.25 -54.67
CA GLY B 471 -12.45 16.31 -55.06
C GLY B 471 -13.77 15.87 -55.62
N TYR B 472 -13.96 15.95 -56.92
CA TYR B 472 -15.25 15.59 -57.45
C TYR B 472 -15.04 14.37 -58.29
N VAL B 473 -14.47 13.35 -57.69
CA VAL B 473 -14.10 12.18 -58.45
C VAL B 473 -15.19 11.09 -58.55
N GLY B 474 -14.98 10.16 -59.47
CA GLY B 474 -15.90 9.10 -59.75
C GLY B 474 -17.20 9.48 -60.44
N GLU B 475 -17.98 8.44 -60.76
CA GLU B 475 -19.32 8.56 -61.35
C GLU B 475 -20.37 7.85 -60.47
N SER B 476 -20.00 6.73 -59.87
CA SER B 476 -20.93 5.97 -59.02
C SER B 476 -20.25 5.22 -57.86
N ASP B 477 -21.04 4.57 -57.03
CA ASP B 477 -20.49 3.76 -55.94
C ASP B 477 -19.49 2.74 -56.45
N GLU B 478 -19.62 2.31 -57.70
CA GLU B 478 -18.66 1.34 -58.24
C GLU B 478 -17.23 1.83 -58.06
N GLY B 479 -17.06 3.15 -58.19
CA GLY B 479 -15.76 3.79 -58.13
C GLY B 479 -15.20 3.81 -56.73
N LEU B 480 -16.04 4.17 -55.77
CA LEU B 480 -15.59 4.17 -54.39
C LEU B 480 -15.16 2.79 -53.95
N MET B 481 -15.99 1.80 -54.25
CA MET B 481 -15.70 0.42 -53.92
C MET B 481 -14.42 -0.10 -54.59
N GLU B 482 -14.23 0.20 -55.87
CA GLU B 482 -13.01 -0.23 -56.56
C GLU B 482 -11.79 0.40 -55.92
N PHE B 483 -11.92 1.69 -55.62
CA PHE B 483 -10.92 2.46 -54.91
C PHE B 483 -10.62 1.80 -53.59
N SER B 484 -11.66 1.39 -52.87
CA SER B 484 -11.49 0.86 -51.52
C SER B 484 -10.74 -0.45 -51.43
N ARG B 485 -10.51 -1.12 -52.54
CA ARG B 485 -9.73 -2.35 -52.43
C ARG B 485 -8.23 -2.11 -52.57
N GLY B 486 -7.84 -0.84 -52.64
CA GLY B 486 -6.44 -0.44 -52.72
C GLY B 486 -5.99 0.32 -51.49
N CYS B 487 -5.11 1.29 -51.69
CA CYS B 487 -4.73 2.19 -50.62
C CYS B 487 -4.29 1.45 -49.38
N PRO B 488 -3.27 0.61 -49.54
CA PRO B 488 -2.77 -0.22 -48.46
C PRO B 488 -2.43 0.61 -47.24
N ASN B 489 -2.00 1.86 -47.44
CA ASN B 489 -1.49 2.68 -46.36
C ASN B 489 -2.25 3.96 -46.10
N LEU B 490 -3.45 4.08 -46.64
CA LEU B 490 -4.24 5.31 -46.46
C LEU B 490 -4.70 5.42 -45.01
N GLN B 491 -4.28 6.45 -44.32
CA GLN B 491 -4.66 6.66 -42.93
C GLN B 491 -5.79 7.66 -42.77
N LYS B 492 -5.72 8.76 -43.53
CA LYS B 492 -6.66 9.85 -43.44
C LYS B 492 -7.24 10.10 -44.81
N LEU B 493 -8.57 10.05 -44.93
CA LEU B 493 -9.26 10.29 -46.22
C LEU B 493 -10.28 11.42 -46.14
N GLU B 494 -10.11 12.44 -46.96
CA GLU B 494 -11.05 13.57 -46.98
C GLU B 494 -11.69 13.62 -48.35
N MET B 495 -13.01 13.53 -48.42
CA MET B 495 -13.69 13.62 -49.71
C MET B 495 -14.79 14.65 -49.64
N ARG B 496 -14.88 15.52 -50.63
CA ARG B 496 -16.07 16.36 -50.69
C ARG B 496 -16.58 16.48 -52.11
N GLY B 497 -17.83 16.83 -52.28
CA GLY B 497 -18.42 16.88 -53.59
C GLY B 497 -18.50 15.53 -54.32
N CYS B 498 -18.66 14.44 -53.59
CA CYS B 498 -18.84 13.16 -54.27
C CYS B 498 -20.25 12.61 -54.14
N CYS B 499 -20.63 11.83 -55.14
CA CYS B 499 -21.98 11.27 -55.26
C CYS B 499 -22.25 10.10 -54.31
N PHE B 500 -21.20 9.38 -53.92
CA PHE B 500 -21.33 8.11 -53.19
C PHE B 500 -22.41 8.09 -52.10
N SER B 501 -23.02 6.93 -51.92
CA SER B 501 -24.12 6.77 -50.97
C SER B 501 -23.63 6.40 -49.59
N GLU B 502 -24.48 6.53 -48.59
CA GLU B 502 -24.09 6.14 -47.24
C GLU B 502 -23.51 4.73 -47.20
N ARG B 503 -24.17 3.75 -47.81
CA ARG B 503 -23.72 2.37 -47.65
C ARG B 503 -22.38 2.11 -48.33
N ALA B 504 -22.12 2.84 -49.40
CA ALA B 504 -20.85 2.76 -50.10
C ALA B 504 -19.68 3.33 -49.28
N ILE B 505 -19.90 4.48 -48.63
CA ILE B 505 -18.95 5.06 -47.73
C ILE B 505 -18.65 4.03 -46.66
N ALA B 506 -19.70 3.58 -46.00
CA ALA B 506 -19.57 2.60 -44.93
C ALA B 506 -18.84 1.36 -45.37
N ALA B 507 -19.07 0.91 -46.59
CA ALA B 507 -18.47 -0.33 -47.01
C ALA B 507 -17.02 -0.12 -47.40
N ALA B 508 -16.71 1.05 -47.95
CA ALA B 508 -15.31 1.36 -48.27
C ALA B 508 -14.46 1.49 -47.00
N VAL B 509 -15.01 2.11 -45.95
CA VAL B 509 -14.31 2.24 -44.71
C VAL B 509 -13.90 0.87 -44.15
N THR B 510 -14.84 -0.06 -44.23
CA THR B 510 -14.63 -1.46 -43.86
C THR B 510 -13.49 -2.12 -44.62
N LYS B 511 -13.40 -1.88 -45.93
CA LYS B 511 -12.34 -2.47 -46.76
C LYS B 511 -10.95 -1.86 -46.54
N LEU B 512 -10.89 -0.58 -46.16
CA LEU B 512 -9.59 0.08 -46.07
C LEU B 512 -8.77 -0.34 -44.85
N PRO B 513 -7.65 -1.02 -45.10
CA PRO B 513 -6.87 -1.61 -44.00
C PRO B 513 -6.39 -0.57 -43.02
N SER B 514 -5.95 0.58 -43.50
CA SER B 514 -5.21 1.51 -42.63
C SER B 514 -5.98 2.72 -42.13
N LEU B 515 -7.20 2.92 -42.62
CA LEU B 515 -7.93 4.13 -42.36
C LEU B 515 -8.19 4.37 -40.87
N ARG B 516 -7.85 5.56 -40.39
CA ARG B 516 -8.17 5.92 -39.02
C ARG B 516 -8.86 7.28 -38.88
N TYR B 517 -9.12 7.94 -40.00
CA TYR B 517 -9.78 9.25 -40.03
C TYR B 517 -10.53 9.44 -41.33
N LEU B 518 -11.80 9.84 -41.24
CA LEU B 518 -12.58 10.08 -42.42
C LEU B 518 -13.38 11.34 -42.26
N TRP B 519 -13.25 12.26 -43.22
CA TRP B 519 -14.13 13.44 -43.34
C TRP B 519 -14.76 13.44 -44.73
N VAL B 520 -16.08 13.55 -44.77
CA VAL B 520 -16.82 13.54 -46.02
C VAL B 520 -17.88 14.62 -45.99
N GLN B 521 -17.95 15.42 -47.05
CA GLN B 521 -19.04 16.36 -47.21
C GLN B 521 -19.69 16.11 -48.58
N GLY B 522 -21.02 16.08 -48.63
CA GLY B 522 -21.72 15.73 -49.85
C GLY B 522 -21.74 14.23 -50.15
N TYR B 523 -22.92 13.63 -49.98
CA TYR B 523 -23.09 12.19 -50.16
C TYR B 523 -24.60 11.91 -50.20
N ARG B 524 -25.02 10.87 -50.94
CA ARG B 524 -26.45 10.49 -50.97
C ARG B 524 -26.89 10.05 -49.57
N ALA B 525 -27.42 11.00 -48.80
CA ALA B 525 -27.85 10.75 -47.42
C ALA B 525 -29.11 9.89 -47.31
N SER B 526 -29.75 9.97 -46.14
CA SER B 526 -31.03 9.34 -45.88
C SER B 526 -31.38 9.64 -44.43
N MET B 527 -32.52 10.29 -44.21
CA MET B 527 -32.95 10.63 -42.86
C MET B 527 -32.83 9.39 -41.96
N THR B 528 -33.08 8.21 -42.54
CA THR B 528 -32.89 6.93 -41.85
C THR B 528 -31.68 7.03 -40.90
N GLY B 529 -30.56 7.49 -41.46
CA GLY B 529 -29.28 7.55 -40.78
C GLY B 529 -28.59 6.21 -40.82
N GLN B 530 -29.40 5.16 -40.78
CA GLN B 530 -28.99 3.82 -40.39
C GLN B 530 -28.10 3.08 -41.37
N ASP B 531 -27.66 3.73 -42.43
CA ASP B 531 -26.82 3.02 -43.39
C ASP B 531 -25.36 3.22 -43.07
N LEU B 532 -25.04 4.37 -42.52
CA LEU B 532 -23.71 4.61 -42.03
C LEU B 532 -23.38 3.56 -40.99
N MET B 533 -24.40 3.09 -40.28
CA MET B 533 -24.18 2.16 -39.18
C MET B 533 -23.49 0.89 -39.61
N GLN B 534 -23.40 0.64 -40.91
CA GLN B 534 -22.87 -0.65 -41.28
C GLN B 534 -21.35 -0.63 -41.27
N MET B 535 -20.81 0.43 -40.66
CA MET B 535 -19.37 0.55 -40.38
C MET B 535 -19.08 0.73 -38.90
N ALA B 536 -20.09 0.57 -38.04
CA ALA B 536 -19.89 0.57 -36.59
C ALA B 536 -18.94 -0.54 -36.19
N ARG B 537 -17.76 -0.13 -35.75
CA ARG B 537 -16.78 -1.04 -35.21
C ARG B 537 -16.58 -0.54 -33.80
N PRO B 538 -15.97 -1.36 -32.92
CA PRO B 538 -15.52 -0.87 -31.61
C PRO B 538 -14.42 0.17 -31.77
N TYR B 539 -14.39 1.16 -30.91
CA TYR B 539 -13.39 2.24 -30.94
C TYR B 539 -13.55 3.25 -32.06
N TRP B 540 -14.59 3.10 -32.87
CA TRP B 540 -14.79 3.91 -34.06
C TRP B 540 -15.90 4.94 -33.80
N ASN B 541 -15.51 6.18 -33.67
CA ASN B 541 -16.44 7.27 -33.36
C ASN B 541 -16.95 7.89 -34.67
N ILE B 542 -18.25 7.93 -34.87
CA ILE B 542 -18.74 8.62 -36.05
C ILE B 542 -19.53 9.84 -35.58
N GLU B 543 -19.23 11.00 -36.15
CA GLU B 543 -19.91 12.26 -35.83
C GLU B 543 -20.54 12.86 -37.09
N LEU B 544 -21.76 13.38 -36.99
CA LEU B 544 -22.43 14.09 -38.07
C LEU B 544 -22.56 15.58 -37.79
N ILE B 545 -22.13 16.41 -38.74
CA ILE B 545 -22.49 17.81 -38.67
C ILE B 545 -23.60 18.04 -39.69
N PRO B 546 -24.85 18.13 -39.22
CA PRO B 546 -26.06 18.16 -40.05
C PRO B 546 -26.07 19.28 -41.08
N SER B 547 -26.98 19.15 -42.04
CA SER B 547 -27.03 20.04 -43.21
C SER B 547 -27.53 21.46 -42.92
N ARG B 548 -27.10 22.05 -41.80
CA ARG B 548 -27.48 23.42 -41.45
C ARG B 548 -26.79 24.44 -42.34
N HIS B 564 -24.33 24.37 -45.29
CA HIS B 564 -23.53 23.40 -46.04
C HIS B 564 -24.07 21.98 -45.84
N PRO B 565 -23.86 21.08 -46.83
CA PRO B 565 -24.35 19.69 -46.80
C PRO B 565 -23.81 18.88 -45.61
N ALA B 566 -24.53 17.87 -45.13
CA ALA B 566 -24.10 17.12 -43.94
C ALA B 566 -22.64 16.70 -44.02
N HIS B 567 -21.92 16.76 -42.91
CA HIS B 567 -20.55 16.24 -42.87
C HIS B 567 -20.53 14.97 -42.08
N ILE B 568 -19.63 14.07 -42.45
CA ILE B 568 -19.35 12.90 -41.68
C ILE B 568 -17.92 13.03 -41.18
N LEU B 569 -17.71 12.91 -39.87
CA LEU B 569 -16.36 12.82 -39.35
C LEU B 569 -16.29 11.51 -38.60
N ALA B 570 -15.31 10.67 -38.90
CA ALA B 570 -15.13 9.43 -38.15
C ALA B 570 -13.66 9.12 -37.89
N TYR B 571 -13.34 8.61 -36.72
CA TYR B 571 -11.96 8.36 -36.34
C TYR B 571 -11.90 7.28 -35.26
N TYR B 572 -10.77 6.59 -35.16
CA TYR B 572 -10.57 5.65 -34.06
C TYR B 572 -10.19 6.42 -32.84
N SER B 573 -10.62 5.94 -31.69
CA SER B 573 -10.24 6.55 -30.41
C SER B 573 -10.31 5.56 -29.25
N LEU B 574 -9.24 5.53 -28.48
CA LEU B 574 -9.16 4.75 -27.29
C LEU B 574 -10.01 5.34 -26.15
N ALA B 575 -10.64 6.48 -26.37
CA ALA B 575 -11.21 7.21 -25.25
C ALA B 575 -12.72 7.13 -25.17
N GLY B 576 -13.35 6.75 -26.25
CA GLY B 576 -14.79 6.78 -26.26
C GLY B 576 -15.26 8.11 -26.79
N GLN B 577 -16.57 8.30 -26.84
CA GLN B 577 -17.18 9.50 -27.41
C GLN B 577 -16.85 10.74 -26.61
N ARG B 578 -16.51 11.80 -27.31
CA ARG B 578 -16.17 13.05 -26.65
C ARG B 578 -17.34 13.53 -25.80
N THR B 579 -17.02 14.08 -24.65
CA THR B 579 -17.95 14.72 -23.75
C THR B 579 -18.42 16.11 -24.18
N ASP B 580 -17.67 16.73 -25.10
CA ASP B 580 -17.80 18.16 -25.31
C ASP B 580 -18.37 18.59 -26.66
N CYS B 581 -19.29 17.83 -27.22
CA CYS B 581 -19.89 18.24 -28.47
C CYS B 581 -20.81 19.41 -28.29
N PRO B 582 -20.81 20.33 -29.27
CA PRO B 582 -21.81 21.37 -29.49
C PRO B 582 -23.16 20.77 -29.81
N THR B 583 -24.18 21.61 -29.87
CA THR B 583 -25.50 21.22 -30.34
C THR B 583 -25.52 20.92 -31.86
N THR B 584 -24.71 21.63 -32.62
CA THR B 584 -24.61 21.40 -34.07
C THR B 584 -23.98 20.09 -34.48
N VAL B 585 -23.58 19.26 -33.53
CA VAL B 585 -22.92 18.01 -33.87
C VAL B 585 -23.58 16.82 -33.21
N ARG B 586 -23.99 15.84 -34.00
CA ARG B 586 -24.74 14.73 -33.49
C ARG B 586 -23.85 13.51 -33.49
N VAL B 587 -23.74 12.84 -32.36
CA VAL B 587 -22.97 11.60 -32.31
C VAL B 587 -23.85 10.43 -32.71
N LEU B 588 -23.42 9.65 -33.69
CA LEU B 588 -24.21 8.52 -34.13
C LEU B 588 -23.91 7.28 -33.29
N LYS B 589 -24.96 6.76 -32.63
CA LYS B 589 -24.89 5.50 -31.89
C LYS B 589 -25.97 4.54 -32.37
N GLU B 590 -25.86 3.27 -31.94
CA GLU B 590 -26.76 2.21 -32.39
C GLU B 590 -28.24 2.58 -32.20
N PRO B 591 -29.15 1.84 -32.86
CA PRO B 591 -30.58 2.17 -32.92
C PRO B 591 -31.03 3.25 -31.95
N ILE B 592 -31.60 4.32 -32.51
CA ILE B 592 -32.07 5.48 -31.76
C ILE B 592 -33.17 5.13 -30.76
N ARG C 1 -12.19 28.12 -50.54
CA ARG C 1 -11.90 29.48 -50.09
C ARG C 1 -11.11 29.51 -48.79
N ARG C 2 -9.79 29.29 -48.89
CA ARG C 2 -8.89 29.30 -47.72
C ARG C 2 -9.10 30.55 -46.84
N ALA C 3 -8.94 30.42 -45.52
CA ALA C 3 -9.27 31.54 -44.62
C ALA C 3 -8.19 32.62 -44.49
N SER C 4 -6.98 32.31 -44.92
CA SER C 4 -5.88 33.28 -44.90
C SER C 4 -5.90 34.21 -46.13
N LEU C 5 -6.27 33.66 -47.28
CA LEU C 5 -6.38 34.43 -48.52
C LEU C 5 -7.72 35.15 -48.67
N HIS C 6 -8.73 34.71 -47.93
CA HIS C 6 -10.05 35.37 -47.94
C HIS C 6 -9.92 36.70 -47.22
N ARG C 7 -8.99 36.73 -46.26
CA ARG C 7 -8.68 37.94 -45.51
C ARG C 7 -7.89 38.89 -46.40
N PHE C 8 -7.01 38.33 -47.22
CA PHE C 8 -6.17 39.14 -48.10
C PHE C 8 -6.90 39.63 -49.34
N LEU C 9 -7.62 38.74 -50.01
CA LEU C 9 -8.30 39.13 -51.24
C LEU C 9 -9.24 40.32 -51.01
N GLU C 10 -9.53 40.61 -49.74
CA GLU C 10 -10.36 41.76 -49.36
C GLU C 10 -9.56 42.96 -48.84
N LYS C 11 -8.44 42.68 -48.16
CA LYS C 11 -7.51 43.74 -47.76
C LYS C 11 -6.79 44.30 -48.99
N ARG C 12 -6.88 43.56 -50.09
CA ARG C 12 -6.31 43.94 -51.37
C ARG C 12 -7.21 45.00 -52.02
N LYS C 13 -8.45 44.62 -52.31
CA LYS C 13 -9.42 45.53 -52.89
C LYS C 13 -9.82 46.63 -51.90
N LYS D 5 -58.86 -9.49 12.73
CA LYS D 5 -58.64 -8.15 12.16
C LYS D 5 -57.42 -7.43 12.74
N ILE D 6 -56.46 -7.08 11.88
CA ILE D 6 -55.22 -6.40 12.27
C ILE D 6 -55.00 -5.01 11.62
N VAL D 7 -54.39 -4.09 12.37
CA VAL D 7 -54.14 -2.74 11.87
C VAL D 7 -52.69 -2.60 11.39
N LEU D 8 -52.52 -2.12 10.15
CA LEU D 8 -51.20 -1.84 9.62
C LEU D 8 -51.05 -0.33 9.43
N LYS D 9 -50.04 0.24 10.06
CA LYS D 9 -49.82 1.69 9.96
C LYS D 9 -48.73 2.02 8.93
N SER D 10 -49.16 2.53 7.78
CA SER D 10 -48.26 2.91 6.68
C SER D 10 -47.27 4.02 7.05
N SER D 11 -46.35 4.30 6.13
CA SER D 11 -45.25 5.26 6.38
C SER D 11 -45.63 6.73 6.15
N ASP D 12 -46.88 7.07 6.45
CA ASP D 12 -47.33 8.44 6.35
C ASP D 12 -48.62 8.56 7.16
N GLY D 13 -48.67 7.83 8.28
CA GLY D 13 -49.81 7.79 9.16
C GLY D 13 -51.10 7.45 8.42
N GLU D 14 -51.28 6.18 8.14
CA GLU D 14 -52.46 5.74 7.40
C GLU D 14 -52.85 4.37 7.88
N SER D 15 -53.83 4.30 8.78
CA SER D 15 -54.26 3.01 9.30
C SER D 15 -54.93 2.16 8.21
N PHE D 16 -54.70 0.84 8.27
CA PHE D 16 -55.28 -0.09 7.31
C PHE D 16 -55.95 -1.25 8.03
N GLU D 17 -57.26 -1.36 7.84
CA GLU D 17 -58.03 -2.45 8.42
C GLU D 17 -57.86 -3.65 7.52
N VAL D 18 -57.21 -4.70 8.01
CA VAL D 18 -57.02 -5.90 7.20
C VAL D 18 -57.29 -7.19 7.96
N GLU D 19 -57.74 -8.21 7.24
CA GLU D 19 -58.14 -9.45 7.88
C GLU D 19 -56.95 -10.19 8.46
N GLU D 20 -57.24 -11.14 9.33
CA GLU D 20 -56.22 -11.98 9.94
C GLU D 20 -55.29 -12.61 8.91
N ALA D 21 -55.80 -13.58 8.14
CA ALA D 21 -54.98 -14.40 7.26
C ALA D 21 -54.37 -13.62 6.08
N VAL D 22 -54.87 -12.42 5.85
CA VAL D 22 -54.29 -11.55 4.82
C VAL D 22 -52.98 -10.97 5.29
N ALA D 23 -52.99 -10.34 6.47
CA ALA D 23 -51.76 -9.75 7.04
C ALA D 23 -50.69 -10.81 7.35
N LEU D 24 -51.09 -12.07 7.40
CA LEU D 24 -50.17 -13.14 7.77
C LEU D 24 -49.39 -13.68 6.57
N GLU D 25 -49.77 -13.25 5.37
CA GLU D 25 -48.98 -13.60 4.19
C GLU D 25 -47.56 -13.06 4.35
N SER D 26 -47.45 -11.92 5.05
CA SER D 26 -46.15 -11.35 5.38
C SER D 26 -45.56 -11.99 6.64
N GLN D 27 -44.49 -12.79 6.49
CA GLN D 27 -43.82 -13.38 7.64
C GLN D 27 -43.19 -12.33 8.53
N THR D 28 -43.06 -11.11 8.02
CA THR D 28 -42.56 -10.01 8.86
C THR D 28 -43.65 -9.50 9.80
N ILE D 29 -44.90 -9.50 9.32
CA ILE D 29 -46.04 -9.14 10.17
C ILE D 29 -46.51 -10.33 11.04
N ALA D 30 -46.19 -11.55 10.62
CA ALA D 30 -46.48 -12.75 11.42
C ALA D 30 -45.51 -12.90 12.60
N HIS D 31 -44.20 -12.77 12.35
CA HIS D 31 -43.19 -12.86 13.43
C HIS D 31 -43.33 -11.68 14.39
N MET D 32 -44.37 -10.88 14.17
CA MET D 32 -44.63 -9.67 14.94
C MET D 32 -45.98 -9.74 15.67
N VAL D 33 -46.51 -10.94 15.78
CA VAL D 33 -47.66 -11.18 16.65
C VAL D 33 -47.21 -12.10 17.79
N GLU D 34 -45.90 -12.41 17.81
CA GLU D 34 -45.29 -13.10 18.93
C GLU D 34 -45.09 -12.10 20.05
N ASP D 35 -44.13 -11.20 19.84
CA ASP D 35 -43.91 -10.04 20.71
C ASP D 35 -44.99 -8.99 20.44
N ASP D 36 -46.16 -9.46 20.01
CA ASP D 36 -47.28 -8.64 19.58
C ASP D 36 -47.16 -7.13 19.84
N CYS D 37 -46.68 -6.41 18.83
CA CYS D 37 -46.73 -4.96 18.85
C CYS D 37 -48.12 -4.53 18.41
N VAL D 38 -48.93 -5.50 18.04
CA VAL D 38 -50.27 -5.25 17.51
C VAL D 38 -51.13 -4.36 18.43
N ASP D 39 -50.69 -4.22 19.68
CA ASP D 39 -51.38 -3.37 20.65
C ASP D 39 -51.65 -1.97 20.08
N ASN D 40 -50.70 -1.48 19.30
CA ASN D 40 -50.80 -0.14 18.70
C ASN D 40 -50.86 -0.22 17.18
N GLY D 41 -51.17 -1.41 16.67
CA GLY D 41 -51.09 -1.71 15.25
C GLY D 41 -49.65 -1.92 14.80
N VAL D 42 -49.44 -2.77 13.79
CA VAL D 42 -48.07 -3.04 13.33
C VAL D 42 -47.47 -1.82 12.62
N PRO D 43 -46.42 -1.25 13.20
CA PRO D 43 -45.82 -0.03 12.65
C PRO D 43 -44.85 -0.39 11.52
N LEU D 44 -45.27 -0.23 10.27
CA LEU D 44 -44.31 -0.42 9.17
C LEU D 44 -44.11 0.85 8.32
N PRO D 45 -43.13 1.70 8.72
CA PRO D 45 -42.90 3.03 8.15
C PRO D 45 -41.93 3.04 6.95
N ASN D 46 -41.83 1.91 6.23
CA ASN D 46 -40.98 1.85 5.06
C ASN D 46 -41.78 1.57 3.81
N VAL D 47 -43.07 1.34 3.98
CA VAL D 47 -43.96 1.18 2.84
C VAL D 47 -44.84 2.41 2.66
N THR D 48 -44.76 3.02 1.48
CA THR D 48 -45.66 4.08 1.10
C THR D 48 -47.09 3.56 1.25
N SER D 49 -48.02 4.45 1.54
CA SER D 49 -49.41 4.04 1.73
C SER D 49 -50.02 3.56 0.41
N LYS D 50 -49.65 4.21 -0.69
CA LYS D 50 -50.07 3.81 -2.02
C LYS D 50 -49.62 2.38 -2.35
N ILE D 51 -48.40 2.06 -1.92
CA ILE D 51 -47.78 0.76 -2.18
C ILE D 51 -48.38 -0.32 -1.28
N LEU D 52 -48.42 -0.03 0.03
CA LEU D 52 -49.02 -0.94 1.00
C LEU D 52 -50.44 -1.38 0.54
N ALA D 53 -51.22 -0.43 0.05
CA ALA D 53 -52.53 -0.72 -0.54
C ALA D 53 -52.45 -1.81 -1.61
N LYS D 54 -51.56 -1.61 -2.58
CA LYS D 54 -51.34 -2.59 -3.64
C LYS D 54 -50.88 -3.96 -3.11
N VAL D 55 -50.07 -3.95 -2.04
CA VAL D 55 -49.63 -5.20 -1.41
C VAL D 55 -50.80 -5.98 -0.80
N ILE D 56 -51.65 -5.25 -0.07
CA ILE D 56 -52.83 -5.84 0.53
C ILE D 56 -53.77 -6.40 -0.53
N GLU D 57 -53.97 -5.65 -1.63
CA GLU D 57 -54.80 -6.14 -2.74
C GLU D 57 -54.32 -7.51 -3.23
N TYR D 58 -53.00 -7.64 -3.40
CA TYR D 58 -52.41 -8.88 -3.87
C TYR D 58 -52.66 -10.02 -2.87
N CYS D 59 -52.39 -9.75 -1.60
CA CYS D 59 -52.56 -10.77 -0.56
C CYS D 59 -54.04 -11.19 -0.42
N LYS D 60 -54.93 -10.18 -0.44
CA LYS D 60 -56.36 -10.43 -0.38
C LYS D 60 -56.73 -11.52 -1.38
N ARG D 61 -56.37 -11.31 -2.65
CA ARG D 61 -56.76 -12.22 -3.73
C ARG D 61 -56.16 -13.63 -3.61
N HIS D 62 -54.90 -13.72 -3.18
CA HIS D 62 -54.22 -15.01 -3.14
C HIS D 62 -54.73 -15.90 -1.99
N VAL D 63 -55.10 -15.27 -0.88
CA VAL D 63 -55.71 -15.97 0.24
C VAL D 63 -57.03 -16.62 -0.18
N GLU D 64 -57.73 -15.98 -1.11
CA GLU D 64 -58.96 -16.53 -1.70
C GLU D 64 -58.67 -17.64 -2.72
N ALA D 65 -57.59 -18.38 -2.47
CA ALA D 65 -57.34 -19.68 -3.09
C ALA D 65 -57.80 -20.74 -2.10
N ALA D 66 -58.65 -20.31 -1.16
CA ALA D 66 -59.39 -21.22 -0.28
C ALA D 66 -60.38 -22.01 -1.13
N ALA D 67 -61.37 -21.32 -1.71
CA ALA D 67 -62.08 -21.87 -2.86
C ALA D 67 -60.96 -22.07 -3.86
N SER D 68 -60.61 -23.33 -4.13
CA SER D 68 -59.36 -23.63 -4.86
C SER D 68 -59.43 -23.39 -6.38
N ASP D 80 -56.58 -22.11 -10.15
CA ASP D 80 -55.21 -21.73 -10.48
C ASP D 80 -55.15 -20.96 -11.79
N ASP D 81 -55.98 -21.37 -12.74
CA ASP D 81 -55.93 -20.83 -14.08
C ASP D 81 -56.19 -19.32 -14.11
N ASP D 82 -57.16 -18.87 -13.29
CA ASP D 82 -57.58 -17.47 -13.24
C ASP D 82 -56.64 -16.59 -12.45
N LEU D 83 -55.72 -17.24 -11.72
CA LEU D 83 -54.71 -16.51 -10.94
C LEU D 83 -53.58 -15.92 -11.80
N LYS D 84 -52.98 -16.73 -12.67
CA LYS D 84 -51.97 -16.23 -13.60
C LYS D 84 -52.56 -15.10 -14.46
N ALA D 85 -53.88 -15.05 -14.55
CA ALA D 85 -54.59 -13.99 -15.24
C ALA D 85 -54.60 -12.70 -14.42
N TRP D 86 -55.14 -12.76 -13.21
CA TRP D 86 -55.15 -11.61 -12.31
C TRP D 86 -53.73 -11.10 -12.03
N ASP D 87 -52.81 -12.04 -11.78
CA ASP D 87 -51.41 -11.72 -11.54
C ASP D 87 -50.85 -10.91 -12.72
N ALA D 88 -50.92 -11.45 -13.92
CA ALA D 88 -50.42 -10.77 -15.12
C ALA D 88 -51.04 -9.36 -15.26
N ASP D 89 -52.32 -9.25 -14.92
CA ASP D 89 -53.00 -7.98 -15.05
C ASP D 89 -52.59 -7.04 -13.92
N PHE D 90 -52.20 -7.63 -12.79
CA PHE D 90 -51.79 -6.86 -11.61
C PHE D 90 -50.46 -6.16 -11.88
N MET D 91 -49.66 -6.80 -12.75
CA MET D 91 -48.28 -6.37 -13.05
C MET D 91 -48.24 -5.32 -14.16
N LYS D 92 -49.39 -5.10 -14.81
CA LYS D 92 -49.52 -4.01 -15.76
C LYS D 92 -49.37 -2.65 -15.07
N ILE D 93 -48.22 -2.43 -14.43
CA ILE D 93 -47.92 -1.16 -13.77
C ILE D 93 -46.65 -0.58 -14.36
N ASP D 94 -46.23 0.56 -13.85
CA ASP D 94 -45.00 1.19 -14.32
C ASP D 94 -43.75 0.69 -13.55
N GLN D 95 -42.58 0.93 -14.14
CA GLN D 95 -41.35 0.50 -13.51
C GLN D 95 -41.24 0.96 -12.07
N ALA D 96 -41.21 2.28 -11.86
CA ALA D 96 -40.98 2.81 -10.51
C ALA D 96 -41.89 2.11 -9.47
N THR D 97 -43.05 1.65 -9.91
CA THR D 97 -44.00 1.04 -9.00
C THR D 97 -43.70 -0.45 -8.82
N LEU D 98 -43.35 -1.12 -9.91
CA LEU D 98 -42.84 -2.49 -9.87
C LEU D 98 -41.68 -2.60 -8.87
N PHE D 99 -40.70 -1.71 -8.98
CA PHE D 99 -39.55 -1.75 -8.09
C PHE D 99 -39.92 -1.50 -6.62
N GLU D 100 -40.85 -0.58 -6.39
CA GLU D 100 -41.29 -0.33 -5.02
C GLU D 100 -42.03 -1.56 -4.43
N LEU D 101 -42.68 -2.35 -5.28
CA LEU D 101 -43.35 -3.56 -4.84
C LEU D 101 -42.31 -4.58 -4.40
N ILE D 102 -41.26 -4.74 -5.21
CA ILE D 102 -40.20 -5.67 -4.87
C ILE D 102 -39.66 -5.29 -3.49
N LEU D 103 -39.26 -4.04 -3.35
CA LEU D 103 -38.68 -3.59 -2.09
C LEU D 103 -39.64 -3.88 -0.95
N ALA D 104 -40.93 -3.83 -1.26
CA ALA D 104 -41.97 -3.97 -0.24
C ALA D 104 -42.15 -5.45 0.10
N ALA D 105 -42.12 -6.31 -0.91
CA ALA D 105 -42.28 -7.74 -0.68
C ALA D 105 -41.11 -8.24 0.17
N ASN D 106 -39.93 -7.70 -0.09
CA ASN D 106 -38.74 -8.02 0.69
C ASN D 106 -38.80 -7.48 2.12
N TYR D 107 -39.31 -6.26 2.28
CA TYR D 107 -39.47 -5.61 3.59
C TYR D 107 -40.44 -6.34 4.53
N LEU D 108 -41.64 -6.64 4.01
CA LEU D 108 -42.52 -7.63 4.62
C LEU D 108 -41.84 -8.95 4.29
N ASN D 109 -42.59 -10.03 4.07
CA ASN D 109 -41.84 -11.21 3.67
C ASN D 109 -42.70 -12.12 2.88
N ILE D 110 -43.16 -11.59 1.76
CA ILE D 110 -44.16 -12.26 0.96
C ILE D 110 -43.47 -12.98 -0.19
N LYS D 111 -43.12 -14.24 0.01
CA LYS D 111 -42.40 -15.00 -1.01
C LYS D 111 -43.18 -15.10 -2.33
N ASN D 112 -44.50 -15.24 -2.28
CA ASN D 112 -45.28 -15.30 -3.51
C ASN D 112 -45.08 -14.03 -4.29
N LEU D 113 -45.09 -12.91 -3.56
CA LEU D 113 -44.80 -11.62 -4.17
C LEU D 113 -43.24 -11.46 -4.59
N LEU D 114 -42.20 -12.34 -4.10
CA LEU D 114 -40.66 -12.36 -4.39
C LEU D 114 -40.17 -13.33 -5.50
N ASP D 115 -40.47 -14.63 -5.39
CA ASP D 115 -40.22 -15.54 -6.51
C ASP D 115 -41.10 -15.09 -7.68
N LEU D 116 -42.02 -14.17 -7.42
CA LEU D 116 -42.89 -13.72 -8.51
C LEU D 116 -42.56 -12.33 -9.05
N THR D 117 -42.25 -11.41 -8.17
CA THR D 117 -41.86 -10.06 -8.61
C THR D 117 -40.47 -10.08 -9.27
N CYS D 118 -39.47 -10.67 -8.57
CA CYS D 118 -38.17 -10.89 -9.13
C CYS D 118 -38.24 -11.61 -10.49
N GLN D 119 -39.02 -12.69 -10.58
CA GLN D 119 -39.19 -13.38 -11.87
C GLN D 119 -39.78 -12.44 -12.92
N THR D 120 -40.63 -11.53 -12.46
CA THR D 120 -41.30 -10.63 -13.41
C THR D 120 -40.32 -9.64 -14.02
N VAL D 121 -39.41 -9.12 -13.20
CA VAL D 121 -38.39 -8.20 -13.69
C VAL D 121 -37.39 -8.97 -14.57
N ALA D 122 -37.05 -10.19 -14.14
CA ALA D 122 -36.12 -11.02 -14.90
C ALA D 122 -36.71 -11.34 -16.26
N ASP D 123 -38.04 -11.47 -16.34
CA ASP D 123 -38.70 -11.75 -17.63
C ASP D 123 -38.59 -10.57 -18.57
N MET D 124 -38.32 -9.41 -18.01
CA MET D 124 -38.13 -8.21 -18.83
C MET D 124 -36.74 -8.18 -19.48
N ILE D 125 -35.75 -8.72 -18.79
CA ILE D 125 -34.38 -8.79 -19.30
C ILE D 125 -34.28 -9.92 -20.33
N LYS D 126 -34.85 -11.09 -20.02
CA LYS D 126 -34.66 -12.31 -20.81
C LYS D 126 -34.93 -12.07 -22.29
N GLY D 127 -33.92 -12.35 -23.09
CA GLY D 127 -34.00 -12.22 -24.54
C GLY D 127 -33.54 -10.88 -25.10
N LYS D 128 -33.56 -9.84 -24.28
CA LYS D 128 -33.14 -8.55 -24.80
C LYS D 128 -31.61 -8.48 -24.97
N THR D 129 -31.15 -7.54 -25.78
CA THR D 129 -29.72 -7.29 -25.93
C THR D 129 -29.31 -6.25 -24.92
N PRO D 130 -27.99 -6.05 -24.72
CA PRO D 130 -27.53 -5.10 -23.70
C PRO D 130 -28.10 -3.72 -23.93
N GLU D 131 -28.27 -3.33 -25.20
CA GLU D 131 -28.80 -2.00 -25.50
C GLU D 131 -30.28 -1.91 -25.11
N GLU D 132 -31.07 -2.82 -25.67
CA GLU D 132 -32.47 -2.97 -25.28
C GLU D 132 -32.71 -3.01 -23.76
N ILE D 133 -31.81 -3.65 -23.00
CA ILE D 133 -31.89 -3.69 -21.54
C ILE D 133 -31.80 -2.28 -20.95
N ARG D 134 -30.76 -1.52 -21.29
CA ARG D 134 -30.63 -0.23 -20.61
C ARG D 134 -31.57 0.82 -21.20
N THR D 135 -32.03 0.53 -22.40
CA THR D 135 -33.14 1.28 -22.95
C THR D 135 -34.32 1.15 -21.98
N THR D 136 -34.87 -0.05 -21.91
CA THR D 136 -36.10 -0.25 -21.19
C THR D 136 -35.93 -0.24 -19.65
N PHE D 137 -34.91 0.45 -19.15
CA PHE D 137 -34.67 0.58 -17.70
C PHE D 137 -33.98 1.90 -17.50
N ASN D 138 -33.69 2.56 -18.62
CA ASN D 138 -32.99 3.85 -18.60
C ASN D 138 -31.69 3.84 -17.79
N ILE D 139 -30.69 3.11 -18.30
CA ILE D 139 -29.42 2.93 -17.60
C ILE D 139 -28.32 3.42 -18.51
N LYS D 140 -27.47 4.28 -18.00
CA LYS D 140 -26.36 4.78 -18.80
C LYS D 140 -25.17 3.81 -18.88
N ASN D 141 -24.84 3.39 -20.09
CA ASN D 141 -23.67 2.56 -20.35
C ASN D 141 -22.35 3.21 -19.95
N ASP D 142 -21.83 2.90 -18.76
CA ASP D 142 -20.63 3.54 -18.22
C ASP D 142 -19.31 2.78 -18.43
N PHE D 143 -19.28 1.88 -19.40
CA PHE D 143 -18.07 1.12 -19.68
C PHE D 143 -17.11 1.96 -20.50
N THR D 144 -15.83 1.97 -20.17
CA THR D 144 -14.84 2.42 -21.17
C THR D 144 -14.83 1.42 -22.31
N PRO D 145 -14.48 1.85 -23.52
CA PRO D 145 -14.63 0.94 -24.66
C PRO D 145 -13.74 -0.29 -24.52
N GLU D 146 -12.63 -0.16 -23.78
CA GLU D 146 -11.73 -1.27 -23.52
C GLU D 146 -12.38 -2.30 -22.64
N GLU D 147 -13.00 -1.85 -21.55
CA GLU D 147 -13.77 -2.73 -20.69
C GLU D 147 -14.85 -3.48 -21.44
N GLU D 148 -15.68 -2.76 -22.21
CA GLU D 148 -16.77 -3.36 -22.97
C GLU D 148 -16.22 -4.45 -23.87
N GLU D 149 -15.08 -4.18 -24.47
CA GLU D 149 -14.48 -5.11 -25.40
C GLU D 149 -13.96 -6.38 -24.69
N GLU D 150 -13.26 -6.21 -23.60
CA GLU D 150 -12.78 -7.35 -22.84
C GLU D 150 -13.94 -8.26 -22.41
N VAL D 151 -14.99 -7.67 -21.85
CA VAL D 151 -16.14 -8.42 -21.43
C VAL D 151 -16.77 -9.12 -22.60
N ARG D 152 -16.92 -8.43 -23.71
CA ARG D 152 -17.50 -9.04 -24.89
C ARG D 152 -16.63 -10.20 -25.39
N ARG D 153 -15.32 -10.00 -25.50
CA ARG D 153 -14.41 -11.11 -25.81
C ARG D 153 -14.46 -12.34 -24.84
N GLU D 154 -14.41 -12.06 -23.56
CA GLU D 154 -14.54 -13.10 -22.59
C GLU D 154 -15.82 -13.86 -22.87
N ASN D 155 -16.93 -13.14 -22.95
CA ASN D 155 -18.22 -13.75 -23.20
C ASN D 155 -18.33 -14.61 -24.45
N GLN D 156 -17.61 -14.27 -25.51
CA GLN D 156 -17.86 -14.92 -26.78
C GLN D 156 -16.77 -15.87 -27.22
N TRP D 157 -15.58 -15.66 -26.71
CA TRP D 157 -14.49 -16.51 -27.07
C TRP D 157 -14.18 -17.57 -26.02
N ALA D 158 -14.47 -17.28 -24.75
CA ALA D 158 -13.93 -18.05 -23.63
C ALA D 158 -14.98 -18.72 -22.74
N PHE D 159 -15.86 -17.94 -22.13
CA PHE D 159 -16.75 -18.40 -21.06
C PHE D 159 -18.20 -18.50 -21.45
N GLU D 160 -18.74 -19.71 -21.39
CA GLU D 160 -20.19 -19.98 -21.41
C GLU D 160 -20.66 -20.44 -22.78
N SER E 12 -36.99 7.53 1.59
CA SER E 12 -37.75 6.91 0.52
C SER E 12 -37.83 7.80 -0.73
N CYS E 13 -37.13 7.40 -1.78
CA CYS E 13 -37.20 8.06 -3.08
C CYS E 13 -37.66 7.02 -4.10
N VAL E 14 -37.94 7.45 -5.34
CA VAL E 14 -38.35 6.53 -6.39
C VAL E 14 -37.39 5.33 -6.43
N ALA E 15 -37.90 4.11 -6.26
CA ALA E 15 -37.02 2.95 -6.29
C ALA E 15 -36.57 2.68 -7.74
N THR E 16 -35.27 2.51 -7.94
CA THR E 16 -34.71 2.22 -9.26
C THR E 16 -34.49 0.73 -9.45
N VAL E 17 -34.12 0.31 -10.67
CA VAL E 17 -33.74 -1.08 -10.91
C VAL E 17 -32.56 -1.43 -10.06
N ASP E 18 -31.72 -0.43 -9.85
CA ASP E 18 -30.50 -0.59 -9.06
C ASP E 18 -30.74 -1.04 -7.63
N ASP E 19 -31.91 -0.72 -7.09
CA ASP E 19 -32.22 -1.06 -5.71
C ASP E 19 -32.66 -2.52 -5.61
N VAL E 20 -32.66 -3.21 -6.73
CA VAL E 20 -33.29 -4.50 -6.79
C VAL E 20 -32.58 -5.55 -7.70
N ILE E 21 -31.52 -5.11 -8.37
CA ILE E 21 -30.89 -5.94 -9.37
C ILE E 21 -30.01 -7.05 -8.76
N GLU E 22 -29.37 -6.78 -7.62
CA GLU E 22 -28.65 -7.83 -6.89
C GLU E 22 -29.53 -9.07 -6.70
N GLN E 23 -30.81 -8.80 -6.43
CA GLN E 23 -31.81 -9.83 -6.10
C GLN E 23 -32.32 -10.53 -7.32
N VAL E 24 -32.70 -9.74 -8.31
CA VAL E 24 -33.25 -10.25 -9.56
C VAL E 24 -32.27 -11.07 -10.45
N MET E 25 -31.02 -10.66 -10.45
CA MET E 25 -30.01 -11.31 -11.24
C MET E 25 -30.04 -12.82 -11.01
N THR E 26 -30.23 -13.21 -9.75
CA THR E 26 -30.16 -14.64 -9.39
C THR E 26 -31.39 -15.41 -9.88
N TYR E 27 -32.25 -14.75 -10.63
CA TYR E 27 -33.41 -15.37 -11.30
C TYR E 27 -33.25 -15.43 -12.79
N ILE E 28 -32.16 -14.85 -13.29
CA ILE E 28 -31.78 -15.04 -14.68
C ILE E 28 -30.84 -16.25 -14.78
N THR E 29 -31.29 -17.27 -15.50
CA THR E 29 -30.60 -18.55 -15.43
C THR E 29 -29.87 -18.81 -16.74
N ASP E 30 -30.48 -18.37 -17.84
CA ASP E 30 -29.96 -18.64 -19.18
C ASP E 30 -28.59 -18.05 -19.47
N PRO E 31 -27.61 -18.88 -19.81
CA PRO E 31 -26.27 -18.37 -20.04
C PRO E 31 -26.22 -17.18 -21.01
N LYS E 32 -27.17 -17.11 -21.94
CA LYS E 32 -27.09 -16.10 -22.96
C LYS E 32 -27.71 -14.82 -22.47
N ASP E 33 -28.49 -14.90 -21.41
CA ASP E 33 -29.09 -13.70 -20.82
C ASP E 33 -28.17 -13.11 -19.76
N ARG E 34 -27.37 -13.98 -19.14
CA ARG E 34 -26.35 -13.55 -18.20
C ARG E 34 -25.34 -12.78 -19.00
N ASP E 35 -24.97 -13.37 -20.14
CA ASP E 35 -24.11 -12.74 -21.14
C ASP E 35 -24.53 -11.27 -21.37
N SER E 36 -25.75 -11.04 -21.84
CA SER E 36 -26.22 -9.67 -22.06
C SER E 36 -26.21 -8.85 -20.77
N ALA E 37 -26.82 -9.37 -19.72
CA ALA E 37 -26.88 -8.60 -18.49
C ALA E 37 -25.51 -8.07 -18.07
N SER E 38 -24.45 -8.85 -18.27
CA SER E 38 -23.14 -8.53 -17.78
C SER E 38 -22.59 -7.34 -18.53
N LEU E 39 -23.25 -7.05 -19.65
CA LEU E 39 -22.81 -5.95 -20.54
C LEU E 39 -23.64 -4.62 -20.47
N VAL E 40 -24.63 -4.53 -19.57
CA VAL E 40 -25.45 -3.32 -19.53
C VAL E 40 -24.75 -2.19 -18.80
N CYS E 41 -23.81 -2.47 -17.91
CA CYS E 41 -23.08 -1.43 -17.19
C CYS E 41 -22.19 -1.98 -16.07
N ARG E 42 -21.27 -1.17 -15.58
CA ARG E 42 -20.30 -1.70 -14.65
C ARG E 42 -20.90 -2.41 -13.46
N ARG E 43 -22.05 -1.96 -12.99
CA ARG E 43 -22.65 -2.57 -11.80
C ARG E 43 -23.25 -3.95 -12.07
N TRP E 44 -23.99 -4.06 -13.16
CA TRP E 44 -24.50 -5.36 -13.56
C TRP E 44 -23.39 -6.35 -13.84
N PHE E 45 -22.34 -5.88 -14.49
CA PHE E 45 -21.18 -6.69 -14.71
C PHE E 45 -20.73 -7.28 -13.39
N LYS E 46 -20.64 -6.45 -12.35
CA LYS E 46 -20.07 -6.92 -11.09
C LYS E 46 -21.00 -7.92 -10.42
N ILE E 47 -22.30 -7.67 -10.52
CA ILE E 47 -23.25 -8.53 -9.88
C ILE E 47 -23.26 -9.90 -10.55
N ASP E 48 -23.16 -9.90 -11.87
CA ASP E 48 -23.14 -11.15 -12.58
C ASP E 48 -21.86 -11.88 -12.23
N SER E 49 -20.77 -11.14 -12.12
CA SER E 49 -19.47 -11.69 -11.80
C SER E 49 -19.49 -12.43 -10.47
N GLU E 50 -20.16 -11.85 -9.48
CA GLU E 50 -20.18 -12.43 -8.15
C GLU E 50 -21.25 -13.45 -7.90
N THR E 51 -22.13 -13.68 -8.87
CA THR E 51 -23.26 -14.59 -8.67
C THR E 51 -23.33 -15.71 -9.70
N ARG E 52 -22.59 -15.59 -10.78
CA ARG E 52 -22.57 -16.66 -11.77
C ARG E 52 -22.23 -17.98 -11.09
N GLU E 53 -23.03 -19.01 -11.34
CA GLU E 53 -22.84 -20.30 -10.69
C GLU E 53 -22.14 -21.32 -11.56
N HIS E 54 -22.46 -21.29 -12.84
CA HIS E 54 -21.87 -22.26 -13.77
C HIS E 54 -21.19 -21.64 -15.01
N VAL E 55 -20.03 -22.15 -15.39
CA VAL E 55 -19.34 -21.68 -16.58
C VAL E 55 -18.85 -22.87 -17.40
N THR E 56 -19.04 -22.84 -18.70
CA THR E 56 -18.45 -23.89 -19.55
C THR E 56 -17.37 -23.28 -20.44
N MET E 57 -16.24 -23.92 -20.57
CA MET E 57 -15.24 -23.44 -21.48
C MET E 57 -15.12 -24.44 -22.57
N ALA E 58 -15.51 -24.09 -23.78
CA ALA E 58 -15.44 -25.04 -24.90
C ALA E 58 -14.03 -25.43 -25.34
N LEU E 59 -13.03 -24.64 -24.97
CA LEU E 59 -11.64 -24.95 -25.28
C LEU E 59 -10.83 -24.34 -24.18
N CYS E 60 -10.16 -25.19 -23.43
CA CYS E 60 -9.43 -24.75 -22.27
C CYS E 60 -8.38 -23.69 -22.59
N TYR E 61 -7.86 -23.69 -23.82
CA TYR E 61 -6.73 -22.80 -24.14
C TYR E 61 -7.14 -21.37 -24.52
N THR E 62 -8.41 -21.09 -24.36
CA THR E 62 -9.11 -19.90 -24.81
C THR E 62 -8.89 -18.75 -23.82
N ALA E 63 -8.63 -19.09 -22.55
CA ALA E 63 -8.27 -18.10 -21.55
C ALA E 63 -7.41 -18.74 -20.48
N THR E 64 -6.67 -17.96 -19.71
CA THR E 64 -5.91 -18.52 -18.55
C THR E 64 -6.83 -18.72 -17.36
N PRO E 65 -6.47 -19.66 -16.49
CA PRO E 65 -7.28 -19.90 -15.31
C PRO E 65 -7.39 -18.64 -14.46
N ASP E 66 -6.31 -17.87 -14.39
CA ASP E 66 -6.36 -16.61 -13.71
C ASP E 66 -7.53 -15.79 -14.19
N ARG E 67 -7.75 -15.75 -15.50
CA ARG E 67 -8.81 -14.88 -16.02
C ARG E 67 -10.19 -15.36 -15.61
N LEU E 68 -10.41 -16.67 -15.69
CA LEU E 68 -11.62 -17.32 -15.21
C LEU E 68 -11.98 -16.97 -13.75
N SER E 69 -11.01 -17.11 -12.84
CA SER E 69 -11.30 -16.93 -11.43
C SER E 69 -11.38 -15.47 -11.01
N ARG E 70 -10.82 -14.59 -11.84
CA ARG E 70 -10.96 -13.17 -11.61
C ARG E 70 -12.38 -12.72 -11.99
N ARG E 71 -12.83 -13.10 -13.18
CA ARG E 71 -14.18 -12.85 -13.64
C ARG E 71 -15.28 -13.51 -12.84
N PHE E 72 -15.10 -14.78 -12.46
CA PHE E 72 -16.14 -15.53 -11.75
C PHE E 72 -15.69 -16.21 -10.46
N PRO E 73 -15.32 -15.44 -9.43
CA PRO E 73 -14.69 -16.01 -8.25
C PRO E 73 -15.59 -17.01 -7.49
N ASN E 74 -16.90 -17.03 -7.72
CA ASN E 74 -17.74 -17.88 -6.88
C ASN E 74 -18.42 -18.99 -7.64
N LEU E 75 -17.79 -19.47 -8.70
CA LEU E 75 -18.31 -20.56 -9.46
C LEU E 75 -18.68 -21.69 -8.52
N ARG E 76 -19.78 -22.36 -8.79
CA ARG E 76 -20.13 -23.59 -8.08
C ARG E 76 -19.86 -24.80 -8.97
N SER E 77 -19.83 -24.57 -10.29
CA SER E 77 -19.80 -25.65 -11.25
C SER E 77 -18.96 -25.29 -12.52
N LEU E 78 -17.97 -26.09 -12.88
CA LEU E 78 -17.10 -25.75 -14.00
C LEU E 78 -17.04 -26.91 -14.98
N LYS E 79 -16.94 -26.62 -16.26
CA LYS E 79 -16.83 -27.65 -17.26
C LYS E 79 -15.84 -27.21 -18.32
N LEU E 80 -14.73 -27.94 -18.46
CA LEU E 80 -13.69 -27.60 -19.40
C LEU E 80 -13.54 -28.67 -20.45
N LYS E 81 -13.48 -28.31 -21.72
CA LYS E 81 -13.13 -29.24 -22.80
C LYS E 81 -11.72 -28.98 -23.27
N GLY E 82 -11.02 -30.02 -23.68
CA GLY E 82 -9.65 -29.84 -24.16
C GLY E 82 -9.46 -30.17 -25.63
N LYS E 83 -9.07 -31.42 -25.89
CA LYS E 83 -8.81 -31.87 -27.23
C LYS E 83 -10.02 -31.65 -28.13
N PRO E 84 -9.74 -31.25 -29.38
CA PRO E 84 -10.73 -31.14 -30.45
C PRO E 84 -11.55 -32.44 -30.57
N ARG E 85 -12.80 -32.30 -30.98
CA ARG E 85 -13.70 -33.42 -31.17
C ARG E 85 -13.03 -34.54 -31.99
N ALA E 86 -12.14 -34.17 -32.87
CA ALA E 86 -11.54 -35.13 -33.78
C ALA E 86 -10.77 -36.18 -33.02
N ALA E 87 -10.48 -35.91 -31.76
CA ALA E 87 -9.70 -36.83 -30.97
C ALA E 87 -10.48 -38.10 -30.66
N MET E 88 -11.81 -38.01 -30.68
CA MET E 88 -12.68 -39.17 -30.40
C MET E 88 -12.63 -40.18 -31.55
N PHE E 89 -11.89 -39.85 -32.60
CA PHE E 89 -11.83 -40.67 -33.81
C PHE E 89 -10.37 -40.95 -34.15
N ASN E 90 -9.54 -41.06 -33.13
CA ASN E 90 -8.10 -41.26 -33.30
C ASN E 90 -7.40 -40.44 -34.37
N LEU E 91 -7.73 -39.15 -34.44
CA LEU E 91 -7.11 -38.25 -35.41
C LEU E 91 -6.15 -37.26 -34.74
N ILE E 92 -6.23 -37.12 -33.43
CA ILE E 92 -5.42 -36.16 -32.67
C ILE E 92 -4.36 -36.89 -31.84
N PRO E 93 -3.12 -36.40 -31.88
CA PRO E 93 -2.03 -37.04 -31.13
C PRO E 93 -2.36 -37.08 -29.66
N GLU E 94 -1.89 -38.10 -28.97
CA GLU E 94 -2.29 -38.30 -27.60
C GLU E 94 -1.78 -37.17 -26.76
N ASN E 95 -0.57 -36.71 -27.06
CA ASN E 95 0.10 -35.66 -26.28
C ASN E 95 -0.24 -34.21 -26.70
N TRP E 96 -1.25 -34.05 -27.55
CA TRP E 96 -1.60 -32.74 -28.10
C TRP E 96 -1.76 -31.64 -27.06
N GLY E 97 -2.41 -31.95 -25.94
CA GLY E 97 -2.67 -30.96 -24.93
C GLY E 97 -3.92 -31.27 -24.13
N GLY E 98 -4.42 -30.29 -23.39
CA GLY E 98 -5.64 -30.50 -22.65
C GLY E 98 -5.30 -30.81 -21.23
N TYR E 99 -4.10 -30.46 -20.80
CA TYR E 99 -3.67 -30.72 -19.42
C TYR E 99 -4.51 -29.92 -18.43
N VAL E 100 -5.05 -30.62 -17.46
CA VAL E 100 -6.05 -30.07 -16.58
C VAL E 100 -5.36 -29.41 -15.39
N THR E 101 -4.04 -29.59 -15.29
CA THR E 101 -3.35 -29.28 -14.02
C THR E 101 -3.34 -27.78 -13.59
N PRO E 102 -3.10 -26.83 -14.52
CA PRO E 102 -3.19 -25.40 -14.15
C PRO E 102 -4.56 -25.02 -13.66
N TRP E 103 -5.59 -25.58 -14.29
CA TRP E 103 -6.94 -25.44 -13.75
C TRP E 103 -7.12 -26.03 -12.34
N VAL E 104 -6.60 -27.22 -12.02
CA VAL E 104 -6.80 -27.63 -10.64
C VAL E 104 -5.99 -26.80 -9.69
N THR E 105 -4.83 -26.29 -10.09
CA THR E 105 -4.19 -25.43 -9.12
C THR E 105 -5.00 -24.11 -8.93
N GLU E 106 -5.60 -23.59 -9.98
CA GLU E 106 -6.43 -22.42 -9.81
C GLU E 106 -7.63 -22.74 -8.92
N ILE E 107 -8.24 -23.89 -9.13
CA ILE E 107 -9.33 -24.30 -8.26
C ILE E 107 -8.91 -24.33 -6.76
N SER E 108 -7.77 -24.95 -6.47
CA SER E 108 -7.22 -24.91 -5.11
C SER E 108 -7.23 -23.53 -4.48
N ASN E 109 -6.68 -22.55 -5.19
CA ASN E 109 -6.41 -21.26 -4.60
C ASN E 109 -7.55 -20.27 -4.65
N ASN E 110 -8.36 -20.30 -5.71
CA ASN E 110 -9.25 -19.20 -5.99
C ASN E 110 -10.70 -19.52 -6.36
N LEU E 111 -11.03 -20.78 -6.61
CA LEU E 111 -12.42 -21.12 -6.84
C LEU E 111 -12.92 -21.86 -5.64
N ARG E 112 -12.86 -21.23 -4.48
CA ARG E 112 -13.13 -21.89 -3.20
C ARG E 112 -14.59 -22.27 -3.00
N GLN E 113 -15.42 -22.15 -4.01
CA GLN E 113 -16.83 -22.45 -3.86
C GLN E 113 -17.26 -23.63 -4.74
N LEU E 114 -16.30 -24.17 -5.48
CA LEU E 114 -16.58 -25.16 -6.51
C LEU E 114 -17.07 -26.45 -5.90
N LYS E 115 -18.20 -26.92 -6.38
CA LYS E 115 -18.72 -28.18 -5.88
C LYS E 115 -18.84 -29.23 -6.99
N SER E 116 -18.68 -28.82 -8.26
CA SER E 116 -18.80 -29.74 -9.38
C SER E 116 -17.79 -29.46 -10.49
N VAL E 117 -17.04 -30.48 -10.93
CA VAL E 117 -16.06 -30.32 -11.99
C VAL E 117 -16.31 -31.36 -13.06
N HIS E 118 -16.34 -30.94 -14.31
CA HIS E 118 -16.50 -31.85 -15.47
C HIS E 118 -15.35 -31.57 -16.43
N PHE E 119 -14.47 -32.54 -16.62
CA PHE E 119 -13.38 -32.43 -17.56
C PHE E 119 -13.75 -33.29 -18.78
N ARG E 120 -13.65 -32.74 -19.98
CA ARG E 120 -14.03 -33.46 -21.19
C ARG E 120 -12.90 -33.47 -22.18
N ARG E 121 -12.44 -34.67 -22.54
CA ARG E 121 -11.31 -34.86 -23.44
C ARG E 121 -10.08 -34.13 -22.97
N MET E 122 -9.73 -34.29 -21.69
CA MET E 122 -8.53 -33.67 -21.12
C MET E 122 -7.56 -34.65 -20.55
N ILE E 123 -6.32 -34.22 -20.33
CA ILE E 123 -5.28 -35.04 -19.70
C ILE E 123 -5.33 -34.80 -18.19
N VAL E 124 -5.65 -35.84 -17.42
CA VAL E 124 -5.76 -35.71 -15.99
C VAL E 124 -4.76 -36.68 -15.35
N SER E 125 -3.82 -36.19 -14.53
CA SER E 125 -2.89 -37.06 -13.84
C SER E 125 -3.28 -37.38 -12.40
N ASP E 126 -2.54 -38.30 -11.78
CA ASP E 126 -2.86 -38.67 -10.42
C ASP E 126 -2.57 -37.48 -9.51
N LEU E 127 -1.52 -36.77 -9.83
CA LEU E 127 -1.16 -35.64 -9.01
C LEU E 127 -2.31 -34.65 -9.08
N ASP E 128 -2.76 -34.37 -10.29
CA ASP E 128 -3.78 -33.35 -10.32
C ASP E 128 -5.10 -33.82 -9.67
N LEU E 129 -5.44 -35.11 -9.70
CA LEU E 129 -6.60 -35.45 -8.88
C LEU E 129 -6.40 -35.63 -7.40
N ASP E 130 -5.18 -35.90 -6.96
CA ASP E 130 -4.89 -35.84 -5.54
C ASP E 130 -5.02 -34.37 -5.02
N ARG E 131 -4.54 -33.41 -5.80
CA ARG E 131 -4.69 -32.02 -5.41
C ARG E 131 -6.14 -31.55 -5.36
N LEU E 132 -6.92 -31.95 -6.36
CA LEU E 132 -8.35 -31.63 -6.42
C LEU E 132 -9.05 -32.19 -5.21
N ALA E 133 -8.77 -33.43 -4.88
CA ALA E 133 -9.45 -34.09 -3.79
C ALA E 133 -9.18 -33.39 -2.48
N LYS E 134 -7.92 -33.07 -2.24
CA LYS E 134 -7.53 -32.49 -0.99
C LYS E 134 -7.99 -31.06 -0.87
N ALA E 135 -8.04 -30.36 -1.99
CA ALA E 135 -8.42 -28.95 -1.99
C ALA E 135 -9.92 -28.74 -1.80
N ARG E 136 -10.71 -29.67 -2.32
CA ARG E 136 -12.14 -29.52 -2.39
C ARG E 136 -12.84 -30.51 -1.43
N ALA E 137 -12.23 -31.67 -1.22
CA ALA E 137 -12.65 -32.58 -0.17
C ALA E 137 -14.17 -32.75 -0.11
N ASP E 138 -14.76 -32.59 1.08
CA ASP E 138 -16.17 -32.89 1.29
C ASP E 138 -17.08 -32.01 0.44
N ASP E 139 -16.53 -30.96 -0.17
CA ASP E 139 -17.37 -30.05 -0.95
C ASP E 139 -17.59 -30.58 -2.36
N LEU E 140 -16.70 -31.45 -2.85
CA LEU E 140 -16.86 -32.00 -4.20
C LEU E 140 -18.07 -32.93 -4.27
N GLU E 141 -19.19 -32.41 -4.76
CA GLU E 141 -20.41 -33.17 -4.95
C GLU E 141 -20.36 -33.99 -6.24
N THR E 142 -19.70 -33.48 -7.25
CA THR E 142 -19.66 -34.20 -8.51
C THR E 142 -18.35 -34.05 -9.28
N LEU E 143 -17.81 -35.16 -9.75
CA LEU E 143 -16.62 -35.17 -10.59
C LEU E 143 -16.91 -35.98 -11.85
N LYS E 144 -16.68 -35.41 -13.03
CA LYS E 144 -16.84 -36.14 -14.28
C LYS E 144 -15.53 -36.16 -15.05
N LEU E 145 -14.90 -37.31 -15.10
CA LEU E 145 -13.77 -37.50 -15.98
C LEU E 145 -14.27 -38.12 -17.29
N ASP E 146 -14.61 -37.27 -18.25
CA ASP E 146 -15.36 -37.60 -19.44
C ASP E 146 -14.45 -37.70 -20.64
N LYS E 147 -14.14 -38.91 -21.08
CA LYS E 147 -13.18 -39.15 -22.16
C LYS E 147 -11.80 -38.56 -21.89
N CYS E 148 -11.37 -38.65 -20.65
CA CYS E 148 -10.06 -38.16 -20.26
C CYS E 148 -9.05 -39.28 -20.18
N SER E 149 -7.79 -38.91 -20.09
CA SER E 149 -6.72 -39.90 -19.99
C SER E 149 -5.68 -39.40 -19.02
N GLY E 150 -4.75 -40.27 -18.64
CA GLY E 150 -3.53 -39.86 -17.96
C GLY E 150 -3.42 -40.17 -16.48
N PHE E 151 -4.45 -40.80 -15.93
CA PHE E 151 -4.47 -41.09 -14.49
C PHE E 151 -4.46 -42.59 -14.21
N THR E 152 -4.63 -42.95 -12.94
CA THR E 152 -4.69 -44.34 -12.53
C THR E 152 -5.59 -44.48 -11.35
N THR E 153 -5.78 -45.72 -10.91
CA THR E 153 -6.67 -45.99 -9.78
C THR E 153 -6.23 -45.33 -8.49
N ASP E 154 -4.97 -44.91 -8.42
CA ASP E 154 -4.48 -44.12 -7.28
C ASP E 154 -5.21 -42.74 -7.19
N GLY E 155 -5.41 -42.14 -8.36
CA GLY E 155 -6.18 -40.92 -8.43
C GLY E 155 -7.59 -41.16 -7.96
N LEU E 156 -8.24 -42.18 -8.49
CA LEU E 156 -9.61 -42.51 -8.09
C LEU E 156 -9.72 -42.70 -6.60
N LEU E 157 -8.77 -43.41 -6.03
CA LEU E 157 -8.83 -43.70 -4.61
C LEU E 157 -8.71 -42.41 -3.85
N SER E 158 -7.83 -41.55 -4.35
CA SER E 158 -7.60 -40.30 -3.65
C SER E 158 -8.90 -39.51 -3.58
N ILE E 159 -9.64 -39.42 -4.69
CA ILE E 159 -10.84 -38.62 -4.59
C ILE E 159 -11.95 -39.30 -3.79
N VAL E 160 -12.11 -40.61 -3.87
CA VAL E 160 -13.18 -41.22 -3.07
C VAL E 160 -12.90 -41.35 -1.57
N THR E 161 -11.65 -41.19 -1.13
CA THR E 161 -11.38 -41.14 0.29
C THR E 161 -11.42 -39.73 0.89
N HIS E 162 -11.02 -38.73 0.11
CA HIS E 162 -11.10 -37.34 0.56
C HIS E 162 -12.41 -36.61 0.28
N CYS E 163 -13.16 -37.08 -0.71
CA CYS E 163 -14.45 -36.50 -1.04
C CYS E 163 -15.56 -37.44 -0.59
N ARG E 164 -15.95 -37.32 0.65
CA ARG E 164 -16.72 -38.33 1.31
C ARG E 164 -18.18 -38.15 1.02
N LYS E 165 -18.53 -37.08 0.31
CA LYS E 165 -19.92 -36.78 0.01
C LYS E 165 -20.24 -36.76 -1.47
N ILE E 166 -19.39 -37.35 -2.30
CA ILE E 166 -19.61 -37.35 -3.74
C ILE E 166 -20.98 -37.83 -4.08
N LYS E 167 -21.74 -37.04 -4.86
CA LYS E 167 -23.05 -37.44 -5.29
C LYS E 167 -22.93 -38.06 -6.69
N THR E 168 -22.08 -37.52 -7.53
CA THR E 168 -21.99 -38.08 -8.87
C THR E 168 -20.55 -38.21 -9.34
N LEU E 169 -20.15 -39.43 -9.69
CA LEU E 169 -18.77 -39.75 -10.05
C LEU E 169 -18.77 -40.49 -11.37
N LEU E 170 -18.10 -39.94 -12.39
CA LEU E 170 -18.18 -40.47 -13.76
C LEU E 170 -16.81 -40.63 -14.40
N MET E 171 -16.62 -41.73 -15.11
CA MET E 171 -15.36 -41.95 -15.83
C MET E 171 -15.53 -42.41 -17.26
N GLU E 172 -16.75 -42.27 -17.80
CA GLU E 172 -17.10 -42.86 -19.10
C GLU E 172 -16.03 -42.68 -20.16
N GLU E 173 -15.66 -43.75 -20.82
CA GLU E 173 -14.73 -43.70 -21.94
C GLU E 173 -13.38 -43.17 -21.58
N SER E 174 -13.06 -43.09 -20.30
CA SER E 174 -11.72 -42.62 -19.95
C SER E 174 -10.68 -43.71 -20.06
N SER E 175 -9.45 -43.36 -20.40
CA SER E 175 -8.38 -44.33 -20.26
C SER E 175 -7.38 -44.02 -19.15
N PHE E 176 -7.10 -45.00 -18.30
CA PHE E 176 -6.29 -44.87 -17.07
C PHE E 176 -5.65 -46.23 -16.83
N SER E 177 -4.69 -46.29 -15.91
CA SER E 177 -4.04 -47.55 -15.57
C SER E 177 -4.70 -48.14 -14.36
N GLU E 178 -5.16 -49.37 -14.50
CA GLU E 178 -5.82 -50.03 -13.37
C GLU E 178 -4.87 -50.89 -12.56
N LYS E 179 -4.40 -50.39 -11.43
CA LYS E 179 -3.55 -51.16 -10.54
C LYS E 179 -4.34 -52.00 -9.51
N ASP E 180 -5.54 -51.57 -9.13
CA ASP E 180 -6.27 -52.27 -8.11
C ASP E 180 -7.71 -51.89 -8.10
N GLY E 181 -8.46 -52.48 -7.16
CA GLY E 181 -9.88 -52.20 -7.05
C GLY E 181 -10.30 -51.47 -5.79
N LYS E 182 -9.37 -50.83 -5.08
CA LYS E 182 -9.74 -50.32 -3.75
C LYS E 182 -10.58 -49.08 -3.82
N TRP E 183 -10.52 -48.34 -4.93
CA TRP E 183 -11.38 -47.18 -5.03
C TRP E 183 -12.84 -47.58 -4.85
N LEU E 184 -13.26 -48.65 -5.54
CA LEU E 184 -14.67 -49.06 -5.50
C LEU E 184 -15.01 -49.59 -4.10
N HIS E 185 -14.06 -50.31 -3.52
CA HIS E 185 -14.24 -50.82 -2.19
C HIS E 185 -14.35 -49.68 -1.16
N GLU E 186 -13.50 -48.66 -1.32
CA GLU E 186 -13.56 -47.49 -0.47
C GLU E 186 -14.95 -46.85 -0.50
N LEU E 187 -15.53 -46.72 -1.71
CA LEU E 187 -16.89 -46.18 -1.83
C LEU E 187 -17.85 -47.08 -1.06
N ALA E 188 -17.77 -48.37 -1.31
CA ALA E 188 -18.65 -49.32 -0.67
C ALA E 188 -18.63 -49.17 0.84
N GLN E 189 -17.46 -48.88 1.39
CA GLN E 189 -17.36 -48.90 2.81
C GLN E 189 -17.82 -47.62 3.51
N HIS E 190 -17.79 -46.47 2.84
CA HIS E 190 -18.04 -45.22 3.53
C HIS E 190 -19.04 -44.28 2.86
N ASN E 191 -19.33 -44.52 1.58
CA ASN E 191 -20.13 -43.57 0.81
C ASN E 191 -21.60 -43.85 0.95
N THR E 192 -22.37 -42.79 1.11
CA THR E 192 -23.78 -42.93 1.42
C THR E 192 -24.62 -42.12 0.47
N SER E 193 -23.95 -41.19 -0.22
CA SER E 193 -24.58 -40.07 -0.89
C SER E 193 -24.65 -40.19 -2.40
N LEU E 194 -23.93 -41.16 -2.91
CA LEU E 194 -23.89 -41.46 -4.33
C LEU E 194 -25.27 -41.50 -5.01
N GLU E 195 -25.42 -40.70 -6.06
CA GLU E 195 -26.66 -40.66 -6.81
C GLU E 195 -26.40 -41.26 -8.20
N VAL E 196 -25.26 -40.94 -8.79
CA VAL E 196 -24.93 -41.46 -10.09
C VAL E 196 -23.49 -41.85 -10.17
N LEU E 197 -23.27 -43.07 -10.63
CA LEU E 197 -21.96 -43.68 -10.71
C LEU E 197 -21.84 -44.26 -12.10
N ASN E 198 -20.79 -43.91 -12.81
CA ASN E 198 -20.74 -44.16 -14.25
C ASN E 198 -19.34 -44.51 -14.72
N PHE E 199 -19.07 -45.78 -14.94
CA PHE E 199 -17.88 -46.13 -15.62
C PHE E 199 -18.24 -46.96 -16.83
N TYR E 200 -19.17 -46.43 -17.63
CA TYR E 200 -19.77 -47.15 -18.75
C TYR E 200 -18.83 -47.79 -19.73
N MET E 201 -17.97 -47.00 -20.31
CA MET E 201 -17.21 -47.58 -21.38
C MET E 201 -15.76 -47.75 -20.92
N THR E 202 -15.56 -48.64 -19.94
CA THR E 202 -14.22 -48.77 -19.34
C THR E 202 -13.83 -50.19 -18.97
N GLU E 203 -12.54 -50.47 -19.16
CA GLU E 203 -11.93 -51.74 -18.77
C GLU E 203 -11.57 -51.75 -17.30
N PHE E 204 -12.41 -52.34 -16.47
CA PHE E 204 -12.01 -52.61 -15.10
C PHE E 204 -12.07 -54.10 -14.91
N ALA E 205 -10.93 -54.67 -14.54
CA ALA E 205 -10.82 -56.12 -14.30
C ALA E 205 -10.62 -56.46 -12.83
N LYS E 206 -10.38 -55.45 -11.99
CA LYS E 206 -10.01 -55.69 -10.60
C LYS E 206 -11.06 -55.26 -9.59
N ILE E 207 -12.22 -54.80 -10.04
CA ILE E 207 -13.18 -54.33 -9.07
C ILE E 207 -14.14 -55.45 -8.84
N SER E 208 -14.74 -55.48 -7.65
CA SER E 208 -15.61 -56.56 -7.25
C SER E 208 -17.10 -56.23 -7.34
N PRO E 209 -17.90 -57.06 -8.02
CA PRO E 209 -19.33 -56.82 -8.05
C PRO E 209 -19.91 -56.79 -6.65
N LYS E 210 -19.32 -57.48 -5.68
CA LYS E 210 -19.79 -57.35 -4.29
C LYS E 210 -19.79 -55.89 -3.81
N ASP E 211 -18.73 -55.16 -4.13
CA ASP E 211 -18.58 -53.79 -3.68
C ASP E 211 -19.74 -52.94 -4.24
N LEU E 212 -20.18 -53.26 -5.45
CA LEU E 212 -21.16 -52.48 -6.19
C LEU E 212 -22.48 -52.70 -5.55
N GLU E 213 -22.77 -53.97 -5.33
CA GLU E 213 -23.92 -54.36 -4.53
C GLU E 213 -23.94 -53.64 -3.19
N THR E 214 -22.81 -53.55 -2.50
CA THR E 214 -22.88 -52.93 -1.19
C THR E 214 -23.16 -51.43 -1.28
N ILE E 215 -22.70 -50.82 -2.37
CA ILE E 215 -22.97 -49.41 -2.63
C ILE E 215 -24.47 -49.24 -2.80
N ALA E 216 -25.10 -50.16 -3.51
CA ALA E 216 -26.54 -50.04 -3.76
C ALA E 216 -27.31 -50.13 -2.47
N ARG E 217 -26.77 -50.91 -1.55
CA ARG E 217 -27.41 -51.17 -0.30
C ARG E 217 -27.31 -49.96 0.64
N ASN E 218 -26.24 -49.18 0.49
CA ASN E 218 -26.00 -48.00 1.30
C ASN E 218 -26.45 -46.63 0.77
N CYS E 219 -26.72 -46.54 -0.53
CA CYS E 219 -26.95 -45.29 -1.21
C CYS E 219 -28.40 -45.20 -1.61
N ARG E 220 -29.22 -44.65 -0.74
CA ARG E 220 -30.65 -44.70 -0.94
C ARG E 220 -31.03 -43.88 -2.16
N SER E 221 -30.21 -42.89 -2.52
CA SER E 221 -30.54 -42.04 -3.64
C SER E 221 -29.86 -42.46 -4.96
N LEU E 222 -29.41 -43.71 -5.01
CA LEU E 222 -28.73 -44.17 -6.19
C LEU E 222 -29.76 -44.30 -7.30
N VAL E 223 -29.61 -43.51 -8.36
CA VAL E 223 -30.58 -43.39 -9.42
C VAL E 223 -30.04 -43.92 -10.75
N SER E 224 -28.74 -43.79 -10.96
CA SER E 224 -28.15 -44.20 -12.24
C SER E 224 -26.79 -44.88 -12.10
N VAL E 225 -26.65 -46.09 -12.62
CA VAL E 225 -25.32 -46.67 -12.67
C VAL E 225 -25.03 -47.32 -14.01
N LYS E 226 -23.84 -47.08 -14.52
CA LYS E 226 -23.37 -47.60 -15.79
C LYS E 226 -22.05 -48.26 -15.53
N VAL E 227 -21.78 -49.38 -16.17
CA VAL E 227 -20.77 -50.30 -15.67
C VAL E 227 -20.02 -50.99 -16.80
N GLY E 228 -18.91 -51.64 -16.50
CA GLY E 228 -18.12 -52.34 -17.52
C GLY E 228 -18.60 -53.76 -17.77
N ASP E 229 -17.68 -54.67 -18.05
CA ASP E 229 -18.08 -56.04 -18.41
C ASP E 229 -18.34 -57.01 -17.24
N PHE E 230 -19.05 -56.56 -16.20
CA PHE E 230 -19.57 -57.42 -15.15
C PHE E 230 -20.56 -58.46 -15.70
N GLU E 231 -20.42 -59.74 -15.37
CA GLU E 231 -21.46 -60.74 -15.64
C GLU E 231 -22.80 -60.31 -15.00
N ILE E 232 -23.84 -60.09 -15.81
CA ILE E 232 -25.13 -59.66 -15.25
C ILE E 232 -25.57 -60.53 -14.10
N LEU E 233 -25.27 -61.82 -14.16
CA LEU E 233 -25.71 -62.72 -13.09
C LEU E 233 -25.09 -62.37 -11.76
N GLU E 234 -23.87 -61.82 -11.79
CA GLU E 234 -23.15 -61.40 -10.60
C GLU E 234 -23.75 -60.14 -9.98
N LEU E 235 -24.68 -59.51 -10.68
CA LEU E 235 -25.25 -58.26 -10.25
C LEU E 235 -26.65 -58.42 -9.74
N VAL E 236 -27.07 -59.67 -9.56
CA VAL E 236 -28.44 -59.98 -9.10
C VAL E 236 -28.72 -59.35 -7.76
N GLY E 237 -27.74 -59.43 -6.87
CA GLY E 237 -27.85 -58.78 -5.58
C GLY E 237 -27.95 -57.29 -5.73
N PHE E 238 -27.08 -56.74 -6.58
CA PHE E 238 -27.08 -55.32 -6.89
C PHE E 238 -28.47 -54.85 -7.32
N PHE E 239 -29.09 -55.58 -8.23
CA PHE E 239 -30.36 -55.12 -8.72
C PHE E 239 -31.44 -55.12 -7.65
N LYS E 240 -31.45 -56.12 -6.76
CA LYS E 240 -32.44 -56.16 -5.67
C LYS E 240 -32.21 -55.00 -4.72
N ALA E 241 -30.95 -54.62 -4.52
CA ALA E 241 -30.66 -53.58 -3.55
C ALA E 241 -30.86 -52.17 -4.09
N ALA E 242 -30.70 -51.97 -5.39
CA ALA E 242 -30.88 -50.67 -6.02
C ALA E 242 -32.35 -50.31 -6.22
N ALA E 243 -33.11 -50.25 -5.15
CA ALA E 243 -34.53 -49.98 -5.24
C ALA E 243 -34.88 -48.77 -6.10
N ASN E 244 -34.12 -47.67 -6.01
CA ASN E 244 -34.51 -46.45 -6.72
C ASN E 244 -33.88 -46.31 -8.11
N LEU E 245 -33.18 -47.34 -8.58
CA LEU E 245 -32.48 -47.29 -9.85
C LEU E 245 -33.42 -46.97 -10.99
N GLU E 246 -33.06 -45.97 -11.80
CA GLU E 246 -33.88 -45.59 -12.96
C GLU E 246 -33.11 -45.88 -14.25
N GLU E 247 -31.80 -45.98 -14.13
CA GLU E 247 -30.99 -46.16 -15.31
C GLU E 247 -29.93 -47.17 -15.02
N PHE E 248 -29.73 -48.12 -15.93
CA PHE E 248 -28.60 -49.03 -15.90
C PHE E 248 -28.08 -49.36 -17.29
N CYS E 249 -26.78 -49.21 -17.48
CA CYS E 249 -26.16 -49.58 -18.75
C CYS E 249 -24.94 -50.34 -18.46
N GLY E 250 -24.61 -51.27 -19.34
CA GLY E 250 -23.39 -52.05 -19.23
C GLY E 250 -23.63 -53.48 -18.84
N GLY E 251 -22.73 -54.04 -18.04
CA GLY E 251 -22.80 -55.44 -17.74
C GLY E 251 -22.46 -56.24 -18.99
N SER E 252 -22.49 -57.55 -18.83
CA SER E 252 -22.21 -58.49 -19.90
C SER E 252 -23.28 -59.60 -19.80
N LEU E 253 -23.97 -59.86 -20.90
CA LEU E 253 -24.87 -60.99 -21.01
C LEU E 253 -24.14 -62.06 -21.78
N ASN E 254 -23.63 -63.06 -21.07
CA ASN E 254 -22.90 -64.15 -21.71
C ASN E 254 -23.72 -65.43 -21.68
N GLU E 255 -24.27 -65.81 -22.82
CA GLU E 255 -25.06 -67.04 -22.87
C GLU E 255 -24.14 -68.22 -23.06
N ASP E 256 -24.48 -69.33 -22.42
CA ASP E 256 -23.86 -70.62 -22.75
C ASP E 256 -24.98 -71.60 -23.05
N ILE E 257 -24.75 -72.48 -24.03
CA ILE E 257 -25.78 -73.40 -24.46
C ILE E 257 -26.21 -74.25 -23.27
N GLY E 258 -25.26 -74.48 -22.36
CA GLY E 258 -25.51 -75.21 -21.13
C GLY E 258 -26.77 -74.80 -20.37
N MET E 259 -26.88 -73.52 -20.03
CA MET E 259 -28.09 -73.02 -19.41
C MET E 259 -28.94 -72.31 -20.45
N PRO E 260 -30.00 -72.96 -20.94
CA PRO E 260 -30.86 -72.39 -21.97
C PRO E 260 -31.59 -71.18 -21.43
N GLU E 261 -31.88 -71.23 -20.12
CA GLU E 261 -32.57 -70.14 -19.45
C GLU E 261 -31.65 -69.49 -18.41
N LYS E 262 -30.39 -69.26 -18.78
CA LYS E 262 -29.39 -68.69 -17.88
C LYS E 262 -29.96 -67.52 -17.12
N TYR E 263 -30.63 -66.63 -17.85
CA TYR E 263 -31.14 -65.41 -17.26
C TYR E 263 -32.57 -65.60 -16.85
N MET E 264 -33.51 -64.99 -17.57
CA MET E 264 -34.93 -65.28 -17.40
C MET E 264 -35.44 -65.04 -15.98
N ASN E 265 -34.53 -65.00 -15.01
CA ASN E 265 -34.91 -64.81 -13.62
C ASN E 265 -34.26 -63.55 -13.04
N LEU E 266 -34.16 -62.53 -13.87
CA LEU E 266 -33.61 -61.29 -13.41
C LEU E 266 -34.68 -60.43 -12.74
N VAL E 267 -34.39 -60.01 -11.52
CA VAL E 267 -35.15 -58.97 -10.84
C VAL E 267 -34.59 -57.62 -11.29
N PHE E 268 -35.25 -56.92 -12.20
CA PHE E 268 -34.81 -55.56 -12.48
C PHE E 268 -35.51 -54.57 -11.55
N PRO E 269 -34.80 -53.55 -11.09
CA PRO E 269 -35.49 -52.57 -10.24
C PRO E 269 -36.79 -52.04 -10.88
N ARG E 270 -37.84 -51.94 -10.09
CA ARG E 270 -39.12 -51.48 -10.59
C ARG E 270 -39.10 -49.97 -10.77
N LYS E 271 -38.48 -49.45 -11.80
CA LYS E 271 -38.38 -48.00 -11.98
C LYS E 271 -37.44 -47.81 -13.14
N LEU E 272 -36.64 -48.85 -13.37
CA LEU E 272 -35.74 -48.96 -14.49
C LEU E 272 -36.51 -48.60 -15.72
N CYS E 273 -36.04 -47.60 -16.46
CA CYS E 273 -36.76 -47.09 -17.60
C CYS E 273 -35.80 -46.46 -18.60
N ARG E 274 -34.52 -46.54 -18.28
CA ARG E 274 -33.48 -46.00 -19.11
C ARG E 274 -32.39 -47.09 -19.03
N LEU E 275 -32.16 -47.83 -20.09
CA LEU E 275 -31.23 -48.93 -19.97
C LEU E 275 -30.58 -49.42 -21.26
N GLY E 276 -29.52 -50.21 -21.12
CA GLY E 276 -28.84 -50.82 -22.22
C GLY E 276 -27.97 -51.97 -21.70
N LEU E 277 -28.32 -53.22 -22.02
CA LEU E 277 -27.55 -54.34 -21.54
C LEU E 277 -26.60 -54.78 -22.65
N SER E 278 -25.32 -54.89 -22.33
CA SER E 278 -24.31 -55.09 -23.36
C SER E 278 -24.25 -56.54 -23.77
N TYR E 279 -24.06 -56.76 -25.08
CA TYR E 279 -23.97 -58.10 -25.66
C TYR E 279 -25.29 -58.87 -25.65
N MET E 280 -26.38 -58.21 -25.26
CA MET E 280 -27.70 -58.81 -25.23
C MET E 280 -28.07 -59.42 -26.56
N GLY E 281 -28.33 -60.72 -26.56
CA GLY E 281 -28.78 -61.44 -27.75
C GLY E 281 -30.29 -61.64 -27.86
N PRO E 282 -30.74 -62.37 -28.87
CA PRO E 282 -32.18 -62.51 -29.06
C PRO E 282 -32.77 -63.41 -28.00
N ASN E 283 -31.95 -64.31 -27.47
CA ASN E 283 -32.40 -65.24 -26.44
C ASN E 283 -32.57 -64.60 -25.06
N GLU E 284 -31.82 -63.54 -24.78
CA GLU E 284 -31.94 -62.86 -23.50
C GLU E 284 -32.80 -61.60 -23.60
N MET E 285 -32.99 -61.10 -24.81
CA MET E 285 -33.86 -59.96 -25.08
C MET E 285 -35.17 -59.95 -24.29
N PRO E 286 -35.85 -61.08 -24.24
CA PRO E 286 -37.17 -61.09 -23.62
C PRO E 286 -37.21 -60.68 -22.16
N ILE E 287 -36.10 -60.64 -21.44
CA ILE E 287 -36.18 -60.25 -20.04
C ILE E 287 -36.60 -58.80 -19.89
N LEU E 288 -36.65 -58.09 -21.01
CA LEU E 288 -37.14 -56.72 -21.07
C LEU E 288 -38.67 -56.60 -21.24
N PHE E 289 -39.28 -57.59 -21.87
CA PHE E 289 -40.71 -57.52 -22.20
C PHE E 289 -41.66 -57.17 -21.03
N PRO E 290 -41.45 -57.79 -19.85
CA PRO E 290 -42.27 -57.54 -18.67
C PRO E 290 -42.48 -56.07 -18.34
N PHE E 291 -41.59 -55.17 -18.75
CA PHE E 291 -41.73 -53.75 -18.39
C PHE E 291 -41.38 -52.82 -19.53
N ALA E 292 -41.32 -53.38 -20.75
CA ALA E 292 -40.99 -52.61 -21.95
C ALA E 292 -41.88 -51.38 -22.15
N ALA E 293 -43.09 -51.42 -21.61
CA ALA E 293 -43.98 -50.26 -21.73
C ALA E 293 -43.45 -49.03 -20.98
N GLN E 294 -42.44 -49.26 -20.15
CA GLN E 294 -41.97 -48.29 -19.19
C GLN E 294 -40.69 -47.63 -19.70
N ILE E 295 -40.03 -48.31 -20.64
CA ILE E 295 -38.72 -47.96 -21.13
C ILE E 295 -38.75 -46.68 -21.97
N ARG E 296 -38.02 -45.66 -21.56
CA ARG E 296 -38.04 -44.39 -22.25
C ARG E 296 -36.73 -44.12 -22.97
N LYS E 297 -35.72 -44.92 -22.66
CA LYS E 297 -34.39 -44.80 -23.27
C LYS E 297 -33.79 -46.19 -23.49
N LEU E 298 -33.33 -46.47 -24.69
CA LEU E 298 -32.75 -47.75 -25.01
C LEU E 298 -31.39 -47.56 -25.66
N ASP E 299 -30.38 -48.29 -25.19
CA ASP E 299 -29.02 -48.21 -25.72
C ASP E 299 -28.58 -49.56 -26.29
N LEU E 300 -28.94 -49.84 -27.55
CA LEU E 300 -28.62 -51.12 -28.17
C LEU E 300 -27.31 -51.01 -28.94
N LEU E 301 -26.46 -50.10 -28.52
CA LEU E 301 -25.25 -49.79 -29.24
C LEU E 301 -24.29 -50.93 -29.18
N TYR E 302 -24.33 -51.67 -28.08
CA TYR E 302 -23.40 -52.79 -27.90
C TYR E 302 -24.15 -54.12 -27.84
N ALA E 303 -25.32 -54.16 -28.47
CA ALA E 303 -26.16 -55.34 -28.47
C ALA E 303 -25.86 -56.29 -29.63
N LEU E 304 -26.00 -57.58 -29.38
CA LEU E 304 -25.75 -58.58 -30.38
C LEU E 304 -27.05 -59.07 -30.98
N LEU E 305 -27.94 -58.17 -31.35
CA LEU E 305 -29.17 -58.63 -31.97
C LEU E 305 -29.38 -58.11 -33.40
N GLU E 306 -30.08 -58.90 -34.21
CA GLU E 306 -30.19 -58.68 -35.65
C GLU E 306 -31.39 -57.86 -36.01
N THR E 307 -31.47 -57.50 -37.28
CA THR E 307 -32.44 -56.51 -37.69
C THR E 307 -33.85 -56.94 -37.34
N GLU E 308 -34.14 -58.23 -37.49
CA GLU E 308 -35.45 -58.78 -37.12
C GLU E 308 -35.74 -58.53 -35.63
N ASP E 309 -34.79 -58.89 -34.78
CA ASP E 309 -34.90 -58.74 -33.33
C ASP E 309 -35.12 -57.32 -32.87
N HIS E 310 -34.52 -56.36 -33.57
CA HIS E 310 -34.73 -54.96 -33.26
C HIS E 310 -36.20 -54.61 -33.37
N CYS E 311 -36.83 -55.09 -34.44
CA CYS E 311 -38.21 -54.72 -34.73
C CYS E 311 -39.09 -55.22 -33.65
N THR E 312 -38.79 -56.43 -33.18
CA THR E 312 -39.65 -57.07 -32.21
C THR E 312 -39.57 -56.40 -30.83
N LEU E 313 -38.39 -55.91 -30.46
CA LEU E 313 -38.20 -55.14 -29.24
C LEU E 313 -38.75 -53.70 -29.37
N ILE E 314 -38.31 -52.97 -30.40
CA ILE E 314 -38.76 -51.61 -30.59
C ILE E 314 -40.29 -51.59 -30.50
N GLN E 315 -40.91 -52.57 -31.15
CA GLN E 315 -42.37 -52.68 -31.24
C GLN E 315 -43.02 -52.67 -29.85
N LYS E 316 -42.29 -53.11 -28.84
CA LYS E 316 -42.86 -53.20 -27.50
C LYS E 316 -42.60 -51.99 -26.62
N CYS E 317 -42.05 -50.92 -27.17
CA CYS E 317 -41.66 -49.74 -26.38
C CYS E 317 -42.31 -48.47 -26.88
N PRO E 318 -43.63 -48.37 -26.76
CA PRO E 318 -44.43 -47.25 -27.25
C PRO E 318 -44.01 -45.91 -26.67
N ASN E 319 -43.40 -45.91 -25.49
CA ASN E 319 -43.01 -44.68 -24.83
C ASN E 319 -41.51 -44.29 -24.96
N LEU E 320 -40.81 -45.03 -25.78
CA LEU E 320 -39.43 -44.77 -26.10
C LEU E 320 -39.22 -43.37 -26.59
N GLU E 321 -38.44 -42.57 -25.86
CA GLU E 321 -38.05 -41.26 -26.40
C GLU E 321 -36.61 -41.13 -26.84
N VAL E 322 -35.75 -42.04 -26.40
CA VAL E 322 -34.38 -42.03 -26.90
C VAL E 322 -33.92 -43.38 -27.34
N LEU E 323 -33.40 -43.49 -28.54
CA LEU E 323 -32.86 -44.78 -28.95
C LEU E 323 -31.50 -44.58 -29.58
N GLU E 324 -30.52 -45.33 -29.13
CA GLU E 324 -29.19 -45.35 -29.75
C GLU E 324 -28.96 -46.75 -30.25
N THR E 325 -28.48 -46.89 -31.47
CA THR E 325 -28.27 -48.22 -32.01
C THR E 325 -27.35 -48.22 -33.21
N ARG E 326 -26.88 -49.40 -33.60
CA ARG E 326 -26.06 -49.54 -34.80
C ARG E 326 -26.96 -49.64 -36.03
N ASN E 327 -26.39 -49.62 -37.21
CA ASN E 327 -27.22 -49.56 -38.42
C ASN E 327 -27.93 -50.87 -38.76
N VAL E 328 -27.63 -51.91 -38.00
CA VAL E 328 -28.35 -53.16 -38.07
C VAL E 328 -29.85 -52.94 -37.94
N ILE E 329 -30.23 -51.86 -37.28
CA ILE E 329 -31.64 -51.48 -37.12
C ILE E 329 -32.38 -51.60 -38.45
N GLY E 330 -31.65 -51.35 -39.54
CA GLY E 330 -32.19 -51.46 -40.88
C GLY E 330 -33.35 -50.54 -41.23
N ASP E 331 -33.68 -50.48 -42.51
CA ASP E 331 -34.85 -49.70 -42.92
C ASP E 331 -36.05 -50.30 -42.23
N ARG E 332 -36.06 -51.64 -42.12
CA ARG E 332 -37.20 -52.33 -41.52
C ARG E 332 -37.45 -51.88 -40.08
N GLY E 333 -36.36 -51.72 -39.32
CA GLY E 333 -36.43 -51.25 -37.95
C GLY E 333 -36.96 -49.84 -37.85
N LEU E 334 -36.48 -48.98 -38.74
CA LEU E 334 -36.97 -47.60 -38.76
C LEU E 334 -38.47 -47.55 -39.07
N GLU E 335 -38.93 -48.44 -39.94
CA GLU E 335 -40.35 -48.47 -40.25
C GLU E 335 -41.14 -48.79 -38.99
N VAL E 336 -40.62 -49.74 -38.19
CA VAL E 336 -41.25 -50.12 -36.92
C VAL E 336 -41.29 -48.96 -35.95
N LEU E 337 -40.13 -48.35 -35.81
CA LEU E 337 -39.98 -47.21 -34.93
C LEU E 337 -40.94 -46.11 -35.34
N ALA E 338 -41.21 -46.05 -36.64
CA ALA E 338 -42.00 -45.00 -37.23
C ALA E 338 -43.43 -44.91 -36.72
N GLN E 339 -44.05 -46.02 -36.38
CA GLN E 339 -45.42 -45.89 -35.91
C GLN E 339 -45.70 -46.38 -34.52
N TYR E 340 -44.78 -47.12 -33.93
CA TYR E 340 -44.97 -47.52 -32.54
C TYR E 340 -44.47 -46.49 -31.53
N CYS E 341 -43.42 -45.77 -31.90
CA CYS E 341 -42.80 -44.83 -30.98
C CYS E 341 -42.96 -43.42 -31.46
N LYS E 342 -44.13 -42.83 -31.21
CA LYS E 342 -44.45 -41.53 -31.76
C LYS E 342 -43.80 -40.41 -30.95
N GLN E 343 -43.39 -40.75 -29.72
CA GLN E 343 -42.81 -39.76 -28.80
C GLN E 343 -41.30 -39.58 -28.94
N LEU E 344 -40.70 -40.32 -29.86
CA LEU E 344 -39.26 -40.35 -30.02
C LEU E 344 -38.70 -38.97 -30.16
N LYS E 345 -37.71 -38.64 -29.32
CA LYS E 345 -37.05 -37.34 -29.37
C LYS E 345 -35.62 -37.37 -29.90
N ARG E 346 -34.88 -38.45 -29.63
CA ARG E 346 -33.50 -38.51 -30.05
C ARG E 346 -33.17 -39.87 -30.63
N LEU E 347 -32.52 -39.89 -31.77
CA LEU E 347 -32.18 -41.15 -32.41
C LEU E 347 -30.76 -41.07 -32.94
N ARG E 348 -29.94 -42.02 -32.56
CA ARG E 348 -28.62 -42.06 -33.12
C ARG E 348 -28.38 -43.44 -33.68
N ILE E 349 -28.05 -43.51 -34.98
CA ILE E 349 -27.73 -44.77 -35.64
C ILE E 349 -26.24 -44.82 -35.96
N GLU E 350 -25.43 -45.42 -35.09
CA GLU E 350 -23.98 -45.50 -35.30
C GLU E 350 -23.70 -46.45 -36.43
N ARG E 351 -22.46 -46.50 -36.89
CA ARG E 351 -22.15 -47.45 -37.94
C ARG E 351 -21.67 -48.75 -37.34
N GLY E 352 -22.09 -49.87 -37.92
CA GLY E 352 -21.77 -51.20 -37.37
C GLY E 352 -20.53 -51.85 -37.95
N ALA E 353 -20.43 -53.17 -37.84
CA ALA E 353 -19.33 -53.92 -38.47
C ALA E 353 -19.49 -53.87 -39.99
N ASP E 354 -18.63 -53.08 -40.64
CA ASP E 354 -18.79 -52.68 -42.04
C ASP E 354 -17.77 -53.38 -42.94
N GLU E 355 -17.28 -54.53 -42.50
CA GLU E 355 -16.27 -55.29 -43.24
C GLU E 355 -16.88 -56.45 -44.05
N GLN E 356 -17.41 -57.44 -43.34
CA GLN E 356 -18.01 -58.63 -43.95
C GLN E 356 -19.54 -58.55 -43.99
N GLY E 357 -20.07 -57.88 -45.01
CA GLY E 357 -21.51 -57.69 -45.11
C GLY E 357 -22.03 -56.89 -43.94
N MET E 358 -23.04 -56.05 -44.19
CA MET E 358 -23.58 -55.11 -43.20
C MET E 358 -24.21 -55.75 -41.94
N GLU E 359 -23.56 -56.78 -41.40
CA GLU E 359 -24.08 -57.56 -40.25
C GLU E 359 -25.25 -58.51 -40.58
N ASP E 360 -26.07 -58.10 -41.56
CA ASP E 360 -27.05 -58.96 -42.23
C ASP E 360 -27.59 -58.24 -43.49
N GLU E 361 -28.42 -58.91 -44.29
CA GLU E 361 -28.86 -58.28 -45.54
C GLU E 361 -30.10 -57.40 -45.38
N GLU E 362 -30.22 -56.77 -44.21
CA GLU E 362 -31.20 -55.71 -43.97
C GLU E 362 -30.55 -54.55 -43.21
N GLY E 363 -29.33 -54.79 -42.72
CA GLY E 363 -28.55 -53.83 -41.92
C GLY E 363 -27.98 -52.67 -42.71
N LEU E 364 -28.84 -52.07 -43.53
CA LEU E 364 -28.53 -50.88 -44.27
C LEU E 364 -29.71 -49.96 -44.03
N VAL E 365 -29.45 -48.71 -43.64
CA VAL E 365 -30.54 -47.75 -43.65
C VAL E 365 -30.39 -46.82 -44.86
N SER E 366 -31.52 -46.37 -45.40
CA SER E 366 -31.58 -45.70 -46.70
C SER E 366 -32.76 -44.73 -46.77
N GLN E 367 -32.97 -44.17 -47.95
CA GLN E 367 -34.08 -43.25 -48.17
C GLN E 367 -35.37 -43.80 -47.59
N ARG E 368 -35.58 -45.10 -47.74
CA ARG E 368 -36.81 -45.75 -47.33
C ARG E 368 -37.03 -45.51 -45.84
N GLY E 369 -36.00 -45.80 -45.04
CA GLY E 369 -36.06 -45.63 -43.61
C GLY E 369 -36.20 -44.19 -43.18
N LEU E 370 -35.36 -43.34 -43.75
CA LEU E 370 -35.37 -41.93 -43.41
C LEU E 370 -36.76 -41.34 -43.66
N ILE E 371 -37.30 -41.58 -44.84
CA ILE E 371 -38.58 -41.00 -45.16
C ILE E 371 -39.69 -41.57 -44.29
N ALA E 372 -39.61 -42.87 -43.98
CA ALA E 372 -40.56 -43.49 -43.02
C ALA E 372 -40.51 -42.82 -41.64
N LEU E 373 -39.28 -42.63 -41.17
CA LEU E 373 -39.00 -42.00 -39.89
C LEU E 373 -39.53 -40.59 -39.84
N ALA E 374 -39.21 -39.79 -40.86
CA ALA E 374 -39.67 -38.42 -40.93
C ALA E 374 -41.18 -38.31 -40.74
N GLN E 375 -41.93 -39.26 -41.27
CA GLN E 375 -43.39 -39.21 -41.23
C GLN E 375 -43.94 -39.70 -39.89
N GLY E 376 -43.25 -40.65 -39.28
CA GLY E 376 -43.74 -41.19 -38.03
C GLY E 376 -43.37 -40.46 -36.73
N CYS E 377 -42.10 -40.12 -36.59
CA CYS E 377 -41.59 -39.56 -35.36
C CYS E 377 -41.42 -38.05 -35.47
N GLN E 378 -42.52 -37.33 -35.53
CA GLN E 378 -42.40 -35.94 -35.90
C GLN E 378 -41.96 -35.08 -34.75
N GLU E 379 -41.71 -35.70 -33.61
CA GLU E 379 -41.30 -34.96 -32.43
C GLU E 379 -39.77 -34.93 -32.23
N LEU E 380 -39.05 -35.72 -33.04
CA LEU E 380 -37.59 -35.75 -33.05
C LEU E 380 -36.87 -34.37 -32.94
N GLU E 381 -35.99 -34.28 -31.95
CA GLU E 381 -35.15 -33.09 -31.73
C GLU E 381 -33.68 -33.35 -32.07
N TYR E 382 -33.27 -34.61 -32.04
CA TYR E 382 -31.91 -34.98 -32.38
C TYR E 382 -31.89 -36.25 -33.28
N MET E 383 -31.28 -36.14 -34.46
CA MET E 383 -31.21 -37.25 -35.38
C MET E 383 -29.83 -37.33 -35.98
N ALA E 384 -29.12 -38.41 -35.70
CA ALA E 384 -27.79 -38.64 -36.24
C ALA E 384 -27.71 -40.05 -36.78
N VAL E 385 -27.26 -40.16 -38.01
CA VAL E 385 -27.47 -41.34 -38.81
C VAL E 385 -26.30 -41.57 -39.73
N TYR E 386 -25.73 -42.77 -39.68
CA TYR E 386 -24.85 -43.25 -40.72
C TYR E 386 -25.74 -44.02 -41.69
N VAL E 387 -25.84 -43.53 -42.91
CA VAL E 387 -26.79 -44.04 -43.87
C VAL E 387 -26.04 -44.69 -45.06
N SER E 388 -26.61 -45.73 -45.66
CA SER E 388 -25.90 -46.45 -46.74
C SER E 388 -26.21 -45.91 -48.12
N ASP E 389 -27.25 -45.07 -48.21
CA ASP E 389 -27.71 -44.51 -49.47
C ASP E 389 -28.74 -43.41 -49.17
N ILE E 390 -28.65 -42.26 -49.84
CA ILE E 390 -29.67 -41.21 -49.72
C ILE E 390 -30.20 -40.73 -51.04
N THR E 391 -31.31 -40.02 -50.93
CA THR E 391 -31.98 -39.43 -52.06
C THR E 391 -32.40 -38.03 -51.63
N ASN E 392 -32.36 -37.08 -52.56
CA ASN E 392 -32.85 -35.73 -52.30
C ASN E 392 -34.23 -35.77 -51.67
N GLU E 393 -35.01 -36.79 -52.00
CA GLU E 393 -36.41 -36.84 -51.55
C GLU E 393 -36.50 -37.00 -50.05
N SER E 394 -35.60 -37.80 -49.48
CA SER E 394 -35.62 -38.08 -48.05
C SER E 394 -35.24 -36.83 -47.26
N LEU E 395 -34.21 -36.13 -47.70
CA LEU E 395 -33.87 -34.87 -47.04
C LEU E 395 -35.07 -33.99 -47.08
N GLU E 396 -35.79 -34.00 -48.21
CA GLU E 396 -36.95 -33.12 -48.35
C GLU E 396 -37.99 -33.39 -47.28
N SER E 397 -38.22 -34.67 -46.98
CA SER E 397 -39.28 -35.06 -46.05
C SER E 397 -38.88 -34.80 -44.63
N ILE E 398 -37.60 -34.97 -44.31
CA ILE E 398 -37.06 -34.51 -43.03
C ILE E 398 -37.44 -33.05 -42.84
N GLY E 399 -37.15 -32.24 -43.84
CA GLY E 399 -37.44 -30.83 -43.78
C GLY E 399 -38.92 -30.50 -43.68
N THR E 400 -39.78 -31.34 -44.23
CA THR E 400 -41.19 -31.01 -44.24
C THR E 400 -41.89 -31.42 -42.92
N TYR E 401 -41.51 -32.59 -42.41
CA TYR E 401 -42.27 -33.20 -41.31
C TYR E 401 -41.75 -32.95 -39.92
N LEU E 402 -40.46 -33.12 -39.72
CA LEU E 402 -39.92 -32.94 -38.37
C LEU E 402 -39.24 -31.61 -38.13
N LYS E 403 -40.08 -30.60 -37.90
CA LYS E 403 -39.64 -29.29 -37.47
C LYS E 403 -39.02 -29.52 -36.13
N ASN E 404 -38.75 -28.44 -35.42
CA ASN E 404 -38.06 -28.52 -34.12
C ASN E 404 -37.03 -29.68 -33.93
N LEU E 405 -36.34 -30.02 -35.01
CA LEU E 405 -35.11 -30.75 -34.98
C LEU E 405 -34.07 -29.70 -34.60
N CYS E 406 -33.19 -30.03 -33.65
CA CYS E 406 -32.15 -29.11 -33.19
C CYS E 406 -30.75 -29.51 -33.62
N ASP E 407 -30.57 -30.79 -33.87
CA ASP E 407 -29.26 -31.31 -34.18
C ASP E 407 -29.50 -32.40 -35.20
N PHE E 408 -28.98 -32.24 -36.40
CA PHE E 408 -29.13 -33.24 -37.44
C PHE E 408 -27.74 -33.62 -38.00
N ARG E 409 -27.39 -34.88 -37.99
CA ARG E 409 -26.15 -35.33 -38.58
C ARG E 409 -26.36 -36.53 -39.51
N LEU E 410 -25.79 -36.47 -40.71
CA LEU E 410 -25.94 -37.51 -41.71
C LEU E 410 -24.55 -37.76 -42.24
N VAL E 411 -24.10 -38.99 -42.26
CA VAL E 411 -22.86 -39.34 -42.92
C VAL E 411 -23.21 -40.44 -43.89
N LEU E 412 -22.88 -40.34 -45.17
CA LEU E 412 -23.10 -41.52 -45.98
C LEU E 412 -21.88 -42.41 -46.11
N LEU E 413 -22.07 -43.69 -45.77
CA LEU E 413 -21.01 -44.70 -45.75
C LEU E 413 -20.31 -44.78 -47.10
N ASP E 414 -19.13 -45.36 -47.13
CA ASP E 414 -18.41 -45.48 -48.39
C ASP E 414 -18.58 -46.86 -49.05
N ARG E 415 -19.31 -47.74 -48.37
CA ARG E 415 -19.51 -49.12 -48.83
C ARG E 415 -20.11 -49.17 -50.24
N GLU E 416 -21.31 -48.61 -50.39
CA GLU E 416 -22.05 -48.69 -51.65
C GLU E 416 -21.30 -48.01 -52.79
N GLU E 417 -21.42 -48.59 -53.98
CA GLU E 417 -20.82 -48.06 -55.19
C GLU E 417 -21.72 -47.02 -55.84
N ARG E 418 -22.97 -47.39 -56.09
CA ARG E 418 -23.90 -46.48 -56.72
C ARG E 418 -24.78 -45.87 -55.65
N ILE E 419 -24.87 -44.55 -55.62
CA ILE E 419 -25.85 -43.90 -54.75
C ILE E 419 -26.97 -43.34 -55.63
N THR E 420 -28.20 -43.74 -55.33
CA THR E 420 -29.38 -43.41 -56.16
C THR E 420 -29.20 -42.11 -56.96
N ASP E 421 -29.57 -40.96 -56.38
CA ASP E 421 -29.26 -39.70 -57.04
C ASP E 421 -28.28 -38.93 -56.18
N LEU E 422 -27.20 -38.42 -56.75
CA LEU E 422 -26.18 -37.93 -55.85
C LEU E 422 -26.21 -36.45 -55.55
N PRO E 423 -26.00 -35.58 -56.55
CA PRO E 423 -25.91 -34.16 -56.15
C PRO E 423 -27.10 -33.79 -55.25
N LEU E 424 -26.84 -33.45 -53.98
CA LEU E 424 -27.91 -33.37 -52.97
C LEU E 424 -28.38 -31.96 -52.69
N ASP E 425 -27.98 -31.03 -53.55
CA ASP E 425 -28.27 -29.61 -53.38
C ASP E 425 -29.72 -29.28 -53.02
N ASN E 426 -30.67 -29.80 -53.77
CA ASN E 426 -32.04 -29.36 -53.55
C ASN E 426 -32.65 -29.95 -52.30
N GLY E 427 -32.11 -31.08 -51.85
CA GLY E 427 -32.49 -31.71 -50.59
C GLY E 427 -31.99 -30.96 -49.35
N VAL E 428 -30.69 -30.72 -49.29
CA VAL E 428 -30.12 -29.97 -48.19
C VAL E 428 -30.90 -28.70 -48.03
N ARG E 429 -31.17 -28.04 -49.15
CA ARG E 429 -31.86 -26.74 -49.16
C ARG E 429 -33.24 -26.78 -48.52
N SER E 430 -34.04 -27.79 -48.82
CA SER E 430 -35.36 -27.83 -48.20
C SER E 430 -35.32 -28.31 -46.76
N LEU E 431 -34.32 -29.12 -46.45
CA LEU E 431 -34.07 -29.55 -45.08
C LEU E 431 -33.75 -28.35 -44.21
N LEU E 432 -32.77 -27.55 -44.61
CA LEU E 432 -32.38 -26.38 -43.83
C LEU E 432 -33.51 -25.36 -43.75
N ILE E 433 -34.42 -25.38 -44.72
CA ILE E 433 -35.48 -24.39 -44.77
C ILE E 433 -36.64 -24.77 -43.87
N GLY E 434 -36.93 -26.06 -43.79
CA GLY E 434 -37.99 -26.58 -42.93
C GLY E 434 -37.63 -26.71 -41.45
N CYS E 435 -36.44 -27.22 -41.17
CA CYS E 435 -35.99 -27.35 -39.78
C CYS E 435 -35.30 -26.09 -39.36
N LYS E 436 -36.06 -25.09 -38.98
CA LYS E 436 -35.45 -23.78 -38.77
C LYS E 436 -35.03 -23.60 -37.34
N LYS E 437 -35.13 -24.65 -36.56
CA LYS E 437 -34.67 -24.57 -35.19
C LYS E 437 -33.25 -25.11 -35.06
N LEU E 438 -32.70 -25.60 -36.16
CA LEU E 438 -31.41 -26.30 -36.21
C LEU E 438 -30.20 -25.52 -35.71
N ARG E 439 -29.52 -26.03 -34.69
CA ARG E 439 -28.35 -25.36 -34.12
C ARG E 439 -27.04 -26.09 -34.41
N ARG E 440 -27.14 -27.39 -34.62
CA ARG E 440 -25.98 -28.20 -34.95
C ARG E 440 -26.28 -29.02 -36.17
N PHE E 441 -25.30 -29.11 -37.05
CA PHE E 441 -25.53 -29.70 -38.37
C PHE E 441 -24.27 -30.39 -38.88
N ALA E 442 -24.39 -31.66 -39.22
CA ALA E 442 -23.27 -32.38 -39.80
C ALA E 442 -23.70 -33.04 -41.10
N PHE E 443 -22.87 -32.93 -42.11
CA PHE E 443 -23.22 -33.40 -43.42
C PHE E 443 -21.92 -33.92 -44.04
N TYR E 444 -21.74 -35.23 -44.04
CA TYR E 444 -20.50 -35.85 -44.44
C TYR E 444 -20.80 -36.82 -45.61
N LEU E 445 -20.30 -36.50 -46.81
CA LEU E 445 -20.60 -37.29 -48.01
C LEU E 445 -19.41 -37.94 -48.72
N ARG E 446 -19.49 -37.95 -50.05
CA ARG E 446 -18.49 -38.55 -50.94
C ARG E 446 -18.30 -37.50 -52.02
N GLN E 447 -17.24 -37.56 -52.83
CA GLN E 447 -16.91 -36.39 -53.64
C GLN E 447 -18.06 -35.87 -54.46
N GLY E 448 -18.72 -36.72 -55.20
CA GLY E 448 -19.84 -36.20 -55.99
C GLY E 448 -21.01 -35.57 -55.21
N GLY E 449 -20.97 -35.70 -53.89
CA GLY E 449 -22.15 -35.48 -53.06
C GLY E 449 -22.84 -34.14 -53.10
N LEU E 450 -22.08 -33.07 -53.16
CA LEU E 450 -22.69 -31.75 -53.16
C LEU E 450 -21.91 -30.80 -54.02
N THR E 451 -22.63 -29.88 -54.66
CA THR E 451 -21.99 -28.99 -55.64
C THR E 451 -21.80 -27.64 -55.01
N ASP E 452 -20.94 -26.83 -55.60
CA ASP E 452 -20.72 -25.48 -55.10
C ASP E 452 -22.06 -24.76 -54.90
N LEU E 453 -23.05 -25.11 -55.69
CA LEU E 453 -24.33 -24.43 -55.54
C LEU E 453 -25.00 -24.89 -54.26
N GLY E 454 -24.87 -26.17 -53.97
CA GLY E 454 -25.42 -26.74 -52.75
C GLY E 454 -24.70 -26.20 -51.54
N LEU E 455 -23.37 -26.17 -51.61
CA LEU E 455 -22.58 -25.65 -50.51
C LEU E 455 -23.05 -24.25 -50.16
N SER E 456 -23.37 -23.44 -51.15
CA SER E 456 -23.79 -22.09 -50.85
C SER E 456 -25.14 -22.14 -50.18
N TYR E 457 -25.94 -23.15 -50.50
CA TYR E 457 -27.27 -23.28 -49.95
C TYR E 457 -27.17 -23.47 -48.46
N ILE E 458 -26.19 -24.26 -48.04
CA ILE E 458 -26.00 -24.56 -46.63
C ILE E 458 -25.68 -23.26 -45.89
N GLY E 459 -24.84 -22.44 -46.47
CA GLY E 459 -24.54 -21.16 -45.85
C GLY E 459 -25.70 -20.20 -45.88
N GLN E 460 -26.56 -20.36 -46.85
CA GLN E 460 -27.64 -19.41 -47.03
C GLN E 460 -28.79 -19.74 -46.07
N TYR E 461 -29.08 -21.01 -45.87
CA TYR E 461 -30.29 -21.34 -45.14
C TYR E 461 -30.10 -21.90 -43.71
N SER E 462 -29.06 -21.47 -43.01
CA SER E 462 -28.78 -22.04 -41.68
C SER E 462 -28.45 -20.97 -40.65
N PRO E 463 -29.38 -20.06 -40.45
CA PRO E 463 -29.23 -18.85 -39.66
C PRO E 463 -29.02 -19.15 -38.21
N ASN E 464 -29.40 -20.35 -37.77
CA ASN E 464 -29.29 -20.64 -36.33
C ASN E 464 -28.20 -21.62 -35.99
N VAL E 465 -27.49 -22.10 -37.00
CA VAL E 465 -26.51 -23.11 -36.77
C VAL E 465 -25.23 -22.59 -36.13
N ARG E 466 -24.90 -23.12 -34.96
CA ARG E 466 -23.70 -22.75 -34.25
C ARG E 466 -22.51 -23.65 -34.59
N TRP E 467 -22.78 -24.93 -34.88
CA TRP E 467 -21.70 -25.88 -35.19
C TRP E 467 -21.95 -26.65 -36.46
N MET E 468 -20.93 -26.85 -37.29
CA MET E 468 -21.08 -27.61 -38.53
C MET E 468 -19.89 -28.51 -38.78
N LEU E 469 -20.16 -29.78 -39.11
CA LEU E 469 -19.12 -30.69 -39.59
C LEU E 469 -19.47 -30.99 -41.03
N LEU E 470 -18.63 -30.58 -41.96
CA LEU E 470 -18.91 -30.78 -43.38
C LEU E 470 -17.97 -31.80 -43.93
N GLY E 471 -18.57 -32.77 -44.60
CA GLY E 471 -17.92 -33.98 -45.06
C GLY E 471 -17.15 -33.83 -46.35
N TYR E 472 -17.70 -34.34 -47.44
CA TYR E 472 -16.92 -34.25 -48.66
C TYR E 472 -17.66 -33.33 -49.60
N VAL E 473 -17.93 -32.12 -49.13
CA VAL E 473 -18.76 -31.23 -49.88
C VAL E 473 -18.02 -30.26 -50.82
N GLY E 474 -18.80 -29.64 -51.69
CA GLY E 474 -18.32 -28.80 -52.76
C GLY E 474 -17.54 -29.47 -53.89
N GLU E 475 -17.24 -28.64 -54.92
CA GLU E 475 -16.37 -29.03 -56.05
C GLU E 475 -15.12 -28.16 -56.16
N SER E 476 -15.25 -26.87 -55.82
CA SER E 476 -14.09 -25.97 -55.84
C SER E 476 -14.16 -24.84 -54.82
N ASP E 477 -13.09 -24.04 -54.75
CA ASP E 477 -13.04 -22.89 -53.84
C ASP E 477 -14.26 -22.00 -53.98
N GLU E 478 -14.87 -22.01 -55.15
CA GLU E 478 -16.07 -21.21 -55.38
C GLU E 478 -17.11 -21.54 -54.32
N GLY E 479 -17.16 -22.81 -53.92
CA GLY E 479 -18.17 -23.29 -53.02
C GLY E 479 -17.93 -22.79 -51.61
N LEU E 480 -16.69 -22.90 -51.16
CA LEU E 480 -16.32 -22.48 -49.83
C LEU E 480 -16.59 -21.00 -49.70
N MET E 481 -16.16 -20.21 -50.68
CA MET E 481 -16.37 -18.77 -50.64
C MET E 481 -17.86 -18.38 -50.66
N GLU E 482 -18.67 -19.04 -51.47
CA GLU E 482 -20.10 -18.76 -51.48
C GLU E 482 -20.73 -19.08 -50.11
N PHE E 483 -20.34 -20.23 -49.58
CA PHE E 483 -20.71 -20.65 -48.23
C PHE E 483 -20.36 -19.57 -47.21
N SER E 484 -19.12 -19.09 -47.29
CA SER E 484 -18.60 -18.15 -46.32
C SER E 484 -19.37 -16.84 -46.22
N ARG E 485 -20.26 -16.55 -47.15
CA ARG E 485 -20.91 -15.28 -47.05
C ARG E 485 -22.20 -15.46 -46.28
N GLY E 486 -22.40 -16.68 -45.80
CA GLY E 486 -23.59 -16.99 -44.99
C GLY E 486 -23.24 -17.27 -43.54
N CYS E 487 -24.00 -18.18 -42.92
CA CYS E 487 -23.63 -18.69 -41.62
C CYS E 487 -23.46 -17.59 -40.58
N PRO E 488 -24.51 -16.81 -40.40
CA PRO E 488 -24.45 -15.62 -39.56
C PRO E 488 -23.98 -15.97 -38.15
N ASN E 489 -24.31 -17.18 -37.73
CA ASN E 489 -24.06 -17.60 -36.35
C ASN E 489 -23.10 -18.77 -36.16
N LEU E 490 -22.39 -19.19 -37.21
CA LEU E 490 -21.50 -20.33 -37.13
C LEU E 490 -20.37 -20.00 -36.17
N GLN E 491 -20.23 -20.75 -35.10
CA GLN E 491 -19.14 -20.52 -34.18
C GLN E 491 -18.01 -21.52 -34.32
N LYS E 492 -18.32 -22.76 -34.63
CA LYS E 492 -17.31 -23.79 -34.73
C LYS E 492 -17.53 -24.57 -36.03
N LEU E 493 -16.48 -24.68 -36.84
CA LEU E 493 -16.56 -25.32 -38.16
C LEU E 493 -15.51 -26.40 -38.32
N GLU E 494 -15.95 -27.63 -38.58
CA GLU E 494 -15.07 -28.76 -38.78
C GLU E 494 -15.29 -29.26 -40.19
N MET E 495 -14.24 -29.30 -40.99
CA MET E 495 -14.32 -29.83 -42.36
C MET E 495 -13.22 -30.84 -42.59
N ARG E 496 -13.55 -31.98 -43.16
CA ARG E 496 -12.48 -32.88 -43.55
C ARG E 496 -12.81 -33.45 -44.90
N GLY E 497 -11.79 -33.89 -45.63
CA GLY E 497 -11.98 -34.41 -46.96
C GLY E 497 -12.47 -33.37 -47.97
N CYS E 498 -12.13 -32.13 -47.80
CA CYS E 498 -12.49 -31.17 -48.81
C CYS E 498 -11.31 -30.69 -49.62
N CYS E 499 -11.62 -30.23 -50.82
CA CYS E 499 -10.60 -29.88 -51.80
C CYS E 499 -9.99 -28.51 -51.57
N PHE E 500 -10.76 -27.61 -50.97
CA PHE E 500 -10.40 -26.19 -50.85
C PHE E 500 -8.95 -25.91 -50.53
N SER E 501 -8.47 -24.79 -51.05
CA SER E 501 -7.06 -24.45 -50.96
C SER E 501 -6.76 -23.62 -49.72
N GLU E 502 -5.49 -23.51 -49.36
CA GLU E 502 -5.12 -22.69 -48.23
C GLU E 502 -5.77 -21.29 -48.30
N ARG E 503 -5.57 -20.56 -49.41
CA ARG E 503 -6.05 -19.18 -49.45
C ARG E 503 -7.57 -19.09 -49.35
N ALA E 504 -8.27 -20.14 -49.75
CA ALA E 504 -9.72 -20.16 -49.70
C ALA E 504 -10.21 -20.37 -48.24
N ILE E 505 -9.54 -21.25 -47.52
CA ILE E 505 -9.85 -21.47 -46.14
C ILE E 505 -9.65 -20.15 -45.47
N ALA E 506 -8.47 -19.56 -45.66
CA ALA E 506 -8.14 -18.31 -45.00
C ALA E 506 -9.14 -17.22 -45.30
N ALA E 507 -9.61 -17.18 -46.53
CA ALA E 507 -10.49 -16.11 -46.90
C ALA E 507 -11.91 -16.33 -46.36
N ALA E 508 -12.35 -17.58 -46.31
CA ALA E 508 -13.64 -17.87 -45.72
C ALA E 508 -13.67 -17.55 -44.21
N VAL E 509 -12.58 -17.83 -43.51
CA VAL E 509 -12.50 -17.51 -42.09
C VAL E 509 -12.71 -16.02 -41.88
N THR E 510 -12.03 -15.22 -42.70
CA THR E 510 -12.17 -13.77 -42.65
C THR E 510 -13.61 -13.30 -42.86
N LYS E 511 -14.35 -13.94 -43.77
CA LYS E 511 -15.74 -13.56 -44.05
C LYS E 511 -16.72 -13.98 -42.96
N LEU E 512 -16.43 -15.06 -42.26
CA LEU E 512 -17.40 -15.57 -41.29
C LEU E 512 -17.48 -14.72 -40.01
N PRO E 513 -18.62 -14.06 -39.82
CA PRO E 513 -18.78 -13.12 -38.69
C PRO E 513 -18.51 -13.74 -37.32
N SER E 514 -19.00 -14.95 -37.08
CA SER E 514 -19.05 -15.52 -35.75
C SER E 514 -17.99 -16.56 -35.41
N LEU E 515 -17.19 -16.99 -36.39
CA LEU E 515 -16.33 -18.15 -36.23
C LEU E 515 -15.34 -17.92 -35.15
N ARG E 516 -15.24 -18.85 -34.22
CA ARG E 516 -14.19 -18.83 -33.19
C ARG E 516 -13.34 -20.12 -33.11
N TYR E 517 -13.67 -21.12 -33.91
CA TYR E 517 -12.99 -22.42 -33.90
C TYR E 517 -13.03 -23.07 -35.28
N LEU E 518 -11.87 -23.49 -35.77
CA LEU E 518 -11.79 -24.12 -37.06
C LEU E 518 -10.86 -25.34 -37.02
N TRP E 519 -11.39 -26.49 -37.42
CA TRP E 519 -10.60 -27.68 -37.60
C TRP E 519 -10.79 -28.17 -39.02
N VAL E 520 -9.68 -28.40 -39.73
CA VAL E 520 -9.74 -28.82 -41.12
C VAL E 520 -8.73 -29.90 -41.36
N GLN E 521 -9.17 -31.01 -41.95
CA GLN E 521 -8.25 -32.04 -42.44
C GLN E 521 -8.44 -32.24 -43.91
N GLY E 522 -7.34 -32.31 -44.66
CA GLY E 522 -7.40 -32.40 -46.11
C GLY E 522 -7.71 -31.08 -46.81
N TYR E 523 -6.72 -30.52 -47.51
CA TYR E 523 -6.86 -29.23 -48.15
C TYR E 523 -5.65 -29.06 -49.05
N ARG E 524 -5.80 -28.38 -50.20
CA ARG E 524 -4.64 -28.12 -51.10
C ARG E 524 -3.57 -27.30 -50.36
N ALA E 525 -2.58 -28.00 -49.79
CA ALA E 525 -1.53 -27.35 -48.99
C ALA E 525 -0.50 -26.59 -49.84
N SER E 526 0.65 -26.34 -49.23
CA SER E 526 1.81 -25.76 -49.91
C SER E 526 2.91 -25.62 -48.87
N MET E 527 4.06 -26.25 -49.12
CA MET E 527 5.17 -26.18 -48.17
C MET E 527 5.40 -24.72 -47.76
N THR E 528 5.16 -23.80 -48.69
CA THR E 528 5.20 -22.36 -48.42
C THR E 528 4.69 -22.08 -47.00
N GLY E 529 3.52 -22.62 -46.69
CA GLY E 529 2.82 -22.37 -45.45
C GLY E 529 2.06 -21.07 -45.56
N GLN E 530 2.63 -20.12 -46.30
CA GLN E 530 2.35 -18.70 -46.14
C GLN E 530 1.00 -18.24 -46.64
N ASP E 531 0.15 -19.16 -47.02
CA ASP E 531 -1.14 -18.72 -47.54
C ASP E 531 -2.17 -18.70 -46.45
N LEU E 532 -2.00 -19.60 -45.49
CA LEU E 532 -2.85 -19.58 -44.31
C LEU E 532 -2.73 -18.24 -43.61
N MET E 533 -1.54 -17.66 -43.72
CA MET E 533 -1.24 -16.40 -43.05
C MET E 533 -2.23 -15.28 -43.40
N GLN E 534 -3.00 -15.44 -44.46
CA GLN E 534 -3.79 -14.30 -44.86
C GLN E 534 -5.07 -14.24 -44.03
N MET E 535 -5.06 -14.98 -42.93
CA MET E 535 -6.11 -14.89 -41.93
C MET E 535 -5.53 -14.59 -40.57
N ALA E 536 -4.25 -14.22 -40.50
CA ALA E 536 -3.63 -13.76 -39.25
C ALA E 536 -4.34 -12.51 -38.72
N ARG E 537 -5.08 -12.69 -37.62
CA ARG E 537 -5.75 -11.62 -36.90
C ARG E 537 -5.08 -11.62 -35.54
N PRO E 538 -5.26 -10.54 -34.77
CA PRO E 538 -4.88 -10.57 -33.35
C PRO E 538 -5.77 -11.52 -32.61
N TYR E 539 -5.19 -12.23 -31.64
CA TYR E 539 -5.91 -13.19 -30.77
C TYR E 539 -6.29 -14.50 -31.45
N TRP E 540 -5.88 -14.65 -32.70
CA TRP E 540 -6.26 -15.82 -33.50
C TRP E 540 -5.09 -16.77 -33.57
N ASN E 541 -5.20 -17.87 -32.87
CA ASN E 541 -4.14 -18.86 -32.83
C ASN E 541 -4.32 -19.89 -33.97
N ILE E 542 -3.28 -20.08 -34.78
CA ILE E 542 -3.39 -21.14 -35.78
C ILE E 542 -2.35 -22.23 -35.46
N GLU E 543 -2.77 -23.49 -35.41
CA GLU E 543 -1.91 -24.64 -35.11
C GLU E 543 -1.97 -25.67 -36.24
N LEU E 544 -0.81 -26.19 -36.67
CA LEU E 544 -0.78 -27.26 -37.69
C LEU E 544 -0.32 -28.55 -37.08
N ILE E 545 -1.07 -29.61 -37.34
CA ILE E 545 -0.61 -30.95 -37.06
C ILE E 545 -0.18 -31.61 -38.37
N PRO E 546 1.14 -31.61 -38.65
CA PRO E 546 1.73 -31.97 -39.96
C PRO E 546 1.33 -33.36 -40.44
N SER E 547 1.59 -33.62 -41.73
CA SER E 547 1.11 -34.80 -42.44
C SER E 547 1.82 -36.12 -42.07
N ARG E 548 2.13 -36.28 -40.78
CA ARG E 548 2.80 -37.50 -40.30
C ARG E 548 1.87 -38.71 -40.33
N HIS E 564 -1.78 -39.36 -41.33
CA HIS E 564 -2.96 -38.62 -41.76
C HIS E 564 -2.55 -37.26 -42.34
N PRO E 565 -3.36 -36.70 -43.28
CA PRO E 565 -3.10 -35.39 -43.93
C PRO E 565 -3.04 -34.21 -42.94
N ALA E 566 -2.30 -33.15 -43.24
CA ALA E 566 -2.11 -32.01 -42.31
C ALA E 566 -3.43 -31.51 -41.73
N HIS E 567 -3.42 -31.20 -40.44
CA HIS E 567 -4.62 -30.65 -39.83
C HIS E 567 -4.40 -29.19 -39.56
N ILE E 568 -5.46 -28.41 -39.63
CA ILE E 568 -5.39 -27.05 -39.21
C ILE E 568 -6.33 -26.90 -38.03
N LEU E 569 -5.81 -26.37 -36.92
CA LEU E 569 -6.67 -26.03 -35.80
C LEU E 569 -6.47 -24.56 -35.53
N ALA E 570 -7.55 -23.79 -35.50
CA ALA E 570 -7.43 -22.39 -35.17
C ALA E 570 -8.60 -21.91 -34.28
N TYR E 571 -8.29 -21.07 -33.31
CA TYR E 571 -9.30 -20.59 -32.38
C TYR E 571 -8.93 -19.21 -31.83
N TYR E 572 -9.91 -18.48 -31.35
CA TYR E 572 -9.61 -17.24 -30.68
C TYR E 572 -9.20 -17.57 -29.28
N SER E 573 -8.21 -16.82 -28.78
CA SER E 573 -7.77 -16.91 -27.39
C SER E 573 -7.26 -15.58 -26.80
N LEU E 574 -7.81 -15.21 -25.64
CA LEU E 574 -7.29 -14.14 -24.83
C LEU E 574 -5.91 -14.43 -24.16
N ALA E 575 -5.38 -15.62 -24.33
CA ALA E 575 -4.22 -16.00 -23.56
C ALA E 575 -2.91 -15.95 -24.33
N GLY E 576 -2.99 -15.97 -25.66
CA GLY E 576 -1.79 -16.07 -26.48
C GLY E 576 -1.46 -17.54 -26.73
N GLN E 577 -0.32 -17.79 -27.38
CA GLN E 577 0.03 -19.16 -27.80
C GLN E 577 0.30 -20.07 -26.62
N ARG E 578 -0.30 -21.26 -26.65
CA ARG E 578 -0.08 -22.23 -25.61
C ARG E 578 1.40 -22.47 -25.43
N THR E 579 1.77 -22.64 -24.17
CA THR E 579 3.11 -23.02 -23.78
C THR E 579 3.43 -24.51 -23.95
N ASP E 580 2.42 -25.34 -24.13
CA ASP E 580 2.59 -26.77 -23.92
C ASP E 580 2.43 -27.67 -25.14
N CYS E 581 2.79 -27.16 -26.32
CA CYS E 581 2.69 -27.96 -27.54
C CYS E 581 3.70 -29.07 -27.56
N PRO E 582 3.27 -30.25 -28.03
CA PRO E 582 4.12 -31.38 -28.40
C PRO E 582 5.00 -31.00 -29.58
N THR E 583 5.92 -31.88 -29.94
CA THR E 583 6.75 -31.72 -31.12
C THR E 583 5.95 -31.94 -32.43
N THR E 584 4.96 -32.83 -32.41
CA THR E 584 4.07 -33.04 -33.54
C THR E 584 3.18 -31.87 -33.95
N VAL E 585 3.24 -30.76 -33.25
CA VAL E 585 2.32 -29.66 -33.52
C VAL E 585 3.10 -28.36 -33.73
N ARG E 586 2.88 -27.70 -34.86
CA ARG E 586 3.66 -26.54 -35.18
C ARG E 586 2.79 -25.31 -35.09
N VAL E 587 3.24 -24.32 -34.33
CA VAL E 587 2.47 -23.10 -34.21
C VAL E 587 2.87 -22.18 -35.36
N LEU E 588 1.90 -21.73 -36.13
CA LEU E 588 2.17 -20.83 -37.22
C LEU E 588 2.23 -19.37 -36.76
N LYS E 589 3.40 -18.74 -36.95
CA LYS E 589 3.58 -17.31 -36.69
C LYS E 589 4.12 -16.63 -37.94
N GLU E 590 4.15 -15.30 -37.92
CA GLU E 590 4.53 -14.49 -39.08
C GLU E 590 5.92 -14.87 -39.61
N PRO E 591 6.25 -14.44 -40.85
CA PRO E 591 7.45 -14.87 -41.56
C PRO E 591 8.49 -15.64 -40.72
N ILE E 592 8.80 -16.85 -41.16
CA ILE E 592 9.71 -17.75 -40.48
C ILE E 592 11.14 -17.19 -40.38
N ARG F 1 -14.20 -43.90 -37.87
CA ARG F 1 -14.08 -45.05 -36.96
C ARG F 1 -14.04 -44.62 -35.51
N ARG F 2 -15.23 -44.35 -34.95
CA ARG F 2 -15.35 -43.91 -33.55
C ARG F 2 -14.56 -44.85 -32.59
N ALA F 3 -14.02 -44.31 -31.49
CA ALA F 3 -13.13 -45.09 -30.61
C ALA F 3 -13.86 -45.99 -29.59
N SER F 4 -15.15 -45.72 -29.38
CA SER F 4 -15.97 -46.53 -28.48
C SER F 4 -16.52 -47.80 -29.16
N LEU F 5 -16.89 -47.67 -30.45
CA LEU F 5 -17.35 -48.82 -31.27
C LEU F 5 -16.20 -49.66 -31.88
N HIS F 6 -15.01 -49.09 -31.99
CA HIS F 6 -13.83 -49.81 -32.48
C HIS F 6 -13.40 -50.83 -31.42
N ARG F 7 -13.69 -50.49 -30.17
CA ARG F 7 -13.41 -51.36 -29.04
C ARG F 7 -14.44 -52.49 -29.00
N PHE F 8 -15.68 -52.16 -29.36
CA PHE F 8 -16.75 -53.15 -29.37
C PHE F 8 -16.72 -54.07 -30.59
N LEU F 9 -16.53 -53.49 -31.78
CA LEU F 9 -16.59 -54.28 -33.01
C LEU F 9 -15.57 -55.41 -32.96
N GLU F 10 -14.62 -55.30 -32.03
CA GLU F 10 -13.62 -56.33 -31.83
C GLU F 10 -13.88 -57.23 -30.61
N LYS F 11 -14.47 -56.66 -29.56
CA LYS F 11 -14.92 -57.47 -28.42
C LYS F 11 -16.12 -58.34 -28.83
N ARG F 12 -16.70 -57.98 -29.97
CA ARG F 12 -17.83 -58.72 -30.57
C ARG F 12 -17.31 -59.99 -31.24
N LYS F 13 -16.47 -59.82 -32.26
CA LYS F 13 -15.85 -60.95 -32.94
C LYS F 13 -14.84 -61.68 -32.05
N LYS G 5 -34.26 44.31 41.09
CA LYS G 5 -33.95 45.74 41.23
C LYS G 5 -32.44 46.06 41.25
N ILE G 6 -31.99 46.88 40.29
CA ILE G 6 -30.57 47.27 40.15
C ILE G 6 -30.31 48.79 40.29
N VAL G 7 -29.16 49.16 40.84
CA VAL G 7 -28.82 50.57 41.02
C VAL G 7 -27.85 51.05 39.95
N LEU G 8 -28.21 52.14 39.29
CA LEU G 8 -27.36 52.75 38.28
C LEU G 8 -26.87 54.10 38.78
N LYS G 9 -25.56 54.26 38.89
CA LYS G 9 -25.00 55.51 39.40
C LYS G 9 -24.52 56.45 38.26
N SER G 10 -25.29 57.51 38.03
CA SER G 10 -25.02 58.49 36.97
C SER G 10 -23.73 59.28 37.17
N SER G 11 -23.38 60.10 36.20
CA SER G 11 -22.08 60.76 36.17
C SER G 11 -22.06 62.04 36.95
N ASP G 12 -22.82 62.08 38.04
CA ASP G 12 -22.84 63.24 38.91
C ASP G 12 -23.40 62.82 40.26
N GLY G 13 -23.07 61.59 40.65
CA GLY G 13 -23.56 60.99 41.88
C GLY G 13 -25.07 61.06 41.99
N GLU G 14 -25.77 60.15 41.32
CA GLU G 14 -27.22 60.16 41.33
C GLU G 14 -27.70 58.75 41.19
N SER G 15 -28.05 58.12 42.31
CA SER G 15 -28.50 56.73 42.25
C SER G 15 -29.86 56.61 41.54
N PHE G 16 -30.04 55.54 40.78
CA PHE G 16 -31.29 55.28 40.08
C PHE G 16 -31.81 53.87 40.37
N GLU G 17 -32.98 53.81 40.98
CA GLU G 17 -33.63 52.54 41.26
C GLU G 17 -34.33 52.08 39.97
N VAL G 18 -33.86 50.99 39.37
CA VAL G 18 -34.50 50.49 38.15
C VAL G 18 -34.68 48.98 38.16
N GLU G 19 -35.72 48.52 37.49
CA GLU G 19 -36.10 47.11 37.52
C GLU G 19 -35.04 46.24 36.86
N GLU G 20 -35.13 44.94 37.11
CA GLU G 20 -34.25 43.96 36.48
C GLU G 20 -34.23 44.10 34.96
N ALA G 21 -35.33 43.71 34.32
CA ALA G 21 -35.35 43.60 32.88
C ALA G 21 -35.23 44.94 32.17
N VAL G 22 -35.39 46.03 32.90
CA VAL G 22 -35.21 47.34 32.30
C VAL G 22 -33.73 47.65 32.13
N ALA G 23 -32.96 47.44 33.18
CA ALA G 23 -31.52 47.70 33.10
C ALA G 23 -30.83 46.74 32.16
N LEU G 24 -31.50 45.65 31.80
CA LEU G 24 -30.91 44.63 30.96
C LEU G 24 -31.03 44.93 29.48
N GLU G 25 -31.83 45.93 29.13
CA GLU G 25 -31.88 46.37 27.74
C GLU G 25 -30.51 46.84 27.27
N SER G 26 -29.69 47.30 28.20
CA SER G 26 -28.31 47.66 27.91
C SER G 26 -27.38 46.45 28.05
N GLN G 27 -26.86 45.96 26.93
CA GLN G 27 -25.91 44.86 27.00
C GLN G 27 -24.63 45.26 27.73
N THR G 28 -24.42 46.54 27.95
CA THR G 28 -23.27 47.00 28.71
C THR G 28 -23.51 46.77 30.18
N ILE G 29 -24.75 46.96 30.61
CA ILE G 29 -25.11 46.74 32.00
C ILE G 29 -25.36 45.27 32.26
N ALA G 30 -25.68 44.53 31.21
CA ALA G 30 -25.88 43.09 31.34
C ALA G 30 -24.54 42.33 31.46
N HIS G 31 -23.60 42.63 30.57
CA HIS G 31 -22.28 42.01 30.62
C HIS G 31 -21.54 42.44 31.88
N MET G 32 -22.26 43.16 32.73
CA MET G 32 -21.70 43.69 33.97
C MET G 32 -22.45 43.13 35.18
N VAL G 33 -23.19 42.05 34.97
CA VAL G 33 -23.72 41.28 36.07
C VAL G 33 -23.06 39.90 36.09
N GLU G 34 -22.10 39.70 35.21
CA GLU G 34 -21.22 38.54 35.26
C GLU G 34 -20.19 38.75 36.36
N ASP G 35 -19.24 39.64 36.09
CA ASP G 35 -18.28 40.10 37.08
C ASP G 35 -18.96 41.05 38.08
N ASP G 36 -20.26 40.84 38.25
CA ASP G 36 -21.13 41.71 39.04
C ASP G 36 -20.45 42.81 39.86
N CYS G 37 -20.35 44.01 39.28
CA CYS G 37 -19.96 45.18 40.04
C CYS G 37 -21.17 45.70 40.80
N VAL G 38 -22.32 45.07 40.57
CA VAL G 38 -23.59 45.50 41.14
C VAL G 38 -23.52 45.66 42.65
N ASP G 39 -22.49 45.09 43.26
CA ASP G 39 -22.28 45.22 44.70
C ASP G 39 -22.36 46.67 45.17
N ASN G 40 -21.85 47.58 44.35
CA ASN G 40 -21.84 49.00 44.67
C ASN G 40 -22.69 49.79 43.68
N GLY G 41 -23.57 49.10 42.96
CA GLY G 41 -24.35 49.69 41.88
C GLY G 41 -23.48 49.84 40.66
N VAL G 42 -24.06 49.74 39.47
CA VAL G 42 -23.25 49.82 38.24
C VAL G 42 -22.79 51.25 38.00
N PRO G 43 -21.47 51.45 37.99
CA PRO G 43 -20.90 52.79 37.86
C PRO G 43 -20.83 53.21 36.40
N LEU G 44 -21.75 54.04 35.94
CA LEU G 44 -21.62 54.56 34.60
C LEU G 44 -21.55 56.10 34.55
N PRO G 45 -20.33 56.66 34.68
CA PRO G 45 -20.03 58.08 34.82
C PRO G 45 -19.87 58.82 33.50
N ASN G 46 -20.46 58.34 32.43
CA ASN G 46 -20.35 59.01 31.16
C ASN G 46 -21.71 59.43 30.66
N VAL G 47 -22.74 59.09 31.42
CA VAL G 47 -24.09 59.56 31.13
C VAL G 47 -24.51 60.61 32.12
N THR G 48 -24.89 61.76 31.62
CA THR G 48 -25.49 62.80 32.45
C THR G 48 -26.70 62.21 33.14
N SER G 49 -27.05 62.73 34.30
CA SER G 49 -28.19 62.20 35.02
C SER G 49 -29.53 62.52 34.32
N LYS G 50 -29.60 63.68 33.69
CA LYS G 50 -30.74 64.10 32.88
C LYS G 50 -30.94 63.16 31.69
N ILE G 51 -29.84 62.72 31.09
CA ILE G 51 -29.87 61.83 29.93
C ILE G 51 -30.23 60.40 30.36
N LEU G 52 -29.51 59.87 31.35
CA LEU G 52 -29.76 58.53 31.87
C LEU G 52 -31.24 58.35 32.21
N ALA G 53 -31.86 59.39 32.76
CA ALA G 53 -33.29 59.38 33.05
C ALA G 53 -34.12 59.13 31.80
N LYS G 54 -33.82 59.85 30.72
CA LYS G 54 -34.53 59.67 29.46
C LYS G 54 -34.28 58.28 28.90
N VAL G 55 -33.09 57.73 29.09
CA VAL G 55 -32.78 56.40 28.60
C VAL G 55 -33.64 55.38 29.28
N ILE G 56 -33.72 55.48 30.60
CA ILE G 56 -34.53 54.57 31.41
C ILE G 56 -36.00 54.66 31.04
N GLU G 57 -36.47 55.86 30.76
CA GLU G 57 -37.85 56.05 30.33
C GLU G 57 -38.13 55.27 29.07
N TYR G 58 -37.19 55.29 28.14
CA TYR G 58 -37.33 54.58 26.88
C TYR G 58 -37.35 53.07 27.11
N CYS G 59 -36.39 52.57 27.89
CA CYS G 59 -36.33 51.14 28.20
C CYS G 59 -37.56 50.65 28.95
N LYS G 60 -37.98 51.41 29.96
CA LYS G 60 -39.19 51.11 30.70
C LYS G 60 -40.33 50.76 29.72
N ARG G 61 -40.61 51.66 28.77
CA ARG G 61 -41.77 51.52 27.90
C ARG G 61 -41.65 50.37 26.90
N HIS G 62 -40.45 50.09 26.44
CA HIS G 62 -40.27 49.07 25.42
C HIS G 62 -40.37 47.67 26.02
N VAL G 63 -39.90 47.52 27.26
CA VAL G 63 -40.03 46.27 28.01
C VAL G 63 -41.50 45.90 28.24
N GLU G 64 -42.34 46.93 28.36
CA GLU G 64 -43.79 46.74 28.40
C GLU G 64 -44.39 46.44 27.00
N ALA G 65 -43.62 45.74 26.18
CA ALA G 65 -44.15 45.04 25.02
C ALA G 65 -44.30 43.58 25.42
N ALA G 66 -44.40 43.35 26.73
CA ALA G 66 -44.83 42.07 27.28
C ALA G 66 -46.30 41.87 26.94
N ALA G 67 -47.16 42.71 27.49
CA ALA G 67 -48.48 42.86 26.91
C ALA G 67 -48.17 43.33 25.51
N SER G 68 -48.41 42.47 24.52
CA SER G 68 -47.90 42.71 23.15
C SER G 68 -48.68 43.75 22.34
N ASP G 80 -47.86 47.14 18.88
CA ASP G 80 -46.81 47.73 18.03
C ASP G 80 -47.22 49.09 17.54
N ASP G 81 -48.49 49.23 17.20
CA ASP G 81 -48.99 50.45 16.58
C ASP G 81 -48.76 51.67 17.46
N ASP G 82 -48.99 51.51 18.76
CA ASP G 82 -48.89 52.60 19.71
C ASP G 82 -47.45 52.91 20.10
N LEU G 83 -46.54 52.03 19.72
CA LEU G 83 -45.13 52.26 20.00
C LEU G 83 -44.50 53.29 19.06
N LYS G 84 -44.73 53.16 17.75
CA LYS G 84 -44.20 54.14 16.80
C LYS G 84 -44.76 55.53 17.13
N ALA G 85 -45.86 55.55 17.87
CA ALA G 85 -46.44 56.80 18.36
C ALA G 85 -45.64 57.39 19.53
N TRP G 86 -45.48 56.61 20.59
CA TRP G 86 -44.68 57.03 21.74
C TRP G 86 -43.26 57.35 21.30
N ASP G 87 -42.69 56.49 20.48
CA ASP G 87 -41.34 56.70 19.96
C ASP G 87 -41.23 58.08 19.27
N ALA G 88 -42.10 58.33 18.29
CA ALA G 88 -42.08 59.60 17.57
C ALA G 88 -42.21 60.78 18.51
N ASP G 89 -43.01 60.60 19.55
CA ASP G 89 -43.26 61.68 20.49
C ASP G 89 -42.07 61.82 21.43
N PHE G 90 -41.34 60.72 21.61
CA PHE G 90 -40.18 60.69 22.50
C PHE G 90 -39.03 61.45 21.86
N MET G 91 -39.04 61.50 20.53
CA MET G 91 -37.98 62.14 19.77
C MET G 91 -38.23 63.61 19.50
N LYS G 92 -39.38 64.13 19.92
CA LYS G 92 -39.63 65.55 19.87
C LYS G 92 -38.74 66.26 20.89
N ILE G 93 -37.43 66.15 20.72
CA ILE G 93 -36.46 66.81 21.58
C ILE G 93 -35.56 67.67 20.75
N ASP G 94 -34.62 68.35 21.38
CA ASP G 94 -33.71 69.25 20.66
C ASP G 94 -32.46 68.49 20.19
N GLN G 95 -31.76 69.04 19.22
CA GLN G 95 -30.56 68.40 18.71
C GLN G 95 -29.55 68.00 19.77
N ALA G 96 -29.04 68.95 20.53
CA ALA G 96 -28.02 68.61 21.50
C ALA G 96 -28.44 67.39 22.35
N THR G 97 -29.75 67.22 22.56
CA THR G 97 -30.24 66.14 23.41
C THR G 97 -30.35 64.83 22.63
N LEU G 98 -30.85 64.90 21.41
CA LEU G 98 -30.80 63.79 20.47
C LEU G 98 -29.39 63.19 20.38
N PHE G 99 -28.41 64.04 20.14
CA PHE G 99 -27.04 63.57 20.06
C PHE G 99 -26.55 62.89 21.32
N GLU G 100 -26.90 63.45 22.47
CA GLU G 100 -26.46 62.89 23.75
C GLU G 100 -27.12 61.53 24.01
N LEU G 101 -28.29 61.33 23.41
CA LEU G 101 -28.96 60.05 23.47
C LEU G 101 -28.21 59.01 22.66
N ILE G 102 -27.84 59.37 21.43
CA ILE G 102 -27.06 58.49 20.57
C ILE G 102 -25.78 58.05 21.29
N LEU G 103 -24.98 58.99 21.72
CA LEU G 103 -23.78 58.70 22.49
C LEU G 103 -24.03 57.80 23.67
N ALA G 104 -25.19 57.96 24.29
CA ALA G 104 -25.56 57.18 25.46
C ALA G 104 -26.00 55.76 25.08
N ALA G 105 -26.75 55.63 23.99
CA ALA G 105 -27.19 54.33 23.52
C ALA G 105 -26.00 53.50 23.09
N ASN G 106 -24.98 54.17 22.56
CA ASN G 106 -23.75 53.51 22.19
C ASN G 106 -22.90 53.13 23.39
N TYR G 107 -22.90 54.00 24.41
CA TYR G 107 -22.16 53.78 25.67
C TYR G 107 -22.67 52.59 26.45
N LEU G 108 -23.98 52.57 26.68
CA LEU G 108 -24.66 51.37 27.12
C LEU G 108 -24.65 50.48 25.89
N ASN G 109 -25.68 49.69 25.63
CA ASN G 109 -25.65 49.02 24.35
C ASN G 109 -27.06 48.69 23.91
N ILE G 110 -27.81 49.75 23.68
CA ILE G 110 -29.22 49.60 23.43
C ILE G 110 -29.49 49.70 21.93
N LYS G 111 -29.50 48.55 21.27
CA LYS G 111 -29.67 48.53 19.84
C LYS G 111 -30.98 49.20 19.41
N ASN G 112 -32.06 48.98 20.15
CA ASN G 112 -33.33 49.63 19.82
C ASN G 112 -33.21 51.15 19.83
N LEU G 113 -32.48 51.69 20.82
CA LEU G 113 -32.49 53.12 21.12
C LEU G 113 -31.71 53.93 20.15
N LEU G 114 -31.06 53.30 19.31
CA LEU G 114 -30.12 54.02 18.61
C LEU G 114 -30.70 54.11 17.24
N ASP G 115 -31.50 53.10 16.94
CA ASP G 115 -32.17 53.04 15.70
C ASP G 115 -33.23 54.15 15.59
N LEU G 116 -33.58 54.77 16.70
CA LEU G 116 -34.58 55.82 16.60
C LEU G 116 -33.93 57.23 16.52
N THR G 117 -32.88 57.42 17.31
CA THR G 117 -32.24 58.71 17.39
C THR G 117 -31.44 58.92 16.12
N CYS G 118 -30.62 57.93 15.80
CA CYS G 118 -29.85 57.94 14.55
C CYS G 118 -30.72 58.13 13.33
N GLN G 119 -31.82 57.42 13.27
CA GLN G 119 -32.74 57.62 12.17
C GLN G 119 -33.33 59.01 12.16
N THR G 120 -33.57 59.58 13.35
CA THR G 120 -34.11 60.93 13.46
C THR G 120 -33.13 61.94 12.87
N VAL G 121 -31.83 61.76 13.14
CA VAL G 121 -30.82 62.65 12.61
C VAL G 121 -30.72 62.45 11.11
N ALA G 122 -30.81 61.22 10.69
CA ALA G 122 -30.70 60.91 9.27
C ALA G 122 -31.86 61.47 8.49
N ASP G 123 -33.03 61.54 9.10
CA ASP G 123 -34.19 62.12 8.45
C ASP G 123 -34.04 63.62 8.23
N MET G 124 -33.16 64.25 9.00
CA MET G 124 -32.89 65.66 8.84
C MET G 124 -32.06 65.88 7.56
N ILE G 125 -31.19 64.92 7.26
CA ILE G 125 -30.28 64.98 6.12
C ILE G 125 -31.04 64.64 4.84
N LYS G 126 -31.86 63.62 4.90
CA LYS G 126 -32.53 63.10 3.71
C LYS G 126 -33.30 64.15 2.92
N GLY G 127 -32.93 64.29 1.65
CA GLY G 127 -33.57 65.23 0.74
C GLY G 127 -32.87 66.57 0.63
N LYS G 128 -32.06 66.92 1.62
CA LYS G 128 -31.44 68.23 1.61
C LYS G 128 -30.25 68.23 0.65
N THR G 129 -29.86 69.40 0.17
CA THR G 129 -28.68 69.56 -0.65
C THR G 129 -27.51 69.78 0.29
N PRO G 130 -26.27 69.71 -0.21
CA PRO G 130 -25.11 69.90 0.64
C PRO G 130 -25.11 71.27 1.35
N GLU G 131 -25.62 72.31 0.68
CA GLU G 131 -25.69 73.63 1.33
C GLU G 131 -26.70 73.62 2.48
N GLU G 132 -27.93 73.19 2.18
CA GLU G 132 -29.00 72.99 3.17
C GLU G 132 -28.58 72.13 4.38
N ILE G 133 -27.79 71.08 4.16
CA ILE G 133 -27.27 70.29 5.25
C ILE G 133 -26.38 71.13 6.19
N ARG G 134 -25.34 71.78 5.69
CA ARG G 134 -24.40 72.45 6.61
C ARG G 134 -25.04 73.68 7.18
N THR G 135 -26.05 74.19 6.46
CA THR G 135 -26.88 75.27 6.96
C THR G 135 -27.52 74.77 8.24
N THR G 136 -28.35 73.74 8.12
CA THR G 136 -29.14 73.27 9.27
C THR G 136 -28.40 72.40 10.28
N PHE G 137 -27.08 72.58 10.39
CA PHE G 137 -26.21 71.91 11.37
C PHE G 137 -24.98 72.81 11.64
N ASN G 138 -24.93 73.94 10.91
CA ASN G 138 -23.87 74.92 11.08
C ASN G 138 -22.48 74.27 10.89
N ILE G 139 -22.21 73.85 9.65
CA ILE G 139 -20.93 73.25 9.33
C ILE G 139 -20.23 74.03 8.25
N LYS G 140 -18.97 74.37 8.48
CA LYS G 140 -18.20 75.13 7.50
C LYS G 140 -17.66 74.24 6.36
N ASN G 141 -18.10 74.51 5.13
CA ASN G 141 -17.56 73.86 3.94
C ASN G 141 -16.05 74.07 3.76
N ASP G 142 -15.26 73.08 4.13
CA ASP G 142 -13.80 73.23 4.11
C ASP G 142 -13.10 72.59 2.91
N PHE G 143 -13.86 72.33 1.85
CA PHE G 143 -13.30 71.83 0.58
C PHE G 143 -12.56 72.91 -0.24
N THR G 144 -11.33 72.64 -0.65
CA THR G 144 -10.74 73.48 -1.72
C THR G 144 -11.64 73.28 -2.91
N PRO G 145 -11.67 74.24 -3.82
CA PRO G 145 -12.63 74.10 -4.93
C PRO G 145 -12.33 72.93 -5.90
N GLU G 146 -11.06 72.54 -5.98
CA GLU G 146 -10.65 71.36 -6.75
C GLU G 146 -11.26 70.10 -6.15
N GLU G 147 -11.15 69.96 -4.82
CA GLU G 147 -11.70 68.83 -4.11
C GLU G 147 -13.20 68.72 -4.37
N GLU G 148 -13.91 69.80 -4.13
CA GLU G 148 -15.34 69.80 -4.28
C GLU G 148 -15.68 69.36 -5.68
N GLU G 149 -14.91 69.81 -6.65
CA GLU G 149 -15.22 69.54 -8.05
C GLU G 149 -14.99 68.06 -8.40
N GLU G 150 -13.87 67.50 -7.94
CA GLU G 150 -13.58 66.09 -8.13
C GLU G 150 -14.72 65.26 -7.56
N VAL G 151 -15.08 65.55 -6.31
CA VAL G 151 -16.11 64.81 -5.66
C VAL G 151 -17.41 64.94 -6.42
N ARG G 152 -17.73 66.13 -6.84
CA ARG G 152 -18.95 66.34 -7.61
C ARG G 152 -18.90 65.56 -8.95
N ARG G 153 -17.77 65.60 -9.63
CA ARG G 153 -17.63 64.80 -10.85
C ARG G 153 -17.75 63.30 -10.64
N GLU G 154 -17.06 62.80 -9.63
CA GLU G 154 -17.14 61.40 -9.32
C GLU G 154 -18.59 61.03 -9.10
N ASN G 155 -19.28 61.79 -8.25
CA ASN G 155 -20.66 61.53 -7.92
C ASN G 155 -21.65 61.53 -9.11
N GLN G 156 -21.41 62.40 -10.08
CA GLN G 156 -22.38 62.58 -11.14
C GLN G 156 -22.06 61.90 -12.45
N TRP G 157 -20.78 61.66 -12.67
CA TRP G 157 -20.33 61.05 -13.91
C TRP G 157 -20.03 59.56 -13.79
N ALA G 158 -19.57 59.14 -12.62
CA ALA G 158 -19.02 57.79 -12.44
C ALA G 158 -19.77 56.84 -11.48
N PHE G 159 -19.90 57.23 -10.22
CA PHE G 159 -20.36 56.37 -9.14
C PHE G 159 -21.74 56.65 -8.59
N GLU G 160 -22.65 55.69 -8.74
CA GLU G 160 -23.97 55.66 -8.07
C GLU G 160 -25.17 56.09 -8.95
N SER H 12 -17.12 67.23 29.20
CA SER H 12 -18.45 67.40 28.60
C SER H 12 -18.70 68.84 28.12
N CYS H 13 -18.72 69.02 26.80
CA CYS H 13 -19.07 70.28 26.18
C CYS H 13 -20.30 70.05 25.29
N VAL H 14 -20.91 71.11 24.76
CA VAL H 14 -22.08 70.96 23.89
C VAL H 14 -21.77 69.88 22.85
N ALA H 15 -22.62 68.86 22.73
CA ALA H 15 -22.38 67.83 21.70
C ALA H 15 -22.77 68.29 20.29
N THR H 16 -21.85 68.14 19.33
CA THR H 16 -22.03 68.59 17.96
C THR H 16 -22.54 67.43 17.13
N VAL H 17 -22.95 67.69 15.90
CA VAL H 17 -23.24 66.62 14.95
C VAL H 17 -21.99 65.79 14.72
N ASP H 18 -20.84 66.43 14.74
CA ASP H 18 -19.59 65.75 14.51
C ASP H 18 -19.37 64.61 15.48
N ASP H 19 -19.96 64.69 16.68
CA ASP H 19 -19.73 63.67 17.71
C ASP H 19 -20.53 62.42 17.42
N VAL H 20 -21.27 62.42 16.32
CA VAL H 20 -22.34 61.44 16.17
C VAL H 20 -22.52 61.02 14.70
N ILE H 21 -21.83 61.69 13.78
CA ILE H 21 -22.04 61.50 12.34
C ILE H 21 -21.49 60.17 11.80
N GLU H 22 -20.38 59.70 12.34
CA GLU H 22 -19.90 58.38 12.00
C GLU H 22 -21.00 57.35 12.19
N GLN H 23 -21.79 57.50 13.26
CA GLN H 23 -22.85 56.57 13.57
C GLN H 23 -24.05 56.75 12.65
N VAL H 24 -24.48 57.99 12.48
CA VAL H 24 -25.71 58.34 11.78
C VAL H 24 -25.61 57.99 10.30
N MET H 25 -24.41 58.21 9.75
CA MET H 25 -24.16 58.02 8.32
C MET H 25 -24.62 56.66 7.81
N THR H 26 -24.39 55.64 8.61
CA THR H 26 -24.78 54.31 8.22
C THR H 26 -26.29 54.07 8.19
N TYR H 27 -27.12 55.09 8.48
CA TYR H 27 -28.58 54.94 8.41
C TYR H 27 -29.11 55.68 7.19
N ILE H 28 -28.20 56.37 6.52
CA ILE H 28 -28.55 57.06 5.29
C ILE H 28 -28.32 56.02 4.21
N THR H 29 -29.38 55.68 3.52
CA THR H 29 -29.32 54.53 2.65
C THR H 29 -29.42 54.94 1.18
N ASP H 30 -30.19 55.98 0.91
CA ASP H 30 -30.47 56.44 -0.45
C ASP H 30 -29.22 56.99 -1.15
N PRO H 31 -28.90 56.42 -2.32
CA PRO H 31 -27.67 56.82 -3.00
C PRO H 31 -27.60 58.32 -3.24
N LYS H 32 -28.74 59.00 -3.33
CA LYS H 32 -28.75 60.42 -3.65
C LYS H 32 -28.50 61.25 -2.41
N ASP H 33 -28.72 60.67 -1.25
CA ASP H 33 -28.50 61.38 0.00
C ASP H 33 -27.07 61.16 0.46
N ARG H 34 -26.50 60.02 0.07
CA ARG H 34 -25.08 59.77 0.31
C ARG H 34 -24.26 60.75 -0.53
N ASP H 35 -24.66 60.84 -1.79
CA ASP H 35 -24.15 61.84 -2.70
C ASP H 35 -24.07 63.20 -2.02
N SER H 36 -25.19 63.75 -1.53
CA SER H 36 -25.15 65.04 -0.85
C SER H 36 -24.25 65.01 0.37
N ALA H 37 -24.41 64.00 1.23
CA ALA H 37 -23.68 63.98 2.49
C ALA H 37 -22.19 64.04 2.25
N SER H 38 -21.76 63.45 1.15
CA SER H 38 -20.35 63.31 0.86
C SER H 38 -19.75 64.64 0.49
N LEU H 39 -20.65 65.59 0.21
CA LEU H 39 -20.27 66.92 -0.21
C LEU H 39 -20.40 68.04 0.85
N VAL H 40 -20.79 67.71 2.09
CA VAL H 40 -20.96 68.76 3.08
C VAL H 40 -19.64 69.23 3.69
N CYS H 41 -18.61 68.40 3.68
CA CYS H 41 -17.32 68.80 4.22
C CYS H 41 -16.30 67.65 4.23
N ARG H 42 -15.02 67.97 4.39
CA ARG H 42 -14.02 66.95 4.30
C ARG H 42 -14.29 65.75 5.19
N ARG H 43 -14.82 65.97 6.39
CA ARG H 43 -15.02 64.84 7.29
C ARG H 43 -16.14 63.91 6.82
N TRP H 44 -17.23 64.50 6.36
CA TRP H 44 -18.37 63.72 5.97
C TRP H 44 -17.99 62.98 4.72
N PHE H 45 -17.19 63.63 3.87
CA PHE H 45 -16.69 62.95 2.70
C PHE H 45 -15.99 61.65 3.09
N LYS H 46 -15.12 61.72 4.11
CA LYS H 46 -14.32 60.57 4.52
C LYS H 46 -15.16 59.48 5.17
N ILE H 47 -16.15 59.86 5.97
CA ILE H 47 -17.03 58.89 6.60
C ILE H 47 -17.90 58.19 5.55
N ASP H 48 -18.33 58.90 4.54
CA ASP H 48 -19.13 58.28 3.50
C ASP H 48 -18.24 57.33 2.72
N SER H 49 -17.06 57.81 2.34
CA SER H 49 -16.04 56.99 1.68
C SER H 49 -15.83 55.63 2.35
N GLU H 50 -15.71 55.65 3.68
CA GLU H 50 -15.39 54.47 4.44
C GLU H 50 -16.59 53.63 4.81
N THR H 51 -17.78 54.08 4.49
CA THR H 51 -18.97 53.33 4.91
C THR H 51 -19.91 52.96 3.78
N ARG H 52 -19.71 53.55 2.61
CA ARG H 52 -20.56 53.26 1.46
C ARG H 52 -20.51 51.78 1.22
N GLU H 53 -21.65 51.16 0.99
CA GLU H 53 -21.70 49.70 0.91
C GLU H 53 -21.91 49.23 -0.52
N HIS H 54 -22.74 49.97 -1.23
CA HIS H 54 -22.97 49.67 -2.64
C HIS H 54 -22.72 50.82 -3.62
N VAL H 55 -22.15 50.52 -4.78
CA VAL H 55 -21.91 51.50 -5.83
C VAL H 55 -22.31 50.88 -7.16
N THR H 56 -23.01 51.62 -7.98
CA THR H 56 -23.30 51.20 -9.33
C THR H 56 -22.56 52.09 -10.32
N MET H 57 -21.90 51.51 -11.33
CA MET H 57 -21.32 52.31 -12.41
C MET H 57 -22.12 52.06 -13.65
N ALA H 58 -22.84 53.07 -14.12
CA ALA H 58 -23.59 52.91 -15.37
C ALA H 58 -22.73 52.72 -16.64
N LEU H 59 -21.44 53.08 -16.59
CA LEU H 59 -20.54 52.88 -17.72
C LEU H 59 -19.15 52.66 -17.17
N CYS H 60 -18.67 51.45 -17.33
CA CYS H 60 -17.41 51.10 -16.74
C CYS H 60 -16.27 52.07 -17.12
N TYR H 61 -16.40 52.76 -18.26
CA TYR H 61 -15.26 53.50 -18.84
C TYR H 61 -15.19 54.94 -18.30
N THR H 62 -15.95 55.17 -17.26
CA THR H 62 -16.26 56.50 -16.78
C THR H 62 -15.21 56.84 -15.73
N ALA H 63 -14.60 55.82 -15.16
CA ALA H 63 -13.51 56.02 -14.21
C ALA H 63 -12.62 54.77 -14.17
N THR H 64 -11.39 54.91 -13.69
CA THR H 64 -10.49 53.77 -13.54
C THR H 64 -10.81 53.02 -12.28
N PRO H 65 -10.46 51.72 -12.25
CA PRO H 65 -10.72 50.93 -11.03
C PRO H 65 -9.97 51.50 -9.86
N ASP H 66 -8.78 52.03 -10.12
CA ASP H 66 -8.05 52.72 -9.06
C ASP H 66 -8.89 53.78 -8.36
N ARG H 67 -9.63 54.55 -9.13
CA ARG H 67 -10.39 55.64 -8.56
C ARG H 67 -11.53 55.12 -7.70
N LEU H 68 -12.22 54.11 -8.22
CA LEU H 68 -13.26 53.45 -7.49
C LEU H 68 -12.80 52.97 -6.11
N SER H 69 -11.68 52.27 -6.05
CA SER H 69 -11.29 51.65 -4.81
C SER H 69 -10.60 52.62 -3.87
N ARG H 70 -10.22 53.80 -4.37
CA ARG H 70 -9.61 54.83 -3.54
C ARG H 70 -10.73 55.55 -2.82
N ARG H 71 -11.81 55.80 -3.57
CA ARG H 71 -12.99 56.49 -3.05
C ARG H 71 -13.80 55.63 -2.07
N PHE H 72 -13.95 54.34 -2.42
CA PHE H 72 -14.80 53.46 -1.64
C PHE H 72 -14.13 52.16 -1.26
N PRO H 73 -13.07 52.20 -0.45
CA PRO H 73 -12.29 51.00 -0.11
C PRO H 73 -13.10 49.82 0.49
N ASN H 74 -14.26 50.09 1.08
CA ASN H 74 -14.97 49.06 1.78
C ASN H 74 -16.26 48.63 1.13
N LEU H 75 -16.39 48.78 -0.18
CA LEU H 75 -17.58 48.35 -0.85
C LEU H 75 -17.90 46.93 -0.44
N ARG H 76 -19.18 46.59 -0.33
CA ARG H 76 -19.64 45.22 -0.11
C ARG H 76 -20.22 44.72 -1.42
N SER H 77 -20.71 45.62 -2.23
CA SER H 77 -21.49 45.24 -3.39
C SER H 77 -21.16 46.18 -4.58
N LEU H 78 -20.78 45.61 -5.72
CA LEU H 78 -20.51 46.44 -6.93
C LEU H 78 -21.37 46.04 -8.13
N LYS H 79 -21.68 46.98 -9.00
CA LYS H 79 -22.45 46.65 -10.20
C LYS H 79 -21.95 47.51 -11.35
N LEU H 80 -21.36 46.89 -12.38
CA LEU H 80 -20.78 47.63 -13.49
C LEU H 80 -21.49 47.30 -14.76
N LYS H 81 -21.86 48.32 -15.54
CA LYS H 81 -22.38 48.11 -16.89
C LYS H 81 -21.32 48.45 -17.94
N GLY H 82 -21.34 47.75 -19.08
CA GLY H 82 -20.34 47.96 -20.11
C GLY H 82 -20.96 48.47 -21.39
N LYS H 83 -21.33 47.56 -22.26
CA LYS H 83 -21.80 47.93 -23.57
C LYS H 83 -23.04 48.74 -23.44
N PRO H 84 -23.22 49.71 -24.36
CA PRO H 84 -24.42 50.52 -24.50
C PRO H 84 -25.65 49.65 -24.68
N ARG H 85 -26.80 50.11 -24.20
CA ARG H 85 -28.06 49.39 -24.26
C ARG H 85 -28.33 48.83 -25.65
N ALA H 86 -27.84 49.55 -26.65
CA ALA H 86 -28.11 49.20 -28.02
C ALA H 86 -27.58 47.81 -28.34
N ALA H 87 -26.68 47.30 -27.49
CA ALA H 87 -26.04 46.02 -27.76
C ALA H 87 -27.05 44.85 -27.64
N MET H 88 -28.16 45.12 -26.93
CA MET H 88 -29.16 44.10 -26.67
C MET H 88 -29.99 43.91 -27.90
N PHE H 89 -29.68 44.70 -28.93
CA PHE H 89 -30.45 44.70 -30.16
C PHE H 89 -29.57 44.51 -31.37
N ASN H 90 -28.48 43.78 -31.15
CA ASN H 90 -27.45 43.52 -32.15
C ASN H 90 -27.02 44.70 -32.97
N LEU H 91 -26.86 45.85 -32.30
CA LEU H 91 -26.39 47.06 -32.96
C LEU H 91 -24.93 47.38 -32.64
N ILE H 92 -24.40 46.78 -31.59
CA ILE H 92 -23.03 47.05 -31.14
C ILE H 92 -22.10 45.87 -31.47
N PRO H 93 -20.90 46.14 -32.02
CA PRO H 93 -19.94 45.09 -32.35
C PRO H 93 -19.59 44.28 -31.15
N GLU H 94 -19.35 42.98 -31.33
CA GLU H 94 -19.16 42.11 -30.19
C GLU H 94 -17.92 42.53 -29.41
N ASN H 95 -16.89 43.00 -30.12
CA ASN H 95 -15.61 43.34 -29.52
C ASN H 95 -15.51 44.79 -29.04
N TRP H 96 -16.66 45.48 -28.99
CA TRP H 96 -16.68 46.89 -28.62
C TRP H 96 -15.92 47.24 -27.36
N GLY H 97 -16.06 46.44 -26.33
CA GLY H 97 -15.45 46.73 -25.04
C GLY H 97 -16.31 46.23 -23.89
N GLY H 98 -16.08 46.72 -22.68
CA GLY H 98 -16.76 46.16 -21.54
C GLY H 98 -15.95 45.07 -20.84
N TYR H 99 -14.63 45.06 -21.04
CA TYR H 99 -13.80 44.05 -20.45
C TYR H 99 -13.79 44.22 -18.95
N VAL H 100 -14.12 43.15 -18.25
CA VAL H 100 -14.29 43.17 -16.81
C VAL H 100 -12.93 43.06 -16.10
N THR H 101 -11.88 42.74 -16.86
CA THR H 101 -10.68 42.17 -16.25
C THR H 101 -9.85 43.10 -15.32
N PRO H 102 -9.67 44.37 -15.71
CA PRO H 102 -9.06 45.34 -14.78
C PRO H 102 -9.87 45.50 -13.49
N TRP H 103 -11.19 45.40 -13.62
CA TRP H 103 -12.02 45.44 -12.45
C TRP H 103 -11.79 44.25 -11.55
N VAL H 104 -11.66 43.03 -12.10
CA VAL H 104 -11.42 41.97 -11.17
C VAL H 104 -10.04 42.05 -10.58
N THR H 105 -9.06 42.57 -11.30
CA THR H 105 -7.78 42.60 -10.61
C THR H 105 -7.84 43.66 -9.49
N GLU H 106 -8.60 44.73 -9.67
CA GLU H 106 -8.75 45.72 -8.62
C GLU H 106 -9.51 45.15 -7.41
N ILE H 107 -10.50 44.32 -7.70
CA ILE H 107 -11.17 43.62 -6.62
C ILE H 107 -10.22 42.69 -5.83
N SER H 108 -9.43 41.89 -6.51
CA SER H 108 -8.40 41.13 -5.84
C SER H 108 -7.59 41.93 -4.84
N ASN H 109 -7.07 43.06 -5.28
CA ASN H 109 -6.10 43.77 -4.46
C ASN H 109 -6.68 44.72 -3.43
N ASN H 110 -7.80 45.36 -3.74
CA ASN H 110 -8.19 46.57 -2.98
C ASN H 110 -9.64 46.67 -2.53
N LEU H 111 -10.51 45.85 -3.09
CA LEU H 111 -11.87 45.79 -2.57
C LEU H 111 -12.05 44.55 -1.73
N ARG H 112 -11.29 44.47 -0.64
CA ARG H 112 -11.18 43.27 0.15
C ARG H 112 -12.43 42.92 0.94
N GLN H 113 -13.49 43.67 0.74
CA GLN H 113 -14.71 43.45 1.51
C GLN H 113 -15.86 43.01 0.63
N LEU H 114 -15.59 42.83 -0.65
CA LEU H 114 -16.65 42.69 -1.62
C LEU H 114 -17.32 41.36 -1.46
N LYS H 115 -18.64 41.34 -1.37
CA LYS H 115 -19.33 40.07 -1.21
C LYS H 115 -20.31 39.83 -2.37
N SER H 116 -20.48 40.82 -3.24
CA SER H 116 -21.43 40.72 -4.35
C SER H 116 -20.96 41.49 -5.59
N VAL H 117 -21.05 40.87 -6.75
CA VAL H 117 -20.63 41.46 -7.99
C VAL H 117 -21.69 41.25 -9.04
N HIS H 118 -22.12 42.32 -9.72
CA HIS H 118 -23.07 42.23 -10.83
C HIS H 118 -22.45 42.89 -12.08
N PHE H 119 -22.20 42.08 -13.11
CA PHE H 119 -21.62 42.58 -14.32
C PHE H 119 -22.74 42.55 -15.34
N ARG H 120 -23.01 43.68 -15.98
CA ARG H 120 -24.11 43.78 -16.92
C ARG H 120 -23.63 44.24 -18.31
N ARG H 121 -23.87 43.39 -19.29
CA ARG H 121 -23.39 43.63 -20.64
C ARG H 121 -21.89 43.80 -20.71
N MET H 122 -21.12 42.92 -20.08
CA MET H 122 -19.67 43.01 -20.13
C MET H 122 -19.03 41.78 -20.71
N ILE H 123 -17.74 41.89 -21.03
CA ILE H 123 -16.95 40.74 -21.50
C ILE H 123 -16.24 40.13 -20.32
N VAL H 124 -16.59 38.90 -19.97
CA VAL H 124 -15.99 38.22 -18.81
C VAL H 124 -15.34 36.94 -19.31
N SER H 125 -14.04 36.77 -19.08
CA SER H 125 -13.32 35.55 -19.52
C SER H 125 -13.18 34.52 -18.39
N ASP H 126 -12.76 33.30 -18.70
CA ASP H 126 -12.52 32.28 -17.68
C ASP H 126 -11.38 32.74 -16.77
N LEU H 127 -10.37 33.40 -17.31
CA LEU H 127 -9.28 33.84 -16.47
C LEU H 127 -9.83 34.83 -15.47
N ASP H 128 -10.70 35.73 -15.93
CA ASP H 128 -11.10 36.74 -14.98
C ASP H 128 -12.08 36.17 -13.97
N LEU H 129 -12.87 35.16 -14.35
CA LEU H 129 -13.58 34.53 -13.24
C LEU H 129 -12.80 33.61 -12.32
N ASP H 130 -11.78 32.96 -12.82
CA ASP H 130 -10.92 32.18 -11.93
C ASP H 130 -10.29 33.13 -10.92
N ARG H 131 -9.85 34.29 -11.38
CA ARG H 131 -9.22 35.21 -10.45
C ARG H 131 -10.21 35.75 -9.40
N LEU H 132 -11.44 36.01 -9.82
CA LEU H 132 -12.44 36.51 -8.91
C LEU H 132 -12.71 35.43 -7.88
N ALA H 133 -12.90 34.20 -8.33
CA ALA H 133 -13.22 33.11 -7.44
C ALA H 133 -12.13 32.95 -6.36
N LYS H 134 -10.89 32.91 -6.78
CA LYS H 134 -9.82 32.65 -5.85
C LYS H 134 -9.63 33.81 -4.90
N ALA H 135 -9.87 35.03 -5.38
CA ALA H 135 -9.57 36.21 -4.57
C ALA H 135 -10.63 36.46 -3.49
N ARG H 136 -11.85 36.01 -3.75
CA ARG H 136 -12.97 36.37 -2.94
C ARG H 136 -13.51 35.10 -2.26
N ALA H 137 -13.40 33.96 -2.93
CA ALA H 137 -13.70 32.65 -2.36
C ALA H 137 -14.97 32.61 -1.53
N ASP H 138 -14.86 32.13 -0.30
CA ASP H 138 -16.05 31.96 0.54
C ASP H 138 -16.85 33.26 0.81
N ASP H 139 -16.22 34.40 0.65
CA ASP H 139 -16.90 35.67 0.83
C ASP H 139 -17.85 36.07 -0.33
N LEU H 140 -17.69 35.48 -1.52
CA LEU H 140 -18.59 35.78 -2.62
C LEU H 140 -19.99 35.20 -2.37
N GLU H 141 -20.91 36.05 -1.93
CA GLU H 141 -22.26 35.61 -1.65
C GLU H 141 -23.08 35.64 -2.93
N THR H 142 -22.83 36.62 -3.79
CA THR H 142 -23.62 36.72 -5.00
C THR H 142 -22.79 37.15 -6.24
N LEU H 143 -23.02 36.47 -7.36
CA LEU H 143 -22.38 36.77 -8.65
C LEU H 143 -23.47 36.83 -9.71
N LYS H 144 -23.58 37.94 -10.44
CA LYS H 144 -24.52 38.03 -11.54
C LYS H 144 -23.81 38.28 -12.86
N LEU H 145 -23.71 37.26 -13.71
CA LEU H 145 -23.27 37.47 -15.10
C LEU H 145 -24.47 37.78 -15.99
N ASP H 146 -24.78 39.07 -16.13
CA ASP H 146 -26.05 39.55 -16.69
C ASP H 146 -25.85 40.03 -18.12
N LYS H 147 -26.31 39.25 -19.08
CA LYS H 147 -26.07 39.55 -20.50
C LYS H 147 -24.57 39.75 -20.80
N CYS H 148 -23.73 38.90 -20.22
CA CYS H 148 -22.32 38.97 -20.46
C CYS H 148 -21.86 37.92 -21.47
N SER H 149 -20.61 37.99 -21.89
CA SER H 149 -20.12 37.04 -22.87
C SER H 149 -18.65 36.82 -22.59
N GLY H 150 -18.08 35.77 -23.19
CA GLY H 150 -16.64 35.60 -23.22
C GLY H 150 -16.04 34.53 -22.33
N PHE H 151 -16.90 33.81 -21.63
CA PHE H 151 -16.42 32.76 -20.71
C PHE H 151 -16.87 31.36 -21.14
N THR H 152 -16.56 30.38 -20.32
CA THR H 152 -17.03 29.02 -20.56
C THR H 152 -17.39 28.36 -19.28
N THR H 153 -17.87 27.12 -19.35
CA THR H 153 -18.18 26.34 -18.15
C THR H 153 -17.00 26.14 -17.20
N ASP H 154 -15.76 26.30 -17.67
CA ASP H 154 -14.58 26.22 -16.80
C ASP H 154 -14.61 27.37 -15.79
N GLY H 155 -15.09 28.52 -16.25
CA GLY H 155 -15.21 29.68 -15.42
C GLY H 155 -16.23 29.43 -14.33
N LEU H 156 -17.38 28.93 -14.73
CA LEU H 156 -18.46 28.68 -13.80
C LEU H 156 -17.98 27.69 -12.77
N LEU H 157 -17.30 26.63 -13.23
CA LEU H 157 -16.80 25.58 -12.32
C LEU H 157 -15.87 26.20 -11.31
N SER H 158 -15.04 27.09 -11.80
CA SER H 158 -14.07 27.70 -10.91
C SER H 158 -14.75 28.45 -9.78
N ILE H 159 -15.84 29.17 -10.07
CA ILE H 159 -16.45 29.96 -9.00
C ILE H 159 -17.29 29.10 -8.08
N VAL H 160 -17.99 28.11 -8.59
CA VAL H 160 -18.75 27.25 -7.67
C VAL H 160 -17.89 26.32 -6.83
N THR H 161 -16.62 26.10 -7.17
CA THR H 161 -15.79 25.26 -6.33
C THR H 161 -15.00 26.07 -5.30
N HIS H 162 -14.66 27.31 -5.62
CA HIS H 162 -13.96 28.16 -4.66
C HIS H 162 -14.88 29.04 -3.79
N CYS H 163 -16.09 29.28 -4.25
CA CYS H 163 -17.06 30.12 -3.55
C CYS H 163 -18.14 29.23 -3.00
N ARG H 164 -17.89 28.70 -1.83
CA ARG H 164 -18.65 27.54 -1.39
C ARG H 164 -19.91 27.97 -0.72
N LYS H 165 -20.03 29.29 -0.54
CA LYS H 165 -21.20 29.86 0.14
C LYS H 165 -22.06 30.78 -0.73
N ILE H 166 -21.95 30.68 -2.04
CA ILE H 166 -22.75 31.51 -2.94
C ILE H 166 -24.23 31.41 -2.60
N LYS H 167 -24.88 32.54 -2.34
CA LYS H 167 -26.32 32.58 -2.11
C LYS H 167 -27.08 32.86 -3.41
N THR H 168 -26.51 33.69 -4.28
CA THR H 168 -27.20 33.95 -5.55
C THR H 168 -26.24 33.95 -6.75
N LEU H 169 -26.53 33.11 -7.74
CA LEU H 169 -25.69 32.92 -8.92
C LEU H 169 -26.56 33.07 -10.13
N LEU H 170 -26.25 34.04 -10.97
CA LEU H 170 -27.08 34.34 -12.15
C LEU H 170 -26.30 34.43 -13.47
N MET H 171 -26.86 33.89 -14.56
CA MET H 171 -26.24 33.96 -15.90
C MET H 171 -27.18 34.37 -16.98
N GLU H 172 -28.32 34.93 -16.63
CA GLU H 172 -29.41 35.17 -17.58
C GLU H 172 -28.89 35.80 -18.86
N GLU H 173 -29.35 35.31 -20.00
CA GLU H 173 -29.01 35.87 -21.32
C GLU H 173 -27.53 35.97 -21.60
N SER H 174 -26.70 35.24 -20.86
CA SER H 174 -25.27 35.29 -21.16
C SER H 174 -24.89 34.31 -22.26
N SER H 175 -23.88 34.65 -23.05
CA SER H 175 -23.36 33.69 -24.00
C SER H 175 -21.95 33.23 -23.63
N PHE H 176 -21.77 31.91 -23.55
CA PHE H 176 -20.52 31.28 -23.10
C PHE H 176 -20.39 29.95 -23.84
N SER H 177 -19.25 29.31 -23.77
CA SER H 177 -19.09 28.03 -24.42
C SER H 177 -19.33 26.96 -23.41
N GLU H 178 -20.25 26.03 -23.72
CA GLU H 178 -20.59 24.93 -22.78
C GLU H 178 -19.82 23.67 -23.06
N LYS H 179 -18.79 23.39 -22.29
CA LYS H 179 -17.96 22.18 -22.49
C LYS H 179 -18.47 20.96 -21.68
N ASP H 180 -19.08 21.25 -20.55
CA ASP H 180 -19.54 20.17 -19.69
C ASP H 180 -20.57 20.65 -18.68
N GLY H 181 -21.10 19.71 -17.92
CA GLY H 181 -22.05 20.06 -16.88
C GLY H 181 -21.55 20.02 -15.45
N LYS H 182 -20.24 19.97 -15.22
CA LYS H 182 -19.78 19.71 -13.88
C LYS H 182 -19.99 20.89 -12.96
N TRP H 183 -20.18 22.09 -13.49
CA TRP H 183 -20.45 23.21 -12.59
C TRP H 183 -21.73 22.96 -11.76
N LEU H 184 -22.82 22.56 -12.42
CA LEU H 184 -24.10 22.30 -11.73
C LEU H 184 -23.92 21.15 -10.78
N HIS H 185 -23.22 20.12 -11.23
CA HIS H 185 -22.97 18.97 -10.39
C HIS H 185 -22.18 19.35 -9.14
N GLU H 186 -21.24 20.24 -9.29
CA GLU H 186 -20.43 20.65 -8.17
C GLU H 186 -21.27 21.38 -7.16
N LEU H 187 -22.22 22.20 -7.61
CA LEU H 187 -23.16 22.85 -6.69
C LEU H 187 -24.03 21.79 -5.99
N ALA H 188 -24.54 20.84 -6.75
CA ALA H 188 -25.37 19.82 -6.18
C ALA H 188 -24.64 19.12 -5.04
N GLN H 189 -23.33 18.99 -5.16
CA GLN H 189 -22.65 18.11 -4.27
C GLN H 189 -22.26 18.77 -2.97
N HIS H 190 -22.01 20.08 -3.01
CA HIS H 190 -21.44 20.76 -1.84
C HIS H 190 -22.15 22.05 -1.39
N ASN H 191 -23.04 22.57 -2.20
CA ASN H 191 -23.63 23.85 -1.88
C ASN H 191 -24.93 23.71 -1.08
N THR H 192 -25.05 24.53 -0.06
CA THR H 192 -26.12 24.42 0.88
C THR H 192 -26.93 25.71 1.01
N SER H 193 -26.34 26.80 0.49
CA SER H 193 -26.70 28.17 0.83
C SER H 193 -27.44 28.90 -0.29
N LEU H 194 -27.43 28.31 -1.46
CA LEU H 194 -28.10 28.88 -2.60
C LEU H 194 -29.50 29.41 -2.26
N GLU H 195 -29.77 30.68 -2.57
CA GLU H 195 -31.10 31.27 -2.47
C GLU H 195 -31.73 31.56 -3.84
N VAL H 196 -30.92 32.06 -4.78
CA VAL H 196 -31.44 32.22 -6.14
C VAL H 196 -30.42 31.83 -7.20
N LEU H 197 -30.92 31.04 -8.16
CA LEU H 197 -30.15 30.36 -9.19
C LEU H 197 -30.87 30.67 -10.47
N ASN H 198 -30.18 31.26 -11.43
CA ASN H 198 -30.86 31.82 -12.56
C ASN H 198 -30.03 31.63 -13.80
N PHE H 199 -30.41 30.67 -14.62
CA PHE H 199 -29.90 30.61 -15.98
C PHE H 199 -31.01 30.64 -16.98
N TYR H 200 -31.87 31.64 -16.84
CA TYR H 200 -33.12 31.76 -17.58
C TYR H 200 -33.01 31.71 -19.11
N MET H 201 -32.16 32.54 -19.66
CA MET H 201 -32.26 32.61 -21.09
C MET H 201 -30.98 32.03 -21.68
N THR H 202 -30.78 30.72 -21.49
CA THR H 202 -29.50 30.13 -21.83
C THR H 202 -29.55 28.73 -22.36
N GLU H 203 -28.68 28.48 -23.34
CA GLU H 203 -28.50 27.17 -23.94
C GLU H 203 -27.59 26.32 -23.10
N PHE H 204 -28.16 25.47 -22.25
CA PHE H 204 -27.36 24.41 -21.59
C PHE H 204 -27.89 23.06 -22.05
N ALA H 205 -27.03 22.23 -22.63
CA ALA H 205 -27.46 20.93 -23.12
C ALA H 205 -26.75 19.84 -22.36
N LYS H 206 -25.78 20.19 -21.53
CA LYS H 206 -25.01 19.16 -20.84
C LYS H 206 -25.23 19.09 -19.34
N ILE H 207 -26.23 19.81 -18.82
CA ILE H 207 -26.46 19.77 -17.38
C ILE H 207 -27.60 18.81 -17.13
N SER H 208 -27.55 18.19 -15.95
CA SER H 208 -28.49 17.13 -15.55
C SER H 208 -29.64 17.60 -14.63
N PRO H 209 -30.89 17.35 -15.03
CA PRO H 209 -31.98 17.79 -14.15
C PRO H 209 -31.86 17.11 -12.79
N LYS H 210 -31.25 15.94 -12.70
CA LYS H 210 -30.97 15.32 -11.40
C LYS H 210 -30.18 16.22 -10.47
N ASP H 211 -29.13 16.87 -10.98
CA ASP H 211 -28.29 17.77 -10.18
C ASP H 211 -29.13 18.95 -9.59
N LEU H 212 -30.12 19.42 -10.38
CA LEU H 212 -30.94 20.55 -10.02
C LEU H 212 -31.85 20.14 -8.90
N GLU H 213 -32.50 19.00 -9.08
CA GLU H 213 -33.25 18.34 -8.00
C GLU H 213 -32.43 18.15 -6.72
N THR H 214 -31.19 17.70 -6.84
CA THR H 214 -30.45 17.53 -5.60
C THR H 214 -30.06 18.86 -4.94
N ILE H 215 -29.96 19.93 -5.71
CA ILE H 215 -29.73 21.26 -5.14
C ILE H 215 -30.95 21.72 -4.32
N ALA H 216 -32.14 21.48 -4.85
CA ALA H 216 -33.40 21.80 -4.17
C ALA H 216 -33.49 21.04 -2.86
N ARG H 217 -33.01 19.80 -2.89
CA ARG H 217 -33.10 18.96 -1.73
C ARG H 217 -32.17 19.49 -0.64
N ASN H 218 -31.06 20.10 -1.04
CA ASN H 218 -30.02 20.53 -0.09
C ASN H 218 -30.05 22.01 0.35
N CYS H 219 -30.76 22.85 -0.40
CA CYS H 219 -30.74 24.29 -0.19
C CYS H 219 -32.09 24.75 0.40
N ARG H 220 -32.12 24.89 1.71
CA ARG H 220 -33.42 25.06 2.35
C ARG H 220 -33.99 26.42 2.03
N SER H 221 -33.12 27.35 1.62
CA SER H 221 -33.55 28.72 1.39
C SER H 221 -33.70 29.01 -0.08
N LEU H 222 -33.81 27.96 -0.87
CA LEU H 222 -33.94 28.14 -2.30
C LEU H 222 -35.29 28.75 -2.58
N VAL H 223 -35.32 29.99 -3.03
CA VAL H 223 -36.55 30.75 -3.23
C VAL H 223 -36.88 31.00 -4.72
N SER H 224 -35.85 31.21 -5.56
CA SER H 224 -36.07 31.48 -6.98
C SER H 224 -35.17 30.64 -7.91
N VAL H 225 -35.75 29.94 -8.89
CA VAL H 225 -34.92 29.33 -9.92
C VAL H 225 -35.48 29.49 -11.32
N LYS H 226 -34.61 29.87 -12.24
CA LYS H 226 -34.97 30.09 -13.64
C LYS H 226 -34.02 29.23 -14.45
N VAL H 227 -34.47 28.71 -15.56
CA VAL H 227 -33.81 27.56 -16.13
C VAL H 227 -33.99 27.56 -17.64
N GLY H 228 -33.23 26.70 -18.32
CA GLY H 228 -33.28 26.61 -19.78
C GLY H 228 -34.34 25.63 -20.23
N ASP H 229 -34.07 24.89 -21.32
CA ASP H 229 -35.10 24.07 -21.94
C ASP H 229 -35.21 22.66 -21.37
N PHE H 230 -35.08 22.52 -20.06
CA PHE H 230 -35.42 21.26 -19.36
C PHE H 230 -36.88 20.82 -19.58
N GLU H 231 -37.10 19.54 -19.92
CA GLU H 231 -38.47 19.02 -19.96
C GLU H 231 -39.11 19.16 -18.56
N ILE H 232 -40.20 19.92 -18.47
CA ILE H 232 -40.84 20.11 -17.17
C ILE H 232 -41.07 18.77 -16.46
N LEU H 233 -41.41 17.71 -17.20
CA LEU H 233 -41.63 16.39 -16.58
C LEU H 233 -40.40 15.90 -15.82
N GLU H 234 -39.22 16.25 -16.32
CA GLU H 234 -37.97 15.81 -15.69
C GLU H 234 -37.72 16.56 -14.40
N LEU H 235 -38.52 17.58 -14.16
CA LEU H 235 -38.31 18.44 -12.99
C LEU H 235 -39.29 18.16 -11.89
N VAL H 236 -40.05 17.06 -12.03
CA VAL H 236 -41.10 16.75 -11.06
C VAL H 236 -40.51 16.51 -9.67
N GLY H 237 -39.35 15.87 -9.62
CA GLY H 237 -38.67 15.66 -8.36
C GLY H 237 -38.19 16.97 -7.78
N PHE H 238 -37.61 17.79 -8.66
CA PHE H 238 -37.18 19.14 -8.27
C PHE H 238 -38.32 19.91 -7.57
N PHE H 239 -39.50 19.93 -8.20
CA PHE H 239 -40.60 20.73 -7.67
C PHE H 239 -41.06 20.21 -6.30
N LYS H 240 -41.10 18.89 -6.12
CA LYS H 240 -41.41 18.35 -4.79
C LYS H 240 -40.38 18.76 -3.74
N ALA H 241 -39.11 18.78 -4.14
CA ALA H 241 -38.05 19.06 -3.19
C ALA H 241 -37.94 20.56 -2.86
N ALA H 242 -38.39 21.42 -3.77
CA ALA H 242 -38.19 22.85 -3.61
C ALA H 242 -39.30 23.44 -2.80
N ALA H 243 -39.37 23.06 -1.55
CA ALA H 243 -40.47 23.46 -0.69
C ALA H 243 -40.67 24.98 -0.62
N ASN H 244 -39.58 25.74 -0.52
CA ASN H 244 -39.75 27.18 -0.35
C ASN H 244 -39.80 28.00 -1.62
N LEU H 245 -39.86 27.32 -2.78
CA LEU H 245 -39.78 27.99 -4.07
C LEU H 245 -40.90 29.00 -4.19
N GLU H 246 -40.56 30.25 -4.53
CA GLU H 246 -41.57 31.27 -4.78
C GLU H 246 -41.61 31.68 -6.24
N GLU H 247 -40.53 31.42 -6.96
CA GLU H 247 -40.44 31.84 -8.35
C GLU H 247 -39.89 30.68 -9.16
N PHE H 248 -40.50 30.43 -10.31
CA PHE H 248 -39.89 29.55 -11.31
C PHE H 248 -40.17 30.02 -12.70
N CYS H 249 -39.11 30.17 -13.50
CA CYS H 249 -39.29 30.44 -14.93
C CYS H 249 -38.47 29.49 -15.75
N GLY H 250 -38.95 29.13 -16.92
CA GLY H 250 -38.19 28.34 -17.85
C GLY H 250 -38.79 26.97 -18.05
N GLY H 251 -37.93 25.97 -18.17
CA GLY H 251 -38.40 24.66 -18.52
C GLY H 251 -38.96 24.67 -19.93
N SER H 252 -39.37 23.50 -20.38
CA SER H 252 -39.99 23.29 -21.68
C SER H 252 -41.26 22.47 -21.49
N LEU H 253 -42.39 22.98 -21.97
CA LEU H 253 -43.62 22.18 -22.02
C LEU H 253 -43.81 21.64 -23.43
N ASN H 254 -43.47 20.36 -23.61
CA ASN H 254 -43.56 19.73 -24.93
C ASN H 254 -44.70 18.73 -24.96
N GLU H 255 -45.81 19.13 -25.58
CA GLU H 255 -46.96 18.24 -25.71
C GLU H 255 -46.74 17.26 -26.86
N ASP H 256 -47.19 16.03 -26.67
CA ASP H 256 -47.34 15.10 -27.78
C ASP H 256 -48.77 14.59 -27.76
N ILE H 257 -49.36 14.41 -28.94
CA ILE H 257 -50.75 13.97 -29.05
C ILE H 257 -50.92 12.64 -28.31
N GLY H 258 -49.85 11.85 -28.31
CA GLY H 258 -49.80 10.58 -27.60
C GLY H 258 -50.33 10.62 -26.17
N MET H 259 -49.77 11.50 -25.34
CA MET H 259 -50.29 11.70 -23.99
C MET H 259 -51.14 12.97 -23.94
N PRO H 260 -52.47 12.81 -23.95
CA PRO H 260 -53.39 13.95 -23.98
C PRO H 260 -53.28 14.71 -22.66
N GLU H 261 -52.99 13.98 -21.59
CA GLU H 261 -52.85 14.57 -20.28
C GLU H 261 -51.42 14.42 -19.80
N LYS H 262 -50.47 14.68 -20.69
CA LYS H 262 -49.04 14.53 -20.39
C LYS H 262 -48.71 15.11 -19.02
N TYR H 263 -49.22 16.31 -18.78
CA TYR H 263 -48.89 17.04 -17.57
C TYR H 263 -49.99 16.83 -16.55
N MET H 264 -50.81 17.84 -16.30
CA MET H 264 -52.01 17.66 -15.48
C MET H 264 -51.74 17.10 -14.07
N ASN H 265 -50.57 16.49 -13.89
CA ASN H 265 -50.18 15.93 -12.60
C ASN H 265 -48.91 16.55 -12.03
N LEU H 266 -48.77 17.86 -12.24
CA LEU H 266 -47.64 18.58 -11.70
C LEU H 266 -47.90 19.03 -10.28
N VAL H 267 -46.97 18.66 -9.40
CA VAL H 267 -46.92 19.21 -8.06
C VAL H 267 -46.14 20.52 -8.13
N PHE H 268 -46.80 21.67 -8.14
CA PHE H 268 -46.03 22.90 -8.03
C PHE H 268 -45.82 23.29 -6.57
N PRO H 269 -44.63 23.82 -6.22
CA PRO H 269 -44.41 24.19 -4.82
C PRO H 269 -45.51 25.13 -4.30
N ARG H 270 -45.97 24.91 -3.07
CA ARG H 270 -47.10 25.68 -2.51
C ARG H 270 -46.62 27.01 -2.03
N LYS H 271 -46.45 27.98 -2.90
CA LYS H 271 -45.84 29.26 -2.52
C LYS H 271 -45.48 29.93 -3.83
N LEU H 272 -45.31 29.09 -4.86
CA LEU H 272 -45.07 29.54 -6.21
C LEU H 272 -46.06 30.64 -6.51
N CYS H 273 -45.56 31.83 -6.83
CA CYS H 273 -46.41 32.96 -7.07
C CYS H 273 -45.87 33.90 -8.12
N ARG H 274 -44.67 33.60 -8.60
CA ARG H 274 -43.98 34.37 -9.62
C ARG H 274 -43.48 33.32 -10.60
N LEU H 275 -44.02 33.29 -11.81
CA LEU H 275 -43.68 32.20 -12.71
C LEU H 275 -43.91 32.43 -14.21
N GLY H 276 -43.24 31.63 -15.03
CA GLY H 276 -43.42 31.66 -16.46
C GLY H 276 -42.93 30.34 -17.07
N LEU H 277 -43.84 29.53 -17.62
CA LEU H 277 -43.46 28.23 -18.14
C LEU H 277 -43.33 28.35 -19.64
N SER H 278 -42.19 27.96 -20.18
CA SER H 278 -41.89 28.29 -21.56
C SER H 278 -42.60 27.32 -22.48
N TYR H 279 -43.05 27.82 -23.62
CA TYR H 279 -43.74 27.00 -24.63
C TYR H 279 -45.13 26.50 -24.19
N MET H 280 -45.58 26.94 -23.02
CA MET H 280 -46.91 26.61 -22.52
C MET H 280 -48.02 26.92 -23.53
N GLY H 281 -48.76 25.89 -23.92
CA GLY H 281 -49.89 26.01 -24.82
C GLY H 281 -51.22 26.05 -24.08
N PRO H 282 -52.33 26.04 -24.83
CA PRO H 282 -53.64 26.18 -24.19
C PRO H 282 -53.99 24.88 -23.48
N ASN H 283 -53.47 23.77 -23.96
CA ASN H 283 -53.75 22.46 -23.37
C ASN H 283 -53.06 22.20 -22.05
N GLU H 284 -51.91 22.87 -21.81
CA GLU H 284 -51.20 22.74 -20.53
C GLU H 284 -51.43 23.93 -19.60
N MET H 285 -51.90 25.04 -20.16
CA MET H 285 -52.29 26.23 -19.39
C MET H 285 -53.01 25.91 -18.07
N PRO H 286 -53.98 24.99 -18.12
CA PRO H 286 -54.81 24.72 -16.95
C PRO H 286 -54.08 24.31 -15.69
N ILE H 287 -52.84 23.85 -15.78
CA ILE H 287 -52.17 23.39 -14.56
C ILE H 287 -51.87 24.54 -13.61
N LEU H 288 -52.08 25.75 -14.11
CA LEU H 288 -51.97 26.98 -13.31
C LEU H 288 -53.25 27.36 -12.54
N PHE H 289 -54.41 26.95 -13.04
CA PHE H 289 -55.69 27.34 -12.43
C PHE H 289 -55.82 27.06 -10.92
N PRO H 290 -55.37 25.88 -10.45
CA PRO H 290 -55.41 25.50 -9.04
C PRO H 290 -54.92 26.56 -8.07
N PHE H 291 -54.02 27.43 -8.52
CA PHE H 291 -53.44 28.42 -7.61
C PHE H 291 -53.28 29.78 -8.27
N ALA H 292 -53.99 29.99 -9.38
CA ALA H 292 -53.92 31.27 -10.08
C ALA H 292 -54.23 32.49 -9.19
N ALA H 293 -55.01 32.30 -8.14
CA ALA H 293 -55.35 33.41 -7.25
C ALA H 293 -54.12 33.95 -6.54
N GLN H 294 -53.04 33.20 -6.65
CA GLN H 294 -51.87 33.38 -5.80
C GLN H 294 -50.77 34.06 -6.61
N ILE H 295 -50.91 33.98 -7.92
CA ILE H 295 -49.90 34.44 -8.86
C ILE H 295 -49.80 35.96 -8.93
N ARG H 296 -48.64 36.49 -8.60
CA ARG H 296 -48.44 37.93 -8.60
C ARG H 296 -47.57 38.40 -9.78
N LYS H 297 -46.87 37.44 -10.40
CA LYS H 297 -46.01 37.75 -11.55
C LYS H 297 -46.14 36.70 -12.63
N LEU H 298 -46.42 37.13 -13.83
CA LEU H 298 -46.60 36.21 -14.92
C LEU H 298 -45.63 36.56 -16.09
N ASP H 299 -44.90 35.57 -16.62
CA ASP H 299 -44.02 35.78 -17.76
C ASP H 299 -44.45 34.90 -18.96
N LEU H 300 -45.36 35.41 -19.78
CA LEU H 300 -45.90 34.67 -20.92
C LEU H 300 -45.13 35.06 -22.18
N LEU H 301 -43.89 35.50 -21.98
CA LEU H 301 -43.08 36.04 -23.05
C LEU H 301 -42.72 34.95 -24.05
N TYR H 302 -42.61 33.72 -23.56
CA TYR H 302 -42.20 32.61 -24.42
C TYR H 302 -43.29 31.56 -24.45
N ALA H 303 -44.51 32.03 -24.29
CA ALA H 303 -45.64 31.12 -24.27
C ALA H 303 -46.23 30.93 -25.67
N LEU H 304 -46.75 29.73 -25.93
CA LEU H 304 -47.42 29.42 -27.20
C LEU H 304 -48.94 29.51 -27.12
N LEU H 305 -49.45 30.57 -26.52
CA LEU H 305 -50.90 30.68 -26.42
C LEU H 305 -51.49 31.92 -27.08
N GLU H 306 -52.72 31.78 -27.57
CA GLU H 306 -53.35 32.76 -28.46
C GLU H 306 -54.14 33.79 -27.70
N THR H 307 -54.59 34.81 -28.42
CA THR H 307 -55.18 35.97 -27.77
C THR H 307 -56.37 35.57 -26.89
N GLU H 308 -57.14 34.60 -27.35
CA GLU H 308 -58.26 34.09 -26.57
C GLU H 308 -57.76 33.50 -25.25
N ASP H 309 -56.81 32.58 -25.33
CA ASP H 309 -56.24 31.91 -24.17
C ASP H 309 -55.64 32.87 -23.18
N HIS H 310 -55.10 34.01 -23.61
CA HIS H 310 -54.56 35.01 -22.68
C HIS H 310 -55.65 35.51 -21.76
N CYS H 311 -56.80 35.85 -22.36
CA CYS H 311 -57.90 36.42 -21.61
C CYS H 311 -58.35 35.44 -20.54
N THR H 312 -58.42 34.17 -20.89
CA THR H 312 -58.91 33.17 -19.97
C THR H 312 -57.99 32.95 -18.74
N LEU H 313 -56.69 33.03 -18.95
CA LEU H 313 -55.74 32.95 -17.85
C LEU H 313 -55.68 34.28 -17.06
N ILE H 314 -55.56 35.40 -17.77
CA ILE H 314 -55.45 36.70 -17.08
C ILE H 314 -56.61 36.82 -16.12
N GLN H 315 -57.78 36.53 -16.66
CA GLN H 315 -59.04 36.61 -15.93
C GLN H 315 -58.94 35.87 -14.56
N LYS H 316 -58.10 34.86 -14.44
CA LYS H 316 -58.06 34.08 -13.20
C LYS H 316 -57.03 34.56 -12.20
N CYS H 317 -56.39 35.69 -12.52
CA CYS H 317 -55.27 36.19 -11.71
C CYS H 317 -55.49 37.59 -11.14
N PRO H 318 -56.49 37.74 -10.28
CA PRO H 318 -56.90 39.02 -9.69
C PRO H 318 -55.77 39.76 -8.97
N ASN H 319 -54.75 39.04 -8.52
CA ASN H 319 -53.71 39.64 -7.72
C ASN H 319 -52.41 39.90 -8.48
N LEU H 320 -52.45 39.66 -9.79
CA LEU H 320 -51.35 39.90 -10.69
C LEU H 320 -50.83 41.30 -10.56
N GLU H 321 -49.58 41.48 -10.18
CA GLU H 321 -48.98 42.81 -10.26
C GLU H 321 -47.93 43.01 -11.32
N VAL H 322 -47.40 41.92 -11.87
CA VAL H 322 -46.47 42.05 -13.00
C VAL H 322 -46.79 41.12 -14.15
N LEU H 323 -46.91 41.65 -15.35
CA LEU H 323 -47.19 40.78 -16.48
C LEU H 323 -46.29 41.17 -17.62
N GLU H 324 -45.57 40.19 -18.16
CA GLU H 324 -44.76 40.41 -19.35
C GLU H 324 -45.38 39.53 -20.39
N THR H 325 -45.56 40.04 -21.59
CA THR H 325 -46.10 39.19 -22.64
C THR H 325 -45.88 39.77 -24.03
N ARG H 326 -46.11 38.94 -25.04
CA ARG H 326 -46.01 39.39 -26.43
C ARG H 326 -47.28 40.14 -26.81
N ASN H 327 -47.33 40.75 -27.99
CA ASN H 327 -48.49 41.55 -28.38
C ASN H 327 -49.73 40.74 -28.75
N VAL H 328 -49.58 39.42 -28.82
CA VAL H 328 -50.70 38.51 -29.00
C VAL H 328 -51.79 38.75 -27.95
N ILE H 329 -51.40 39.25 -26.78
CA ILE H 329 -52.32 39.65 -25.71
C ILE H 329 -53.51 40.36 -26.31
N GLY H 330 -53.27 41.14 -27.36
CA GLY H 330 -54.32 41.84 -28.09
C GLY H 330 -55.04 42.92 -27.31
N ASP H 331 -55.83 43.73 -28.02
CA ASP H 331 -56.69 44.71 -27.34
C ASP H 331 -57.63 43.93 -26.43
N ARG H 332 -58.12 42.80 -26.92
CA ARG H 332 -59.06 42.01 -26.13
C ARG H 332 -58.45 41.68 -24.78
N GLY H 333 -57.19 41.25 -24.78
CA GLY H 333 -56.50 40.86 -23.56
C GLY H 333 -56.36 42.03 -22.61
N LEU H 334 -56.04 43.19 -23.16
CA LEU H 334 -55.84 44.36 -22.32
C LEU H 334 -57.13 44.73 -21.63
N GLU H 335 -58.24 44.53 -22.32
CA GLU H 335 -59.55 44.82 -21.76
C GLU H 335 -59.78 43.91 -20.55
N VAL H 336 -59.35 42.65 -20.67
CA VAL H 336 -59.52 41.67 -19.58
C VAL H 336 -58.71 42.10 -18.38
N LEU H 337 -57.47 42.42 -18.66
CA LEU H 337 -56.51 42.85 -17.66
C LEU H 337 -57.03 44.10 -16.96
N ALA H 338 -57.75 44.90 -17.73
CA ALA H 338 -58.26 46.19 -17.31
C ALA H 338 -59.16 46.12 -16.08
N GLN H 339 -59.96 45.07 -15.93
CA GLN H 339 -60.82 45.07 -14.77
C GLN H 339 -60.61 43.94 -13.80
N TYR H 340 -59.90 42.90 -14.22
CA TYR H 340 -59.64 41.79 -13.30
C TYR H 340 -58.40 42.00 -12.42
N CYS H 341 -57.44 42.73 -12.97
CA CYS H 341 -56.18 42.91 -12.27
C CYS H 341 -55.98 44.36 -11.94
N LYS H 342 -56.59 44.82 -10.86
CA LYS H 342 -56.58 46.25 -10.54
C LYS H 342 -55.28 46.67 -9.87
N GLN H 343 -54.53 45.68 -9.39
CA GLN H 343 -53.30 45.94 -8.62
C GLN H 343 -52.06 46.00 -9.51
N LEU H 344 -52.26 45.83 -10.82
CA LEU H 344 -51.16 45.76 -11.77
C LEU H 344 -50.19 46.93 -11.64
N LYS H 345 -48.91 46.63 -11.45
CA LYS H 345 -47.90 47.66 -11.30
C LYS H 345 -46.98 47.75 -12.53
N ARG H 346 -46.70 46.62 -13.18
CA ARG H 346 -45.75 46.62 -14.30
C ARG H 346 -46.26 45.78 -15.44
N LEU H 347 -46.26 46.35 -16.63
CA LEU H 347 -46.72 45.67 -17.82
C LEU H 347 -45.74 45.88 -18.95
N ARG H 348 -45.31 44.79 -19.57
CA ARG H 348 -44.46 44.92 -20.74
C ARG H 348 -45.05 44.08 -21.85
N ILE H 349 -45.33 44.70 -22.99
CA ILE H 349 -45.86 44.00 -24.15
C ILE H 349 -44.80 44.00 -25.25
N GLU H 350 -43.98 42.95 -25.30
CA GLU H 350 -42.92 42.81 -26.31
C GLU H 350 -43.57 42.63 -27.67
N ARG H 351 -42.77 42.69 -28.74
CA ARG H 351 -43.34 42.48 -30.07
C ARG H 351 -43.18 41.02 -30.49
N GLY H 352 -44.20 40.48 -31.16
CA GLY H 352 -44.27 39.06 -31.43
C GLY H 352 -43.72 38.69 -32.78
N ALA H 353 -44.10 37.52 -33.29
CA ALA H 353 -43.79 37.14 -34.68
C ALA H 353 -44.54 38.06 -35.67
N ASP H 354 -43.80 38.98 -36.29
CA ASP H 354 -44.37 40.10 -37.04
C ASP H 354 -44.17 39.92 -38.55
N GLU H 355 -44.04 38.67 -38.99
CA GLU H 355 -43.82 38.34 -40.40
C GLU H 355 -45.12 37.90 -41.09
N GLN H 356 -45.63 36.74 -40.68
CA GLN H 356 -46.85 36.17 -41.27
C GLN H 356 -48.09 36.43 -40.41
N GLY H 357 -48.70 37.60 -40.56
CA GLY H 357 -49.85 37.98 -39.75
C GLY H 357 -49.48 38.03 -38.28
N MET H 358 -50.10 38.96 -37.55
CA MET H 358 -49.74 39.23 -36.15
C MET H 358 -49.98 38.06 -35.16
N GLU H 359 -49.57 36.86 -35.54
CA GLU H 359 -49.81 35.64 -34.75
C GLU H 359 -51.30 35.19 -34.72
N ASP H 360 -52.22 36.15 -34.79
CA ASP H 360 -53.63 35.91 -35.08
C ASP H 360 -54.31 37.25 -35.37
N GLU H 361 -55.60 37.25 -35.74
CA GLU H 361 -56.30 38.49 -36.12
C GLU H 361 -56.87 39.28 -34.94
N GLU H 362 -56.22 39.17 -33.79
CA GLU H 362 -56.49 39.99 -32.61
C GLU H 362 -55.17 40.44 -31.97
N GLY H 363 -54.07 39.84 -32.41
CA GLY H 363 -52.73 40.10 -31.88
C GLY H 363 -52.15 41.45 -32.29
N LEU H 364 -52.97 42.49 -32.14
CA LEU H 364 -52.57 43.86 -32.34
C LEU H 364 -53.06 44.58 -31.11
N VAL H 365 -52.21 45.39 -30.49
CA VAL H 365 -52.72 46.28 -29.46
C VAL H 365 -52.75 47.70 -30.02
N SER H 366 -53.72 48.49 -29.56
CA SER H 366 -54.04 49.76 -30.20
C SER H 366 -54.62 50.73 -29.19
N GLN H 367 -55.09 51.87 -29.69
CA GLN H 367 -55.75 52.88 -28.86
C GLN H 367 -56.78 52.25 -27.94
N ARG H 368 -57.56 51.32 -28.48
CA ARG H 368 -58.60 50.64 -27.72
C ARG H 368 -58.03 50.03 -26.43
N GLY H 369 -56.99 49.20 -26.58
CA GLY H 369 -56.35 48.56 -25.44
C GLY H 369 -55.75 49.55 -24.47
N LEU H 370 -54.95 50.47 -25.00
CA LEU H 370 -54.28 51.47 -24.17
C LEU H 370 -55.26 52.24 -23.31
N ILE H 371 -56.32 52.75 -23.94
CA ILE H 371 -57.30 53.54 -23.20
C ILE H 371 -58.05 52.68 -22.17
N ALA H 372 -58.38 51.44 -22.53
CA ALA H 372 -58.97 50.49 -21.57
C ALA H 372 -58.06 50.32 -20.37
N LEU H 373 -56.78 50.06 -20.67
CA LEU H 373 -55.77 49.82 -19.67
C LEU H 373 -55.64 51.00 -18.73
N ALA H 374 -55.52 52.20 -19.29
CA ALA H 374 -55.38 53.42 -18.50
C ALA H 374 -56.47 53.56 -17.46
N GLN H 375 -57.68 53.18 -17.83
CA GLN H 375 -58.83 53.34 -16.96
C GLN H 375 -58.88 52.26 -15.88
N GLY H 376 -58.43 51.05 -16.22
CA GLY H 376 -58.52 49.93 -15.29
C GLY H 376 -57.39 49.81 -14.28
N CYS H 377 -56.16 49.89 -14.77
CA CYS H 377 -55.00 49.58 -13.94
C CYS H 377 -54.31 50.84 -13.50
N GLN H 378 -54.95 51.61 -12.65
CA GLN H 378 -54.46 52.96 -12.40
C GLN H 378 -53.24 52.96 -11.49
N GLU H 379 -52.84 51.78 -11.05
CA GLU H 379 -51.72 51.71 -10.12
C GLU H 379 -50.40 51.52 -10.86
N LEU H 380 -50.46 51.30 -12.18
CA LEU H 380 -49.28 51.08 -13.04
C LEU H 380 -48.09 52.02 -12.80
N GLU H 381 -46.91 51.45 -12.55
CA GLU H 381 -45.71 52.23 -12.37
C GLU H 381 -44.77 52.09 -13.57
N TYR H 382 -44.88 50.97 -14.29
CA TYR H 382 -44.04 50.69 -15.44
C TYR H 382 -44.91 50.15 -16.57
N MET H 383 -44.90 50.83 -17.69
CA MET H 383 -45.63 50.39 -18.85
C MET H 383 -44.77 50.50 -20.13
N ALA H 384 -44.52 49.36 -20.76
CA ALA H 384 -43.74 49.36 -21.99
C ALA H 384 -44.46 48.51 -23.00
N VAL H 385 -44.70 49.10 -24.17
CA VAL H 385 -45.67 48.59 -25.11
C VAL H 385 -45.23 48.77 -26.56
N TYR H 386 -45.24 47.69 -27.33
CA TYR H 386 -45.09 47.80 -28.77
C TYR H 386 -46.50 47.77 -29.29
N VAL H 387 -46.88 48.87 -29.91
CA VAL H 387 -48.27 49.09 -30.27
C VAL H 387 -48.44 49.13 -31.80
N SER H 388 -49.53 48.58 -32.32
CA SER H 388 -49.73 48.56 -33.78
C SER H 388 -50.38 49.82 -34.33
N ASP H 389 -50.97 50.64 -33.47
CA ASP H 389 -51.62 51.88 -33.89
C ASP H 389 -51.93 52.75 -32.66
N ILE H 390 -51.62 54.04 -32.70
CA ILE H 390 -52.02 54.96 -31.63
C ILE H 390 -52.85 56.16 -32.06
N THR H 391 -53.39 56.83 -31.06
CA THR H 391 -54.19 58.01 -31.28
C THR H 391 -53.79 58.97 -30.17
N ASN H 392 -53.82 60.26 -30.46
CA ASN H 392 -53.58 61.27 -29.43
C ASN H 392 -54.46 61.03 -28.19
N GLU H 393 -55.64 60.45 -28.40
CA GLU H 393 -56.60 60.31 -27.29
C GLU H 393 -56.09 59.35 -26.22
N SER H 394 -55.46 58.28 -26.68
CA SER H 394 -54.96 57.25 -25.78
C SER H 394 -53.81 57.80 -24.94
N LEU H 395 -52.88 58.51 -25.56
CA LEU H 395 -51.85 59.14 -24.77
C LEU H 395 -52.49 60.05 -23.73
N GLU H 396 -53.54 60.76 -24.11
CA GLU H 396 -54.21 61.67 -23.17
C GLU H 396 -54.73 60.93 -21.94
N SER H 397 -55.35 59.75 -22.15
CA SER H 397 -55.93 59.01 -21.04
C SER H 397 -54.88 58.42 -20.11
N ILE H 398 -53.75 57.97 -20.67
CA ILE H 398 -52.58 57.56 -19.89
C ILE H 398 -52.24 58.67 -18.92
N GLY H 399 -52.11 59.87 -19.47
CA GLY H 399 -51.76 61.04 -18.69
C GLY H 399 -52.80 61.44 -17.66
N THR H 400 -54.06 61.11 -17.92
CA THR H 400 -55.08 61.53 -17.00
C THR H 400 -55.31 60.55 -15.83
N TYR H 401 -55.31 59.25 -16.16
CA TYR H 401 -55.64 58.21 -15.19
C TYR H 401 -54.50 57.62 -14.37
N LEU H 402 -53.42 57.22 -15.03
CA LEU H 402 -52.34 56.54 -14.30
C LEU H 402 -51.17 57.46 -13.98
N LYS H 403 -51.35 58.20 -12.89
CA LYS H 403 -50.26 58.98 -12.31
C LYS H 403 -49.28 57.98 -11.79
N ASN H 404 -48.34 58.45 -10.99
CA ASN H 404 -47.25 57.60 -10.51
C ASN H 404 -46.77 56.47 -11.45
N LEU H 405 -46.83 56.74 -12.76
CA LEU H 405 -46.11 56.00 -13.77
C LEU H 405 -44.70 56.53 -13.66
N CYS H 406 -43.71 55.65 -13.60
CA CYS H 406 -42.31 56.08 -13.48
C CYS H 406 -41.51 55.85 -14.75
N ASP H 407 -41.96 54.94 -15.59
CA ASP H 407 -41.20 54.48 -16.72
C ASP H 407 -42.26 54.14 -17.76
N PHE H 408 -42.28 54.90 -18.84
CA PHE H 408 -43.24 54.65 -19.89
C PHE H 408 -42.50 54.53 -21.22
N ARG H 409 -42.76 53.45 -21.96
CA ARG H 409 -42.13 53.24 -23.28
C ARG H 409 -43.15 52.79 -24.29
N LEU H 410 -43.19 53.48 -25.42
CA LEU H 410 -44.13 53.19 -26.48
C LEU H 410 -43.33 53.12 -27.79
N VAL H 411 -43.53 52.08 -28.56
CA VAL H 411 -42.88 52.00 -29.86
C VAL H 411 -43.97 51.65 -30.83
N LEU H 412 -44.18 52.40 -31.92
CA LEU H 412 -45.17 51.92 -32.85
C LEU H 412 -44.60 51.12 -34.01
N LEU H 413 -45.15 49.91 -34.18
CA LEU H 413 -44.67 48.97 -35.16
C LEU H 413 -44.67 49.58 -36.54
N ASP H 414 -43.96 48.98 -37.47
CA ASP H 414 -43.94 49.53 -38.80
C ASP H 414 -44.89 48.78 -39.73
N ARG H 415 -45.53 47.74 -39.20
CA ARG H 415 -46.43 46.88 -39.98
C ARG H 415 -47.57 47.63 -40.68
N GLU H 416 -48.39 48.32 -39.88
CA GLU H 416 -49.52 49.08 -40.41
C GLU H 416 -49.14 50.21 -41.37
N GLU H 417 -49.96 50.39 -42.39
CA GLU H 417 -49.76 51.46 -43.36
C GLU H 417 -50.37 52.77 -42.87
N ARG H 418 -51.66 52.73 -42.53
CA ARG H 418 -52.35 53.93 -42.04
C ARG H 418 -52.39 53.91 -40.53
N ILE H 419 -51.94 55.01 -39.91
CA ILE H 419 -52.10 55.16 -38.47
C ILE H 419 -53.18 56.22 -38.24
N THR H 420 -54.23 55.84 -37.51
CA THR H 420 -55.38 56.72 -37.30
C THR H 420 -55.04 58.21 -37.42
N ASP H 421 -54.66 58.87 -36.33
CA ASP H 421 -54.20 60.26 -36.46
C ASP H 421 -52.74 60.30 -36.08
N LEU H 422 -51.90 60.93 -36.90
CA LEU H 422 -50.48 60.72 -36.62
C LEU H 422 -49.75 61.76 -35.79
N PRO H 423 -49.65 63.02 -36.26
CA PRO H 423 -48.89 63.97 -35.43
C PRO H 423 -49.33 63.92 -33.95
N LEU H 424 -48.45 63.46 -33.06
CA LEU H 424 -48.86 63.06 -31.71
C LEU H 424 -48.59 64.13 -30.67
N ASP H 425 -48.24 65.32 -31.14
CA ASP H 425 -47.85 66.41 -30.25
C ASP H 425 -48.76 66.61 -29.03
N ASN H 426 -50.07 66.64 -29.25
CA ASN H 426 -50.94 67.05 -28.15
C ASN H 426 -51.11 65.92 -27.15
N GLY H 427 -50.96 64.70 -27.62
CA GLY H 427 -51.00 63.53 -26.76
C GLY H 427 -49.78 63.43 -25.85
N VAL H 428 -48.58 63.50 -26.44
CA VAL H 428 -47.37 63.43 -25.67
C VAL H 428 -47.42 64.49 -24.59
N ARG H 429 -47.87 65.67 -24.98
CA ARG H 429 -47.90 66.81 -24.08
C ARG H 429 -48.76 66.57 -22.82
N SER H 430 -49.94 65.99 -22.98
CA SER H 430 -50.77 65.78 -21.81
C SER H 430 -50.27 64.60 -21.00
N LEU H 431 -49.66 63.64 -21.69
CA LEU H 431 -49.07 62.46 -21.04
C LEU H 431 -47.99 62.91 -20.07
N LEU H 432 -47.08 63.73 -20.58
CA LEU H 432 -45.96 64.24 -19.80
C LEU H 432 -46.44 65.18 -18.70
N ILE H 433 -47.62 65.74 -18.87
CA ILE H 433 -48.14 66.69 -17.90
C ILE H 433 -48.84 65.99 -16.73
N GLY H 434 -49.58 64.92 -17.04
CA GLY H 434 -50.24 64.11 -16.04
C GLY H 434 -49.35 63.15 -15.27
N CYS H 435 -48.44 62.45 -15.96
CA CYS H 435 -47.52 61.53 -15.31
C CYS H 435 -46.28 62.26 -14.88
N LYS H 436 -46.35 63.00 -13.80
CA LYS H 436 -45.24 63.86 -13.45
C LYS H 436 -44.22 63.16 -12.58
N LYS H 437 -44.42 61.86 -12.35
CA LYS H 437 -43.45 61.12 -11.57
C LYS H 437 -42.41 60.49 -12.52
N LEU H 438 -42.61 60.70 -13.81
CA LEU H 438 -41.88 60.00 -14.87
C LEU H 438 -40.36 60.24 -14.86
N ARG H 439 -39.58 59.15 -14.75
CA ARG H 439 -38.11 59.22 -14.72
C ARG H 439 -37.47 58.66 -15.98
N ARG H 440 -38.15 57.72 -16.64
CA ARG H 440 -37.64 57.09 -17.81
C ARG H 440 -38.71 57.12 -18.88
N PHE H 441 -38.33 57.43 -20.11
CA PHE H 441 -39.31 57.70 -21.14
C PHE H 441 -38.78 57.31 -22.52
N ALA H 442 -39.52 56.44 -23.22
CA ALA H 442 -39.10 56.04 -24.57
C ALA H 442 -40.25 56.20 -25.51
N PHE H 443 -39.98 56.80 -26.66
CA PHE H 443 -41.04 57.21 -27.61
C PHE H 443 -40.50 57.01 -29.00
N TYR H 444 -40.88 55.92 -29.64
CA TYR H 444 -40.24 55.48 -30.87
C TYR H 444 -41.30 55.33 -31.96
N LEU H 445 -41.28 56.24 -32.93
CA LEU H 445 -42.34 56.28 -33.93
C LEU H 445 -41.94 55.99 -35.40
N ARG H 446 -42.61 56.69 -36.31
CA ARG H 446 -42.37 56.63 -37.75
C ARG H 446 -42.26 58.09 -38.20
N GLN H 447 -41.78 58.38 -39.41
CA GLN H 447 -41.40 59.78 -39.70
C GLN H 447 -42.50 60.80 -39.40
N GLY H 448 -43.69 60.59 -39.93
CA GLY H 448 -44.76 61.55 -39.64
C GLY H 448 -45.06 61.75 -38.16
N GLY H 449 -44.48 60.92 -37.31
CA GLY H 449 -44.97 60.76 -35.95
C GLY H 449 -45.09 61.99 -35.09
N LEU H 450 -44.08 62.82 -35.09
CA LEU H 450 -44.08 63.94 -34.18
C LEU H 450 -43.43 65.13 -34.85
N THR H 451 -43.93 66.32 -34.56
CA THR H 451 -43.46 67.53 -35.23
C THR H 451 -42.52 68.26 -34.31
N ASP H 452 -41.73 69.16 -34.86
CA ASP H 452 -40.80 69.97 -34.05
C ASP H 452 -41.53 70.58 -32.86
N LEU H 453 -42.83 70.81 -33.01
CA LEU H 453 -43.56 71.42 -31.93
C LEU H 453 -43.73 70.39 -30.81
N GLY H 454 -44.05 69.16 -31.19
CA GLY H 454 -44.18 68.09 -30.24
C GLY H 454 -42.85 67.79 -29.54
N LEU H 455 -41.79 67.78 -30.33
CA LEU H 455 -40.48 67.50 -29.80
C LEU H 455 -40.12 68.52 -28.73
N SER H 456 -40.55 69.76 -28.91
CA SER H 456 -40.22 70.77 -27.92
C SER H 456 -41.06 70.54 -26.68
N TYR H 457 -42.26 69.95 -26.87
CA TYR H 457 -43.15 69.63 -25.76
C TYR H 457 -42.49 68.64 -24.82
N ILE H 458 -41.83 67.64 -25.44
CA ILE H 458 -41.18 66.58 -24.67
C ILE H 458 -40.11 67.18 -23.80
N GLY H 459 -39.34 68.10 -24.38
CA GLY H 459 -38.31 68.82 -23.63
C GLY H 459 -38.87 69.76 -22.58
N GLN H 460 -40.09 70.25 -22.84
CA GLN H 460 -40.73 71.23 -21.96
C GLN H 460 -41.41 70.59 -20.77
N TYR H 461 -42.03 69.43 -20.98
CA TYR H 461 -42.82 68.81 -19.91
C TYR H 461 -42.26 67.50 -19.23
N SER H 462 -40.94 67.39 -19.11
CA SER H 462 -40.36 66.18 -18.56
C SER H 462 -39.23 66.51 -17.60
N PRO H 463 -39.56 67.29 -16.58
CA PRO H 463 -38.62 67.78 -15.56
C PRO H 463 -37.93 66.67 -14.77
N ASN H 464 -38.56 65.49 -14.67
CA ASN H 464 -37.99 64.41 -13.86
C ASN H 464 -37.31 63.30 -14.64
N VAL H 465 -37.34 63.38 -15.95
CA VAL H 465 -36.84 62.34 -16.79
C VAL H 465 -35.31 62.30 -16.81
N ARG H 466 -34.76 61.16 -16.42
CA ARG H 466 -33.34 60.93 -16.42
C ARG H 466 -32.87 60.28 -17.72
N TRP H 467 -33.72 59.43 -18.30
CA TRP H 467 -33.34 58.70 -19.52
C TRP H 467 -34.40 58.80 -20.59
N MET H 468 -33.99 59.05 -21.83
CA MET H 468 -34.93 59.06 -22.95
C MET H 468 -34.39 58.33 -24.15
N LEU H 469 -35.21 57.47 -24.75
CA LEU H 469 -34.95 56.88 -26.06
C LEU H 469 -35.98 57.47 -27.00
N LEU H 470 -35.52 58.27 -27.96
CA LEU H 470 -36.42 58.88 -28.91
C LEU H 470 -36.30 58.22 -30.28
N GLY H 471 -37.47 57.87 -30.84
CA GLY H 471 -37.59 57.06 -32.02
C GLY H 471 -37.45 57.86 -33.30
N TYR H 472 -38.54 58.06 -34.02
CA TYR H 472 -38.38 58.78 -35.28
C TYR H 472 -39.07 60.12 -35.12
N VAL H 473 -38.61 60.89 -34.14
CA VAL H 473 -39.29 62.12 -33.84
C VAL H 473 -38.72 63.33 -34.56
N GLY H 474 -39.49 64.42 -34.53
CA GLY H 474 -39.12 65.67 -35.17
C GLY H 474 -39.24 65.68 -36.68
N GLU H 475 -39.08 66.87 -37.24
CA GLU H 475 -39.05 67.09 -38.68
C GLU H 475 -37.74 67.75 -39.12
N SER H 476 -37.17 68.60 -38.26
CA SER H 476 -35.90 69.26 -38.58
C SER H 476 -35.07 69.62 -37.35
N ASP H 477 -33.85 70.10 -37.58
CA ASP H 477 -33.00 70.58 -36.49
C ASP H 477 -33.72 71.51 -35.52
N GLU H 478 -34.76 72.21 -35.99
CA GLU H 478 -35.50 73.13 -35.14
C GLU H 478 -36.03 72.40 -33.92
N GLY H 479 -36.43 71.15 -34.14
CA GLY H 479 -37.02 70.35 -33.09
C GLY H 479 -36.01 69.96 -32.03
N LEU H 480 -34.86 69.49 -32.49
CA LEU H 480 -33.83 69.05 -31.59
C LEU H 480 -33.43 70.22 -30.72
N MET H 481 -33.23 71.38 -31.36
CA MET H 481 -32.77 72.55 -30.62
C MET H 481 -33.84 73.04 -29.62
N GLU H 482 -35.09 73.04 -30.03
CA GLU H 482 -36.15 73.42 -29.10
C GLU H 482 -36.20 72.47 -27.89
N PHE H 483 -36.17 71.17 -28.20
CA PHE H 483 -36.06 70.10 -27.22
C PHE H 483 -34.91 70.39 -26.27
N SER H 484 -33.76 70.72 -26.84
CA SER H 484 -32.55 70.92 -26.06
C SER H 484 -32.60 72.02 -24.99
N ARG H 485 -33.59 72.88 -25.03
CA ARG H 485 -33.58 73.93 -24.02
C ARG H 485 -34.37 73.49 -22.82
N GLY H 486 -34.84 72.24 -22.86
CA GLY H 486 -35.55 71.64 -21.74
C GLY H 486 -34.77 70.55 -21.02
N CYS H 487 -35.48 69.50 -20.54
CA CYS H 487 -34.86 68.29 -20.00
C CYS H 487 -33.85 68.65 -18.92
N PRO H 488 -34.32 69.33 -17.89
CA PRO H 488 -33.43 69.84 -16.86
C PRO H 488 -32.62 68.71 -16.26
N ASN H 489 -33.19 67.50 -16.26
CA ASN H 489 -32.59 66.34 -15.61
C ASN H 489 -32.26 65.17 -16.48
N LEU H 490 -32.17 65.35 -17.80
CA LEU H 490 -31.84 64.31 -18.73
C LEU H 490 -30.38 63.95 -18.55
N GLN H 491 -30.10 62.67 -18.23
CA GLN H 491 -28.72 62.22 -18.02
C GLN H 491 -28.24 61.39 -19.17
N LYS H 492 -29.15 60.57 -19.70
CA LYS H 492 -28.78 59.65 -20.75
C LYS H 492 -29.77 59.82 -21.90
N LEU H 493 -29.28 60.11 -23.10
CA LEU H 493 -30.17 60.30 -24.25
C LEU H 493 -29.82 59.36 -25.42
N GLU H 494 -30.78 58.56 -25.87
CA GLU H 494 -30.59 57.59 -26.98
C GLU H 494 -31.58 57.94 -28.10
N MET H 495 -31.06 58.27 -29.28
CA MET H 495 -31.93 58.60 -30.40
C MET H 495 -31.50 57.78 -31.57
N ARG H 496 -32.44 57.14 -32.25
CA ARG H 496 -32.07 56.57 -33.54
C ARG H 496 -33.14 56.87 -34.56
N GLY H 497 -32.77 56.85 -35.84
CA GLY H 497 -33.73 57.13 -36.90
C GLY H 497 -34.17 58.58 -36.93
N CYS H 498 -33.32 59.49 -36.47
CA CYS H 498 -33.62 60.92 -36.56
C CYS H 498 -32.82 61.66 -37.64
N CYS H 499 -33.45 62.71 -38.17
CA CYS H 499 -32.89 63.45 -39.29
C CYS H 499 -31.76 64.37 -38.88
N PHE H 500 -31.78 64.84 -37.63
CA PHE H 500 -30.85 65.88 -37.15
C PHE H 500 -29.40 65.82 -37.69
N SER H 501 -28.78 66.97 -37.82
CA SER H 501 -27.46 67.06 -38.44
C SER H 501 -26.40 67.03 -37.38
N GLU H 502 -25.17 66.79 -37.78
CA GLU H 502 -24.06 66.79 -36.84
C GLU H 502 -24.03 68.04 -35.97
N ARG H 503 -24.14 69.24 -36.56
CA ARG H 503 -23.99 70.47 -35.75
C ARG H 503 -25.15 70.67 -34.79
N ALA H 504 -26.31 70.15 -35.15
CA ALA H 504 -27.48 70.22 -34.29
C ALA H 504 -27.33 69.33 -33.06
N ILE H 505 -26.90 68.08 -33.30
CA ILE H 505 -26.55 67.16 -32.22
C ILE H 505 -25.57 67.87 -31.27
N ALA H 506 -24.47 68.35 -31.85
CA ALA H 506 -23.43 68.97 -31.05
C ALA H 506 -23.95 70.17 -30.29
N ALA H 507 -24.89 70.88 -30.88
CA ALA H 507 -25.36 72.07 -30.20
C ALA H 507 -26.37 71.76 -29.07
N ALA H 508 -27.22 70.77 -29.30
CA ALA H 508 -28.11 70.26 -28.28
C ALA H 508 -27.34 69.72 -27.05
N VAL H 509 -26.22 69.03 -27.27
CA VAL H 509 -25.48 68.45 -26.16
C VAL H 509 -24.96 69.58 -25.27
N THR H 510 -24.49 70.64 -25.94
CA THR H 510 -24.02 71.83 -25.24
C THR H 510 -25.11 72.47 -24.36
N LYS H 511 -26.35 72.52 -24.85
CA LYS H 511 -27.42 73.13 -24.11
C LYS H 511 -27.92 72.26 -22.96
N LEU H 512 -27.75 70.94 -23.05
CA LEU H 512 -28.33 70.05 -22.04
C LEU H 512 -27.51 70.05 -20.74
N PRO H 513 -28.09 70.65 -19.69
CA PRO H 513 -27.36 70.83 -18.43
C PRO H 513 -26.80 69.47 -17.93
N SER H 514 -27.66 68.44 -17.94
CA SER H 514 -27.42 67.22 -17.19
C SER H 514 -26.83 66.06 -17.96
N LEU H 515 -26.75 66.19 -19.28
CA LEU H 515 -26.34 65.07 -20.12
C LEU H 515 -24.96 64.51 -19.76
N ARG H 516 -24.90 63.19 -19.58
CA ARG H 516 -23.62 62.54 -19.40
C ARG H 516 -23.39 61.33 -20.32
N TYR H 517 -24.39 61.00 -21.11
CA TYR H 517 -24.32 59.89 -22.06
C TYR H 517 -25.18 60.16 -23.27
N LEU H 518 -24.60 59.97 -24.46
CA LEU H 518 -25.35 60.13 -25.70
C LEU H 518 -25.05 59.01 -26.67
N TRP H 519 -26.10 58.38 -27.20
CA TRP H 519 -25.95 57.38 -28.23
C TRP H 519 -26.92 57.80 -29.31
N VAL H 520 -26.41 57.87 -30.55
CA VAL H 520 -27.19 58.28 -31.71
C VAL H 520 -26.88 57.43 -32.92
N GLN H 521 -27.92 56.94 -33.58
CA GLN H 521 -27.75 56.23 -34.84
C GLN H 521 -28.64 56.92 -35.83
N GLY H 522 -28.12 57.15 -37.04
CA GLY H 522 -28.84 57.87 -38.08
C GLY H 522 -28.83 59.38 -37.85
N TYR H 523 -28.10 60.10 -38.68
CA TYR H 523 -28.00 61.54 -38.54
C TYR H 523 -27.31 62.10 -39.80
N ARG H 524 -27.64 63.32 -40.21
CA ARG H 524 -27.02 63.91 -41.41
C ARG H 524 -25.53 64.06 -41.16
N ALA H 525 -24.74 63.08 -41.61
CA ALA H 525 -23.29 63.07 -41.35
C ALA H 525 -22.54 64.06 -42.20
N SER H 526 -21.24 63.82 -42.33
CA SER H 526 -20.35 64.54 -43.24
C SER H 526 -18.94 63.95 -43.08
N MET H 527 -18.34 63.46 -44.17
CA MET H 527 -17.01 62.86 -44.11
C MET H 527 -16.06 63.80 -43.35
N THR H 528 -16.30 65.10 -43.51
CA THR H 528 -15.58 66.14 -42.74
C THR H 528 -15.29 65.62 -41.32
N GLY H 529 -16.34 65.13 -40.66
CA GLY H 529 -16.28 64.70 -39.28
C GLY H 529 -16.41 65.88 -38.36
N GLN H 530 -15.85 67.02 -38.79
CA GLN H 530 -15.49 68.14 -37.92
C GLN H 530 -16.64 68.95 -37.32
N ASP H 531 -17.88 68.51 -37.51
CA ASP H 531 -18.99 69.30 -37.00
C ASP H 531 -19.35 68.81 -35.62
N LEU H 532 -19.22 67.51 -35.41
CA LEU H 532 -19.37 66.95 -34.08
C LEU H 532 -18.43 67.67 -33.12
N MET H 533 -17.28 68.07 -33.64
CA MET H 533 -16.25 68.69 -32.80
C MET H 533 -16.72 69.90 -32.04
N GLN H 534 -17.88 70.45 -32.39
CA GLN H 534 -18.24 71.71 -31.77
C GLN H 534 -18.86 71.47 -30.39
N MET H 535 -18.77 70.21 -29.95
CA MET H 535 -19.15 69.83 -28.59
C MET H 535 -17.97 69.29 -27.81
N ALA H 536 -16.77 69.43 -28.35
CA ALA H 536 -15.55 69.04 -27.62
C ALA H 536 -15.42 69.82 -26.36
N ARG H 537 -15.59 69.14 -25.22
CA ARG H 537 -15.43 69.72 -23.89
C ARG H 537 -14.33 68.87 -23.31
N PRO H 538 -13.74 69.31 -22.20
CA PRO H 538 -12.83 68.47 -21.40
C PRO H 538 -13.61 67.34 -20.72
N TYR H 539 -13.00 66.15 -20.63
CA TYR H 539 -13.59 64.96 -20.04
C TYR H 539 -14.71 64.33 -20.85
N TRP H 540 -14.92 64.78 -22.08
CA TRP H 540 -16.05 64.35 -22.87
C TRP H 540 -15.48 63.50 -23.99
N ASN H 541 -15.74 62.21 -23.91
CA ASN H 541 -15.22 61.27 -24.87
C ASN H 541 -16.23 61.09 -25.99
N ILE H 542 -15.83 61.31 -27.23
CA ILE H 542 -16.76 60.95 -28.32
C ILE H 542 -16.16 59.76 -29.12
N GLU H 543 -16.98 58.74 -29.38
CA GLU H 543 -16.59 57.58 -30.15
C GLU H 543 -17.52 57.38 -31.33
N LEU H 544 -16.97 57.06 -32.50
CA LEU H 544 -17.80 56.74 -33.65
C LEU H 544 -17.72 55.28 -34.02
N ILE H 545 -18.86 54.65 -34.26
CA ILE H 545 -18.87 53.34 -34.89
C ILE H 545 -19.33 53.52 -36.32
N PRO H 546 -18.39 53.54 -37.27
CA PRO H 546 -18.61 53.89 -38.68
C PRO H 546 -19.68 53.05 -39.37
N SER H 547 -20.11 53.52 -40.54
CA SER H 547 -21.27 52.96 -41.26
C SER H 547 -21.04 51.60 -41.93
N ARG H 548 -20.30 50.71 -41.27
CA ARG H 548 -20.03 49.40 -41.83
C ARG H 548 -21.29 48.53 -41.82
N HIS H 564 -24.98 48.90 -40.76
CA HIS H 564 -25.84 49.86 -40.08
C HIS H 564 -25.20 51.25 -40.15
N PRO H 565 -26.02 52.34 -40.10
CA PRO H 565 -25.58 53.76 -40.15
C PRO H 565 -24.65 54.18 -39.01
N ALA H 566 -23.74 55.14 -39.25
CA ALA H 566 -22.77 55.51 -38.22
C ALA H 566 -23.41 55.70 -36.85
N HIS H 567 -22.75 55.25 -35.79
CA HIS H 567 -23.24 55.53 -34.45
C HIS H 567 -22.37 56.58 -33.80
N ILE H 568 -22.99 57.36 -32.91
CA ILE H 568 -22.23 58.26 -32.08
C ILE H 568 -22.39 57.85 -30.65
N LEU H 569 -21.30 57.61 -29.95
CA LEU H 569 -21.40 57.35 -28.52
C LEU H 569 -20.56 58.41 -27.80
N ALA H 570 -21.13 59.13 -26.86
CA ALA H 570 -20.35 60.10 -26.13
C ALA H 570 -20.72 60.13 -24.64
N TYR H 571 -19.73 60.26 -23.76
CA TYR H 571 -19.96 60.17 -22.31
C TYR H 571 -18.86 60.90 -21.56
N TYR H 572 -19.18 61.40 -20.38
CA TYR H 572 -18.15 61.99 -19.53
C TYR H 572 -17.34 60.89 -18.88
N SER H 573 -16.05 61.14 -18.70
CA SER H 573 -15.18 60.22 -18.00
C SER H 573 -14.01 60.93 -17.39
N LEU H 574 -13.73 60.56 -16.16
CA LEU H 574 -12.58 61.07 -15.47
C LEU H 574 -11.27 60.39 -15.91
N ALA H 575 -11.37 59.43 -16.84
CA ALA H 575 -10.25 58.51 -17.10
C ALA H 575 -9.47 58.78 -18.37
N GLY H 576 -10.10 59.49 -19.28
CA GLY H 576 -9.53 59.74 -20.58
C GLY H 576 -10.02 58.70 -21.55
N GLN H 577 -9.49 58.75 -22.76
CA GLN H 577 -9.94 57.81 -23.78
C GLN H 577 -9.55 56.38 -23.43
N ARG H 578 -10.48 55.46 -23.68
CA ARG H 578 -10.21 54.05 -23.47
C ARG H 578 -9.02 53.56 -24.30
N THR H 579 -8.21 52.72 -23.68
CA THR H 579 -7.11 52.05 -24.32
C THR H 579 -7.56 50.93 -25.28
N ASP H 580 -8.78 50.42 -25.09
CA ASP H 580 -9.11 49.09 -25.60
C ASP H 580 -10.11 49.04 -26.73
N CYS H 581 -10.16 50.08 -27.55
CA CYS H 581 -11.04 50.09 -28.70
C CYS H 581 -10.66 49.09 -29.77
N PRO H 582 -11.68 48.49 -30.38
CA PRO H 582 -11.59 47.66 -31.57
C PRO H 582 -11.18 48.51 -32.74
N THR H 583 -10.96 47.87 -33.89
CA THR H 583 -10.71 48.57 -35.13
C THR H 583 -11.98 49.21 -35.68
N THR H 584 -13.11 48.57 -35.46
CA THR H 584 -14.42 49.12 -35.86
C THR H 584 -14.90 50.37 -35.14
N VAL H 585 -14.09 50.90 -34.22
CA VAL H 585 -14.49 52.06 -33.44
C VAL H 585 -13.42 53.14 -33.52
N ARG H 586 -13.80 54.33 -33.98
CA ARG H 586 -12.84 55.43 -34.13
C ARG H 586 -13.04 56.47 -33.04
N VAL H 587 -11.98 56.84 -32.35
CA VAL H 587 -12.07 57.86 -31.31
C VAL H 587 -11.85 59.21 -31.95
N LEU H 588 -12.80 60.11 -31.76
CA LEU H 588 -12.71 61.43 -32.36
C LEU H 588 -11.88 62.35 -31.47
N LYS H 589 -10.77 62.85 -32.01
CA LYS H 589 -9.95 63.87 -31.35
C LYS H 589 -9.77 65.08 -32.26
N GLU H 590 -9.25 66.18 -31.70
CA GLU H 590 -9.10 67.45 -32.43
C GLU H 590 -8.34 67.29 -33.76
N PRO H 591 -8.45 68.31 -34.66
CA PRO H 591 -7.93 68.22 -36.04
C PRO H 591 -7.02 67.01 -36.33
N ILE H 592 -7.44 66.21 -37.31
CA ILE H 592 -6.75 64.98 -37.71
C ILE H 592 -5.32 65.24 -38.22
N ARG I 1 -35.79 44.75 -32.49
CA ARG I 1 -35.69 43.28 -32.52
C ARG I 1 -34.81 42.76 -31.39
N ARG I 2 -35.37 42.73 -30.18
CA ARG I 2 -34.65 42.22 -28.98
C ARG I 2 -33.95 40.87 -29.27
N ALA I 3 -32.80 40.62 -28.63
CA ALA I 3 -32.00 39.40 -28.93
C ALA I 3 -32.48 38.13 -28.22
N SER I 4 -33.31 38.29 -27.18
CA SER I 4 -33.90 37.15 -26.47
C SER I 4 -35.16 36.58 -27.16
N LEU I 5 -35.98 37.47 -27.74
CA LEU I 5 -37.17 37.07 -28.49
C LEU I 5 -36.90 36.72 -29.96
N HIS I 6 -35.75 37.15 -30.49
CA HIS I 6 -35.34 36.80 -31.85
C HIS I 6 -34.90 35.34 -31.90
N ARG I 7 -34.42 34.86 -30.75
CA ARG I 7 -34.06 33.47 -30.57
C ARG I 7 -35.32 32.61 -30.42
N PHE I 8 -36.33 33.15 -29.75
CA PHE I 8 -37.60 32.44 -29.53
C PHE I 8 -38.52 32.44 -30.75
N LEU I 9 -38.70 33.60 -31.39
CA LEU I 9 -39.61 33.72 -32.54
C LEU I 9 -39.23 32.72 -33.63
N GLU I 10 -38.00 32.20 -33.55
CA GLU I 10 -37.51 31.19 -34.49
C GLU I 10 -37.52 29.76 -33.94
N LYS I 11 -37.28 29.61 -32.63
CA LYS I 11 -37.46 28.33 -31.96
C LYS I 11 -38.94 27.96 -31.90
N ARG I 12 -39.78 28.96 -32.13
CA ARG I 12 -41.23 28.80 -32.18
C ARG I 12 -41.64 28.15 -33.50
N LYS I 13 -41.38 28.85 -34.60
CA LYS I 13 -41.67 28.33 -35.95
C LYS I 13 -40.77 27.13 -36.28
N LYS J 5 -58.29 -35.60 -15.58
CA LYS J 5 -58.39 -37.06 -15.68
C LYS J 5 -57.21 -37.73 -16.39
N ILE J 6 -56.54 -38.67 -15.71
CA ILE J 6 -55.36 -39.37 -16.26
C ILE J 6 -55.53 -40.89 -16.34
N VAL J 7 -54.89 -41.51 -17.33
CA VAL J 7 -54.98 -42.96 -17.50
C VAL J 7 -53.74 -43.68 -16.99
N LEU J 8 -53.94 -44.67 -16.13
CA LEU J 8 -52.83 -45.49 -15.63
C LEU J 8 -52.96 -46.90 -16.17
N LYS J 9 -51.95 -47.35 -16.90
CA LYS J 9 -52.00 -48.69 -17.49
C LYS J 9 -51.23 -49.73 -16.65
N SER J 10 -51.97 -50.57 -15.95
CA SER J 10 -51.43 -51.63 -15.08
C SER J 10 -50.62 -52.70 -15.80
N SER J 11 -50.02 -53.60 -15.04
CA SER J 11 -49.03 -54.55 -15.57
C SER J 11 -49.67 -55.78 -16.15
N ASP J 12 -50.83 -55.61 -16.75
CA ASP J 12 -51.51 -56.71 -17.38
C ASP J 12 -52.59 -56.14 -18.30
N GLY J 13 -52.25 -55.01 -18.92
CA GLY J 13 -53.16 -54.31 -19.80
C GLY J 13 -54.50 -54.03 -19.15
N GLU J 14 -54.56 -52.99 -18.35
CA GLU J 14 -55.77 -52.68 -17.62
C GLU J 14 -55.81 -51.19 -17.39
N SER J 15 -56.51 -50.47 -18.25
CA SER J 15 -56.60 -49.04 -18.08
C SER J 15 -57.34 -48.64 -16.80
N PHE J 16 -56.89 -47.56 -16.19
CA PHE J 16 -57.53 -47.01 -15.01
C PHE J 16 -57.84 -45.50 -15.14
N GLU J 17 -59.11 -45.17 -15.12
CA GLU J 17 -59.54 -43.79 -15.16
C GLU J 17 -59.39 -43.21 -13.76
N VAL J 18 -58.49 -42.25 -13.58
CA VAL J 18 -58.31 -41.66 -12.26
C VAL J 18 -58.18 -40.14 -12.32
N GLU J 19 -58.60 -39.47 -11.27
CA GLU J 19 -58.65 -38.01 -11.26
C GLU J 19 -57.25 -37.41 -11.25
N GLU J 20 -57.19 -36.12 -11.56
CA GLU J 20 -55.94 -35.39 -11.57
C GLU J 20 -55.19 -35.56 -10.25
N ALA J 21 -55.68 -34.90 -9.20
CA ALA J 21 -54.96 -34.83 -7.94
C ALA J 21 -54.79 -36.18 -7.24
N VAL J 22 -55.51 -37.20 -7.70
CA VAL J 22 -55.35 -38.54 -7.13
C VAL J 22 -54.08 -39.19 -7.67
N ALA J 23 -53.89 -39.14 -8.98
CA ALA J 23 -52.70 -39.71 -9.59
C ALA J 23 -51.44 -38.95 -9.21
N LEU J 24 -51.61 -37.72 -8.71
CA LEU J 24 -50.46 -36.88 -8.37
C LEU J 24 -49.90 -37.14 -6.98
N GLU J 25 -50.59 -37.96 -6.20
CA GLU J 25 -50.03 -38.40 -4.92
C GLU J 25 -48.70 -39.13 -5.17
N SER J 26 -48.61 -39.82 -6.31
CA SER J 26 -47.38 -40.48 -6.71
C SER J 26 -46.43 -39.54 -7.39
N GLN J 27 -45.33 -39.19 -6.73
CA GLN J 27 -44.33 -38.34 -7.36
C GLN J 27 -43.71 -38.99 -8.58
N THR J 28 -43.91 -40.29 -8.75
CA THR J 28 -43.41 -40.98 -9.94
C THR J 28 -44.31 -40.70 -11.13
N ILE J 29 -45.61 -40.58 -10.86
CA ILE J 29 -46.58 -40.24 -11.91
C ILE J 29 -46.64 -38.74 -12.15
N ALA J 30 -46.21 -37.96 -11.16
CA ALA J 30 -46.15 -36.51 -11.32
C ALA J 30 -44.93 -36.07 -12.14
N HIS J 31 -43.75 -36.59 -11.81
CA HIS J 31 -42.52 -36.28 -12.57
C HIS J 31 -42.62 -36.85 -13.98
N MET J 32 -43.79 -37.38 -14.31
CA MET J 32 -44.04 -38.00 -15.60
C MET J 32 -45.16 -37.27 -16.34
N VAL J 33 -45.47 -36.05 -15.89
CA VAL J 33 -46.32 -35.15 -16.65
C VAL J 33 -45.49 -33.96 -17.15
N GLU J 34 -44.19 -34.00 -16.86
CA GLU J 34 -43.23 -33.06 -17.45
C GLU J 34 -42.96 -33.50 -18.88
N ASP J 35 -42.21 -34.57 -19.02
CA ASP J 35 -42.01 -35.24 -20.30
C ASP J 35 -43.27 -36.00 -20.72
N ASP J 36 -44.42 -35.49 -20.26
CA ASP J 36 -45.73 -36.12 -20.42
C ASP J 36 -45.79 -37.33 -21.35
N CYS J 37 -45.66 -38.53 -20.78
CA CYS J 37 -45.93 -39.76 -21.52
C CYS J 37 -47.44 -39.97 -21.54
N VAL J 38 -48.16 -39.09 -20.85
CA VAL J 38 -49.60 -39.22 -20.68
C VAL J 38 -50.34 -39.36 -22.01
N ASP J 39 -49.67 -39.02 -23.10
CA ASP J 39 -50.24 -39.16 -24.44
C ASP J 39 -50.84 -40.55 -24.65
N ASN J 40 -50.17 -41.57 -24.11
CA ASN J 40 -50.61 -42.94 -24.26
C ASN J 40 -51.00 -43.55 -22.90
N GLY J 41 -51.25 -42.68 -21.92
CA GLY J 41 -51.48 -43.10 -20.55
C GLY J 41 -50.16 -43.48 -19.88
N VAL J 42 -50.03 -43.26 -18.58
CA VAL J 42 -48.77 -43.55 -17.89
C VAL J 42 -48.55 -45.06 -17.77
N PRO J 43 -47.47 -45.57 -18.39
CA PRO J 43 -47.23 -47.00 -18.44
C PRO J 43 -46.52 -47.45 -17.19
N LEU J 44 -47.22 -48.05 -16.26
CA LEU J 44 -46.55 -48.64 -15.11
C LEU J 44 -46.76 -50.17 -14.94
N PRO J 45 -45.92 -50.96 -15.62
CA PRO J 45 -46.02 -52.42 -15.73
C PRO J 45 -45.38 -53.20 -14.59
N ASN J 46 -45.26 -52.61 -13.42
CA ASN J 46 -44.66 -53.31 -12.30
C ASN J 46 -45.64 -53.42 -11.15
N VAL J 47 -46.83 -52.84 -11.32
CA VAL J 47 -47.91 -52.97 -10.35
C VAL J 47 -48.97 -53.86 -10.90
N THR J 48 -49.27 -54.91 -10.15
CA THR J 48 -50.39 -55.78 -10.47
C THR J 48 -51.63 -54.90 -10.57
N SER J 49 -52.62 -55.31 -11.35
CA SER J 49 -53.86 -54.54 -11.47
C SER J 49 -54.68 -54.57 -10.17
N LYS J 50 -54.68 -55.73 -9.52
CA LYS J 50 -55.28 -55.88 -8.20
C LYS J 50 -54.69 -54.91 -7.18
N ILE J 51 -53.37 -54.74 -7.22
CA ILE J 51 -52.65 -53.86 -6.29
C ILE J 51 -52.86 -52.39 -6.63
N LEU J 52 -52.68 -52.06 -7.90
CA LEU J 52 -52.86 -50.68 -8.34
C LEU J 52 -54.23 -50.15 -7.89
N ALA J 53 -55.24 -51.02 -7.98
CA ALA J 53 -56.58 -50.68 -7.55
C ALA J 53 -56.56 -50.25 -6.09
N LYS J 54 -55.91 -51.06 -5.25
CA LYS J 54 -55.84 -50.77 -3.83
C LYS J 54 -55.09 -49.48 -3.58
N VAL J 55 -54.06 -49.21 -4.40
CA VAL J 55 -53.29 -47.95 -4.27
C VAL J 55 -54.16 -46.73 -4.58
N ILE J 56 -54.90 -46.80 -5.68
CA ILE J 56 -55.82 -45.74 -6.05
C ILE J 56 -56.89 -45.50 -4.99
N GLU J 57 -57.47 -46.57 -4.47
CA GLU J 57 -58.39 -46.44 -3.34
C GLU J 57 -57.81 -45.60 -2.17
N TYR J 58 -56.56 -45.88 -1.79
CA TYR J 58 -55.92 -45.18 -0.69
C TYR J 58 -55.74 -43.71 -1.01
N CYS J 59 -55.23 -43.42 -2.19
CA CYS J 59 -55.00 -42.05 -2.63
C CYS J 59 -56.32 -41.28 -2.75
N LYS J 60 -57.32 -41.90 -3.36
CA LYS J 60 -58.65 -41.32 -3.44
C LYS J 60 -59.05 -40.75 -2.07
N ARG J 61 -59.01 -41.59 -1.02
CA ARG J 61 -59.49 -41.21 0.30
C ARG J 61 -58.66 -40.14 0.96
N HIS J 62 -57.36 -40.16 0.74
CA HIS J 62 -56.50 -39.20 1.45
C HIS J 62 -56.60 -37.80 0.85
N VAL J 63 -56.82 -37.74 -0.46
CA VAL J 63 -57.03 -36.47 -1.17
C VAL J 63 -58.29 -35.76 -0.66
N GLU J 64 -59.28 -36.57 -0.25
CA GLU J 64 -60.49 -36.05 0.39
C GLU J 64 -60.24 -35.64 1.83
N ALA J 65 -59.04 -35.16 2.11
CA ALA J 65 -58.77 -34.42 3.32
C ALA J 65 -58.82 -32.94 2.91
N ALA J 66 -59.51 -32.68 1.79
CA ALA J 66 -59.86 -31.32 1.39
C ALA J 66 -60.86 -30.78 2.40
N ALA J 67 -62.05 -31.40 2.44
CA ALA J 67 -62.90 -31.25 3.59
C ALA J 67 -62.01 -31.78 4.70
N SER J 68 -61.54 -30.92 5.59
CA SER J 68 -60.46 -31.30 6.52
C SER J 68 -60.91 -32.16 7.71
N ASP J 80 -59.20 -35.70 10.64
CA ASP J 80 -58.03 -36.52 10.95
C ASP J 80 -58.39 -37.77 11.71
N ASP J 81 -59.35 -37.64 12.62
CA ASP J 81 -59.70 -38.72 13.52
C ASP J 81 -60.22 -39.95 12.77
N ASP J 82 -61.03 -39.72 11.74
CA ASP J 82 -61.64 -40.81 10.98
C ASP J 82 -60.67 -41.44 9.97
N LEU J 83 -59.54 -40.79 9.76
CA LEU J 83 -58.51 -41.31 8.86
C LEU J 83 -57.76 -42.49 9.46
N LYS J 84 -57.22 -42.32 10.67
CA LYS J 84 -56.52 -43.41 11.34
C LYS J 84 -57.45 -44.62 11.45
N ALA J 85 -58.74 -44.36 11.34
CA ALA J 85 -59.74 -45.41 11.34
C ALA J 85 -59.75 -46.14 10.01
N TRP J 86 -59.98 -45.41 8.92
CA TRP J 86 -60.01 -46.01 7.58
C TRP J 86 -58.67 -46.66 7.28
N ASP J 87 -57.59 -45.98 7.66
CA ASP J 87 -56.25 -46.49 7.46
C ASP J 87 -56.11 -47.85 8.13
N ALA J 88 -56.36 -47.91 9.43
CA ALA J 88 -56.25 -49.17 10.16
C ALA J 88 -57.09 -50.27 9.51
N ASP J 89 -58.27 -49.90 9.01
CA ASP J 89 -59.16 -50.88 8.42
C ASP J 89 -58.67 -51.29 7.05
N PHE J 90 -57.91 -50.40 6.43
CA PHE J 90 -57.37 -50.62 5.09
C PHE J 90 -56.26 -51.64 5.15
N MET J 91 -55.60 -51.68 6.31
CA MET J 91 -54.44 -52.53 6.53
C MET J 91 -54.81 -53.92 7.02
N LYS J 92 -56.10 -54.16 7.25
CA LYS J 92 -56.61 -55.49 7.56
C LYS J 92 -56.52 -56.41 6.33
N ILE J 93 -55.31 -56.60 5.82
CA ILE J 93 -55.05 -57.43 4.64
C ILE J 93 -54.03 -58.50 5.03
N ASP J 94 -53.70 -59.36 4.09
CA ASP J 94 -52.74 -60.43 4.35
C ASP J 94 -51.31 -59.97 4.07
N GLN J 95 -50.35 -60.69 4.61
CA GLN J 95 -48.96 -60.33 4.42
C GLN J 95 -48.60 -60.14 2.96
N ALA J 96 -48.70 -61.20 2.16
CA ALA J 96 -48.31 -61.09 0.76
C ALA J 96 -48.82 -59.79 0.11
N THR J 97 -49.95 -59.27 0.59
CA THR J 97 -50.58 -58.13 -0.05
C THR J 97 -50.02 -56.85 0.54
N LEU J 98 -49.74 -56.88 1.84
CA LEU J 98 -49.09 -55.78 2.53
C LEU J 98 -47.75 -55.48 1.90
N PHE J 99 -46.97 -56.52 1.65
CA PHE J 99 -45.66 -56.39 1.04
C PHE J 99 -45.75 -55.83 -0.38
N GLU J 100 -46.72 -56.31 -1.16
CA GLU J 100 -46.88 -55.83 -2.53
C GLU J 100 -47.27 -54.36 -2.54
N LEU J 101 -47.90 -53.90 -1.47
CA LEU J 101 -48.26 -52.50 -1.34
C LEU J 101 -47.03 -51.66 -1.07
N ILE J 102 -46.17 -52.15 -0.17
CA ILE J 102 -44.93 -51.46 0.11
C ILE J 102 -44.12 -51.30 -1.18
N LEU J 103 -43.92 -52.41 -1.89
CA LEU J 103 -43.20 -52.37 -3.14
C LEU J 103 -43.83 -51.38 -4.13
N ALA J 104 -45.14 -51.29 -4.09
CA ALA J 104 -45.87 -50.43 -4.99
C ALA J 104 -45.72 -48.98 -4.59
N ALA J 105 -45.79 -48.70 -3.31
CA ALA J 105 -45.62 -47.32 -2.84
C ALA J 105 -44.24 -46.79 -3.15
N ASN J 106 -43.25 -47.66 -3.08
CA ASN J 106 -41.89 -47.32 -3.42
C ASN J 106 -41.74 -47.13 -4.92
N TYR J 107 -42.38 -47.98 -5.71
CA TYR J 107 -42.36 -47.89 -7.18
C TYR J 107 -42.94 -46.59 -7.72
N LEU J 108 -44.16 -46.27 -7.29
CA LEU J 108 -44.69 -44.93 -7.46
C LEU J 108 -43.90 -44.13 -6.45
N ASN J 109 -44.47 -43.14 -5.78
CA ASN J 109 -43.66 -42.49 -4.75
C ASN J 109 -44.54 -41.84 -3.70
N ILE J 110 -45.33 -42.68 -3.06
CA ILE J 110 -46.35 -42.20 -2.20
C ILE J 110 -45.86 -42.28 -0.78
N LYS J 111 -45.28 -41.19 -0.30
CA LYS J 111 -44.69 -41.19 1.04
C LYS J 111 -45.72 -41.49 2.13
N ASN J 112 -46.95 -41.03 1.99
CA ASN J 112 -47.97 -41.38 2.97
C ASN J 112 -48.18 -42.90 3.04
N LEU J 113 -48.27 -43.56 1.89
CA LEU J 113 -48.55 -44.99 1.83
C LEU J 113 -47.38 -45.89 2.22
N LEU J 114 -46.18 -45.43 1.90
CA LEU J 114 -44.99 -46.16 2.27
C LEU J 114 -44.92 -46.10 3.76
N ASP J 115 -45.01 -44.89 4.32
CA ASP J 115 -44.85 -44.70 5.76
C ASP J 115 -45.84 -45.58 6.50
N LEU J 116 -47.04 -45.75 5.95
CA LEU J 116 -48.05 -46.54 6.62
C LEU J 116 -47.71 -48.01 6.63
N THR J 117 -47.64 -48.57 5.42
CA THR J 117 -47.46 -50.00 5.24
C THR J 117 -46.17 -50.51 5.93
N CYS J 118 -45.03 -49.91 5.62
CA CYS J 118 -43.83 -50.15 6.42
C CYS J 118 -44.08 -50.09 7.95
N GLN J 119 -44.72 -49.02 8.44
CA GLN J 119 -45.02 -48.89 9.86
C GLN J 119 -45.82 -50.07 10.38
N THR J 120 -46.81 -50.49 9.59
CA THR J 120 -47.53 -51.71 9.91
C THR J 120 -46.61 -52.95 10.05
N VAL J 121 -45.80 -53.24 9.03
CA VAL J 121 -44.92 -54.40 9.12
C VAL J 121 -44.02 -54.29 10.33
N ALA J 122 -43.71 -53.07 10.74
CA ALA J 122 -42.79 -52.81 11.85
C ALA J 122 -43.49 -52.95 13.18
N ASP J 123 -44.81 -52.93 13.13
CA ASP J 123 -45.57 -53.07 14.35
C ASP J 123 -45.73 -54.55 14.60
N MET J 124 -45.56 -55.32 13.53
CA MET J 124 -45.60 -56.76 13.67
C MET J 124 -44.30 -57.25 14.35
N ILE J 125 -43.31 -56.38 14.49
CA ILE J 125 -42.00 -56.83 14.98
C ILE J 125 -41.77 -56.39 16.39
N LYS J 126 -42.34 -55.22 16.76
CA LYS J 126 -42.28 -54.67 18.13
C LYS J 126 -42.63 -55.73 19.18
N GLY J 127 -41.79 -55.86 20.19
CA GLY J 127 -42.09 -56.79 21.26
C GLY J 127 -41.56 -58.20 21.03
N LYS J 128 -41.79 -58.75 19.85
CA LYS J 128 -41.50 -60.16 19.62
C LYS J 128 -40.02 -60.50 19.90
N THR J 129 -39.79 -61.77 20.23
CA THR J 129 -38.46 -62.34 20.30
C THR J 129 -37.94 -62.65 18.86
N PRO J 130 -36.62 -62.86 18.73
CA PRO J 130 -36.10 -63.34 17.42
C PRO J 130 -36.85 -64.55 16.92
N GLU J 131 -37.28 -65.43 17.83
CA GLU J 131 -37.97 -66.64 17.42
C GLU J 131 -39.42 -66.29 17.06
N GLU J 132 -40.05 -65.42 17.83
CA GLU J 132 -41.37 -64.98 17.42
C GLU J 132 -41.38 -64.33 15.98
N ILE J 133 -40.37 -63.49 15.67
CA ILE J 133 -40.28 -62.90 14.33
C ILE J 133 -40.18 -64.02 13.32
N ARG J 134 -39.19 -64.89 13.49
CA ARG J 134 -39.01 -65.98 12.52
C ARG J 134 -40.34 -66.73 12.30
N THR J 135 -41.05 -67.03 13.38
CA THR J 135 -42.35 -67.68 13.26
C THR J 135 -43.31 -66.87 12.42
N THR J 136 -43.54 -65.63 12.83
CA THR J 136 -44.57 -64.84 12.17
C THR J 136 -44.28 -64.54 10.70
N PHE J 137 -43.02 -64.55 10.27
CA PHE J 137 -42.67 -64.31 8.84
C PHE J 137 -42.12 -65.55 8.18
N ASN J 138 -42.25 -66.67 8.86
CA ASN J 138 -41.59 -67.92 8.52
C ASN J 138 -40.18 -67.73 8.01
N ILE J 139 -39.33 -67.15 8.85
CA ILE J 139 -37.92 -66.96 8.51
C ILE J 139 -37.13 -68.08 9.18
N LYS J 140 -36.15 -68.61 8.46
CA LYS J 140 -35.31 -69.67 9.01
C LYS J 140 -33.98 -69.14 9.53
N ASN J 141 -33.57 -69.64 10.70
CA ASN J 141 -32.33 -69.19 11.35
C ASN J 141 -31.07 -69.74 10.73
N ASP J 142 -30.46 -68.92 9.89
CA ASP J 142 -29.24 -69.30 9.15
C ASP J 142 -27.92 -69.02 9.88
N PHE J 143 -27.98 -68.57 11.15
CA PHE J 143 -26.79 -68.17 11.94
C PHE J 143 -25.98 -69.38 12.39
N THR J 144 -24.67 -69.19 12.50
CA THR J 144 -23.84 -70.20 13.20
C THR J 144 -23.90 -69.94 14.70
N PRO J 145 -23.97 -70.99 15.52
CA PRO J 145 -24.03 -70.94 16.99
C PRO J 145 -23.07 -69.92 17.59
N GLU J 146 -21.95 -69.77 16.91
CA GLU J 146 -20.88 -68.87 17.28
C GLU J 146 -21.27 -67.40 16.92
N GLU J 147 -21.70 -67.18 15.66
CA GLU J 147 -22.32 -65.93 15.28
C GLU J 147 -23.51 -65.52 16.20
N GLU J 148 -24.50 -66.36 16.39
CA GLU J 148 -25.58 -66.00 17.29
C GLU J 148 -24.99 -65.51 18.60
N GLU J 149 -24.11 -66.30 19.18
CA GLU J 149 -23.59 -65.89 20.47
C GLU J 149 -22.78 -64.57 20.39
N GLU J 150 -21.85 -64.48 19.45
CA GLU J 150 -21.09 -63.24 19.34
C GLU J 150 -22.01 -62.03 19.19
N VAL J 151 -23.18 -62.22 18.61
CA VAL J 151 -24.13 -61.12 18.39
C VAL J 151 -24.92 -60.80 19.66
N ARG J 152 -25.20 -61.80 20.49
CA ARG J 152 -25.88 -61.51 21.73
C ARG J 152 -24.91 -60.81 22.63
N ARG J 153 -23.69 -61.33 22.66
CA ARG J 153 -22.69 -60.70 23.48
C ARG J 153 -22.67 -59.20 23.16
N GLU J 154 -22.50 -58.82 21.90
CA GLU J 154 -22.36 -57.38 21.59
C GLU J 154 -23.55 -56.62 22.09
N ASN J 155 -24.74 -57.18 21.82
CA ASN J 155 -26.05 -56.55 22.03
C ASN J 155 -26.40 -56.33 23.48
N GLN J 156 -25.95 -57.26 24.30
CA GLN J 156 -26.27 -57.27 25.70
C GLN J 156 -25.15 -56.71 26.59
N TRP J 157 -23.90 -56.95 26.24
CA TRP J 157 -22.80 -56.40 26.99
C TRP J 157 -22.32 -55.01 26.51
N ALA J 158 -22.30 -54.77 25.19
CA ALA J 158 -21.68 -53.56 24.59
C ALA J 158 -22.54 -52.42 23.98
N PHE J 159 -23.58 -52.73 23.20
CA PHE J 159 -24.37 -51.69 22.50
C PHE J 159 -25.90 -51.55 22.83
N GLU J 160 -26.32 -50.34 23.25
CA GLU J 160 -27.75 -49.85 23.33
C GLU J 160 -28.39 -49.90 24.73
N SER K 12 -43.89 -66.48 -11.96
CA SER K 12 -43.26 -65.70 -10.88
C SER K 12 -43.72 -66.20 -9.52
N CYS K 13 -43.02 -65.80 -8.47
CA CYS K 13 -43.49 -66.11 -7.13
C CYS K 13 -43.78 -64.78 -6.43
N VAL K 14 -44.55 -64.82 -5.33
CA VAL K 14 -45.04 -63.63 -4.59
C VAL K 14 -44.03 -62.92 -3.68
N ALA K 15 -44.53 -62.11 -2.75
CA ALA K 15 -43.65 -61.29 -1.92
C ALA K 15 -43.47 -61.75 -0.45
N THR K 16 -42.25 -61.64 0.05
CA THR K 16 -41.91 -62.11 1.39
C THR K 16 -41.42 -60.90 2.17
N VAL K 17 -41.31 -60.99 3.49
CA VAL K 17 -40.71 -59.88 4.24
C VAL K 17 -39.40 -59.51 3.66
N ASP K 18 -38.72 -60.51 3.11
CA ASP K 18 -37.38 -60.26 2.61
C ASP K 18 -37.33 -59.20 1.50
N ASP K 19 -38.41 -59.01 0.75
CA ASP K 19 -38.46 -58.03 -0.35
C ASP K 19 -38.64 -56.61 0.15
N VAL K 20 -38.70 -56.45 1.46
CA VAL K 20 -39.31 -55.28 2.02
C VAL K 20 -38.58 -54.87 3.30
N ILE K 21 -37.80 -55.81 3.85
CA ILE K 21 -37.18 -55.60 5.15
C ILE K 21 -36.13 -54.47 5.17
N GLU K 22 -35.37 -54.26 4.09
CA GLU K 22 -34.35 -53.19 4.10
C GLU K 22 -35.02 -51.83 4.29
N GLN K 23 -36.30 -51.76 4.00
CA GLN K 23 -37.01 -50.51 4.08
C GLN K 23 -37.77 -50.42 5.39
N VAL K 24 -38.27 -51.56 5.85
CA VAL K 24 -39.00 -51.58 7.10
C VAL K 24 -38.08 -51.29 8.25
N MET K 25 -36.88 -51.83 8.20
CA MET K 25 -36.03 -51.79 9.38
C MET K 25 -35.91 -50.35 9.87
N THR K 26 -35.87 -49.43 8.92
CA THR K 26 -35.61 -48.03 9.24
C THR K 26 -36.76 -47.41 10.02
N TYR K 27 -37.84 -48.19 10.26
CA TYR K 27 -39.04 -47.70 10.94
C TYR K 27 -39.08 -48.22 12.33
N ILE K 28 -38.10 -49.03 12.65
CA ILE K 28 -38.04 -49.63 13.96
C ILE K 28 -37.01 -48.81 14.69
N THR K 29 -37.45 -48.21 15.79
CA THR K 29 -36.61 -47.25 16.47
C THR K 29 -36.21 -47.79 17.86
N ASP K 30 -37.15 -48.45 18.54
CA ASP K 30 -36.86 -48.98 19.86
C ASP K 30 -35.62 -49.89 19.79
N PRO K 31 -34.54 -49.53 20.51
CA PRO K 31 -33.31 -50.32 20.65
C PRO K 31 -33.51 -51.78 21.06
N LYS K 32 -34.53 -52.05 21.86
CA LYS K 32 -34.80 -53.42 22.24
C LYS K 32 -35.22 -54.19 21.00
N ASP K 33 -35.97 -53.52 20.14
CA ASP K 33 -36.51 -54.18 18.97
C ASP K 33 -35.45 -54.32 17.90
N ARG K 34 -34.46 -53.45 17.88
CA ARG K 34 -33.35 -53.63 16.94
C ARG K 34 -32.55 -54.84 17.37
N ASP K 35 -32.16 -54.85 18.66
CA ASP K 35 -31.52 -56.00 19.30
C ASP K 35 -32.18 -57.30 18.77
N SER K 36 -33.48 -57.49 18.99
CA SER K 36 -34.13 -58.70 18.48
C SER K 36 -34.13 -58.83 16.95
N ALA K 37 -34.37 -57.75 16.21
CA ALA K 37 -34.40 -57.90 14.74
C ALA K 37 -33.09 -58.45 14.27
N SER K 38 -32.02 -57.98 14.91
CA SER K 38 -30.70 -58.34 14.45
C SER K 38 -30.34 -59.83 14.61
N LEU K 39 -31.17 -60.56 15.33
CA LEU K 39 -30.82 -61.93 15.64
C LEU K 39 -31.79 -62.90 14.99
N VAL K 40 -32.60 -62.39 14.06
CA VAL K 40 -33.58 -63.26 13.44
C VAL K 40 -32.86 -64.03 12.38
N CYS K 41 -32.01 -63.37 11.63
CA CYS K 41 -31.12 -64.07 10.68
C CYS K 41 -29.99 -63.22 10.13
N ARG K 42 -29.12 -63.82 9.32
CA ARG K 42 -27.93 -63.10 8.90
C ARG K 42 -28.35 -61.87 8.09
N ARG K 43 -29.26 -62.07 7.14
CA ARG K 43 -29.81 -60.91 6.47
C ARG K 43 -30.26 -59.75 7.40
N TRP K 44 -31.04 -60.05 8.43
CA TRP K 44 -31.53 -58.96 9.29
C TRP K 44 -30.41 -58.31 10.05
N PHE K 45 -29.45 -59.11 10.47
CA PHE K 45 -28.24 -58.56 11.06
C PHE K 45 -27.57 -57.48 10.14
N LYS K 46 -27.20 -57.88 8.94
CA LYS K 46 -26.52 -57.01 8.01
C LYS K 46 -27.34 -55.73 7.85
N ILE K 47 -28.63 -55.89 7.57
CA ILE K 47 -29.52 -54.74 7.37
C ILE K 47 -29.57 -53.85 8.59
N ASP K 48 -29.71 -54.47 9.75
CA ASP K 48 -29.75 -53.78 11.03
C ASP K 48 -28.48 -53.00 11.19
N SER K 49 -27.38 -53.63 10.84
CA SER K 49 -26.07 -53.03 10.90
C SER K 49 -25.95 -51.71 10.09
N GLU K 50 -26.38 -51.75 8.83
CA GLU K 50 -26.13 -50.62 7.97
C GLU K 50 -27.14 -49.54 8.11
N THR K 51 -28.21 -49.79 8.88
CA THR K 51 -29.31 -48.81 8.98
C THR K 51 -29.39 -48.21 10.37
N ARG K 52 -28.60 -48.76 11.33
CA ARG K 52 -28.64 -48.36 12.75
C ARG K 52 -28.13 -46.96 12.90
N GLU K 53 -28.87 -46.13 13.63
CA GLU K 53 -28.56 -44.72 13.67
C GLU K 53 -28.00 -44.22 15.01
N HIS K 54 -28.50 -44.76 16.10
CA HIS K 54 -27.91 -44.35 17.36
C HIS K 54 -27.40 -45.52 18.21
N VAL K 55 -26.26 -45.33 18.89
CA VAL K 55 -25.76 -46.37 19.77
C VAL K 55 -25.34 -45.78 21.11
N THR K 56 -25.75 -46.37 22.22
CA THR K 56 -25.18 -45.94 23.47
C THR K 56 -24.25 -47.02 23.99
N MET K 57 -23.03 -46.66 24.33
CA MET K 57 -22.16 -47.57 25.06
C MET K 57 -22.12 -47.18 26.51
N ALA K 58 -22.55 -48.08 27.39
CA ALA K 58 -22.63 -47.69 28.80
C ALA K 58 -21.31 -47.80 29.59
N LEU K 59 -20.26 -48.29 28.95
CA LEU K 59 -18.95 -48.38 29.55
C LEU K 59 -18.04 -48.55 28.35
N CYS K 60 -17.18 -47.58 28.10
CA CYS K 60 -16.31 -47.60 26.92
C CYS K 60 -15.51 -48.89 26.78
N TYR K 61 -15.16 -49.51 27.91
CA TYR K 61 -14.17 -50.59 27.95
C TYR K 61 -14.80 -51.96 27.70
N THR K 62 -16.07 -51.88 27.34
CA THR K 62 -16.93 -52.99 26.99
C THR K 62 -16.64 -53.59 25.56
N ALA K 63 -15.91 -52.86 24.72
CA ALA K 63 -15.62 -53.26 23.33
C ALA K 63 -14.72 -52.20 22.65
N THR K 64 -13.84 -52.62 21.75
CA THR K 64 -12.94 -51.68 21.06
C THR K 64 -13.66 -50.83 19.99
N PRO K 65 -13.15 -49.61 19.74
CA PRO K 65 -13.75 -48.76 18.72
C PRO K 65 -13.97 -49.54 17.46
N ASP K 66 -12.96 -50.33 17.13
CA ASP K 66 -13.04 -51.20 15.98
C ASP K 66 -14.31 -52.06 15.98
N ARG K 67 -14.53 -52.85 17.03
CA ARG K 67 -15.75 -53.66 17.03
C ARG K 67 -16.98 -52.85 16.71
N LEU K 68 -17.05 -51.63 17.25
CA LEU K 68 -18.21 -50.76 17.05
C LEU K 68 -18.31 -50.23 15.62
N SER K 69 -17.25 -49.66 15.07
CA SER K 69 -17.31 -49.26 13.65
C SER K 69 -17.51 -50.41 12.66
N ARG K 70 -17.24 -51.64 13.09
CA ARG K 70 -17.46 -52.75 12.21
C ARG K 70 -18.96 -53.05 12.17
N ARG K 71 -19.60 -53.13 13.34
CA ARG K 71 -21.01 -53.50 13.43
C ARG K 71 -21.88 -52.34 13.00
N PHE K 72 -21.44 -51.11 13.19
CA PHE K 72 -22.36 -50.03 12.88
C PHE K 72 -21.87 -48.95 11.93
N PRO K 73 -21.51 -49.32 10.70
CA PRO K 73 -20.80 -48.43 9.77
C PRO K 73 -21.41 -47.06 9.62
N ASN K 74 -22.73 -46.96 9.69
CA ASN K 74 -23.37 -45.71 9.32
C ASN K 74 -23.98 -44.94 10.48
N LEU K 75 -23.41 -45.13 11.68
CA LEU K 75 -23.89 -44.51 12.90
C LEU K 75 -24.13 -43.02 12.73
N ARG K 76 -25.20 -42.51 13.30
CA ARG K 76 -25.37 -41.08 13.21
C ARG K 76 -25.05 -40.36 14.54
N SER K 77 -25.32 -41.03 15.66
CA SER K 77 -24.96 -40.50 16.98
C SER K 77 -24.37 -41.57 17.89
N LEU K 78 -23.40 -41.16 18.69
CA LEU K 78 -22.71 -42.05 19.60
C LEU K 78 -22.81 -41.44 21.00
N LYS K 79 -23.18 -42.23 22.01
CA LYS K 79 -23.10 -41.78 23.41
C LYS K 79 -22.13 -42.67 24.14
N LEU K 80 -21.08 -42.12 24.72
CA LEU K 80 -20.08 -42.96 25.38
C LEU K 80 -20.04 -42.70 26.83
N LYS K 81 -20.14 -43.71 27.68
CA LYS K 81 -19.97 -43.40 29.10
C LYS K 81 -18.66 -43.97 29.54
N GLY K 82 -17.96 -43.25 30.39
CA GLY K 82 -16.58 -43.58 30.72
C GLY K 82 -16.34 -44.05 32.14
N LYS K 83 -15.94 -43.13 33.02
CA LYS K 83 -15.75 -43.45 34.41
C LYS K 83 -17.09 -43.88 35.07
N PRO K 84 -17.03 -44.67 36.12
CA PRO K 84 -18.16 -45.10 36.93
C PRO K 84 -18.90 -43.96 37.67
N ARG K 85 -20.22 -44.01 37.74
CA ARG K 85 -21.02 -42.97 38.39
C ARG K 85 -20.35 -42.41 39.63
N ALA K 86 -19.65 -43.29 40.33
CA ALA K 86 -19.04 -42.99 41.61
C ALA K 86 -18.12 -41.81 41.46
N ALA K 87 -17.62 -41.64 40.27
CA ALA K 87 -16.63 -40.60 40.03
C ALA K 87 -17.19 -39.15 40.12
N MET K 88 -18.46 -38.94 39.78
CA MET K 88 -19.01 -37.57 39.84
C MET K 88 -19.26 -37.21 41.30
N PHE K 89 -18.45 -37.82 42.18
CA PHE K 89 -18.58 -37.73 43.64
C PHE K 89 -17.21 -37.79 44.30
N ASN K 90 -16.16 -37.52 43.54
CA ASN K 90 -14.81 -37.45 44.08
C ASN K 90 -14.16 -38.80 44.44
N LEU K 91 -14.96 -39.87 44.49
CA LEU K 91 -14.48 -41.24 44.82
C LEU K 91 -13.44 -41.91 43.86
N ILE K 92 -13.49 -41.63 42.56
CA ILE K 92 -12.61 -42.33 41.61
C ILE K 92 -11.32 -41.53 41.31
N PRO K 93 -10.15 -42.20 41.21
CA PRO K 93 -8.90 -41.54 40.77
C PRO K 93 -9.10 -40.76 39.45
N GLU K 94 -8.44 -39.63 39.21
CA GLU K 94 -8.67 -38.87 37.97
C GLU K 94 -8.14 -39.67 36.76
N ASN K 95 -6.94 -40.22 36.90
CA ASN K 95 -6.26 -40.97 35.84
C ASN K 95 -6.86 -42.36 35.55
N TRP K 96 -8.00 -42.70 36.17
CA TRP K 96 -8.63 -44.03 36.00
C TRP K 96 -8.88 -44.37 34.54
N GLY K 97 -9.62 -43.52 33.81
CA GLY K 97 -9.52 -43.58 32.39
C GLY K 97 -10.70 -43.65 31.48
N GLY K 98 -11.58 -42.69 31.53
CA GLY K 98 -12.46 -42.70 30.38
C GLY K 98 -11.78 -42.08 29.16
N TYR K 99 -10.69 -42.65 28.61
CA TYR K 99 -9.99 -41.87 27.54
C TYR K 99 -10.75 -41.93 26.26
N VAL K 100 -10.94 -40.77 25.63
CA VAL K 100 -11.85 -40.66 24.50
C VAL K 100 -11.08 -40.79 23.18
N THR K 101 -9.76 -40.67 23.22
CA THR K 101 -8.88 -40.65 22.04
C THR K 101 -9.09 -41.74 20.98
N PRO K 102 -9.09 -43.01 21.41
CA PRO K 102 -9.26 -44.14 20.50
C PRO K 102 -10.60 -44.06 19.77
N TRP K 103 -11.57 -43.41 20.40
CA TRP K 103 -12.89 -43.26 19.81
C TRP K 103 -12.93 -42.16 18.79
N VAL K 104 -12.22 -41.06 18.99
CA VAL K 104 -12.31 -40.03 17.97
C VAL K 104 -11.43 -40.42 16.84
N THR K 105 -10.38 -41.19 17.13
CA THR K 105 -9.54 -41.76 16.08
C THR K 105 -10.38 -42.62 15.12
N GLU K 106 -11.28 -43.41 15.69
CA GLU K 106 -12.15 -44.31 14.94
C GLU K 106 -13.32 -43.58 14.25
N ILE K 107 -13.84 -42.55 14.88
CA ILE K 107 -14.87 -41.71 14.26
C ILE K 107 -14.26 -41.04 13.03
N SER K 108 -13.00 -40.64 13.14
CA SER K 108 -12.34 -40.03 11.99
C SER K 108 -12.18 -41.03 10.88
N ASN K 109 -11.64 -42.19 11.18
CA ASN K 109 -11.41 -43.12 10.10
C ASN K 109 -12.67 -43.73 9.53
N ASN K 110 -13.50 -44.31 10.41
CA ASN K 110 -14.55 -45.27 10.03
C ASN K 110 -16.03 -45.02 10.33
N LEU K 111 -16.38 -44.01 11.12
CA LEU K 111 -17.80 -43.64 11.25
C LEU K 111 -18.07 -42.38 10.47
N ARG K 112 -18.18 -42.51 9.16
CA ARG K 112 -18.13 -41.30 8.34
C ARG K 112 -19.44 -40.52 8.26
N GLN K 113 -20.46 -40.98 8.97
CA GLN K 113 -21.75 -40.31 8.90
C GLN K 113 -22.08 -39.65 10.24
N LEU K 114 -21.10 -39.62 11.14
CA LEU K 114 -21.39 -39.29 12.52
C LEU K 114 -21.75 -37.82 12.65
N LYS K 115 -22.98 -37.50 13.06
CA LYS K 115 -23.34 -36.09 13.14
C LYS K 115 -23.47 -35.61 14.61
N SER K 116 -23.46 -36.55 15.56
CA SER K 116 -23.55 -36.20 17.00
C SER K 116 -22.63 -37.04 17.93
N VAL K 117 -22.02 -36.41 18.92
CA VAL K 117 -21.20 -37.15 19.86
C VAL K 117 -21.59 -36.73 21.28
N HIS K 118 -21.80 -37.69 22.19
CA HIS K 118 -22.16 -37.42 23.58
C HIS K 118 -21.18 -38.19 24.45
N PHE K 119 -20.25 -37.48 25.09
CA PHE K 119 -19.34 -38.08 26.05
C PHE K 119 -19.80 -37.78 27.49
N ARG K 120 -20.16 -38.82 28.24
CA ARG K 120 -20.55 -38.70 29.64
C ARG K 120 -19.38 -39.19 30.46
N ARG K 121 -18.87 -38.37 31.37
CA ARG K 121 -17.82 -38.78 32.27
C ARG K 121 -16.56 -39.39 31.61
N MET K 122 -16.15 -38.89 30.46
CA MET K 122 -14.89 -39.35 29.84
C MET K 122 -13.82 -38.28 30.00
N ILE K 123 -12.56 -38.71 29.86
CA ILE K 123 -11.40 -37.82 29.75
C ILE K 123 -11.19 -37.43 28.28
N VAL K 124 -11.07 -36.14 28.02
CA VAL K 124 -11.10 -35.57 26.67
C VAL K 124 -10.01 -34.46 26.40
N SER K 125 -8.98 -34.78 25.59
CA SER K 125 -7.90 -33.84 25.16
C SER K 125 -8.44 -32.60 24.47
N ASP K 126 -7.72 -31.48 24.48
CA ASP K 126 -7.85 -30.55 23.37
C ASP K 126 -7.45 -31.28 22.11
N LEU K 127 -6.46 -32.16 22.21
CA LEU K 127 -5.93 -32.82 21.04
C LEU K 127 -7.01 -33.53 20.30
N ASP K 128 -7.79 -34.33 21.02
CA ASP K 128 -8.76 -35.10 20.26
C ASP K 128 -10.04 -34.34 20.00
N LEU K 129 -10.32 -33.32 20.81
CA LEU K 129 -11.31 -32.32 20.39
C LEU K 129 -10.95 -31.85 18.98
N ASP K 130 -9.77 -31.26 18.83
CA ASP K 130 -9.27 -30.81 17.55
C ASP K 130 -9.30 -31.92 16.50
N ARG K 131 -8.76 -33.11 16.77
CA ARG K 131 -8.98 -34.19 15.78
C ARG K 131 -10.50 -34.37 15.37
N LEU K 132 -11.38 -34.42 16.37
CA LEU K 132 -12.83 -34.52 16.16
C LEU K 132 -13.35 -33.44 15.25
N ALA K 133 -12.81 -32.24 15.36
CA ALA K 133 -13.38 -31.11 14.66
C ALA K 133 -12.96 -31.14 13.20
N LYS K 134 -11.71 -31.48 12.94
CA LYS K 134 -11.27 -31.46 11.57
C LYS K 134 -11.76 -32.70 10.84
N ALA K 135 -12.06 -33.77 11.59
CA ALA K 135 -12.63 -34.97 10.96
C ALA K 135 -14.12 -34.83 10.64
N ARG K 136 -14.90 -34.31 11.58
CA ARG K 136 -16.31 -34.12 11.32
C ARG K 136 -16.70 -32.76 10.65
N ALA K 137 -16.05 -31.67 11.02
CA ALA K 137 -16.29 -30.37 10.34
C ALA K 137 -17.77 -29.96 10.33
N ASP K 138 -18.23 -29.49 9.19
CA ASP K 138 -19.59 -28.94 9.11
C ASP K 138 -20.68 -29.97 9.37
N ASP K 139 -20.29 -31.24 9.46
CA ASP K 139 -21.25 -32.30 9.61
C ASP K 139 -21.67 -32.43 11.05
N LEU K 140 -20.78 -32.02 11.94
CA LEU K 140 -20.98 -32.25 13.36
C LEU K 140 -21.99 -31.25 13.89
N GLU K 141 -23.14 -31.79 14.30
CA GLU K 141 -24.35 -31.05 14.60
C GLU K 141 -24.54 -30.87 16.11
N THR K 142 -24.16 -31.88 16.88
CA THR K 142 -24.36 -31.78 18.31
C THR K 142 -23.21 -32.44 19.06
N LEU K 143 -22.65 -31.72 20.02
CA LEU K 143 -21.54 -32.26 20.77
C LEU K 143 -21.77 -32.05 22.27
N LYS K 144 -21.99 -33.13 23.02
CA LYS K 144 -22.11 -32.96 24.47
C LYS K 144 -20.86 -33.39 25.29
N LEU K 145 -20.24 -32.44 26.01
CA LEU K 145 -19.18 -32.74 26.97
C LEU K 145 -19.78 -32.72 28.37
N ASP K 146 -20.13 -33.90 28.85
CA ASP K 146 -21.14 -34.06 29.88
C ASP K 146 -20.48 -34.70 31.10
N LYS K 147 -20.24 -33.91 32.14
CA LYS K 147 -19.37 -34.37 33.24
C LYS K 147 -18.03 -34.93 32.78
N CYS K 148 -17.44 -34.35 31.73
CA CYS K 148 -16.12 -34.74 31.22
C CYS K 148 -14.95 -33.87 31.71
N SER K 149 -13.73 -34.30 31.42
CA SER K 149 -12.55 -33.58 31.88
C SER K 149 -11.32 -33.73 30.99
N GLY K 150 -10.35 -32.83 31.12
CA GLY K 150 -9.08 -33.00 30.42
C GLY K 150 -8.80 -31.99 29.31
N PHE K 151 -9.80 -31.18 28.97
CA PHE K 151 -9.60 -30.21 27.91
C PHE K 151 -9.43 -28.81 28.45
N THR K 152 -9.52 -27.84 27.54
CA THR K 152 -9.37 -26.41 27.84
C THR K 152 -10.14 -25.63 26.78
N THR K 153 -10.26 -24.33 26.97
CA THR K 153 -11.01 -23.53 26.02
C THR K 153 -10.41 -23.52 24.61
N ASP K 154 -9.22 -24.10 24.44
CA ASP K 154 -8.58 -24.24 23.11
C ASP K 154 -9.35 -25.21 22.26
N GLY K 155 -9.62 -26.38 22.83
CA GLY K 155 -10.44 -27.37 22.18
C GLY K 155 -11.84 -26.87 21.85
N LEU K 156 -12.41 -26.03 22.71
CA LEU K 156 -13.73 -25.46 22.39
C LEU K 156 -13.63 -24.60 21.15
N LEU K 157 -12.59 -23.78 21.11
CA LEU K 157 -12.36 -22.89 19.97
C LEU K 157 -12.26 -23.73 18.76
N SER K 158 -11.46 -24.79 18.89
CA SER K 158 -11.24 -25.68 17.76
C SER K 158 -12.58 -26.19 17.22
N ILE K 159 -13.46 -26.78 18.06
CA ILE K 159 -14.71 -27.26 17.48
C ILE K 159 -15.69 -26.17 17.01
N VAL K 160 -15.74 -24.97 17.62
CA VAL K 160 -16.68 -23.98 17.05
C VAL K 160 -16.19 -23.26 15.79
N THR K 161 -14.95 -23.48 15.37
CA THR K 161 -14.49 -22.79 14.18
C THR K 161 -14.45 -23.74 13.01
N HIS K 162 -14.20 -25.01 13.26
CA HIS K 162 -14.28 -26.02 12.21
C HIS K 162 -15.72 -26.55 11.96
N CYS K 163 -16.62 -26.37 12.92
CA CYS K 163 -17.99 -26.88 12.82
C CYS K 163 -18.95 -25.69 12.83
N ARG K 164 -19.17 -25.16 11.62
CA ARG K 164 -19.73 -23.81 11.50
C ARG K 164 -21.22 -23.91 11.49
N LYS K 165 -21.70 -25.14 11.37
CA LYS K 165 -23.13 -25.45 11.33
C LYS K 165 -23.63 -26.23 12.57
N ILE K 166 -22.97 -26.06 13.72
CA ILE K 166 -23.30 -26.77 14.97
C ILE K 166 -24.69 -26.40 15.43
N LYS K 167 -25.40 -27.36 16.05
CA LYS K 167 -26.79 -27.15 16.46
C LYS K 167 -27.00 -27.30 17.95
N THR K 168 -26.29 -28.23 18.57
CA THR K 168 -26.38 -28.32 20.03
C THR K 168 -24.95 -28.52 20.68
N LEU K 169 -24.59 -27.67 21.64
CA LEU K 169 -23.26 -27.72 22.24
C LEU K 169 -23.39 -27.59 23.73
N LEU K 170 -22.97 -28.62 24.44
CA LEU K 170 -23.21 -28.67 25.87
C LEU K 170 -21.90 -28.98 26.60
N MET K 171 -21.60 -28.28 27.70
CA MET K 171 -20.39 -28.57 28.45
C MET K 171 -20.70 -28.64 29.93
N GLU K 172 -21.91 -29.08 30.24
CA GLU K 172 -22.44 -29.02 31.58
C GLU K 172 -21.70 -29.94 32.55
N GLU K 173 -21.17 -29.34 33.61
CA GLU K 173 -20.54 -30.04 34.72
C GLU K 173 -19.19 -30.62 34.39
N SER K 174 -18.68 -30.30 33.23
CA SER K 174 -17.30 -30.66 32.94
C SER K 174 -16.35 -29.71 33.66
N SER K 175 -15.09 -30.10 33.69
CA SER K 175 -14.05 -29.27 34.26
C SER K 175 -12.82 -29.22 33.34
N PHE K 176 -12.37 -28.01 33.02
CA PHE K 176 -11.31 -27.81 32.03
C PHE K 176 -10.68 -26.45 32.34
N SER K 177 -9.63 -26.09 31.60
CA SER K 177 -8.98 -24.78 31.77
C SER K 177 -9.61 -23.74 30.89
N GLU K 178 -10.12 -22.71 31.53
CA GLU K 178 -10.51 -21.48 30.83
C GLU K 178 -9.32 -20.55 30.57
N LYS K 179 -8.75 -20.58 29.35
CA LYS K 179 -7.63 -19.68 29.02
C LYS K 179 -8.12 -18.30 28.49
N ASP K 180 -9.10 -18.31 27.60
CA ASP K 180 -9.59 -17.06 27.01
C ASP K 180 -11.04 -17.25 26.70
N GLY K 181 -11.69 -16.14 26.29
CA GLY K 181 -13.10 -16.14 25.96
C GLY K 181 -13.44 -16.28 24.49
N LYS K 182 -12.47 -16.67 23.67
CA LYS K 182 -12.62 -16.69 22.21
C LYS K 182 -13.64 -17.67 21.62
N TRP K 183 -13.87 -18.83 22.22
CA TRP K 183 -14.77 -19.82 21.62
C TRP K 183 -16.13 -19.20 21.52
N LEU K 184 -16.57 -18.45 22.54
CA LEU K 184 -17.94 -17.89 22.48
C LEU K 184 -18.07 -16.87 21.36
N HIS K 185 -17.18 -15.89 21.38
CA HIS K 185 -17.07 -14.92 20.31
C HIS K 185 -17.00 -15.53 18.91
N GLU K 186 -16.33 -16.66 18.76
CA GLU K 186 -16.27 -17.28 17.45
C GLU K 186 -17.65 -17.72 17.03
N LEU K 187 -18.40 -18.28 17.97
CA LEU K 187 -19.78 -18.67 17.71
C LEU K 187 -20.66 -17.50 17.26
N ALA K 188 -20.54 -16.41 18.00
CA ALA K 188 -21.37 -15.23 17.79
C ALA K 188 -21.28 -14.71 16.36
N GLN K 189 -20.08 -14.75 15.79
CA GLN K 189 -19.87 -14.20 14.47
C GLN K 189 -20.35 -15.09 13.31
N HIS K 190 -20.13 -16.39 13.41
CA HIS K 190 -20.35 -17.28 12.27
C HIS K 190 -21.44 -18.32 12.45
N ASN K 191 -22.14 -18.31 13.57
CA ASN K 191 -23.07 -19.40 13.82
C ASN K 191 -24.54 -19.00 13.81
N THR K 192 -25.26 -19.72 12.96
CA THR K 192 -26.63 -19.43 12.61
C THR K 192 -27.56 -20.50 13.14
N SER K 193 -26.93 -21.63 13.45
CA SER K 193 -27.60 -22.91 13.62
C SER K 193 -28.00 -23.32 15.05
N LEU K 194 -27.30 -22.83 16.08
CA LEU K 194 -27.57 -23.22 17.46
C LEU K 194 -29.06 -23.37 17.81
N GLU K 195 -29.48 -24.60 18.10
CA GLU K 195 -30.78 -24.81 18.68
C GLU K 195 -30.64 -24.85 20.20
N VAL K 196 -29.55 -25.41 20.69
CA VAL K 196 -29.37 -25.60 22.13
C VAL K 196 -27.92 -25.47 22.54
N LEU K 197 -27.70 -24.56 23.48
CA LEU K 197 -26.35 -24.23 23.93
C LEU K 197 -26.35 -24.23 25.46
N ASN K 198 -25.59 -25.15 26.02
CA ASN K 198 -25.81 -25.52 27.41
C ASN K 198 -24.48 -25.61 28.11
N PHE K 199 -24.14 -24.60 28.88
CA PHE K 199 -23.04 -24.75 29.81
C PHE K 199 -23.39 -24.34 31.21
N TYR K 200 -24.49 -24.93 31.69
CA TYR K 200 -25.08 -24.65 33.00
C TYR K 200 -24.19 -24.73 34.22
N MET K 201 -24.31 -23.69 35.06
CA MET K 201 -23.51 -23.53 36.28
C MET K 201 -21.99 -23.67 36.12
N THR K 202 -21.48 -24.01 34.93
CA THR K 202 -20.04 -24.04 34.76
C THR K 202 -19.59 -22.58 34.72
N GLU K 203 -18.70 -22.20 35.64
CA GLU K 203 -18.27 -20.80 35.67
C GLU K 203 -17.11 -20.52 34.73
N PHE K 204 -17.49 -19.98 33.57
CA PHE K 204 -16.62 -19.19 32.72
C PHE K 204 -16.55 -17.77 33.29
N ALA K 205 -15.35 -17.27 33.58
CA ALA K 205 -15.21 -15.94 34.18
C ALA K 205 -14.69 -14.97 33.18
N LYS K 206 -15.08 -15.14 31.92
CA LYS K 206 -14.17 -14.70 30.87
C LYS K 206 -14.77 -14.70 29.46
N ILE K 207 -16.00 -15.19 29.32
CA ILE K 207 -16.73 -14.98 28.08
C ILE K 207 -17.52 -13.73 28.28
N SER K 208 -17.95 -13.11 27.17
CA SER K 208 -18.74 -11.87 27.24
C SER K 208 -20.21 -12.09 26.94
N PRO K 209 -21.10 -11.62 27.83
CA PRO K 209 -22.55 -11.66 27.67
C PRO K 209 -22.96 -11.07 26.35
N LYS K 210 -22.27 -10.04 25.94
CA LYS K 210 -22.55 -9.48 24.64
C LYS K 210 -22.56 -10.58 23.56
N ASP K 211 -21.54 -11.43 23.50
CA ASP K 211 -21.54 -12.54 22.55
C ASP K 211 -22.78 -13.42 22.68
N LEU K 212 -23.31 -13.55 23.89
CA LEU K 212 -24.53 -14.29 24.10
C LEU K 212 -25.68 -13.61 23.34
N GLU K 213 -25.84 -12.31 23.56
CA GLU K 213 -26.79 -11.48 22.77
C GLU K 213 -26.64 -11.71 21.25
N THR K 214 -25.44 -11.51 20.69
CA THR K 214 -25.38 -11.60 19.24
C THR K 214 -25.77 -13.02 18.78
N ILE K 215 -25.63 -13.99 19.67
CA ILE K 215 -25.98 -15.36 19.32
C ILE K 215 -27.49 -15.48 19.25
N ALA K 216 -28.15 -14.87 20.22
CA ALA K 216 -29.60 -14.94 20.31
C ALA K 216 -30.22 -14.26 19.11
N ARG K 217 -29.47 -13.35 18.50
CA ARG K 217 -30.02 -12.54 17.44
C ARG K 217 -29.57 -12.98 16.05
N ASN K 218 -28.82 -14.08 15.99
CA ASN K 218 -28.42 -14.65 14.72
C ASN K 218 -28.93 -16.04 14.61
N CYS K 219 -29.43 -16.56 15.72
CA CYS K 219 -29.77 -17.98 15.80
C CYS K 219 -31.26 -18.15 15.99
N ARG K 220 -31.94 -18.44 14.90
CA ARG K 220 -33.38 -18.33 14.95
C ARG K 220 -34.00 -19.54 15.61
N SER K 221 -33.43 -20.72 15.42
CA SER K 221 -34.04 -21.88 16.04
C SER K 221 -33.57 -22.12 17.48
N LEU K 222 -32.89 -21.14 18.05
CA LEU K 222 -32.33 -21.23 19.39
C LEU K 222 -33.42 -21.35 20.46
N VAL K 223 -33.58 -22.55 21.02
CA VAL K 223 -34.74 -22.89 21.86
C VAL K 223 -34.44 -23.05 23.36
N SER K 224 -33.16 -23.23 23.71
CA SER K 224 -32.73 -23.56 25.09
C SER K 224 -31.27 -23.16 25.41
N VAL K 225 -31.10 -22.27 26.39
CA VAL K 225 -29.75 -21.98 26.85
C VAL K 225 -29.67 -22.06 28.35
N LYS K 226 -28.51 -22.48 28.82
CA LYS K 226 -28.28 -22.66 30.24
C LYS K 226 -26.88 -22.13 30.41
N VAL K 227 -26.57 -21.50 31.53
CA VAL K 227 -25.38 -20.67 31.50
C VAL K 227 -24.89 -20.39 32.92
N GLY K 228 -23.68 -19.84 33.06
CA GLY K 228 -23.13 -19.49 34.38
C GLY K 228 -23.62 -18.20 35.06
N ASP K 229 -22.73 -17.50 35.78
CA ASP K 229 -23.14 -16.32 36.54
C ASP K 229 -23.13 -14.94 35.82
N PHE K 230 -23.68 -14.87 34.61
CA PHE K 230 -24.02 -13.59 34.02
C PHE K 230 -25.01 -12.84 34.93
N GLU K 231 -24.63 -11.66 35.43
CA GLU K 231 -25.63 -10.74 35.98
C GLU K 231 -26.77 -10.68 34.97
N ILE K 232 -28.00 -10.96 35.43
CA ILE K 232 -29.15 -10.93 34.54
C ILE K 232 -29.32 -9.61 33.72
N LEU K 233 -29.09 -8.44 34.31
CA LEU K 233 -29.30 -7.20 33.54
C LEU K 233 -28.42 -7.17 32.29
N GLU K 234 -27.34 -7.95 32.30
CA GLU K 234 -26.46 -8.05 31.15
C GLU K 234 -27.11 -8.88 30.05
N LEU K 235 -28.08 -9.70 30.41
CA LEU K 235 -28.74 -10.55 29.42
C LEU K 235 -30.04 -9.93 28.88
N VAL K 236 -30.37 -8.72 29.33
CA VAL K 236 -31.61 -8.06 28.88
C VAL K 236 -31.74 -7.94 27.34
N GLY K 237 -30.68 -7.47 26.69
CA GLY K 237 -30.60 -7.61 25.26
C GLY K 237 -30.76 -9.05 24.78
N PHE K 238 -30.00 -9.97 25.35
CA PHE K 238 -30.09 -11.37 24.95
C PHE K 238 -31.55 -11.87 24.90
N PHE K 239 -32.32 -11.54 25.93
CA PHE K 239 -33.72 -11.99 26.06
C PHE K 239 -34.65 -11.43 25.00
N LYS K 240 -34.64 -10.12 24.82
CA LYS K 240 -35.38 -9.53 23.73
C LYS K 240 -35.04 -10.27 22.42
N ALA K 241 -33.76 -10.62 22.28
CA ALA K 241 -33.23 -11.22 21.04
C ALA K 241 -33.74 -12.67 20.76
N ALA K 242 -33.83 -13.49 21.79
CA ALA K 242 -34.26 -14.87 21.58
C ALA K 242 -35.76 -14.95 21.48
N ALA K 243 -36.29 -15.27 20.31
CA ALA K 243 -37.74 -15.36 20.18
C ALA K 243 -38.21 -16.76 20.51
N ASN K 244 -37.70 -17.76 19.81
CA ASN K 244 -38.16 -19.12 20.04
C ASN K 244 -37.70 -19.74 21.38
N LEU K 245 -37.15 -18.92 22.27
CA LEU K 245 -36.60 -19.43 23.50
C LEU K 245 -37.70 -20.07 24.35
N GLU K 246 -37.46 -21.31 24.77
CA GLU K 246 -38.33 -21.99 25.71
C GLU K 246 -37.63 -22.34 27.01
N GLU K 247 -36.32 -22.32 27.04
CA GLU K 247 -35.66 -22.75 28.26
C GLU K 247 -34.48 -21.86 28.58
N PHE K 248 -34.32 -21.53 29.86
CA PHE K 248 -33.17 -20.80 30.28
C PHE K 248 -32.85 -21.12 31.72
N CYS K 249 -31.59 -21.39 32.04
CA CYS K 249 -31.20 -21.56 33.46
C CYS K 249 -29.81 -21.00 33.60
N GLY K 250 -29.49 -20.53 34.80
CA GLY K 250 -28.23 -19.85 35.02
C GLY K 250 -28.42 -18.37 35.31
N GLY K 251 -27.39 -17.61 35.02
CA GLY K 251 -27.36 -16.19 35.33
C GLY K 251 -27.35 -16.00 36.82
N SER K 252 -27.07 -14.79 37.28
CA SER K 252 -27.33 -14.46 38.68
C SER K 252 -28.39 -13.36 38.81
N LEU K 253 -29.10 -13.40 39.93
CA LEU K 253 -29.85 -12.26 40.41
C LEU K 253 -29.07 -11.61 41.56
N ASN K 254 -27.78 -11.38 41.32
CA ASN K 254 -26.89 -10.59 42.18
C ASN K 254 -27.51 -9.22 42.43
N GLU K 255 -28.47 -9.13 43.34
CA GLU K 255 -29.25 -7.91 43.51
C GLU K 255 -28.89 -7.05 44.75
N ASP K 256 -28.72 -5.76 44.52
CA ASP K 256 -28.42 -4.81 45.61
C ASP K 256 -29.69 -4.23 46.25
N ILE K 257 -29.55 -3.69 47.45
CA ILE K 257 -30.66 -3.25 48.30
C ILE K 257 -31.26 -1.90 47.89
N GLY K 258 -30.50 -1.13 47.14
CA GLY K 258 -30.90 0.20 46.72
C GLY K 258 -31.77 0.26 45.47
N MET K 259 -31.88 -0.86 44.75
CA MET K 259 -32.71 -0.88 43.54
C MET K 259 -33.90 -1.81 43.71
N PRO K 260 -34.85 -1.47 44.60
CA PRO K 260 -36.08 -2.26 44.78
C PRO K 260 -36.84 -2.50 43.47
N GLU K 261 -36.26 -2.10 42.34
CA GLU K 261 -36.89 -2.26 41.04
C GLU K 261 -35.87 -2.64 39.98
N LYS K 262 -34.71 -3.14 40.43
CA LYS K 262 -33.65 -3.53 39.52
C LYS K 262 -34.23 -4.40 38.40
N TYR K 263 -34.83 -5.52 38.80
CA TYR K 263 -35.45 -6.45 37.84
C TYR K 263 -36.97 -6.51 37.92
N MET K 264 -37.71 -5.42 37.91
CA MET K 264 -39.15 -5.60 37.71
C MET K 264 -39.45 -5.45 36.23
N ASN K 265 -38.55 -4.73 35.57
CA ASN K 265 -38.64 -4.57 34.13
C ASN K 265 -37.63 -5.50 33.48
N LEU K 266 -38.15 -6.60 32.97
CA LEU K 266 -37.33 -7.64 32.38
C LEU K 266 -38.32 -8.51 31.68
N VAL K 267 -38.30 -8.49 30.35
CA VAL K 267 -39.24 -9.31 29.60
C VAL K 267 -38.60 -10.61 29.12
N PHE K 268 -39.26 -11.74 29.35
CA PHE K 268 -38.76 -13.03 28.89
C PHE K 268 -39.53 -13.53 27.67
N PRO K 269 -38.85 -14.26 26.77
CA PRO K 269 -39.53 -14.76 25.56
C PRO K 269 -40.97 -15.23 25.84
N ARG K 270 -41.92 -14.87 25.00
CA ARG K 270 -43.32 -15.27 25.18
C ARG K 270 -43.53 -16.80 25.19
N LYS K 271 -42.47 -17.58 25.25
CA LYS K 271 -42.65 -19.01 25.10
C LYS K 271 -41.90 -19.77 26.22
N LEU K 272 -41.18 -19.02 27.04
CA LEU K 272 -40.34 -19.50 28.13
C LEU K 272 -41.17 -20.28 29.10
N CYS K 273 -40.86 -21.56 29.25
CA CYS K 273 -41.65 -22.49 30.09
C CYS K 273 -40.82 -23.48 30.93
N ARG K 274 -39.51 -23.54 30.67
CA ARG K 274 -38.59 -24.44 31.36
C ARG K 274 -37.44 -23.57 31.88
N LEU K 275 -37.40 -23.31 33.18
CA LEU K 275 -36.42 -22.34 33.64
C LEU K 275 -35.93 -22.48 35.09
N GLY K 276 -34.64 -22.21 35.35
CA GLY K 276 -34.16 -21.85 36.68
C GLY K 276 -33.30 -20.57 36.71
N LEU K 277 -33.56 -19.66 37.66
CA LEU K 277 -32.81 -18.40 37.68
C LEU K 277 -31.93 -18.32 38.91
N SER K 278 -30.64 -18.50 38.73
CA SER K 278 -29.78 -18.76 39.87
C SER K 278 -30.12 -18.02 41.18
N TYR K 279 -29.54 -16.88 41.49
CA TYR K 279 -29.64 -16.58 42.90
C TYR K 279 -30.97 -15.94 43.34
N MET K 280 -32.00 -16.20 42.53
CA MET K 280 -33.37 -15.72 42.72
C MET K 280 -33.82 -15.68 44.18
N GLY K 281 -34.36 -14.53 44.59
CA GLY K 281 -34.77 -14.31 45.96
C GLY K 281 -36.26 -14.03 46.10
N PRO K 282 -36.70 -13.76 47.34
CA PRO K 282 -38.14 -13.57 47.49
C PRO K 282 -38.55 -12.26 46.80
N ASN K 283 -37.65 -11.28 46.77
CA ASN K 283 -37.93 -9.98 46.13
C ASN K 283 -37.95 -10.03 44.60
N GLU K 284 -37.16 -10.89 43.97
CA GLU K 284 -37.14 -10.88 42.52
C GLU K 284 -38.02 -11.97 41.95
N MET K 285 -38.55 -12.80 42.83
CA MET K 285 -39.35 -13.94 42.38
C MET K 285 -40.58 -13.54 41.52
N PRO K 286 -41.32 -12.50 41.95
CA PRO K 286 -42.53 -12.07 41.24
C PRO K 286 -42.45 -12.06 39.73
N ILE K 287 -41.36 -11.54 39.17
CA ILE K 287 -41.17 -11.48 37.73
C ILE K 287 -41.57 -12.77 37.01
N LEU K 288 -41.94 -13.80 37.76
CA LEU K 288 -42.38 -15.08 37.17
C LEU K 288 -43.91 -15.19 37.09
N PHE K 289 -44.59 -14.51 38.00
CA PHE K 289 -46.05 -14.54 38.11
C PHE K 289 -46.82 -14.40 36.79
N PRO K 290 -46.48 -13.38 36.01
CA PRO K 290 -47.04 -13.20 34.67
C PRO K 290 -47.20 -14.47 33.85
N PHE K 291 -46.19 -15.34 33.84
CA PHE K 291 -46.32 -16.55 33.03
C PHE K 291 -46.24 -17.84 33.81
N ALA K 292 -46.39 -17.78 35.13
CA ALA K 292 -46.20 -18.99 35.93
C ALA K 292 -47.09 -20.13 35.44
N ALA K 293 -48.31 -19.81 35.02
CA ALA K 293 -49.23 -20.84 34.59
C ALA K 293 -48.68 -21.60 33.36
N GLN K 294 -47.48 -21.21 32.96
CA GLN K 294 -46.87 -21.61 31.68
C GLN K 294 -45.61 -22.43 31.96
N ILE K 295 -44.99 -22.18 33.11
CA ILE K 295 -43.83 -22.92 33.60
C ILE K 295 -44.14 -24.42 33.60
N ARG K 296 -43.74 -25.16 32.57
CA ARG K 296 -43.86 -26.61 32.59
C ARG K 296 -42.72 -27.33 33.43
N LYS K 297 -41.73 -26.56 33.93
CA LYS K 297 -40.54 -27.13 34.59
C LYS K 297 -39.71 -26.05 35.28
N LEU K 298 -39.38 -26.24 36.55
CA LEU K 298 -38.81 -25.19 37.37
C LEU K 298 -37.58 -25.75 38.15
N ASP K 299 -36.53 -24.96 38.33
CA ASP K 299 -35.26 -25.47 38.89
C ASP K 299 -34.82 -24.56 40.04
N LEU K 300 -35.36 -24.76 41.25
CA LEU K 300 -34.96 -23.93 42.41
C LEU K 300 -33.66 -24.34 43.11
N LEU K 301 -32.84 -25.13 42.41
CA LEU K 301 -31.69 -25.77 43.00
C LEU K 301 -30.75 -24.77 43.65
N TYR K 302 -30.42 -23.72 42.90
CA TYR K 302 -29.58 -22.62 43.40
C TYR K 302 -30.45 -21.38 43.69
N ALA K 303 -31.76 -21.57 43.75
CA ALA K 303 -32.65 -20.53 44.28
C ALA K 303 -32.24 -20.15 45.69
N LEU K 304 -32.82 -19.06 46.16
CA LEU K 304 -32.41 -18.47 47.41
C LEU K 304 -33.67 -18.27 48.23
N LEU K 305 -34.81 -18.41 47.58
CA LEU K 305 -36.07 -18.22 48.26
C LEU K 305 -36.30 -19.18 49.41
N GLU K 306 -36.93 -18.62 50.43
CA GLU K 306 -37.28 -19.28 51.67
C GLU K 306 -38.39 -20.33 51.49
N THR K 307 -38.56 -21.18 52.49
CA THR K 307 -39.58 -22.21 52.44
C THR K 307 -41.03 -21.71 52.28
N GLU K 308 -41.34 -20.60 52.94
CA GLU K 308 -42.62 -19.90 52.76
C GLU K 308 -42.74 -19.36 51.33
N ASP K 309 -41.60 -19.04 50.74
CA ASP K 309 -41.57 -18.45 49.39
C ASP K 309 -41.68 -19.53 48.32
N HIS K 310 -41.23 -20.74 48.67
CA HIS K 310 -41.36 -21.87 47.75
C HIS K 310 -42.84 -22.09 47.58
N CYS K 311 -43.56 -22.02 48.69
CA CYS K 311 -45.01 -22.23 48.63
C CYS K 311 -45.67 -21.21 47.73
N THR K 312 -45.32 -19.94 47.94
CA THR K 312 -45.93 -18.86 47.15
C THR K 312 -45.28 -18.71 45.78
N LEU K 313 -45.10 -19.84 45.09
CA LEU K 313 -44.63 -19.93 43.71
C LEU K 313 -45.17 -21.25 43.14
N ILE K 314 -45.09 -22.32 43.93
CA ILE K 314 -45.63 -23.60 43.49
C ILE K 314 -47.12 -23.39 43.21
N GLN K 315 -47.81 -22.82 44.18
CA GLN K 315 -49.21 -22.48 43.99
C GLN K 315 -49.58 -21.80 42.65
N LYS K 316 -48.63 -21.09 42.01
CA LYS K 316 -48.94 -20.37 40.78
C LYS K 316 -48.57 -21.15 39.49
N CYS K 317 -48.00 -22.34 39.67
CA CYS K 317 -47.60 -23.14 38.51
C CYS K 317 -48.37 -24.45 38.47
N PRO K 318 -49.68 -24.36 38.18
CA PRO K 318 -50.48 -25.60 38.16
C PRO K 318 -49.98 -26.61 37.13
N ASN K 319 -49.42 -26.15 36.01
CA ASN K 319 -49.09 -27.05 34.93
C ASN K 319 -47.69 -27.56 35.11
N LEU K 320 -47.20 -27.41 36.34
CA LEU K 320 -45.81 -27.73 36.65
C LEU K 320 -45.61 -29.23 36.54
N GLU K 321 -44.62 -29.65 35.77
CA GLU K 321 -44.41 -31.08 35.64
C GLU K 321 -43.05 -31.61 36.10
N VAL K 322 -42.06 -30.74 36.22
CA VAL K 322 -40.77 -31.17 36.74
C VAL K 322 -40.26 -30.11 37.64
N LEU K 323 -39.65 -30.51 38.76
CA LEU K 323 -39.17 -29.58 39.76
C LEU K 323 -37.99 -30.15 40.50
N GLU K 324 -36.89 -29.39 40.50
CA GLU K 324 -35.70 -29.71 41.28
C GLU K 324 -35.47 -28.64 42.34
N THR K 325 -35.92 -28.88 43.57
CA THR K 325 -35.80 -27.91 44.66
C THR K 325 -34.76 -28.27 45.65
N ARG K 326 -34.39 -27.30 46.47
CA ARG K 326 -33.30 -27.54 47.39
C ARG K 326 -33.79 -28.14 48.71
N ASN K 327 -35.11 -28.36 48.88
CA ASN K 327 -35.59 -29.01 50.11
C ASN K 327 -36.06 -28.09 51.26
N VAL K 328 -35.52 -26.88 51.33
CA VAL K 328 -36.23 -25.85 52.07
C VAL K 328 -37.65 -25.85 51.52
N ILE K 329 -37.96 -26.68 50.52
CA ILE K 329 -39.32 -26.70 49.99
C ILE K 329 -40.17 -27.00 51.19
N GLY K 330 -39.60 -27.82 52.08
CA GLY K 330 -40.21 -28.17 53.35
C GLY K 330 -41.54 -28.89 53.22
N ASP K 331 -42.21 -29.11 54.36
CA ASP K 331 -43.48 -29.83 54.33
C ASP K 331 -44.58 -29.03 53.69
N ARG K 332 -44.64 -27.76 54.06
CA ARG K 332 -45.67 -26.91 53.47
C ARG K 332 -45.49 -26.96 51.95
N GLY K 333 -44.23 -27.01 51.52
CA GLY K 333 -43.92 -27.07 50.11
C GLY K 333 -44.60 -28.26 49.44
N LEU K 334 -44.28 -29.44 49.97
CA LEU K 334 -44.89 -30.65 49.46
C LEU K 334 -46.43 -30.59 49.50
N GLU K 335 -46.96 -29.99 50.58
CA GLU K 335 -48.41 -29.87 50.71
C GLU K 335 -48.94 -28.96 49.60
N VAL K 336 -48.22 -27.87 49.37
CA VAL K 336 -48.65 -26.96 48.35
C VAL K 336 -48.51 -27.64 47.02
N LEU K 337 -47.33 -28.23 46.82
CA LEU K 337 -47.04 -28.91 45.57
C LEU K 337 -48.18 -29.85 45.27
N ALA K 338 -48.84 -30.31 46.35
CA ALA K 338 -49.79 -31.41 46.28
C ALA K 338 -51.23 -31.08 45.85
N GLN K 339 -51.74 -29.88 46.14
CA GLN K 339 -53.07 -29.54 45.57
C GLN K 339 -53.10 -28.90 44.18
N TYR K 340 -52.14 -28.01 43.88
CA TYR K 340 -52.25 -27.27 42.61
C TYR K 340 -51.51 -27.95 41.49
N CYS K 341 -50.39 -28.58 41.87
CA CYS K 341 -49.50 -29.25 40.92
C CYS K 341 -49.86 -30.72 40.71
N LYS K 342 -51.03 -30.97 40.15
CA LYS K 342 -51.60 -32.31 40.20
C LYS K 342 -51.04 -33.24 39.15
N GLN K 343 -50.22 -32.69 38.25
CA GLN K 343 -49.68 -33.55 37.17
C GLN K 343 -48.14 -33.58 37.16
N LEU K 344 -47.57 -33.21 38.29
CA LEU K 344 -46.13 -33.19 38.46
C LEU K 344 -45.65 -34.59 38.19
N LYS K 345 -44.61 -34.73 37.36
CA LYS K 345 -44.16 -36.07 37.07
C LYS K 345 -42.68 -36.34 37.34
N ARG K 346 -41.90 -35.31 37.65
CA ARG K 346 -40.53 -35.53 38.09
C ARG K 346 -40.24 -34.70 39.29
N LEU K 347 -39.74 -35.31 40.36
CA LEU K 347 -39.37 -34.52 41.54
C LEU K 347 -38.00 -34.95 42.02
N ARG K 348 -37.13 -34.00 42.29
CA ARG K 348 -35.83 -34.31 42.81
C ARG K 348 -35.55 -33.25 43.88
N ILE K 349 -35.04 -33.68 45.03
CA ILE K 349 -34.78 -32.80 46.16
C ILE K 349 -33.32 -33.00 46.58
N GLU K 350 -32.37 -32.17 46.14
CA GLU K 350 -30.99 -32.35 46.61
C GLU K 350 -30.40 -31.24 47.48
N ARG K 351 -30.55 -31.35 48.80
CA ARG K 351 -29.94 -30.41 49.74
C ARG K 351 -28.41 -30.34 49.62
N GLY K 352 -27.84 -29.31 50.23
CA GLY K 352 -26.41 -29.15 50.24
C GLY K 352 -25.84 -28.94 48.85
N ALA K 353 -26.64 -28.36 47.94
CA ALA K 353 -26.11 -27.97 46.64
C ALA K 353 -24.77 -27.24 46.85
N ASP K 354 -24.65 -26.57 48.00
CA ASP K 354 -23.39 -25.99 48.48
C ASP K 354 -23.47 -25.72 49.98
N GLU K 355 -22.30 -25.65 50.62
CA GLU K 355 -22.19 -25.43 52.06
C GLU K 355 -22.86 -26.54 52.83
N GLN K 356 -23.26 -26.17 54.05
CA GLN K 356 -24.34 -26.83 54.75
C GLN K 356 -25.45 -25.78 54.81
N GLY K 357 -25.53 -25.03 55.90
CA GLY K 357 -26.54 -24.02 56.01
C GLY K 357 -27.82 -24.59 56.60
N MET K 358 -28.69 -23.70 57.09
CA MET K 358 -29.92 -24.04 57.81
C MET K 358 -30.69 -25.23 57.22
N GLU K 359 -30.53 -25.45 55.93
CA GLU K 359 -31.07 -26.65 55.30
C GLU K 359 -30.29 -27.84 55.84
N ASP K 360 -30.82 -28.47 56.90
CA ASP K 360 -30.30 -29.73 57.44
C ASP K 360 -31.43 -30.73 57.54
N GLU K 361 -31.70 -31.18 58.78
CA GLU K 361 -32.84 -32.06 59.06
C GLU K 361 -34.00 -31.22 59.50
N GLU K 362 -34.73 -30.68 58.54
CA GLU K 362 -35.72 -29.66 58.88
C GLU K 362 -36.59 -29.49 57.67
N GLY K 363 -37.88 -29.64 57.90
CA GLY K 363 -38.86 -29.44 56.85
C GLY K 363 -38.72 -30.60 55.93
N LEU K 364 -37.51 -31.15 55.86
CA LEU K 364 -37.15 -32.13 54.83
C LEU K 364 -38.34 -32.99 54.44
N VAL K 365 -38.95 -33.46 55.51
CA VAL K 365 -39.71 -34.65 55.48
C VAL K 365 -40.47 -34.81 56.74
N SER K 366 -41.50 -34.03 56.93
CA SER K 366 -42.51 -34.69 57.69
C SER K 366 -42.76 -35.83 56.69
N GLN K 367 -42.87 -37.01 57.25
CA GLN K 367 -43.67 -38.02 56.63
C GLN K 367 -45.00 -37.33 56.17
N ARG K 368 -45.26 -36.11 56.66
CA ARG K 368 -46.47 -35.38 56.25
C ARG K 368 -46.23 -34.71 54.93
N GLY K 369 -44.97 -34.27 54.72
CA GLY K 369 -44.50 -33.93 53.40
C GLY K 369 -44.59 -35.14 52.47
N LEU K 370 -43.75 -36.14 52.73
CA LEU K 370 -43.69 -37.32 51.87
C LEU K 370 -45.07 -37.91 51.64
N ILE K 371 -45.91 -37.99 52.67
CA ILE K 371 -47.22 -38.58 52.48
C ILE K 371 -48.18 -37.67 51.69
N ALA K 372 -48.09 -36.36 51.87
CA ALA K 372 -49.02 -35.48 51.17
C ALA K 372 -48.70 -35.49 49.69
N LEU K 373 -47.40 -35.43 49.43
CA LEU K 373 -46.91 -35.52 48.09
C LEU K 373 -47.44 -36.80 47.51
N ALA K 374 -47.07 -37.90 48.17
CA ALA K 374 -47.44 -39.23 47.74
C ALA K 374 -48.91 -39.29 47.30
N GLN K 375 -49.82 -39.04 48.25
CA GLN K 375 -51.28 -38.84 48.01
C GLN K 375 -51.67 -37.79 46.91
N GLY K 376 -50.98 -36.64 46.90
CA GLY K 376 -51.27 -35.54 45.98
C GLY K 376 -50.85 -35.64 44.49
N CYS K 377 -49.58 -36.00 44.26
CA CYS K 377 -49.02 -36.07 42.91
C CYS K 377 -48.87 -37.51 42.46
N GLN K 378 -49.95 -38.05 41.94
CA GLN K 378 -50.04 -39.49 41.71
C GLN K 378 -49.56 -39.90 40.33
N GLU K 379 -49.08 -38.93 39.57
CA GLU K 379 -48.67 -39.23 38.20
C GLU K 379 -47.16 -39.41 38.15
N LEU K 380 -46.53 -39.25 39.31
CA LEU K 380 -45.09 -39.14 39.43
C LEU K 380 -44.37 -40.37 38.87
N GLU K 381 -43.26 -40.14 38.18
CA GLU K 381 -42.53 -41.21 37.52
C GLU K 381 -41.09 -41.26 37.95
N TYR K 382 -40.59 -40.16 38.49
CA TYR K 382 -39.21 -40.11 38.99
C TYR K 382 -39.29 -39.30 40.28
N MET K 383 -38.77 -39.87 41.34
CA MET K 383 -38.73 -39.22 42.63
C MET K 383 -37.34 -39.61 43.12
N ALA K 384 -36.54 -38.60 43.40
CA ALA K 384 -35.21 -38.77 43.92
C ALA K 384 -35.08 -37.72 45.05
N VAL K 385 -34.76 -38.15 46.25
CA VAL K 385 -35.00 -37.31 47.38
C VAL K 385 -33.87 -37.53 48.36
N TYR K 386 -33.39 -36.43 48.91
CA TYR K 386 -32.32 -36.44 49.88
C TYR K 386 -32.94 -35.89 51.14
N VAL K 387 -32.90 -36.71 52.16
CA VAL K 387 -33.73 -36.45 53.29
C VAL K 387 -32.97 -36.86 54.54
N SER K 388 -33.28 -36.23 55.66
CA SER K 388 -32.51 -36.51 56.86
C SER K 388 -32.93 -37.83 57.44
N ASP K 389 -34.24 -38.11 57.35
CA ASP K 389 -34.84 -39.41 57.66
C ASP K 389 -36.16 -39.68 56.90
N ILE K 390 -36.43 -40.94 56.55
CA ILE K 390 -37.79 -41.31 56.20
C ILE K 390 -38.25 -42.23 57.31
N THR K 391 -39.55 -42.53 57.31
CA THR K 391 -40.09 -43.59 58.14
C THR K 391 -40.65 -44.70 57.27
N ASN K 392 -40.87 -45.86 57.87
CA ASN K 392 -41.53 -46.93 57.17
C ASN K 392 -42.82 -46.42 56.55
N GLU K 393 -43.43 -45.45 57.21
CA GLU K 393 -44.74 -44.93 56.82
C GLU K 393 -44.70 -44.18 55.47
N SER K 394 -43.73 -43.28 55.33
CA SER K 394 -43.58 -42.53 54.08
C SER K 394 -43.36 -43.56 53.02
N LEU K 395 -42.44 -44.47 53.29
CA LEU K 395 -42.12 -45.50 52.34
C LEU K 395 -43.42 -46.18 51.89
N GLU K 396 -44.26 -46.63 52.83
CA GLU K 396 -45.52 -47.30 52.43
C GLU K 396 -46.43 -46.40 51.64
N SER K 397 -46.37 -45.10 51.88
CA SER K 397 -47.33 -44.23 51.22
C SER K 397 -47.04 -44.21 49.73
N ILE K 398 -45.80 -43.83 49.40
CA ILE K 398 -45.18 -43.97 48.08
C ILE K 398 -45.65 -45.23 47.39
N GLY K 399 -45.55 -46.35 48.09
CA GLY K 399 -45.95 -47.63 47.54
C GLY K 399 -47.44 -47.76 47.24
N THR K 400 -48.26 -47.36 48.20
CA THR K 400 -49.68 -47.49 47.98
C THR K 400 -50.17 -46.39 47.04
N TYR K 401 -49.61 -45.19 47.15
CA TYR K 401 -50.17 -44.08 46.38
C TYR K 401 -49.64 -43.89 44.97
N LEU K 402 -48.36 -43.56 44.82
CA LEU K 402 -47.91 -43.23 43.47
C LEU K 402 -47.44 -44.46 42.74
N LYS K 403 -48.44 -45.17 42.21
CA LYS K 403 -48.24 -46.33 41.37
C LYS K 403 -47.37 -45.84 40.26
N ASN K 404 -47.04 -46.72 39.34
CA ASN K 404 -46.24 -46.26 38.18
C ASN K 404 -45.06 -45.23 38.36
N LEU K 405 -44.35 -45.27 39.48
CA LEU K 405 -43.02 -44.70 39.58
C LEU K 405 -42.05 -45.56 38.78
N CYS K 406 -41.14 -44.96 38.03
CA CYS K 406 -40.09 -45.77 37.38
C CYS K 406 -38.71 -45.73 38.03
N ASP K 407 -38.47 -44.71 38.84
CA ASP K 407 -37.13 -44.43 39.34
C ASP K 407 -37.26 -43.73 40.71
N PHE K 408 -36.82 -44.43 41.74
CA PHE K 408 -36.97 -43.90 43.08
C PHE K 408 -35.60 -43.96 43.73
N ARG K 409 -35.15 -42.83 44.28
CA ARG K 409 -33.84 -42.79 44.89
C ARG K 409 -33.95 -42.07 46.20
N LEU K 410 -33.41 -42.69 47.24
CA LEU K 410 -33.53 -42.14 48.58
C LEU K 410 -32.19 -42.18 49.25
N VAL K 411 -31.73 -41.01 49.69
CA VAL K 411 -30.48 -40.93 50.44
C VAL K 411 -30.65 -40.33 51.81
N LEU K 412 -30.19 -41.01 52.85
CA LEU K 412 -30.27 -40.45 54.20
C LEU K 412 -29.07 -39.52 54.51
N LEU K 413 -29.36 -38.27 54.82
CA LEU K 413 -28.30 -37.30 55.02
C LEU K 413 -27.77 -37.37 56.43
N ASP K 414 -28.56 -37.96 57.30
CA ASP K 414 -28.16 -38.06 58.69
C ASP K 414 -27.26 -39.30 58.86
N ARG K 415 -25.99 -39.04 59.15
CA ARG K 415 -25.01 -40.09 59.19
C ARG K 415 -24.95 -40.87 60.50
N GLU K 416 -25.59 -40.32 61.53
CA GLU K 416 -25.54 -40.85 62.91
C GLU K 416 -26.38 -42.11 63.15
N GLU K 417 -25.74 -43.19 63.58
CA GLU K 417 -26.38 -44.50 63.71
C GLU K 417 -27.45 -44.48 64.79
N ARG K 418 -28.62 -45.00 64.46
CA ARG K 418 -29.70 -45.04 65.44
C ARG K 418 -29.79 -46.46 65.95
N ILE K 419 -29.28 -46.72 67.15
CA ILE K 419 -29.53 -48.05 67.74
C ILE K 419 -30.99 -48.24 68.22
N THR K 420 -31.61 -47.18 68.75
CA THR K 420 -33.01 -47.22 69.15
C THR K 420 -33.93 -46.72 68.04
N ASP K 421 -33.80 -47.34 66.87
CA ASP K 421 -34.66 -47.00 65.75
C ASP K 421 -34.80 -48.19 64.79
N LEU K 422 -36.00 -48.33 64.26
CA LEU K 422 -36.32 -49.47 63.45
C LEU K 422 -35.72 -49.44 62.04
N PRO K 423 -35.54 -50.61 61.48
CA PRO K 423 -35.19 -50.72 60.08
C PRO K 423 -36.36 -50.31 59.18
N LEU K 424 -36.04 -50.26 57.88
CA LEU K 424 -36.97 -49.79 56.88
C LEU K 424 -37.55 -50.99 56.12
N ASP K 425 -37.10 -52.18 56.50
CA ASP K 425 -37.48 -53.45 55.85
C ASP K 425 -38.97 -53.45 55.44
N ASN K 426 -39.78 -53.00 56.37
CA ASN K 426 -41.21 -53.05 56.17
C ASN K 426 -41.65 -52.02 55.17
N GLY K 427 -41.03 -50.85 55.22
CA GLY K 427 -41.23 -49.79 54.24
C GLY K 427 -40.74 -50.10 52.81
N VAL K 428 -39.50 -50.56 52.63
CA VAL K 428 -39.08 -50.87 51.26
C VAL K 428 -39.97 -51.92 50.67
N ARG K 429 -40.28 -52.91 51.48
CA ARG K 429 -41.09 -53.99 51.00
C ARG K 429 -42.38 -53.43 50.44
N SER K 430 -43.08 -52.57 51.20
CA SER K 430 -44.44 -52.19 50.77
C SER K 430 -44.42 -51.32 49.51
N LEU K 431 -43.35 -50.50 49.44
CA LEU K 431 -42.96 -49.71 48.27
C LEU K 431 -42.65 -50.53 47.02
N LEU K 432 -41.79 -51.54 47.16
CA LEU K 432 -41.46 -52.37 46.01
C LEU K 432 -42.67 -53.14 45.54
N ILE K 433 -43.62 -53.37 46.44
CA ILE K 433 -44.77 -54.19 46.11
C ILE K 433 -45.84 -53.36 45.38
N GLY K 434 -45.98 -52.10 45.76
CA GLY K 434 -46.93 -51.22 45.10
C GLY K 434 -46.42 -50.62 43.80
N CYS K 435 -45.15 -50.23 43.83
CA CYS K 435 -44.51 -49.65 42.66
C CYS K 435 -44.01 -50.73 41.70
N LYS K 436 -44.92 -51.30 40.90
CA LYS K 436 -44.59 -52.51 40.15
C LYS K 436 -43.77 -52.19 38.94
N LYS K 437 -43.70 -50.90 38.63
CA LYS K 437 -43.15 -50.46 37.35
C LYS K 437 -41.73 -49.95 37.52
N LEU K 438 -41.10 -50.37 38.60
CA LEU K 438 -39.88 -49.70 38.99
C LEU K 438 -38.71 -50.29 38.23
N ARG K 439 -37.92 -49.42 37.57
CA ARG K 439 -36.75 -49.87 36.80
C ARG K 439 -35.40 -49.47 37.44
N ARG K 440 -35.42 -48.40 38.22
CA ARG K 440 -34.19 -47.91 38.84
C ARG K 440 -34.48 -47.60 40.29
N PHE K 441 -33.52 -47.90 41.14
CA PHE K 441 -33.77 -47.83 42.56
C PHE K 441 -32.46 -47.50 43.30
N ALA K 442 -32.43 -46.39 44.03
CA ALA K 442 -31.32 -46.15 44.95
C ALA K 442 -31.89 -46.17 46.34
N PHE K 443 -31.19 -46.86 47.24
CA PHE K 443 -31.59 -46.91 48.65
C PHE K 443 -30.31 -46.73 49.49
N TYR K 444 -29.91 -45.49 49.77
CA TYR K 444 -28.66 -45.22 50.48
C TYR K 444 -28.93 -44.86 51.97
N LEU K 445 -28.55 -45.73 52.91
CA LEU K 445 -28.98 -45.56 54.30
C LEU K 445 -27.83 -45.41 55.27
N ARG K 446 -28.07 -45.63 56.58
CA ARG K 446 -26.96 -45.62 57.55
C ARG K 446 -26.91 -47.04 58.07
N GLN K 447 -25.84 -47.47 58.77
CA GLN K 447 -25.75 -48.91 59.20
C GLN K 447 -26.94 -49.50 60.01
N GLY K 448 -27.69 -48.67 60.72
CA GLY K 448 -28.97 -49.17 61.20
C GLY K 448 -29.93 -49.73 60.14
N GLY K 449 -30.15 -48.94 59.10
CA GLY K 449 -31.36 -48.97 58.29
C GLY K 449 -32.04 -50.18 57.67
N LEU K 450 -31.33 -51.23 57.25
CA LEU K 450 -32.00 -52.35 56.60
C LEU K 450 -31.29 -53.59 57.07
N THR K 451 -32.05 -54.54 57.61
CA THR K 451 -31.52 -55.80 58.12
C THR K 451 -31.41 -56.82 56.98
N ASP K 452 -30.73 -57.92 57.22
CA ASP K 452 -30.74 -58.97 56.24
C ASP K 452 -32.18 -59.33 55.77
N LEU K 453 -33.18 -59.15 56.62
CA LEU K 453 -34.53 -59.50 56.20
C LEU K 453 -34.96 -58.56 55.10
N GLY K 454 -34.65 -57.27 55.29
CA GLY K 454 -35.09 -56.18 54.41
C GLY K 454 -34.38 -56.24 53.06
N LEU K 455 -33.06 -56.44 53.12
CA LEU K 455 -32.30 -56.84 51.95
C LEU K 455 -32.93 -58.05 51.21
N SER K 456 -33.43 -59.02 51.95
CA SER K 456 -34.11 -60.11 51.27
C SER K 456 -35.42 -59.63 50.67
N TYR K 457 -36.06 -58.65 51.30
CA TYR K 457 -37.32 -58.23 50.74
C TYR K 457 -36.98 -57.55 49.40
N ILE K 458 -35.91 -56.74 49.37
CA ILE K 458 -35.62 -55.91 48.18
C ILE K 458 -35.48 -56.82 47.00
N GLY K 459 -34.74 -57.91 47.20
CA GLY K 459 -34.39 -58.86 46.16
C GLY K 459 -35.63 -59.58 45.68
N GLN K 460 -36.57 -59.74 46.61
CA GLN K 460 -37.74 -60.56 46.37
C GLN K 460 -38.77 -59.81 45.56
N TYR K 461 -38.73 -58.48 45.62
CA TYR K 461 -39.82 -57.65 45.12
C TYR K 461 -39.46 -56.54 44.13
N SER K 462 -38.46 -56.77 43.30
CA SER K 462 -38.03 -55.70 42.39
C SER K 462 -37.74 -56.29 41.05
N PRO K 463 -38.75 -56.92 40.46
CA PRO K 463 -38.66 -57.80 39.30
C PRO K 463 -38.16 -57.06 38.08
N ASN K 464 -38.52 -55.78 37.89
CA ASN K 464 -38.05 -55.05 36.72
C ASN K 464 -36.92 -54.07 36.98
N VAL K 465 -36.19 -54.25 38.06
CA VAL K 465 -35.18 -53.26 38.41
C VAL K 465 -33.85 -53.55 37.73
N ARG K 466 -33.38 -52.61 36.93
CA ARG K 466 -32.21 -52.87 36.09
C ARG K 466 -30.97 -52.32 36.74
N TRP K 467 -31.16 -51.29 37.56
CA TRP K 467 -30.08 -50.65 38.35
C TRP K 467 -30.42 -50.36 39.82
N MET K 468 -29.47 -50.65 40.68
CA MET K 468 -29.65 -50.39 42.07
C MET K 468 -28.36 -49.83 42.60
N LEU K 469 -28.50 -48.68 43.25
CA LEU K 469 -27.49 -48.19 44.15
C LEU K 469 -27.98 -48.49 45.57
N LEU K 470 -27.18 -49.26 46.30
CA LEU K 470 -27.60 -49.75 47.60
C LEU K 470 -26.69 -49.18 48.64
N GLY K 471 -27.36 -48.61 49.64
CA GLY K 471 -26.83 -47.72 50.68
C GLY K 471 -25.94 -48.36 51.67
N TYR K 472 -26.29 -48.33 52.93
CA TYR K 472 -25.45 -49.09 53.85
C TYR K 472 -26.35 -50.24 54.28
N VAL K 473 -26.54 -51.22 53.39
CA VAL K 473 -27.55 -52.24 53.62
C VAL K 473 -27.03 -53.56 54.17
N GLY K 474 -27.99 -54.27 54.76
CA GLY K 474 -27.73 -55.55 55.36
C GLY K 474 -27.01 -55.49 56.69
N GLU K 475 -26.82 -56.66 57.28
CA GLU K 475 -26.03 -56.80 58.49
C GLU K 475 -25.04 -57.92 58.42
N SER K 476 -25.23 -58.88 57.52
CA SER K 476 -24.19 -59.90 57.29
C SER K 476 -24.22 -60.57 55.89
N ASP K 477 -23.18 -61.30 55.54
CA ASP K 477 -23.18 -61.90 54.22
C ASP K 477 -24.52 -62.56 53.89
N GLU K 478 -25.26 -63.02 54.89
CA GLU K 478 -26.51 -63.73 54.59
C GLU K 478 -27.45 -62.79 53.86
N GLY K 479 -27.40 -61.53 54.25
CA GLY K 479 -28.26 -60.53 53.66
C GLY K 479 -27.98 -60.43 52.17
N LEU K 480 -26.69 -60.37 51.82
CA LEU K 480 -26.39 -60.27 50.41
C LEU K 480 -26.88 -61.53 49.71
N MET K 481 -26.78 -62.70 50.37
CA MET K 481 -27.18 -63.94 49.71
C MET K 481 -28.69 -64.08 49.46
N GLU K 482 -29.53 -63.61 50.37
CA GLU K 482 -30.97 -63.74 50.15
C GLU K 482 -31.35 -62.89 48.94
N PHE K 483 -30.58 -61.80 48.80
CA PHE K 483 -30.87 -60.76 47.86
C PHE K 483 -30.48 -61.33 46.52
N SER K 484 -29.32 -61.98 46.46
CA SER K 484 -28.81 -62.51 45.19
C SER K 484 -29.70 -63.58 44.60
N ARG K 485 -30.64 -64.08 45.40
CA ARG K 485 -31.63 -65.03 44.89
C ARG K 485 -32.73 -64.40 44.05
N GLY K 486 -32.87 -63.06 44.15
CA GLY K 486 -33.91 -62.37 43.42
C GLY K 486 -33.37 -61.63 42.23
N CYS K 487 -33.96 -60.46 41.96
CA CYS K 487 -33.42 -59.47 41.03
C CYS K 487 -33.09 -60.10 39.71
N PRO K 488 -34.09 -60.70 39.09
CA PRO K 488 -33.89 -61.33 37.80
C PRO K 488 -33.50 -60.35 36.70
N ASN K 489 -33.67 -59.02 36.82
CA ASN K 489 -33.32 -58.19 35.67
C ASN K 489 -32.22 -57.21 35.99
N LEU K 490 -31.62 -57.38 37.16
CA LEU K 490 -30.62 -56.45 37.65
C LEU K 490 -29.37 -56.45 36.79
N GLN K 491 -29.14 -55.40 36.00
CA GLN K 491 -27.92 -55.37 35.20
C GLN K 491 -26.75 -54.61 35.84
N LYS K 492 -27.04 -53.54 36.58
CA LYS K 492 -26.02 -52.67 37.20
C LYS K 492 -26.18 -52.67 38.71
N LEU K 493 -25.14 -53.02 39.42
CA LEU K 493 -25.26 -53.01 40.88
C LEU K 493 -24.15 -52.14 41.48
N GLU K 494 -24.52 -51.04 42.13
CA GLU K 494 -23.55 -50.24 42.86
C GLU K 494 -23.93 -50.34 44.34
N MET K 495 -22.97 -50.76 45.16
CA MET K 495 -23.20 -50.97 46.58
C MET K 495 -22.08 -50.19 47.26
N ARG K 496 -22.43 -49.34 48.21
CA ARG K 496 -21.37 -48.68 48.96
C ARG K 496 -21.60 -48.77 50.43
N GLY K 497 -20.53 -48.99 51.19
CA GLY K 497 -20.62 -49.00 52.63
C GLY K 497 -21.26 -50.24 53.22
N CYS K 498 -21.02 -51.39 52.60
CA CYS K 498 -21.64 -52.57 53.13
C CYS K 498 -20.59 -53.38 53.82
N CYS K 499 -21.03 -54.29 54.68
CA CYS K 499 -20.15 -55.08 55.51
C CYS K 499 -19.81 -56.42 54.83
N PHE K 500 -20.49 -56.74 53.75
CA PHE K 500 -20.26 -57.93 52.92
C PHE K 500 -18.79 -58.32 52.73
N SER K 501 -18.53 -59.61 52.63
CA SER K 501 -17.16 -60.09 52.53
C SER K 501 -16.78 -60.25 51.05
N GLU K 502 -15.52 -60.55 50.71
CA GLU K 502 -15.27 -60.91 49.32
C GLU K 502 -15.99 -62.21 48.84
N ARG K 503 -16.03 -63.26 49.66
CA ARG K 503 -16.61 -64.53 49.17
C ARG K 503 -18.08 -64.36 48.90
N ALA K 504 -18.72 -63.50 49.68
CA ALA K 504 -20.16 -63.19 49.55
C ALA K 504 -20.43 -62.41 48.29
N ILE K 505 -19.61 -61.38 48.07
CA ILE K 505 -19.78 -60.57 46.90
C ILE K 505 -19.64 -61.52 45.67
N ALA K 506 -18.55 -62.26 45.59
CA ALA K 506 -18.36 -63.19 44.47
C ALA K 506 -19.45 -64.30 44.36
N ALA K 507 -20.17 -64.59 45.43
CA ALA K 507 -21.19 -65.61 45.35
C ALA K 507 -22.48 -64.99 44.83
N ALA K 508 -22.75 -63.78 45.32
CA ALA K 508 -23.83 -63.03 44.78
C ALA K 508 -23.63 -62.83 43.25
N VAL K 509 -22.48 -62.28 42.85
CA VAL K 509 -22.25 -62.03 41.43
C VAL K 509 -22.60 -63.31 40.65
N THR K 510 -22.09 -64.44 41.13
CA THR K 510 -22.36 -65.77 40.55
C THR K 510 -23.86 -66.01 40.39
N LYS K 511 -24.59 -65.96 41.50
CA LYS K 511 -26.06 -66.14 41.52
C LYS K 511 -26.88 -65.18 40.60
N LEU K 512 -26.40 -63.95 40.39
CA LEU K 512 -27.23 -62.96 39.69
C LEU K 512 -27.17 -63.15 38.18
N PRO K 513 -28.34 -63.35 37.57
CA PRO K 513 -28.64 -63.79 36.20
C PRO K 513 -28.30 -62.75 35.10
N SER K 514 -28.92 -61.57 35.17
CA SER K 514 -28.49 -60.46 34.35
C SER K 514 -27.71 -59.72 35.37
N LEU K 515 -26.50 -59.34 35.03
CA LEU K 515 -25.69 -58.42 35.85
C LEU K 515 -24.44 -58.26 35.06
N ARG K 516 -24.26 -57.05 34.53
CA ARG K 516 -23.21 -56.86 33.57
C ARG K 516 -22.16 -55.82 34.05
N TYR K 517 -22.44 -55.20 35.20
CA TYR K 517 -21.58 -54.18 35.83
C TYR K 517 -21.71 -54.16 37.35
N LEU K 518 -20.63 -54.39 38.07
CA LEU K 518 -20.67 -54.32 39.52
C LEU K 518 -19.63 -53.32 40.00
N TRP K 519 -20.06 -52.38 40.82
CA TRP K 519 -19.15 -51.47 41.50
C TRP K 519 -19.40 -51.56 43.00
N VAL K 520 -18.37 -51.92 43.75
CA VAL K 520 -18.47 -51.97 45.22
C VAL K 520 -17.38 -51.15 45.91
N GLN K 521 -17.80 -50.26 46.82
CA GLN K 521 -16.79 -49.58 47.61
C GLN K 521 -17.07 -49.82 49.06
N GLY K 522 -16.16 -50.57 49.71
CA GLY K 522 -16.31 -50.94 51.11
C GLY K 522 -16.76 -52.38 51.26
N TYR K 523 -15.83 -53.22 51.65
CA TYR K 523 -16.11 -54.62 51.78
C TYR K 523 -15.04 -55.20 52.66
N ARG K 524 -15.43 -56.18 53.48
CA ARG K 524 -14.52 -56.90 54.36
C ARG K 524 -13.50 -57.61 53.46
N ALA K 525 -12.29 -57.06 53.42
CA ALA K 525 -11.30 -57.42 52.42
C ALA K 525 -10.76 -58.87 52.49
N SER K 526 -9.62 -59.03 51.82
CA SER K 526 -8.59 -60.03 52.06
C SER K 526 -7.34 -59.25 51.62
N MET K 527 -6.14 -59.64 52.03
CA MET K 527 -4.98 -58.90 51.52
C MET K 527 -4.49 -59.64 50.28
N THR K 528 -4.66 -59.02 49.11
CA THR K 528 -4.59 -59.71 47.82
C THR K 528 -5.26 -61.07 48.01
N GLY K 529 -6.56 -61.07 47.77
CA GLY K 529 -7.37 -62.20 48.15
C GLY K 529 -7.98 -62.83 46.93
N GLN K 530 -7.84 -64.14 46.89
CA GLN K 530 -8.48 -65.00 45.92
C GLN K 530 -9.86 -65.34 46.37
N ASP K 531 -10.47 -64.53 47.22
CA ASP K 531 -11.83 -64.88 47.58
C ASP K 531 -12.72 -64.40 46.46
N LEU K 532 -12.42 -63.20 45.95
CA LEU K 532 -13.13 -62.63 44.83
C LEU K 532 -13.00 -63.53 43.65
N MET K 533 -11.92 -64.28 43.61
CA MET K 533 -11.61 -65.07 42.43
C MET K 533 -12.67 -66.06 42.04
N GLN K 534 -13.48 -66.53 43.00
CA GLN K 534 -14.49 -67.58 42.70
C GLN K 534 -15.67 -66.98 41.91
N MET K 535 -15.33 -66.00 41.07
CA MET K 535 -16.26 -65.13 40.38
C MET K 535 -15.68 -64.93 38.98
N ALA K 536 -14.46 -65.41 38.78
CA ALA K 536 -13.88 -65.37 37.47
C ALA K 536 -14.75 -66.21 36.52
N ARG K 537 -14.99 -65.63 35.35
CA ARG K 537 -15.83 -66.14 34.27
C ARG K 537 -15.12 -65.64 33.01
N PRO K 538 -15.45 -66.23 31.85
CA PRO K 538 -14.81 -65.83 30.61
C PRO K 538 -14.73 -64.31 30.37
N TYR K 539 -15.83 -63.65 30.08
CA TYR K 539 -15.61 -62.28 29.61
C TYR K 539 -15.65 -61.24 30.73
N TRP K 540 -15.54 -61.71 31.96
CA TRP K 540 -15.69 -60.88 33.16
C TRP K 540 -14.37 -60.23 33.50
N ASN K 541 -14.36 -58.89 33.45
CA ASN K 541 -13.18 -58.13 33.83
C ASN K 541 -13.35 -57.69 35.28
N ILE K 542 -12.43 -58.08 36.15
CA ILE K 542 -12.47 -57.53 37.49
C ILE K 542 -11.27 -56.59 37.80
N GLU K 543 -11.53 -55.33 38.16
CA GLU K 543 -10.48 -54.38 38.58
C GLU K 543 -10.59 -54.03 40.07
N LEU K 544 -9.47 -53.64 40.68
CA LEU K 544 -9.49 -53.24 42.08
C LEU K 544 -8.81 -51.89 42.24
N ILE K 545 -9.53 -50.94 42.82
CA ILE K 545 -8.94 -49.68 43.21
C ILE K 545 -8.60 -49.72 44.71
N PRO K 546 -7.36 -50.15 45.04
CA PRO K 546 -6.91 -50.39 46.42
C PRO K 546 -7.07 -49.17 47.33
N SER K 547 -6.97 -49.44 48.65
CA SER K 547 -7.24 -48.47 49.71
C SER K 547 -6.37 -47.23 49.65
N ARG K 548 -7.03 -46.09 49.74
CA ARG K 548 -6.40 -44.78 49.90
C ARG K 548 -7.37 -43.90 50.69
N PRO K 565 -11.21 -46.36 51.19
CA PRO K 565 -11.49 -47.82 51.21
C PRO K 565 -11.47 -48.42 49.79
N ALA K 566 -11.15 -49.71 49.66
CA ALA K 566 -11.01 -50.34 48.34
C ALA K 566 -12.29 -50.31 47.51
N HIS K 567 -12.15 -50.23 46.20
CA HIS K 567 -13.30 -50.41 45.33
C HIS K 567 -13.03 -51.70 44.60
N ILE K 568 -14.09 -52.34 44.13
CA ILE K 568 -14.09 -53.45 43.21
C ILE K 568 -14.97 -53.00 42.05
N LEU K 569 -14.46 -53.08 40.81
CA LEU K 569 -15.29 -52.87 39.63
C LEU K 569 -15.11 -54.10 38.73
N ALA K 570 -16.22 -54.80 38.43
CA ALA K 570 -16.23 -55.92 37.50
C ALA K 570 -17.23 -55.61 36.41
N TYR K 571 -17.03 -56.15 35.20
CA TYR K 571 -17.94 -55.89 34.07
C TYR K 571 -17.68 -56.86 32.90
N TYR K 572 -18.72 -57.17 32.12
CA TYR K 572 -18.50 -57.97 30.92
C TYR K 572 -17.87 -57.08 29.88
N SER K 573 -16.96 -57.65 29.11
CA SER K 573 -16.34 -56.93 28.01
C SER K 573 -15.84 -57.87 26.95
N LEU K 574 -16.06 -57.45 25.73
CA LEU K 574 -15.65 -58.21 24.58
C LEU K 574 -14.19 -57.93 24.16
N ALA K 575 -13.43 -57.20 24.98
CA ALA K 575 -12.09 -56.72 24.62
C ALA K 575 -10.90 -57.23 25.44
N GLY K 576 -11.18 -57.81 26.59
CA GLY K 576 -10.10 -58.02 27.52
C GLY K 576 -9.77 -56.80 28.36
N GLN K 577 -8.75 -57.00 29.19
CA GLN K 577 -8.49 -56.07 30.26
C GLN K 577 -7.97 -54.79 29.62
N ARG K 578 -8.46 -53.64 30.09
CA ARG K 578 -7.86 -52.40 29.67
C ARG K 578 -6.35 -52.49 29.60
N THR K 579 -5.82 -51.78 28.62
CA THR K 579 -4.41 -51.46 28.47
C THR K 579 -3.93 -50.22 29.24
N ASP K 580 -4.87 -49.33 29.58
CA ASP K 580 -4.51 -47.99 30.02
C ASP K 580 -4.74 -47.68 31.50
N CYS K 581 -4.71 -48.72 32.35
CA CYS K 581 -4.86 -48.52 33.80
C CYS K 581 -3.83 -47.61 34.41
N PRO K 582 -4.29 -46.77 35.33
CA PRO K 582 -3.37 -46.10 36.24
C PRO K 582 -2.63 -47.15 37.09
N THR K 583 -1.55 -46.71 37.76
CA THR K 583 -0.87 -47.49 38.79
C THR K 583 -1.75 -47.67 40.04
N THR K 584 -2.80 -46.86 40.14
CA THR K 584 -3.79 -46.95 41.22
C THR K 584 -4.74 -48.10 41.07
N VAL K 585 -4.75 -48.75 39.91
CA VAL K 585 -5.68 -49.83 39.63
C VAL K 585 -4.95 -51.15 39.50
N ARG K 586 -5.57 -52.22 39.94
CA ARG K 586 -4.91 -53.49 39.94
C ARG K 586 -5.89 -54.34 39.18
N VAL K 587 -5.40 -55.35 38.47
CA VAL K 587 -6.29 -56.19 37.69
C VAL K 587 -6.19 -57.65 38.04
N LEU K 588 -7.20 -58.17 38.75
CA LEU K 588 -7.20 -59.57 39.22
C LEU K 588 -7.09 -60.67 38.14
N LYS K 589 -5.98 -61.42 38.12
CA LYS K 589 -5.74 -62.48 37.11
C LYS K 589 -5.52 -63.92 37.61
N LYS L 5 55.64 -23.65 -5.60
CA LYS L 5 55.67 -22.19 -5.64
C LYS L 5 54.54 -21.63 -6.51
N ILE L 6 53.68 -20.78 -5.92
CA ILE L 6 52.55 -20.14 -6.61
C ILE L 6 52.57 -18.60 -6.67
N VAL L 7 52.05 -18.01 -7.74
CA VAL L 7 52.05 -16.55 -7.87
C VAL L 7 50.67 -15.99 -7.52
N LEU L 8 50.65 -15.00 -6.64
CA LEU L 8 49.41 -14.29 -6.30
C LEU L 8 49.47 -12.86 -6.80
N LYS L 9 48.55 -12.49 -7.66
CA LYS L 9 48.57 -11.13 -8.20
C LYS L 9 47.60 -10.21 -7.46
N SER L 10 48.16 -9.30 -6.66
CA SER L 10 47.39 -8.36 -5.86
C SER L 10 46.56 -7.35 -6.70
N SER L 11 45.74 -6.55 -6.02
CA SER L 11 44.78 -5.65 -6.67
C SER L 11 45.40 -4.32 -7.09
N ASP L 12 46.66 -4.36 -7.50
CA ASP L 12 47.33 -3.19 -8.04
C ASP L 12 48.58 -3.63 -8.82
N GLY L 13 48.44 -4.77 -9.50
CA GLY L 13 49.53 -5.37 -10.26
C GLY L 13 50.77 -5.53 -9.41
N GLU L 14 50.80 -6.58 -8.60
CA GLU L 14 51.93 -6.82 -7.73
C GLU L 14 52.08 -8.31 -7.53
N SER L 15 52.94 -8.94 -8.30
CA SER L 15 53.12 -10.38 -8.16
C SER L 15 53.74 -10.74 -6.82
N PHE L 16 53.33 -11.89 -6.27
CA PHE L 16 53.84 -12.37 -4.98
C PHE L 16 54.29 -13.81 -5.06
N GLU L 17 55.58 -14.03 -4.87
CA GLU L 17 56.13 -15.37 -4.87
C GLU L 17 55.83 -16.00 -3.53
N VAL L 18 55.00 -17.04 -3.50
CA VAL L 18 54.67 -17.72 -2.24
C VAL L 18 54.71 -19.25 -2.33
N GLU L 19 55.02 -19.89 -1.22
CA GLU L 19 55.21 -21.34 -1.23
C GLU L 19 53.89 -22.06 -1.46
N GLU L 20 53.99 -23.33 -1.82
CA GLU L 20 52.84 -24.20 -2.01
C GLU L 20 51.89 -24.14 -0.80
N ALA L 21 52.28 -24.79 0.29
CA ALA L 21 51.41 -24.97 1.45
C ALA L 21 51.02 -23.67 2.16
N VAL L 22 51.65 -22.56 1.79
CA VAL L 22 51.29 -21.24 2.32
C VAL L 22 50.05 -20.69 1.63
N ALA L 23 50.07 -20.68 0.30
CA ALA L 23 48.92 -20.20 -0.46
C ALA L 23 47.67 -21.10 -0.30
N LEU L 24 47.88 -22.31 0.21
CA LEU L 24 46.80 -23.28 0.38
C LEU L 24 46.01 -23.09 1.68
N GLU L 25 46.52 -22.27 2.59
CA GLU L 25 45.75 -21.93 3.79
C GLU L 25 44.43 -21.29 3.36
N SER L 26 44.45 -20.60 2.21
CA SER L 26 43.24 -20.02 1.65
C SER L 26 42.51 -21.06 0.80
N GLN L 27 41.37 -21.55 1.30
CA GLN L 27 40.55 -22.45 0.51
C GLN L 27 40.03 -21.79 -0.78
N THR L 28 40.09 -20.46 -0.87
CA THR L 28 39.70 -19.78 -2.09
C THR L 28 40.80 -19.96 -3.16
N ILE L 29 42.05 -19.97 -2.71
CA ILE L 29 43.20 -20.19 -3.60
C ILE L 29 43.44 -21.69 -3.85
N ALA L 30 42.96 -22.52 -2.92
CA ALA L 30 43.01 -23.98 -3.10
C ALA L 30 41.97 -24.50 -4.11
N HIS L 31 40.71 -24.07 -3.96
CA HIS L 31 39.64 -24.45 -4.89
C HIS L 31 39.90 -23.83 -6.28
N MET L 32 41.05 -23.17 -6.42
CA MET L 32 41.43 -22.50 -7.66
C MET L 32 42.70 -23.12 -8.25
N VAL L 33 43.03 -24.32 -7.79
CA VAL L 33 44.07 -25.13 -8.42
C VAL L 33 43.44 -26.38 -9.06
N GLU L 34 42.12 -26.47 -8.96
CA GLU L 34 41.35 -27.47 -9.69
C GLU L 34 41.24 -27.03 -11.15
N ASP L 35 40.45 -25.99 -11.37
CA ASP L 35 40.34 -25.31 -12.67
C ASP L 35 41.58 -24.42 -12.88
N ASP L 36 42.69 -24.83 -12.26
CA ASP L 36 43.96 -24.10 -12.23
C ASP L 36 44.03 -22.87 -13.14
N CYS L 37 43.71 -21.71 -12.58
CA CYS L 37 43.98 -20.44 -13.25
C CYS L 37 45.44 -20.08 -13.04
N VAL L 38 46.14 -20.89 -12.24
CA VAL L 38 47.53 -20.67 -11.86
C VAL L 38 48.45 -20.42 -13.07
N ASP L 39 47.97 -20.80 -14.26
CA ASP L 39 48.70 -20.56 -15.50
C ASP L 39 49.19 -19.12 -15.62
N ASN L 40 48.37 -18.18 -15.16
CA ASN L 40 48.71 -16.75 -15.21
C ASN L 40 48.83 -16.16 -13.80
N GLY L 41 49.02 -17.04 -12.82
CA GLY L 41 49.01 -16.65 -11.41
C GLY L 41 47.58 -16.39 -10.95
N VAL L 42 47.28 -16.67 -9.68
CA VAL L 42 45.93 -16.49 -9.16
C VAL L 42 45.54 -15.00 -9.05
N PRO L 43 44.56 -14.58 -9.85
CA PRO L 43 44.17 -13.17 -9.92
C PRO L 43 43.24 -12.81 -8.77
N LEU L 44 43.73 -12.19 -7.72
CA LEU L 44 42.82 -11.75 -6.66
C LEU L 44 42.86 -10.26 -6.42
N PRO L 45 42.04 -9.50 -7.18
CA PRO L 45 42.04 -8.03 -7.28
C PRO L 45 41.14 -7.34 -6.26
N ASN L 46 40.92 -7.99 -5.13
CA ASN L 46 40.12 -7.38 -4.05
C ASN L 46 40.94 -7.11 -2.79
N VAL L 47 42.16 -7.65 -2.79
CA VAL L 47 43.11 -7.45 -1.69
C VAL L 47 44.16 -6.44 -2.08
N THR L 48 44.24 -5.37 -1.29
CA THR L 48 45.31 -4.39 -1.40
C THR L 48 46.65 -5.13 -1.28
N SER L 49 47.69 -4.60 -1.90
CA SER L 49 48.97 -5.31 -1.90
C SER L 49 49.58 -5.27 -0.50
N LYS L 50 49.35 -4.14 0.18
CA LYS L 50 49.76 -3.96 1.57
C LYS L 50 49.13 -4.99 2.49
N ILE L 51 47.85 -5.28 2.25
CA ILE L 51 47.10 -6.27 3.02
C ILE L 51 47.50 -7.69 2.69
N LEU L 52 47.52 -8.01 1.40
CA LEU L 52 47.92 -9.34 0.95
C LEU L 52 49.26 -9.76 1.58
N ALA L 53 50.16 -8.79 1.68
CA ALA L 53 51.46 -9.00 2.31
C ALA L 53 51.29 -9.50 3.75
N LYS L 54 50.46 -8.76 4.50
CA LYS L 54 50.20 -9.11 5.88
C LYS L 54 49.51 -10.48 6.00
N VAL L 55 48.65 -10.81 5.03
CA VAL L 55 48.00 -12.13 5.02
C VAL L 55 49.00 -13.27 4.82
N ILE L 56 49.89 -13.10 3.87
CA ILE L 56 50.93 -14.10 3.62
C ILE L 56 51.86 -14.28 4.83
N GLU L 57 52.21 -13.16 5.47
CA GLU L 57 53.04 -13.22 6.67
C GLU L 57 52.39 -14.14 7.71
N TYR L 58 51.08 -13.99 7.91
CA TYR L 58 50.33 -14.79 8.89
C TYR L 58 50.34 -16.26 8.51
N CYS L 59 50.01 -16.52 7.27
CA CYS L 59 50.00 -17.89 6.81
C CYS L 59 51.39 -18.53 6.87
N LYS L 60 52.40 -17.81 6.40
CA LYS L 60 53.77 -18.26 6.51
C LYS L 60 54.04 -18.86 7.92
N ARG L 61 53.76 -18.07 8.96
CA ARG L 61 54.10 -18.43 10.34
C ARG L 61 53.32 -19.61 10.86
N HIS L 62 52.04 -19.69 10.49
CA HIS L 62 51.19 -20.75 11.03
C HIS L 62 51.51 -22.12 10.42
N VAL L 63 51.88 -22.12 9.14
CA VAL L 63 52.31 -23.34 8.47
C VAL L 63 53.55 -23.92 9.15
N GLU L 64 54.36 -23.03 9.72
CA GLU L 64 55.52 -23.44 10.51
C GLU L 64 55.10 -23.90 11.90
N ALA L 65 53.93 -24.52 11.97
CA ALA L 65 53.59 -25.35 13.11
C ALA L 65 53.83 -26.81 12.70
N ALA L 66 54.68 -26.98 11.68
CA ALA L 66 55.22 -28.29 11.32
C ALA L 66 56.13 -28.76 12.45
N ALA L 67 57.23 -28.05 12.65
CA ALA L 67 57.92 -28.15 13.93
C ALA L 67 56.84 -27.71 14.91
N SER L 68 56.33 -28.63 15.71
CA SER L 68 55.11 -28.38 16.50
C SER L 68 55.30 -27.52 17.76
N ASP L 80 52.88 -24.25 20.49
CA ASP L 80 51.60 -23.54 20.60
C ASP L 80 51.75 -22.29 21.44
N ASP L 81 52.58 -22.36 22.46
CA ASP L 81 52.69 -21.27 23.42
C ASP L 81 53.18 -19.97 22.78
N ASP L 82 54.15 -20.09 21.87
CA ASP L 82 54.74 -18.92 21.22
C ASP L 82 53.90 -18.36 20.08
N LEU L 83 52.87 -19.11 19.68
CA LEU L 83 51.96 -18.65 18.64
C LEU L 83 51.00 -17.58 19.16
N LYS L 84 50.35 -17.83 20.30
CA LYS L 84 49.45 -16.82 20.88
C LYS L 84 50.23 -15.54 21.13
N ALA L 85 51.55 -15.68 21.21
CA ALA L 85 52.42 -14.52 21.38
C ALA L 85 52.60 -13.73 20.08
N TRP L 86 53.03 -14.41 19.01
CA TRP L 86 53.15 -13.78 17.69
C TRP L 86 51.79 -13.28 17.22
N ASP L 87 50.75 -14.08 17.40
CA ASP L 87 49.40 -13.68 17.04
C ASP L 87 49.05 -12.36 17.72
N ALA L 88 49.15 -12.30 19.05
CA ALA L 88 48.81 -11.10 19.77
C ALA L 88 49.62 -9.92 19.27
N ASP L 89 50.86 -10.16 18.90
CA ASP L 89 51.73 -9.07 18.48
C ASP L 89 51.41 -8.68 17.03
N PHE L 90 50.89 -9.63 16.26
CA PHE L 90 50.48 -9.40 14.89
C PHE L 90 49.24 -8.49 14.80
N MET L 91 48.44 -8.51 15.87
CA MET L 91 47.18 -7.77 15.93
C MET L 91 47.34 -6.36 16.50
N LYS L 92 48.56 -6.03 16.92
CA LYS L 92 48.88 -4.66 17.34
C LYS L 92 48.89 -3.74 16.12
N ILE L 93 47.74 -3.64 15.45
CA ILE L 93 47.60 -2.82 14.25
C ILE L 93 46.47 -1.85 14.51
N ASP L 94 46.20 -1.00 13.53
CA ASP L 94 45.12 -0.01 13.65
C ASP L 94 43.78 -0.58 13.17
N GLN L 95 42.69 0.05 13.57
CA GLN L 95 41.36 -0.42 13.17
C GLN L 95 41.22 -0.62 11.68
N ALA L 96 41.39 0.44 10.91
CA ALA L 96 41.17 0.33 9.47
C ALA L 96 41.91 -0.88 8.88
N THR L 97 43.00 -1.27 9.51
CA THR L 97 43.81 -2.35 8.96
C THR L 97 43.28 -3.71 9.42
N LEU L 98 42.82 -3.74 10.68
CA LEU L 98 42.18 -4.90 11.28
C LEU L 98 40.98 -5.27 10.41
N PHE L 99 40.16 -4.28 10.09
CA PHE L 99 38.95 -4.53 9.31
C PHE L 99 39.27 -5.03 7.91
N GLU L 100 40.30 -4.46 7.29
CA GLU L 100 40.72 -4.91 5.96
C GLU L 100 41.23 -6.34 5.98
N LEU L 101 41.78 -6.77 7.11
CA LEU L 101 42.23 -8.15 7.27
C LEU L 101 41.04 -9.12 7.33
N ILE L 102 40.00 -8.70 8.06
CA ILE L 102 38.80 -9.50 8.19
C ILE L 102 38.22 -9.70 6.80
N LEU L 103 37.95 -8.59 6.12
CA LEU L 103 37.44 -8.64 4.75
C LEU L 103 38.27 -9.57 3.88
N ALA L 104 39.58 -9.54 4.09
CA ALA L 104 40.51 -10.30 3.29
C ALA L 104 40.45 -11.79 3.65
N ALA L 105 40.37 -12.10 4.94
CA ALA L 105 40.33 -13.50 5.36
C ALA L 105 39.05 -14.17 4.84
N ASN L 106 37.98 -13.37 4.79
CA ASN L 106 36.71 -13.82 4.24
C ASN L 106 36.77 -13.99 2.71
N TYR L 107 37.41 -13.04 2.03
CA TYR L 107 37.61 -13.10 0.57
C TYR L 107 38.40 -14.34 0.09
N LEU L 108 39.54 -14.57 0.72
CA LEU L 108 40.24 -15.84 0.58
C LEU L 108 39.40 -16.75 1.45
N ASN L 109 39.98 -17.70 2.14
CA ASN L 109 39.13 -18.46 3.04
C ASN L 109 39.90 -19.04 4.19
N ILE L 110 40.44 -18.14 4.99
CA ILE L 110 41.40 -18.55 6.00
C ILE L 110 40.69 -18.56 7.34
N LYS L 111 40.20 -19.73 7.72
CA LYS L 111 39.43 -19.83 8.94
C LYS L 111 40.27 -19.41 10.15
N ASN L 112 41.54 -19.80 10.22
CA ASN L 112 42.37 -19.38 11.34
C ASN L 112 42.39 -17.85 11.45
N LEU L 113 42.49 -17.18 10.30
CA LEU L 113 42.64 -15.73 10.27
C LEU L 113 41.33 -14.94 10.36
N LEU L 114 40.29 -15.35 9.58
CA LEU L 114 38.95 -14.71 9.65
C LEU L 114 38.48 -14.96 11.06
N ASP L 115 38.72 -16.18 11.52
CA ASP L 115 38.38 -16.53 12.90
C ASP L 115 39.29 -15.78 13.82
N LEU L 116 40.31 -15.13 13.28
CA LEU L 116 41.22 -14.42 14.17
C LEU L 116 41.03 -12.91 14.13
N THR L 117 40.79 -12.36 12.95
CA THR L 117 40.57 -10.94 12.82
C THR L 117 39.19 -10.61 13.39
N CYS L 118 38.17 -11.37 12.97
CA CYS L 118 36.80 -11.18 13.47
C CYS L 118 36.78 -11.30 14.97
N GLN L 119 37.52 -12.27 15.50
CA GLN L 119 37.57 -12.45 16.93
C GLN L 119 38.27 -11.29 17.60
N THR L 120 39.24 -10.71 16.91
CA THR L 120 39.97 -9.57 17.47
C THR L 120 39.10 -8.32 17.57
N VAL L 121 38.25 -8.11 16.57
CA VAL L 121 37.29 -7.01 16.62
C VAL L 121 36.25 -7.27 17.67
N ALA L 122 35.78 -8.51 17.75
CA ALA L 122 34.78 -8.90 18.76
C ALA L 122 35.33 -8.70 20.16
N ASP L 123 36.63 -8.93 20.35
CA ASP L 123 37.25 -8.76 21.69
C ASP L 123 37.24 -7.31 22.14
N MET L 124 37.13 -6.41 21.17
CA MET L 124 37.09 -4.98 21.45
C MET L 124 35.71 -4.57 21.99
N ILE L 125 34.68 -5.24 21.48
CA ILE L 125 33.29 -5.02 21.90
C ILE L 125 33.03 -5.64 23.29
N LYS L 126 33.48 -6.89 23.47
CA LYS L 126 33.18 -7.69 24.66
C LYS L 126 33.51 -6.93 25.95
N GLY L 127 32.49 -6.78 26.79
CA GLY L 127 32.64 -6.14 28.09
C GLY L 127 32.33 -4.66 28.07
N LYS L 128 32.44 -4.02 26.92
CA LYS L 128 32.13 -2.58 26.86
C LYS L 128 30.62 -2.31 26.95
N THR L 129 30.25 -1.10 27.34
CA THR L 129 28.84 -0.68 27.33
C THR L 129 28.55 -0.06 25.99
N PRO L 130 27.27 0.20 25.70
CA PRO L 130 26.88 0.76 24.39
C PRO L 130 27.56 2.09 24.09
N GLU L 131 27.77 2.89 25.13
CA GLU L 131 28.46 4.15 24.93
C GLU L 131 29.93 3.91 24.57
N GLU L 132 30.62 3.17 25.43
CA GLU L 132 32.02 2.82 25.22
C GLU L 132 32.26 2.19 23.84
N ILE L 133 31.32 1.37 23.36
CA ILE L 133 31.41 0.77 22.03
C ILE L 133 31.44 1.85 20.94
N ARG L 134 30.48 2.77 20.92
CA ARG L 134 30.47 3.74 19.81
C ARG L 134 31.51 4.83 20.00
N THR L 135 31.96 4.99 21.24
CA THR L 135 33.13 5.78 21.52
C THR L 135 34.29 5.17 20.74
N THR L 136 34.66 3.95 21.08
CA THR L 136 35.88 3.37 20.54
C THR L 136 35.74 2.85 19.12
N PHE L 137 34.79 3.38 18.36
CA PHE L 137 34.59 3.00 16.95
C PHE L 137 34.03 4.21 16.24
N ASN L 138 33.79 5.27 17.02
CA ASN L 138 33.22 6.53 16.50
C ASN L 138 31.94 6.29 15.72
N ILE L 139 30.88 5.92 16.43
CA ILE L 139 29.59 5.64 15.80
C ILE L 139 28.53 6.55 16.42
N LYS L 140 27.75 7.21 15.58
CA LYS L 140 26.73 8.12 16.12
C LYS L 140 25.44 7.38 16.48
N ASN L 141 25.05 7.50 17.75
CA ASN L 141 23.82 6.93 18.27
C ASN L 141 22.59 7.53 17.60
N ASP L 142 22.04 6.84 16.59
CA ASP L 142 20.91 7.34 15.83
C ASP L 142 19.51 6.86 16.29
N PHE L 143 19.41 6.37 17.51
CA PHE L 143 18.12 5.88 18.02
C PHE L 143 17.25 7.05 18.45
N THR L 144 15.98 7.06 18.07
CA THR L 144 15.05 7.94 18.79
C THR L 144 14.93 7.45 20.23
N PRO L 145 14.63 8.34 21.16
CA PRO L 145 14.67 7.90 22.55
C PRO L 145 13.64 6.81 22.86
N GLU L 146 12.57 6.73 22.08
CA GLU L 146 11.55 5.70 22.26
C GLU L 146 12.12 4.38 21.86
N GLU L 147 12.85 4.37 20.74
CA GLU L 147 13.49 3.14 20.24
C GLU L 147 14.49 2.61 21.25
N GLU L 148 15.36 3.47 21.71
CA GLU L 148 16.36 3.08 22.68
C GLU L 148 15.66 2.47 23.91
N GLU L 149 14.57 3.06 24.33
CA GLU L 149 13.89 2.60 25.53
C GLU L 149 13.27 1.27 25.31
N GLU L 150 12.60 1.10 24.18
CA GLU L 150 12.00 -0.19 23.87
C GLU L 150 13.04 -1.28 23.87
N VAL L 151 14.17 -1.01 23.19
CA VAL L 151 15.21 -2.01 23.08
C VAL L 151 15.79 -2.35 24.46
N ARG L 152 16.01 -1.31 25.25
CA ARG L 152 16.50 -1.47 26.59
C ARG L 152 15.54 -2.29 27.46
N ARG L 153 14.25 -1.96 27.44
CA ARG L 153 13.25 -2.77 28.13
C ARG L 153 13.18 -4.23 27.67
N GLU L 154 13.21 -4.42 26.36
CA GLU L 154 13.17 -5.76 25.86
C GLU L 154 14.31 -6.54 26.44
N ASN L 155 15.50 -5.95 26.35
CA ASN L 155 16.74 -6.61 26.78
C ASN L 155 16.78 -6.94 28.27
N GLN L 156 16.12 -6.13 29.10
CA GLN L 156 16.29 -6.28 30.54
C GLN L 156 15.11 -6.89 31.25
N TRP L 157 13.92 -6.74 30.68
CA TRP L 157 12.71 -7.31 31.27
C TRP L 157 12.31 -8.64 30.67
N ALA L 158 12.66 -8.87 29.40
CA ALA L 158 12.05 -9.95 28.62
C ALA L 158 12.99 -11.01 28.06
N PHE L 159 13.95 -10.57 27.25
CA PHE L 159 14.77 -11.51 26.49
C PHE L 159 16.23 -11.61 26.91
N GLU L 160 16.63 -12.81 27.34
CA GLU L 160 18.05 -13.18 27.53
C GLU L 160 18.49 -13.15 29.01
N SER M 12 37.56 2.05 -3.43
CA SER M 12 38.24 1.80 -2.17
C SER M 12 38.43 3.08 -1.34
N CYS M 13 37.69 3.17 -0.23
CA CYS M 13 37.81 4.25 0.74
C CYS M 13 38.18 3.63 2.10
N VAL M 14 38.52 4.46 3.09
CA VAL M 14 38.84 3.95 4.43
C VAL M 14 37.76 2.94 4.85
N ALA M 15 38.15 1.70 5.15
CA ALA M 15 37.17 0.71 5.60
C ALA M 15 36.70 0.99 7.03
N THR M 16 35.38 1.05 7.24
CA THR M 16 34.77 1.33 8.55
C THR M 16 34.43 0.03 9.27
N VAL M 17 34.07 0.12 10.54
CA VAL M 17 33.48 -1.04 11.23
C VAL M 17 32.25 -1.54 10.53
N ASP M 18 31.47 -0.59 10.02
CA ASP M 18 30.27 -0.89 9.30
C ASP M 18 30.47 -1.85 8.14
N ASP M 19 31.66 -1.88 7.56
CA ASP M 19 31.92 -2.75 6.40
C ASP M 19 32.19 -4.18 6.84
N VAL M 20 32.04 -4.44 8.14
CA VAL M 20 32.60 -5.67 8.69
C VAL M 20 31.82 -6.21 9.89
N ILE M 21 30.90 -5.39 10.39
CA ILE M 21 30.10 -5.75 11.57
C ILE M 21 29.10 -6.93 11.37
N GLU M 22 28.51 -7.07 10.19
CA GLU M 22 27.65 -8.20 9.90
C GLU M 22 28.40 -9.47 10.18
N GLN M 23 29.68 -9.45 9.84
CA GLN M 23 30.54 -10.64 9.95
C GLN M 23 30.96 -10.91 11.40
N VAL M 24 31.39 -9.85 12.07
CA VAL M 24 31.98 -9.92 13.41
C VAL M 24 30.94 -10.27 14.46
N MET M 25 29.74 -9.74 14.29
CA MET M 25 28.64 -9.91 15.26
C MET M 25 28.47 -11.38 15.61
N THR M 26 28.54 -12.23 14.58
CA THR M 26 28.39 -13.67 14.79
C THR M 26 29.52 -14.33 15.63
N TYR M 27 30.47 -13.53 16.12
CA TYR M 27 31.58 -14.04 16.95
C TYR M 27 31.42 -13.57 18.37
N ILE M 28 30.43 -12.71 18.57
CA ILE M 28 30.06 -12.27 19.91
C ILE M 28 29.00 -13.25 20.40
N THR M 29 29.31 -13.94 21.49
CA THR M 29 28.51 -15.09 21.87
C THR M 29 27.77 -14.79 23.16
N ASP M 30 28.44 -14.05 24.05
CA ASP M 30 27.91 -13.74 25.37
C ASP M 30 26.61 -12.92 25.34
N PRO M 31 25.53 -13.45 25.93
CA PRO M 31 24.23 -12.76 25.88
C PRO M 31 24.28 -11.33 26.40
N LYS M 32 25.22 -11.01 27.26
CA LYS M 32 25.28 -9.65 27.81
C LYS M 32 26.02 -8.67 26.88
N ASP M 33 26.82 -9.22 25.96
CA ASP M 33 27.53 -8.40 25.00
C ASP M 33 26.66 -8.17 23.77
N ARG M 34 25.83 -9.16 23.42
CA ARG M 34 24.83 -8.99 22.37
C ARG M 34 23.91 -7.87 22.82
N ASP M 35 23.49 -7.94 24.08
CA ASP M 35 22.68 -6.91 24.69
C ASP M 35 23.26 -5.52 24.40
N SER M 36 24.52 -5.30 24.78
CA SER M 36 25.11 -3.99 24.53
C SER M 36 25.17 -3.71 23.05
N ALA M 37 25.67 -4.65 22.25
CA ALA M 37 25.85 -4.41 20.83
C ALA M 37 24.56 -3.93 20.19
N SER M 38 23.44 -4.51 20.62
CA SER M 38 22.14 -4.23 20.01
C SER M 38 21.74 -2.78 20.27
N LEU M 39 22.42 -2.16 21.21
CA LEU M 39 22.09 -0.81 21.61
C LEU M 39 23.05 0.31 21.06
N VAL M 40 24.03 -0.06 20.24
CA VAL M 40 24.99 0.96 19.76
C VAL M 40 24.45 1.82 18.64
N CYS M 41 23.45 1.32 17.93
CA CYS M 41 22.83 2.09 16.84
C CYS M 41 21.88 1.24 15.98
N ARG M 42 21.03 1.89 15.20
CA ARG M 42 20.01 1.16 14.45
C ARG M 42 20.54 -0.04 13.66
N ARG M 43 21.72 0.11 13.07
CA ARG M 43 22.23 -0.95 12.22
C ARG M 43 22.66 -2.17 13.01
N TRP M 44 23.29 -1.92 14.14
CA TRP M 44 23.78 -3.02 14.95
C TRP M 44 22.59 -3.72 15.55
N PHE M 45 21.61 -2.92 15.94
CA PHE M 45 20.35 -3.46 16.39
C PHE M 45 19.80 -4.45 15.40
N LYS M 46 19.82 -4.09 14.11
CA LYS M 46 19.23 -4.93 13.08
C LYS M 46 20.04 -6.19 12.83
N ILE M 47 21.36 -6.06 12.91
CA ILE M 47 22.24 -7.21 12.66
C ILE M 47 22.14 -8.21 13.78
N ASP M 48 22.05 -7.69 15.01
CA ASP M 48 21.84 -8.55 16.18
C ASP M 48 20.49 -9.26 16.08
N SER M 49 19.45 -8.50 15.79
CA SER M 49 18.14 -9.05 15.55
C SER M 49 18.10 -10.20 14.55
N GLU M 50 18.85 -10.11 13.47
CA GLU M 50 18.80 -11.15 12.44
C GLU M 50 19.76 -12.29 12.65
N THR M 51 20.59 -12.20 13.67
CA THR M 51 21.62 -13.22 13.82
C THR M 51 21.58 -13.90 15.16
N ARG M 52 20.82 -13.36 16.10
CA ARG M 52 20.72 -13.94 17.44
C ARG M 52 20.23 -15.35 17.29
N GLU M 53 20.92 -16.28 17.95
CA GLU M 53 20.62 -17.69 17.78
C GLU M 53 19.81 -18.23 18.96
N HIS M 54 20.15 -17.79 20.17
CA HIS M 54 19.43 -18.27 21.34
C HIS M 54 18.86 -17.18 22.23
N VAL M 55 17.64 -17.38 22.67
CA VAL M 55 17.02 -16.44 23.62
C VAL M 55 16.40 -17.19 24.80
N THR M 56 16.62 -16.71 26.01
CA THR M 56 15.92 -17.28 27.15
C THR M 56 14.92 -16.27 27.72
N MET M 57 13.70 -16.69 28.04
CA MET M 57 12.76 -15.79 28.70
C MET M 57 12.54 -16.30 30.07
N ALA M 58 12.97 -15.57 31.08
CA ALA M 58 12.83 -16.06 32.43
C ALA M 58 11.36 -16.16 32.91
N LEU M 59 10.47 -15.44 32.24
CA LEU M 59 9.05 -15.45 32.61
C LEU M 59 8.28 -15.21 31.34
N CYS M 60 7.55 -16.22 30.91
CA CYS M 60 6.90 -16.17 29.64
C CYS M 60 5.98 -14.96 29.53
N TYR M 61 5.49 -14.43 30.65
CA TYR M 61 4.42 -13.44 30.60
C TYR M 61 4.94 -12.04 30.45
N THR M 62 6.22 -11.97 30.16
CA THR M 62 7.03 -10.75 30.20
C THR M 62 6.95 -10.05 28.84
N ALA M 63 6.69 -10.83 27.80
CA ALA M 63 6.42 -10.29 26.48
C ALA M 63 5.46 -11.21 25.67
N THR M 64 4.78 -10.67 24.66
CA THR M 64 3.97 -11.52 23.81
C THR M 64 4.85 -12.25 22.83
N PRO M 65 4.40 -13.41 22.36
CA PRO M 65 5.18 -14.14 21.36
C PRO M 65 5.42 -13.32 20.08
N ASP M 66 4.46 -12.45 19.75
CA ASP M 66 4.63 -11.60 18.59
C ASP M 66 5.91 -10.79 18.75
N ARG M 67 6.10 -10.22 19.94
CA ARG M 67 7.26 -9.36 20.19
C ARG M 67 8.57 -10.10 20.05
N LEU M 68 8.64 -11.31 20.59
CA LEU M 68 9.77 -12.20 20.47
C LEU M 68 10.14 -12.42 19.04
N SER M 69 9.20 -12.78 18.18
CA SER M 69 9.54 -13.21 16.82
C SER M 69 9.76 -12.01 15.91
N ARG M 70 9.25 -10.86 16.29
CA ARG M 70 9.54 -9.63 15.57
C ARG M 70 11.01 -9.23 15.82
N ARG M 71 11.44 -9.25 17.08
CA ARG M 71 12.82 -8.95 17.47
C ARG M 71 13.87 -9.94 16.96
N PHE M 72 13.55 -11.25 17.00
CA PHE M 72 14.51 -12.27 16.69
C PHE M 72 13.98 -13.34 15.78
N PRO M 73 13.63 -12.99 14.55
CA PRO M 73 13.02 -13.89 13.57
C PRO M 73 13.77 -15.19 13.30
N ASN M 74 15.05 -15.23 13.59
CA ASN M 74 15.83 -16.40 13.18
C ASN M 74 16.40 -17.19 14.31
N LEU M 75 15.72 -17.13 15.46
CA LEU M 75 16.08 -17.98 16.58
C LEU M 75 16.32 -19.41 16.11
N ARG M 76 17.32 -20.04 16.70
CA ARG M 76 17.56 -21.45 16.47
C ARG M 76 17.13 -22.17 17.71
N SER M 77 17.19 -21.48 18.85
CA SER M 77 17.03 -22.09 20.15
C SER M 77 16.22 -21.20 21.10
N LEU M 78 15.15 -21.73 21.69
CA LEU M 78 14.31 -20.95 22.63
C LEU M 78 14.17 -21.64 23.99
N LYS M 79 14.06 -20.86 25.06
CA LYS M 79 13.88 -21.44 26.37
C LYS M 79 12.97 -20.55 27.14
N LEU M 80 11.78 -21.07 27.48
CA LEU M 80 10.78 -20.30 28.25
C LEU M 80 10.54 -20.90 29.62
N LYS M 81 10.50 -20.07 30.65
CA LYS M 81 10.09 -20.50 31.95
C LYS M 81 8.70 -19.92 32.27
N GLY M 82 7.87 -20.66 33.02
CA GLY M 82 6.54 -20.17 33.31
C GLY M 82 6.28 -19.90 34.78
N LYS M 83 5.76 -20.91 35.49
CA LYS M 83 5.48 -20.82 36.93
C LYS M 83 6.72 -20.40 37.73
N PRO M 84 6.48 -19.61 38.75
CA PRO M 84 7.47 -19.19 39.74
C PRO M 84 8.20 -20.39 40.35
N ARG M 85 9.46 -20.22 40.69
CA ARG M 85 10.25 -21.29 41.30
C ARG M 85 9.49 -21.97 42.42
N ALA M 86 8.65 -21.21 43.13
CA ALA M 86 7.92 -21.71 44.29
C ALA M 86 7.07 -22.92 43.94
N ALA M 87 6.78 -23.07 42.66
CA ALA M 87 5.89 -24.13 42.27
C ALA M 87 6.54 -25.48 42.49
N MET M 88 7.89 -25.53 42.50
CA MET M 88 8.63 -26.77 42.69
C MET M 88 8.51 -27.27 44.12
N PHE M 89 7.80 -26.51 44.96
CA PHE M 89 7.62 -26.80 46.38
C PHE M 89 6.13 -26.76 46.74
N ASN M 90 5.31 -27.14 45.79
CA ASN M 90 3.86 -27.16 45.95
C ASN M 90 3.25 -25.95 46.59
N LEU M 91 3.76 -24.78 46.23
CA LEU M 91 3.23 -23.54 46.77
C LEU M 91 2.32 -22.78 45.78
N ILE M 92 2.44 -23.13 44.50
CA ILE M 92 1.72 -22.47 43.43
C ILE M 92 0.58 -23.34 42.89
N PRO M 93 -0.61 -22.77 42.69
CA PRO M 93 -1.78 -23.51 42.16
C PRO M 93 -1.46 -24.12 40.83
N GLU M 94 -2.02 -25.30 40.55
CA GLU M 94 -1.67 -26.05 39.37
C GLU M 94 -2.06 -25.23 38.12
N ASN M 95 -3.20 -24.57 38.21
CA ASN M 95 -3.75 -23.83 37.07
C ASN M 95 -3.23 -22.39 36.96
N TRP M 96 -2.21 -22.07 37.73
CA TRP M 96 -1.76 -20.68 37.77
C TRP M 96 -1.52 -20.08 36.41
N GLY M 97 -0.90 -20.83 35.51
CA GLY M 97 -0.45 -20.24 34.27
C GLY M 97 0.73 -20.96 33.66
N GLY M 98 1.31 -20.37 32.62
CA GLY M 98 2.50 -20.93 32.01
C GLY M 98 2.12 -21.75 30.81
N TYR M 99 0.98 -21.39 30.21
CA TYR M 99 0.49 -22.11 29.03
C TYR M 99 1.42 -21.90 27.84
N VAL M 100 1.93 -22.99 27.29
CA VAL M 100 2.91 -22.95 26.24
C VAL M 100 2.28 -22.68 24.87
N THR M 101 0.97 -22.73 24.80
CA THR M 101 0.34 -22.86 23.49
C THR M 101 0.45 -21.65 22.55
N PRO M 102 0.27 -20.41 23.03
CA PRO M 102 0.54 -19.24 22.16
C PRO M 102 1.98 -19.21 21.64
N TRP M 103 2.92 -19.68 22.45
CA TRP M 103 4.27 -19.81 21.97
C TRP M 103 4.42 -20.87 20.90
N VAL M 104 3.73 -22.01 21.00
CA VAL M 104 3.92 -22.93 19.88
C VAL M 104 3.19 -22.44 18.63
N THR M 105 2.12 -21.66 18.77
CA THR M 105 1.55 -21.22 17.52
C THR M 105 2.48 -20.18 16.88
N GLU M 106 3.12 -19.34 17.70
CA GLU M 106 4.05 -18.39 17.13
C GLU M 106 5.23 -19.12 16.49
N ILE M 107 5.73 -20.18 17.12
CA ILE M 107 6.80 -20.93 16.51
C ILE M 107 6.37 -21.47 15.13
N SER M 108 5.14 -22.01 15.03
CA SER M 108 4.61 -22.51 13.74
C SER M 108 4.71 -21.48 12.62
N ASN M 109 4.28 -20.28 12.91
CA ASN M 109 4.19 -19.26 11.89
C ASN M 109 5.44 -18.43 11.63
N ASN M 110 6.25 -18.15 12.65
CA ASN M 110 7.24 -17.09 12.53
C ASN M 110 8.67 -17.40 13.02
N LEU M 111 8.87 -18.52 13.69
CA LEU M 111 10.22 -18.86 14.11
C LEU M 111 10.64 -20.05 13.31
N ARG M 112 10.66 -19.88 12.00
CA ARG M 112 10.82 -21.00 11.06
C ARG M 112 12.21 -21.64 11.08
N GLN M 113 13.06 -21.18 11.99
CA GLN M 113 14.43 -21.65 12.04
C GLN M 113 14.75 -22.47 13.28
N LEU M 114 13.74 -22.64 14.14
CA LEU M 114 13.91 -23.16 15.50
C LEU M 114 14.25 -24.60 15.47
N LYS M 115 15.32 -24.98 16.16
CA LYS M 115 15.68 -26.39 16.11
C LYS M 115 15.68 -26.98 17.51
N SER M 116 15.49 -26.12 18.50
CA SER M 116 15.56 -26.54 19.91
C SER M 116 14.62 -25.75 20.79
N VAL M 117 13.82 -26.46 21.58
CA VAL M 117 12.85 -25.85 22.50
C VAL M 117 12.97 -26.39 23.92
N HIS M 118 13.04 -25.52 24.91
CA HIS M 118 13.15 -25.93 26.30
C HIS M 118 12.06 -25.19 27.04
N PHE M 119 11.05 -25.92 27.51
CA PHE M 119 9.98 -25.33 28.30
C PHE M 119 10.28 -25.73 29.73
N ARG M 120 10.23 -24.79 30.65
CA ARG M 120 10.55 -25.09 32.04
C ARG M 120 9.45 -24.61 32.96
N ARG M 121 8.86 -25.54 33.70
CA ARG M 121 7.71 -25.25 34.55
C ARG M 121 6.56 -24.65 33.80
N MET M 122 6.14 -25.27 32.70
CA MET M 122 5.03 -24.76 31.91
C MET M 122 3.97 -25.81 31.74
N ILE M 123 2.76 -25.38 31.37
CA ILE M 123 1.66 -26.26 30.96
C ILE M 123 1.78 -26.59 29.47
N VAL M 124 1.97 -27.83 29.13
CA VAL M 124 2.06 -28.22 27.75
C VAL M 124 1.00 -29.31 27.53
N SER M 125 0.06 -29.08 26.61
CA SER M 125 -0.96 -30.07 26.21
C SER M 125 -0.57 -30.95 25.02
N ASP M 126 -1.34 -32.00 24.78
CA ASP M 126 -1.07 -32.84 23.62
C ASP M 126 -1.24 -32.05 22.31
N LEU M 127 -2.18 -31.11 22.31
CA LEU M 127 -2.51 -30.36 21.13
C LEU M 127 -1.31 -29.52 20.84
N ASP M 128 -0.77 -28.90 21.89
CA ASP M 128 0.36 -28.04 21.59
C ASP M 128 1.61 -28.84 21.22
N LEU M 129 1.81 -30.04 21.74
CA LEU M 129 2.93 -30.76 21.13
C LEU M 129 2.70 -31.47 19.77
N ASP M 130 1.47 -31.83 19.46
CA ASP M 130 1.16 -32.23 18.10
C ASP M 130 1.40 -31.10 17.10
N ARG M 131 1.00 -29.89 17.47
CA ARG M 131 1.33 -28.73 16.63
C ARG M 131 2.84 -28.46 16.46
N LEU M 132 3.59 -28.58 17.55
CA LEU M 132 5.02 -28.36 17.52
C LEU M 132 5.64 -29.38 16.61
N ALA M 133 5.21 -30.64 16.76
CA ALA M 133 5.83 -31.73 16.01
C ALA M 133 5.63 -31.51 14.53
N LYS M 134 4.42 -31.20 14.14
CA LYS M 134 4.11 -31.11 12.74
C LYS M 134 4.80 -29.87 12.15
N ALA M 135 4.97 -28.83 12.94
CA ALA M 135 5.44 -27.54 12.41
C ALA M 135 6.93 -27.53 12.23
N ARG M 136 7.60 -28.29 13.04
CA ARG M 136 9.02 -28.22 13.12
C ARG M 136 9.61 -29.54 12.58
N ALA M 137 8.88 -30.62 12.76
CA ALA M 137 9.21 -31.92 12.16
C ALA M 137 10.69 -32.29 12.27
N ASP M 138 11.29 -32.69 11.15
CA ASP M 138 12.68 -33.13 11.10
C ASP M 138 13.69 -32.07 11.58
N ASP M 139 13.31 -30.81 11.59
CA ASP M 139 14.17 -29.77 12.15
C ASP M 139 14.31 -29.73 13.70
N LEU M 140 13.38 -30.36 14.43
CA LEU M 140 13.49 -30.35 15.88
C LEU M 140 14.59 -31.31 16.33
N GLU M 141 15.74 -30.74 16.69
CA GLU M 141 16.87 -31.51 17.15
C GLU M 141 16.80 -31.76 18.65
N THR M 142 16.26 -30.79 19.38
CA THR M 142 16.08 -30.99 20.83
C THR M 142 14.74 -30.43 21.40
N LEU M 143 14.09 -31.26 22.20
CA LEU M 143 12.90 -30.88 22.98
C LEU M 143 13.14 -31.18 24.46
N LYS M 144 12.98 -30.20 25.33
CA LYS M 144 13.06 -30.44 26.76
C LYS M 144 11.76 -30.03 27.43
N LEU M 145 10.99 -31.00 27.88
CA LEU M 145 9.84 -30.72 28.77
C LEU M 145 10.27 -30.85 30.23
N ASP M 146 10.71 -29.74 30.78
CA ASP M 146 11.43 -29.68 32.04
C ASP M 146 10.49 -29.25 33.16
N LYS M 147 10.08 -30.18 34.01
CA LYS M 147 9.10 -29.88 35.08
C LYS M 147 7.81 -29.30 34.54
N CYS M 148 7.34 -29.84 33.41
CA CYS M 148 6.10 -29.38 32.80
C CYS M 148 4.99 -30.32 33.14
N SER M 149 3.76 -29.91 32.86
CA SER M 149 2.59 -30.76 33.08
C SER M 149 1.56 -30.54 31.99
N GLY M 150 0.57 -31.43 31.89
CA GLY M 150 -0.55 -31.15 31.04
C GLY M 150 -0.72 -32.00 29.81
N PHE M 151 0.25 -32.88 29.56
CA PHE M 151 0.24 -33.69 28.34
C PHE M 151 0.08 -35.17 28.64
N THR M 152 0.23 -36.00 27.63
CA THR M 152 0.12 -37.44 27.78
C THR M 152 1.03 -38.10 26.78
N THR M 153 1.04 -39.42 26.78
CA THR M 153 1.87 -40.18 25.86
C THR M 153 1.49 -39.98 24.37
N ASP M 154 0.26 -39.59 24.11
CA ASP M 154 -0.09 -39.22 22.74
C ASP M 154 0.78 -38.06 22.24
N GLY M 155 1.07 -37.11 23.11
CA GLY M 155 1.90 -36.00 22.73
C GLY M 155 3.28 -36.49 22.45
N LEU M 156 3.81 -37.35 23.31
CA LEU M 156 5.18 -37.84 23.11
C LEU M 156 5.27 -38.61 21.78
N LEU M 157 4.26 -39.45 21.52
CA LEU M 157 4.23 -40.24 20.29
C LEU M 157 4.24 -39.32 19.11
N SER M 158 3.50 -38.22 19.23
CA SER M 158 3.41 -37.32 18.12
C SER M 158 4.76 -36.72 17.78
N ILE M 159 5.54 -36.29 18.80
CA ILE M 159 6.82 -35.68 18.45
C ILE M 159 7.83 -36.72 18.00
N VAL M 160 7.84 -37.92 18.58
CA VAL M 160 8.83 -38.91 18.11
C VAL M 160 8.51 -39.55 16.77
N THR M 161 7.29 -39.41 16.25
CA THR M 161 7.03 -39.92 14.90
C THR M 161 7.21 -38.83 13.78
N HIS M 162 6.99 -37.56 14.12
CA HIS M 162 7.18 -36.47 13.18
C HIS M 162 8.58 -35.82 13.21
N CYS M 163 9.28 -35.95 14.33
CA CYS M 163 10.60 -35.37 14.48
C CYS M 163 11.60 -36.51 14.46
N ARG M 164 12.07 -36.84 13.26
CA ARG M 164 12.69 -38.15 13.06
C ARG M 164 14.15 -38.08 13.40
N LYS M 165 14.61 -36.86 13.60
CA LYS M 165 16.03 -36.62 13.85
C LYS M 165 16.31 -36.07 15.24
N ILE M 166 15.41 -36.27 16.20
CA ILE M 166 15.63 -35.71 17.52
C ILE M 166 16.97 -36.17 18.09
N LYS M 167 17.82 -35.23 18.53
CA LYS M 167 19.11 -35.56 19.16
C LYS M 167 18.97 -35.60 20.67
N THR M 168 18.15 -34.72 21.22
CA THR M 168 17.98 -34.75 22.66
C THR M 168 16.52 -34.52 23.07
N LEU M 169 15.99 -35.47 23.84
CA LEU M 169 14.58 -35.50 24.24
C LEU M 169 14.53 -35.67 25.73
N LEU M 170 13.95 -34.70 26.45
CA LEU M 170 13.93 -34.67 27.92
C LEU M 170 12.55 -34.42 28.57
N MET M 171 12.23 -35.18 29.61
CA MET M 171 10.98 -35.07 30.34
C MET M 171 11.13 -35.01 31.85
N GLU M 172 12.35 -34.82 32.35
CA GLU M 172 12.63 -34.86 33.76
C GLU M 172 11.59 -34.17 34.63
N GLU M 173 11.09 -34.88 35.64
CA GLU M 173 10.16 -34.32 36.62
C GLU M 173 8.89 -33.78 36.03
N SER M 174 8.54 -34.21 34.84
CA SER M 174 7.28 -33.73 34.27
C SER M 174 6.15 -34.65 34.68
N SER M 175 4.95 -34.10 34.85
CA SER M 175 3.77 -34.92 35.07
C SER M 175 2.82 -34.93 33.87
N PHE M 176 2.47 -36.12 33.40
CA PHE M 176 1.68 -36.34 32.21
C PHE M 176 0.88 -37.62 32.47
N SER M 177 -0.11 -37.94 31.63
CA SER M 177 -0.88 -39.18 31.80
C SER M 177 -0.28 -40.27 30.93
N GLU M 178 0.03 -41.43 31.52
CA GLU M 178 0.64 -42.50 30.74
C GLU M 178 -0.41 -43.48 30.23
N LYS M 179 -0.78 -43.42 28.96
CA LYS M 179 -1.72 -44.36 28.39
C LYS M 179 -1.06 -45.59 27.75
N ASP M 180 0.17 -45.45 27.27
CA ASP M 180 0.85 -46.55 26.61
C ASP M 180 2.36 -46.37 26.53
N GLY M 181 3.04 -47.36 25.95
CA GLY M 181 4.48 -47.21 25.76
C GLY M 181 4.97 -47.03 24.34
N LYS M 182 4.10 -46.70 23.40
CA LYS M 182 4.53 -46.73 21.99
C LYS M 182 5.48 -45.61 21.62
N TRP M 183 5.51 -44.52 22.38
CA TRP M 183 6.47 -43.49 22.09
C TRP M 183 7.90 -44.07 22.14
N LEU M 184 8.23 -44.82 23.19
CA LEU M 184 9.59 -45.37 23.33
C LEU M 184 9.84 -46.38 22.21
N HIS M 185 8.79 -47.11 21.84
CA HIS M 185 8.91 -48.15 20.86
C HIS M 185 9.14 -47.54 19.50
N GLU M 186 8.42 -46.46 19.26
CA GLU M 186 8.56 -45.71 18.04
C GLU M 186 10.01 -45.17 17.89
N LEU M 187 10.61 -44.64 18.96
CA LEU M 187 12.02 -44.28 18.96
C LEU M 187 12.90 -45.50 18.62
N ALA M 188 12.68 -46.59 19.33
CA ALA M 188 13.44 -47.80 19.11
C ALA M 188 13.43 -48.22 17.65
N GLN M 189 12.31 -48.03 16.99
CA GLN M 189 12.20 -48.57 15.67
C GLN M 189 12.76 -47.70 14.56
N HIS M 190 12.81 -46.38 14.76
CA HIS M 190 13.24 -45.49 13.68
C HIS M 190 14.33 -44.47 14.00
N ASN M 191 14.62 -44.26 15.26
CA ASN M 191 15.52 -43.17 15.64
C ASN M 191 16.96 -43.62 15.73
N THR M 192 17.83 -42.81 15.15
CA THR M 192 19.22 -43.17 14.94
C THR M 192 20.14 -42.11 15.55
N SER M 193 19.57 -40.93 15.79
CA SER M 193 20.31 -39.73 16.04
C SER M 193 20.36 -39.29 17.51
N LEU M 194 19.57 -39.95 18.34
CA LEU M 194 19.49 -39.65 19.76
C LEU M 194 20.86 -39.56 20.45
N GLU M 195 21.13 -38.44 21.10
CA GLU M 195 22.36 -38.24 21.88
C GLU M 195 22.07 -38.24 23.37
N VAL M 196 20.99 -37.57 23.76
CA VAL M 196 20.54 -37.59 25.17
C VAL M 196 19.04 -37.79 25.35
N LEU M 197 18.71 -38.72 26.24
CA LEU M 197 17.36 -39.19 26.46
C LEU M 197 17.21 -39.17 27.94
N ASN M 198 16.21 -38.44 28.42
CA ASN M 198 16.12 -38.15 29.87
C ASN M 198 14.67 -38.18 30.37
N PHE M 199 14.27 -39.23 31.04
CA PHE M 199 13.00 -39.18 31.76
C PHE M 199 13.28 -39.56 33.20
N TYR M 200 14.22 -38.83 33.82
CA TYR M 200 14.82 -39.18 35.11
C TYR M 200 13.85 -39.30 36.26
N MET M 201 13.06 -38.27 36.44
CA MET M 201 12.25 -38.33 37.62
C MET M 201 10.77 -38.55 37.23
N THR M 202 10.47 -39.73 36.67
CA THR M 202 9.15 -39.95 36.08
C THR M 202 8.61 -41.34 36.23
N GLU M 203 7.30 -41.39 36.48
CA GLU M 203 6.56 -42.64 36.56
C GLU M 203 6.21 -43.12 35.17
N PHE M 204 6.98 -44.07 34.65
CA PHE M 204 6.55 -44.81 33.47
C PHE M 204 6.43 -46.28 33.86
N ALA M 205 5.24 -46.82 33.68
CA ALA M 205 4.99 -48.21 34.01
C ALA M 205 4.73 -49.08 32.76
N LYS M 206 4.59 -48.44 31.59
CA LYS M 206 4.21 -49.18 30.40
C LYS M 206 5.28 -49.21 29.31
N ILE M 207 6.47 -48.70 29.60
CA ILE M 207 7.53 -48.74 28.59
C ILE M 207 8.37 -49.96 28.83
N SER M 208 8.98 -50.47 27.76
CA SER M 208 9.72 -51.74 27.78
C SER M 208 11.23 -51.53 27.82
N PRO M 209 11.92 -52.13 28.80
CA PRO M 209 13.38 -52.04 28.76
C PRO M 209 13.99 -52.58 27.47
N LYS M 210 13.34 -53.54 26.79
CA LYS M 210 13.79 -53.98 25.46
C LYS M 210 13.95 -52.79 24.46
N ASP M 211 12.95 -51.91 24.43
CA ASP M 211 12.95 -50.75 23.55
C ASP M 211 14.16 -49.87 23.81
N LEU M 212 14.48 -49.69 25.10
CA LEU M 212 15.60 -48.86 25.53
C LEU M 212 16.92 -49.45 25.04
N GLU M 213 17.05 -50.75 25.28
CA GLU M 213 18.16 -51.53 24.74
C GLU M 213 18.27 -51.37 23.23
N THR M 214 17.14 -51.40 22.52
CA THR M 214 17.28 -51.33 21.08
C THR M 214 17.69 -49.92 20.61
N ILE M 215 17.29 -48.92 21.38
CA ILE M 215 17.73 -47.55 21.11
C ILE M 215 19.25 -47.41 21.23
N ALA M 216 19.80 -48.03 22.28
CA ALA M 216 21.23 -48.01 22.52
C ALA M 216 21.97 -48.68 21.35
N ARG M 217 21.37 -49.74 20.84
CA ARG M 217 21.98 -50.50 19.79
C ARG M 217 22.02 -49.69 18.51
N ASN M 218 21.03 -48.82 18.32
CA ASN M 218 20.89 -48.03 17.08
C ASN M 218 21.45 -46.60 17.06
N CYS M 219 21.72 -46.08 18.26
CA CYS M 219 22.11 -44.68 18.42
C CYS M 219 23.58 -44.54 18.78
N ARG M 220 24.45 -44.41 17.77
CA ARG M 220 25.86 -44.52 18.03
C ARG M 220 26.35 -43.37 18.89
N SER M 221 25.64 -42.25 18.85
CA SER M 221 26.08 -41.10 19.61
C SER M 221 25.38 -40.94 20.96
N LEU M 222 24.73 -42.01 21.42
CA LEU M 222 23.99 -41.96 22.66
C LEU M 222 24.99 -41.78 23.83
N VAL M 223 24.93 -40.64 24.50
CA VAL M 223 25.95 -40.26 25.47
C VAL M 223 25.38 -40.18 26.86
N SER M 224 24.10 -39.79 26.96
CA SER M 224 23.48 -39.65 28.28
C SER M 224 22.06 -40.21 28.34
N VAL M 225 21.79 -41.10 29.30
CA VAL M 225 20.41 -41.51 29.54
C VAL M 225 20.07 -41.57 31.02
N LYS M 226 18.93 -41.00 31.37
CA LYS M 226 18.41 -41.03 32.73
C LYS M 226 17.01 -41.61 32.66
N VAL M 227 16.59 -42.33 33.68
CA VAL M 227 15.50 -43.29 33.49
C VAL M 227 14.68 -43.43 34.76
N GLY M 228 13.52 -44.09 34.68
CA GLY M 228 12.69 -44.27 35.86
C GLY M 228 13.06 -45.53 36.64
N ASP M 229 12.05 -46.20 37.19
CA ASP M 229 12.31 -47.35 38.06
C ASP M 229 12.47 -48.70 37.34
N PHE M 230 13.22 -48.73 36.24
CA PHE M 230 13.62 -49.98 35.58
C PHE M 230 14.49 -50.83 36.51
N GLU M 231 14.20 -52.13 36.65
CA GLU M 231 15.13 -53.02 37.36
C GLU M 231 16.49 -53.00 36.63
N ILE M 232 17.56 -52.62 37.32
CA ILE M 232 18.85 -52.52 36.68
C ILE M 232 19.21 -53.82 35.96
N LEU M 233 18.82 -54.96 36.51
CA LEU M 233 19.15 -56.23 35.85
C LEU M 233 18.57 -56.32 34.45
N GLU M 234 17.39 -55.72 34.26
CA GLU M 234 16.73 -55.71 32.96
C GLU M 234 17.45 -54.83 31.94
N LEU M 235 18.43 -54.05 32.42
CA LEU M 235 19.14 -53.10 31.58
C LEU M 235 20.53 -53.59 31.20
N VAL M 236 20.80 -54.85 31.50
CA VAL M 236 22.11 -55.44 31.22
C VAL M 236 22.44 -55.40 29.73
N GLY M 237 21.46 -55.74 28.91
CA GLY M 237 21.65 -55.62 27.48
C GLY M 237 21.89 -54.20 27.05
N PHE M 238 21.08 -53.29 27.61
CA PHE M 238 21.24 -51.87 27.37
C PHE M 238 22.68 -51.42 27.61
N PHE M 239 23.24 -51.82 28.75
CA PHE M 239 24.56 -51.28 29.12
C PHE M 239 25.63 -51.79 28.17
N LYS M 240 25.55 -53.06 27.75
CA LYS M 240 26.51 -53.59 26.77
C LYS M 240 26.41 -52.87 25.44
N ALA M 241 25.20 -52.48 25.05
CA ALA M 241 25.00 -51.83 23.75
C ALA M 241 25.31 -50.35 23.76
N ALA M 242 25.17 -49.69 24.91
CA ALA M 242 25.46 -48.24 24.98
C ALA M 242 26.96 -47.91 25.10
N ALA M 243 27.73 -48.30 24.08
CA ALA M 243 29.18 -48.20 24.11
C ALA M 243 29.70 -46.79 24.45
N ASN M 244 29.04 -45.76 23.93
CA ASN M 244 29.55 -44.44 24.21
C ASN M 244 28.94 -43.75 25.41
N LEU M 245 28.19 -44.49 26.23
CA LEU M 245 27.48 -43.88 27.34
C LEU M 245 28.46 -43.21 28.31
N GLU M 246 28.24 -41.95 28.63
CA GLU M 246 29.03 -41.26 29.65
C GLU M 246 28.22 -41.00 30.92
N GLU M 247 26.90 -40.88 30.79
CA GLU M 247 26.07 -40.57 31.92
C GLU M 247 24.90 -41.56 32.04
N PHE M 248 24.62 -42.02 33.25
CA PHE M 248 23.43 -42.83 33.47
C PHE M 248 22.90 -42.55 34.85
N CYS M 249 21.61 -42.22 34.96
CA CYS M 249 20.97 -42.04 36.27
C CYS M 249 19.65 -42.73 36.22
N GLY M 250 19.28 -43.31 37.35
CA GLY M 250 17.97 -43.90 37.52
C GLY M 250 18.07 -45.39 37.71
N GLY M 251 17.15 -46.10 37.11
CA GLY M 251 17.07 -47.51 37.37
C GLY M 251 16.65 -47.75 38.80
N SER M 252 16.48 -49.02 39.14
CA SER M 252 16.11 -49.46 40.47
C SER M 252 17.04 -50.62 40.83
N LEU M 253 17.74 -50.50 41.96
CA LEU M 253 18.50 -51.62 42.53
C LEU M 253 17.65 -52.24 43.63
N ASN M 254 17.02 -53.36 43.31
CA ASN M 254 16.20 -54.06 44.29
C ASN M 254 16.89 -55.33 44.75
N GLU M 255 17.40 -55.31 45.97
CA GLU M 255 18.06 -56.50 46.51
C GLU M 255 17.01 -57.43 47.09
N ASP M 256 17.24 -58.73 46.94
CA ASP M 256 16.50 -59.72 47.70
C ASP M 256 17.51 -60.62 48.37
N ILE M 257 17.22 -61.04 49.61
CA ILE M 257 18.15 -61.84 50.38
C ILE M 257 18.48 -63.13 49.62
N GLY M 258 17.51 -63.60 48.84
CA GLY M 258 17.69 -64.76 47.96
C GLY M 258 18.96 -64.78 47.14
N MET M 259 19.19 -63.73 46.35
CA MET M 259 20.46 -63.62 45.62
C MET M 259 21.37 -62.64 46.36
N PRO M 260 22.35 -63.15 47.10
CA PRO M 260 23.25 -62.33 47.88
C PRO M 260 24.11 -61.50 46.94
N GLU M 261 24.37 -62.06 45.76
CA GLU M 261 25.18 -61.37 44.77
C GLU M 261 24.34 -61.08 43.54
N LYS M 262 23.12 -60.61 43.76
CA LYS M 262 22.17 -60.31 42.69
C LYS M 262 22.86 -59.58 41.56
N TYR M 263 23.63 -58.55 41.91
CA TYR M 263 24.27 -57.69 40.92
C TYR M 263 25.68 -58.15 40.65
N MET M 264 26.67 -57.43 41.15
CA MET M 264 28.06 -57.91 41.14
C MET M 264 28.59 -58.27 39.75
N ASN M 265 27.69 -58.48 38.80
CA ASN M 265 28.10 -58.84 37.45
C ASN M 265 27.61 -57.83 36.42
N LEU M 266 27.60 -56.56 36.81
CA LEU M 266 27.15 -55.54 35.90
C LEU M 266 28.29 -55.12 35.00
N VAL M 267 28.03 -55.14 33.71
CA VAL M 267 28.90 -54.52 32.73
C VAL M 267 28.51 -53.05 32.61
N PHE M 268 29.22 -52.13 33.23
CA PHE M 268 28.92 -50.72 32.97
C PHE M 268 29.71 -50.20 31.77
N PRO M 269 29.10 -49.34 30.95
CA PRO M 269 29.87 -48.86 29.79
C PRO M 269 31.21 -48.24 30.21
N ARG M 270 32.27 -48.52 29.45
CA ARG M 270 33.61 -48.06 29.80
C ARG M 270 33.80 -46.60 29.46
N LYS M 271 33.28 -45.69 30.26
CA LYS M 271 33.30 -44.27 29.88
C LYS M 271 32.35 -43.58 30.84
N LEU M 272 31.46 -44.40 31.40
CA LEU M 272 30.53 -43.97 32.40
C LEU M 272 31.32 -43.23 33.42
N CYS M 273 30.95 -42.00 33.70
CA CYS M 273 31.72 -41.17 34.61
C CYS M 273 30.82 -40.16 35.31
N ARG M 274 29.55 -40.20 34.97
CA ARG M 274 28.56 -39.29 35.53
C ARG M 274 27.40 -40.22 35.80
N LEU M 275 27.11 -40.48 37.08
CA LEU M 275 26.06 -41.46 37.35
C LEU M 275 25.40 -41.37 38.73
N GLY M 276 24.26 -42.06 38.84
CA GLY M 276 23.54 -42.18 40.08
C GLY M 276 22.57 -43.33 39.94
N LEU M 277 22.75 -44.39 40.71
CA LEU M 277 21.85 -45.54 40.68
C LEU M 277 20.85 -45.47 41.82
N SER M 278 19.57 -45.50 41.50
CA SER M 278 18.55 -45.21 42.48
C SER M 278 18.35 -46.40 43.41
N TYR M 279 18.12 -46.11 44.69
CA TYR M 279 17.89 -47.14 45.73
C TYR M 279 19.13 -47.94 46.09
N MET M 280 20.26 -47.60 45.48
CA MET M 280 21.54 -48.26 45.78
C MET M 280 21.86 -48.35 47.28
N GLY M 281 22.01 -49.58 47.75
CA GLY M 281 22.36 -49.84 49.14
C GLY M 281 23.84 -50.14 49.34
N PRO M 282 24.23 -50.51 50.56
CA PRO M 282 25.66 -50.70 50.84
C PRO M 282 26.13 -51.96 50.19
N ASN M 283 25.21 -52.92 50.05
CA ASN M 283 25.54 -54.22 49.46
C ASN M 283 25.78 -54.17 47.95
N GLU M 284 25.14 -53.21 47.26
CA GLU M 284 25.34 -53.06 45.82
C GLU M 284 26.36 -51.97 45.46
N MET M 285 26.58 -51.05 46.41
CA MET M 285 27.57 -49.95 46.26
C MET M 285 28.88 -50.36 45.58
N PRO M 286 29.45 -51.50 45.99
CA PRO M 286 30.76 -51.91 45.45
C PRO M 286 30.84 -52.08 43.92
N ILE M 287 29.73 -52.17 43.19
CA ILE M 287 29.85 -52.37 41.75
C ILE M 287 30.43 -51.13 41.10
N LEU M 288 30.54 -50.05 41.89
CA LEU M 288 31.14 -48.80 41.44
C LEU M 288 32.66 -48.75 41.63
N PHE M 289 33.19 -49.52 42.58
CA PHE M 289 34.62 -49.48 42.91
C PHE M 289 35.59 -49.68 41.73
N PRO M 290 35.34 -50.67 40.88
CA PRO M 290 36.17 -50.95 39.70
C PRO M 290 36.54 -49.73 38.86
N PHE M 291 35.78 -48.65 38.91
CA PHE M 291 36.05 -47.52 38.05
C PHE M 291 35.81 -46.22 38.75
N ALA M 292 35.72 -46.28 40.07
CA ALA M 292 35.43 -45.10 40.88
C ALA M 292 36.40 -43.95 40.61
N ALA M 293 37.61 -44.29 40.18
CA ALA M 293 38.61 -43.25 39.94
C ALA M 293 38.18 -42.32 38.82
N GLN M 294 37.19 -42.77 38.06
CA GLN M 294 36.82 -42.21 36.78
C GLN M 294 35.62 -41.29 36.96
N ILE M 295 34.85 -41.56 38.02
CA ILE M 295 33.61 -40.85 38.33
C ILE M 295 33.82 -39.38 38.65
N ARG M 296 33.21 -38.51 37.85
CA ARG M 296 33.32 -37.06 38.03
C ARG M 296 32.04 -36.43 38.54
N LYS M 297 30.92 -37.17 38.44
CA LYS M 297 29.62 -36.69 38.95
C LYS M 297 28.87 -37.83 39.66
N LEU M 298 28.39 -37.58 40.85
CA LEU M 298 27.70 -38.59 41.63
C LEU M 298 26.35 -38.04 42.11
N ASP M 299 25.29 -38.83 41.93
CA ASP M 299 23.93 -38.45 42.35
C ASP M 299 23.38 -39.46 43.35
N LEU M 300 23.73 -39.26 44.62
CA LEU M 300 23.27 -40.15 45.68
C LEU M 300 22.00 -39.62 46.31
N LEU M 301 21.24 -38.86 45.53
CA LEU M 301 20.05 -38.19 46.02
C LEU M 301 18.94 -39.20 46.38
N TYR M 302 18.91 -40.32 45.66
CA TYR M 302 17.87 -41.31 45.88
C TYR M 302 18.49 -42.61 46.34
N ALA M 303 19.65 -42.51 46.98
CA ALA M 303 20.36 -43.68 47.42
C ALA M 303 19.96 -44.11 48.84
N LEU M 304 19.97 -45.42 49.09
CA LEU M 304 19.63 -45.98 50.39
C LEU M 304 20.88 -46.33 51.14
N LEU M 305 21.84 -45.42 51.20
CA LEU M 305 23.01 -45.72 51.98
C LEU M 305 23.29 -44.72 53.12
N GLU M 306 23.91 -45.23 54.19
CA GLU M 306 24.06 -44.52 55.46
C GLU M 306 25.36 -43.72 55.54
N THR M 307 25.44 -42.90 56.57
CA THR M 307 26.54 -41.96 56.66
C THR M 307 27.92 -42.65 56.55
N GLU M 308 28.04 -43.82 57.14
CA GLU M 308 29.27 -44.57 57.04
C GLU M 308 29.60 -44.91 55.59
N ASP M 309 28.62 -45.52 54.92
CA ASP M 309 28.75 -45.92 53.52
C ASP M 309 29.10 -44.76 52.60
N HIS M 310 28.61 -43.55 52.92
CA HIS M 310 28.95 -42.38 52.10
C HIS M 310 30.45 -42.17 52.09
N CYS M 311 31.05 -42.24 53.27
CA CYS M 311 32.46 -41.91 53.42
C CYS M 311 33.26 -42.88 52.61
N THR M 312 32.85 -44.15 52.66
CA THR M 312 33.63 -45.21 52.03
C THR M 312 33.63 -45.12 50.50
N LEU M 313 32.50 -44.70 49.92
CA LEU M 313 32.41 -44.43 48.47
C LEU M 313 33.07 -43.09 48.09
N ILE M 314 32.76 -42.01 48.83
CA ILE M 314 33.32 -40.70 48.51
C ILE M 314 34.82 -40.81 48.45
N GLN M 315 35.35 -41.51 49.46
CA GLN M 315 36.78 -41.77 49.61
C GLN M 315 37.41 -42.35 48.32
N LYS M 316 36.66 -43.10 47.51
CA LYS M 316 37.24 -43.72 46.33
C LYS M 316 37.13 -42.89 45.06
N CYS M 317 36.65 -41.65 45.18
CA CYS M 317 36.37 -40.83 43.99
C CYS M 317 37.14 -39.51 43.98
N PRO M 318 38.46 -39.60 43.87
CA PRO M 318 39.39 -38.46 43.90
C PRO M 318 39.12 -37.41 42.84
N ASN M 319 38.46 -37.80 41.76
CA ASN M 319 38.23 -36.85 40.68
C ASN M 319 36.80 -36.30 40.61
N LEU M 320 36.03 -36.61 41.64
CA LEU M 320 34.67 -36.12 41.80
C LEU M 320 34.61 -34.60 41.71
N GLU M 321 33.93 -34.06 40.70
CA GLU M 321 33.67 -32.63 40.73
C GLU M 321 32.25 -32.22 41.05
N VAL M 322 31.30 -33.14 40.95
CA VAL M 322 29.94 -32.78 41.33
C VAL M 322 29.34 -33.85 42.20
N LEU M 323 28.85 -33.44 43.35
CA LEU M 323 28.14 -34.39 44.18
C LEU M 323 26.77 -33.84 44.63
N GLU M 324 25.72 -34.61 44.42
CA GLU M 324 24.42 -34.29 44.99
C GLU M 324 24.11 -35.40 45.96
N THR M 325 23.57 -35.05 47.13
CA THR M 325 23.19 -36.06 48.10
C THR M 325 22.28 -35.51 49.14
N ARG M 326 21.71 -36.42 49.94
CA ARG M 326 20.89 -36.06 51.08
C ARG M 326 21.79 -35.74 52.28
N ASN M 327 21.23 -35.19 53.37
CA ASN M 327 22.04 -34.78 54.53
C ASN M 327 22.59 -35.93 55.36
N VAL M 328 22.14 -37.14 55.05
CA VAL M 328 22.77 -38.33 55.59
C VAL M 328 24.29 -38.33 55.44
N ILE M 329 24.80 -37.67 54.40
CA ILE M 329 26.24 -37.49 54.19
C ILE M 329 26.95 -37.18 55.51
N GLY M 330 26.27 -36.44 56.37
CA GLY M 330 26.77 -36.09 57.69
C GLY M 330 28.03 -35.24 57.70
N ASP M 331 28.34 -34.67 58.87
CA ASP M 331 29.61 -33.98 59.03
C ASP M 331 30.74 -34.94 58.67
N ARG M 332 30.59 -36.19 59.08
CA ARG M 332 31.66 -37.15 58.83
C ARG M 332 31.95 -37.26 57.33
N GLY M 333 30.89 -37.27 56.53
CA GLY M 333 31.01 -37.39 55.09
C GLY M 333 31.69 -36.18 54.50
N LEU M 334 31.32 -35.01 54.99
CA LEU M 334 31.92 -33.79 54.49
C LEU M 334 33.41 -33.82 54.77
N GLU M 335 33.81 -34.33 55.93
CA GLU M 335 35.23 -34.38 56.28
C GLU M 335 35.98 -35.22 55.27
N VAL M 336 35.38 -36.34 54.89
CA VAL M 336 35.97 -37.23 53.88
C VAL M 336 36.15 -36.51 52.54
N LEU M 337 35.07 -35.85 52.13
CA LEU M 337 35.00 -35.15 50.88
C LEU M 337 36.07 -34.06 50.91
N ALA M 338 36.29 -33.55 52.11
CA ALA M 338 37.20 -32.43 52.34
C ALA M 338 38.63 -32.67 51.86
N GLN M 339 39.13 -33.89 51.98
CA GLN M 339 40.50 -34.08 51.52
C GLN M 339 40.73 -35.08 50.39
N TYR M 340 39.75 -35.92 50.10
CA TYR M 340 39.90 -36.81 48.96
C TYR M 340 39.54 -36.17 47.60
N CYS M 341 38.54 -35.29 47.62
CA CYS M 341 38.02 -34.70 46.40
C CYS M 341 38.33 -33.22 46.40
N LYS M 342 39.54 -32.89 45.97
CA LYS M 342 40.00 -31.51 46.02
C LYS M 342 39.45 -30.71 44.85
N GLN M 343 39.00 -31.42 43.81
CA GLN M 343 38.56 -30.79 42.55
C GLN M 343 37.07 -30.44 42.57
N LEU M 344 36.39 -30.77 43.67
CA LEU M 344 34.96 -30.55 43.82
C LEU M 344 34.52 -29.12 43.41
N LYS M 345 33.59 -29.04 42.45
CA LYS M 345 33.08 -27.77 41.99
C LYS M 345 31.62 -27.49 42.43
N ARG M 346 30.82 -28.53 42.57
CA ARG M 346 29.41 -28.33 42.92
C ARG M 346 28.98 -29.36 43.92
N LEU M 347 28.32 -28.87 44.97
CA LEU M 347 27.85 -29.73 46.03
C LEU M 347 26.46 -29.32 46.44
N ARG M 348 25.55 -30.26 46.39
CA ARG M 348 24.20 -30.02 46.89
C ARG M 348 23.84 -31.03 47.94
N ILE M 349 23.47 -30.56 49.14
CA ILE M 349 23.01 -31.43 50.21
C ILE M 349 21.52 -31.23 50.44
N GLU M 350 20.68 -32.05 49.84
CA GLU M 350 19.24 -31.91 50.01
C GLU M 350 18.88 -32.36 51.40
N ARG M 351 17.64 -32.09 51.83
CA ARG M 351 17.22 -32.51 53.14
C ARG M 351 16.59 -33.87 53.05
N GLY M 352 16.86 -34.73 54.04
CA GLY M 352 16.45 -36.13 54.04
C GLY M 352 15.14 -36.43 54.73
N ALA M 353 14.92 -37.69 55.09
CA ALA M 353 13.76 -38.05 55.90
C ALA M 353 13.92 -37.44 57.30
N ASP M 354 13.14 -36.39 57.58
CA ASP M 354 13.33 -35.51 58.73
C ASP M 354 12.24 -35.71 59.80
N GLU M 355 11.63 -36.90 59.80
CA GLU M 355 10.56 -37.22 60.74
C GLU M 355 11.06 -38.06 61.92
N GLN M 356 11.48 -39.30 61.64
CA GLN M 356 11.94 -40.22 62.68
C GLN M 356 13.46 -40.27 62.75
N GLY M 357 14.07 -39.31 63.47
CA GLY M 357 15.51 -39.23 63.56
C GLY M 357 16.13 -38.99 62.20
N MET M 358 17.24 -38.25 62.18
CA MET M 358 17.86 -37.81 60.92
C MET M 358 18.42 -38.92 60.01
N GLU M 359 17.65 -40.00 59.84
CA GLU M 359 18.08 -41.18 59.08
C GLU M 359 19.14 -42.04 59.80
N ASP M 360 19.99 -41.37 60.57
CA ASP M 360 20.89 -42.00 61.55
C ASP M 360 21.48 -40.91 62.48
N GLU M 361 22.23 -41.32 63.49
CA GLU M 361 22.77 -40.35 64.45
C GLU M 361 24.09 -39.69 64.01
N GLU M 362 24.27 -39.55 62.70
CA GLU M 362 25.36 -38.77 62.12
C GLU M 362 24.82 -37.92 60.97
N GLY M 363 23.57 -38.19 60.56
CA GLY M 363 22.92 -37.56 59.43
C GLY M 363 22.49 -36.11 59.66
N LEU M 364 23.40 -35.33 60.22
CA LEU M 364 23.20 -33.94 60.45
C LEU M 364 24.47 -33.33 59.92
N VAL M 365 24.36 -32.26 59.15
CA VAL M 365 25.56 -31.50 58.82
C VAL M 365 25.47 -30.20 59.60
N SER M 366 26.65 -29.67 59.95
CA SER M 366 26.78 -28.56 60.90
C SER M 366 28.07 -27.76 60.65
N GLN M 367 28.36 -26.84 61.58
CA GLN M 367 29.52 -25.97 61.50
C GLN M 367 30.73 -26.82 61.19
N ARG M 368 30.79 -27.99 61.82
CA ARG M 368 31.94 -28.90 61.69
C ARG M 368 32.19 -29.25 60.22
N GLY M 369 31.15 -29.72 59.56
CA GLY M 369 31.25 -30.10 58.17
C GLY M 369 31.52 -28.90 57.26
N LEU M 370 30.78 -27.82 57.48
CA LEU M 370 30.94 -26.65 56.64
C LEU M 370 32.36 -26.15 56.69
N ILE M 371 32.90 -25.96 57.89
CA ILE M 371 34.24 -25.42 58.01
C ILE M 371 35.29 -26.40 57.48
N ALA M 372 35.05 -27.70 57.66
CA ALA M 372 35.91 -28.72 57.06
C ALA M 372 35.94 -28.57 55.53
N LEU M 373 34.73 -28.47 54.98
CA LEU M 373 34.52 -28.38 53.55
C LEU M 373 35.21 -27.15 52.96
N ALA M 374 34.96 -26.00 53.59
CA ALA M 374 35.58 -24.75 53.20
C ALA M 374 37.09 -24.88 53.04
N GLN M 375 37.73 -25.60 53.94
CA GLN M 375 39.19 -25.71 53.90
C GLN M 375 39.69 -26.69 52.83
N GLY M 376 38.92 -27.75 52.59
CA GLY M 376 39.34 -28.80 51.69
C GLY M 376 39.05 -28.55 50.22
N CYS M 377 37.81 -28.15 49.93
CA CYS M 377 37.34 -28.06 48.54
C CYS M 377 37.30 -26.62 48.05
N GLN M 378 38.48 -26.03 47.86
CA GLN M 378 38.52 -24.59 47.69
C GLN M 378 38.14 -24.20 46.29
N GLU M 379 37.88 -25.18 45.44
CA GLU M 379 37.54 -24.89 44.07
C GLU M 379 36.03 -24.75 43.85
N LEU M 380 35.26 -25.04 44.90
CA LEU M 380 33.79 -24.97 44.85
C LEU M 380 33.22 -23.71 44.21
N GLU M 381 32.36 -23.90 43.21
CA GLU M 381 31.63 -22.82 42.54
C GLU M 381 30.14 -22.78 42.95
N TYR M 382 29.60 -23.94 43.31
CA TYR M 382 28.21 -24.02 43.70
C TYR M 382 28.07 -24.85 44.98
N MET M 383 27.49 -24.24 46.00
CA MET M 383 27.27 -24.94 47.25
C MET M 383 25.86 -24.68 47.78
N ALA M 384 25.07 -25.72 47.92
CA ALA M 384 23.74 -25.60 48.45
C ALA M 384 23.51 -26.69 49.49
N VAL M 385 23.04 -26.29 50.66
CA VAL M 385 23.15 -27.09 51.86
C VAL M 385 21.99 -26.83 52.77
N TYR M 386 21.31 -27.92 53.14
CA TYR M 386 20.34 -27.88 54.23
C TYR M 386 21.11 -28.33 55.47
N VAL M 387 21.26 -27.41 56.41
CA VAL M 387 22.18 -27.60 57.52
C VAL M 387 21.36 -27.73 58.83
N SER M 388 21.83 -28.56 59.77
CA SER M 388 21.09 -28.77 61.03
C SER M 388 21.45 -27.77 62.13
N ASP M 389 22.62 -27.13 61.99
CA ASP M 389 23.10 -26.12 62.92
C ASP M 389 24.25 -25.29 62.31
N ILE M 390 24.23 -23.96 62.46
CA ILE M 390 25.35 -23.14 62.01
C ILE M 390 25.96 -22.24 63.09
N THR M 391 27.14 -21.75 62.77
CA THR M 391 27.83 -20.82 63.61
C THR M 391 28.36 -19.70 62.71
N ASN M 392 28.44 -18.47 63.23
CA ASN M 392 29.09 -17.39 62.50
C ASN M 392 30.46 -17.77 62.00
N GLU M 393 31.13 -18.68 62.69
CA GLU M 393 32.51 -19.03 62.34
C GLU M 393 32.57 -19.76 61.00
N SER M 394 31.59 -20.62 60.78
CA SER M 394 31.57 -21.41 59.55
C SER M 394 31.34 -20.52 58.34
N LEU M 395 30.36 -19.62 58.40
CA LEU M 395 30.17 -18.67 57.31
C LEU M 395 31.47 -17.92 57.08
N GLU M 396 32.18 -17.58 58.15
CA GLU M 396 33.42 -16.82 58.02
C GLU M 396 34.41 -17.58 57.18
N SER M 397 34.51 -18.88 57.41
CA SER M 397 35.53 -19.70 56.71
C SER M 397 35.17 -19.95 55.26
N ILE M 398 33.88 -20.08 54.96
CA ILE M 398 33.37 -20.10 53.59
C ILE M 398 33.92 -18.87 52.87
N GLY M 399 33.68 -17.72 53.46
CA GLY M 399 34.12 -16.46 52.90
C GLY M 399 35.63 -16.33 52.78
N THR M 400 36.39 -17.01 53.62
CA THR M 400 37.82 -16.81 53.58
C THR M 400 38.50 -17.75 52.57
N TYR M 401 38.04 -19.00 52.51
CA TYR M 401 38.69 -20.06 51.72
C TYR M 401 38.19 -20.26 50.27
N LEU M 402 36.88 -20.37 50.09
CA LEU M 402 36.38 -20.68 48.75
C LEU M 402 35.84 -19.46 48.03
N LYS M 403 36.78 -18.69 47.50
CA LYS M 403 36.46 -17.61 46.59
C LYS M 403 35.79 -18.26 45.43
N ASN M 404 35.64 -17.51 44.35
CA ASN M 404 34.94 -18.01 43.14
C ASN M 404 33.78 -19.03 43.37
N LEU M 405 33.10 -18.87 44.49
CA LEU M 405 31.77 -19.43 44.71
C LEU M 405 30.82 -18.53 43.95
N CYS M 406 29.93 -19.10 43.15
CA CYS M 406 29.02 -18.31 42.30
C CYS M 406 27.59 -18.35 42.79
N ASP M 407 27.28 -19.42 43.49
CA ASP M 407 25.93 -19.71 43.91
C ASP M 407 26.08 -20.38 45.27
N PHE M 408 25.56 -19.73 46.32
CA PHE M 408 25.63 -20.29 47.66
C PHE M 408 24.21 -20.29 48.24
N ARG M 409 23.75 -21.44 48.70
CA ARG M 409 22.46 -21.47 49.37
C ARG M 409 22.56 -22.26 50.66
N LEU M 410 21.98 -21.70 51.71
CA LEU M 410 22.00 -22.28 53.06
C LEU M 410 20.58 -22.18 53.60
N VAL M 411 20.05 -23.29 54.09
CA VAL M 411 18.77 -23.28 54.78
C VAL M 411 19.00 -23.97 56.10
N LEU M 412 18.64 -23.37 57.24
CA LEU M 412 18.75 -24.18 58.45
C LEU M 412 17.46 -24.82 58.82
N LEU M 413 17.51 -26.16 58.98
CA LEU M 413 16.37 -26.99 59.28
C LEU M 413 15.66 -26.50 60.54
N ASP M 414 14.41 -26.89 60.72
CA ASP M 414 13.70 -26.46 61.92
C ASP M 414 13.75 -27.48 63.05
N ARG M 415 14.40 -28.63 62.79
CA ARG M 415 14.47 -29.75 63.73
C ARG M 415 15.06 -29.37 65.08
N GLU M 416 16.31 -28.90 65.06
CA GLU M 416 17.02 -28.54 66.28
C GLU M 416 16.36 -27.42 67.07
N GLU M 417 16.41 -27.54 68.40
CA GLU M 417 15.85 -26.54 69.28
C GLU M 417 16.85 -25.43 69.52
N ARG M 418 18.06 -25.79 69.94
CA ARG M 418 19.10 -24.80 70.26
C ARG M 418 20.04 -24.73 69.08
N ILE M 419 20.27 -23.53 68.55
CA ILE M 419 21.29 -23.37 67.53
C ILE M 419 22.46 -22.63 68.16
N THR M 420 23.65 -23.21 68.05
CA THR M 420 24.84 -22.69 68.73
C THR M 420 24.79 -21.20 68.99
N ASP M 421 25.28 -20.41 68.03
CA ASP M 421 25.11 -18.97 68.18
C ASP M 421 24.21 -18.49 67.04
N LEU M 422 23.19 -17.70 67.34
CA LEU M 422 22.21 -17.45 66.31
C LEU M 422 22.39 -16.20 65.50
N PRO M 423 22.24 -15.01 66.10
CA PRO M 423 22.32 -13.84 65.21
C PRO M 423 23.56 -13.96 64.31
N LEU M 424 23.34 -14.12 63.00
CA LEU M 424 24.41 -14.49 62.05
C LEU M 424 25.01 -13.33 61.27
N ASP M 425 24.70 -12.10 61.71
CA ASP M 425 25.14 -10.88 61.04
C ASP M 425 26.61 -10.90 60.62
N ASN M 426 27.50 -11.17 61.56
CA ASN M 426 28.91 -10.99 61.27
C ASN M 426 29.45 -12.04 60.33
N GLY M 427 28.78 -13.19 60.29
CA GLY M 427 29.13 -14.28 59.40
C GLY M 427 28.72 -14.04 57.96
N VAL M 428 27.44 -13.70 57.76
CA VAL M 428 26.97 -13.35 56.44
C VAL M 428 27.88 -12.29 55.87
N ARG M 429 28.19 -11.30 56.68
CA ARG M 429 28.99 -10.18 56.24
C ARG M 429 30.35 -10.59 55.70
N SER M 430 31.05 -11.50 56.37
CA SER M 430 32.37 -11.85 55.87
C SER M 430 32.25 -12.81 54.70
N LEU M 431 31.17 -13.57 54.70
CA LEU M 431 30.90 -14.47 53.59
C LEU M 431 30.74 -13.68 52.31
N LEU M 432 29.85 -12.68 52.34
CA LEU M 432 29.56 -11.85 51.18
C LEU M 432 30.79 -11.06 50.74
N ILE M 433 31.70 -10.81 51.68
CA ILE M 433 32.87 -9.98 51.39
C ILE M 433 33.98 -10.79 50.71
N GLY M 434 34.12 -12.03 51.12
CA GLY M 434 35.14 -12.88 50.56
C GLY M 434 34.76 -13.54 49.24
N CYS M 435 33.50 -13.99 49.14
CA CYS M 435 33.02 -14.61 47.90
C CYS M 435 32.45 -13.53 47.01
N LYS M 436 33.33 -12.77 46.37
CA LYS M 436 32.83 -11.61 45.66
C LYS M 436 32.46 -11.93 44.22
N LYS M 437 32.48 -13.21 43.87
CA LYS M 437 32.05 -13.62 42.54
C LYS M 437 30.57 -14.05 42.58
N LEU M 438 29.98 -14.00 43.77
CA LEU M 438 28.63 -14.51 44.02
C LEU M 438 27.53 -13.85 43.19
N ARG M 439 26.78 -14.65 42.45
CA ARG M 439 25.69 -14.14 41.63
C ARG M 439 24.32 -14.56 42.12
N ARG M 440 24.24 -15.74 42.74
CA ARG M 440 22.99 -16.23 43.31
C ARG M 440 23.22 -16.55 44.77
N PHE M 441 22.25 -16.20 45.62
CA PHE M 441 22.40 -16.28 47.06
C PHE M 441 21.07 -16.63 47.77
N ALA M 442 21.06 -17.72 48.52
CA ALA M 442 19.85 -18.02 49.27
C ALA M 442 20.23 -18.20 50.72
N PHE M 443 19.40 -17.67 51.60
CA PHE M 443 19.69 -17.61 53.04
C PHE M 443 18.35 -17.75 53.79
N TYR M 444 18.05 -18.94 54.26
CA TYR M 444 16.75 -19.29 54.80
C TYR M 444 16.90 -19.78 56.26
N LEU M 445 16.46 -18.98 57.22
CA LEU M 445 16.70 -19.27 58.62
C LEU M 445 15.46 -19.53 59.49
N ARG M 446 15.52 -19.05 60.73
CA ARG M 446 14.44 -19.17 61.72
C ARG M 446 14.38 -17.78 62.33
N GLN M 447 13.32 -17.41 63.06
CA GLN M 447 13.14 -15.98 63.40
C GLN M 447 14.35 -15.29 64.00
N GLY M 448 14.92 -15.83 65.06
CA GLY M 448 16.11 -15.19 65.62
C GLY M 448 17.32 -15.04 64.71
N GLY M 449 17.25 -15.60 63.51
CA GLY M 449 18.43 -15.85 62.70
C GLY M 449 19.25 -14.66 62.30
N LEU M 450 18.61 -13.57 61.95
CA LEU M 450 19.36 -12.41 61.45
C LEU M 450 18.66 -11.13 61.83
N THR M 451 19.46 -10.12 62.16
CA THR M 451 18.93 -8.89 62.72
C THR M 451 18.85 -7.88 61.60
N ASP M 452 18.12 -6.78 61.80
CA ASP M 452 18.05 -5.72 60.81
C ASP M 452 19.45 -5.27 60.43
N LEU M 453 20.38 -5.36 61.36
CA LEU M 453 21.74 -4.95 61.04
C LEU M 453 22.34 -5.89 60.00
N GLY M 454 22.12 -7.18 60.19
CA GLY M 454 22.61 -8.20 59.27
C GLY M 454 21.93 -8.15 57.90
N LEU M 455 20.63 -7.90 57.90
CA LEU M 455 19.88 -7.76 56.66
C LEU M 455 20.49 -6.65 55.86
N SER M 456 20.90 -5.56 56.53
CA SER M 456 21.46 -4.47 55.79
C SER M 456 22.81 -4.90 55.22
N TYR M 457 23.46 -5.82 55.90
CA TYR M 457 24.79 -6.28 55.49
C TYR M 457 24.69 -6.99 54.17
N ILE M 458 23.62 -7.77 54.02
CA ILE M 458 23.39 -8.54 52.82
C ILE M 458 23.21 -7.62 51.64
N GLY M 459 22.45 -6.56 51.85
CA GLY M 459 22.28 -5.54 50.82
C GLY M 459 23.54 -4.75 50.54
N GLN M 460 24.38 -4.61 51.54
CA GLN M 460 25.56 -3.79 51.42
C GLN M 460 26.67 -4.53 50.71
N TYR M 461 26.80 -5.83 50.94
CA TYR M 461 27.98 -6.53 50.43
C TYR M 461 27.72 -7.59 49.34
N SER M 462 26.72 -7.33 48.50
CA SER M 462 26.36 -8.29 47.45
C SER M 462 26.15 -7.66 46.09
N PRO M 463 27.18 -6.97 45.60
CA PRO M 463 27.17 -6.15 44.40
C PRO M 463 26.95 -6.98 43.14
N ASN M 464 27.22 -8.27 43.15
CA ASN M 464 27.06 -9.06 41.94
C ASN M 464 25.87 -9.99 41.93
N VAL M 465 25.08 -9.94 42.99
CA VAL M 465 24.00 -10.90 43.18
C VAL M 465 22.80 -10.50 42.35
N ARG M 466 22.44 -11.40 41.43
CA ARG M 466 21.27 -11.20 40.60
C ARG M 466 20.00 -11.79 41.21
N TRP M 467 20.09 -12.94 41.87
CA TRP M 467 18.95 -13.59 42.53
C TRP M 467 19.17 -13.81 44.03
N MET M 468 18.12 -13.61 44.83
CA MET M 468 18.18 -13.90 46.25
C MET M 468 16.90 -14.51 46.74
N LEU M 469 17.03 -15.63 47.47
CA LEU M 469 15.93 -16.15 48.30
C LEU M 469 16.31 -15.90 49.75
N LEU M 470 15.53 -15.07 50.42
CA LEU M 470 15.74 -14.80 51.86
C LEU M 470 14.66 -15.50 52.72
N GLY M 471 15.16 -16.25 53.71
CA GLY M 471 14.34 -17.08 54.57
C GLY M 471 13.59 -16.36 55.66
N TYR M 472 14.07 -16.42 56.89
CA TYR M 472 13.31 -15.81 57.97
C TYR M 472 14.18 -14.70 58.52
N VAL M 473 14.57 -13.78 57.66
CA VAL M 473 15.55 -12.79 58.05
C VAL M 473 14.91 -11.53 58.58
N GLY M 474 15.72 -10.74 59.27
CA GLY M 474 15.30 -9.47 59.84
C GLY M 474 14.44 -9.56 61.08
N GLU M 475 14.20 -8.39 61.69
CA GLU M 475 13.35 -8.25 62.88
C GLU M 475 12.20 -7.28 62.60
N SER M 476 12.46 -6.22 61.82
CA SER M 476 11.40 -5.27 61.47
C SER M 476 11.56 -4.65 60.09
N ASP M 477 10.62 -3.78 59.72
CA ASP M 477 10.67 -3.07 58.43
C ASP M 477 11.98 -2.32 58.27
N GLU M 478 12.58 -1.89 59.37
CA GLU M 478 13.87 -1.20 59.33
C GLU M 478 14.87 -2.01 58.51
N GLY M 479 14.81 -3.32 58.62
CA GLY M 479 15.78 -4.19 57.97
C GLY M 479 15.56 -4.27 56.47
N LEU M 480 14.30 -4.38 56.08
CA LEU M 480 13.97 -4.48 54.69
C LEU M 480 14.38 -3.19 54.03
N MET M 481 14.04 -2.07 54.67
CA MET M 481 14.40 -0.77 54.10
C MET M 481 15.94 -0.55 53.99
N GLU M 482 16.68 -0.93 55.02
CA GLU M 482 18.14 -0.80 54.95
C GLU M 482 18.70 -1.69 53.83
N PHE M 483 18.20 -2.90 53.77
CA PHE M 483 18.53 -3.84 52.71
C PHE M 483 18.29 -3.21 51.36
N SER M 484 17.14 -2.58 51.21
CA SER M 484 16.70 -2.05 49.93
C SER M 484 17.59 -0.92 49.38
N ARG M 485 18.49 -0.36 50.17
CA ARG M 485 19.29 0.70 49.60
C ARG M 485 20.55 0.14 48.99
N GLY M 486 20.63 -1.20 48.94
CA GLY M 486 21.77 -1.90 48.37
C GLY M 486 21.39 -2.69 47.14
N CYS M 487 22.04 -3.83 46.93
CA CYS M 487 21.65 -4.80 45.90
C CYS M 487 21.58 -4.13 44.55
N PRO M 488 22.69 -3.55 44.13
CA PRO M 488 22.74 -2.75 42.91
C PRO M 488 22.24 -3.59 41.71
N ASN M 489 22.46 -4.90 41.76
CA ASN M 489 22.16 -5.75 40.63
C ASN M 489 21.09 -6.83 40.86
N LEU M 490 20.31 -6.70 41.93
CA LEU M 490 19.33 -7.72 42.28
C LEU M 490 18.21 -7.67 41.28
N GLN M 491 18.01 -8.76 40.54
CA GLN M 491 16.94 -8.80 39.55
C GLN M 491 15.70 -9.51 40.04
N LYS M 492 15.89 -10.62 40.76
CA LYS M 492 14.81 -11.47 41.18
C LYS M 492 14.96 -11.67 42.67
N LEU M 493 13.92 -11.35 43.43
CA LEU M 493 13.92 -11.45 44.91
C LEU M 493 12.77 -12.32 45.43
N GLU M 494 13.11 -13.41 46.09
CA GLU M 494 12.13 -14.32 46.68
C GLU M 494 12.28 -14.31 48.20
N MET M 495 11.23 -13.91 48.91
CA MET M 495 11.25 -13.90 50.39
C MET M 495 10.04 -14.62 50.94
N ARG M 496 10.26 -15.53 51.87
CA ARG M 496 9.10 -16.08 52.57
C ARG M 496 9.40 -16.15 54.05
N GLY M 497 8.35 -16.14 54.85
CA GLY M 497 8.51 -16.18 56.28
C GLY M 497 9.08 -14.91 56.87
N CYS M 498 8.84 -13.77 56.23
CA CYS M 498 9.30 -12.52 56.82
C CYS M 498 8.16 -11.69 57.38
N CYS M 499 8.50 -10.87 58.37
CA CYS M 499 7.52 -10.05 59.08
C CYS M 499 7.07 -8.78 58.31
N PHE M 500 7.92 -8.28 57.43
CA PHE M 500 7.72 -7.00 56.78
C PHE M 500 6.29 -6.71 56.36
N SER M 501 5.91 -5.43 56.41
CA SER M 501 4.54 -5.00 56.12
C SER M 501 4.33 -4.70 54.65
N GLU M 502 3.07 -4.59 54.24
CA GLU M 502 2.80 -4.22 52.86
C GLU M 502 3.58 -2.98 52.44
N ARG M 503 3.49 -1.89 53.19
CA ARG M 503 4.12 -0.63 52.73
C ARG M 503 5.65 -0.73 52.61
N ALA M 504 6.23 -1.58 53.45
CA ALA M 504 7.68 -1.78 53.45
C ALA M 504 8.17 -2.58 52.22
N ILE M 505 7.44 -3.63 51.87
CA ILE M 505 7.67 -4.35 50.62
C ILE M 505 7.57 -3.34 49.48
N ALA M 506 6.43 -2.66 49.39
CA ALA M 506 6.26 -1.66 48.36
C ALA M 506 7.40 -0.67 48.29
N ALA M 507 7.88 -0.23 49.43
CA ALA M 507 8.84 0.84 49.40
C ALA M 507 10.20 0.31 49.00
N ALA M 508 10.49 -0.92 49.40
CA ALA M 508 11.77 -1.51 49.04
C ALA M 508 11.83 -1.83 47.53
N VAL M 509 10.69 -2.17 46.94
CA VAL M 509 10.65 -2.43 45.50
C VAL M 509 11.01 -1.17 44.72
N THR M 510 10.49 -0.04 45.20
CA THR M 510 10.74 1.26 44.64
C THR M 510 12.24 1.61 44.69
N LYS M 511 12.91 1.30 45.80
CA LYS M 511 14.33 1.65 45.96
C LYS M 511 15.25 0.77 45.13
N LEU M 512 14.85 -0.47 44.87
CA LEU M 512 15.76 -1.40 44.22
C LEU M 512 15.92 -1.13 42.71
N PRO M 513 17.13 -0.74 42.32
CA PRO M 513 17.36 -0.26 40.96
C PRO M 513 17.07 -1.33 39.93
N SER M 514 17.42 -2.58 40.19
CA SER M 514 17.40 -3.60 39.13
C SER M 514 16.25 -4.60 39.19
N LEU M 515 15.47 -4.58 40.27
CA LEU M 515 14.42 -5.57 40.48
C LEU M 515 13.43 -5.67 39.36
N ARG M 516 13.27 -6.86 38.83
CA ARG M 516 12.24 -7.12 37.80
C ARG M 516 11.29 -8.28 38.14
N TYR M 517 11.50 -8.92 39.30
CA TYR M 517 10.69 -10.05 39.75
C TYR M 517 10.64 -10.18 41.26
N LEU M 518 9.45 -10.26 41.82
CA LEU M 518 9.29 -10.36 43.26
C LEU M 518 8.27 -11.41 43.60
N TRP M 519 8.65 -12.35 44.47
CA TRP M 519 7.72 -13.34 45.03
C TRP M 519 7.87 -13.30 46.55
N VAL M 520 6.77 -13.12 47.25
CA VAL M 520 6.75 -12.98 48.69
C VAL M 520 5.61 -13.80 49.29
N GLN M 521 5.93 -14.62 50.28
CA GLN M 521 4.91 -15.31 51.05
C GLN M 521 5.10 -14.98 52.51
N GLY M 522 4.01 -14.65 53.21
CA GLY M 522 4.08 -14.20 54.59
C GLY M 522 4.52 -12.74 54.75
N TYR M 523 3.61 -11.90 55.19
CA TYR M 523 3.88 -10.48 55.28
C TYR M 523 2.69 -9.84 56.05
N ARG M 524 2.93 -8.76 56.81
CA ARG M 524 1.81 -8.09 57.48
C ARG M 524 0.85 -7.51 56.43
N ALA M 525 -0.23 -8.24 56.15
CA ALA M 525 -1.21 -7.84 55.15
C ALA M 525 -2.14 -6.72 55.62
N SER M 526 -3.27 -6.59 54.92
CA SER M 526 -4.37 -5.72 55.32
C SER M 526 -5.45 -5.86 54.25
N MET M 527 -6.66 -6.22 54.68
CA MET M 527 -7.76 -6.43 53.73
C MET M 527 -7.85 -5.22 52.79
N THR M 528 -7.50 -4.05 53.34
CA THR M 528 -7.41 -2.81 52.56
C THR M 528 -6.87 -3.14 51.16
N GLY M 529 -5.75 -3.87 51.12
CA GLY M 529 -5.04 -4.17 49.90
C GLY M 529 -4.17 -2.99 49.52
N GLN M 530 -4.65 -1.79 49.82
CA GLN M 530 -4.21 -0.56 49.16
C GLN M 530 -2.82 -0.08 49.52
N ASP M 531 -2.06 -0.89 50.23
CA ASP M 531 -0.73 -0.43 50.60
C ASP M 531 0.31 -0.92 49.61
N LEU M 532 0.07 -2.11 49.07
CA LEU M 532 0.89 -2.59 47.98
C LEU M 532 0.87 -1.61 46.82
N MET M 533 -0.25 -0.94 46.65
CA MET M 533 -0.40 0.01 45.57
C MET M 533 0.67 1.09 45.52
N GLN M 534 1.41 1.28 46.59
CA GLN M 534 2.32 2.41 46.58
C GLN M 534 3.59 2.04 45.80
N MET M 535 3.50 0.93 45.08
CA MET M 535 4.55 0.53 44.16
C MET M 535 4.03 0.37 42.74
N ALA M 536 2.80 0.83 42.50
CA ALA M 536 2.24 0.81 41.17
C ALA M 536 3.07 1.70 40.26
N ARG M 537 3.78 1.06 39.32
CA ARG M 537 4.55 1.74 38.30
C ARG M 537 3.90 1.29 37.00
N PRO M 538 4.19 1.97 35.90
CA PRO M 538 3.78 1.44 34.59
C PRO M 538 4.57 0.17 34.30
N TYR M 539 3.94 -0.78 33.59
CA TYR M 539 4.56 -2.03 33.16
C TYR M 539 4.80 -3.04 34.27
N TRP M 540 4.35 -2.71 35.48
CA TRP M 540 4.61 -3.51 36.69
C TRP M 540 3.34 -4.24 37.09
N ASN M 541 3.36 -5.54 36.91
CA ASN M 541 2.19 -6.37 37.11
C ASN M 541 2.23 -6.93 38.51
N ILE M 542 1.21 -6.68 39.31
CA ILE M 542 1.23 -7.30 40.65
C ILE M 542 0.08 -8.31 40.72
N GLU M 543 0.37 -9.53 41.15
CA GLU M 543 -0.63 -10.60 41.27
C GLU M 543 -0.67 -11.14 42.69
N LEU M 544 -1.86 -11.31 43.25
CA LEU M 544 -2.00 -11.93 44.57
C LEU M 544 -2.55 -13.33 44.48
N ILE M 545 -1.89 -14.28 45.14
CA ILE M 545 -2.53 -15.59 45.36
C ILE M 545 -3.03 -15.65 46.81
N PRO M 546 -4.34 -15.40 47.04
CA PRO M 546 -4.96 -15.18 48.36
C PRO M 546 -4.72 -16.33 49.34
N SER M 547 -4.98 -16.05 50.62
CA SER M 547 -4.62 -16.93 51.73
C SER M 547 -5.47 -18.21 51.83
N ARG M 548 -5.78 -18.82 50.69
CA ARG M 548 -6.57 -20.06 50.66
C ARG M 548 -5.77 -21.25 51.16
N HIS M 564 -2.20 -21.85 52.50
CA HIS M 564 -0.95 -21.12 52.69
C HIS M 564 -1.20 -19.61 52.68
N PRO M 565 -0.35 -18.81 53.38
CA PRO M 565 -0.48 -17.34 53.51
C PRO M 565 -0.43 -16.59 52.16
N ALA M 566 -1.07 -15.42 52.02
CA ALA M 566 -1.14 -14.71 50.72
C ALA M 566 0.21 -14.59 50.03
N HIS M 567 0.26 -14.80 48.72
CA HIS M 567 1.50 -14.64 47.99
C HIS M 567 1.42 -13.36 47.16
N ILE M 568 2.55 -12.72 46.98
CA ILE M 568 2.60 -11.60 46.08
C ILE M 568 3.55 -11.97 44.96
N LEU M 569 3.09 -11.87 43.73
CA LEU M 569 3.97 -12.06 42.60
C LEU M 569 3.94 -10.79 41.81
N ALA M 570 5.10 -10.20 41.54
CA ALA M 570 5.14 -8.99 40.73
C ALA M 570 6.36 -8.98 39.77
N TYR M 571 6.13 -8.51 38.54
CA TYR M 571 7.17 -8.55 37.54
C TYR M 571 6.90 -7.48 36.51
N TYR M 572 7.95 -7.03 35.83
CA TYR M 572 7.80 -6.12 34.71
C TYR M 572 7.34 -6.89 33.50
N SER M 573 6.42 -6.29 32.73
CA SER M 573 6.01 -6.88 31.47
C SER M 573 5.61 -5.85 30.41
N LEU M 574 6.11 -6.06 29.19
CA LEU M 574 5.80 -5.23 28.06
C LEU M 574 4.42 -5.57 27.52
N ALA M 575 3.77 -6.57 28.07
CA ALA M 575 2.55 -7.10 27.44
C ALA M 575 1.23 -6.67 28.10
N GLY M 576 1.31 -6.19 29.34
CA GLY M 576 0.13 -5.87 30.10
C GLY M 576 -0.29 -7.08 30.89
N GLN M 577 -1.45 -7.00 31.56
CA GLN M 577 -1.90 -8.08 32.43
C GLN M 577 -2.28 -9.31 31.65
N ARG M 578 -1.75 -10.47 32.07
CA ARG M 578 -2.14 -11.75 31.47
C ARG M 578 -3.65 -11.87 31.35
N THR M 579 -4.05 -12.39 30.21
CA THR M 579 -5.41 -12.82 29.95
C THR M 579 -5.90 -14.09 30.69
N ASP M 580 -4.97 -14.91 31.15
CA ASP M 580 -5.30 -16.28 31.48
C ASP M 580 -5.22 -16.64 32.97
N CYS M 581 -5.50 -15.68 33.86
CA CYS M 581 -5.53 -15.98 35.30
C CYS M 581 -6.65 -16.93 35.72
N PRO M 582 -6.32 -17.90 36.60
CA PRO M 582 -7.32 -18.72 37.31
C PRO M 582 -8.18 -17.82 38.21
N THR M 583 -9.16 -18.42 38.85
CA THR M 583 -9.96 -17.76 39.87
C THR M 583 -9.20 -17.57 41.19
N THR M 584 -8.33 -18.53 41.55
CA THR M 584 -7.43 -18.36 42.70
C THR M 584 -6.40 -17.23 42.66
N VAL M 585 -6.36 -16.44 41.59
CA VAL M 585 -5.34 -15.41 41.46
C VAL M 585 -5.99 -14.09 41.14
N ARG M 586 -5.72 -13.07 41.94
CA ARG M 586 -6.37 -11.79 41.81
C ARG M 586 -5.35 -10.78 41.32
N VAL M 587 -5.69 -10.08 40.25
CA VAL M 587 -4.78 -9.09 39.72
C VAL M 587 -5.09 -7.80 40.43
N LEU M 588 -4.07 -7.17 40.99
CA LEU M 588 -4.26 -5.90 41.68
C LEU M 588 -4.19 -4.72 40.71
N LYS M 589 -5.28 -3.96 40.64
CA LYS M 589 -5.34 -2.73 39.85
C LYS M 589 -5.79 -1.56 40.73
N GLU M 590 -5.64 -0.34 40.22
CA GLU M 590 -5.94 0.87 40.97
C GLU M 590 -7.35 0.86 41.55
N PRO M 591 -7.64 1.74 42.53
CA PRO M 591 -8.88 1.74 43.31
C PRO M 591 -10.00 0.81 42.77
N ILE M 592 -10.42 -0.12 43.63
CA ILE M 592 -11.44 -1.13 43.28
C ILE M 592 -12.79 -0.49 42.95
N ARG N 1 10.37 -28.25 51.35
CA ARG N 1 10.00 -29.63 50.98
C ARG N 1 9.92 -29.82 49.47
N ARG N 2 11.08 -29.99 48.82
CA ARG N 2 11.18 -30.18 47.36
C ARG N 2 10.21 -31.27 46.85
N ALA N 3 9.68 -31.10 45.63
CA ALA N 3 8.63 -31.98 45.13
C ALA N 3 9.15 -33.29 44.57
N SER N 4 10.44 -33.34 44.28
CA SER N 4 11.07 -34.56 43.76
C SER N 4 11.49 -35.52 44.89
N LEU N 5 11.93 -34.96 46.01
CA LEU N 5 12.31 -35.76 47.20
C LEU N 5 11.12 -36.12 48.09
N HIS N 6 10.02 -35.37 47.98
CA HIS N 6 8.80 -35.67 48.73
C HIS N 6 8.15 -36.93 48.17
N ARG N 7 8.39 -37.16 46.88
CA ARG N 7 7.92 -38.35 46.20
C ARG N 7 8.79 -39.54 46.59
N PHE N 8 10.09 -39.30 46.76
CA PHE N 8 11.04 -40.35 47.13
C PHE N 8 11.00 -40.72 48.62
N LEU N 9 10.98 -39.73 49.50
CA LEU N 9 10.99 -39.98 50.96
C LEU N 9 9.80 -40.85 51.39
N GLU N 10 8.81 -40.96 50.50
CA GLU N 10 7.65 -41.83 50.71
C GLU N 10 7.72 -43.16 49.93
N LYS N 11 8.32 -43.16 48.74
CA LYS N 11 8.58 -44.39 48.00
C LYS N 11 9.66 -45.20 48.69
N ARG N 12 10.38 -44.52 49.59
CA ARG N 12 11.42 -45.14 50.42
C ARG N 12 10.78 -45.96 51.55
N LYS N 13 10.05 -45.27 52.43
CA LYS N 13 9.33 -45.92 53.52
C LYS N 13 8.19 -46.81 53.00
N LYS O 5 -52.86 22.51 17.74
CA LYS O 5 -52.74 21.11 18.16
C LYS O 5 -52.18 20.20 17.04
N ILE O 6 -51.04 19.54 17.31
CA ILE O 6 -50.38 18.68 16.33
C ILE O 6 -50.24 17.22 16.81
N VAL O 7 -50.30 16.28 15.88
CA VAL O 7 -50.14 14.85 16.21
C VAL O 7 -48.73 14.33 15.90
N LEU O 8 -48.10 13.72 16.89
CA LEU O 8 -46.78 13.12 16.73
C LEU O 8 -46.90 11.60 16.83
N LYS O 9 -46.54 10.90 15.75
CA LYS O 9 -46.65 9.44 15.74
C LYS O 9 -45.31 8.78 16.08
N SER O 10 -45.22 8.23 17.29
CA SER O 10 -44.03 7.55 17.79
C SER O 10 -43.63 6.28 17.00
N SER O 11 -42.46 5.72 17.30
CA SER O 11 -41.91 4.58 16.55
C SER O 11 -42.47 3.22 16.98
N ASP O 12 -43.74 3.21 17.36
CA ASP O 12 -44.41 1.96 17.70
C ASP O 12 -45.91 2.19 17.64
N GLY O 13 -46.34 3.03 16.70
CA GLY O 13 -47.73 3.40 16.52
C GLY O 13 -48.36 3.93 17.79
N GLU O 14 -48.06 5.18 18.13
CA GLU O 14 -48.58 5.77 19.35
C GLU O 14 -48.80 7.25 19.14
N SER O 15 -50.03 7.63 18.83
CA SER O 15 -50.33 9.02 18.55
C SER O 15 -50.17 9.87 19.82
N PHE O 16 -49.66 11.08 19.63
CA PHE O 16 -49.48 12.03 20.73
C PHE O 16 -50.12 13.38 20.42
N GLU O 17 -51.12 13.75 21.22
CA GLU O 17 -51.77 15.05 21.13
C GLU O 17 -50.88 16.08 21.84
N VAL O 18 -50.31 17.00 21.07
CA VAL O 18 -49.45 18.04 21.66
C VAL O 18 -49.74 19.42 21.11
N GLU O 19 -49.51 20.44 21.94
CA GLU O 19 -49.87 21.80 21.58
C GLU O 19 -49.01 22.30 20.44
N GLU O 20 -49.44 23.40 19.83
CA GLU O 20 -48.68 24.08 18.79
C GLU O 20 -47.23 24.39 19.20
N ALA O 21 -47.06 25.37 20.09
CA ALA O 21 -45.73 25.87 20.45
C ALA O 21 -44.84 24.86 21.17
N VAL O 22 -45.43 23.76 21.65
CA VAL O 22 -44.66 22.67 22.24
C VAL O 22 -43.93 21.83 21.18
N ALA O 23 -44.65 21.38 20.17
CA ALA O 23 -44.06 20.62 19.08
C ALA O 23 -43.08 21.46 18.24
N LEU O 24 -43.15 22.78 18.38
CA LEU O 24 -42.27 23.66 17.61
C LEU O 24 -40.91 23.89 18.26
N GLU O 25 -40.73 23.41 19.50
CA GLU O 25 -39.40 23.43 20.11
C GLU O 25 -38.42 22.63 19.25
N SER O 26 -38.94 21.60 18.58
CA SER O 26 -38.16 20.80 17.64
C SER O 26 -38.13 21.43 16.25
N GLN O 27 -36.98 21.98 15.85
CA GLN O 27 -36.82 22.52 14.51
C GLN O 27 -36.99 21.44 13.44
N THR O 28 -36.96 20.18 13.83
CA THR O 28 -37.21 19.10 12.88
C THR O 28 -38.71 18.97 12.62
N ILE O 29 -39.52 19.19 13.65
CA ILE O 29 -40.97 19.16 13.51
C ILE O 29 -41.49 20.50 12.97
N ALA O 30 -40.72 21.55 13.14
CA ALA O 30 -41.07 22.85 12.59
C ALA O 30 -40.82 22.94 11.08
N HIS O 31 -39.63 22.53 10.64
CA HIS O 31 -39.28 22.51 9.21
C HIS O 31 -40.15 21.50 8.48
N MET O 32 -41.10 20.91 9.20
CA MET O 32 -41.98 19.88 8.66
C MET O 32 -43.45 20.34 8.70
N VAL O 33 -43.66 21.64 8.88
CA VAL O 33 -44.98 22.22 8.70
C VAL O 33 -44.96 23.13 7.48
N GLU O 34 -43.82 23.16 6.80
CA GLU O 34 -43.69 23.82 5.49
C GLU O 34 -44.32 22.90 4.44
N ASP O 35 -43.62 21.83 4.16
CA ASP O 35 -44.14 20.76 3.30
C ASP O 35 -45.15 19.93 4.10
N ASP O 36 -45.81 20.61 5.05
CA ASP O 36 -46.74 19.99 6.01
C ASP O 36 -47.13 18.51 5.75
N CYS O 37 -46.40 17.60 6.39
CA CYS O 37 -46.81 16.19 6.40
C CYS O 37 -47.86 16.02 7.48
N VAL O 38 -48.13 17.11 8.22
CA VAL O 38 -49.05 17.09 9.35
C VAL O 38 -50.42 16.50 9.00
N ASP O 39 -50.72 16.42 7.69
CA ASP O 39 -51.97 15.84 7.20
C ASP O 39 -52.26 14.49 7.85
N ASN O 40 -51.20 13.73 8.07
CA ASN O 40 -51.32 12.39 8.66
C ASN O 40 -50.59 12.32 10.00
N GLY O 41 -50.34 13.49 10.59
CA GLY O 41 -49.53 13.60 11.79
C GLY O 41 -48.05 13.43 11.45
N VAL O 42 -47.15 14.07 12.21
CA VAL O 42 -45.71 13.98 11.90
C VAL O 42 -45.14 12.59 12.23
N PRO O 43 -44.70 11.86 11.18
CA PRO O 43 -44.19 10.49 11.35
C PRO O 43 -42.75 10.50 11.85
N LEU O 44 -42.52 10.31 13.15
CA LEU O 44 -41.12 10.19 13.61
C LEU O 44 -40.82 8.84 14.27
N PRO O 45 -40.41 7.86 13.43
CA PRO O 45 -40.26 6.45 13.83
C PRO O 45 -38.88 6.10 14.38
N ASN O 46 -38.16 7.09 14.91
CA ASN O 46 -36.86 6.84 15.51
C ASN O 46 -36.82 7.10 17.01
N VAL O 47 -37.95 7.61 17.53
CA VAL O 47 -38.08 7.84 18.96
C VAL O 47 -39.04 6.84 19.54
N THR O 48 -38.54 6.12 20.54
CA THR O 48 -39.36 5.21 21.33
C THR O 48 -40.53 6.04 21.88
N SER O 49 -41.66 5.41 22.13
CA SER O 49 -42.81 6.13 22.68
C SER O 49 -42.55 6.59 24.14
N LYS O 50 -41.85 5.76 24.90
CA LYS O 50 -41.44 6.09 26.26
C LYS O 50 -40.58 7.35 26.28
N ILE O 51 -39.69 7.44 25.29
CA ILE O 51 -38.74 8.56 25.19
C ILE O 51 -39.45 9.83 24.72
N LEU O 52 -40.16 9.71 23.59
CA LEU O 52 -40.94 10.82 23.05
C LEU O 52 -41.76 11.50 24.15
N ALA O 53 -42.36 10.68 25.02
CA ALA O 53 -43.13 11.18 26.15
C ALA O 53 -42.30 12.11 27.03
N LYS O 54 -41.11 11.64 27.38
CA LYS O 54 -40.20 12.41 28.20
C LYS O 54 -39.78 13.69 27.50
N VAL O 55 -39.60 13.62 26.17
CA VAL O 55 -39.23 14.80 25.38
C VAL O 55 -40.31 15.88 25.44
N ILE O 56 -41.56 15.45 25.24
CA ILE O 56 -42.70 16.35 25.30
C ILE O 56 -42.85 16.98 26.70
N GLU O 57 -42.65 16.17 27.73
CA GLU O 57 -42.68 16.70 29.09
C GLU O 57 -41.71 17.88 29.26
N TYR O 58 -40.48 17.70 28.77
CA TYR O 58 -39.46 18.73 28.85
C TYR O 58 -39.89 19.99 28.10
N CYS O 59 -40.32 19.80 26.86
CA CYS O 59 -40.73 20.94 26.04
C CYS O 59 -41.94 21.65 26.67
N LYS O 60 -42.93 20.88 27.11
CA LYS O 60 -44.10 21.43 27.79
C LYS O 60 -43.66 22.47 28.83
N ARG O 61 -42.76 22.06 29.73
CA ARG O 61 -42.36 22.90 30.85
C ARG O 61 -41.57 24.13 30.44
N HIS O 62 -40.73 24.00 29.42
CA HIS O 62 -39.86 25.10 29.03
C HIS O 62 -40.62 26.21 28.31
N VAL O 63 -41.63 25.83 27.54
CA VAL O 63 -42.53 26.78 26.87
C VAL O 63 -43.28 27.63 27.90
N GLU O 64 -43.55 27.05 29.06
CA GLU O 64 -44.16 27.78 30.17
C GLU O 64 -43.13 28.66 30.88
N ALA O 65 -42.19 29.18 30.12
CA ALA O 65 -41.38 30.32 30.55
C ALA O 65 -42.00 31.55 29.88
N ALA O 66 -43.27 31.42 29.53
CA ALA O 66 -44.09 32.56 29.12
C ALA O 66 -44.32 33.46 30.33
N ALA O 67 -45.03 32.94 31.33
CA ALA O 67 -44.91 33.49 32.67
C ALA O 67 -43.43 33.33 32.97
N SER O 68 -42.70 34.44 33.02
CA SER O 68 -41.23 34.40 33.02
C SER O 68 -40.61 34.02 34.37
N ASP O 80 -36.69 31.70 36.16
CA ASP O 80 -35.46 31.01 35.79
C ASP O 80 -34.94 30.12 36.91
N ASP O 81 -35.08 30.60 38.13
CA ASP O 81 -34.51 29.92 39.28
C ASP O 81 -35.08 28.52 39.45
N ASP O 82 -36.39 28.39 39.25
CA ASP O 82 -37.11 27.12 39.44
C ASP O 82 -36.90 26.14 38.28
N LEU O 83 -36.35 26.64 37.17
CA LEU O 83 -36.07 25.81 36.02
C LEU O 83 -34.85 24.91 36.23
N LYS O 84 -33.73 25.48 36.66
CA LYS O 84 -32.54 24.68 36.96
C LYS O 84 -32.86 23.61 38.01
N ALA O 85 -33.95 23.83 38.74
CA ALA O 85 -34.45 22.86 39.70
C ALA O 85 -35.17 21.70 39.01
N TRP O 86 -36.20 22.02 38.22
CA TRP O 86 -36.94 21.01 37.48
C TRP O 86 -36.01 20.25 36.54
N ASP O 87 -35.14 21.00 35.85
CA ASP O 87 -34.15 20.42 34.93
C ASP O 87 -33.28 19.37 35.66
N ALA O 88 -32.61 19.79 36.74
CA ALA O 88 -31.81 18.84 37.55
C ALA O 88 -32.62 17.60 37.99
N ASP O 89 -33.87 17.82 38.36
CA ASP O 89 -34.69 16.72 38.82
C ASP O 89 -35.13 15.86 37.64
N PHE O 90 -35.23 16.47 36.46
CA PHE O 90 -35.64 15.76 35.26
C PHE O 90 -34.54 14.81 34.82
N MET O 91 -33.29 15.14 35.18
CA MET O 91 -32.11 14.39 34.76
C MET O 91 -31.75 13.27 35.72
N LYS O 92 -32.45 13.19 36.85
CA LYS O 92 -32.34 12.04 37.72
C LYS O 92 -32.92 10.78 37.05
N ILE O 93 -32.31 10.40 35.91
CA ILE O 93 -32.68 9.17 35.21
C ILE O 93 -31.46 8.28 35.10
N ASP O 94 -31.64 7.11 34.48
CA ASP O 94 -30.54 6.17 34.29
C ASP O 94 -29.77 6.46 32.99
N GLN O 95 -28.54 5.95 32.90
CA GLN O 95 -27.73 6.19 31.73
C GLN O 95 -28.41 5.86 30.42
N ALA O 96 -28.81 4.60 30.23
CA ALA O 96 -29.42 4.19 28.97
C ALA O 96 -30.52 5.16 28.51
N THR O 97 -31.17 5.83 29.47
CA THR O 97 -32.29 6.70 29.16
C THR O 97 -31.75 8.09 28.82
N LEU O 98 -30.74 8.54 29.57
CA LEU O 98 -30.06 9.77 29.28
C LEU O 98 -29.55 9.75 27.85
N PHE O 99 -28.90 8.67 27.47
CA PHE O 99 -28.36 8.57 26.12
C PHE O 99 -29.43 8.61 25.04
N GLU O 100 -30.54 7.91 25.30
CA GLU O 100 -31.67 7.89 24.36
C GLU O 100 -32.29 9.29 24.18
N LEU O 101 -32.21 10.12 25.23
CA LEU O 101 -32.68 11.51 25.19
C LEU O 101 -31.78 12.34 24.29
N ILE O 102 -30.47 12.15 24.44
CA ILE O 102 -29.51 12.84 23.59
C ILE O 102 -29.79 12.52 22.13
N LEU O 103 -29.82 11.23 21.82
CA LEU O 103 -30.10 10.80 20.45
C LEU O 103 -31.41 11.40 19.92
N ALA O 104 -32.38 11.55 20.82
CA ALA O 104 -33.69 12.06 20.45
C ALA O 104 -33.65 13.58 20.24
N ALA O 105 -32.95 14.30 21.12
CA ALA O 105 -32.83 15.75 20.98
C ALA O 105 -32.12 16.06 19.68
N ASN O 106 -31.18 15.21 19.32
CA ASN O 106 -30.47 15.38 18.06
C ASN O 106 -31.35 15.05 16.84
N TYR O 107 -32.15 13.98 16.95
CA TYR O 107 -33.08 13.56 15.91
C TYR O 107 -34.13 14.64 15.60
N LEU O 108 -34.82 15.11 16.66
CA LEU O 108 -35.64 16.30 16.57
C LEU O 108 -34.60 17.41 16.45
N ASN O 109 -34.84 18.59 16.99
CA ASN O 109 -33.73 19.54 16.97
C ASN O 109 -33.86 20.53 18.09
N ILE O 110 -33.82 20.01 19.30
CA ILE O 110 -34.11 20.77 20.48
C ILE O 110 -32.79 21.17 21.11
N LYS O 111 -32.31 22.36 20.76
CA LYS O 111 -31.03 22.82 21.25
C LYS O 111 -31.00 22.94 22.79
N ASN O 112 -32.11 23.35 23.41
CA ASN O 112 -32.14 23.43 24.88
C ASN O 112 -31.89 22.04 25.48
N LEU O 113 -32.50 21.02 24.87
CA LEU O 113 -32.36 19.64 25.33
C LEU O 113 -31.01 18.96 24.92
N LEU O 114 -30.27 19.39 23.81
CA LEU O 114 -28.93 18.84 23.37
C LEU O 114 -27.80 19.51 24.10
N ASP O 115 -27.86 20.85 24.21
CA ASP O 115 -26.92 21.62 25.03
C ASP O 115 -27.14 21.25 26.49
N LEU O 116 -28.22 20.52 26.77
CA LEU O 116 -28.47 20.17 28.17
C LEU O 116 -28.18 18.72 28.50
N THR O 117 -28.55 17.81 27.62
CA THR O 117 -28.24 16.39 27.80
C THR O 117 -26.75 16.15 27.63
N CYS O 118 -26.15 16.64 26.53
CA CYS O 118 -24.71 16.53 26.30
C CYS O 118 -23.95 17.12 27.46
N GLN O 119 -24.41 18.28 27.97
CA GLN O 119 -23.74 18.91 29.11
C GLN O 119 -23.87 18.04 30.35
N THR O 120 -24.99 17.34 30.45
CA THR O 120 -25.22 16.48 31.60
C THR O 120 -24.30 15.26 31.63
N VAL O 121 -24.03 14.67 30.46
CA VAL O 121 -23.10 13.55 30.33
C VAL O 121 -21.68 14.06 30.56
N ALA O 122 -21.36 15.22 29.98
CA ALA O 122 -20.05 15.85 30.19
C ALA O 122 -19.79 16.14 31.68
N ASP O 123 -20.83 16.49 32.43
CA ASP O 123 -20.67 16.80 33.84
C ASP O 123 -20.31 15.56 34.63
N MET O 124 -20.61 14.40 34.05
CA MET O 124 -20.27 13.13 34.69
C MET O 124 -18.79 12.84 34.53
N ILE O 125 -18.19 13.26 33.41
CA ILE O 125 -16.77 13.06 33.12
C ILE O 125 -15.91 14.06 33.88
N LYS O 126 -16.35 15.29 33.92
CA LYS O 126 -15.56 16.39 34.50
C LYS O 126 -15.10 16.10 35.92
N GLY O 127 -13.78 16.12 36.12
CA GLY O 127 -13.18 15.92 37.41
C GLY O 127 -12.75 14.48 37.67
N LYS O 128 -13.34 13.52 36.96
CA LYS O 128 -12.98 12.14 37.21
C LYS O 128 -11.61 11.80 36.57
N THR O 129 -10.99 10.74 37.07
CA THR O 129 -9.76 10.21 36.44
C THR O 129 -10.15 9.21 35.38
N PRO O 130 -9.20 8.81 34.54
CA PRO O 130 -9.50 7.85 33.49
C PRO O 130 -10.08 6.54 34.01
N GLU O 131 -9.66 6.10 35.20
CA GLU O 131 -10.21 4.88 35.78
C GLU O 131 -11.68 5.07 36.22
N GLU O 132 -11.90 6.07 37.07
CA GLU O 132 -13.24 6.49 37.46
C GLU O 132 -14.21 6.68 36.27
N ILE O 133 -13.72 7.21 35.14
CA ILE O 133 -14.52 7.40 33.94
C ILE O 133 -15.03 6.07 33.40
N ARG O 134 -14.14 5.11 33.17
CA ARG O 134 -14.59 3.85 32.55
C ARG O 134 -15.27 2.96 33.55
N THR O 135 -14.99 3.23 34.82
CA THR O 135 -15.76 2.64 35.89
C THR O 135 -17.24 3.06 35.70
N THR O 136 -17.50 4.36 35.82
CA THR O 136 -18.87 4.83 35.83
C THR O 136 -19.51 4.91 34.44
N PHE O 137 -19.07 4.06 33.51
CA PHE O 137 -19.63 3.98 32.15
C PHE O 137 -19.41 2.57 31.64
N ASN O 138 -18.70 1.78 32.46
CA ASN O 138 -18.36 0.40 32.13
C ASN O 138 -17.67 0.25 30.76
N ILE O 139 -16.45 0.79 30.67
CA ILE O 139 -15.68 0.78 29.43
C ILE O 139 -14.38 0.03 29.67
N LYS O 140 -14.07 -0.91 28.79
CA LYS O 140 -12.84 -1.69 28.96
C LYS O 140 -11.63 -0.93 28.40
N ASN O 141 -10.65 -0.67 29.27
CA ASN O 141 -9.37 -0.10 28.84
C ASN O 141 -8.62 -0.96 27.82
N ASP O 142 -8.72 -0.63 26.54
CA ASP O 142 -8.09 -1.43 25.48
C ASP O 142 -6.75 -0.92 24.96
N PHE O 143 -6.06 -0.10 25.77
CA PHE O 143 -4.73 0.41 25.40
C PHE O 143 -3.65 -0.62 25.63
N THR O 144 -2.74 -0.84 24.68
CA THR O 144 -1.55 -1.59 25.04
C THR O 144 -0.81 -0.68 26.00
N PRO O 145 0.02 -1.25 26.88
CA PRO O 145 0.65 -0.42 27.89
C PRO O 145 1.57 0.61 27.28
N GLU O 146 2.17 0.33 26.11
CA GLU O 146 2.99 1.30 25.38
C GLU O 146 2.19 2.52 24.96
N GLU O 147 1.00 2.28 24.39
CA GLU O 147 0.07 3.32 23.96
C GLU O 147 -0.31 4.21 25.15
N GLU O 148 -0.73 3.58 26.24
CA GLU O 148 -1.14 4.33 27.40
C GLU O 148 0.00 5.22 27.87
N GLU O 149 1.20 4.69 27.84
CA GLU O 149 2.37 5.44 28.30
C GLU O 149 2.66 6.65 27.42
N GLU O 150 2.66 6.45 26.10
CA GLU O 150 2.91 7.53 25.15
C GLU O 150 1.88 8.62 25.34
N VAL O 151 0.61 8.24 25.34
CA VAL O 151 -0.43 9.21 25.61
C VAL O 151 -0.25 9.96 26.93
N ARG O 152 0.10 9.22 27.97
CA ARG O 152 0.31 9.85 29.27
C ARG O 152 1.50 10.80 29.23
N ARG O 153 2.58 10.39 28.57
CA ARG O 153 3.73 11.27 28.42
C ARG O 153 3.41 12.54 27.62
N GLU O 154 2.74 12.35 26.48
CA GLU O 154 2.34 13.49 25.69
C GLU O 154 1.58 14.44 26.57
N ASN O 155 0.61 13.92 27.29
CA ASN O 155 -0.27 14.76 28.07
C ASN O 155 0.42 15.56 29.19
N GLN O 156 1.50 15.02 29.74
CA GLN O 156 2.05 15.60 30.95
C GLN O 156 3.36 16.32 30.70
N TRP O 157 4.06 15.90 29.66
CA TRP O 157 5.35 16.50 29.39
C TRP O 157 5.33 17.54 28.31
N ALA O 158 4.39 17.42 27.38
CA ALA O 158 4.39 18.16 26.12
C ALA O 158 3.18 19.06 25.87
N PHE O 159 1.98 18.49 25.81
CA PHE O 159 0.77 19.19 25.34
C PHE O 159 -0.26 19.52 26.41
N GLU O 160 -0.50 20.81 26.60
CA GLU O 160 -1.64 21.33 27.38
C GLU O 160 -1.25 21.81 28.80
N SER P 12 -32.68 -1.02 17.00
CA SER P 12 -32.64 -0.35 18.29
C SER P 12 -32.25 -1.30 19.43
N CYS P 13 -31.04 -1.12 19.96
CA CYS P 13 -30.56 -1.85 21.11
C CYS P 13 -30.25 -0.82 22.22
N VAL P 14 -29.96 -1.28 23.44
CA VAL P 14 -29.59 -0.37 24.53
C VAL P 14 -28.54 0.65 24.02
N ALA P 15 -28.81 1.95 24.13
CA ALA P 15 -27.84 2.94 23.66
C ALA P 15 -26.69 3.07 24.65
N THR P 16 -25.46 2.98 24.14
CA THR P 16 -24.25 3.05 24.97
C THR P 16 -23.72 4.46 24.98
N VAL P 17 -22.74 4.74 25.85
CA VAL P 17 -22.02 6.01 25.81
C VAL P 17 -21.36 6.18 24.46
N ASP P 18 -20.91 5.07 23.90
CA ASP P 18 -20.25 5.06 22.62
C ASP P 18 -21.10 5.64 21.50
N ASP P 19 -22.44 5.60 21.64
CA ASP P 19 -23.35 6.07 20.58
C ASP P 19 -23.49 7.59 20.65
N VAL P 20 -22.77 8.20 21.57
CA VAL P 20 -23.05 9.56 21.93
C VAL P 20 -21.80 10.36 22.33
N ILE P 21 -20.65 9.70 22.38
CA ILE P 21 -19.44 10.32 22.90
C ILE P 21 -18.80 11.33 21.92
N GLU P 22 -18.88 11.04 20.61
CA GLU P 22 -18.41 11.98 19.61
C GLU P 22 -19.03 13.34 19.88
N GLN P 23 -20.30 13.32 20.30
CA GLN P 23 -21.09 14.54 20.47
C GLN P 23 -20.75 15.25 21.75
N VAL P 24 -20.69 14.48 22.82
CA VAL P 24 -20.48 15.01 24.15
C VAL P 24 -19.08 15.57 24.37
N MET P 25 -18.10 14.92 23.75
CA MET P 25 -16.71 15.30 23.90
C MET P 25 -16.50 16.80 23.67
N THR P 26 -17.22 17.34 22.69
CA THR P 26 -17.09 18.74 22.31
C THR P 26 -17.74 19.70 23.35
N TYR P 27 -18.24 19.16 24.45
CA TYR P 27 -18.75 19.98 25.59
C TYR P 27 -17.83 19.92 26.80
N ILE P 28 -16.79 19.10 26.69
CA ILE P 28 -15.73 19.06 27.68
C ILE P 28 -14.67 20.04 27.22
N THR P 29 -14.49 21.08 28.02
CA THR P 29 -13.69 22.22 27.59
C THR P 29 -12.36 22.27 28.37
N ASP P 30 -12.41 21.89 29.65
CA ASP P 30 -11.25 21.95 30.53
C ASP P 30 -10.08 21.05 30.09
N PRO P 31 -8.91 21.66 29.82
CA PRO P 31 -7.75 20.89 29.33
C PRO P 31 -7.44 19.67 30.18
N LYS P 32 -7.78 19.70 31.45
CA LYS P 32 -7.41 18.60 32.32
C LYS P 32 -8.41 17.48 32.19
N ASP P 33 -9.62 17.81 31.74
CA ASP P 33 -10.64 16.79 31.59
C ASP P 33 -10.52 16.13 30.24
N ARG P 34 -10.01 16.89 29.26
CA ARG P 34 -9.69 16.34 27.96
C ARG P 34 -8.57 15.33 28.15
N ASP P 35 -7.56 15.77 28.91
CA ASP P 35 -6.46 14.92 29.34
C ASP P 35 -6.98 13.54 29.80
N SER P 36 -7.85 13.51 30.80
CA SER P 36 -8.35 12.23 31.28
C SER P 36 -9.11 11.51 30.18
N ALA P 37 -10.07 12.19 29.57
CA ALA P 37 -10.90 11.57 28.57
C ALA P 37 -10.05 10.86 27.52
N SER P 38 -8.96 11.46 27.10
CA SER P 38 -8.15 10.89 26.04
C SER P 38 -7.54 9.57 26.46
N LEU P 39 -7.62 9.29 27.76
CA LEU P 39 -6.98 8.11 28.34
C LEU P 39 -7.95 6.98 28.73
N VAL P 40 -9.25 7.12 28.46
CA VAL P 40 -10.17 6.09 28.90
C VAL P 40 -10.18 4.89 27.95
N CYS P 41 -9.80 5.08 26.69
CA CYS P 41 -9.77 3.97 25.73
C CYS P 41 -9.51 4.46 24.31
N ARG P 42 -9.10 3.53 23.44
CA ARG P 42 -8.63 3.91 22.11
C ARG P 42 -9.60 4.81 21.37
N ARG P 43 -10.90 4.60 21.57
CA ARG P 43 -11.85 5.41 20.81
C ARG P 43 -11.95 6.85 21.31
N TRP P 44 -12.03 7.01 22.63
CA TRP P 44 -12.06 8.34 23.21
C TRP P 44 -10.76 9.07 22.88
N PHE P 45 -9.66 8.33 22.91
CA PHE P 45 -8.41 8.92 22.48
C PHE P 45 -8.53 9.54 21.10
N LYS P 46 -9.13 8.79 20.16
CA LYS P 46 -9.27 9.27 18.78
C LYS P 46 -10.23 10.45 18.62
N ILE P 47 -11.32 10.43 19.37
CA ILE P 47 -12.28 11.51 19.31
C ILE P 47 -11.68 12.79 19.86
N ASP P 48 -10.97 12.69 20.97
CA ASP P 48 -10.33 13.85 21.54
C ASP P 48 -9.30 14.34 20.53
N SER P 49 -8.54 13.41 19.94
CA SER P 49 -7.50 13.76 18.99
C SER P 49 -8.05 14.61 17.86
N GLU P 50 -9.22 14.25 17.36
CA GLU P 50 -9.79 14.92 16.22
C GLU P 50 -10.63 16.14 16.55
N THR P 51 -10.90 16.37 17.82
CA THR P 51 -11.74 17.50 18.18
C THR P 51 -11.07 18.56 19.05
N ARG P 52 -9.88 18.25 19.56
CA ARG P 52 -9.17 19.22 20.40
C ARG P 52 -8.98 20.50 19.62
N GLU P 53 -9.39 21.62 20.22
CA GLU P 53 -9.31 22.90 19.54
C GLU P 53 -8.06 23.72 19.90
N HIS P 54 -7.67 23.70 21.17
CA HIS P 54 -6.51 24.45 21.63
C HIS P 54 -5.44 23.62 22.36
N VAL P 55 -4.17 23.86 22.06
CA VAL P 55 -3.10 23.19 22.75
C VAL P 55 -2.05 24.24 23.12
N THR P 56 -1.51 24.16 24.35
CA THR P 56 -0.41 25.01 24.76
C THR P 56 0.82 24.16 25.02
N MET P 57 1.97 24.59 24.54
CA MET P 57 3.17 23.87 24.83
C MET P 57 4.04 24.76 25.67
N ALA P 58 4.26 24.40 26.93
CA ALA P 58 5.04 25.27 27.79
C ALA P 58 6.55 25.34 27.40
N LEU P 59 7.00 24.43 26.54
CA LEU P 59 8.41 24.41 26.13
C LEU P 59 8.46 23.72 24.81
N CYS P 60 8.79 24.51 23.80
CA CYS P 60 8.69 24.04 22.43
C CYS P 60 9.55 22.81 22.22
N TYR P 61 10.61 22.63 23.02
CA TYR P 61 11.56 21.53 22.77
C TYR P 61 11.14 20.17 23.35
N THR P 62 9.93 20.15 23.88
CA THR P 62 9.38 19.06 24.63
C THR P 62 8.87 17.98 23.66
N ALA P 63 8.48 18.37 22.44
CA ALA P 63 8.09 17.41 21.43
C ALA P 63 8.32 17.96 20.05
N THR P 64 8.46 17.11 19.04
CA THR P 64 8.62 17.58 17.64
C THR P 64 7.30 18.06 17.09
N PRO P 65 7.32 18.96 16.11
CA PRO P 65 6.08 19.44 15.51
C PRO P 65 5.35 18.31 14.86
N ASP P 66 6.08 17.35 14.30
CA ASP P 66 5.43 16.15 13.76
C ASP P 66 4.49 15.49 14.80
N ARG P 67 4.98 15.38 16.03
CA ARG P 67 4.21 14.74 17.06
C ARG P 67 2.96 15.48 17.37
N LEU P 68 3.09 16.79 17.53
CA LEU P 68 1.95 17.67 17.73
C LEU P 68 0.83 17.49 16.69
N SER P 69 1.19 17.58 15.40
CA SER P 69 0.18 17.53 14.37
C SER P 69 -0.36 16.11 14.10
N ARG P 70 0.36 15.09 14.53
CA ARG P 70 -0.19 13.73 14.43
C ARG P 70 -1.25 13.51 15.53
N ARG P 71 -0.98 13.98 16.73
CA ARG P 71 -1.93 13.91 17.83
C ARG P 71 -3.15 14.82 17.71
N PHE P 72 -2.97 16.01 17.18
CA PHE P 72 -4.05 16.97 17.10
C PHE P 72 -4.20 17.66 15.76
N PRO P 73 -4.55 16.92 14.72
CA PRO P 73 -4.53 17.45 13.35
C PRO P 73 -5.46 18.63 13.13
N ASN P 74 -6.47 18.80 13.98
CA ASN P 74 -7.43 19.89 13.75
C ASN P 74 -7.39 21.04 14.74
N LEU P 75 -6.20 21.36 15.26
CA LEU P 75 -6.05 22.49 16.16
C LEU P 75 -6.57 23.72 15.47
N ARG P 76 -7.26 24.55 16.25
CA ARG P 76 -7.69 25.88 15.78
C ARG P 76 -6.78 26.93 16.41
N SER P 77 -6.15 26.60 17.53
CA SER P 77 -5.42 27.56 18.33
C SER P 77 -4.15 26.94 18.94
N LEU P 78 -2.99 27.53 18.72
CA LEU P 78 -1.74 27.01 19.26
C LEU P 78 -1.00 28.08 20.06
N LYS P 79 -0.30 27.65 21.09
CA LYS P 79 0.51 28.58 21.89
C LYS P 79 1.80 27.89 22.33
N LEU P 80 2.94 28.36 21.84
CA LEU P 80 4.23 27.78 22.15
C LEU P 80 5.07 28.75 22.95
N LYS P 81 5.74 28.26 24.00
CA LYS P 81 6.72 29.06 24.71
C LYS P 81 8.10 28.51 24.39
N GLY P 82 9.08 29.40 24.30
CA GLY P 82 10.44 28.96 24.06
C GLY P 82 11.43 29.14 25.20
N LYS P 83 12.13 30.27 25.17
CA LYS P 83 13.13 30.56 26.16
C LYS P 83 12.55 30.50 27.55
N PRO P 84 13.35 30.01 28.52
CA PRO P 84 13.03 29.96 29.96
C PRO P 84 12.63 31.37 30.47
N ARG P 85 11.75 31.40 31.45
CA ARG P 85 11.28 32.63 32.06
C ARG P 85 12.42 33.57 32.39
N ALA P 86 13.57 33.00 32.73
CA ALA P 86 14.72 33.80 33.18
C ALA P 86 15.17 34.73 32.11
N ALA P 87 14.75 34.48 30.87
CA ALA P 87 15.16 35.30 29.73
C ALA P 87 14.58 36.70 29.81
N MET P 88 13.48 36.86 30.54
CA MET P 88 12.85 38.16 30.71
C MET P 88 13.69 39.05 31.64
N PHE P 89 14.78 38.49 32.16
CA PHE P 89 15.60 39.18 33.15
C PHE P 89 17.04 39.22 32.72
N ASN P 90 17.24 39.22 31.40
CA ASN P 90 18.55 39.18 30.77
C ASN P 90 19.52 38.16 31.33
N LEU P 91 19.03 36.95 31.58
CA LEU P 91 19.86 35.91 32.15
C LEU P 91 20.18 34.84 31.14
N ILE P 92 19.41 34.81 30.05
CA ILE P 92 19.53 33.78 29.01
C ILE P 92 20.11 34.35 27.72
N PRO P 93 21.14 33.69 27.14
CA PRO P 93 21.80 34.17 25.93
C PRO P 93 20.77 34.38 24.84
N GLU P 94 20.99 35.36 23.99
CA GLU P 94 19.99 35.72 22.98
C GLU P 94 19.77 34.56 22.01
N ASN P 95 20.86 33.88 21.68
CA ASN P 95 20.82 32.79 20.72
C ASN P 95 20.42 31.42 21.29
N TRP P 96 19.94 31.41 22.54
CA TRP P 96 19.72 30.13 23.25
C TRP P 96 18.87 29.15 22.48
N GLY P 97 17.80 29.62 21.89
CA GLY P 97 16.90 28.74 21.20
C GLY P 97 15.50 29.32 21.10
N GLY P 98 14.52 28.47 20.74
CA GLY P 98 13.15 28.91 20.67
C GLY P 98 12.82 29.37 19.27
N TYR P 99 13.56 28.81 18.30
CA TYR P 99 13.27 29.08 16.90
C TYR P 99 11.90 28.53 16.49
N VAL P 100 11.09 29.42 15.93
CA VAL P 100 9.68 29.15 15.65
C VAL P 100 9.53 28.43 14.31
N THR P 101 10.63 28.37 13.54
CA THR P 101 10.50 28.02 12.13
C THR P 101 10.04 26.59 11.78
N PRO P 102 10.51 25.55 12.48
CA PRO P 102 9.96 24.20 12.24
C PRO P 102 8.46 24.13 12.52
N TRP P 103 8.02 24.90 13.52
CA TRP P 103 6.63 24.97 13.84
C TRP P 103 5.83 25.65 12.77
N VAL P 104 6.34 26.72 12.17
CA VAL P 104 5.54 27.27 11.06
C VAL P 104 5.59 26.37 9.83
N THR P 105 6.69 25.65 9.59
CA THR P 105 6.57 24.78 8.44
C THR P 105 5.55 23.66 8.74
N GLU P 106 5.49 23.18 9.98
CA GLU P 106 4.49 22.15 10.27
C GLU P 106 3.12 22.72 10.13
N ILE P 107 2.92 23.97 10.57
CA ILE P 107 1.60 24.60 10.39
C ILE P 107 1.20 24.70 8.91
N SER P 108 2.10 25.15 8.04
CA SER P 108 1.87 25.13 6.60
C SER P 108 1.29 23.83 6.06
N ASN P 109 1.94 22.73 6.39
CA ASN P 109 1.59 21.41 5.84
C ASN P 109 0.47 20.62 6.54
N ASN P 110 0.36 20.72 7.86
CA ASN P 110 -0.45 19.77 8.60
C ASN P 110 -1.43 20.31 9.64
N LEU P 111 -1.37 21.58 9.97
CA LEU P 111 -2.36 22.13 10.84
C LEU P 111 -3.22 23.10 10.06
N ARG P 112 -3.85 22.58 9.01
CA ARG P 112 -4.59 23.39 8.04
C ARG P 112 -5.87 24.02 8.61
N GLN P 113 -6.08 23.94 9.93
CA GLN P 113 -7.30 24.48 10.53
C GLN P 113 -6.98 25.64 11.46
N LEU P 114 -5.70 25.92 11.61
CA LEU P 114 -5.23 26.84 12.60
C LEU P 114 -5.75 28.24 12.30
N LYS P 115 -6.36 28.88 13.28
CA LYS P 115 -6.80 30.23 13.08
C LYS P 115 -6.09 31.24 14.02
N SER P 116 -5.38 30.73 15.02
CA SER P 116 -4.74 31.58 16.02
C SER P 116 -3.39 31.02 16.48
N VAL P 117 -2.37 31.86 16.51
CA VAL P 117 -1.04 31.44 16.93
C VAL P 117 -0.48 32.43 17.94
N HIS P 118 0.02 31.91 19.08
CA HIS P 118 0.67 32.74 20.11
C HIS P 118 2.06 32.19 20.33
N PHE P 119 3.09 32.95 19.95
CA PHE P 119 4.46 32.58 20.24
C PHE P 119 4.91 33.41 21.42
N ARG P 120 5.46 32.75 22.42
CA ARG P 120 5.89 33.46 23.64
C ARG P 120 7.36 33.23 23.91
N ARG P 121 8.13 34.31 23.96
CA ARG P 121 9.59 34.22 24.16
C ARG P 121 10.27 33.36 23.09
N MET P 122 9.97 33.58 21.82
CA MET P 122 10.60 32.78 20.76
C MET P 122 11.35 33.65 19.75
N ILE P 123 12.23 33.02 18.98
CA ILE P 123 12.90 33.66 17.85
C ILE P 123 12.02 33.48 16.61
N VAL P 124 11.53 34.57 16.05
CA VAL P 124 10.68 34.55 14.87
C VAL P 124 11.34 35.43 13.80
N SER P 125 11.66 34.85 12.66
CA SER P 125 12.25 35.59 11.55
C SER P 125 11.24 36.11 10.52
N ASP P 126 11.68 36.97 9.59
CA ASP P 126 10.78 37.45 8.54
C ASP P 126 10.36 36.32 7.64
N LEU P 127 11.29 35.41 7.35
CA LEU P 127 10.96 34.27 6.51
C LEU P 127 9.89 33.45 7.18
N ASP P 128 10.04 33.18 8.47
CA ASP P 128 9.00 32.40 9.09
C ASP P 128 7.66 33.14 9.19
N LEU P 129 7.65 34.47 9.35
CA LEU P 129 6.31 35.05 9.24
C LEU P 129 5.74 35.26 7.85
N ASP P 130 6.61 35.41 6.87
CA ASP P 130 6.10 35.40 5.51
C ASP P 130 5.42 34.03 5.20
N ARG P 131 6.01 32.94 5.66
CA ARG P 131 5.48 31.63 5.38
C ARG P 131 4.17 31.42 6.09
N LEU P 132 4.10 31.93 7.33
CA LEU P 132 2.88 31.81 8.15
C LEU P 132 1.76 32.55 7.46
N ALA P 133 2.07 33.76 7.00
CA ALA P 133 1.06 34.62 6.37
C ALA P 133 0.49 33.96 5.11
N LYS P 134 1.36 33.48 4.24
CA LYS P 134 0.93 32.90 2.99
C LYS P 134 0.21 31.60 3.20
N ALA P 135 0.62 30.81 4.20
CA ALA P 135 0.02 29.48 4.47
C ALA P 135 -1.36 29.57 5.04
N ARG P 136 -1.59 30.64 5.78
CA ARG P 136 -2.76 30.70 6.63
C ARG P 136 -3.67 31.80 6.13
N ALA P 137 -3.04 32.85 5.60
CA ALA P 137 -3.74 33.95 4.95
C ALA P 137 -5.05 34.36 5.67
N ASP P 138 -6.17 34.37 4.96
CA ASP P 138 -7.39 34.93 5.50
C ASP P 138 -7.87 34.19 6.74
N ASP P 139 -7.32 33.02 6.98
CA ASP P 139 -7.78 32.22 8.10
C ASP P 139 -7.13 32.64 9.42
N LEU P 140 -6.01 33.35 9.36
CA LEU P 140 -5.35 33.79 10.58
C LEU P 140 -6.14 34.91 11.25
N GLU P 141 -6.95 34.56 12.25
CA GLU P 141 -7.72 35.55 12.99
C GLU P 141 -6.87 36.26 14.05
N THR P 142 -5.90 35.55 14.61
CA THR P 142 -5.10 36.15 15.66
C THR P 142 -3.66 35.68 15.65
N LEU P 143 -2.73 36.63 15.80
CA LEU P 143 -1.29 36.36 15.89
C LEU P 143 -0.72 37.15 17.05
N LYS P 144 -0.03 36.47 17.96
CA LYS P 144 0.59 37.13 19.09
C LYS P 144 2.10 36.86 19.09
N LEU P 145 2.88 37.86 18.73
CA LEU P 145 4.30 37.80 18.93
C LEU P 145 4.67 38.40 20.32
N ASP P 146 4.70 37.54 21.34
CA ASP P 146 4.71 37.93 22.73
C ASP P 146 6.12 37.77 23.27
N LYS P 147 6.81 38.89 23.49
CA LYS P 147 8.21 38.85 23.91
C LYS P 147 9.13 38.04 22.98
N CYS P 148 8.88 38.15 21.69
CA CYS P 148 9.70 37.50 20.68
C CYS P 148 10.72 38.45 20.08
N SER P 149 11.66 37.88 19.35
CA SER P 149 12.69 38.66 18.69
C SER P 149 13.05 38.02 17.36
N GLY P 150 13.83 38.73 16.53
CA GLY P 150 14.38 38.12 15.31
C GLY P 150 13.71 38.51 14.00
N PHE P 151 12.66 39.32 14.04
CA PHE P 151 12.01 39.77 12.81
C PHE P 151 12.18 41.26 12.52
N THR P 152 11.44 41.75 11.51
CA THR P 152 11.47 43.15 11.16
C THR P 152 10.11 43.58 10.63
N THR P 153 10.00 44.83 10.24
CA THR P 153 8.73 45.35 9.73
C THR P 153 8.31 44.67 8.42
N ASP P 154 9.27 44.14 7.68
CA ASP P 154 8.91 43.34 6.50
C ASP P 154 8.02 42.14 6.82
N GLY P 155 8.29 41.49 7.94
CA GLY P 155 7.48 40.40 8.41
C GLY P 155 6.10 40.92 8.74
N LEU P 156 6.00 42.03 9.47
CA LEU P 156 4.69 42.51 9.92
C LEU P 156 3.85 42.82 8.70
N LEU P 157 4.49 43.47 7.71
CA LEU P 157 3.82 43.85 6.47
C LEU P 157 3.29 42.62 5.77
N SER P 158 4.13 41.60 5.72
CA SER P 158 3.68 40.39 5.09
C SER P 158 2.42 39.79 5.74
N ILE P 159 2.33 39.77 7.08
CA ILE P 159 1.12 39.18 7.65
C ILE P 159 -0.05 40.13 7.51
N VAL P 160 0.16 41.44 7.63
CA VAL P 160 -1.04 42.30 7.48
C VAL P 160 -1.54 42.43 6.04
N THR P 161 -0.74 42.11 5.03
CA THR P 161 -1.28 42.16 3.69
C THR P 161 -1.92 40.83 3.25
N HIS P 162 -1.43 39.69 3.76
CA HIS P 162 -1.98 38.38 3.37
C HIS P 162 -3.07 37.88 4.31
N CYS P 163 -3.11 38.40 5.53
CA CYS P 163 -4.14 38.00 6.49
C CYS P 163 -5.12 39.15 6.65
N ARG P 164 -6.09 39.19 5.77
CA ARG P 164 -6.88 40.38 5.60
C ARG P 164 -7.98 40.46 6.61
N LYS P 165 -8.11 39.42 7.43
CA LYS P 165 -9.17 39.36 8.43
C LYS P 165 -8.68 39.24 9.88
N ILE P 166 -7.42 39.64 10.13
CA ILE P 166 -6.87 39.56 11.47
C ILE P 166 -7.77 40.29 12.43
N LYS P 167 -8.22 39.59 13.48
CA LYS P 167 -8.98 40.22 14.55
C LYS P 167 -8.03 40.70 15.67
N THR P 168 -7.00 39.93 15.95
CA THR P 168 -6.16 40.37 17.05
C THR P 168 -4.70 40.19 16.66
N LEU P 169 -3.93 41.27 16.77
CA LEU P 169 -2.51 41.32 16.37
C LEU P 169 -1.68 41.95 17.45
N LEU P 170 -0.73 41.20 18.02
CA LEU P 170 0.01 41.60 19.21
C LEU P 170 1.51 41.46 19.10
N MET P 171 2.27 42.46 19.55
CA MET P 171 3.74 42.43 19.53
C MET P 171 4.38 42.83 20.85
N GLU P 172 3.60 42.89 21.93
CA GLU P 172 4.05 43.43 23.21
C GLU P 172 5.46 42.97 23.57
N GLU P 173 6.32 43.92 23.95
CA GLU P 173 7.69 43.61 24.41
C GLU P 173 8.55 42.82 23.41
N SER P 174 8.19 42.82 22.15
CA SER P 174 9.04 42.11 21.19
C SER P 174 10.10 43.03 20.69
N SER P 175 11.26 42.47 20.38
CA SER P 175 12.27 43.27 19.69
C SER P 175 12.49 42.84 18.23
N PHE P 176 12.42 43.80 17.32
CA PHE P 176 12.50 43.59 15.87
C PHE P 176 13.24 44.81 15.28
N SER P 177 13.55 44.78 13.99
CA SER P 177 14.15 45.94 13.34
C SER P 177 13.07 46.75 12.63
N GLU P 178 12.96 48.03 12.95
CA GLU P 178 11.92 48.85 12.32
C GLU P 178 12.49 49.58 11.11
N LYS P 179 12.18 49.08 9.90
CA LYS P 179 12.60 49.73 8.65
C LYS P 179 11.62 50.78 8.13
N ASP P 180 10.36 50.59 8.41
CA ASP P 180 9.33 51.53 7.91
C ASP P 180 7.99 51.40 8.70
N GLY P 181 7.02 52.21 8.30
CA GLY P 181 5.74 52.13 8.94
C GLY P 181 4.62 51.60 8.05
N LYS P 182 4.92 50.90 6.97
CA LYS P 182 3.84 50.58 6.06
C LYS P 182 2.93 49.48 6.59
N TRP P 183 3.41 48.73 7.57
CA TRP P 183 2.53 47.72 8.12
C TRP P 183 1.30 48.37 8.71
N LEU P 184 1.48 49.37 9.56
CA LEU P 184 0.33 50.11 10.14
C LEU P 184 -0.53 50.74 9.06
N HIS P 185 0.11 51.30 8.06
CA HIS P 185 -0.62 51.94 7.00
C HIS P 185 -1.43 50.93 6.22
N GLU P 186 -0.85 49.76 6.00
CA GLU P 186 -1.56 48.72 5.28
C GLU P 186 -2.84 48.29 6.02
N LEU P 187 -2.78 48.16 7.35
CA LEU P 187 -3.96 47.89 8.17
C LEU P 187 -4.96 49.00 7.99
N ALA P 188 -4.51 50.23 8.07
CA ALA P 188 -5.38 51.39 7.98
C ALA P 188 -6.14 51.36 6.68
N GLN P 189 -5.51 50.91 5.64
CA GLN P 189 -6.17 51.01 4.36
C GLN P 189 -7.13 49.92 4.02
N HIS P 190 -6.96 48.72 4.60
CA HIS P 190 -7.77 47.56 4.20
C HIS P 190 -8.42 46.76 5.32
N ASN P 191 -7.96 46.92 6.55
CA ASN P 191 -8.47 46.09 7.64
C ASN P 191 -9.71 46.64 8.29
N THR P 192 -10.66 45.76 8.56
CA THR P 192 -11.95 46.16 9.02
C THR P 192 -12.34 45.44 10.28
N SER P 193 -11.60 44.38 10.55
CA SER P 193 -12.02 43.34 11.48
C SER P 193 -11.28 43.34 12.82
N LEU P 194 -10.21 44.11 12.87
CA LEU P 194 -9.40 44.29 14.07
C LEU P 194 -10.21 44.52 15.37
N GLU P 195 -10.00 43.66 16.35
CA GLU P 195 -10.65 43.79 17.67
C GLU P 195 -9.63 44.21 18.73
N VAL P 196 -8.42 43.64 18.64
CA VAL P 196 -7.36 44.06 19.54
C VAL P 196 -6.01 44.19 18.87
N LEU P 197 -5.38 45.35 19.07
CA LEU P 197 -4.12 45.71 18.45
C LEU P 197 -3.21 46.13 19.60
N ASN P 198 -2.02 45.53 19.70
CA ASN P 198 -1.19 45.65 20.89
C ASN P 198 0.28 45.72 20.53
N PHE P 199 0.87 46.90 20.59
CA PHE P 199 2.31 47.01 20.54
C PHE P 199 2.78 47.79 21.75
N TYR P 200 2.31 47.38 22.92
CA TYR P 200 2.47 48.13 24.15
C TYR P 200 3.89 48.54 24.49
N MET P 201 4.78 47.58 24.46
CA MET P 201 6.06 47.89 25.05
C MET P 201 7.07 47.83 23.95
N THR P 202 6.90 48.74 22.98
CA THR P 202 7.72 48.71 21.77
C THR P 202 8.12 50.05 21.19
N GLU P 203 9.36 50.06 20.68
CA GLU P 203 9.94 51.22 20.01
C GLU P 203 9.50 51.27 18.57
N PHE P 204 8.47 52.05 18.27
CA PHE P 204 8.17 52.37 16.87
C PHE P 204 8.31 53.85 16.68
N ALA P 205 9.17 54.24 15.76
CA ALA P 205 9.37 55.66 15.53
C ALA P 205 8.93 56.06 14.14
N LYS P 206 8.58 55.07 13.31
CA LYS P 206 8.19 55.36 11.92
C LYS P 206 6.71 55.19 11.59
N ILE P 207 5.86 54.92 12.59
CA ILE P 207 4.43 54.73 12.32
C ILE P 207 3.71 56.03 12.56
N SER P 208 2.61 56.24 11.84
CA SER P 208 1.89 57.50 11.89
C SER P 208 0.62 57.43 12.73
N PRO P 209 0.47 58.35 13.69
CA PRO P 209 -0.78 58.34 14.47
C PRO P 209 -2.01 58.48 13.58
N LYS P 210 -1.89 59.13 12.43
CA LYS P 210 -3.03 59.20 11.49
C LYS P 210 -3.53 57.82 11.11
N ASP P 211 -2.61 56.90 10.84
CA ASP P 211 -2.95 55.52 10.46
C ASP P 211 -3.80 54.83 11.56
N LEU P 212 -3.42 55.06 12.82
CA LEU P 212 -4.04 54.45 13.96
C LEU P 212 -5.44 54.99 14.09
N GLU P 213 -5.55 56.30 13.90
CA GLU P 213 -6.85 56.96 13.87
C GLU P 213 -7.71 56.36 12.77
N THR P 214 -7.12 56.13 11.60
CA THR P 214 -7.99 55.64 10.54
C THR P 214 -8.43 54.17 10.78
N ILE P 215 -7.59 53.40 11.46
CA ILE P 215 -7.99 52.08 11.90
C ILE P 215 -9.16 52.13 12.85
N ALA P 216 -9.16 53.09 13.76
CA ALA P 216 -10.28 53.24 14.70
C ALA P 216 -11.57 53.54 14.00
N ARG P 217 -11.46 54.30 12.92
CA ARG P 217 -12.60 54.78 12.21
C ARG P 217 -13.21 53.65 11.40
N ASN P 218 -12.40 52.67 11.03
CA ASN P 218 -12.80 51.55 10.17
C ASN P 218 -13.12 50.22 10.88
N CYS P 219 -12.68 50.07 12.13
CA CYS P 219 -12.83 48.82 12.83
C CYS P 219 -13.85 48.95 13.91
N ARG P 220 -15.10 48.60 13.61
CA ARG P 220 -16.17 48.91 14.52
C ARG P 220 -16.05 48.11 15.80
N SER P 221 -15.37 46.97 15.74
CA SER P 221 -15.26 46.12 16.91
C SER P 221 -13.94 46.32 17.66
N LEU P 222 -13.29 47.44 17.44
CA LEU P 222 -12.01 47.68 18.07
C LEU P 222 -12.24 47.95 19.55
N VAL P 223 -11.74 47.04 20.38
CA VAL P 223 -12.05 47.04 21.81
C VAL P 223 -10.83 47.38 22.66
N SER P 224 -9.64 46.97 22.18
CA SER P 224 -8.43 47.16 22.94
C SER P 224 -7.26 47.59 22.08
N VAL P 225 -6.62 48.70 22.44
CA VAL P 225 -5.36 49.06 21.81
C VAL P 225 -4.31 49.58 22.80
N LYS P 226 -3.09 49.10 22.65
CA LYS P 226 -1.98 49.44 23.50
C LYS P 226 -0.90 49.89 22.55
N VAL P 227 -0.11 50.87 22.96
CA VAL P 227 0.67 51.62 21.99
C VAL P 227 2.03 52.07 22.57
N GLY P 228 2.93 52.55 21.73
CA GLY P 228 4.24 52.99 22.21
C GLY P 228 4.20 54.45 22.63
N ASP P 229 5.26 55.20 22.34
CA ASP P 229 5.39 56.59 22.79
C ASP P 229 4.75 57.71 21.90
N PHE P 230 3.57 57.43 21.36
CA PHE P 230 2.74 58.45 20.71
C PHE P 230 2.35 59.59 21.67
N GLU P 231 2.53 60.83 21.24
CA GLU P 231 2.02 61.96 22.02
C GLU P 231 0.51 61.82 22.14
N ILE P 232 -0.01 61.72 23.36
CA ILE P 232 -1.45 61.57 23.54
C ILE P 232 -2.25 62.61 22.77
N LEU P 233 -1.72 63.82 22.64
CA LEU P 233 -2.46 64.85 21.93
C LEU P 233 -2.68 64.46 20.49
N GLU P 234 -1.72 63.74 19.94
CA GLU P 234 -1.82 63.29 18.54
C GLU P 234 -2.88 62.22 18.34
N LEU P 235 -3.40 61.71 19.44
CA LEU P 235 -4.35 60.61 19.40
C LEU P 235 -5.75 61.07 19.65
N VAL P 236 -5.96 62.39 19.71
CA VAL P 236 -7.27 62.93 20.00
C VAL P 236 -8.27 62.44 18.99
N GLY P 237 -7.89 62.43 17.72
CA GLY P 237 -8.76 61.94 16.66
C GLY P 237 -9.08 60.48 16.87
N PHE P 238 -8.04 59.73 17.23
CA PHE P 238 -8.18 58.32 17.49
C PHE P 238 -9.20 58.06 18.57
N PHE P 239 -9.11 58.81 19.67
CA PHE P 239 -10.02 58.59 20.77
C PHE P 239 -11.48 58.85 20.44
N LYS P 240 -11.77 59.93 19.69
CA LYS P 240 -13.14 60.17 19.22
C LYS P 240 -13.66 59.05 18.29
N ALA P 241 -12.78 58.45 17.50
CA ALA P 241 -13.22 57.45 16.53
C ALA P 241 -13.39 56.05 17.12
N ALA P 242 -12.60 55.74 18.13
CA ALA P 242 -12.68 54.46 18.81
C ALA P 242 -13.87 54.33 19.77
N ALA P 243 -15.08 54.49 19.23
CA ALA P 243 -16.28 54.45 20.04
C ALA P 243 -16.36 53.30 21.04
N ASN P 244 -15.95 52.10 20.60
CA ASN P 244 -16.12 50.90 21.43
C ASN P 244 -14.89 50.53 22.24
N LEU P 245 -13.91 51.41 22.26
CA LEU P 245 -12.70 51.13 23.02
C LEU P 245 -13.00 50.93 24.51
N GLU P 246 -12.50 49.82 25.06
CA GLU P 246 -12.65 49.50 26.48
C GLU P 246 -11.30 49.54 27.15
N GLU P 247 -10.23 49.39 26.38
CA GLU P 247 -8.91 49.34 26.98
C GLU P 247 -7.98 50.22 26.19
N PHE P 248 -7.17 51.02 26.88
CA PHE P 248 -6.07 51.70 26.22
C PHE P 248 -4.88 51.81 27.15
N CYS P 249 -3.72 51.40 26.67
CA CYS P 249 -2.46 51.60 27.39
C CYS P 249 -1.41 52.21 26.47
N GLY P 250 -0.52 52.99 27.06
CA GLY P 250 0.59 53.55 26.32
C GLY P 250 0.48 55.03 26.06
N GLY P 251 0.93 55.44 24.91
CA GLY P 251 0.97 56.85 24.61
C GLY P 251 2.03 57.49 25.50
N SER P 252 2.22 58.80 25.30
CA SER P 252 3.16 59.59 26.07
C SER P 252 2.45 60.86 26.52
N LEU P 253 2.48 61.14 27.81
CA LEU P 253 2.00 62.41 28.34
C LEU P 253 3.20 63.30 28.61
N ASN P 254 3.42 64.25 27.73
CA ASN P 254 4.58 65.13 27.86
C ASN P 254 4.12 66.56 28.20
N GLU P 255 4.28 66.92 29.46
CA GLU P 255 3.88 68.26 29.88
C GLU P 255 4.97 69.24 29.53
N ASP P 256 4.58 70.45 29.14
CA ASP P 256 5.50 71.57 29.08
C ASP P 256 4.90 72.70 29.89
N ILE P 257 5.74 73.45 30.60
CA ILE P 257 5.26 74.51 31.47
C ILE P 257 4.47 75.53 30.65
N GLY P 258 4.84 75.65 29.37
CA GLY P 258 4.17 76.51 28.41
C GLY P 258 2.66 76.38 28.40
N MET P 259 2.15 75.16 28.20
CA MET P 259 0.71 74.91 28.31
C MET P 259 0.39 74.28 29.67
N PRO P 260 -0.13 75.07 30.62
CA PRO P 260 -0.42 74.59 31.97
C PRO P 260 -1.55 73.57 31.89
N GLU P 261 -2.45 73.77 30.93
CA GLU P 261 -3.58 72.89 30.72
C GLU P 261 -3.46 72.17 29.39
N LYS P 262 -2.26 71.66 29.09
CA LYS P 262 -1.98 71.02 27.80
C LYS P 262 -3.07 70.01 27.44
N TYR P 263 -3.43 69.22 28.44
CA TYR P 263 -4.39 68.15 28.24
C TYR P 263 -5.77 68.65 28.63
N MET P 264 -6.31 68.17 29.74
CA MET P 264 -7.55 68.70 30.29
C MET P 264 -8.75 68.67 29.34
N ASN P 265 -8.48 68.54 28.05
CA ASN P 265 -9.53 68.50 27.05
C ASN P 265 -9.52 67.20 26.26
N LEU P 266 -9.20 66.10 26.95
CA LEU P 266 -9.20 64.80 26.31
C LEU P 266 -10.59 64.20 26.32
N VAL P 267 -11.04 63.82 25.13
CA VAL P 267 -12.23 63.01 24.96
C VAL P 267 -11.80 61.56 25.10
N PHE P 268 -12.03 60.93 26.25
CA PHE P 268 -11.77 59.48 26.31
C PHE P 268 -13.02 58.69 25.92
N PRO P 269 -12.85 57.59 25.16
CA PRO P 269 -14.03 56.82 24.75
C PRO P 269 -14.90 56.44 25.95
N ARG P 270 -16.21 56.59 25.83
CA ARG P 270 -17.11 56.36 26.96
C ARG P 270 -17.31 54.87 27.16
N LYS P 271 -16.39 54.18 27.80
CA LYS P 271 -16.45 52.72 27.92
C LYS P 271 -15.08 52.27 28.40
N LEU P 272 -14.10 53.12 28.14
CA LEU P 272 -12.75 52.97 28.65
C LEU P 272 -12.84 52.66 30.13
N CYS P 273 -12.24 51.54 30.53
CA CYS P 273 -12.39 51.10 31.89
C CYS P 273 -11.17 50.26 32.27
N ARG P 274 -10.28 50.08 31.31
CA ARG P 274 -9.05 49.35 31.53
C ARG P 274 -7.98 50.21 30.88
N LEU P 275 -7.12 50.85 31.67
CA LEU P 275 -6.17 51.77 31.08
C LEU P 275 -4.88 52.03 31.82
N GLY P 276 -3.89 52.55 31.12
CA GLY P 276 -2.65 53.02 31.72
C GLY P 276 -1.99 54.03 30.80
N LEU P 277 -1.97 55.31 31.18
CA LEU P 277 -1.30 56.36 30.37
C LEU P 277 0.16 56.54 30.80
N SER P 278 1.09 56.41 29.86
CA SER P 278 2.50 56.36 30.22
C SER P 278 3.03 57.76 30.51
N TYR P 279 3.89 57.85 31.53
CA TYR P 279 4.53 59.10 31.95
C TYR P 279 3.57 60.08 32.63
N MET P 280 2.33 59.66 32.83
CA MET P 280 1.31 60.47 33.48
C MET P 280 1.80 61.01 34.83
N GLY P 281 1.78 62.35 34.93
CA GLY P 281 2.17 63.04 36.15
C GLY P 281 0.97 63.47 36.99
N PRO P 282 1.23 64.21 38.09
CA PRO P 282 0.15 64.59 38.99
C PRO P 282 -0.71 65.66 38.35
N ASN P 283 -0.10 66.44 37.48
CA ASN P 283 -0.80 67.52 36.81
C ASN P 283 -1.77 67.03 35.75
N GLU P 284 -1.50 65.87 35.15
CA GLU P 284 -2.36 65.30 34.10
C GLU P 284 -3.28 64.22 34.66
N MET P 285 -2.88 63.64 35.78
CA MET P 285 -3.71 62.66 36.49
C MET P 285 -5.20 62.95 36.50
N PRO P 286 -5.60 64.20 36.77
CA PRO P 286 -7.03 64.52 36.89
C PRO P 286 -7.90 64.27 35.66
N ILE P 287 -7.33 64.03 34.48
CA ILE P 287 -8.21 63.78 33.33
C ILE P 287 -8.92 62.45 33.48
N LEU P 288 -8.49 61.65 34.48
CA LEU P 288 -9.11 60.37 34.81
C LEU P 288 -10.30 60.50 35.76
N PHE P 289 -10.37 61.58 36.52
CA PHE P 289 -11.41 61.71 37.56
C PHE P 289 -12.86 61.60 37.04
N PRO P 290 -13.14 62.24 35.92
CA PRO P 290 -14.50 62.24 35.35
C PRO P 290 -15.16 60.86 35.21
N PHE P 291 -14.36 59.81 35.13
CA PHE P 291 -14.91 58.48 34.92
C PHE P 291 -14.18 57.42 35.75
N ALA P 292 -13.44 57.86 36.76
CA ALA P 292 -12.71 56.95 37.65
C ALA P 292 -13.59 55.84 38.31
N ALA P 293 -14.87 56.14 38.52
CA ALA P 293 -15.78 55.18 39.10
C ALA P 293 -15.93 53.95 38.22
N GLN P 294 -15.46 54.08 36.98
CA GLN P 294 -15.72 53.13 35.92
C GLN P 294 -14.53 52.21 35.74
N ILE P 295 -13.37 52.68 36.20
CA ILE P 295 -12.09 52.05 35.97
C ILE P 295 -11.92 50.75 36.74
N ARG P 296 -11.74 49.65 36.04
CA ARG P 296 -11.61 48.34 36.63
C ARG P 296 -10.19 47.80 36.55
N LYS P 297 -9.37 48.42 35.71
CA LYS P 297 -7.99 48.00 35.59
C LYS P 297 -7.10 49.23 35.46
N LEU P 298 -6.03 49.28 36.25
CA LEU P 298 -5.10 50.41 36.24
C LEU P 298 -3.64 49.97 36.08
N ASP P 299 -2.92 50.56 35.12
CA ASP P 299 -1.53 50.23 34.89
C ASP P 299 -0.62 51.45 35.10
N LEU P 300 -0.28 51.71 36.36
CA LEU P 300 0.57 52.84 36.73
C LEU P 300 2.05 52.47 36.71
N LEU P 301 2.38 51.46 35.91
CA LEU P 301 3.69 50.86 35.93
C LEU P 301 4.71 51.81 35.34
N TYR P 302 4.26 52.65 34.40
CA TYR P 302 5.16 53.60 33.74
C TYR P 302 4.73 55.02 34.04
N ALA P 303 4.11 55.21 35.20
CA ALA P 303 3.62 56.51 35.61
C ALA P 303 4.63 57.33 36.41
N LEU P 304 4.62 58.65 36.20
CA LEU P 304 5.52 59.54 36.90
C LEU P 304 4.80 60.20 38.06
N LEU P 305 4.10 59.42 38.87
CA LEU P 305 3.48 60.04 40.02
C LEU P 305 3.93 59.45 41.38
N GLU P 306 3.85 60.30 42.42
CA GLU P 306 4.47 60.01 43.71
C GLU P 306 3.48 59.38 44.64
N THR P 307 4.00 58.86 45.76
CA THR P 307 3.20 58.09 46.68
C THR P 307 1.94 58.82 47.13
N GLU P 308 2.04 60.12 47.34
CA GLU P 308 0.85 60.89 47.67
C GLU P 308 -0.20 60.79 46.54
N ASP P 309 0.23 61.08 45.31
CA ASP P 309 -0.63 61.07 44.13
C ASP P 309 -1.30 59.73 43.89
N HIS P 310 -0.63 58.64 44.26
CA HIS P 310 -1.24 57.31 44.11
C HIS P 310 -2.48 57.23 44.95
N CYS P 311 -2.36 57.66 46.20
CA CYS P 311 -3.46 57.53 47.16
C CYS P 311 -4.67 58.28 46.66
N THR P 312 -4.44 59.48 46.11
CA THR P 312 -5.55 60.33 45.68
C THR P 312 -6.31 59.76 44.48
N LEU P 313 -5.59 59.05 43.59
CA LEU P 313 -6.20 58.38 42.43
C LEU P 313 -6.82 57.07 42.82
N ILE P 314 -6.06 56.22 43.53
CA ILE P 314 -6.61 54.94 44.00
C ILE P 314 -7.95 55.17 44.70
N GLN P 315 -7.95 56.17 45.56
CA GLN P 315 -9.11 56.56 46.36
C GLN P 315 -10.37 56.75 45.49
N LYS P 316 -10.20 57.13 44.23
CA LYS P 316 -11.34 57.44 43.37
C LYS P 316 -11.83 56.25 42.54
N CYS P 317 -11.23 55.09 42.76
CA CYS P 317 -11.52 53.92 41.92
C CYS P 317 -12.06 52.74 42.69
N PRO P 318 -13.26 52.89 43.25
CA PRO P 318 -13.93 51.90 44.09
C PRO P 318 -14.13 50.55 43.40
N ASN P 319 -14.17 50.55 42.08
CA ASN P 319 -14.43 49.31 41.37
C ASN P 319 -13.19 48.70 40.75
N LEU P 320 -12.03 49.21 41.12
CA LEU P 320 -10.78 48.68 40.66
C LEU P 320 -10.65 47.21 41.01
N GLU P 321 -10.45 46.36 40.01
CA GLU P 321 -10.10 44.97 40.30
C GLU P 321 -8.68 44.58 39.94
N VAL P 322 -8.03 45.34 39.07
CA VAL P 322 -6.64 45.04 38.77
C VAL P 322 -5.78 46.27 38.88
N LEU P 323 -4.69 46.17 39.63
CA LEU P 323 -3.77 47.28 39.73
C LEU P 323 -2.33 46.82 39.59
N GLU P 324 -1.59 47.43 38.66
CA GLU P 324 -0.19 47.15 38.55
C GLU P 324 0.48 48.47 38.79
N THR P 325 1.57 48.43 39.54
CA THR P 325 2.29 49.66 39.85
C THR P 325 3.68 49.39 40.42
N ARG P 326 4.50 50.45 40.47
CA ARG P 326 5.81 50.36 41.08
C ARG P 326 5.67 50.47 42.62
N ASN P 327 6.76 50.24 43.36
CA ASN P 327 6.68 50.27 44.81
C ASN P 327 6.49 51.68 45.42
N VAL P 328 6.55 52.71 44.58
CA VAL P 328 6.23 54.07 44.99
C VAL P 328 4.86 54.12 45.68
N ILE P 329 3.97 53.22 45.27
CA ILE P 329 2.64 53.11 45.86
C ILE P 329 2.75 53.30 47.38
N GLY P 330 3.85 52.83 47.95
CA GLY P 330 4.09 52.88 49.39
C GLY P 330 3.11 52.15 50.31
N ASP P 331 3.48 52.04 51.58
CA ASP P 331 2.56 51.49 52.56
C ASP P 331 1.33 52.38 52.60
N ARG P 332 1.55 53.68 52.45
CA ARG P 332 0.43 54.58 52.53
C ARG P 332 -0.61 54.26 51.46
N GLY P 333 -0.12 54.03 50.24
CA GLY P 333 -0.99 53.67 49.13
C GLY P 333 -1.75 52.35 49.35
N LEU P 334 -1.06 51.34 49.88
CA LEU P 334 -1.69 50.07 50.17
C LEU P 334 -2.82 50.24 51.18
N GLU P 335 -2.62 51.12 52.16
CA GLU P 335 -3.67 51.39 53.12
C GLU P 335 -4.92 51.96 52.43
N VAL P 336 -4.70 52.87 51.49
CA VAL P 336 -5.80 53.47 50.72
C VAL P 336 -6.56 52.42 49.94
N LEU P 337 -5.77 51.59 49.24
CA LEU P 337 -6.31 50.52 48.42
C LEU P 337 -7.10 49.55 49.29
N ALA P 338 -6.64 49.44 50.53
CA ALA P 338 -7.18 48.50 51.50
C ALA P 338 -8.65 48.71 51.80
N GLN P 339 -9.13 49.94 51.79
CA GLN P 339 -10.55 50.11 52.09
C GLN P 339 -11.42 50.74 51.03
N TYR P 340 -10.81 51.37 50.03
CA TYR P 340 -11.61 51.89 48.92
C TYR P 340 -11.92 50.87 47.80
N CYS P 341 -10.98 49.96 47.56
CA CYS P 341 -11.12 48.96 46.50
C CYS P 341 -11.27 47.56 47.08
N LYS P 342 -12.49 47.21 47.48
CA LYS P 342 -12.72 45.94 48.16
C LYS P 342 -12.78 44.80 47.17
N GLN P 343 -12.98 45.14 45.90
CA GLN P 343 -13.16 44.14 44.86
C GLN P 343 -11.84 43.71 44.21
N LEU P 344 -10.74 44.24 44.69
CA LEU P 344 -9.44 43.96 44.10
C LEU P 344 -9.14 42.49 43.95
N LYS P 345 -8.80 42.07 42.73
CA LYS P 345 -8.50 40.67 42.47
C LYS P 345 -7.03 40.42 42.14
N ARG P 346 -6.36 41.40 41.54
CA ARG P 346 -4.96 41.20 41.16
C ARG P 346 -4.18 42.46 41.45
N LEU P 347 -3.05 42.29 42.12
CA LEU P 347 -2.15 43.38 42.47
C LEU P 347 -0.70 42.99 42.17
N ARG P 348 0.00 43.83 41.42
CA ARG P 348 1.40 43.61 41.19
C ARG P 348 2.15 44.87 41.51
N ILE P 349 3.11 44.76 42.41
CA ILE P 349 3.97 45.88 42.81
C ILE P 349 5.38 45.63 42.33
N GLU P 350 5.70 46.14 41.14
CA GLU P 350 7.04 45.97 40.60
C GLU P 350 8.01 46.80 41.40
N ARG P 351 9.30 46.60 41.15
CA ARG P 351 10.30 47.38 41.86
C ARG P 351 10.68 48.62 41.06
N GLY P 352 10.84 49.75 41.77
CA GLY P 352 11.04 51.04 41.14
C GLY P 352 12.50 51.43 40.94
N ALA P 353 12.76 52.72 40.76
CA ALA P 353 14.13 53.24 40.71
C ALA P 353 14.78 53.09 42.10
N ASP P 354 15.67 52.11 42.21
CA ASP P 354 16.18 51.64 43.50
C ASP P 354 17.64 52.07 43.73
N GLU P 355 18.04 53.16 43.06
CA GLU P 355 19.42 53.67 43.16
C GLU P 355 19.52 54.85 44.12
N GLN P 356 18.90 55.97 43.74
CA GLN P 356 18.94 57.19 44.55
C GLN P 356 17.67 57.38 45.38
N GLY P 357 17.62 56.73 46.54
CA GLY P 357 16.42 56.78 47.39
C GLY P 357 15.22 56.19 46.68
N MET P 358 14.34 55.55 47.45
CA MET P 358 13.21 54.79 46.89
C MET P 358 12.16 55.62 46.12
N GLU P 359 12.63 56.55 45.28
CA GLU P 359 11.76 57.48 44.54
C GLU P 359 11.12 58.60 45.40
N ASP P 360 10.86 58.27 46.67
CA ASP P 360 10.54 59.23 47.74
C ASP P 360 10.60 58.52 49.10
N GLU P 361 10.43 59.27 50.19
CA GLU P 361 10.57 58.66 51.53
C GLU P 361 9.28 57.99 52.05
N GLU P 362 8.48 57.47 51.12
CA GLU P 362 7.32 56.63 51.43
C GLU P 362 7.26 55.44 50.47
N GLY P 363 8.08 55.50 49.42
CA GLY P 363 8.11 54.49 48.36
C GLY P 363 8.77 53.18 48.76
N LEU P 364 8.36 52.68 49.91
CA LEU P 364 8.79 51.40 50.45
C LEU P 364 7.51 50.73 50.88
N VAL P 365 7.28 49.48 50.46
CA VAL P 365 6.15 48.76 51.05
C VAL P 365 6.74 47.73 52.02
N SER P 366 5.96 47.44 53.06
CA SER P 366 6.44 46.69 54.22
C SER P 366 5.31 45.93 54.91
N GLN P 367 5.63 45.32 56.05
CA GLN P 367 4.68 44.59 56.87
C GLN P 367 3.40 45.39 56.98
N ARG P 368 3.57 46.70 57.16
CA ARG P 368 2.44 47.60 57.43
C ARG P 368 1.44 47.51 56.27
N GLY P 369 1.94 47.70 55.05
CA GLY P 369 1.11 47.64 53.87
C GLY P 369 0.51 46.26 53.67
N LEU P 370 1.37 45.24 53.75
CA LEU P 370 0.93 43.89 53.48
C LEU P 370 -0.21 43.52 54.39
N ILE P 371 -0.04 43.76 55.68
CA ILE P 371 -1.09 43.39 56.65
C ILE P 371 -2.38 44.23 56.46
N ALA P 372 -2.23 45.50 56.10
CA ALA P 372 -3.36 46.34 55.74
C ALA P 372 -4.10 45.71 54.56
N LEU P 373 -3.33 45.37 53.55
CA LEU P 373 -3.89 44.85 52.33
C LEU P 373 -4.66 43.57 52.59
N ALA P 374 -4.03 42.66 53.33
CA ALA P 374 -4.62 41.38 53.65
C ALA P 374 -6.01 41.54 54.25
N GLN P 375 -6.18 42.58 55.07
CA GLN P 375 -7.44 42.78 55.80
C GLN P 375 -8.49 43.45 54.92
N GLY P 376 -8.07 44.34 54.02
CA GLY P 376 -9.00 45.06 53.17
C GLY P 376 -9.50 44.36 51.91
N CYS P 377 -8.55 43.82 51.15
CA CYS P 377 -8.84 43.25 49.83
C CYS P 377 -8.93 41.74 49.87
N GLN P 378 -9.97 41.23 50.50
CA GLN P 378 -9.94 39.82 50.80
C GLN P 378 -10.29 38.99 49.59
N GLU P 379 -10.60 39.65 48.48
CA GLU P 379 -10.98 38.92 47.28
C GLU P 379 -9.78 38.58 46.37
N LEU P 380 -8.61 39.11 46.71
CA LEU P 380 -7.37 38.93 45.95
C LEU P 380 -7.09 37.49 45.52
N GLU P 381 -6.84 37.34 44.21
CA GLU P 381 -6.50 36.05 43.64
C GLU P 381 -5.06 36.00 43.20
N TYR P 382 -4.49 37.17 42.89
CA TYR P 382 -3.09 37.28 42.44
C TYR P 382 -2.40 38.45 43.13
N MET P 383 -1.30 38.17 43.81
CA MET P 383 -0.58 39.21 44.53
C MET P 383 0.90 38.97 44.32
N ALA P 384 1.55 39.93 43.69
CA ALA P 384 2.99 39.85 43.49
C ALA P 384 3.61 41.19 43.91
N VAL P 385 4.66 41.10 44.72
CA VAL P 385 5.10 42.23 45.49
C VAL P 385 6.60 42.19 45.66
N TYR P 386 7.27 43.27 45.29
CA TYR P 386 8.64 43.51 45.73
C TYR P 386 8.56 44.39 47.00
N VAL P 387 8.96 43.80 48.12
CA VAL P 387 8.77 44.40 49.43
C VAL P 387 10.13 44.81 50.03
N SER P 388 10.15 45.95 50.73
CA SER P 388 11.41 46.45 51.31
C SER P 388 11.73 45.86 52.70
N ASP P 389 10.72 45.28 53.35
CA ASP P 389 10.89 44.67 54.66
C ASP P 389 9.66 43.81 54.99
N ILE P 390 9.87 42.60 55.51
CA ILE P 390 8.77 41.75 55.98
C ILE P 390 8.89 41.29 57.41
N THR P 391 7.81 40.71 57.88
CA THR P 391 7.74 40.19 59.21
C THR P 391 6.93 38.93 59.08
N ASN P 392 7.24 37.91 59.88
CA ASN P 392 6.40 36.71 59.96
C ASN P 392 4.91 37.03 60.15
N GLU P 393 4.60 38.13 60.81
CA GLU P 393 3.22 38.47 61.12
C GLU P 393 2.41 38.75 59.87
N SER P 394 3.01 39.49 58.94
CA SER P 394 2.34 39.83 57.68
C SER P 394 2.02 38.59 56.84
N LEU P 395 3.00 37.71 56.64
CA LEU P 395 2.71 36.44 56.00
C LEU P 395 1.53 35.75 56.70
N GLU P 396 1.52 35.76 58.02
CA GLU P 396 0.45 35.09 58.77
C GLU P 396 -0.93 35.64 58.41
N SER P 397 -1.04 36.96 58.26
CA SER P 397 -2.33 37.61 57.96
C SER P 397 -2.80 37.37 56.51
N ILE P 398 -1.84 37.34 55.58
CA ILE P 398 -2.11 36.93 54.21
C ILE P 398 -2.82 35.58 54.28
N GLY P 399 -2.20 34.65 55.01
CA GLY P 399 -2.73 33.31 55.15
C GLY P 399 -4.09 33.23 55.85
N THR P 400 -4.38 34.20 56.68
CA THR P 400 -5.61 34.10 57.46
C THR P 400 -6.78 34.76 56.72
N TYR P 401 -6.52 35.90 56.09
CA TYR P 401 -7.60 36.69 55.49
C TYR P 401 -7.92 36.42 54.02
N LEU P 402 -6.89 36.36 53.16
CA LEU P 402 -7.16 36.24 51.72
C LEU P 402 -6.97 34.83 51.18
N LYS P 403 -7.98 34.00 51.45
CA LYS P 403 -8.07 32.66 50.89
C LYS P 403 -8.17 32.88 49.40
N ASN P 404 -8.50 31.80 48.71
CA ASN P 404 -8.58 31.86 47.23
C ASN P 404 -7.56 32.80 46.52
N LEU P 405 -6.38 32.93 47.11
CA LEU P 405 -5.20 33.45 46.44
C LEU P 405 -4.69 32.30 45.62
N CYS P 406 -4.39 32.53 44.33
CA CYS P 406 -3.95 31.46 43.43
C CYS P 406 -2.49 31.56 43.05
N ASP P 407 -1.96 32.76 43.14
CA ASP P 407 -0.63 33.04 42.70
C ASP P 407 -0.12 34.10 43.70
N PHE P 408 0.93 33.76 44.45
CA PHE P 408 1.51 34.70 45.37
C PHE P 408 3.00 34.76 45.19
N ARG P 409 3.52 35.97 44.97
CA ARG P 409 4.96 36.17 44.78
C ARG P 409 5.47 37.30 45.64
N LEU P 410 6.55 37.00 46.38
CA LEU P 410 7.16 37.94 47.32
C LEU P 410 8.66 37.91 47.06
N VAL P 411 9.24 39.07 46.83
CA VAL P 411 10.68 39.18 46.72
C VAL P 411 11.09 40.28 47.70
N LEU P 412 12.04 40.04 48.61
CA LEU P 412 12.48 41.19 49.41
C LEU P 412 13.73 41.84 48.85
N LEU P 413 13.62 43.15 48.64
CA LEU P 413 14.68 43.95 48.04
C LEU P 413 16.01 43.78 48.81
N ASP P 414 17.12 44.14 48.20
CA ASP P 414 18.38 44.02 48.91
C ASP P 414 18.84 45.37 49.51
N ARG P 415 18.04 46.41 49.30
CA ARG P 415 18.35 47.77 49.76
C ARG P 415 18.56 47.88 51.28
N GLU P 416 17.54 47.53 52.05
CA GLU P 416 17.59 47.60 53.51
C GLU P 416 18.65 46.70 54.14
N GLU P 417 19.25 47.21 55.22
CA GLU P 417 20.29 46.50 55.93
C GLU P 417 19.67 45.58 56.96
N ARG P 418 18.81 46.15 57.79
CA ARG P 418 18.18 45.37 58.85
C ARG P 418 16.78 45.00 58.42
N ILE P 419 16.45 43.72 58.48
CA ILE P 419 15.06 43.30 58.27
C ILE P 419 14.45 42.88 59.60
N THR P 420 13.33 43.51 59.96
CA THR P 420 12.72 43.33 61.28
C THR P 420 13.03 41.95 61.88
N ASP P 421 12.19 40.95 61.63
CA ASP P 421 12.56 39.62 62.08
C ASP P 421 12.81 38.75 60.85
N LEU P 422 13.91 38.00 60.80
CA LEU P 422 14.22 37.43 59.51
C LEU P 422 13.79 35.99 59.27
N PRO P 423 14.31 35.03 60.05
CA PRO P 423 13.89 33.65 59.73
C PRO P 423 12.37 33.56 59.59
N LEU P 424 11.87 33.31 58.37
CA LEU P 424 10.44 33.48 58.07
C LEU P 424 9.63 32.19 58.14
N ASP P 425 10.25 31.14 58.68
CA ASP P 425 9.65 29.82 58.71
C ASP P 425 8.19 29.79 59.13
N ASN P 426 7.86 30.47 60.23
CA ASN P 426 6.53 30.27 60.79
C ASN P 426 5.46 31.02 60.01
N GLY P 427 5.91 32.07 59.31
CA GLY P 427 5.05 32.84 58.42
C GLY P 427 4.70 32.13 57.12
N VAL P 428 5.72 31.67 56.40
CA VAL P 428 5.51 30.87 55.20
C VAL P 428 4.54 29.75 55.49
N ARG P 429 4.80 29.06 56.61
CA ARG P 429 3.99 27.93 57.03
C ARG P 429 2.49 28.24 57.22
N SER P 430 2.13 29.36 57.83
CA SER P 430 0.70 29.67 57.97
C SER P 430 0.12 30.23 56.69
N LEU P 431 0.96 30.91 55.89
CA LEU P 431 0.56 31.39 54.58
C LEU P 431 0.15 30.23 53.70
N LEU P 432 1.00 29.20 53.64
CA LEU P 432 0.72 28.06 52.79
C LEU P 432 -0.46 27.25 53.29
N ILE P 433 -0.76 27.39 54.57
CA ILE P 433 -1.80 26.59 55.17
C ILE P 433 -3.18 27.23 54.99
N GLY P 434 -3.23 28.56 55.09
CA GLY P 434 -4.46 29.32 54.85
C GLY P 434 -4.85 29.45 53.38
N CYS P 435 -3.89 29.76 52.52
CA CYS P 435 -4.15 29.92 51.10
C CYS P 435 -4.02 28.58 50.42
N LYS P 436 -5.02 27.75 50.55
CA LYS P 436 -4.88 26.38 50.05
C LYS P 436 -5.31 26.23 48.60
N LYS P 437 -5.63 27.34 47.97
CA LYS P 437 -5.98 27.30 46.56
C LYS P 437 -4.73 27.60 45.68
N LEU P 438 -3.61 27.89 46.34
CA LEU P 438 -2.38 28.35 45.72
C LEU P 438 -1.73 27.39 44.67
N ARG P 439 -1.60 27.88 43.44
CA ARG P 439 -1.04 27.07 42.34
C ARG P 439 0.35 27.53 41.93
N ARG P 440 0.61 28.82 42.14
CA ARG P 440 1.89 29.40 41.78
C ARG P 440 2.44 30.20 42.94
N PHE P 441 3.72 30.03 43.21
CA PHE P 441 4.29 30.53 44.43
C PHE P 441 5.75 30.95 44.19
N ALA P 442 6.04 32.21 44.44
CA ALA P 442 7.43 32.65 44.37
C ALA P 442 7.86 33.32 45.67
N PHE P 443 9.05 32.98 46.14
CA PHE P 443 9.53 33.40 47.46
C PHE P 443 11.03 33.63 47.32
N TYR P 444 11.43 34.89 47.23
CA TYR P 444 12.81 35.28 46.88
C TYR P 444 13.39 36.20 47.97
N LEU P 445 14.33 35.68 48.75
CA LEU P 445 14.80 36.40 49.92
C LEU P 445 16.28 36.79 49.90
N ARG P 446 16.91 36.76 51.08
CA ARG P 446 18.32 37.07 51.28
C ARG P 446 18.83 35.92 52.16
N GLN P 447 20.15 35.73 52.28
CA GLN P 447 20.60 34.47 52.89
C GLN P 447 19.93 34.09 54.23
N GLY P 448 19.93 34.98 55.21
CA GLY P 448 19.31 34.62 56.47
C GLY P 448 17.83 34.27 56.41
N GLY P 449 17.22 34.49 55.24
CA GLY P 449 15.78 34.53 55.12
C GLY P 449 14.95 33.33 55.57
N LEU P 450 15.41 32.13 55.24
CA LEU P 450 14.66 30.94 55.59
C LEU P 450 15.59 29.79 55.93
N THR P 451 15.17 28.99 56.91
CA THR P 451 16.01 27.94 57.43
C THR P 451 15.58 26.63 56.81
N ASP P 452 16.44 25.61 56.90
CA ASP P 452 16.08 24.29 56.40
C ASP P 452 14.74 23.85 56.92
N LEU P 453 14.38 24.32 58.10
CA LEU P 453 13.10 23.91 58.68
C LEU P 453 11.95 24.56 57.91
N GLY P 454 12.11 25.84 57.57
CA GLY P 454 11.12 26.55 56.76
C GLY P 454 11.03 25.99 55.36
N LEU P 455 12.17 25.70 54.75
CA LEU P 455 12.21 25.15 53.41
C LEU P 455 11.39 23.88 53.36
N SER P 456 11.48 23.06 54.41
CA SER P 456 10.69 21.82 54.43
C SER P 456 9.19 22.15 54.57
N TYR P 457 8.90 23.25 55.23
CA TYR P 457 7.51 23.67 55.41
C TYR P 457 6.89 23.97 54.08
N ILE P 458 7.64 24.65 53.23
CA ILE P 458 7.16 24.97 51.89
C ILE P 458 6.79 23.70 51.13
N GLY P 459 7.64 22.68 51.22
CA GLY P 459 7.38 21.42 50.56
C GLY P 459 6.26 20.65 51.23
N GLN P 460 6.07 20.90 52.51
CA GLN P 460 5.05 20.17 53.26
C GLN P 460 3.63 20.74 53.03
N TYR P 461 3.53 22.06 52.95
CA TYR P 461 2.21 22.68 52.90
C TYR P 461 1.81 23.33 51.55
N SER P 462 2.22 22.74 50.43
CA SER P 462 1.89 23.33 49.14
C SER P 462 1.45 22.26 48.13
N PRO P 463 0.39 21.55 48.49
CA PRO P 463 -0.15 20.41 47.74
C PRO P 463 -0.63 20.78 46.33
N ASN P 464 -0.96 22.04 46.11
CA ASN P 464 -1.55 22.42 44.83
C ASN P 464 -0.65 23.21 43.94
N VAL P 465 0.55 23.49 44.43
CA VAL P 465 1.46 24.36 43.72
C VAL P 465 2.09 23.65 42.54
N ARG P 466 1.90 24.21 41.36
CA ARG P 466 2.47 23.67 40.13
C ARG P 466 3.84 24.31 39.81
N TRP P 467 4.01 25.58 40.18
CA TRP P 467 5.22 26.31 39.83
C TRP P 467 5.76 27.00 41.07
N MET P 468 7.08 26.99 41.23
CA MET P 468 7.70 27.71 42.31
C MET P 468 9.00 28.38 41.87
N LEU P 469 9.14 29.65 42.25
CA LEU P 469 10.43 30.33 42.17
C LEU P 469 10.93 30.55 43.58
N LEU P 470 12.06 29.93 43.93
CA LEU P 470 12.63 30.08 45.27
C LEU P 470 13.89 30.93 45.20
N GLY P 471 13.91 31.94 46.06
CA GLY P 471 14.95 32.95 46.09
C GLY P 471 16.22 32.53 46.79
N TYR P 472 16.45 33.06 47.98
CA TYR P 472 17.68 32.72 48.67
C TYR P 472 17.33 31.89 49.88
N VAL P 473 16.68 30.76 49.65
CA VAL P 473 16.15 30.02 50.77
C VAL P 473 17.07 28.90 51.26
N GLY P 474 16.76 28.41 52.46
CA GLY P 474 17.52 27.37 53.12
C GLY P 474 18.88 27.76 53.67
N GLU P 475 19.51 26.81 54.36
CA GLU P 475 20.88 26.95 54.87
C GLU P 475 21.83 25.88 54.30
N SER P 476 21.31 24.66 54.12
CA SER P 476 22.15 23.58 53.59
C SER P 476 21.35 22.56 52.76
N ASP P 477 22.06 21.61 52.18
CA ASP P 477 21.42 20.54 51.44
C ASP P 477 20.29 19.89 52.22
N GLU P 478 20.38 19.89 53.55
CA GLU P 478 19.34 19.28 54.36
C GLU P 478 17.96 19.85 54.00
N GLY P 479 17.94 21.14 53.68
CA GLY P 479 16.71 21.85 53.38
C GLY P 479 16.13 21.48 52.02
N LEU P 480 17.00 21.37 51.04
CA LEU P 480 16.55 20.97 49.72
C LEU P 480 15.96 19.60 49.81
N MET P 481 16.69 18.67 50.42
CA MET P 481 16.22 17.29 50.54
C MET P 481 14.89 17.16 51.31
N GLU P 482 14.74 17.90 52.40
CA GLU P 482 13.49 17.88 53.17
C GLU P 482 12.33 18.44 52.34
N PHE P 483 12.59 19.55 51.66
CA PHE P 483 11.69 20.12 50.66
C PHE P 483 11.27 19.05 49.64
N SER P 484 12.25 18.35 49.08
CA SER P 484 12.04 17.38 48.01
C SER P 484 11.12 16.20 48.36
N ARG P 485 10.80 16.02 49.62
CA ARG P 485 9.91 14.92 49.90
C ARG P 485 8.47 15.37 49.87
N GLY P 486 8.27 16.64 49.53
CA GLY P 486 6.94 17.21 49.43
C GLY P 486 6.53 17.55 48.00
N CYS P 487 5.76 18.62 47.84
CA CYS P 487 5.48 19.19 46.52
C CYS P 487 4.91 18.13 45.59
N PRO P 488 3.78 17.55 45.99
CA PRO P 488 3.20 16.42 45.26
C PRO P 488 2.94 16.80 43.80
N ASN P 489 2.67 18.09 43.56
CA ASN P 489 2.26 18.57 42.27
C ASN P 489 3.18 19.60 41.60
N LEU P 490 4.40 19.74 42.12
CA LEU P 490 5.34 20.71 41.56
C LEU P 490 5.75 20.27 40.18
N GLN P 491 5.49 21.09 39.17
CA GLN P 491 5.84 20.73 37.80
C GLN P 491 7.08 21.47 37.35
N LYS P 492 7.15 22.74 37.72
CA LYS P 492 8.22 23.59 37.23
C LYS P 492 8.88 24.25 38.44
N LEU P 493 10.20 24.11 38.56
CA LEU P 493 10.90 24.65 39.73
C LEU P 493 12.05 25.52 39.31
N GLU P 494 12.00 26.79 39.72
CA GLU P 494 13.05 27.78 39.43
C GLU P 494 13.72 28.22 40.74
N MET P 495 15.03 27.99 40.86
CA MET P 495 15.80 28.40 42.07
C MET P 495 17.03 29.15 41.69
N ARG P 496 17.23 30.32 42.28
CA ARG P 496 18.51 30.97 42.06
C ARG P 496 19.02 31.50 43.39
N GLY P 497 20.33 31.70 43.48
CA GLY P 497 20.96 32.16 44.69
C GLY P 497 20.85 31.16 45.86
N CYS P 498 20.82 29.87 45.57
CA CYS P 498 20.86 28.90 46.66
C CYS P 498 22.18 28.18 46.75
N CYS P 499 22.48 27.73 47.95
CA CYS P 499 23.75 27.10 48.28
C CYS P 499 23.88 25.65 47.78
N PHE P 500 22.75 24.96 47.65
CA PHE P 500 22.72 23.52 47.42
C PHE P 500 23.73 23.02 46.42
N SER P 501 24.22 21.80 46.66
CA SER P 501 25.28 21.19 45.87
C SER P 501 24.74 20.42 44.69
N GLU P 502 25.60 20.12 43.72
CA GLU P 502 25.17 19.35 42.57
C GLU P 502 24.43 18.07 42.96
N ARG P 503 24.98 17.27 43.87
CA ARG P 503 24.33 15.98 44.21
C ARG P 503 22.99 16.14 44.95
N ALA P 504 22.83 17.26 45.65
CA ALA P 504 21.57 17.58 46.29
C ALA P 504 20.46 17.96 45.31
N ILE P 505 20.80 18.80 44.32
CA ILE P 505 19.90 19.12 43.22
C ILE P 505 19.48 17.80 42.60
N ALA P 506 20.46 17.00 42.18
CA ALA P 506 20.17 15.77 41.48
C ALA P 506 19.25 14.89 42.30
N ALA P 507 19.49 14.86 43.59
CA ALA P 507 18.73 13.94 44.41
C ALA P 507 17.31 14.43 44.63
N ALA P 508 17.15 15.75 44.75
CA ALA P 508 15.82 16.32 44.92
C ALA P 508 14.97 16.14 43.66
N VAL P 509 15.60 16.14 42.49
CA VAL P 509 14.89 16.00 41.24
C VAL P 509 14.34 14.61 41.20
N THR P 510 15.17 13.67 41.63
CA THR P 510 14.77 12.27 41.69
C THR P 510 13.55 12.04 42.58
N LYS P 511 13.50 12.75 43.70
CA LYS P 511 12.39 12.57 44.67
C LYS P 511 11.07 13.22 44.24
N LEU P 512 11.14 14.29 43.44
CA LEU P 512 9.94 15.06 43.12
C LEU P 512 9.09 14.33 42.08
N PRO P 513 7.87 13.96 42.48
CA PRO P 513 7.02 13.09 41.67
C PRO P 513 6.64 13.73 40.35
N SER P 514 6.34 15.03 40.38
CA SER P 514 5.73 15.70 39.22
C SER P 514 6.68 16.57 38.37
N LEU P 515 7.91 16.76 38.82
CA LEU P 515 8.79 17.72 38.18
C LEU P 515 9.03 17.41 36.69
N ARG P 516 8.83 18.41 35.84
CA ARG P 516 9.18 18.27 34.43
C ARG P 516 10.09 19.39 33.89
N TYR P 517 10.36 20.39 34.72
CA TYR P 517 11.20 21.51 34.31
C TYR P 517 11.97 22.03 35.50
N LEU P 518 13.27 22.21 35.33
CA LEU P 518 14.12 22.74 36.37
C LEU P 518 15.10 23.74 35.84
N TRP P 519 15.10 24.93 36.43
CA TRP P 519 16.09 25.97 36.10
C TRP P 519 16.75 26.41 37.39
N VAL P 520 18.08 26.34 37.45
CA VAL P 520 18.83 26.69 38.66
C VAL P 520 20.02 27.56 38.31
N GLN P 521 20.16 28.67 39.04
CA GLN P 521 21.37 29.49 38.92
C GLN P 521 22.00 29.62 40.29
N GLY P 522 23.31 29.41 40.38
CA GLY P 522 24.00 29.44 41.66
C GLY P 522 23.83 28.14 42.44
N TYR P 523 24.92 27.39 42.54
CA TYR P 523 24.92 26.08 43.19
C TYR P 523 26.39 25.62 43.36
N ARG P 524 26.70 24.87 44.42
CA ARG P 524 28.05 24.37 44.63
C ARG P 524 28.41 23.44 43.48
N ALA P 525 29.09 23.97 42.46
CA ALA P 525 29.45 23.23 41.25
C ALA P 525 30.58 22.23 41.46
N SER P 526 31.17 21.81 40.35
CA SER P 526 32.39 21.00 40.36
C SER P 526 32.75 20.73 38.90
N MET P 527 33.97 21.13 38.51
CA MET P 527 34.42 20.95 37.14
C MET P 527 34.13 19.50 36.71
N THR P 528 34.22 18.58 37.66
CA THR P 528 33.86 17.17 37.44
C THR P 528 32.67 17.09 36.49
N GLY P 529 31.64 17.86 36.82
CA GLY P 529 30.37 17.84 36.11
C GLY P 529 29.53 16.67 36.60
N GLN P 530 30.22 15.58 36.95
CA GLN P 530 29.61 14.25 37.02
C GLN P 530 28.65 14.00 38.17
N ASP P 531 28.29 15.03 38.90
CA ASP P 531 27.39 14.81 40.02
C ASP P 531 25.95 15.06 39.63
N LEU P 532 25.75 15.99 38.72
CA LEU P 532 24.45 16.19 38.14
C LEU P 532 23.98 14.91 37.48
N MET P 533 24.92 14.16 36.91
CA MET P 533 24.60 12.90 36.26
C MET P 533 23.78 11.92 37.10
N GLN P 534 23.70 12.13 38.41
CA GLN P 534 23.00 11.13 39.20
C GLN P 534 21.49 11.34 39.13
N MET P 535 21.06 12.18 38.19
CA MET P 535 19.64 12.32 37.87
C MET P 535 19.37 12.04 36.38
N ALA P 536 20.35 11.49 35.68
CA ALA P 536 20.13 10.99 34.33
C ALA P 536 19.02 9.92 34.31
N ARG P 537 17.86 10.31 33.79
CA ARG P 537 16.76 9.40 33.51
C ARG P 537 16.62 9.40 32.01
N PRO P 538 15.90 8.42 31.46
CA PRO P 538 15.50 8.51 30.04
C PRO P 538 14.55 9.68 29.80
N TYR P 539 14.63 10.32 28.63
CA TYR P 539 13.76 11.46 28.27
C TYR P 539 14.06 12.74 29.03
N TRP P 540 15.13 12.75 29.81
CA TRP P 540 15.43 13.89 30.67
C TRP P 540 16.66 14.61 30.10
N ASN P 541 16.41 15.81 29.59
CA ASN P 541 17.43 16.60 28.92
C ASN P 541 18.03 17.58 29.94
N ILE P 542 19.35 17.50 30.13
CA ILE P 542 19.97 18.49 31.01
C ILE P 542 20.92 19.35 30.18
N GLU P 543 20.73 20.65 30.29
CA GLU P 543 21.57 21.63 29.59
C GLU P 543 22.30 22.57 30.58
N LEU P 544 23.58 22.85 30.33
CA LEU P 544 24.30 23.81 31.15
C LEU P 544 24.60 25.06 30.36
N ILE P 545 24.30 26.22 30.95
CA ILE P 545 24.83 27.48 30.44
C ILE P 545 25.97 27.92 31.34
N PRO P 546 27.24 27.66 30.93
CA PRO P 546 28.47 27.82 31.73
C PRO P 546 28.65 29.24 32.31
N SER P 547 29.55 29.34 33.29
CA SER P 547 29.72 30.55 34.08
C SER P 547 30.37 31.73 33.35
N ARG P 548 30.00 31.94 32.09
CA ARG P 548 30.56 33.04 31.31
C ARG P 548 30.00 34.40 31.78
N HIS P 564 27.60 35.62 34.49
CA HIS P 564 26.69 35.07 35.50
C HIS P 564 27.05 33.61 35.81
N PRO P 565 26.75 33.14 37.04
CA PRO P 565 27.05 31.77 37.51
C PRO P 565 26.39 30.68 36.65
N ALA P 566 26.99 29.49 36.55
CA ALA P 566 26.44 28.41 35.70
C ALA P 566 24.93 28.22 35.89
N HIS P 567 24.22 27.96 34.80
CA HIS P 567 22.80 27.68 34.92
C HIS P 567 22.61 26.21 34.61
N ILE P 568 21.59 25.63 35.20
CA ILE P 568 21.20 24.30 34.83
C ILE P 568 19.78 24.44 34.30
N LEU P 569 19.56 23.92 33.10
CA LEU P 569 18.21 23.80 32.59
C LEU P 569 17.95 22.32 32.33
N ALA P 570 16.86 21.77 32.85
CA ALA P 570 16.53 20.37 32.57
C ALA P 570 15.04 20.19 32.45
N TYR P 571 14.61 19.37 31.50
CA TYR P 571 13.18 19.18 31.19
C TYR P 571 12.96 17.84 30.54
N TYR P 572 11.76 17.29 30.69
CA TYR P 572 11.45 16.05 29.97
C TYR P 572 11.17 16.41 28.52
N SER P 573 11.58 15.55 27.60
CA SER P 573 11.22 15.70 26.20
C SER P 573 11.12 14.36 25.46
N LEU P 574 10.03 14.21 24.71
CA LEU P 574 9.82 13.06 23.87
C LEU P 574 10.71 13.10 22.63
N ALA P 575 11.44 14.20 22.42
CA ALA P 575 12.13 14.42 21.12
C ALA P 575 13.60 14.10 21.09
N GLY P 576 14.22 14.01 22.26
CA GLY P 576 15.65 13.87 22.32
C GLY P 576 16.32 15.22 22.45
N GLN P 577 17.65 15.26 22.38
CA GLN P 577 18.39 16.50 22.57
C GLN P 577 18.21 17.42 21.38
N ARG P 578 17.98 18.72 21.66
CA ARG P 578 17.81 19.72 20.59
C ARG P 578 19.02 19.72 19.68
N THR P 579 18.73 19.83 18.40
CA THR P 579 19.71 20.05 17.37
C THR P 579 20.39 21.45 17.35
N ASP P 580 19.75 22.44 17.95
CA ASP P 580 20.04 23.82 17.63
C ASP P 580 20.70 24.63 18.76
N CYS P 581 21.49 23.97 19.61
CA CYS P 581 22.18 24.70 20.67
C CYS P 581 23.26 25.62 20.17
N PRO P 582 23.37 26.79 20.79
CA PRO P 582 24.47 27.74 20.61
C PRO P 582 25.73 27.12 21.15
N THR P 583 26.85 27.83 20.96
CA THR P 583 28.12 27.44 21.56
C THR P 583 28.15 27.68 23.07
N THR P 584 27.45 28.72 23.53
CA THR P 584 27.33 29.01 24.97
C THR P 584 26.56 27.97 25.80
N VAL P 585 26.06 26.91 25.20
CA VAL P 585 25.22 25.97 25.94
C VAL P 585 25.74 24.58 25.75
N ARG P 586 26.02 23.88 26.84
CA ARG P 586 26.63 22.55 26.74
C ARG P 586 25.64 21.49 27.16
N VAL P 587 25.44 20.48 26.31
CA VAL P 587 24.48 19.43 26.63
C VAL P 587 25.23 18.41 27.42
N LEU P 588 24.70 18.07 28.59
CA LEU P 588 25.31 17.07 29.44
C LEU P 588 24.88 15.65 29.05
N LYS P 589 25.84 14.82 28.61
CA LYS P 589 25.60 13.40 28.32
C LYS P 589 26.54 12.54 29.15
N GLU P 590 26.27 11.22 29.17
CA GLU P 590 27.05 10.28 29.99
C GLU P 590 28.55 10.38 29.72
N PRO P 591 29.38 9.82 30.62
CA PRO P 591 30.85 9.97 30.59
C PRO P 591 31.43 10.58 29.32
N ILE P 592 32.13 11.70 29.52
CA ILE P 592 32.73 12.47 28.43
C ILE P 592 33.77 11.66 27.63
N ARG Q 1 16.38 42.20 37.35
CA ARG Q 1 16.23 43.36 36.49
C ARG Q 1 15.36 43.11 35.25
N ARG Q 2 14.04 43.13 35.42
CA ARG Q 2 13.07 42.91 34.33
C ARG Q 2 13.42 43.77 33.09
N ALA Q 3 13.15 43.26 31.89
CA ALA Q 3 13.56 43.94 30.64
C ALA Q 3 12.62 45.07 30.18
N SER Q 4 11.40 45.08 30.73
CA SER Q 4 10.42 46.13 30.44
C SER Q 4 10.61 47.40 31.31
N LEU Q 5 10.98 47.22 32.58
CA LEU Q 5 11.27 48.33 33.48
C LEU Q 5 12.71 48.87 33.37
N HIS Q 6 13.62 48.08 32.82
CA HIS Q 6 15.00 48.51 32.56
C HIS Q 6 15.00 49.54 31.42
N ARG Q 7 14.03 49.39 30.53
CA ARG Q 7 13.84 50.31 29.42
C ARG Q 7 13.23 51.60 29.96
N PHE Q 8 12.33 51.46 30.95
CA PHE Q 8 11.66 52.62 31.53
C PHE Q 8 12.51 53.39 32.53
N LEU Q 9 13.18 52.67 33.43
CA LEU Q 9 13.97 53.32 34.47
C LEU Q 9 15.02 54.25 33.86
N GLU Q 10 15.28 54.06 32.56
CA GLU Q 10 16.21 54.91 31.83
C GLU Q 10 15.52 55.97 30.95
N LYS Q 11 14.35 55.64 30.40
CA LYS Q 11 13.54 56.63 29.68
C LYS Q 11 12.97 57.65 30.68
N ARG Q 12 13.02 57.28 31.95
CA ARG Q 12 12.61 58.13 33.06
C ARG Q 12 13.65 59.22 33.31
N LYS Q 13 14.85 58.79 33.71
CA LYS Q 13 15.97 59.69 33.94
C LYS Q 13 16.44 60.34 32.63
N LYS R 5 55.10 -34.31 28.82
CA LYS R 5 55.00 -35.62 29.48
C LYS R 5 53.75 -35.79 30.35
N ILE R 6 52.91 -36.78 30.05
CA ILE R 6 51.65 -37.03 30.79
C ILE R 6 51.59 -38.41 31.43
N VAL R 7 50.89 -38.50 32.56
CA VAL R 7 50.76 -39.77 33.27
C VAL R 7 49.42 -40.45 33.02
N LEU R 8 49.44 -41.70 32.58
CA LEU R 8 48.23 -42.47 32.37
C LEU R 8 48.17 -43.59 33.42
N LYS R 9 47.14 -43.59 34.26
CA LYS R 9 46.99 -44.62 35.26
C LYS R 9 46.07 -45.77 34.83
N SER R 10 46.68 -46.91 34.52
CA SER R 10 45.97 -48.11 34.08
C SER R 10 44.99 -48.71 35.12
N SER R 11 44.21 -49.69 34.69
CA SER R 11 43.12 -50.26 35.50
C SER R 11 43.59 -51.28 36.52
N ASP R 12 44.78 -51.09 37.04
CA ASP R 12 45.34 -51.97 38.06
C ASP R 12 46.49 -51.26 38.75
N GLY R 13 46.32 -49.94 38.92
CA GLY R 13 47.35 -49.09 39.50
C GLY R 13 48.70 -49.29 38.84
N GLU R 14 48.90 -48.66 37.69
CA GLU R 14 50.14 -48.81 36.94
C GLU R 14 50.41 -47.52 36.20
N SER R 15 51.24 -46.65 36.76
CA SER R 15 51.53 -45.38 36.10
C SER R 15 52.31 -45.57 34.79
N PHE R 16 52.00 -44.76 33.80
CA PHE R 16 52.67 -44.81 32.50
C PHE R 16 53.17 -43.43 32.08
N GLU R 17 54.50 -43.31 32.00
CA GLU R 17 55.14 -42.09 31.54
C GLU R 17 55.05 -42.04 30.02
N VAL R 18 54.29 -41.08 29.48
CA VAL R 18 54.15 -40.99 28.02
C VAL R 18 54.26 -39.54 27.52
N GLU R 19 54.75 -39.38 26.30
CA GLU R 19 55.01 -38.06 25.75
C GLU R 19 53.71 -37.30 25.50
N GLU R 20 53.84 -35.99 25.34
CA GLU R 20 52.71 -35.14 25.02
C GLU R 20 51.90 -35.69 23.83
N ALA R 21 52.47 -35.59 22.62
CA ALA R 21 51.73 -35.86 21.37
C ALA R 21 51.35 -37.32 21.19
N VAL R 22 51.92 -38.18 22.02
CA VAL R 22 51.55 -39.59 21.99
C VAL R 22 50.21 -39.78 22.68
N ALA R 23 50.06 -39.25 23.89
CA ALA R 23 48.81 -39.38 24.65
C ALA R 23 47.65 -38.61 24.00
N LEU R 24 47.99 -37.72 23.07
CA LEU R 24 46.99 -36.91 22.39
C LEU R 24 46.36 -37.59 21.17
N GLU R 25 46.91 -38.72 20.74
CA GLU R 25 46.28 -39.52 19.71
C GLU R 25 44.87 -39.95 20.16
N SER R 26 44.71 -40.12 21.48
CA SER R 26 43.41 -40.39 22.05
C SER R 26 42.62 -39.11 22.33
N GLN R 27 41.57 -38.89 21.54
CA GLN R 27 40.72 -37.73 21.78
C GLN R 27 40.00 -37.82 23.12
N THR R 28 40.01 -38.99 23.74
CA THR R 28 39.44 -39.11 25.09
C THR R 28 40.39 -38.55 26.14
N ILE R 29 41.70 -38.71 25.90
CA ILE R 29 42.72 -38.13 26.79
C ILE R 29 42.98 -36.67 26.46
N ALA R 30 42.70 -36.27 25.21
CA ALA R 30 42.84 -34.88 24.80
C ALA R 30 41.72 -33.98 25.37
N HIS R 31 40.46 -34.41 25.24
CA HIS R 31 39.31 -33.69 25.81
C HIS R 31 39.36 -33.70 27.33
N MET R 32 40.46 -34.23 27.86
CA MET R 32 40.66 -34.36 29.30
C MET R 32 41.88 -33.57 29.76
N VAL R 33 42.36 -32.67 28.91
CA VAL R 33 43.34 -31.69 29.32
C VAL R 33 42.72 -30.29 29.32
N GLU R 34 41.41 -30.25 29.03
CA GLU R 34 40.62 -29.04 29.19
C GLU R 34 40.31 -28.86 30.67
N ASP R 35 39.42 -29.70 31.18
CA ASP R 35 39.14 -29.81 32.60
C ASP R 35 40.29 -30.52 33.31
N ASP R 36 41.48 -30.39 32.74
CA ASP R 36 42.69 -31.10 33.17
C ASP R 36 42.59 -31.88 34.49
N CYS R 37 42.28 -33.17 34.39
CA CYS R 37 42.39 -34.07 35.53
C CYS R 37 43.85 -34.47 35.68
N VAL R 38 44.67 -34.04 34.72
CA VAL R 38 46.09 -34.43 34.66
C VAL R 38 46.83 -34.18 35.97
N ASP R 39 46.22 -33.37 36.85
CA ASP R 39 46.78 -33.08 38.17
C ASP R 39 47.20 -34.36 38.90
N ASN R 40 46.38 -35.40 38.74
CA ASN R 40 46.62 -36.68 39.39
C ASN R 40 46.89 -37.78 38.38
N GLY R 41 47.24 -37.37 37.15
CA GLY R 41 47.36 -38.29 36.03
C GLY R 41 45.98 -38.70 35.52
N VAL R 42 45.86 -38.96 34.22
CA VAL R 42 44.55 -39.31 33.64
C VAL R 42 44.12 -40.70 34.09
N PRO R 43 43.01 -40.77 34.83
CA PRO R 43 42.53 -42.04 35.38
C PRO R 43 41.74 -42.83 34.35
N LEU R 44 42.34 -43.82 33.71
CA LEU R 44 41.55 -44.66 32.83
C LEU R 44 41.56 -46.14 33.24
N PRO R 45 40.61 -46.51 34.13
CA PRO R 45 40.48 -47.83 34.78
C PRO R 45 39.71 -48.88 34.00
N ASN R 46 39.67 -48.76 32.67
CA ASN R 46 38.95 -49.73 31.85
C ASN R 46 39.88 -50.40 30.88
N VAL R 47 41.13 -49.95 30.87
CA VAL R 47 42.16 -50.57 30.06
C VAL R 47 43.11 -51.34 30.92
N THR R 48 43.23 -52.63 30.63
CA THR R 48 44.22 -53.49 31.26
C THR R 48 45.58 -52.85 31.04
N SER R 49 46.52 -53.08 31.97
CA SER R 49 47.85 -52.49 31.85
C SER R 49 48.64 -53.09 30.68
N LYS R 50 48.47 -54.40 30.49
CA LYS R 50 49.03 -55.10 29.35
C LYS R 50 48.58 -54.48 28.03
N ILE R 51 47.28 -54.14 27.97
CA ILE R 51 46.65 -53.59 26.76
C ILE R 51 47.07 -52.16 26.54
N LEU R 52 46.95 -51.34 27.58
CA LEU R 52 47.36 -49.95 27.51
C LEU R 52 48.79 -49.83 26.96
N ALA R 53 49.67 -50.72 27.41
CA ALA R 53 51.02 -50.79 26.90
C ALA R 53 51.01 -50.91 25.38
N LYS R 54 50.27 -51.90 24.90
CA LYS R 54 50.18 -52.12 23.47
C LYS R 54 49.64 -50.89 22.72
N VAL R 55 48.69 -50.19 23.34
CA VAL R 55 48.09 -49.00 22.73
C VAL R 55 49.12 -47.89 22.57
N ILE R 56 49.89 -47.66 23.64
CA ILE R 56 50.93 -46.64 23.63
C ILE R 56 52.00 -46.98 22.59
N GLU R 57 52.38 -48.26 22.50
CA GLU R 57 53.33 -48.69 21.48
C GLU R 57 52.88 -48.28 20.06
N TYR R 58 51.60 -48.49 19.77
CA TYR R 58 51.01 -48.15 18.47
C TYR R 58 51.07 -46.65 18.23
N CYS R 59 50.66 -45.87 19.24
CA CYS R 59 50.63 -44.42 19.14
C CYS R 59 52.05 -43.86 19.01
N LYS R 60 52.97 -44.38 19.82
CA LYS R 60 54.37 -44.00 19.72
C LYS R 60 54.82 -44.03 18.26
N ARG R 61 54.62 -45.17 17.60
CA ARG R 61 55.12 -45.38 16.23
C ARG R 61 54.45 -44.49 15.17
N HIS R 62 53.15 -44.27 15.31
CA HIS R 62 52.42 -43.51 14.29
C HIS R 62 52.76 -42.03 14.35
N VAL R 63 53.00 -41.51 15.56
CA VAL R 63 53.41 -40.13 15.76
C VAL R 63 54.76 -39.86 15.08
N GLU R 64 55.59 -40.91 15.01
CA GLU R 64 56.85 -40.84 14.27
C GLU R 64 56.65 -40.97 12.76
N ALA R 65 55.52 -40.44 12.28
CA ALA R 65 55.33 -40.12 10.87
C ALA R 65 55.60 -38.62 10.71
N ALA R 66 56.33 -38.06 11.67
CA ALA R 66 56.90 -36.71 11.58
C ALA R 66 57.98 -36.73 10.49
N ALA R 67 59.05 -37.48 10.73
CA ALA R 67 59.89 -37.90 9.62
C ALA R 67 58.90 -38.69 8.77
N SER R 68 58.55 -38.16 7.60
CA SER R 68 57.41 -38.69 6.83
C SER R 68 57.71 -39.99 6.04
N ASP R 80 55.43 -44.07 4.54
CA ASP R 80 54.14 -44.76 4.54
C ASP R 80 54.30 -46.25 4.29
N ASP R 81 55.24 -46.58 3.41
CA ASP R 81 55.41 -47.96 3.00
C ASP R 81 55.74 -48.90 4.18
N ASP R 82 56.61 -48.43 5.07
CA ASP R 82 57.08 -49.22 6.19
C ASP R 82 56.04 -49.31 7.32
N LEU R 83 55.01 -48.48 7.24
CA LEU R 83 53.96 -48.47 8.25
C LEU R 83 53.00 -49.63 8.10
N LYS R 84 52.49 -49.87 6.88
CA LYS R 84 51.63 -51.02 6.64
C LYS R 84 52.36 -52.32 7.00
N ALA R 85 53.69 -52.24 7.04
CA ALA R 85 54.53 -53.37 7.48
C ALA R 85 54.47 -53.56 9.02
N TRP R 86 54.83 -52.51 9.76
CA TRP R 86 54.77 -52.54 11.22
C TRP R 86 53.36 -52.82 11.68
N ASP R 87 52.39 -52.16 11.03
CA ASP R 87 50.98 -52.38 11.32
C ASP R 87 50.59 -53.86 11.19
N ALA R 88 50.84 -54.43 10.01
CA ALA R 88 50.56 -55.86 9.80
C ALA R 88 51.24 -56.76 10.84
N ASP R 89 52.47 -56.40 11.21
CA ASP R 89 53.21 -57.19 12.19
C ASP R 89 52.67 -56.97 13.61
N PHE R 90 52.11 -55.80 13.85
CA PHE R 90 51.57 -55.45 15.15
C PHE R 90 50.30 -56.27 15.44
N MET R 91 49.61 -56.62 14.35
CA MET R 91 48.33 -57.35 14.40
C MET R 91 48.49 -58.88 14.45
N LYS R 92 49.72 -59.37 14.35
CA LYS R 92 49.98 -60.79 14.59
C LYS R 92 49.80 -61.11 16.07
N ILE R 93 48.59 -60.91 16.58
CA ILE R 93 48.26 -61.21 17.97
C ILE R 93 47.10 -62.19 17.97
N ASP R 94 46.67 -62.59 19.17
CA ASP R 94 45.55 -63.51 19.30
C ASP R 94 44.19 -62.79 19.35
N GLN R 95 43.13 -63.53 19.08
CA GLN R 95 41.79 -62.95 19.07
C GLN R 95 41.46 -62.17 20.31
N ALA R 96 41.45 -62.84 21.46
CA ALA R 96 41.12 -62.17 22.70
C ALA R 96 41.86 -60.82 22.87
N THR R 97 43.04 -60.70 22.25
CA THR R 97 43.84 -59.50 22.43
C THR R 97 43.49 -58.45 21.37
N LEU R 98 43.23 -58.93 20.17
CA LEU R 98 42.68 -58.08 19.13
C LEU R 98 41.41 -57.40 19.61
N PHE R 99 40.47 -58.19 20.16
CA PHE R 99 39.21 -57.63 20.63
C PHE R 99 39.39 -56.61 21.75
N GLU R 100 40.32 -56.89 22.66
CA GLU R 100 40.56 -55.97 23.75
C GLU R 100 41.13 -54.66 23.21
N LEU R 101 41.79 -54.72 22.06
CA LEU R 101 42.41 -53.53 21.47
C LEU R 101 41.31 -52.66 20.91
N ILE R 102 40.37 -53.30 20.22
CA ILE R 102 39.24 -52.58 19.67
C ILE R 102 38.47 -51.86 20.80
N LEU R 103 38.04 -52.62 21.80
CA LEU R 103 37.37 -52.03 22.95
C LEU R 103 38.19 -50.87 23.48
N ALA R 104 39.53 -50.98 23.40
CA ALA R 104 40.41 -49.96 23.97
C ALA R 104 40.48 -48.72 23.10
N ALA R 105 40.56 -48.93 21.78
CA ALA R 105 40.60 -47.83 20.83
C ALA R 105 39.30 -47.03 20.89
N ASN R 106 38.20 -47.73 21.13
CA ASN R 106 36.89 -47.08 21.30
C ASN R 106 36.74 -46.33 22.66
N TYR R 107 37.34 -46.89 23.71
CA TYR R 107 37.35 -46.29 25.05
C TYR R 107 38.14 -44.99 25.09
N LEU R 108 39.38 -45.03 24.59
CA LEU R 108 40.11 -43.81 24.28
C LEU R 108 39.42 -43.28 23.04
N ASN R 109 40.12 -42.68 22.10
CA ASN R 109 39.41 -42.35 20.87
C ASN R 109 40.36 -42.27 19.70
N ILE R 110 40.96 -43.40 19.42
CA ILE R 110 42.01 -43.47 18.44
C ILE R 110 41.43 -44.02 17.15
N LYS R 111 41.04 -43.11 16.27
CA LYS R 111 40.43 -43.51 14.99
C LYS R 111 41.38 -44.36 14.15
N ASN R 112 42.68 -44.04 14.17
CA ASN R 112 43.65 -44.86 13.42
C ASN R 112 43.63 -46.32 13.90
N LEU R 113 43.64 -46.48 15.24
CA LEU R 113 43.82 -47.80 15.84
C LEU R 113 42.59 -48.60 15.50
N LEU R 114 41.91 -48.06 14.53
CA LEU R 114 40.58 -48.53 14.34
C LEU R 114 40.34 -48.89 12.89
N ASP R 115 40.70 -47.99 11.99
CA ASP R 115 40.56 -48.29 10.59
C ASP R 115 41.50 -49.45 10.23
N LEU R 116 42.44 -49.78 11.12
CA LEU R 116 43.38 -50.87 10.83
C LEU R 116 43.04 -52.18 11.52
N THR R 117 42.64 -52.09 12.78
CA THR R 117 42.22 -53.28 13.50
C THR R 117 40.88 -53.82 12.99
N CYS R 118 39.88 -52.95 12.94
CA CYS R 118 38.59 -53.33 12.39
C CYS R 118 38.72 -53.92 10.97
N GLN R 119 39.53 -53.28 10.11
CA GLN R 119 39.71 -53.78 8.75
C GLN R 119 40.34 -55.17 8.79
N THR R 120 41.18 -55.38 9.81
CA THR R 120 41.89 -56.66 9.95
C THR R 120 40.92 -57.77 10.31
N VAL R 121 39.97 -57.45 11.20
CA VAL R 121 38.91 -58.40 11.54
C VAL R 121 37.94 -58.63 10.36
N ALA R 122 37.63 -57.55 9.66
CA ALA R 122 36.76 -57.65 8.51
C ALA R 122 37.41 -58.51 7.42
N ASP R 123 38.75 -58.42 7.29
CA ASP R 123 39.49 -59.21 6.30
C ASP R 123 39.41 -60.71 6.57
N MET R 124 39.09 -61.06 7.82
CA MET R 124 38.92 -62.44 8.22
C MET R 124 37.56 -62.99 7.78
N ILE R 125 36.56 -62.12 7.76
CA ILE R 125 35.22 -62.46 7.31
C ILE R 125 35.18 -62.57 5.78
N LYS R 126 35.79 -61.59 5.12
CA LYS R 126 35.67 -61.42 3.66
C LYS R 126 35.97 -62.72 2.89
N GLY R 127 34.98 -63.17 2.12
CA GLY R 127 35.16 -64.36 1.31
C GLY R 127 34.66 -65.62 1.97
N LYS R 128 34.59 -65.64 3.30
CA LYS R 128 34.18 -66.87 3.97
C LYS R 128 32.68 -67.07 3.87
N THR R 129 32.25 -68.32 3.98
CA THR R 129 30.83 -68.63 4.03
C THR R 129 30.38 -68.46 5.47
N PRO R 130 29.06 -68.50 5.71
CA PRO R 130 28.52 -68.42 7.08
C PRO R 130 29.03 -69.52 8.02
N GLU R 131 29.27 -70.72 7.50
CA GLU R 131 29.81 -71.77 8.34
C GLU R 131 31.27 -71.48 8.69
N GLU R 132 32.09 -71.30 7.67
CA GLU R 132 33.50 -70.89 7.83
C GLU R 132 33.69 -69.69 8.79
N ILE R 133 32.76 -68.73 8.75
CA ILE R 133 32.79 -67.58 9.66
C ILE R 133 32.65 -68.00 11.14
N ARG R 134 31.59 -68.72 11.49
CA ARG R 134 31.43 -69.07 12.89
C ARG R 134 32.38 -70.16 13.32
N THR R 135 32.92 -70.90 12.35
CA THR R 135 34.02 -71.82 12.61
C THR R 135 35.18 -70.98 13.12
N THR R 136 35.68 -70.06 12.30
CA THR R 136 36.90 -69.36 12.64
C THR R 136 36.71 -68.20 13.64
N PHE R 137 35.70 -68.31 14.51
CA PHE R 137 35.38 -67.31 15.55
C PHE R 137 34.63 -68.01 16.66
N ASN R 138 34.37 -69.29 16.43
CA ASN R 138 33.67 -70.13 17.38
C ASN R 138 32.34 -69.52 17.83
N ILE R 139 31.40 -69.45 16.89
CA ILE R 139 30.07 -68.89 17.16
C ILE R 139 28.98 -69.91 16.90
N LYS R 140 28.10 -70.11 17.87
CA LYS R 140 27.02 -71.09 17.72
C LYS R 140 25.84 -70.54 16.89
N ASN R 141 25.61 -71.15 15.73
CA ASN R 141 24.43 -70.86 14.91
C ASN R 141 23.10 -71.08 15.65
N ASP R 142 22.56 -70.01 16.23
CA ASP R 142 21.30 -70.05 16.99
C ASP R 142 19.99 -69.70 16.22
N PHE R 143 20.00 -69.81 14.90
CA PHE R 143 18.82 -69.56 14.10
C PHE R 143 17.89 -70.77 14.20
N THR R 144 16.59 -70.54 14.41
CA THR R 144 15.66 -71.64 14.04
C THR R 144 15.75 -71.87 12.51
N PRO R 145 15.39 -73.10 12.06
CA PRO R 145 15.59 -73.36 10.62
C PRO R 145 14.70 -72.48 9.71
N GLU R 146 13.53 -72.06 10.21
CA GLU R 146 12.65 -71.12 9.48
C GLU R 146 13.33 -69.77 9.30
N GLU R 147 13.85 -69.23 10.39
CA GLU R 147 14.58 -67.99 10.32
C GLU R 147 15.72 -68.07 9.29
N GLU R 148 16.54 -69.11 9.41
CA GLU R 148 17.70 -69.23 8.53
C GLU R 148 17.15 -69.20 7.10
N GLU R 149 16.01 -69.87 6.92
CA GLU R 149 15.47 -70.04 5.58
C GLU R 149 14.99 -68.71 5.01
N GLU R 150 14.24 -67.99 5.83
CA GLU R 150 13.74 -66.67 5.42
C GLU R 150 14.90 -65.76 5.06
N VAL R 151 15.87 -65.68 5.95
CA VAL R 151 17.03 -64.82 5.65
C VAL R 151 17.71 -65.23 4.36
N ARG R 152 17.82 -66.54 4.15
CA ARG R 152 18.52 -67.05 2.98
C ARG R 152 17.72 -66.66 1.72
N ARG R 153 16.40 -66.82 1.82
CA ARG R 153 15.54 -66.46 0.69
C ARG R 153 15.63 -64.96 0.38
N GLU R 154 15.50 -64.14 1.42
CA GLU R 154 15.57 -62.73 1.24
C GLU R 154 16.86 -62.42 0.55
N ASN R 155 17.96 -63.02 1.01
CA ASN R 155 19.27 -62.69 0.48
C ASN R 155 19.48 -63.05 -0.99
N GLN R 156 18.79 -64.11 -1.42
CA GLN R 156 19.08 -64.67 -2.75
C GLN R 156 18.03 -64.46 -3.82
N TRP R 157 16.80 -64.29 -3.38
CA TRP R 157 15.69 -63.95 -4.26
C TRP R 157 15.35 -62.44 -4.37
N ALA R 158 15.57 -61.70 -3.29
CA ALA R 158 15.05 -60.33 -3.16
C ALA R 158 16.06 -59.18 -3.12
N PHE R 159 16.90 -59.20 -2.08
CA PHE R 159 17.77 -58.08 -1.71
C PHE R 159 19.28 -58.22 -1.96
N GLU R 160 19.79 -57.40 -2.86
CA GLU R 160 21.24 -57.23 -3.06
C GLU R 160 21.81 -57.97 -4.27
N SER S 12 36.87 -57.10 33.33
CA SER S 12 37.68 -57.52 32.18
C SER S 12 37.81 -59.05 32.05
N CYS S 13 37.15 -59.60 31.04
CA CYS S 13 37.23 -61.02 30.71
C CYS S 13 37.74 -61.14 29.27
N VAL S 14 38.02 -62.36 28.82
CA VAL S 14 38.50 -62.55 27.44
C VAL S 14 37.56 -61.81 26.49
N ALA S 15 38.09 -60.87 25.70
CA ALA S 15 37.25 -60.15 24.74
C ALA S 15 36.85 -61.08 23.59
N THR S 16 35.55 -61.17 23.29
CA THR S 16 35.03 -61.99 22.18
C THR S 16 34.83 -61.17 20.92
N VAL S 17 34.49 -61.84 19.80
CA VAL S 17 34.18 -61.11 18.58
C VAL S 17 32.95 -60.29 18.82
N ASP S 18 32.11 -60.83 19.70
CA ASP S 18 30.88 -60.16 20.05
C ASP S 18 31.05 -58.77 20.64
N ASP S 19 32.19 -58.50 21.26
CA ASP S 19 32.42 -57.20 21.90
C ASP S 19 32.87 -56.19 20.89
N VAL S 20 32.85 -56.57 19.63
CA VAL S 20 33.53 -55.77 18.67
C VAL S 20 32.83 -55.76 17.28
N ILE S 21 31.79 -56.60 17.15
CA ILE S 21 31.21 -56.86 15.82
C ILE S 21 30.35 -55.69 15.30
N GLU S 22 29.64 -55.04 16.21
CA GLU S 22 28.95 -53.81 15.83
C GLU S 22 29.87 -52.84 15.08
N GLN S 23 31.12 -52.74 15.54
CA GLN S 23 32.06 -51.81 14.97
C GLN S 23 32.62 -52.30 13.65
N VAL S 24 32.95 -53.59 13.60
CA VAL S 24 33.64 -54.16 12.47
C VAL S 24 32.72 -54.25 11.26
N MET S 25 31.45 -54.55 11.54
CA MET S 25 30.47 -54.81 10.49
C MET S 25 30.46 -53.68 9.47
N THR S 26 30.59 -52.46 9.97
CA THR S 26 30.58 -51.30 9.10
C THR S 26 31.86 -51.13 8.23
N TYR S 27 32.77 -52.10 8.29
CA TYR S 27 33.94 -52.13 7.37
C TYR S 27 33.84 -53.23 6.32
N ILE S 28 32.78 -54.02 6.45
CA ILE S 28 32.44 -54.99 5.43
C ILE S 28 31.53 -54.29 4.40
N THR S 29 32.05 -54.15 3.19
CA THR S 29 31.37 -53.32 2.23
C THR S 29 30.70 -54.18 1.14
N ASP S 30 31.36 -55.29 0.80
CA ASP S 30 30.90 -56.17 -0.27
C ASP S 30 29.50 -56.79 0.02
N PRO S 31 28.54 -56.53 -0.88
CA PRO S 31 27.19 -57.06 -0.66
C PRO S 31 27.19 -58.56 -0.41
N LYS S 32 28.19 -59.29 -0.92
CA LYS S 32 28.17 -60.75 -0.84
C LYS S 32 28.70 -61.19 0.51
N ASP S 33 29.49 -60.32 1.11
CA ASP S 33 30.05 -60.61 2.44
C ASP S 33 29.08 -60.21 3.55
N ARG S 34 28.30 -59.15 3.30
CA ARG S 34 27.20 -58.80 4.18
C ARG S 34 26.22 -59.97 4.18
N ASP S 35 25.96 -60.48 2.98
CA ASP S 35 25.04 -61.60 2.79
C ASP S 35 25.45 -62.71 3.75
N SER S 36 26.72 -63.12 3.71
CA SER S 36 27.18 -64.22 4.58
C SER S 36 27.06 -63.79 6.04
N ALA S 37 27.61 -62.62 6.36
CA ALA S 37 27.66 -62.16 7.74
C ALA S 37 26.28 -62.20 8.37
N SER S 38 25.26 -61.86 7.59
CA SER S 38 23.90 -61.74 8.12
C SER S 38 23.37 -63.10 8.51
N LEU S 39 24.09 -64.14 8.08
CA LEU S 39 23.66 -65.51 8.30
C LEU S 39 24.43 -66.27 9.41
N VAL S 40 25.43 -65.63 10.02
CA VAL S 40 26.22 -66.34 11.03
C VAL S 40 25.49 -66.60 12.36
N CYS S 41 24.54 -65.76 12.71
CA CYS S 41 23.75 -65.96 13.93
C CYS S 41 22.84 -64.77 14.18
N ARG S 42 21.88 -64.93 15.09
CA ARG S 42 20.85 -63.88 15.28
C ARG S 42 21.37 -62.48 15.50
N ARG S 43 22.49 -62.36 16.20
CA ARG S 43 23.03 -61.06 16.51
C ARG S 43 23.61 -60.39 15.28
N TRP S 44 24.37 -61.14 14.50
CA TRP S 44 25.04 -60.58 13.33
C TRP S 44 23.96 -60.17 12.32
N PHE S 45 22.93 -61.00 12.25
CA PHE S 45 21.77 -60.68 11.44
C PHE S 45 21.22 -59.31 11.80
N LYS S 46 21.00 -59.08 13.10
CA LYS S 46 20.49 -57.78 13.57
C LYS S 46 21.42 -56.59 13.31
N ILE S 47 22.71 -56.76 13.49
CA ILE S 47 23.64 -55.66 13.26
C ILE S 47 23.71 -55.33 11.77
N ASP S 48 23.65 -56.36 10.93
CA ASP S 48 23.72 -56.15 9.49
C ASP S 48 22.45 -55.38 9.12
N SER S 49 21.33 -55.88 9.66
CA SER S 49 20.02 -55.28 9.44
C SER S 49 20.01 -53.79 9.76
N GLU S 50 20.63 -53.40 10.85
CA GLU S 50 20.60 -52.00 11.23
C GLU S 50 21.69 -51.18 10.63
N THR S 51 22.58 -51.76 9.84
CA THR S 51 23.72 -50.98 9.38
C THR S 51 23.85 -50.97 7.88
N ARG S 52 23.09 -51.86 7.24
CA ARG S 52 23.15 -51.96 5.77
C ARG S 52 22.85 -50.60 5.19
N GLU S 53 23.71 -50.12 4.32
CA GLU S 53 23.48 -48.79 3.75
C GLU S 53 22.81 -48.81 2.36
N HIS S 54 23.26 -49.72 1.49
CA HIS S 54 22.67 -49.88 0.17
C HIS S 54 22.03 -51.26 -0.12
N VAL S 55 20.89 -51.26 -0.80
CA VAL S 55 20.22 -52.47 -1.24
C VAL S 55 19.75 -52.30 -2.68
N THR S 56 19.97 -53.31 -3.52
CA THR S 56 19.44 -53.27 -4.87
C THR S 56 18.39 -54.37 -4.98
N MET S 57 17.26 -54.10 -5.63
CA MET S 57 16.31 -55.20 -5.93
C MET S 57 16.22 -55.38 -7.44
N ALA S 58 16.64 -56.54 -7.93
CA ALA S 58 16.69 -56.71 -9.37
C ALA S 58 15.28 -56.86 -9.94
N LEU S 59 14.31 -57.10 -9.07
CA LEU S 59 12.94 -57.18 -9.57
C LEU S 59 12.01 -56.79 -8.42
N CYS S 60 11.35 -55.66 -8.60
CA CYS S 60 10.58 -55.08 -7.53
C CYS S 60 9.54 -56.05 -6.99
N TYR S 61 9.09 -57.01 -7.81
CA TYR S 61 7.94 -57.85 -7.43
C TYR S 61 8.31 -59.07 -6.62
N THR S 62 9.57 -59.05 -6.20
CA THR S 62 10.27 -60.15 -5.56
C THR S 62 10.03 -60.15 -4.05
N ALA S 63 9.78 -58.97 -3.49
CA ALA S 63 9.32 -58.83 -2.09
C ALA S 63 8.43 -57.58 -1.91
N THR S 64 7.57 -57.57 -0.88
CA THR S 64 6.81 -56.35 -0.55
C THR S 64 7.68 -55.27 0.09
N PRO S 65 7.25 -54.02 -0.04
CA PRO S 65 8.06 -52.94 0.54
C PRO S 65 8.10 -53.07 2.06
N ASP S 66 7.01 -53.58 2.62
CA ASP S 66 7.02 -53.87 4.04
C ASP S 66 8.21 -54.73 4.45
N ARG S 67 8.47 -55.78 3.69
CA ARG S 67 9.57 -56.66 4.00
C ARG S 67 10.92 -55.94 3.92
N LEU S 68 11.08 -55.10 2.91
CA LEU S 68 12.33 -54.39 2.70
C LEU S 68 12.67 -53.53 3.88
N SER S 69 11.70 -52.76 4.33
CA SER S 69 11.95 -51.79 5.40
C SER S 69 11.93 -52.44 6.78
N ARG S 70 11.50 -53.69 6.88
CA ARG S 70 11.57 -54.40 8.17
C ARG S 70 12.96 -54.98 8.33
N ARG S 71 13.50 -55.51 7.24
CA ARG S 71 14.86 -56.03 7.19
C ARG S 71 15.93 -54.94 7.25
N PHE S 72 15.73 -53.85 6.52
CA PHE S 72 16.77 -52.81 6.46
C PHE S 72 16.24 -51.41 6.76
N PRO S 73 15.80 -51.14 8.00
CA PRO S 73 15.17 -49.87 8.35
C PRO S 73 16.07 -48.64 8.11
N ASN S 74 17.38 -48.77 8.06
CA ASN S 74 18.20 -47.57 7.89
C ASN S 74 18.88 -47.39 6.57
N LEU S 75 18.29 -47.92 5.51
CA LEU S 75 18.87 -47.77 4.18
C LEU S 75 19.21 -46.32 3.93
N ARG S 76 20.31 -46.06 3.25
CA ARG S 76 20.60 -44.71 2.83
C ARG S 76 20.37 -44.64 1.34
N SER S 77 20.42 -45.78 0.68
CA SER S 77 20.44 -45.83 -0.78
C SER S 77 19.66 -47.04 -1.30
N LEU S 78 18.73 -46.81 -2.22
CA LEU S 78 17.90 -47.90 -2.75
C LEU S 78 17.93 -47.95 -4.28
N LYS S 79 17.86 -49.15 -4.84
CA LYS S 79 17.77 -49.23 -6.30
C LYS S 79 16.82 -50.34 -6.65
N LEU S 80 15.72 -49.99 -7.33
CA LEU S 80 14.71 -50.97 -7.78
C LEU S 80 14.65 -51.08 -9.30
N LYS S 81 14.57 -52.30 -9.80
CA LYS S 81 14.32 -52.47 -11.23
C LYS S 81 12.92 -53.04 -11.38
N GLY S 82 12.27 -52.73 -12.49
CA GLY S 82 10.93 -53.24 -12.69
C GLY S 82 10.85 -54.12 -13.91
N LYS S 83 10.55 -53.50 -15.05
CA LYS S 83 10.24 -54.25 -16.25
C LYS S 83 11.45 -55.05 -16.63
N PRO S 84 11.22 -56.23 -17.19
CA PRO S 84 12.25 -57.11 -17.72
C PRO S 84 13.10 -56.37 -18.75
N ARG S 85 14.34 -56.80 -18.90
CA ARG S 85 15.25 -56.14 -19.82
C ARG S 85 14.65 -56.04 -21.22
N ALA S 86 13.77 -56.98 -21.54
CA ALA S 86 13.22 -57.07 -22.89
C ALA S 86 12.48 -55.79 -23.28
N ALA S 87 12.08 -55.04 -22.25
CA ALA S 87 11.29 -53.83 -22.45
C ALA S 87 12.08 -52.77 -23.18
N MET S 88 13.41 -52.84 -23.10
CA MET S 88 14.27 -51.85 -23.75
C MET S 88 14.27 -52.08 -25.26
N PHE S 89 13.57 -53.13 -25.68
CA PHE S 89 13.52 -53.52 -27.08
C PHE S 89 12.09 -53.64 -27.57
N ASN S 90 11.22 -52.81 -27.01
CA ASN S 90 9.79 -52.82 -27.32
C ASN S 90 9.13 -54.17 -27.41
N LEU S 91 9.51 -55.06 -26.50
CA LEU S 91 8.90 -56.37 -26.44
C LEU S 91 7.88 -56.53 -25.29
N ILE S 92 7.93 -55.62 -24.33
CA ILE S 92 7.09 -55.70 -23.17
C ILE S 92 6.00 -54.62 -23.27
N PRO S 93 4.74 -54.97 -22.93
CA PRO S 93 3.62 -54.02 -22.94
C PRO S 93 3.90 -52.85 -22.00
N GLU S 94 3.45 -51.66 -22.39
CA GLU S 94 3.76 -50.47 -21.63
C GLU S 94 3.21 -50.55 -20.20
N ASN S 95 2.01 -51.11 -20.09
CA ASN S 95 1.32 -51.22 -18.82
C ASN S 95 1.71 -52.46 -17.96
N TRP S 96 2.80 -53.12 -18.33
CA TRP S 96 3.11 -54.43 -17.74
C TRP S 96 3.22 -54.44 -16.22
N GLY S 97 3.79 -53.38 -15.67
CA GLY S 97 4.00 -53.26 -14.23
C GLY S 97 5.27 -52.47 -13.94
N GLY S 98 5.73 -52.56 -12.69
CA GLY S 98 6.89 -51.78 -12.30
C GLY S 98 6.51 -50.44 -11.67
N TYR S 99 5.30 -50.43 -11.08
CA TYR S 99 4.76 -49.23 -10.44
C TYR S 99 5.59 -48.94 -9.16
N VAL S 100 6.17 -47.74 -9.15
CA VAL S 100 7.06 -47.34 -8.10
C VAL S 100 6.26 -46.92 -6.85
N THR S 101 4.93 -46.80 -6.96
CA THR S 101 4.20 -46.04 -5.95
C THR S 101 4.15 -46.65 -4.53
N PRO S 102 3.95 -47.97 -4.38
CA PRO S 102 4.00 -48.58 -3.02
C PRO S 102 5.37 -48.41 -2.37
N TRP S 103 6.40 -48.40 -3.21
CA TRP S 103 7.73 -48.14 -2.71
C TRP S 103 7.87 -46.72 -2.20
N VAL S 104 7.34 -45.73 -2.92
CA VAL S 104 7.54 -44.40 -2.36
C VAL S 104 6.66 -44.22 -1.15
N THR S 105 5.50 -44.89 -1.07
CA THR S 105 4.80 -44.71 0.17
C THR S 105 5.57 -45.38 1.30
N GLU S 106 6.20 -46.52 1.03
CA GLU S 106 7.03 -47.14 2.08
C GLU S 106 8.21 -46.26 2.48
N ILE S 107 8.85 -45.62 1.51
CA ILE S 107 9.93 -44.73 1.85
C ILE S 107 9.46 -43.60 2.77
N SER S 108 8.31 -42.97 2.44
CA SER S 108 7.73 -41.90 3.29
C SER S 108 7.66 -42.31 4.74
N ASN S 109 7.06 -43.45 5.01
CA ASN S 109 6.83 -43.88 6.36
C ASN S 109 7.97 -44.55 7.12
N ASN S 110 8.83 -45.32 6.44
CA ASN S 110 9.68 -46.26 7.16
C ASN S 110 11.14 -46.27 6.75
N LEU S 111 11.50 -45.63 5.64
CA LEU S 111 12.91 -45.57 5.28
C LEU S 111 13.38 -44.15 5.50
N ARG S 112 13.25 -43.71 6.74
CA ARG S 112 13.51 -42.33 7.14
C ARG S 112 14.92 -41.84 6.93
N GLN S 113 15.78 -42.70 6.43
CA GLN S 113 17.18 -42.35 6.32
C GLN S 113 17.61 -42.20 4.87
N LEU S 114 16.69 -42.51 3.96
CA LEU S 114 17.02 -42.65 2.56
C LEU S 114 17.54 -41.34 1.97
N LYS S 115 18.68 -41.36 1.30
CA LYS S 115 19.19 -40.15 0.74
C LYS S 115 19.38 -40.29 -0.78
N SER S 116 19.20 -41.52 -1.27
CA SER S 116 19.39 -41.79 -2.72
C SER S 116 18.44 -42.84 -3.27
N VAL S 117 17.79 -42.53 -4.38
CA VAL S 117 16.85 -43.46 -5.01
C VAL S 117 17.12 -43.63 -6.49
N HIS S 118 17.20 -44.89 -6.94
CA HIS S 118 17.42 -45.19 -8.36
C HIS S 118 16.32 -46.15 -8.79
N PHE S 119 15.46 -45.68 -9.68
CA PHE S 119 14.39 -46.50 -10.19
C PHE S 119 14.81 -46.82 -11.63
N ARG S 120 14.79 -48.10 -11.98
CA ARG S 120 15.21 -48.50 -13.31
C ARG S 120 14.12 -49.30 -14.04
N ARG S 121 13.70 -48.77 -15.18
CA ARG S 121 12.62 -49.38 -15.94
C ARG S 121 11.38 -49.51 -15.10
N MET S 122 10.91 -48.39 -14.54
CA MET S 122 9.69 -48.44 -13.72
C MET S 122 8.71 -47.37 -14.15
N ILE S 123 7.47 -47.49 -13.63
CA ILE S 123 6.43 -46.52 -13.90
C ILE S 123 6.46 -45.59 -12.72
N VAL S 124 6.78 -44.33 -12.97
CA VAL S 124 6.77 -43.31 -11.93
C VAL S 124 5.80 -42.20 -12.32
N SER S 125 4.79 -41.95 -11.47
CA SER S 125 3.83 -40.85 -11.73
C SER S 125 4.20 -39.51 -11.08
N ASP S 126 3.54 -38.42 -11.45
CA ASP S 126 3.77 -37.16 -10.76
C ASP S 126 3.38 -37.26 -9.30
N LEU S 127 2.34 -38.02 -9.00
CA LEU S 127 1.90 -38.14 -7.64
C LEU S 127 3.02 -38.79 -6.89
N ASP S 128 3.59 -39.82 -7.46
CA ASP S 128 4.55 -40.51 -6.62
C ASP S 128 5.86 -39.72 -6.52
N LEU S 129 6.19 -38.91 -7.51
CA LEU S 129 7.32 -38.05 -7.17
C LEU S 129 7.05 -36.82 -6.31
N ASP S 130 5.86 -36.23 -6.39
CA ASP S 130 5.49 -35.23 -5.39
C ASP S 130 5.60 -35.80 -3.97
N ARG S 131 5.14 -37.03 -3.75
CA ARG S 131 5.23 -37.63 -2.41
C ARG S 131 6.67 -37.86 -1.96
N LEU S 132 7.55 -38.27 -2.89
CA LEU S 132 8.95 -38.54 -2.59
C LEU S 132 9.61 -37.25 -2.23
N ALA S 133 9.37 -36.23 -3.04
CA ALA S 133 9.96 -34.92 -2.81
C ALA S 133 9.61 -34.40 -1.40
N LYS S 134 8.33 -34.43 -1.05
CA LYS S 134 7.92 -33.84 0.20
C LYS S 134 8.38 -34.69 1.37
N ALA S 135 8.55 -35.99 1.13
CA ALA S 135 8.83 -36.90 2.25
C ALA S 135 10.30 -36.87 2.62
N ARG S 136 11.11 -36.47 1.65
CA ARG S 136 12.53 -36.71 1.74
C ARG S 136 13.18 -35.35 1.66
N ALA S 137 12.51 -34.44 0.99
CA ALA S 137 12.99 -33.05 0.89
C ALA S 137 14.51 -32.86 0.84
N ASP S 138 15.04 -32.02 1.70
CA ASP S 138 16.47 -31.69 1.64
C ASP S 138 17.41 -32.91 1.74
N ASP S 139 16.89 -34.04 2.19
CA ASP S 139 17.72 -35.22 2.39
C ASP S 139 17.98 -35.99 1.09
N LEU S 140 17.15 -35.80 0.08
CA LEU S 140 17.38 -36.48 -1.21
C LEU S 140 18.59 -35.92 -1.92
N GLU S 141 19.71 -36.63 -1.83
CA GLU S 141 20.93 -36.15 -2.44
C GLU S 141 20.94 -36.58 -3.89
N THR S 142 20.31 -37.73 -4.17
CA THR S 142 20.35 -38.24 -5.55
C THR S 142 19.11 -39.00 -5.99
N LEU S 143 18.61 -38.64 -7.18
CA LEU S 143 17.41 -39.27 -7.75
C LEU S 143 17.77 -39.72 -9.13
N LYS S 144 17.52 -41.01 -9.42
CA LYS S 144 17.73 -41.50 -10.78
C LYS S 144 16.47 -42.11 -11.37
N LEU S 145 15.84 -41.40 -12.32
CA LEU S 145 14.74 -41.97 -13.11
C LEU S 145 15.37 -42.52 -14.43
N ASP S 146 15.71 -43.80 -14.34
CA ASP S 146 16.49 -44.46 -15.34
C ASP S 146 15.58 -45.33 -16.27
N LYS S 147 15.36 -44.87 -17.49
CA LYS S 147 14.44 -45.59 -18.40
C LYS S 147 13.09 -45.80 -17.77
N CYS S 148 12.60 -44.79 -17.07
CA CYS S 148 11.26 -44.86 -16.50
C CYS S 148 10.24 -44.20 -17.44
N SER S 149 8.96 -44.36 -17.13
CA SER S 149 7.90 -43.60 -17.80
C SER S 149 6.77 -43.21 -16.83
N GLY S 150 5.88 -42.33 -17.28
CA GLY S 150 4.64 -42.13 -16.55
C GLY S 150 4.50 -40.84 -15.77
N PHE S 151 5.52 -39.99 -15.85
CA PHE S 151 5.50 -38.70 -15.16
C PHE S 151 5.56 -37.53 -16.14
N THR S 152 5.70 -36.31 -15.61
CA THR S 152 5.71 -35.10 -16.43
C THR S 152 6.62 -34.12 -15.75
N THR S 153 6.79 -32.97 -16.41
CA THR S 153 7.58 -31.90 -15.85
C THR S 153 7.05 -31.39 -14.47
N ASP S 154 5.77 -31.62 -14.16
CA ASP S 154 5.25 -31.24 -12.86
C ASP S 154 5.94 -32.01 -11.77
N GLY S 155 6.25 -33.26 -12.09
CA GLY S 155 6.93 -34.09 -11.09
C GLY S 155 8.37 -33.61 -10.93
N LEU S 156 9.05 -33.32 -12.04
CA LEU S 156 10.40 -32.82 -11.92
C LEU S 156 10.42 -31.54 -11.08
N LEU S 157 9.49 -30.64 -11.35
CA LEU S 157 9.44 -29.36 -10.66
C LEU S 157 9.25 -29.62 -9.19
N SER S 158 8.41 -30.60 -8.89
CA SER S 158 8.16 -30.86 -7.50
C SER S 158 9.43 -31.31 -6.77
N ILE S 159 10.25 -32.16 -7.38
CA ILE S 159 11.41 -32.61 -6.61
C ILE S 159 12.49 -31.53 -6.60
N VAL S 160 12.68 -30.77 -7.67
CA VAL S 160 13.70 -29.72 -7.61
C VAL S 160 13.32 -28.50 -6.74
N THR S 161 12.06 -28.35 -6.36
CA THR S 161 11.74 -27.24 -5.46
C THR S 161 11.77 -27.68 -3.98
N HIS S 162 11.43 -28.94 -3.71
CA HIS S 162 11.45 -29.46 -2.34
C HIS S 162 12.79 -30.08 -1.92
N CYS S 163 13.60 -30.50 -2.90
CA CYS S 163 14.87 -31.17 -2.63
C CYS S 163 15.97 -30.20 -3.02
N ARG S 164 16.33 -29.32 -2.10
CA ARG S 164 17.06 -28.14 -2.48
C ARG S 164 18.55 -28.46 -2.58
N LYS S 165 18.89 -29.67 -2.14
CA LYS S 165 20.29 -30.07 -2.03
C LYS S 165 20.69 -31.18 -2.97
N ILE S 166 19.87 -31.44 -3.99
CA ILE S 166 20.14 -32.57 -4.89
C ILE S 166 21.55 -32.45 -5.48
N LYS S 167 22.34 -33.53 -5.33
CA LYS S 167 23.70 -33.60 -5.90
C LYS S 167 23.69 -34.32 -7.27
N THR S 168 22.87 -35.36 -7.39
CA THR S 168 22.78 -36.00 -8.69
C THR S 168 21.32 -36.35 -9.10
N LEU S 169 20.93 -35.80 -10.27
CA LEU S 169 19.58 -35.91 -10.81
C LEU S 169 19.67 -36.44 -12.24
N LEU S 170 19.10 -37.62 -12.45
CA LEU S 170 19.18 -38.26 -13.76
C LEU S 170 17.81 -38.70 -14.35
N MET S 171 17.63 -38.46 -15.64
CA MET S 171 16.42 -38.87 -16.36
C MET S 171 16.65 -39.66 -17.66
N GLU S 172 17.88 -40.16 -17.84
CA GLU S 172 18.33 -40.76 -19.12
C GLU S 172 17.31 -41.75 -19.69
N GLU S 173 16.99 -41.55 -20.97
CA GLU S 173 16.06 -42.44 -21.67
C GLU S 173 14.69 -42.58 -21.01
N SER S 174 14.25 -41.59 -20.25
CA SER S 174 12.95 -41.76 -19.68
C SER S 174 11.94 -41.12 -20.60
N SER S 175 10.73 -41.64 -20.60
CA SER S 175 9.64 -40.92 -21.27
C SER S 175 8.58 -40.31 -20.30
N PHE S 176 8.27 -39.03 -20.53
CA PHE S 176 7.42 -38.22 -19.69
C PHE S 176 6.77 -37.19 -20.63
N SER S 177 5.73 -36.50 -20.15
CA SER S 177 5.13 -35.39 -20.90
C SER S 177 5.83 -34.07 -20.50
N GLU S 178 6.38 -33.37 -21.47
CA GLU S 178 6.96 -32.05 -21.21
C GLU S 178 5.98 -30.89 -21.37
N LYS S 179 5.48 -30.34 -20.26
CA LYS S 179 4.56 -29.20 -20.30
C LYS S 179 5.28 -27.81 -20.28
N ASP S 180 6.46 -27.75 -19.68
CA ASP S 180 7.15 -26.47 -19.53
C ASP S 180 8.60 -26.70 -19.19
N GLY S 181 9.36 -25.60 -19.14
CA GLY S 181 10.75 -25.66 -18.73
C GLY S 181 11.08 -25.17 -17.32
N LYS S 182 10.10 -25.02 -16.45
CA LYS S 182 10.40 -24.41 -15.16
C LYS S 182 11.28 -25.28 -14.23
N TRP S 183 11.25 -26.60 -14.38
CA TRP S 183 12.07 -27.40 -13.51
C TRP S 183 13.56 -27.03 -13.62
N LEU S 184 14.05 -26.85 -14.86
CA LEU S 184 15.44 -26.45 -15.10
C LEU S 184 15.67 -25.06 -14.59
N HIS S 185 14.69 -24.19 -14.76
CA HIS S 185 14.86 -22.82 -14.30
C HIS S 185 14.94 -22.80 -12.78
N GLU S 186 14.14 -23.62 -12.14
CA GLU S 186 14.13 -23.69 -10.67
C GLU S 186 15.46 -24.16 -10.13
N LEU S 187 16.05 -25.17 -10.75
CA LEU S 187 17.46 -25.50 -10.43
C LEU S 187 18.42 -24.31 -10.63
N ALA S 188 18.39 -23.70 -11.81
CA ALA S 188 19.23 -22.55 -12.08
C ALA S 188 19.14 -21.51 -10.95
N GLN S 189 17.96 -21.32 -10.37
CA GLN S 189 17.79 -20.18 -9.48
C GLN S 189 18.24 -20.46 -8.07
N HIS S 190 18.19 -21.72 -7.65
CA HIS S 190 18.37 -21.98 -6.20
C HIS S 190 19.32 -23.10 -5.87
N ASN S 191 19.66 -23.92 -6.86
CA ASN S 191 20.55 -25.07 -6.61
C ASN S 191 22.05 -24.77 -6.77
N THR S 192 22.81 -25.30 -5.82
CA THR S 192 24.20 -24.93 -5.62
C THR S 192 25.09 -26.16 -5.58
N SER S 193 24.44 -27.30 -5.32
CA SER S 193 25.10 -28.51 -4.88
C SER S 193 25.22 -29.59 -5.99
N LEU S 194 24.58 -29.32 -7.12
CA LEU S 194 24.52 -30.26 -8.25
C LEU S 194 25.90 -30.75 -8.67
N GLU S 195 26.09 -32.07 -8.73
CA GLU S 195 27.38 -32.67 -9.16
C GLU S 195 27.23 -33.34 -10.52
N VAL S 196 26.13 -34.06 -10.68
CA VAL S 196 25.81 -34.68 -11.97
C VAL S 196 24.31 -34.54 -12.36
N LEU S 197 24.13 -34.04 -13.58
CA LEU S 197 22.84 -33.72 -14.16
C LEU S 197 22.81 -34.45 -15.49
N ASN S 198 21.83 -35.31 -15.65
CA ASN S 198 21.80 -36.20 -16.81
C ASN S 198 20.40 -36.31 -17.41
N PHE S 199 20.18 -35.65 -18.54
CA PHE S 199 18.98 -35.97 -19.30
C PHE S 199 19.38 -36.38 -20.71
N TYR S 200 20.30 -37.34 -20.78
CA TYR S 200 20.98 -37.66 -22.04
C TYR S 200 20.10 -38.03 -23.23
N MET S 201 19.24 -39.00 -23.00
CA MET S 201 18.50 -39.46 -24.16
C MET S 201 17.03 -39.02 -24.08
N THR S 202 16.80 -37.71 -24.17
CA THR S 202 15.45 -37.20 -23.91
C THR S 202 15.08 -36.00 -24.75
N GLU S 203 13.81 -35.99 -25.14
CA GLU S 203 13.21 -34.88 -25.86
C GLU S 203 12.82 -33.77 -24.91
N PHE S 204 13.63 -32.73 -24.80
CA PHE S 204 13.19 -31.51 -24.13
C PHE S 204 13.23 -30.38 -25.15
N ALA S 205 12.10 -29.71 -25.34
CA ALA S 205 12.05 -28.66 -26.32
C ALA S 205 11.72 -27.36 -25.65
N LYS S 206 11.42 -27.42 -24.36
CA LYS S 206 11.01 -26.18 -23.69
C LYS S 206 12.00 -25.67 -22.62
N ILE S 207 13.18 -26.30 -22.52
CA ILE S 207 14.15 -25.84 -21.52
C ILE S 207 15.11 -24.91 -22.18
N SER S 208 15.63 -23.95 -21.40
CA SER S 208 16.50 -22.86 -21.89
C SER S 208 17.99 -23.11 -21.67
N PRO S 209 18.80 -23.09 -22.75
CA PRO S 209 20.25 -23.25 -22.54
C PRO S 209 20.79 -22.19 -21.56
N LYS S 210 20.17 -21.01 -21.48
CA LYS S 210 20.56 -20.01 -20.46
C LYS S 210 20.54 -20.59 -19.03
N ASP S 211 19.49 -21.36 -18.71
CA ASP S 211 19.29 -21.96 -17.36
C ASP S 211 20.43 -22.95 -17.06
N LEU S 212 20.87 -23.65 -18.09
CA LEU S 212 21.91 -24.66 -17.94
C LEU S 212 23.24 -23.97 -17.67
N GLU S 213 23.52 -22.94 -18.48
CA GLU S 213 24.66 -22.07 -18.23
C GLU S 213 24.65 -21.52 -16.80
N THR S 214 23.52 -20.95 -16.36
CA THR S 214 23.53 -20.42 -15.00
C THR S 214 23.73 -21.50 -13.95
N ILE S 215 23.36 -22.74 -14.23
CA ILE S 215 23.60 -23.83 -13.27
C ILE S 215 25.09 -24.07 -13.15
N ALA S 216 25.77 -23.96 -14.29
CA ALA S 216 27.21 -24.19 -14.36
C ALA S 216 27.92 -23.13 -13.53
N ARG S 217 27.40 -21.92 -13.64
CA ARG S 217 27.98 -20.78 -12.96
C ARG S 217 27.81 -20.90 -11.44
N ASN S 218 26.76 -21.59 -10.99
CA ASN S 218 26.44 -21.72 -9.56
C ASN S 218 26.87 -23.00 -8.84
N CYS S 219 27.20 -24.03 -9.62
CA CYS S 219 27.47 -25.37 -9.04
C CYS S 219 28.93 -25.69 -9.22
N ARG S 220 29.69 -25.45 -8.14
CA ARG S 220 31.14 -25.48 -8.28
C ARG S 220 31.58 -26.92 -8.46
N SER S 221 30.76 -27.85 -8.01
CA SER S 221 31.18 -29.24 -8.06
C SER S 221 30.59 -29.97 -9.27
N LEU S 222 30.07 -29.19 -10.23
CA LEU S 222 29.41 -29.81 -11.39
C LEU S 222 30.46 -30.53 -12.24
N VAL S 223 30.40 -31.87 -12.21
CA VAL S 223 31.41 -32.73 -12.84
C VAL S 223 30.93 -33.40 -14.16
N SER S 224 29.64 -33.72 -14.22
CA SER S 224 29.10 -34.44 -15.39
C SER S 224 27.75 -33.92 -15.82
N VAL S 225 27.61 -33.56 -17.09
CA VAL S 225 26.28 -33.23 -17.60
C VAL S 225 26.08 -33.79 -18.99
N LYS S 226 24.89 -34.39 -19.18
CA LYS S 226 24.47 -35.03 -20.42
C LYS S 226 23.16 -34.40 -20.80
N VAL S 227 22.90 -34.23 -22.06
CA VAL S 227 21.89 -33.29 -22.44
C VAL S 227 21.15 -33.75 -23.74
N GLY S 228 20.02 -33.11 -24.05
CA GLY S 228 19.29 -33.38 -25.27
C GLY S 228 19.83 -32.65 -26.49
N ASP S 229 18.94 -32.22 -27.38
CA ASP S 229 19.38 -31.66 -28.66
C ASP S 229 19.65 -30.15 -28.67
N PHE S 230 20.27 -29.64 -27.61
CA PHE S 230 20.76 -28.25 -27.57
C PHE S 230 21.79 -27.96 -28.68
N GLU S 231 21.62 -26.88 -29.42
CA GLU S 231 22.68 -26.45 -30.34
C GLU S 231 23.98 -26.21 -29.54
N ILE S 232 25.06 -26.92 -29.88
CA ILE S 232 26.30 -26.75 -29.12
C ILE S 232 26.75 -25.29 -29.04
N LEU S 233 26.51 -24.53 -30.10
CA LEU S 233 26.89 -23.12 -30.08
C LEU S 233 26.20 -22.36 -28.96
N GLU S 234 24.97 -22.75 -28.63
CA GLU S 234 24.19 -22.10 -27.56
C GLU S 234 24.75 -22.43 -26.16
N LEU S 235 25.65 -23.42 -26.11
CA LEU S 235 26.23 -23.87 -24.84
C LEU S 235 27.62 -23.29 -24.58
N VAL S 236 28.05 -22.36 -25.42
CA VAL S 236 29.39 -21.81 -25.32
C VAL S 236 29.61 -21.18 -23.94
N GLY S 237 28.62 -20.42 -23.48
CA GLY S 237 28.67 -19.81 -22.16
C GLY S 237 28.74 -20.90 -21.11
N PHE S 238 27.84 -21.89 -21.21
CA PHE S 238 27.87 -23.06 -20.32
C PHE S 238 29.30 -23.66 -20.19
N PHE S 239 29.96 -23.88 -21.31
CA PHE S 239 31.24 -24.57 -21.27
C PHE S 239 32.30 -23.75 -20.53
N LYS S 240 32.29 -22.42 -20.74
CA LYS S 240 33.24 -21.55 -20.04
C LYS S 240 32.96 -21.61 -18.52
N ALA S 241 31.70 -21.73 -18.16
CA ALA S 241 31.35 -21.64 -16.76
C ALA S 241 31.58 -22.97 -16.04
N ALA S 242 31.56 -24.06 -16.79
CA ALA S 242 31.63 -25.38 -16.17
C ALA S 242 33.08 -25.79 -15.93
N ALA S 243 33.79 -25.00 -15.14
CA ALA S 243 35.23 -25.21 -14.98
C ALA S 243 35.61 -26.65 -14.62
N ASN S 244 34.83 -27.28 -13.75
CA ASN S 244 35.27 -28.61 -13.30
C ASN S 244 34.71 -29.77 -14.10
N LEU S 245 34.06 -29.45 -15.21
CA LEU S 245 33.38 -30.46 -16.01
C LEU S 245 34.38 -31.52 -16.49
N GLU S 246 34.09 -32.79 -16.18
CA GLU S 246 34.91 -33.89 -16.66
C GLU S 246 34.17 -34.67 -17.74
N GLU S 247 32.83 -34.64 -17.72
CA GLU S 247 32.04 -35.43 -18.68
C GLU S 247 31.00 -34.56 -19.35
N PHE S 248 30.86 -34.70 -20.67
CA PHE S 248 29.75 -34.07 -21.39
C PHE S 248 29.29 -34.92 -22.56
N CYS S 249 28.00 -35.24 -22.60
CA CYS S 249 27.43 -35.94 -23.74
C CYS S 249 26.18 -35.22 -24.18
N GLY S 250 25.94 -35.25 -25.47
CA GLY S 250 24.70 -34.75 -26.01
C GLY S 250 24.92 -33.54 -26.85
N GLY S 251 23.97 -32.61 -26.79
CA GLY S 251 24.02 -31.44 -27.64
C GLY S 251 23.78 -31.86 -29.06
N SER S 252 23.75 -30.86 -29.94
CA SER S 252 23.54 -31.07 -31.37
C SER S 252 24.59 -30.26 -32.14
N LEU S 253 25.37 -30.94 -32.97
CA LEU S 253 26.28 -30.27 -33.91
C LEU S 253 25.60 -30.19 -35.27
N ASN S 254 25.05 -29.02 -35.58
CA ASN S 254 24.37 -28.81 -36.85
C ASN S 254 25.19 -27.92 -37.76
N GLU S 255 25.84 -28.53 -38.75
CA GLU S 255 26.62 -27.77 -39.72
C GLU S 255 25.70 -27.18 -40.78
N ASP S 256 26.03 -25.97 -41.20
CA ASP S 256 25.44 -25.40 -42.41
C ASP S 256 26.58 -24.98 -43.33
N ILE S 257 26.41 -25.17 -44.63
CA ILE S 257 27.46 -24.87 -45.59
C ILE S 257 27.86 -23.41 -45.47
N GLY S 258 26.88 -22.57 -45.12
CA GLY S 258 27.09 -21.15 -44.86
C GLY S 258 28.29 -20.81 -44.00
N MET S 259 28.37 -21.37 -42.79
CA MET S 259 29.57 -21.19 -41.96
C MET S 259 30.45 -22.44 -42.04
N PRO S 260 31.53 -22.36 -42.81
CA PRO S 260 32.42 -23.51 -43.03
C PRO S 260 33.15 -23.84 -41.74
N GLU S 261 33.37 -22.81 -40.93
CA GLU S 261 34.02 -22.98 -39.65
C GLU S 261 33.06 -22.64 -38.51
N LYS S 262 31.81 -23.08 -38.63
CA LYS S 262 30.77 -22.80 -37.64
C LYS S 262 31.29 -22.97 -36.21
N TYR S 263 31.98 -24.09 -35.99
CA TYR S 263 32.46 -24.42 -34.67
C TYR S 263 33.90 -23.96 -34.53
N MET S 264 34.84 -24.88 -34.49
CA MET S 264 36.26 -24.52 -34.53
C MET S 264 36.73 -23.59 -33.38
N ASN S 265 35.78 -22.88 -32.77
CA ASN S 265 36.08 -21.93 -31.70
C ASN S 265 35.39 -22.30 -30.41
N LEU S 266 35.30 -23.61 -30.16
CA LEU S 266 34.73 -24.10 -28.92
C LEU S 266 35.77 -24.12 -27.80
N VAL S 267 35.42 -23.47 -26.70
CA VAL S 267 36.15 -23.60 -25.46
C VAL S 267 35.63 -24.83 -24.75
N PHE S 268 36.35 -25.95 -24.79
CA PHE S 268 35.91 -27.06 -23.94
C PHE S 268 36.55 -27.01 -22.56
N PRO S 269 35.78 -27.29 -21.48
CA PRO S 269 36.41 -27.28 -20.15
C PRO S 269 37.72 -28.09 -20.15
N ARG S 270 38.74 -27.54 -19.51
CA ARG S 270 40.06 -28.19 -19.47
C ARG S 270 40.09 -29.30 -18.44
N LYS S 271 39.52 -30.44 -18.76
CA LYS S 271 39.40 -31.52 -17.78
C LYS S 271 38.47 -32.54 -18.42
N LEU S 272 37.65 -32.03 -19.35
CA LEU S 272 36.80 -32.84 -20.22
C LEU S 272 37.60 -34.04 -20.71
N CYS S 273 37.15 -35.23 -20.36
CA CYS S 273 37.91 -36.40 -20.69
C CYS S 273 36.98 -37.58 -20.94
N ARG S 274 35.69 -37.35 -20.78
CA ARG S 274 34.66 -38.36 -20.97
C ARG S 274 33.61 -37.61 -21.78
N LEU S 275 33.49 -37.92 -23.09
CA LEU S 275 32.54 -37.17 -23.89
C LEU S 275 31.96 -37.86 -25.14
N GLY S 276 30.89 -37.26 -25.67
CA GLY S 276 30.24 -37.71 -26.88
C GLY S 276 29.35 -36.59 -27.39
N LEU S 277 29.72 -36.02 -28.54
CA LEU S 277 28.93 -34.96 -29.15
C LEU S 277 28.01 -35.55 -30.24
N SER S 278 26.72 -35.27 -30.12
CA SER S 278 25.75 -35.94 -30.96
C SER S 278 25.74 -35.29 -32.33
N TYR S 279 25.63 -36.12 -33.36
CA TYR S 279 25.54 -35.66 -34.77
C TYR S 279 26.86 -35.14 -35.32
N MET S 280 27.91 -35.21 -34.51
CA MET S 280 29.27 -34.82 -34.92
C MET S 280 29.68 -35.48 -36.22
N GLY S 281 29.92 -34.64 -37.24
CA GLY S 281 30.44 -35.11 -38.52
C GLY S 281 31.96 -35.04 -38.64
N PRO S 282 32.48 -35.28 -39.86
CA PRO S 282 33.95 -35.29 -40.04
C PRO S 282 34.50 -33.85 -40.01
N ASN S 283 33.65 -32.90 -40.40
CA ASN S 283 34.03 -31.49 -40.44
C ASN S 283 34.12 -30.82 -39.06
N GLU S 284 33.37 -31.32 -38.09
CA GLU S 284 33.47 -30.78 -36.75
C GLU S 284 34.34 -31.65 -35.81
N MET S 285 34.51 -32.93 -36.16
CA MET S 285 35.40 -33.86 -35.44
C MET S 285 36.71 -33.24 -34.87
N PRO S 286 37.42 -32.43 -35.72
CA PRO S 286 38.72 -31.88 -35.32
C PRO S 286 38.71 -31.05 -34.04
N ILE S 287 37.56 -30.51 -33.61
CA ILE S 287 37.57 -29.72 -32.38
C ILE S 287 38.00 -30.56 -31.17
N LEU S 288 38.06 -31.88 -31.37
CA LEU S 288 38.49 -32.82 -30.34
C LEU S 288 40.02 -33.02 -30.30
N PHE S 289 40.70 -32.78 -31.43
CA PHE S 289 42.14 -33.06 -31.53
C PHE S 289 43.03 -32.41 -30.46
N PRO S 290 42.81 -31.10 -30.21
CA PRO S 290 43.56 -30.33 -29.20
C PRO S 290 43.79 -31.04 -27.86
N PHE S 291 42.91 -31.97 -27.47
CA PHE S 291 43.00 -32.61 -26.14
C PHE S 291 42.69 -34.11 -26.22
N ALA S 292 42.71 -34.65 -27.44
CA ALA S 292 42.40 -36.05 -27.68
C ALA S 292 43.24 -36.99 -26.80
N ALA S 293 44.45 -36.55 -26.45
CA ALA S 293 45.32 -37.38 -25.62
C ALA S 293 44.71 -37.64 -24.25
N GLN S 294 43.70 -36.84 -23.92
CA GLN S 294 43.19 -36.71 -22.56
C GLN S 294 41.92 -37.56 -22.41
N ILE S 295 41.28 -37.77 -23.57
CA ILE S 295 40.03 -38.52 -23.67
C ILE S 295 40.10 -40.01 -23.26
N ARG S 296 39.36 -40.36 -22.21
CA ARG S 296 39.39 -41.73 -21.68
C ARG S 296 38.07 -42.47 -21.96
N LYS S 297 37.05 -41.70 -22.37
CA LYS S 297 35.72 -42.25 -22.69
C LYS S 297 35.12 -41.55 -23.92
N LEU S 298 34.78 -42.35 -24.93
CA LEU S 298 34.22 -41.80 -26.17
C LEU S 298 32.83 -42.43 -26.49
N ASP S 299 31.84 -41.59 -26.79
CA ASP S 299 30.48 -42.05 -27.12
C ASP S 299 30.08 -41.57 -28.53
N LEU S 300 30.51 -42.35 -29.54
CA LEU S 300 30.21 -42.03 -30.95
C LEU S 300 28.93 -42.74 -31.44
N LEU S 301 28.11 -43.15 -30.47
CA LEU S 301 26.88 -43.86 -30.69
C LEU S 301 25.93 -43.08 -31.59
N TYR S 302 25.94 -41.75 -31.47
CA TYR S 302 25.01 -40.89 -32.20
C TYR S 302 25.77 -39.96 -33.12
N ALA S 303 26.96 -40.40 -33.52
CA ALA S 303 27.83 -39.62 -34.41
C ALA S 303 27.55 -39.86 -35.89
N LEU S 304 27.67 -38.80 -36.68
CA LEU S 304 27.50 -38.88 -38.13
C LEU S 304 28.83 -39.01 -38.85
N LEU S 305 29.70 -39.92 -38.41
CA LEU S 305 30.96 -40.05 -39.09
C LEU S 305 31.23 -41.48 -39.61
N GLU S 306 31.98 -41.56 -40.71
CA GLU S 306 32.16 -42.79 -41.49
C GLU S 306 33.38 -43.58 -41.06
N THR S 307 33.46 -44.81 -41.53
CA THR S 307 34.47 -45.75 -41.05
C THR S 307 35.92 -45.18 -41.13
N GLU S 308 36.18 -44.42 -42.20
CA GLU S 308 37.46 -43.73 -42.34
C GLU S 308 37.71 -42.74 -41.17
N ASP S 309 36.74 -41.87 -40.96
CA ASP S 309 36.79 -40.88 -39.88
C ASP S 309 36.96 -41.48 -38.47
N HIS S 310 36.40 -42.67 -38.25
CA HIS S 310 36.56 -43.35 -36.97
C HIS S 310 38.01 -43.62 -36.70
N CYS S 311 38.70 -44.15 -37.72
CA CYS S 311 40.10 -44.54 -37.57
C CYS S 311 40.96 -43.34 -37.23
N THR S 312 40.69 -42.22 -37.91
CA THR S 312 41.48 -41.00 -37.73
C THR S 312 41.33 -40.36 -36.32
N LEU S 313 40.11 -40.41 -35.78
CA LEU S 313 39.88 -40.02 -34.38
C LEU S 313 40.42 -41.08 -33.37
N ILE S 314 40.05 -42.35 -33.54
CA ILE S 314 40.48 -43.39 -32.60
C ILE S 314 41.97 -43.30 -32.44
N GLN S 315 42.63 -43.15 -33.59
CA GLN S 315 44.08 -43.07 -33.68
C GLN S 315 44.71 -41.99 -32.75
N LYS S 316 43.98 -40.89 -32.50
CA LYS S 316 44.48 -39.82 -31.62
C LYS S 316 44.20 -39.99 -30.11
N CYS S 317 43.69 -41.15 -29.70
CA CYS S 317 43.19 -41.33 -28.34
C CYS S 317 43.82 -42.53 -27.62
N PRO S 318 45.14 -42.47 -27.47
CA PRO S 318 45.96 -43.51 -26.85
C PRO S 318 45.49 -43.93 -25.47
N ASN S 319 44.82 -43.01 -24.76
CA ASN S 319 44.42 -43.31 -23.39
C ASN S 319 42.94 -43.71 -23.22
N LEU S 320 42.27 -43.83 -24.37
CA LEU S 320 40.91 -44.36 -24.44
C LEU S 320 40.70 -45.68 -23.66
N GLU S 321 39.89 -45.65 -22.60
CA GLU S 321 39.51 -46.92 -21.97
C GLU S 321 38.07 -47.35 -22.20
N VAL S 322 37.22 -46.43 -22.64
CA VAL S 322 35.85 -46.81 -22.96
C VAL S 322 35.41 -46.25 -24.31
N LEU S 323 34.98 -47.14 -25.19
CA LEU S 323 34.46 -46.69 -26.47
C LEU S 323 33.12 -47.35 -26.76
N GLU S 324 32.14 -46.51 -27.12
CA GLU S 324 30.82 -46.98 -27.51
C GLU S 324 30.67 -46.44 -28.91
N THR S 325 30.22 -47.28 -29.83
CA THR S 325 29.98 -46.84 -31.19
C THR S 325 29.07 -47.80 -31.98
N ARG S 326 28.63 -47.32 -33.14
CA ARG S 326 27.87 -48.16 -34.06
C ARG S 326 28.85 -49.01 -34.88
N ASN S 327 28.33 -49.97 -35.66
CA ASN S 327 29.22 -50.93 -36.38
C ASN S 327 29.97 -50.30 -37.57
N VAL S 328 29.59 -49.07 -37.92
CA VAL S 328 30.34 -48.29 -38.89
C VAL S 328 31.84 -48.27 -38.59
N ILE S 329 32.18 -48.40 -37.30
CA ILE S 329 33.59 -48.50 -36.87
C ILE S 329 34.39 -49.39 -37.86
N GLY S 330 33.71 -50.44 -38.36
CA GLY S 330 34.29 -51.38 -39.31
C GLY S 330 35.42 -52.25 -38.78
N ASP S 331 35.77 -53.27 -39.56
CA ASP S 331 36.95 -54.05 -39.21
C ASP S 331 38.15 -53.09 -39.17
N ARG S 332 38.15 -52.13 -40.11
CA ARG S 332 39.27 -51.20 -40.23
C ARG S 332 39.50 -50.41 -38.94
N GLY S 333 38.41 -49.90 -38.38
CA GLY S 333 38.45 -49.19 -37.12
C GLY S 333 38.94 -50.07 -35.97
N LEU S 334 38.45 -51.32 -35.92
CA LEU S 334 38.88 -52.22 -34.87
C LEU S 334 40.39 -52.42 -34.94
N GLU S 335 40.92 -52.49 -36.16
CA GLU S 335 42.37 -52.64 -36.32
C GLU S 335 43.12 -51.44 -35.70
N VAL S 336 42.57 -50.24 -35.95
CA VAL S 336 43.15 -49.00 -35.42
C VAL S 336 43.14 -49.04 -33.91
N LEU S 337 42.00 -49.40 -33.38
CA LEU S 337 41.81 -49.47 -31.95
C LEU S 337 42.75 -50.48 -31.33
N ALA S 338 43.09 -51.49 -32.15
CA ALA S 338 43.86 -52.66 -31.70
C ALA S 338 45.28 -52.32 -31.20
N GLN S 339 45.90 -51.28 -31.79
CA GLN S 339 47.26 -50.95 -31.35
C GLN S 339 47.49 -49.55 -30.80
N TYR S 340 46.57 -48.62 -31.05
CA TYR S 340 46.68 -47.28 -30.45
C TYR S 340 46.16 -47.20 -29.02
N CYS S 341 45.10 -47.96 -28.74
CA CYS S 341 44.42 -47.91 -27.45
C CYS S 341 44.61 -49.22 -26.70
N LYS S 342 45.77 -49.38 -26.08
CA LYS S 342 46.09 -50.64 -25.41
C LYS S 342 45.37 -50.77 -24.08
N GLN S 343 44.92 -49.62 -23.55
CA GLN S 343 44.31 -49.54 -22.22
C GLN S 343 42.79 -49.78 -22.22
N LEU S 344 42.23 -50.00 -23.42
CA LEU S 344 40.81 -50.22 -23.58
C LEU S 344 40.22 -51.27 -22.64
N LYS S 345 39.23 -50.84 -21.86
CA LYS S 345 38.58 -51.73 -20.89
C LYS S 345 37.16 -52.16 -21.34
N ARG S 346 36.47 -51.26 -22.04
CA ARG S 346 35.10 -51.55 -22.38
C ARG S 346 34.84 -51.05 -23.78
N LEU S 347 34.23 -51.94 -24.57
CA LEU S 347 33.87 -51.65 -25.95
C LEU S 347 32.47 -52.17 -26.27
N ARG S 348 31.65 -51.29 -26.83
CA ARG S 348 30.32 -51.68 -27.25
C ARG S 348 30.14 -51.21 -28.68
N ILE S 349 29.80 -52.17 -29.54
CA ILE S 349 29.54 -51.87 -30.96
C ILE S 349 28.06 -52.12 -31.23
N GLU S 350 27.24 -51.07 -31.11
CA GLU S 350 25.79 -51.19 -31.38
C GLU S 350 25.58 -51.42 -32.87
N ARG S 351 24.39 -51.83 -33.25
CA ARG S 351 24.11 -52.03 -34.66
C ARG S 351 23.57 -50.75 -35.30
N GLY S 352 24.00 -50.48 -36.52
CA GLY S 352 23.73 -49.19 -37.17
C GLY S 352 22.50 -49.22 -38.05
N ALA S 353 22.41 -48.27 -38.97
CA ALA S 353 21.37 -48.30 -40.00
C ALA S 353 21.58 -49.49 -40.95
N ASP S 354 20.73 -50.50 -40.77
CA ASP S 354 20.93 -51.83 -41.36
C ASP S 354 19.95 -52.08 -42.50
N GLU S 355 19.46 -51.01 -43.12
CA GLU S 355 18.50 -51.11 -44.22
C GLU S 355 19.16 -50.95 -45.59
N GLN S 356 19.68 -49.74 -45.87
CA GLN S 356 20.29 -49.43 -47.16
C GLN S 356 21.82 -49.48 -47.08
N GLY S 357 22.39 -50.68 -47.22
CA GLY S 357 23.83 -50.86 -47.11
C GLY S 357 24.30 -50.47 -45.72
N MET S 358 25.30 -51.18 -45.22
CA MET S 358 25.79 -51.02 -43.85
C MET S 358 26.38 -49.63 -43.51
N GLU S 359 25.71 -48.56 -43.95
CA GLU S 359 26.18 -47.18 -43.78
C GLU S 359 27.37 -46.80 -44.69
N ASP S 360 28.23 -47.80 -44.96
CA ASP S 360 29.26 -47.74 -46.01
C ASP S 360 29.83 -49.15 -46.26
N GLU S 361 30.69 -49.30 -47.27
CA GLU S 361 31.20 -50.64 -47.62
C GLU S 361 32.42 -51.07 -46.77
N GLU S 362 32.48 -50.59 -45.53
CA GLU S 362 33.45 -51.07 -44.54
C GLU S 362 32.76 -51.25 -43.19
N GLY S 363 31.52 -50.76 -43.10
CA GLY S 363 30.71 -50.77 -41.89
C GLY S 363 30.16 -52.14 -41.49
N LEU S 364 31.04 -53.14 -41.56
CA LEU S 364 30.73 -54.48 -41.11
C LEU S 364 31.89 -54.85 -40.23
N VAL S 365 31.62 -55.38 -39.06
CA VAL S 365 32.72 -55.95 -38.28
C VAL S 365 32.61 -57.48 -38.37
N SER S 366 33.75 -58.16 -38.31
CA SER S 366 33.84 -59.58 -38.65
C SER S 366 34.99 -60.23 -37.90
N GLN S 367 35.27 -61.50 -38.25
CA GLN S 367 36.34 -62.27 -37.64
C GLN S 367 37.62 -61.46 -37.66
N ARG S 368 37.82 -60.71 -38.76
CA ARG S 368 39.02 -59.89 -38.94
C ARG S 368 39.22 -58.87 -37.81
N GLY S 369 38.19 -58.06 -37.56
CA GLY S 369 38.21 -57.10 -36.48
C GLY S 369 38.33 -57.74 -35.10
N LEU S 370 37.51 -58.78 -34.86
CA LEU S 370 37.47 -59.44 -33.56
C LEU S 370 38.85 -59.98 -33.21
N ILE S 371 39.45 -60.71 -34.14
CA ILE S 371 40.76 -61.30 -33.87
C ILE S 371 41.85 -60.21 -33.73
N ALA S 372 41.77 -59.16 -34.53
CA ALA S 372 42.66 -57.99 -34.35
C ALA S 372 42.52 -57.39 -32.94
N LEU S 373 41.26 -57.18 -32.57
CA LEU S 373 40.92 -56.66 -31.25
C LEU S 373 41.46 -57.53 -30.09
N ALA S 374 41.22 -58.85 -30.16
CA ALA S 374 41.65 -59.80 -29.13
C ALA S 374 43.14 -59.69 -28.86
N GLN S 375 43.90 -59.43 -29.92
CA GLN S 375 45.35 -59.36 -29.83
C GLN S 375 45.88 -58.01 -29.32
N GLY S 376 45.21 -56.92 -29.71
CA GLY S 376 45.58 -55.56 -29.31
C GLY S 376 45.20 -55.11 -27.88
N CYS S 377 43.91 -55.26 -27.54
CA CYS S 377 43.35 -54.70 -26.33
C CYS S 377 43.13 -55.80 -25.29
N GLN S 378 44.21 -56.32 -24.77
CA GLN S 378 44.10 -57.49 -23.90
C GLN S 378 43.61 -57.17 -22.49
N GLU S 379 43.39 -55.88 -22.24
CA GLU S 379 42.89 -55.43 -20.92
C GLU S 379 41.33 -55.35 -20.84
N LEU S 380 40.66 -55.55 -21.98
CA LEU S 380 39.19 -55.56 -22.08
C LEU S 380 38.48 -56.38 -21.04
N GLU S 381 37.57 -55.69 -20.34
CA GLU S 381 36.74 -56.30 -19.30
C GLU S 381 35.30 -56.47 -19.79
N TYR S 382 34.93 -55.61 -20.74
CA TYR S 382 33.57 -55.62 -21.27
C TYR S 382 33.62 -55.45 -22.79
N MET S 383 33.08 -56.45 -23.48
CA MET S 383 32.98 -56.41 -24.92
C MET S 383 31.61 -56.87 -25.38
N ALA S 384 30.94 -55.97 -26.07
CA ALA S 384 29.61 -56.23 -26.62
C ALA S 384 29.54 -55.74 -28.07
N VAL S 385 29.13 -56.67 -28.94
CA VAL S 385 29.38 -56.54 -30.36
C VAL S 385 28.23 -57.15 -31.17
N TYR S 386 27.68 -56.34 -32.07
CA TYR S 386 26.82 -56.79 -33.17
C TYR S 386 27.70 -57.00 -34.38
N VAL S 387 27.86 -58.26 -34.76
CA VAL S 387 28.88 -58.66 -35.73
C VAL S 387 28.17 -59.11 -37.03
N SER S 388 28.76 -58.84 -38.19
CA SER S 388 28.14 -59.24 -39.46
C SER S 388 28.54 -60.64 -39.94
N ASP S 389 29.59 -61.20 -39.35
CA ASP S 389 30.06 -62.54 -39.68
C ASP S 389 31.09 -63.04 -38.64
N ILE S 390 30.94 -64.28 -38.17
CA ILE S 390 31.97 -64.86 -37.29
C ILE S 390 32.59 -66.17 -37.79
N THR S 391 33.64 -66.57 -37.10
CA THR S 391 34.33 -67.80 -37.37
C THR S 391 34.73 -68.35 -36.02
N ASN S 392 34.66 -69.67 -35.87
CA ASN S 392 35.18 -70.28 -34.65
C ASN S 392 36.56 -69.77 -34.24
N GLU S 393 37.37 -69.33 -35.21
CA GLU S 393 38.74 -68.93 -34.92
C GLU S 393 38.78 -67.68 -34.05
N SER S 394 37.88 -66.73 -34.38
CA SER S 394 37.85 -65.46 -33.65
C SER S 394 37.41 -65.67 -32.18
N LEU S 395 36.38 -66.49 -31.97
CA LEU S 395 36.02 -66.84 -30.61
C LEU S 395 37.21 -67.44 -29.86
N GLU S 396 38.00 -68.24 -30.58
CA GLU S 396 39.17 -68.91 -29.97
C GLU S 396 40.19 -67.90 -29.49
N SER S 397 40.39 -66.84 -30.27
CA SER S 397 41.40 -65.83 -29.92
C SER S 397 40.97 -64.92 -28.76
N ILE S 398 39.68 -64.58 -28.72
CA ILE S 398 39.08 -63.90 -27.56
C ILE S 398 39.44 -64.71 -26.30
N GLY S 399 39.15 -66.03 -26.36
CA GLY S 399 39.41 -66.94 -25.25
C GLY S 399 40.89 -67.06 -24.88
N THR S 400 41.77 -66.88 -25.86
CA THR S 400 43.19 -67.05 -25.57
C THR S 400 43.86 -65.77 -25.03
N TYR S 401 43.55 -64.63 -25.66
CA TYR S 401 44.21 -63.36 -25.34
C TYR S 401 43.63 -62.47 -24.24
N LEU S 402 42.31 -62.22 -24.28
CA LEU S 402 41.73 -61.31 -23.30
C LEU S 402 41.02 -62.02 -22.15
N LYS S 403 41.83 -62.51 -21.21
CA LYS S 403 41.37 -63.01 -19.93
C LYS S 403 40.69 -61.84 -19.24
N ASN S 404 40.37 -62.03 -17.96
CA ASN S 404 39.65 -60.99 -17.20
C ASN S 404 38.59 -60.15 -18.01
N LEU S 405 38.00 -60.79 -19.03
CA LEU S 405 36.76 -60.35 -19.63
C LEU S 405 35.69 -60.79 -18.63
N CYS S 406 34.78 -59.86 -18.29
CA CYS S 406 33.75 -60.14 -17.29
C CYS S 406 32.35 -60.28 -17.91
N ASP S 407 32.20 -59.64 -19.07
CA ASP S 407 30.91 -59.48 -19.70
C ASP S 407 31.21 -59.48 -21.18
N PHE S 408 30.67 -60.48 -21.87
CA PHE S 408 30.90 -60.62 -23.29
C PHE S 408 29.55 -60.88 -23.97
N ARG S 409 29.29 -60.09 -25.01
CA ARG S 409 28.03 -60.26 -25.74
C ARG S 409 28.27 -60.18 -27.23
N LEU S 410 27.75 -61.17 -27.93
CA LEU S 410 27.93 -61.27 -29.37
C LEU S 410 26.56 -61.51 -29.97
N VAL S 411 26.20 -60.72 -30.95
CA VAL S 411 24.97 -60.99 -31.67
C VAL S 411 25.30 -61.00 -33.15
N LEU S 412 24.94 -62.05 -33.88
CA LEU S 412 25.23 -61.93 -35.31
C LEU S 412 24.04 -61.49 -36.08
N LEU S 413 24.23 -60.38 -36.81
CA LEU S 413 23.19 -59.75 -37.63
C LEU S 413 22.56 -60.76 -38.57
N ASP S 414 21.40 -60.42 -39.09
CA ASP S 414 20.71 -61.33 -40.01
C ASP S 414 20.93 -60.93 -41.47
N ARG S 415 21.65 -59.82 -41.70
CA ARG S 415 21.87 -59.26 -43.03
C ARG S 415 22.53 -60.26 -43.98
N GLU S 416 23.73 -60.72 -43.60
CA GLU S 416 24.49 -61.65 -44.44
C GLU S 416 23.79 -62.99 -44.69
N GLU S 417 23.97 -63.51 -45.90
CA GLU S 417 23.41 -64.79 -46.28
C GLU S 417 24.32 -65.92 -45.86
N ARG S 418 25.58 -65.85 -46.29
CA ARG S 418 26.54 -66.90 -45.97
C ARG S 418 27.36 -66.45 -44.79
N ILE S 419 27.44 -67.29 -43.77
CA ILE S 419 28.41 -67.04 -42.70
C ILE S 419 29.54 -68.05 -42.83
N THR S 420 30.77 -67.52 -42.93
CA THR S 420 31.97 -68.35 -43.12
C THR S 420 31.79 -69.80 -42.61
N ASP S 421 32.13 -70.08 -41.36
CA ASP S 421 31.83 -71.40 -40.84
C ASP S 421 30.82 -71.24 -39.74
N LEU S 422 29.74 -72.03 -39.78
CA LEU S 422 28.68 -71.71 -38.84
C LEU S 422 28.65 -72.45 -37.49
N PRO S 423 28.46 -73.79 -37.48
CA PRO S 423 28.42 -74.40 -36.15
C PRO S 423 29.59 -73.92 -35.28
N LEU S 424 29.27 -73.17 -34.22
CA LEU S 424 30.27 -72.43 -33.43
C LEU S 424 30.72 -73.15 -32.15
N ASP S 425 30.36 -74.42 -32.02
CA ASP S 425 30.60 -75.17 -30.81
C ASP S 425 32.04 -75.03 -30.30
N ASN S 426 33.01 -75.20 -31.18
CA ASN S 426 34.39 -75.31 -30.69
C ASN S 426 34.98 -73.97 -30.30
N GLY S 427 34.45 -72.92 -30.92
CA GLY S 427 34.78 -71.55 -30.55
C GLY S 427 34.25 -71.09 -29.20
N VAL S 428 32.94 -71.24 -29.00
CA VAL S 428 32.31 -70.93 -27.71
C VAL S 428 33.06 -71.66 -26.62
N ARG S 429 33.35 -72.94 -26.86
CA ARG S 429 34.02 -73.79 -25.87
C ARG S 429 35.39 -73.24 -25.39
N SER S 430 36.22 -72.76 -26.31
CA SER S 430 37.54 -72.23 -25.90
C SER S 430 37.43 -70.79 -25.36
N LEU S 431 36.45 -70.05 -25.87
CA LEU S 431 36.09 -68.75 -25.31
C LEU S 431 35.71 -68.85 -23.81
N LEU S 432 34.76 -69.74 -23.50
CA LEU S 432 34.34 -69.98 -22.11
C LEU S 432 35.46 -70.55 -21.23
N ILE S 433 36.44 -71.18 -21.88
CA ILE S 433 37.49 -71.85 -21.15
C ILE S 433 38.63 -70.89 -20.81
N GLY S 434 38.97 -70.01 -21.77
CA GLY S 434 39.96 -68.95 -21.55
C GLY S 434 39.55 -67.74 -20.70
N CYS S 435 38.34 -67.22 -20.92
CA CYS S 435 37.80 -66.13 -20.11
C CYS S 435 37.06 -66.66 -18.91
N LYS S 436 37.78 -67.07 -17.86
CA LYS S 436 37.14 -67.75 -16.74
C LYS S 436 36.68 -66.76 -15.68
N LYS S 437 36.80 -65.46 -16.00
CA LYS S 437 36.33 -64.39 -15.11
C LYS S 437 34.91 -63.93 -15.47
N LEU S 438 34.41 -64.51 -16.57
CA LEU S 438 33.09 -64.18 -17.15
C LEU S 438 31.87 -64.34 -16.22
N ARG S 439 31.17 -63.23 -15.94
CA ARG S 439 29.95 -63.26 -15.12
C ARG S 439 28.66 -63.07 -15.92
N ARG S 440 28.79 -62.35 -17.04
CA ARG S 440 27.68 -62.06 -17.92
C ARG S 440 28.01 -62.47 -19.34
N PHE S 441 27.07 -63.12 -20.00
CA PHE S 441 27.32 -63.73 -21.29
C PHE S 441 26.10 -63.75 -22.20
N ALA S 442 26.23 -63.16 -23.37
CA ALA S 442 25.12 -63.19 -24.31
C ALA S 442 25.61 -63.68 -25.66
N PHE S 443 24.82 -64.53 -26.28
CA PHE S 443 25.21 -65.23 -27.48
C PHE S 443 23.95 -65.41 -28.31
N TYR S 444 23.81 -64.58 -29.32
CA TYR S 444 22.57 -64.47 -30.06
C TYR S 444 22.86 -64.70 -31.56
N LEU S 445 22.37 -65.82 -32.11
CA LEU S 445 22.79 -66.24 -33.46
C LEU S 445 21.63 -66.36 -34.48
N ARG S 446 21.76 -67.36 -35.34
CA ARG S 446 20.77 -67.70 -36.37
C ARG S 446 20.63 -69.22 -36.25
N GLN S 447 19.60 -69.83 -36.85
CA GLN S 447 19.33 -71.25 -36.52
C GLN S 447 20.53 -72.22 -36.61
N GLY S 448 21.20 -72.25 -37.75
CA GLY S 448 22.37 -73.11 -37.84
C GLY S 448 23.48 -72.86 -36.82
N GLY S 449 23.39 -71.77 -36.07
CA GLY S 449 24.50 -71.24 -35.31
C GLY S 449 25.20 -72.15 -34.31
N LEU S 450 24.41 -72.89 -33.52
CA LEU S 450 25.00 -73.73 -32.50
C LEU S 450 24.23 -75.03 -32.39
N THR S 451 24.96 -76.10 -32.08
CA THR S 451 24.37 -77.44 -32.02
C THR S 451 24.15 -77.82 -30.57
N ASP S 452 23.28 -78.79 -30.34
CA ASP S 452 23.08 -79.31 -28.98
C ASP S 452 24.41 -79.59 -28.29
N LEU S 453 25.41 -79.96 -29.05
CA LEU S 453 26.71 -80.25 -28.45
C LEU S 453 27.31 -78.95 -27.92
N GLY S 454 27.25 -77.90 -28.74
CA GLY S 454 27.75 -76.58 -28.34
C GLY S 454 26.96 -76.02 -27.16
N LEU S 455 25.64 -76.10 -27.24
CA LEU S 455 24.78 -75.69 -26.15
C LEU S 455 25.19 -76.34 -24.81
N SER S 456 25.56 -77.62 -24.84
CA SER S 456 25.97 -78.27 -23.61
C SER S 456 27.32 -77.70 -23.16
N TYR S 457 28.13 -77.26 -24.14
CA TYR S 457 29.44 -76.65 -23.86
C TYR S 457 29.32 -75.37 -23.04
N ILE S 458 28.34 -74.56 -23.42
CA ILE S 458 28.06 -73.33 -22.69
C ILE S 458 27.70 -73.61 -21.23
N GLY S 459 26.83 -74.59 -21.01
CA GLY S 459 26.48 -74.98 -19.66
C GLY S 459 27.63 -75.63 -18.92
N GLN S 460 28.54 -76.28 -19.67
CA GLN S 460 29.64 -77.01 -19.06
C GLN S 460 30.79 -76.08 -18.63
N TYR S 461 31.08 -75.05 -19.42
CA TYR S 461 32.25 -74.20 -19.20
C TYR S 461 32.00 -72.76 -18.75
N SER S 462 30.94 -72.54 -17.97
CA SER S 462 30.60 -71.19 -17.53
C SER S 462 30.21 -71.14 -16.03
N PRO S 463 31.14 -71.57 -15.17
CA PRO S 463 30.94 -71.74 -13.72
C PRO S 463 30.66 -70.38 -13.02
N ASN S 464 31.10 -69.28 -13.65
CA ASN S 464 30.97 -67.95 -13.02
C ASN S 464 29.86 -67.06 -13.57
N VAL S 465 29.18 -67.55 -14.60
CA VAL S 465 28.14 -66.79 -15.25
C VAL S 465 26.83 -66.72 -14.42
N ARG S 466 26.51 -65.49 -14.02
CA ARG S 466 25.25 -65.18 -13.35
C ARG S 466 24.06 -64.91 -14.33
N TRP S 467 24.34 -64.26 -15.45
CA TRP S 467 23.31 -63.95 -16.42
C TRP S 467 23.67 -64.39 -17.84
N MET S 468 22.68 -64.93 -18.56
CA MET S 468 22.88 -65.30 -19.94
C MET S 468 21.67 -64.99 -20.78
N LEU S 469 21.91 -64.35 -21.93
CA LEU S 469 20.91 -64.16 -22.99
C LEU S 469 21.37 -65.04 -24.16
N LEU S 470 20.56 -66.05 -24.48
CA LEU S 470 20.85 -67.01 -25.54
C LEU S 470 19.95 -66.76 -26.74
N GLY S 471 20.60 -66.59 -27.89
CA GLY S 471 19.96 -66.18 -29.11
C GLY S 471 19.25 -67.31 -29.84
N TYR S 472 19.82 -67.80 -30.93
CA TYR S 472 19.11 -68.82 -31.68
C TYR S 472 19.90 -70.12 -31.56
N VAL S 473 20.11 -70.54 -30.32
CA VAL S 473 20.99 -71.67 -30.10
C VAL S 473 20.25 -72.99 -30.09
N GLY S 474 21.05 -74.06 -30.21
CA GLY S 474 20.57 -75.42 -30.17
C GLY S 474 19.85 -75.87 -31.42
N GLU S 475 19.54 -77.17 -31.43
CA GLU S 475 18.79 -77.81 -32.50
C GLU S 475 17.52 -78.47 -31.95
N SER S 476 17.61 -79.07 -30.75
CA SER S 476 16.43 -79.72 -30.12
C SER S 476 16.45 -79.61 -28.61
N ASP S 477 15.40 -80.13 -27.97
CA ASP S 477 15.34 -80.20 -26.51
C ASP S 477 16.58 -80.86 -25.89
N GLU S 478 17.24 -81.75 -26.62
CA GLU S 478 18.44 -82.40 -26.12
C GLU S 478 19.47 -81.37 -25.66
N GLY S 479 19.55 -80.26 -26.39
CA GLY S 479 20.52 -79.21 -26.11
C GLY S 479 20.18 -78.43 -24.83
N LEU S 480 18.91 -78.05 -24.71
CA LEU S 480 18.47 -77.37 -23.51
C LEU S 480 18.76 -78.23 -22.26
N MET S 481 18.33 -79.49 -22.29
CA MET S 481 18.52 -80.40 -21.18
C MET S 481 20.00 -80.62 -20.85
N GLU S 482 20.84 -80.78 -21.86
CA GLU S 482 22.27 -80.93 -21.62
C GLU S 482 22.86 -79.68 -20.96
N PHE S 483 22.50 -78.52 -21.51
CA PHE S 483 22.80 -77.21 -20.96
C PHE S 483 22.37 -77.13 -19.47
N SER S 484 21.14 -77.58 -19.20
CA SER S 484 20.57 -77.47 -17.88
C SER S 484 21.31 -78.25 -16.77
N ARG S 485 22.25 -79.11 -17.14
CA ARG S 485 22.91 -79.82 -16.05
C ARG S 485 24.20 -79.09 -15.65
N GLY S 486 24.40 -77.91 -16.25
CA GLY S 486 25.54 -77.08 -15.92
C GLY S 486 25.10 -75.78 -15.25
N CYS S 487 25.85 -74.70 -15.53
CA CYS S 487 25.48 -73.36 -15.09
C CYS S 487 25.26 -73.29 -13.59
N PRO S 488 26.31 -73.65 -12.83
CA PRO S 488 26.17 -73.82 -11.36
C PRO S 488 25.67 -72.52 -10.71
N ASN S 489 26.00 -71.39 -11.35
CA ASN S 489 25.68 -70.06 -10.82
C ASN S 489 24.78 -69.19 -11.67
N LEU S 490 23.99 -69.80 -12.57
CA LEU S 490 23.13 -69.05 -13.45
C LEU S 490 21.94 -68.54 -12.64
N GLN S 491 21.79 -67.22 -12.54
CA GLN S 491 20.68 -66.66 -11.79
C GLN S 491 19.53 -66.22 -12.69
N LYS S 492 19.91 -65.63 -13.82
CA LYS S 492 18.94 -65.00 -14.68
C LYS S 492 19.21 -65.49 -16.10
N LEU S 493 18.19 -66.10 -16.70
CA LEU S 493 18.29 -66.66 -18.05
C LEU S 493 17.27 -66.05 -19.02
N GLU S 494 17.78 -65.44 -20.07
CA GLU S 494 16.94 -64.88 -21.12
C GLU S 494 17.21 -65.62 -22.47
N MET S 495 16.17 -66.25 -23.03
CA MET S 495 16.29 -66.94 -24.31
C MET S 495 15.20 -66.48 -25.24
N ARG S 496 15.55 -66.09 -26.45
CA ARG S 496 14.49 -65.89 -27.43
C ARG S 496 14.87 -66.52 -28.76
N GLY S 497 13.87 -66.88 -29.57
CA GLY S 497 14.11 -67.52 -30.85
C GLY S 497 14.65 -68.94 -30.73
N CYS S 498 14.26 -69.65 -29.67
CA CYS S 498 14.65 -71.04 -29.54
C CYS S 498 13.51 -72.00 -29.78
N CYS S 499 13.86 -73.19 -30.21
CA CYS S 499 12.89 -74.21 -30.59
C CYS S 499 12.25 -74.91 -29.38
N PHE S 500 12.96 -74.94 -28.26
CA PHE S 500 12.61 -75.78 -27.12
C PHE S 500 11.15 -75.79 -26.73
N SER S 501 10.68 -76.93 -26.25
CA SER S 501 9.25 -77.12 -25.99
C SER S 501 8.95 -76.68 -24.59
N GLU S 502 7.66 -76.48 -24.29
CA GLU S 502 7.24 -76.22 -22.92
C GLU S 502 7.83 -77.19 -21.86
N ARG S 503 7.69 -78.51 -22.04
CA ARG S 503 8.16 -79.43 -21.00
C ARG S 503 9.69 -79.38 -20.82
N ALA S 504 10.39 -78.99 -21.89
CA ALA S 504 11.84 -78.90 -21.86
C ALA S 504 12.30 -77.70 -21.05
N ILE S 505 11.67 -76.55 -21.31
CA ILE S 505 11.85 -75.35 -20.50
C ILE S 505 11.59 -75.68 -19.01
N ALA S 506 10.40 -76.20 -18.74
CA ALA S 506 10.03 -76.58 -17.39
C ALA S 506 11.05 -77.51 -16.75
N ALA S 507 11.59 -78.43 -17.52
CA ALA S 507 12.49 -79.40 -16.95
C ALA S 507 13.87 -78.80 -16.70
N ALA S 508 14.31 -77.92 -17.60
CA ALA S 508 15.62 -77.26 -17.42
C ALA S 508 15.61 -76.33 -16.20
N VAL S 509 14.46 -75.69 -15.94
CA VAL S 509 14.34 -74.81 -14.79
C VAL S 509 14.51 -75.63 -13.51
N THR S 510 13.86 -76.78 -13.49
CA THR S 510 13.97 -77.70 -12.35
C THR S 510 15.42 -78.10 -12.06
N LYS S 511 16.18 -78.37 -13.12
CA LYS S 511 17.58 -78.78 -12.96
C LYS S 511 18.54 -77.64 -12.53
N LEU S 512 18.25 -76.40 -12.93
CA LEU S 512 19.18 -75.32 -12.66
C LEU S 512 19.18 -74.90 -11.16
N PRO S 513 20.34 -75.09 -10.52
CA PRO S 513 20.44 -74.88 -9.08
C PRO S 513 20.14 -73.44 -8.66
N SER S 514 20.61 -72.47 -9.47
CA SER S 514 20.66 -71.08 -9.04
C SER S 514 19.59 -70.16 -9.64
N LEU S 515 18.81 -70.68 -10.58
CA LEU S 515 17.95 -69.83 -11.38
C LEU S 515 16.91 -69.16 -10.48
N ARG S 516 16.80 -67.83 -10.62
CA ARG S 516 15.71 -67.10 -9.95
C ARG S 516 14.88 -66.20 -10.91
N TYR S 517 15.28 -66.14 -12.19
CA TYR S 517 14.62 -65.34 -13.21
C TYR S 517 14.72 -65.97 -14.61
N LEU S 518 13.57 -66.07 -15.31
CA LEU S 518 13.54 -66.67 -16.61
C LEU S 518 12.63 -65.87 -17.53
N TRP S 519 13.16 -65.42 -18.65
CA TRP S 519 12.34 -64.80 -19.68
C TRP S 519 12.58 -65.56 -20.98
N VAL S 520 11.51 -65.99 -21.64
CA VAL S 520 11.61 -66.78 -22.86
C VAL S 520 10.61 -66.26 -23.88
N GLN S 521 11.08 -66.03 -25.09
CA GLN S 521 10.17 -65.72 -26.19
C GLN S 521 10.42 -66.73 -27.31
N GLY S 522 9.35 -67.29 -27.88
CA GLY S 522 9.48 -68.30 -28.90
C GLY S 522 9.79 -69.65 -28.30
N TYR S 523 8.82 -70.55 -28.38
CA TYR S 523 8.98 -71.89 -27.83
C TYR S 523 7.79 -72.74 -28.30
N ARG S 524 7.98 -74.07 -28.44
CA ARG S 524 6.91 -74.98 -28.89
C ARG S 524 5.80 -74.96 -27.83
N ALA S 525 4.82 -74.09 -28.02
CA ALA S 525 3.73 -73.92 -27.07
C ALA S 525 2.74 -75.09 -27.09
N SER S 526 1.56 -74.84 -26.53
CA SER S 526 0.40 -75.74 -26.59
C SER S 526 -0.74 -75.06 -25.84
N MET S 527 -1.86 -74.86 -26.52
CA MET S 527 -3.02 -74.21 -25.90
C MET S 527 -3.30 -74.85 -24.53
N THR S 528 -3.03 -76.15 -24.42
CA THR S 528 -3.10 -76.90 -23.15
C THR S 528 -2.65 -75.99 -21.98
N GLY S 529 -1.47 -75.37 -22.18
CA GLY S 529 -0.82 -74.55 -21.18
C GLY S 529 -0.08 -75.42 -20.17
N GLN S 530 -0.65 -76.62 -19.92
CA GLN S 530 -0.37 -77.44 -18.75
C GLN S 530 0.99 -78.11 -18.69
N ASP S 531 1.88 -77.78 -19.61
CA ASP S 531 3.18 -78.41 -19.60
C ASP S 531 4.16 -77.58 -18.82
N LEU S 532 3.99 -76.25 -18.88
CA LEU S 532 4.81 -75.34 -18.09
C LEU S 532 4.62 -75.67 -16.63
N MET S 533 3.42 -76.14 -16.30
CA MET S 533 3.09 -76.45 -14.93
C MET S 533 4.06 -77.41 -14.28
N GLN S 534 4.86 -78.11 -15.06
CA GLN S 534 5.68 -79.14 -14.44
C GLN S 534 6.94 -78.54 -13.80
N MET S 535 6.92 -77.22 -13.68
CA MET S 535 7.93 -76.48 -12.89
C MET S 535 7.31 -75.68 -11.75
N ALA S 536 6.03 -75.90 -11.48
CA ALA S 536 5.35 -75.26 -10.35
C ALA S 536 6.02 -75.65 -9.03
N ARG S 537 6.77 -74.70 -8.47
CA ARG S 537 7.36 -74.84 -7.13
C ARG S 537 6.63 -73.84 -6.28
N PRO S 538 6.80 -73.92 -4.95
CA PRO S 538 6.36 -72.82 -4.07
C PRO S 538 7.22 -71.56 -4.30
N TYR S 539 6.60 -70.37 -4.21
CA TYR S 539 7.27 -69.09 -4.38
C TYR S 539 7.71 -68.81 -5.79
N TRP S 540 7.24 -69.63 -6.73
CA TRP S 540 7.71 -69.51 -8.11
C TRP S 540 6.56 -68.94 -8.95
N ASN S 541 6.74 -67.70 -9.38
CA ASN S 541 5.68 -67.03 -10.09
C ASN S 541 5.89 -67.24 -11.59
N ILE S 542 4.89 -67.79 -12.28
CA ILE S 542 5.02 -67.81 -13.74
C ILE S 542 3.94 -66.86 -14.36
N GLU S 543 4.37 -66.06 -15.33
CA GLU S 543 3.49 -65.14 -16.04
C GLU S 543 3.60 -65.36 -17.53
N LEU S 544 2.49 -65.31 -18.24
CA LEU S 544 2.53 -65.39 -19.70
C LEU S 544 2.09 -64.10 -20.31
N ILE S 545 2.85 -63.61 -21.29
CA ILE S 545 2.36 -62.56 -22.17
C ILE S 545 2.00 -63.18 -23.51
N PRO S 546 0.70 -63.46 -23.73
CA PRO S 546 0.17 -64.20 -24.88
C PRO S 546 0.60 -63.64 -26.25
N SER S 547 0.37 -64.44 -27.29
CA SER S 547 0.89 -64.17 -28.62
C SER S 547 0.18 -63.04 -29.38
N ARG S 548 -0.18 -61.97 -28.69
CA ARG S 548 -0.85 -60.84 -29.34
C ARG S 548 0.09 -60.07 -30.26
N HIS S 564 3.80 -60.32 -31.32
CA HIS S 564 4.99 -61.09 -31.00
C HIS S 564 4.60 -62.42 -30.32
N PRO S 565 5.42 -63.47 -30.49
CA PRO S 565 5.17 -64.82 -29.93
C PRO S 565 5.04 -64.81 -28.39
N ALA S 566 4.30 -65.75 -27.81
CA ALA S 566 4.10 -65.80 -26.34
C ALA S 566 5.40 -65.65 -25.54
N HIS S 567 5.35 -64.86 -24.45
CA HIS S 567 6.52 -64.71 -23.58
C HIS S 567 6.23 -65.45 -22.30
N ILE S 568 7.28 -65.99 -21.69
CA ILE S 568 7.15 -66.60 -20.39
C ILE S 568 8.04 -65.82 -19.46
N LEU S 569 7.49 -65.33 -18.36
CA LEU S 569 8.33 -64.67 -17.37
C LEU S 569 8.14 -65.47 -16.11
N ALA S 570 9.23 -65.87 -15.47
CA ALA S 570 9.07 -66.55 -14.19
C ALA S 570 10.19 -66.16 -13.25
N TYR S 571 9.85 -66.02 -11.96
CA TYR S 571 10.81 -65.52 -10.97
C TYR S 571 10.36 -65.96 -9.58
N TYR S 572 11.33 -66.01 -8.66
CA TYR S 572 11.01 -66.32 -7.28
C TYR S 572 10.57 -65.06 -6.58
N SER S 573 9.62 -65.21 -5.67
CA SER S 573 9.11 -64.10 -4.89
C SER S 573 8.56 -64.53 -3.56
N LEU S 574 9.01 -63.81 -2.54
CA LEU S 574 8.43 -63.96 -1.22
C LEU S 574 7.02 -63.36 -1.05
N ALA S 575 6.51 -62.67 -2.08
CA ALA S 575 5.32 -61.85 -1.90
C ALA S 575 4.04 -62.48 -2.39
N GLY S 576 4.13 -63.47 -3.29
CA GLY S 576 2.95 -64.00 -3.93
C GLY S 576 2.72 -63.31 -5.26
N GLN S 577 1.63 -63.69 -5.93
CA GLN S 577 1.38 -63.14 -7.24
C GLN S 577 1.05 -61.66 -7.16
N ARG S 578 1.62 -60.87 -8.09
CA ARG S 578 1.34 -59.44 -8.18
C ARG S 578 -0.13 -59.16 -8.33
N THR S 579 -0.58 -58.14 -7.62
CA THR S 579 -1.92 -57.64 -7.66
C THR S 579 -2.22 -56.85 -8.92
N ASP S 580 -1.17 -56.42 -9.63
CA ASP S 580 -1.32 -55.32 -10.59
C ASP S 580 -1.09 -55.68 -12.06
N CYS S 581 -1.43 -56.90 -12.46
CA CYS S 581 -1.28 -57.29 -13.86
C CYS S 581 -2.29 -56.61 -14.77
N PRO S 582 -1.82 -56.23 -15.98
CA PRO S 582 -2.62 -55.75 -17.10
C PRO S 582 -3.47 -56.89 -17.61
N THR S 583 -4.38 -56.59 -18.52
CA THR S 583 -5.18 -57.60 -19.18
C THR S 583 -4.33 -58.47 -20.13
N THR S 584 -3.31 -57.87 -20.75
CA THR S 584 -2.36 -58.59 -21.63
C THR S 584 -1.43 -59.57 -20.96
N VAL S 585 -1.56 -59.78 -19.66
CA VAL S 585 -0.68 -60.68 -18.94
C VAL S 585 -1.46 -61.67 -18.10
N ARG S 586 -1.23 -62.96 -18.32
CA ARG S 586 -2.04 -63.98 -17.68
C ARG S 586 -1.17 -64.68 -16.66
N VAL S 587 -1.63 -64.73 -15.42
CA VAL S 587 -0.87 -65.45 -14.40
C VAL S 587 -1.23 -66.93 -14.41
N LEU S 588 -0.24 -67.79 -14.54
CA LEU S 588 -0.48 -69.23 -14.60
C LEU S 588 -0.57 -69.82 -13.20
N LYS S 589 -1.74 -70.39 -12.88
CA LYS S 589 -1.97 -71.13 -11.65
C LYS S 589 -2.47 -72.55 -11.95
N GLU S 590 -2.49 -73.40 -10.93
CA GLU S 590 -2.84 -74.82 -11.07
C GLU S 590 -4.19 -75.00 -11.76
N PRO S 591 -4.49 -76.24 -12.24
CA PRO S 591 -5.67 -76.52 -13.07
C PRO S 591 -6.74 -75.42 -13.14
N ILE S 592 -7.00 -74.95 -14.37
CA ILE S 592 -7.94 -73.86 -14.65
C ILE S 592 -9.37 -74.19 -14.19
N ARG T 1 15.74 -54.24 -32.03
CA ARG T 1 15.57 -52.82 -32.32
C ARG T 1 15.53 -51.98 -31.06
N ARG T 2 16.71 -51.69 -30.50
CA ARG T 2 16.85 -50.89 -29.26
C ARG T 2 16.04 -49.58 -29.33
N ALA T 3 15.51 -49.12 -28.20
CA ALA T 3 14.58 -47.97 -28.19
C ALA T 3 15.28 -46.59 -28.23
N SER T 4 16.57 -46.59 -27.93
CA SER T 4 17.39 -45.38 -27.99
C SER T 4 17.90 -45.07 -29.40
N LEU T 5 18.27 -46.11 -30.15
CA LEU T 5 18.73 -45.98 -31.55
C LEU T 5 17.59 -45.93 -32.58
N HIS T 6 16.40 -46.39 -32.18
CA HIS T 6 15.22 -46.33 -33.03
C HIS T 6 14.73 -44.88 -33.12
N ARG T 7 15.01 -44.13 -32.05
CA ARG T 7 14.73 -42.70 -32.00
C ARG T 7 15.73 -41.92 -32.85
N PHE T 8 16.99 -42.39 -32.84
CA PHE T 8 18.06 -41.74 -33.61
C PHE T 8 18.04 -42.08 -35.09
N LEU T 9 17.89 -43.36 -35.40
CA LEU T 9 17.92 -43.79 -36.80
C LEU T 9 16.86 -43.03 -37.63
N GLU T 10 15.91 -42.42 -36.93
CA GLU T 10 14.88 -41.61 -37.58
C GLU T 10 15.12 -40.09 -37.48
N LYS T 11 15.73 -39.63 -36.38
CA LYS T 11 16.16 -38.25 -36.25
C LYS T 11 17.33 -37.99 -37.19
N ARG T 12 17.94 -39.08 -37.65
CA ARG T 12 19.04 -39.03 -38.62
C ARG T 12 18.52 -38.71 -40.02
N LYS T 13 17.71 -39.61 -40.56
CA LYS T 13 17.07 -39.42 -41.86
C LYS T 13 16.05 -38.26 -41.83
N LYS U 5 38.32 23.01 -53.50
CA LYS U 5 38.16 24.34 -54.12
C LYS U 5 36.70 24.79 -54.23
N ILE U 6 36.37 25.94 -53.63
CA ILE U 6 34.99 26.50 -53.65
C ILE U 6 34.88 27.89 -54.33
N VAL U 7 33.75 28.15 -54.98
CA VAL U 7 33.53 29.43 -55.63
C VAL U 7 32.65 30.35 -54.80
N LEU U 8 33.15 31.56 -54.53
CA LEU U 8 32.38 32.59 -53.83
C LEU U 8 32.02 33.72 -54.79
N LYS U 9 30.72 33.96 -54.96
CA LYS U 9 30.27 35.02 -55.87
C LYS U 9 29.93 36.32 -55.10
N SER U 10 30.80 37.31 -55.26
CA SER U 10 30.68 38.62 -54.61
C SER U 10 29.45 39.41 -55.09
N SER U 11 29.21 40.56 -54.46
CA SER U 11 27.99 41.35 -54.67
C SER U 11 28.08 42.29 -55.86
N ASP U 12 28.79 41.85 -56.89
CA ASP U 12 28.88 42.62 -58.12
C ASP U 12 29.36 41.69 -59.22
N GLY U 13 28.91 40.45 -59.15
CA GLY U 13 29.29 39.41 -60.09
C GLY U 13 30.79 39.29 -60.21
N GLU U 14 31.41 38.62 -59.24
CA GLU U 14 32.86 38.47 -59.24
C GLU U 14 33.23 37.14 -58.62
N SER U 15 33.47 36.13 -59.45
CA SER U 15 33.80 34.82 -58.92
C SER U 15 35.15 34.82 -58.20
N PHE U 16 35.24 34.04 -57.12
CA PHE U 16 36.47 33.95 -56.34
C PHE U 16 36.85 32.47 -56.14
N GLU U 17 37.98 32.08 -56.70
CA GLU U 17 38.52 30.73 -56.49
C GLU U 17 39.21 30.70 -55.13
N VAL U 18 38.65 29.92 -54.19
CA VAL U 18 39.26 29.81 -52.86
C VAL U 18 39.31 28.37 -52.37
N GLU U 19 40.32 28.08 -51.54
CA GLU U 19 40.55 26.72 -51.06
C GLU U 19 39.44 26.22 -50.14
N GLU U 20 39.39 24.91 -49.94
CA GLU U 20 38.44 24.31 -49.04
C GLU U 20 38.44 24.97 -47.66
N ALA U 21 39.50 24.71 -46.90
CA ALA U 21 39.57 25.12 -45.50
C ALA U 21 39.64 26.65 -45.28
N VAL U 22 39.86 27.39 -46.37
CA VAL U 22 39.83 28.84 -46.28
C VAL U 22 38.39 29.36 -46.23
N ALA U 23 37.55 28.87 -47.15
CA ALA U 23 36.15 29.27 -47.18
C ALA U 23 35.38 28.74 -45.96
N LEU U 24 35.94 27.76 -45.28
CA LEU U 24 35.27 27.17 -44.12
C LEU U 24 35.49 27.96 -42.81
N GLU U 25 36.36 28.96 -42.83
CA GLU U 25 36.53 29.85 -41.67
C GLU U 25 35.20 30.56 -41.38
N SER U 26 34.43 30.81 -42.45
CA SER U 26 33.09 31.36 -42.33
C SER U 26 32.07 30.26 -42.07
N GLN U 27 31.55 30.21 -40.84
CA GLN U 27 30.48 29.26 -40.52
C GLN U 27 29.21 29.50 -41.35
N THR U 28 29.12 30.67 -42.00
CA THR U 28 28.00 30.96 -42.88
C THR U 28 28.18 30.24 -44.23
N ILE U 29 29.42 30.15 -44.69
CA ILE U 29 29.71 29.40 -45.91
C ILE U 29 29.84 27.90 -45.61
N ALA U 30 30.12 27.54 -44.36
CA ALA U 30 30.17 26.15 -43.93
C ALA U 30 28.78 25.51 -43.76
N HIS U 31 27.87 26.20 -43.06
CA HIS U 31 26.48 25.73 -42.93
C HIS U 31 25.74 25.76 -44.26
N MET U 32 26.50 26.08 -45.33
CA MET U 32 25.97 26.20 -46.68
C MET U 32 26.61 25.18 -47.62
N VAL U 33 27.24 24.16 -47.05
CA VAL U 33 27.69 23.02 -47.81
C VAL U 33 26.89 21.79 -47.36
N GLU U 34 25.95 22.02 -46.46
CA GLU U 34 24.97 21.00 -46.09
C GLU U 34 23.92 20.92 -47.20
N ASP U 35 23.09 21.96 -47.26
CA ASP U 35 22.15 22.13 -48.36
C ASP U 35 22.89 22.60 -49.62
N ASP U 36 24.16 22.20 -49.70
CA ASP U 36 25.10 22.66 -50.73
C ASP U 36 24.50 23.47 -51.90
N CYS U 37 24.54 24.79 -51.77
CA CYS U 37 24.23 25.68 -52.87
C CYS U 37 25.47 25.79 -53.77
N VAL U 38 26.55 25.17 -53.32
CA VAL U 38 27.84 25.23 -54.00
C VAL U 38 27.75 24.86 -55.49
N ASP U 39 26.65 24.19 -55.87
CA ASP U 39 26.41 23.82 -57.26
C ASP U 39 26.63 25.00 -58.22
N ASN U 40 26.23 26.18 -57.76
CA ASN U 40 26.34 27.41 -58.55
C ASN U 40 27.31 28.42 -57.90
N GLY U 41 28.14 27.92 -56.98
CA GLY U 41 29.00 28.78 -56.17
C GLY U 41 28.18 29.42 -55.07
N VAL U 42 28.78 29.67 -53.92
CA VAL U 42 28.03 30.26 -52.80
C VAL U 42 27.70 31.73 -53.08
N PRO U 43 26.40 32.05 -53.16
CA PRO U 43 25.95 33.41 -53.52
C PRO U 43 25.94 34.32 -52.30
N LEU U 44 26.94 35.19 -52.17
CA LEU U 44 26.92 36.16 -51.06
C LEU U 44 27.00 37.59 -51.55
N PRO U 45 25.85 38.20 -51.89
CA PRO U 45 25.67 39.52 -52.50
C PRO U 45 25.62 40.69 -51.52
N ASN U 46 26.19 40.54 -50.34
CA ASN U 46 26.21 41.62 -49.36
C ASN U 46 27.62 42.07 -49.02
N VAL U 47 28.60 41.37 -49.60
CA VAL U 47 30.00 41.75 -49.49
C VAL U 47 30.51 42.31 -50.79
N THR U 48 30.98 43.55 -50.71
CA THR U 48 31.64 44.20 -51.83
C THR U 48 32.78 43.28 -52.28
N SER U 49 33.15 43.33 -53.56
CA SER U 49 34.21 42.45 -54.05
C SER U 49 35.58 42.84 -53.49
N LYS U 50 35.78 44.15 -53.31
CA LYS U 50 36.98 44.71 -52.67
C LYS U 50 37.16 44.18 -51.24
N ILE U 51 36.05 44.12 -50.51
CA ILE U 51 36.00 43.68 -49.11
C ILE U 51 36.18 42.19 -49.00
N LEU U 52 35.39 41.44 -49.78
CA LEU U 52 35.50 39.97 -49.84
C LEU U 52 36.97 39.52 -50.05
N ALA U 53 37.65 40.21 -50.98
CA ALA U 53 39.08 40.01 -51.24
C ALA U 53 39.91 40.09 -49.95
N LYS U 54 39.77 41.21 -49.23
CA LYS U 54 40.43 41.39 -47.94
C LYS U 54 40.06 40.31 -46.90
N VAL U 55 38.80 39.86 -46.89
CA VAL U 55 38.36 38.80 -45.97
C VAL U 55 39.09 37.50 -46.28
N ILE U 56 39.18 37.15 -47.56
CA ILE U 56 39.86 35.93 -47.98
C ILE U 56 41.36 35.98 -47.67
N GLU U 57 41.99 37.14 -47.87
CA GLU U 57 43.38 37.33 -47.49
C GLU U 57 43.62 37.01 -46.01
N TYR U 58 42.74 37.51 -45.14
CA TYR U 58 42.82 37.24 -43.70
C TYR U 58 42.70 35.73 -43.40
N CYS U 59 41.70 35.10 -44.00
CA CYS U 59 41.43 33.69 -43.74
C CYS U 59 42.55 32.83 -44.29
N LYS U 60 43.04 33.17 -45.48
CA LYS U 60 44.20 32.51 -46.08
C LYS U 60 45.35 32.39 -45.06
N ARG U 61 45.75 33.53 -44.47
CA ARG U 61 46.89 33.60 -43.57
C ARG U 61 46.68 32.87 -42.23
N HIS U 62 45.46 32.92 -41.72
CA HIS U 62 45.21 32.33 -40.42
C HIS U 62 45.17 30.80 -40.48
N VAL U 63 44.67 30.28 -41.61
CA VAL U 63 44.65 28.83 -41.86
C VAL U 63 46.08 28.27 -41.91
N GLU U 64 47.02 29.10 -42.37
CA GLU U 64 48.45 28.77 -42.36
C GLU U 64 49.05 28.92 -40.95
N ALA U 65 48.23 28.64 -39.94
CA ALA U 65 48.71 28.33 -38.60
C ALA U 65 48.70 26.80 -38.47
N ALA U 66 48.76 26.12 -39.62
CA ALA U 66 49.04 24.68 -39.69
C ALA U 66 50.50 24.44 -39.28
N ALA U 67 51.44 24.95 -40.08
CA ALA U 67 52.79 25.17 -39.57
C ALA U 67 52.55 26.13 -38.41
N SER U 68 52.74 25.65 -37.18
CA SER U 68 52.26 26.39 -35.99
C SER U 68 53.15 27.58 -35.60
N ASP U 80 52.76 32.02 -33.53
CA ASP U 80 51.81 32.97 -32.95
C ASP U 80 52.36 34.39 -32.94
N ASP U 81 53.67 34.50 -32.69
CA ASP U 81 54.30 35.81 -32.54
C ASP U 81 54.16 36.69 -33.79
N ASP U 82 54.35 36.07 -34.96
CA ASP U 82 54.32 36.78 -36.24
C ASP U 82 52.90 37.09 -36.72
N LEU U 83 51.91 36.47 -36.07
CA LEU U 83 50.51 36.70 -36.40
C LEU U 83 50.00 38.05 -35.89
N LYS U 84 50.22 38.35 -34.60
CA LYS U 84 49.87 39.67 -34.05
C LYS U 84 50.57 40.77 -34.83
N ALA U 85 51.64 40.41 -35.55
CA ALA U 85 52.34 41.34 -36.43
C ALA U 85 51.54 41.58 -37.72
N TRP U 86 51.29 40.49 -38.47
CA TRP U 86 50.49 40.57 -39.70
C TRP U 86 49.10 41.17 -39.42
N ASP U 87 48.48 40.72 -38.33
CA ASP U 87 47.18 41.23 -37.93
C ASP U 87 47.25 42.74 -37.78
N ALA U 88 48.14 43.23 -36.92
CA ALA U 88 48.28 44.68 -36.69
C ALA U 88 48.50 45.43 -38.00
N ASP U 89 49.27 44.84 -38.89
CA ASP U 89 49.57 45.49 -40.16
C ASP U 89 48.36 45.42 -41.10
N PHE U 90 47.56 44.38 -40.91
CA PHE U 90 46.37 44.16 -41.73
C PHE U 90 45.31 45.24 -41.42
N MET U 91 45.34 45.72 -40.17
CA MET U 91 44.38 46.71 -39.65
C MET U 91 44.76 48.16 -39.92
N LYS U 92 45.97 48.37 -40.47
CA LYS U 92 46.37 49.69 -40.96
C LYS U 92 45.53 50.09 -42.19
N ILE U 93 44.21 50.16 -42.00
CA ILE U 93 43.26 50.55 -43.04
C ILE U 93 42.47 51.76 -42.55
N ASP U 94 41.59 52.29 -43.41
CA ASP U 94 40.76 53.44 -43.05
C ASP U 94 39.47 53.02 -42.33
N GLN U 95 38.86 53.96 -41.63
CA GLN U 95 37.62 53.64 -40.91
C GLN U 95 36.55 53.00 -41.79
N ALA U 96 36.10 53.71 -42.82
CA ALA U 96 35.06 53.15 -43.68
C ALA U 96 35.32 51.69 -44.02
N THR U 97 36.60 51.31 -44.10
CA THR U 97 36.94 49.95 -44.53
C THR U 97 36.98 48.97 -43.37
N LEU U 98 37.47 49.45 -42.24
CA LEU U 98 37.37 48.72 -40.97
C LEU U 98 35.93 48.32 -40.69
N PHE U 99 35.02 49.27 -40.76
CA PHE U 99 33.62 49.02 -40.49
C PHE U 99 33.04 47.98 -41.45
N GLU U 100 33.39 48.09 -42.73
CA GLU U 100 32.85 47.18 -43.74
C GLU U 100 33.35 45.76 -43.51
N LEU U 101 34.50 45.66 -42.84
CA LEU U 101 35.08 44.36 -42.48
C LEU U 101 34.31 43.73 -41.36
N ILE U 102 33.98 44.53 -40.35
CA ILE U 102 33.15 44.10 -39.24
C ILE U 102 31.81 43.57 -39.76
N LEU U 103 31.10 44.40 -40.52
CA LEU U 103 29.84 43.99 -41.14
C LEU U 103 29.98 42.70 -41.92
N ALA U 104 31.12 42.53 -42.60
CA ALA U 104 31.40 41.35 -43.39
C ALA U 104 31.69 40.12 -42.53
N ALA U 105 32.49 40.29 -41.47
CA ALA U 105 32.79 39.21 -40.55
C ALA U 105 31.54 38.72 -39.85
N ASN U 106 30.62 39.64 -39.57
CA ASN U 106 29.32 39.27 -39.01
C ASN U 106 28.36 38.58 -40.02
N TYR U 107 28.40 39.04 -41.29
CA TYR U 107 27.64 38.46 -42.41
C TYR U 107 28.02 37.03 -42.70
N LEU U 108 29.31 36.80 -42.94
CA LEU U 108 29.87 35.44 -42.91
C LEU U 108 29.79 35.02 -41.43
N ASN U 109 30.74 34.27 -40.92
CA ASN U 109 30.71 34.06 -39.48
C ASN U 109 32.09 33.76 -38.94
N ILE U 110 32.97 34.73 -39.10
CA ILE U 110 34.36 34.53 -38.81
C ILE U 110 34.63 35.16 -37.44
N LYS U 111 34.59 34.34 -36.40
CA LYS U 111 34.79 34.83 -35.04
C LYS U 111 36.17 35.45 -34.83
N ASN U 112 37.21 34.86 -35.42
CA ASN U 112 38.55 35.46 -35.36
C ASN U 112 38.55 36.90 -35.91
N LEU U 113 37.86 37.13 -37.03
CA LEU U 113 37.96 38.38 -37.81
C LEU U 113 37.36 39.65 -37.20
N LEU U 114 37.20 39.73 -35.94
CA LEU U 114 36.28 40.71 -35.50
C LEU U 114 36.82 41.17 -34.19
N ASP U 115 37.45 40.22 -33.53
CA ASP U 115 38.17 40.52 -32.33
C ASP U 115 39.32 41.50 -32.57
N LEU U 116 39.73 41.69 -33.83
CA LEU U 116 40.86 42.58 -34.09
C LEU U 116 40.43 43.98 -34.54
N THR U 117 39.40 44.00 -35.39
CA THR U 117 38.89 45.24 -35.92
C THR U 117 38.14 45.99 -34.82
N CYS U 118 37.20 45.26 -34.22
CA CYS U 118 36.44 45.79 -33.07
C CYS U 118 37.35 46.32 -31.94
N GLN U 119 38.35 45.51 -31.60
CA GLN U 119 39.33 45.95 -30.60
C GLN U 119 40.08 47.23 -31.07
N THR U 120 40.30 47.35 -32.39
CA THR U 120 41.02 48.49 -32.96
C THR U 120 40.20 49.78 -32.78
N VAL U 121 38.89 49.64 -33.01
CA VAL U 121 37.98 50.76 -32.80
C VAL U 121 37.89 51.10 -31.31
N ALA U 122 37.72 50.05 -30.50
CA ALA U 122 37.65 50.24 -29.06
C ALA U 122 38.91 50.93 -28.52
N ASP U 123 40.07 50.62 -29.10
CA ASP U 123 41.32 51.24 -28.67
C ASP U 123 41.35 52.75 -28.96
N MET U 124 40.50 53.17 -29.88
CA MET U 124 40.42 54.58 -30.20
C MET U 124 39.63 55.34 -29.14
N ILE U 125 38.65 54.65 -28.56
CA ILE U 125 37.81 55.17 -27.50
C ILE U 125 38.56 55.25 -26.16
N LYS U 126 39.28 54.16 -25.83
CA LYS U 126 39.86 53.96 -24.51
C LYS U 126 40.74 55.12 -24.06
N GLY U 127 40.42 55.69 -22.90
CA GLY U 127 41.15 56.82 -22.36
C GLY U 127 40.63 58.20 -22.78
N LYS U 128 39.88 58.27 -23.88
CA LYS U 128 39.39 59.57 -24.33
C LYS U 128 38.20 60.05 -23.49
N THR U 129 38.01 61.36 -23.42
CA THR U 129 36.84 61.94 -22.76
C THR U 129 35.67 61.92 -23.76
N PRO U 130 34.44 62.12 -23.27
CA PRO U 130 33.29 62.14 -24.18
C PRO U 130 33.44 63.19 -25.29
N GLU U 131 34.04 64.36 -25.01
CA GLU U 131 34.26 65.38 -26.05
C GLU U 131 35.26 64.85 -27.08
N GLU U 132 36.44 64.45 -26.62
CA GLU U 132 37.48 63.85 -27.48
C GLU U 132 36.94 62.67 -28.34
N ILE U 133 36.02 61.87 -27.79
CA ILE U 133 35.41 60.76 -28.55
C ILE U 133 34.60 61.25 -29.76
N ARG U 134 33.63 62.15 -29.55
CA ARG U 134 32.82 62.59 -30.68
C ARG U 134 33.62 63.53 -31.59
N THR U 135 34.67 64.16 -31.05
CA THR U 135 35.62 64.91 -31.87
C THR U 135 36.14 63.91 -32.89
N THR U 136 36.84 62.89 -32.40
CA THR U 136 37.58 61.96 -33.28
C THR U 136 36.71 60.88 -33.96
N PHE U 137 35.42 61.20 -34.14
CA PHE U 137 34.47 60.33 -34.87
C PHE U 137 33.39 61.20 -35.48
N ASN U 138 33.50 62.51 -35.22
CA ASN U 138 32.55 63.48 -35.71
C ASN U 138 31.09 63.06 -35.38
N ILE U 139 30.75 63.16 -34.08
CA ILE U 139 29.40 62.86 -33.62
C ILE U 139 28.81 64.05 -32.88
N LYS U 140 27.60 64.48 -33.29
CA LYS U 140 26.99 65.62 -32.64
C LYS U 140 26.36 65.26 -31.28
N ASN U 141 26.82 65.90 -30.21
CA ASN U 141 26.24 65.72 -28.88
C ASN U 141 24.77 66.13 -28.83
N ASP U 142 23.86 65.15 -28.91
CA ASP U 142 22.41 65.45 -28.95
C ASP U 142 21.68 65.38 -27.61
N PHE U 143 22.41 65.46 -26.49
CA PHE U 143 21.80 65.43 -25.15
C PHE U 143 21.21 66.79 -24.79
N THR U 144 19.98 66.82 -24.30
CA THR U 144 19.53 68.02 -23.60
C THR U 144 20.44 68.13 -22.39
N PRO U 145 20.66 69.34 -21.91
CA PRO U 145 21.58 69.47 -20.78
C PRO U 145 21.12 68.72 -19.51
N GLU U 146 19.80 68.56 -19.27
CA GLU U 146 19.27 67.79 -18.11
C GLU U 146 19.70 66.33 -18.22
N GLU U 147 19.56 65.78 -19.44
CA GLU U 147 19.92 64.41 -19.72
C GLU U 147 21.38 64.24 -19.39
N GLU U 148 22.22 65.06 -20.01
CA GLU U 148 23.65 64.94 -19.81
C GLU U 148 23.96 65.00 -18.32
N GLU U 149 23.23 65.83 -17.59
CA GLU U 149 23.55 66.01 -16.19
C GLU U 149 23.14 64.78 -15.38
N GLU U 150 21.94 64.25 -15.64
CA GLU U 150 21.48 63.05 -14.96
C GLU U 150 22.51 61.95 -15.20
N VAL U 151 22.88 61.72 -16.47
CA VAL U 151 23.81 60.64 -16.78
C VAL U 151 25.15 60.83 -16.06
N ARG U 152 25.64 62.05 -16.08
CA ARG U 152 26.88 62.37 -15.38
C ARG U 152 26.72 62.08 -13.86
N ARG U 153 25.64 62.57 -13.25
CA ARG U 153 25.40 62.25 -11.83
C ARG U 153 25.36 60.75 -11.55
N GLU U 154 24.61 60.03 -12.36
CA GLU U 154 24.49 58.62 -12.15
C GLU U 154 25.87 58.01 -12.23
N ASN U 155 26.64 58.41 -13.25
CA ASN U 155 28.00 57.86 -13.45
C ASN U 155 29.02 58.16 -12.34
N GLN U 156 28.88 59.31 -11.67
CA GLN U 156 29.85 59.70 -10.68
C GLN U 156 29.44 59.58 -9.22
N TRP U 157 28.14 59.64 -8.96
CA TRP U 157 27.66 59.51 -7.59
C TRP U 157 27.16 58.11 -7.23
N ALA U 158 26.72 57.35 -8.23
CA ALA U 158 25.98 56.14 -7.97
C ALA U 158 26.60 54.88 -8.52
N PHE U 159 26.74 54.80 -9.84
CA PHE U 159 27.11 53.55 -10.51
C PHE U 159 28.55 53.44 -11.04
N GLU U 160 29.29 52.48 -10.54
CA GLU U 160 30.57 52.02 -11.13
C GLU U 160 31.79 52.56 -10.39
N SER V 12 24.77 50.90 -50.31
CA SER V 12 26.12 51.11 -49.77
C SER V 12 26.54 52.58 -49.81
N CYS V 13 26.60 53.20 -48.62
CA CYS V 13 27.09 54.56 -48.47
C CYS V 13 28.30 54.50 -47.52
N VAL V 14 29.03 55.60 -47.38
CA VAL V 14 30.15 55.64 -46.44
C VAL V 14 29.71 55.01 -45.09
N ALA V 15 30.39 53.97 -44.63
CA ALA V 15 30.05 53.37 -43.33
C ALA V 15 30.51 54.25 -42.16
N THR V 16 29.58 54.57 -41.25
CA THR V 16 29.84 55.42 -40.07
C THR V 16 30.21 54.57 -38.86
N VAL V 17 30.66 55.21 -37.80
CA VAL V 17 30.88 54.50 -36.54
C VAL V 17 29.58 53.91 -36.07
N ASP V 18 28.49 54.61 -36.37
CA ASP V 18 27.16 54.21 -35.96
C ASP V 18 26.75 52.83 -36.52
N ASP V 19 27.36 52.42 -37.63
CA ASP V 19 26.97 51.15 -38.24
C ASP V 19 27.65 49.97 -37.52
N VAL V 20 28.37 50.28 -36.46
CA VAL V 20 29.33 49.31 -35.95
C VAL V 20 29.48 49.40 -34.41
N ILE V 21 28.86 50.43 -33.81
CA ILE V 21 29.09 50.75 -32.39
C ILE V 21 28.41 49.77 -31.44
N GLU V 22 27.26 49.25 -31.84
CA GLU V 22 26.64 48.17 -31.08
C GLU V 22 27.58 47.00 -30.87
N GLN V 23 28.37 46.72 -31.89
CA GLN V 23 29.35 45.63 -31.87
C GLN V 23 30.61 45.96 -31.04
N VAL V 24 31.21 47.11 -31.33
CA VAL V 24 32.44 47.55 -30.70
C VAL V 24 32.27 47.72 -29.19
N MET V 25 31.09 48.22 -28.76
CA MET V 25 30.84 48.60 -27.36
C MET V 25 31.14 47.45 -26.41
N THR V 26 30.83 46.26 -26.85
CA THR V 26 31.05 45.08 -26.03
C THR V 26 32.53 44.68 -25.94
N TYR V 27 33.44 45.47 -26.52
CA TYR V 27 34.91 45.26 -26.35
C TYR V 27 35.56 46.31 -25.46
N ILE V 28 34.72 47.26 -25.03
CA ILE V 28 35.13 48.26 -24.06
C ILE V 28 34.78 47.65 -22.71
N THR V 29 35.81 47.43 -21.90
CA THR V 29 35.63 46.68 -20.68
C THR V 29 35.79 47.60 -19.47
N ASP V 30 36.72 48.56 -19.57
CA ASP V 30 37.05 49.45 -18.45
C ASP V 30 35.85 50.32 -18.01
N PRO V 31 35.45 50.19 -16.74
CA PRO V 31 34.31 50.95 -16.26
C PRO V 31 34.44 52.44 -16.52
N LYS V 32 35.66 52.97 -16.56
CA LYS V 32 35.82 54.43 -16.75
C LYS V 32 35.66 54.83 -18.23
N ASP V 33 35.84 53.85 -19.12
CA ASP V 33 35.67 54.07 -20.56
C ASP V 33 34.21 53.87 -21.00
N ARG V 34 33.50 52.96 -20.31
CA ARG V 34 32.04 52.84 -20.45
C ARG V 34 31.38 54.15 -20.03
N ASP V 35 31.83 54.67 -18.88
CA ASP V 35 31.43 55.97 -18.36
C ASP V 35 31.49 56.98 -19.48
N SER V 36 32.66 57.14 -20.08
CA SER V 36 32.79 58.16 -21.13
C SER V 36 31.85 57.85 -22.28
N ALA V 37 31.97 56.64 -22.80
CA ALA V 37 31.14 56.23 -23.96
C ALA V 37 29.66 56.56 -23.78
N SER V 38 29.17 56.34 -22.56
CA SER V 38 27.76 56.49 -22.28
C SER V 38 27.37 57.95 -22.46
N LEU V 39 28.40 58.82 -22.43
CA LEU V 39 28.19 60.28 -22.52
C LEU V 39 28.38 60.93 -23.91
N VAL V 40 28.72 60.14 -24.94
CA VAL V 40 28.99 60.74 -26.24
C VAL V 40 27.75 61.15 -27.00
N CYS V 41 26.64 60.50 -26.76
CA CYS V 41 25.38 60.88 -27.42
C CYS V 41 24.26 59.86 -27.12
N ARG V 42 23.01 60.27 -27.33
CA ARG V 42 21.87 59.42 -26.92
C ARG V 42 21.98 57.96 -27.33
N ARG V 43 22.51 57.70 -28.52
CA ARG V 43 22.56 56.32 -28.99
C ARG V 43 23.58 55.48 -28.24
N TRP V 44 24.75 56.06 -27.99
CA TRP V 44 25.80 55.34 -27.30
C TRP V 44 25.30 55.11 -25.89
N PHE V 45 24.63 56.12 -25.34
CA PHE V 45 24.09 55.98 -24.01
C PHE V 45 23.23 54.70 -23.97
N LYS V 46 22.38 54.50 -24.96
CA LYS V 46 21.42 53.39 -24.93
C LYS V 46 22.13 52.04 -25.15
N ILE V 47 23.14 52.01 -26.02
CA ILE V 47 23.85 50.77 -26.26
C ILE V 47 24.67 50.40 -25.01
N ASP V 48 25.25 51.38 -24.35
CA ASP V 48 25.96 51.07 -23.13
C ASP V 48 24.94 50.54 -22.11
N SER V 49 23.82 51.26 -21.97
CA SER V 49 22.73 50.88 -21.06
C SER V 49 22.30 49.42 -21.23
N GLU V 50 22.13 48.98 -22.48
CA GLU V 50 21.69 47.60 -22.76
C GLU V 50 22.78 46.51 -22.76
N THR V 51 24.04 46.91 -22.69
CA THR V 51 25.14 45.93 -22.78
C THR V 51 26.04 45.88 -21.53
N ARG V 52 25.94 46.90 -20.65
CA ARG V 52 26.70 46.91 -19.42
C ARG V 52 26.49 45.57 -18.72
N GLU V 53 27.60 44.93 -18.32
CA GLU V 53 27.50 43.64 -17.66
C GLU V 53 27.66 43.72 -16.13
N HIS V 54 28.58 44.55 -15.67
CA HIS V 54 28.81 44.71 -14.24
C HIS V 54 28.75 46.17 -13.75
N VAL V 55 28.10 46.37 -12.61
CA VAL V 55 27.99 47.66 -11.96
C VAL V 55 28.31 47.49 -10.48
N THR V 56 29.08 48.41 -9.93
CA THR V 56 29.35 48.41 -8.50
C THR V 56 28.74 49.65 -7.88
N MET V 57 28.06 49.51 -6.73
CA MET V 57 27.57 50.70 -6.03
C MET V 57 28.31 50.85 -4.74
N ALA V 58 29.13 51.89 -4.62
CA ALA V 58 29.91 52.01 -3.41
C ALA V 58 29.07 52.33 -2.15
N LEU V 59 27.83 52.81 -2.36
CA LEU V 59 26.96 53.13 -1.23
C LEU V 59 25.55 52.92 -1.69
N CYS V 60 24.92 51.89 -1.16
CA CYS V 60 23.60 51.51 -1.64
C CYS V 60 22.59 52.68 -1.65
N TYR V 61 22.80 53.68 -0.77
CA TYR V 61 21.80 54.72 -0.54
C TYR V 61 21.94 55.91 -1.48
N THR V 62 22.78 55.70 -2.48
CA THR V 62 23.16 56.67 -3.44
C THR V 62 22.16 56.70 -4.60
N ALA V 63 21.43 55.60 -4.81
CA ALA V 63 20.35 55.59 -5.80
C ALA V 63 19.29 54.57 -5.46
N THR V 64 18.05 54.76 -5.90
CA THR V 64 17.05 53.71 -5.73
C THR V 64 17.28 52.55 -6.68
N PRO V 65 16.80 51.36 -6.30
CA PRO V 65 16.93 50.19 -7.17
C PRO V 65 16.20 50.38 -8.50
N ASP V 66 15.09 51.11 -8.46
CA ASP V 66 14.40 51.48 -9.69
C ASP V 66 15.34 52.13 -10.69
N ARG V 67 16.15 53.08 -10.22
CA ARG V 67 17.06 53.81 -11.09
C ARG V 67 18.12 52.91 -11.70
N LEU V 68 18.65 52.00 -10.87
CA LEU V 68 19.65 51.05 -11.28
C LEU V 68 19.14 50.17 -12.40
N SER V 69 17.93 49.62 -12.26
CA SER V 69 17.43 48.66 -13.25
C SER V 69 16.86 49.34 -14.53
N ARG V 70 16.57 50.64 -14.41
CA ARG V 70 16.14 51.41 -15.56
C ARG V 70 17.34 51.67 -16.43
N ARG V 71 18.41 52.16 -15.81
CA ARG V 71 19.70 52.40 -16.50
C ARG V 71 20.38 51.14 -17.11
N PHE V 72 20.41 50.03 -16.37
CA PHE V 72 21.16 48.82 -16.76
C PHE V 72 20.34 47.53 -16.68
N PRO V 73 19.31 47.40 -17.50
CA PRO V 73 18.34 46.30 -17.38
C PRO V 73 18.96 44.92 -17.54
N ASN V 74 20.14 44.83 -18.17
CA ASN V 74 20.71 43.52 -18.43
C ASN V 74 22.01 43.20 -17.68
N LEU V 75 22.18 43.80 -16.50
CA LEU V 75 23.26 43.45 -15.58
C LEU V 75 23.37 41.92 -15.46
N ARG V 76 24.61 41.45 -15.49
CA ARG V 76 24.91 40.06 -15.20
C ARG V 76 25.45 39.98 -13.79
N SER V 77 26.08 41.07 -13.33
CA SER V 77 26.82 41.05 -12.10
C SER V 77 26.63 42.33 -11.30
N LEU V 78 26.20 42.22 -10.03
CA LEU V 78 26.00 43.42 -9.17
C LEU V 78 26.84 43.38 -7.89
N LYS V 79 27.28 44.55 -7.42
CA LYS V 79 28.00 44.62 -6.17
C LYS V 79 27.61 45.84 -5.36
N LEU V 80 26.94 45.66 -4.23
CA LEU V 80 26.48 46.79 -3.43
C LEU V 80 27.18 46.82 -2.10
N LYS V 81 27.63 47.99 -1.68
CA LYS V 81 28.17 48.11 -0.35
C LYS V 81 27.21 48.94 0.48
N GLY V 82 27.21 48.72 1.79
CA GLY V 82 26.27 49.41 2.65
C GLY V 82 26.90 50.26 3.72
N LYS V 83 27.07 49.67 4.89
CA LYS V 83 27.63 50.43 5.99
C LYS V 83 29.00 50.99 5.61
N PRO V 84 29.31 52.16 6.15
CA PRO V 84 30.60 52.83 6.05
C PRO V 84 31.70 51.91 6.56
N ARG V 85 32.87 52.00 5.95
CA ARG V 85 34.03 51.18 6.33
C ARG V 85 34.24 51.13 7.87
N ALA V 86 33.86 52.20 8.53
CA ALA V 86 34.11 52.33 9.95
C ALA V 86 33.44 51.22 10.70
N ALA V 87 32.48 50.57 10.05
CA ALA V 87 31.68 49.53 10.71
C ALA V 87 32.52 48.28 11.00
N MET V 88 33.59 48.07 10.21
CA MET V 88 34.51 46.95 10.40
C MET V 88 35.35 47.13 11.65
N PHE V 89 35.16 48.24 12.38
CA PHE V 89 35.94 48.56 13.58
C PHE V 89 35.03 48.90 14.73
N ASN V 90 33.86 48.29 14.72
CA ASN V 90 32.81 48.52 15.70
C ASN V 90 32.53 49.94 16.08
N LEU V 91 32.50 50.81 15.06
CA LEU V 91 32.22 52.23 15.27
C LEU V 91 30.80 52.61 14.81
N ILE V 92 30.17 51.74 14.01
CA ILE V 92 28.86 52.01 13.43
C ILE V 92 27.81 51.14 14.12
N PRO V 93 26.67 51.72 14.55
CA PRO V 93 25.57 50.95 15.18
C PRO V 93 25.14 49.79 14.28
N GLU V 94 24.71 48.71 14.90
CA GLU V 94 24.37 47.53 14.12
C GLU V 94 23.18 47.79 13.19
N ASN V 95 22.23 48.56 13.67
CA ASN V 95 21.00 48.80 12.94
C ASN V 95 21.11 50.00 11.96
N TRP V 96 22.32 50.49 11.74
CA TRP V 96 22.50 51.72 10.94
C TRP V 96 21.79 51.72 9.60
N GLY V 97 21.88 50.61 8.87
CA GLY V 97 21.28 50.52 7.56
C GLY V 97 22.01 49.52 6.68
N GLY V 98 21.79 49.60 5.38
CA GLY V 98 22.41 48.63 4.50
C GLY V 98 21.48 47.46 4.24
N TYR V 99 20.19 47.62 4.48
CA TYR V 99 19.20 46.59 4.14
C TYR V 99 19.18 46.22 2.65
N VAL V 100 19.41 44.97 2.35
CA VAL V 100 19.58 44.51 1.01
C VAL V 100 18.22 44.25 0.36
N THR V 101 17.14 44.31 1.15
CA THR V 101 15.87 43.74 0.70
C THR V 101 15.17 44.42 -0.50
N PRO V 102 15.18 45.77 -0.59
CA PRO V 102 14.65 46.46 -1.78
C PRO V 102 15.42 46.07 -3.02
N TRP V 103 16.71 45.84 -2.86
CA TRP V 103 17.51 45.41 -3.99
C TRP V 103 17.16 44.00 -4.41
N VAL V 104 16.88 43.09 -3.46
CA VAL V 104 16.50 41.79 -3.98
C VAL V 104 15.13 41.85 -4.60
N THR V 105 14.22 42.69 -4.11
CA THR V 105 12.96 42.62 -4.81
C THR V 105 13.13 43.20 -6.22
N GLU V 106 13.98 44.23 -6.38
CA GLU V 106 14.25 44.77 -7.72
C GLU V 106 14.90 43.70 -8.61
N ILE V 107 15.88 42.98 -8.08
CA ILE V 107 16.44 41.88 -8.83
C ILE V 107 15.37 40.89 -9.31
N SER V 108 14.46 40.47 -8.42
CA SER V 108 13.34 39.56 -8.79
C SER V 108 12.62 40.02 -10.01
N ASN V 109 12.27 41.31 -10.03
CA ASN V 109 11.38 41.80 -11.05
C ASN V 109 12.06 42.26 -12.29
N ASN V 110 13.24 42.85 -12.17
CA ASN V 110 13.75 43.65 -13.29
C ASN V 110 15.20 43.40 -13.74
N LEU V 111 15.98 42.70 -12.92
CA LEU V 111 17.31 42.33 -13.35
C LEU V 111 17.29 40.85 -13.69
N ARG V 112 16.49 40.51 -14.68
CA ARG V 112 16.27 39.11 -15.05
C ARG V 112 17.48 38.38 -15.64
N GLN V 113 18.65 38.99 -15.64
CA GLN V 113 19.79 38.40 -16.29
C GLN V 113 20.89 38.15 -15.27
N LEU V 114 20.66 38.60 -14.04
CA LEU V 114 21.69 38.65 -13.02
C LEU V 114 22.15 37.25 -12.69
N LYS V 115 23.46 37.06 -12.67
CA LYS V 115 24.01 35.72 -12.44
C LYS V 115 24.96 35.73 -11.23
N SER V 116 25.33 36.95 -10.78
CA SER V 116 26.24 37.13 -9.66
C SER V 116 25.88 38.32 -8.76
N VAL V 117 25.88 38.09 -7.46
CA VAL V 117 25.59 39.16 -6.50
C VAL V 117 26.57 39.17 -5.37
N HIS V 118 27.11 40.34 -5.08
CA HIS V 118 28.06 40.50 -3.99
C HIS V 118 27.57 41.64 -3.08
N PHE V 119 27.19 41.29 -1.86
CA PHE V 119 26.71 42.26 -0.91
C PHE V 119 27.85 42.47 0.08
N ARG V 120 28.20 43.70 0.37
CA ARG V 120 29.35 43.98 1.20
C ARG V 120 28.98 44.92 2.33
N ARG V 121 29.14 44.45 3.55
CA ARG V 121 28.70 45.19 4.73
C ARG V 121 27.24 45.53 4.69
N MET V 122 26.38 44.55 4.44
CA MET V 122 24.94 44.83 4.38
C MET V 122 24.14 43.91 5.34
N ILE V 123 22.91 44.33 5.64
CA ILE V 123 21.96 43.53 6.39
C ILE V 123 21.19 42.63 5.40
N VAL V 124 21.40 41.32 5.49
CA VAL V 124 20.70 40.36 4.68
C VAL V 124 19.88 39.44 5.59
N SER V 125 18.57 39.36 5.36
CA SER V 125 17.70 38.45 6.12
C SER V 125 17.38 37.11 5.40
N ASP V 126 16.77 36.17 6.11
CA ASP V 126 16.45 34.89 5.49
C ASP V 126 15.41 35.09 4.42
N LEU V 127 14.51 36.02 4.69
CA LEU V 127 13.45 36.27 3.73
C LEU V 127 14.10 36.80 2.45
N ASP V 128 15.03 37.74 2.61
CA ASP V 128 15.55 38.25 1.37
C ASP V 128 16.48 37.25 0.63
N LEU V 129 17.14 36.33 1.36
CA LEU V 129 17.79 35.32 0.51
C LEU V 129 16.88 34.21 0.00
N ASP V 130 15.80 33.92 0.67
CA ASP V 130 14.85 32.97 0.09
C ASP V 130 14.29 33.54 -1.20
N ARG V 131 14.06 34.85 -1.22
CA ARG V 131 13.53 35.49 -2.41
C ARG V 131 14.53 35.51 -3.54
N LEU V 132 15.79 35.78 -3.20
CA LEU V 132 16.87 35.78 -4.20
C LEU V 132 16.95 34.40 -4.83
N ALA V 133 16.96 33.38 -3.96
CA ALA V 133 17.17 32.00 -4.39
C ALA V 133 16.12 31.61 -5.37
N LYS V 134 14.86 31.90 -5.01
CA LYS V 134 13.74 31.47 -5.85
C LYS V 134 13.67 32.26 -7.15
N ALA V 135 14.10 33.52 -7.10
CA ALA V 135 13.94 34.39 -8.24
C ALA V 135 14.99 34.12 -9.29
N ARG V 136 16.14 33.66 -8.83
CA ARG V 136 17.29 33.59 -9.70
C ARG V 136 17.68 32.12 -9.92
N ALA V 137 17.35 31.27 -8.93
CA ALA V 137 17.49 29.82 -9.03
C ALA V 137 18.77 29.33 -9.73
N ASP V 138 18.61 28.51 -10.76
CA ASP V 138 19.78 27.92 -11.43
C ASP V 138 20.70 28.92 -12.10
N ASP V 139 20.22 30.16 -12.26
CA ASP V 139 21.04 31.20 -12.88
C ASP V 139 22.06 31.84 -11.95
N LEU V 140 21.87 31.73 -10.63
CA LEU V 140 22.82 32.33 -9.69
C LEU V 140 24.12 31.53 -9.69
N GLU V 141 25.13 32.05 -10.36
CA GLU V 141 26.41 31.36 -10.44
C GLU V 141 27.26 31.76 -9.26
N THR V 142 27.08 33.00 -8.79
CA THR V 142 27.87 33.40 -7.65
C THR V 142 27.14 34.31 -6.62
N LEU V 143 27.33 34.05 -5.33
CA LEU V 143 26.75 34.84 -4.25
C LEU V 143 27.86 35.13 -3.26
N LYS V 144 28.03 36.39 -2.91
CA LYS V 144 29.01 36.74 -1.91
C LYS V 144 28.40 37.53 -0.78
N LEU V 145 28.18 36.89 0.38
CA LEU V 145 27.76 37.62 1.59
C LEU V 145 29.00 38.07 2.38
N ASP V 146 29.50 39.26 2.05
CA ASP V 146 30.80 39.70 2.47
C ASP V 146 30.70 40.67 3.64
N LYS V 147 31.06 40.23 4.84
CA LYS V 147 30.87 41.02 6.06
C LYS V 147 29.41 41.47 6.27
N CYS V 148 28.48 40.57 5.97
CA CYS V 148 27.06 40.88 6.12
C CYS V 148 26.50 40.31 7.42
N SER V 149 25.29 40.71 7.79
CA SER V 149 24.67 40.18 8.99
C SER V 149 23.18 40.06 8.77
N GLY V 150 22.50 39.36 9.69
CA GLY V 150 21.04 39.37 9.76
C GLY V 150 20.34 38.12 9.25
N PHE V 151 21.09 37.16 8.71
CA PHE V 151 20.48 35.91 8.21
C PHE V 151 20.75 34.72 9.15
N THR V 152 20.41 33.52 8.66
CA THR V 152 20.66 32.30 9.42
C THR V 152 20.92 31.18 8.44
N THR V 153 21.21 29.99 8.95
CA THR V 153 21.40 28.82 8.10
C THR V 153 20.19 28.46 7.26
N ASP V 154 19.00 28.88 7.63
CA ASP V 154 17.81 28.63 6.77
C ASP V 154 18.00 29.34 5.43
N GLY V 155 18.58 30.54 5.50
CA GLY V 155 18.83 31.32 4.32
C GLY V 155 19.81 30.58 3.45
N LEU V 156 20.96 30.21 4.01
CA LEU V 156 21.96 29.47 3.25
C LEU V 156 21.33 28.23 2.60
N LEU V 157 20.52 27.50 3.38
CA LEU V 157 19.89 26.28 2.86
C LEU V 157 19.06 26.61 1.63
N SER V 158 18.31 27.70 1.76
CA SER V 158 17.41 28.09 0.70
C SER V 158 18.16 28.37 -0.61
N ILE V 159 19.31 29.03 -0.55
CA ILE V 159 20.02 29.27 -1.79
C ILE V 159 20.72 28.00 -2.30
N VAL V 160 21.32 27.18 -1.44
CA VAL V 160 21.97 26.00 -1.99
C VAL V 160 20.99 24.94 -2.48
N THR V 161 19.71 25.02 -2.13
CA THR V 161 18.76 24.02 -2.70
C THR V 161 18.05 24.49 -3.98
N HIS V 162 17.88 25.81 -4.11
CA HIS V 162 17.28 26.40 -5.32
C HIS V 162 18.28 26.84 -6.37
N CYS V 163 19.53 27.09 -5.99
CA CYS V 163 20.56 27.49 -6.93
C CYS V 163 21.54 26.35 -7.10
N ARG V 164 21.21 25.46 -8.02
CA ARG V 164 21.85 24.15 -8.02
C ARG V 164 23.19 24.21 -8.78
N LYS V 165 23.47 25.36 -9.38
CA LYS V 165 24.68 25.49 -10.17
C LYS V 165 25.66 26.52 -9.65
N ILE V 166 25.56 26.83 -8.36
CA ILE V 166 26.41 27.86 -7.78
C ILE V 166 27.85 27.52 -8.00
N LYS V 167 28.62 28.46 -8.57
CA LYS V 167 30.06 28.27 -8.80
C LYS V 167 30.89 28.85 -7.69
N THR V 168 30.47 30.02 -7.20
CA THR V 168 31.20 30.59 -6.06
C THR V 168 30.25 31.12 -4.97
N LEU V 169 30.43 30.59 -3.75
CA LEU V 169 29.60 30.88 -2.58
C LEU V 169 30.50 31.37 -1.41
N LEU V 170 30.28 32.59 -0.95
CA LEU V 170 31.17 33.21 0.05
C LEU V 170 30.43 33.86 1.26
N MET V 171 30.90 33.60 2.47
CA MET V 171 30.32 34.20 3.68
C MET V 171 31.33 34.87 4.59
N GLU V 172 32.55 35.07 4.10
CA GLU V 172 33.65 35.53 4.92
C GLU V 172 33.21 36.63 5.89
N GLU V 173 33.56 36.49 7.15
CA GLU V 173 33.33 37.54 8.17
C GLU V 173 31.86 37.94 8.36
N SER V 174 30.93 37.13 7.89
CA SER V 174 29.54 37.44 8.14
C SER V 174 29.08 36.90 9.45
N SER V 175 28.19 37.61 10.11
CA SER V 175 27.56 37.08 11.28
C SER V 175 26.10 36.69 11.03
N PHE V 176 25.74 35.49 11.48
CA PHE V 176 24.42 34.89 11.23
C PHE V 176 24.12 33.92 12.37
N SER V 177 22.92 33.38 12.41
CA SER V 177 22.58 32.42 13.45
C SER V 177 22.69 31.03 12.87
N GLU V 178 23.53 30.19 13.49
CA GLU V 178 23.71 28.82 13.02
C GLU V 178 22.77 27.84 13.73
N LYS V 179 21.70 27.44 13.06
CA LYS V 179 20.73 26.49 13.62
C LYS V 179 21.06 25.03 13.29
N ASP V 180 21.71 24.83 12.14
CA ASP V 180 22.06 23.48 11.73
C ASP V 180 23.18 23.43 10.68
N GLY V 181 23.51 22.23 10.24
CA GLY V 181 24.52 22.11 9.20
C GLY V 181 24.01 21.63 7.86
N LYS V 182 22.69 21.62 7.64
CA LYS V 182 22.17 21.00 6.41
C LYS V 182 22.52 21.75 5.12
N TRP V 183 22.83 23.03 5.20
CA TRP V 183 23.24 23.72 3.99
C TRP V 183 24.48 23.07 3.38
N LEU V 184 25.54 22.85 4.16
CA LEU V 184 26.77 22.16 3.66
C LEU V 184 26.45 20.77 3.12
N HIS V 185 25.55 20.07 3.81
CA HIS V 185 25.26 18.69 3.47
C HIS V 185 24.50 18.71 2.18
N GLU V 186 23.68 19.73 1.99
CA GLU V 186 22.86 19.86 0.76
C GLU V 186 23.75 20.10 -0.45
N LEU V 187 24.82 20.89 -0.27
CA LEU V 187 25.82 21.08 -1.32
C LEU V 187 26.54 19.76 -1.59
N ALA V 188 27.00 19.12 -0.53
CA ALA V 188 27.67 17.83 -0.67
C ALA V 188 26.83 16.86 -1.54
N GLN V 189 25.52 16.89 -1.37
CA GLN V 189 24.70 15.87 -1.99
C GLN V 189 24.36 16.12 -3.45
N HIS V 190 24.31 17.37 -3.86
CA HIS V 190 23.83 17.66 -5.21
C HIS V 190 24.67 18.64 -6.03
N ASN V 191 25.63 19.32 -5.41
CA ASN V 191 26.39 20.33 -6.14
C ASN V 191 27.63 19.76 -6.76
N THR V 192 27.85 20.18 -8.01
CA THR V 192 28.89 19.64 -8.86
C THR V 192 29.84 20.71 -9.42
N SER V 193 29.36 21.94 -9.36
CA SER V 193 29.89 23.03 -10.15
C SER V 193 30.75 23.99 -9.31
N LEU V 194 30.71 23.80 -7.99
CA LEU V 194 31.42 24.67 -7.06
C LEU V 194 32.89 24.90 -7.46
N GLU V 195 33.28 26.17 -7.59
CA GLU V 195 34.69 26.54 -7.88
C GLU V 195 35.36 27.20 -6.68
N VAL V 196 34.63 28.08 -6.00
CA VAL V 196 35.15 28.64 -4.79
C VAL V 196 34.11 28.71 -3.69
N LEU V 197 34.52 28.27 -2.49
CA LEU V 197 33.68 28.12 -1.30
C LEU V 197 34.46 28.77 -0.18
N ASN V 198 33.85 29.73 0.49
CA ASN V 198 34.61 30.56 1.39
C ASN V 198 33.77 30.90 2.60
N PHE V 199 34.08 30.27 3.73
CA PHE V 199 33.53 30.75 4.99
C PHE V 199 34.63 31.03 5.99
N TYR V 200 35.62 31.78 5.53
CA TYR V 200 36.90 31.95 6.21
C TYR V 200 36.84 32.44 7.66
N MET V 201 36.13 33.52 7.87
CA MET V 201 36.21 34.06 9.20
C MET V 201 34.84 33.88 9.87
N THR V 202 34.47 32.62 10.09
CA THR V 202 33.14 32.30 10.61
C THR V 202 33.02 31.14 11.61
N GLU V 203 32.18 31.36 12.61
CA GLU V 203 31.85 30.36 13.61
C GLU V 203 30.84 29.39 13.07
N PHE V 204 31.30 28.24 12.58
CA PHE V 204 30.37 27.14 12.30
C PHE V 204 30.72 25.96 13.19
N ALA V 205 29.79 25.56 14.04
CA ALA V 205 30.00 24.43 14.94
C ALA V 205 29.16 23.19 14.57
N LYS V 206 28.27 23.32 13.59
CA LYS V 206 27.37 22.23 13.30
C LYS V 206 27.56 21.65 11.90
N ILE V 207 28.59 22.07 11.19
CA ILE V 207 28.82 21.48 9.85
C ILE V 207 29.85 20.38 9.93
N SER V 208 29.71 19.41 9.03
CA SER V 208 30.51 18.17 9.09
C SER V 208 31.72 18.14 8.13
N PRO V 209 32.95 17.97 8.64
CA PRO V 209 34.07 17.89 7.69
C PRO V 209 33.85 16.79 6.63
N LYS V 210 33.08 15.75 6.95
CA LYS V 210 32.74 14.74 5.95
C LYS V 210 32.10 15.36 4.73
N ASP V 211 31.15 16.27 4.95
CA ASP V 211 30.37 16.93 3.89
C ASP V 211 31.32 17.72 2.96
N LEU V 212 32.33 18.35 3.56
CA LEU V 212 33.32 19.18 2.86
C LEU V 212 34.19 18.33 1.95
N GLU V 213 34.64 17.21 2.52
CA GLU V 213 35.36 16.18 1.78
C GLU V 213 34.51 15.69 0.62
N THR V 214 33.23 15.39 0.86
CA THR V 214 32.42 14.89 -0.25
C THR V 214 32.23 15.94 -1.38
N ILE V 215 32.23 17.21 -0.99
CA ILE V 215 32.17 18.29 -1.98
C ILE V 215 33.40 18.28 -2.85
N ALA V 216 34.57 18.05 -2.24
CA ALA V 216 35.84 18.02 -2.97
C ALA V 216 35.81 16.86 -3.94
N ARG V 217 35.20 15.78 -3.50
CA ARG V 217 35.16 14.58 -4.31
C ARG V 217 34.28 14.76 -5.55
N ASN V 218 33.27 15.63 -5.45
CA ASN V 218 32.29 15.86 -6.54
C ASN V 218 32.50 17.08 -7.48
N CYS V 219 33.31 18.03 -7.04
CA CYS V 219 33.46 19.32 -7.73
C CYS V 219 34.84 19.42 -8.36
N ARG V 220 34.91 19.00 -9.62
CA ARG V 220 36.20 18.83 -10.23
C ARG V 220 36.90 20.18 -10.39
N SER V 221 36.14 21.26 -10.37
CA SER V 221 36.75 22.58 -10.59
C SER V 221 36.98 23.35 -9.29
N LEU V 222 36.91 22.64 -8.17
CA LEU V 222 37.11 23.26 -6.87
C LEU V 222 38.54 23.78 -6.77
N VAL V 223 38.69 25.09 -6.75
CA VAL V 223 40.00 25.72 -6.81
C VAL V 223 40.37 26.46 -5.51
N SER V 224 39.38 27.03 -4.83
CA SER V 224 39.63 27.75 -3.57
C SER V 224 38.63 27.45 -2.44
N VAL V 225 39.15 27.05 -1.27
CA VAL V 225 38.27 26.91 -0.12
C VAL V 225 38.92 27.49 1.11
N LYS V 226 38.13 28.28 1.84
CA LYS V 226 38.52 28.87 3.11
C LYS V 226 37.47 28.46 4.15
N VAL V 227 37.87 28.30 5.40
CA VAL V 227 37.05 27.49 6.28
C VAL V 227 37.21 27.99 7.70
N GLY V 228 36.33 27.53 8.61
CA GLY V 228 36.41 27.90 10.02
C GLY V 228 37.40 27.08 10.85
N ASP V 229 37.04 26.79 12.09
CA ASP V 229 37.95 26.04 12.99
C ASP V 229 37.90 24.48 12.93
N PHE V 230 37.81 23.92 11.71
CA PHE V 230 37.98 22.47 11.50
C PHE V 230 39.36 22.00 11.93
N GLU V 231 39.43 20.89 12.67
CA GLU V 231 40.73 20.26 12.95
C GLU V 231 41.35 19.84 11.59
N ILE V 232 42.55 20.36 11.29
CA ILE V 232 43.16 20.02 10.00
C ILE V 232 43.25 18.51 9.77
N LEU V 233 43.49 17.74 10.84
CA LEU V 233 43.53 16.28 10.73
C LEU V 233 42.23 15.71 10.18
N GLU V 234 41.11 16.33 10.51
CA GLU V 234 39.80 15.87 10.02
C GLU V 234 39.62 16.16 8.53
N LEU V 235 40.54 16.93 7.96
CA LEU V 235 40.43 17.36 6.56
C LEU V 235 41.34 16.57 5.63
N VAL V 236 41.95 15.52 6.17
CA VAL V 236 42.95 14.75 5.43
C VAL V 236 42.31 14.15 4.18
N GLY V 237 41.11 13.60 4.36
CA GLY V 237 40.36 13.10 3.22
C GLY V 237 40.07 14.20 2.19
N PHE V 238 39.59 15.34 2.71
CA PHE V 238 39.34 16.49 1.89
C PHE V 238 40.56 16.82 1.04
N PHE V 239 41.73 16.94 1.67
CA PHE V 239 42.91 17.36 0.90
C PHE V 239 43.30 16.40 -0.23
N LYS V 240 43.17 15.10 0.02
CA LYS V 240 43.41 14.08 -1.03
C LYS V 240 42.42 14.24 -2.18
N ALA V 241 41.16 14.56 -1.85
CA ALA V 241 40.12 14.64 -2.86
C ALA V 241 40.16 15.96 -3.69
N ALA V 242 40.65 17.03 -3.06
CA ALA V 242 40.69 18.33 -3.72
C ALA V 242 41.85 18.47 -4.66
N ALA V 243 41.90 17.57 -5.65
CA ALA V 243 43.02 17.55 -6.60
C ALA V 243 43.42 18.94 -7.20
N ASN V 244 42.44 19.74 -7.59
CA ASN V 244 42.76 21.02 -8.23
C ASN V 244 42.93 22.23 -7.29
N LEU V 245 42.91 21.96 -5.99
CA LEU V 245 42.93 23.06 -5.02
C LEU V 245 44.18 23.92 -5.20
N GLU V 246 44.01 25.23 -5.34
CA GLU V 246 45.12 26.15 -5.42
C GLU V 246 45.21 27.04 -4.17
N GLU V 247 44.09 27.16 -3.47
CA GLU V 247 44.05 28.02 -2.30
C GLU V 247 43.37 27.29 -1.15
N PHE V 248 43.97 27.39 0.04
CA PHE V 248 43.29 26.94 1.24
C PHE V 248 43.67 27.80 2.43
N CYS V 249 42.65 28.34 3.11
CA CYS V 249 42.83 29.10 4.35
C CYS V 249 41.90 28.57 5.42
N GLY V 250 42.37 28.63 6.66
CA GLY V 250 41.55 28.30 7.80
C GLY V 250 42.00 27.02 8.48
N GLY V 251 41.01 26.23 8.88
CA GLY V 251 41.27 25.06 9.71
C GLY V 251 41.87 25.47 11.03
N SER V 252 42.12 24.47 11.86
CA SER V 252 42.73 24.64 13.16
C SER V 252 43.89 23.67 13.30
N LEU V 253 45.07 24.18 13.62
CA LEU V 253 46.21 23.33 13.97
C LEU V 253 46.33 23.29 15.48
N ASN V 254 45.85 22.19 16.07
CA ASN V 254 45.90 22.01 17.52
C ASN V 254 46.92 20.96 17.93
N GLU V 255 48.08 21.41 18.42
CA GLU V 255 49.11 20.49 18.86
C GLU V 255 48.78 20.03 20.27
N ASP V 256 49.07 18.75 20.53
CA ASP V 256 49.11 18.24 21.89
C ASP V 256 50.48 17.59 22.09
N ILE V 257 51.06 17.76 23.28
CA ILE V 257 52.38 17.21 23.57
C ILE V 257 52.40 15.71 23.35
N GLY V 258 51.24 15.07 23.58
CA GLY V 258 51.03 13.66 23.33
C GLY V 258 51.56 13.16 21.99
N MET V 259 51.09 13.77 20.89
CA MET V 259 51.60 13.44 19.57
C MET V 259 52.61 14.50 19.14
N PRO V 260 53.91 14.19 19.22
CA PRO V 260 54.97 15.15 18.90
C PRO V 260 54.93 15.43 17.41
N GLU V 261 54.55 14.41 16.64
CA GLU V 261 54.46 14.56 15.20
C GLU V 261 53.03 14.42 14.75
N LYS V 262 52.12 15.08 15.46
CA LYS V 262 50.68 15.01 15.19
C LYS V 262 50.40 15.13 13.69
N TYR V 263 51.05 16.11 13.09
CA TYR V 263 50.82 16.41 11.69
C TYR V 263 51.86 15.71 10.83
N MET V 264 52.79 16.48 10.26
CA MET V 264 53.95 15.90 9.58
C MET V 264 53.60 14.95 8.43
N ASN V 265 52.37 14.45 8.44
CA ASN V 265 51.92 13.50 7.43
C ASN V 265 50.74 14.05 6.64
N LEU V 266 50.77 15.36 6.41
CA LEU V 266 49.74 16.01 5.62
C LEU V 266 50.00 15.91 4.12
N VAL V 267 49.03 15.35 3.41
CA VAL V 267 49.00 15.39 1.94
C VAL V 267 48.38 16.72 1.51
N PHE V 268 49.18 17.72 1.15
CA PHE V 268 48.58 18.95 0.60
C PHE V 268 48.41 18.87 -0.92
N PRO V 269 47.28 19.36 -1.43
CA PRO V 269 47.08 19.20 -2.87
C PRO V 269 48.28 19.77 -3.62
N ARG V 270 48.69 19.09 -4.69
CA ARG V 270 49.88 19.49 -5.45
C ARG V 270 49.56 20.62 -6.38
N LYS V 271 49.52 21.85 -5.87
CA LYS V 271 49.09 22.99 -6.70
C LYS V 271 48.81 24.11 -5.72
N LEU V 272 48.55 23.72 -4.47
CA LEU V 272 48.37 24.65 -3.36
C LEU V 272 49.50 25.65 -3.41
N CYS V 273 49.16 26.92 -3.48
CA CYS V 273 50.18 27.94 -3.66
C CYS V 273 49.72 29.27 -3.06
N ARG V 274 48.53 29.25 -2.45
CA ARG V 274 47.95 30.42 -1.79
C ARG V 274 47.32 29.87 -0.54
N LEU V 275 47.89 30.17 0.61
CA LEU V 275 47.41 29.50 1.82
C LEU V 275 47.70 30.19 3.16
N GLY V 276 46.97 29.74 4.18
CA GLY V 276 47.13 30.26 5.53
C GLY V 276 46.48 29.27 6.47
N LEU V 277 47.29 28.59 7.28
CA LEU V 277 46.75 27.64 8.25
C LEU V 277 46.64 28.30 9.62
N SER V 278 45.47 28.22 10.23
CA SER V 278 45.22 29.05 11.39
C SER V 278 45.79 28.39 12.62
N TYR V 279 46.37 29.20 13.52
CA TYR V 279 46.98 28.73 14.77
C TYR V 279 48.30 27.96 14.57
N MET V 280 48.77 27.90 13.34
CA MET V 280 50.04 27.24 13.01
C MET V 280 51.19 27.75 13.88
N GLY V 281 51.76 26.82 14.66
CA GLY V 281 52.93 27.12 15.48
C GLY V 281 54.25 26.83 14.76
N PRO V 282 55.37 26.91 15.52
CA PRO V 282 56.69 26.67 14.90
C PRO V 282 56.90 25.16 14.69
N ASN V 283 56.25 24.34 15.53
CA ASN V 283 56.33 22.87 15.44
C ASN V 283 55.62 22.29 14.22
N GLU V 284 54.55 22.94 13.77
CA GLU V 284 53.80 22.47 12.59
C GLU V 284 54.19 23.22 11.30
N MET V 285 54.76 24.41 11.49
CA MET V 285 55.32 25.20 10.38
C MET V 285 55.98 24.39 9.26
N PRO V 286 56.88 23.47 9.62
CA PRO V 286 57.66 22.74 8.60
C PRO V 286 56.84 21.96 7.57
N ILE V 287 55.54 21.67 7.81
CA ILE V 287 54.80 20.90 6.80
C ILE V 287 54.68 21.68 5.48
N LEU V 288 55.02 22.96 5.54
CA LEU V 288 55.01 23.86 4.38
C LEU V 288 56.31 23.81 3.54
N PHE V 289 57.42 23.44 4.20
CA PHE V 289 58.74 23.45 3.55
C PHE V 289 58.75 22.68 2.23
N PRO V 290 58.14 21.48 2.20
CA PRO V 290 58.14 20.61 1.00
C PRO V 290 57.79 21.30 -0.32
N PHE V 291 57.09 22.43 -0.24
CA PHE V 291 56.61 23.08 -1.45
C PHE V 291 56.59 24.59 -1.30
N ALA V 292 57.24 25.08 -0.25
CA ALA V 292 57.39 26.51 -0.02
C ALA V 292 57.86 27.31 -1.27
N ALA V 293 58.61 26.68 -2.17
CA ALA V 293 59.09 27.38 -3.37
C ALA V 293 57.93 27.81 -4.30
N GLN V 294 56.77 27.21 -4.02
CA GLN V 294 55.60 27.25 -4.89
C GLN V 294 54.61 28.35 -4.40
N ILE V 295 54.72 28.66 -3.10
CA ILE V 295 53.81 29.53 -2.38
C ILE V 295 53.94 30.96 -2.85
N ARG V 296 52.83 31.48 -3.37
CA ARG V 296 52.77 32.86 -3.86
C ARG V 296 51.97 33.79 -2.96
N LYS V 297 51.18 33.21 -2.04
CA LYS V 297 50.37 33.99 -1.13
C LYS V 297 50.36 33.35 0.25
N LEU V 298 50.68 34.16 1.26
CA LEU V 298 50.78 33.66 2.62
C LEU V 298 49.95 34.48 3.60
N ASP V 299 49.13 33.81 4.41
CA ASP V 299 48.24 34.49 5.36
C ASP V 299 48.55 34.04 6.80
N LEU V 300 49.54 34.71 7.40
CA LEU V 300 49.98 34.36 8.75
C LEU V 300 49.26 35.22 9.77
N LEU V 301 48.07 35.63 9.40
CA LEU V 301 47.34 36.61 10.18
C LEU V 301 46.88 35.99 11.49
N TYR V 302 46.58 34.69 11.42
CA TYR V 302 46.07 34.00 12.60
C TYR V 302 47.03 32.92 13.02
N ALA V 303 48.31 33.15 12.71
CA ALA V 303 49.37 32.20 13.06
C ALA V 303 49.95 32.43 14.48
N LEU V 304 50.26 31.34 15.16
CA LEU V 304 50.89 31.38 16.48
C LEU V 304 52.39 31.23 16.40
N LEU V 305 53.05 32.00 15.53
CA LEU V 305 54.50 31.88 15.45
C LEU V 305 55.23 33.20 15.68
N GLU V 306 56.47 33.11 16.19
CA GLU V 306 57.20 34.25 16.72
C GLU V 306 58.14 34.84 15.70
N THR V 307 58.71 35.99 16.04
CA THR V 307 59.43 36.77 15.04
C THR V 307 60.57 35.97 14.38
N GLU V 308 61.20 35.13 15.18
CA GLU V 308 62.23 34.23 14.65
C GLU V 308 61.64 33.30 13.59
N ASP V 309 60.57 32.60 13.96
CA ASP V 309 59.89 31.66 13.05
C ASP V 309 59.42 32.29 11.71
N HIS V 310 59.03 33.56 11.76
CA HIS V 310 58.63 34.25 10.54
C HIS V 310 59.78 34.26 9.57
N CYS V 311 60.96 34.63 10.06
CA CYS V 311 62.13 34.79 9.18
C CYS V 311 62.44 33.49 8.49
N THR V 312 62.36 32.41 9.26
CA THR V 312 62.75 31.09 8.75
C THR V 312 61.80 30.61 7.63
N LEU V 313 60.50 30.91 7.77
CA LEU V 313 59.50 30.59 6.75
C LEU V 313 59.59 31.54 5.55
N ILE V 314 59.55 32.84 5.83
CA ILE V 314 59.63 33.84 4.77
C ILE V 314 60.81 33.52 3.86
N GLN V 315 61.92 33.22 4.52
CA GLN V 315 63.19 32.89 3.86
C GLN V 315 63.03 31.75 2.80
N LYS V 316 62.11 30.83 3.02
CA LYS V 316 61.91 29.71 2.07
C LYS V 316 60.91 29.97 0.93
N CYS V 317 60.41 31.21 0.80
CA CYS V 317 59.35 31.52 -0.16
C CYS V 317 59.76 32.64 -1.10
N PRO V 318 60.77 32.36 -1.95
CA PRO V 318 61.31 33.30 -2.96
C PRO V 318 60.27 33.86 -3.92
N ASN V 319 59.18 33.13 -4.13
CA ASN V 319 58.20 33.56 -5.12
C ASN V 319 56.95 34.21 -4.51
N LEU V 320 57.01 34.44 -3.21
CA LEU V 320 55.94 35.10 -2.48
C LEU V 320 55.61 36.44 -3.11
N GLU V 321 54.37 36.62 -3.56
CA GLU V 321 53.96 37.98 -3.95
C GLU V 321 52.96 38.66 -2.99
N VAL V 322 52.27 37.91 -2.15
CA VAL V 322 51.36 38.53 -1.20
C VAL V 322 51.56 37.94 0.18
N LEU V 323 51.80 38.83 1.14
CA LEU V 323 51.95 38.36 2.51
C LEU V 323 51.09 39.22 3.43
N GLU V 324 50.29 38.55 4.24
CA GLU V 324 49.53 39.25 5.27
C GLU V 324 50.05 38.72 6.56
N THR V 325 50.26 39.59 7.54
CA THR V 325 50.69 39.11 8.84
C THR V 325 50.52 40.15 9.94
N ARG V 326 50.64 39.69 11.20
CA ARG V 326 50.64 40.59 12.34
C ARG V 326 52.04 41.23 12.48
N ASN V 327 52.17 42.22 13.38
CA ASN V 327 53.44 42.96 13.50
C ASN V 327 54.57 42.18 14.18
N VAL V 328 54.24 41.01 14.70
CA VAL V 328 55.25 40.07 15.16
C VAL V 328 56.35 39.83 14.12
N ILE V 329 55.99 39.93 12.84
CA ILE V 329 56.96 39.84 11.76
C ILE V 329 58.26 40.56 12.14
N GLY V 330 58.13 41.66 12.88
CA GLY V 330 59.28 42.43 13.34
C GLY V 330 60.14 43.10 12.26
N ASP V 331 61.00 44.03 12.67
CA ASP V 331 61.93 44.62 11.72
C ASP V 331 62.75 43.49 11.13
N ARG V 332 63.08 42.50 11.96
CA ARG V 332 63.95 41.41 11.50
C ARG V 332 63.31 40.67 10.33
N GLY V 333 62.01 40.40 10.47
CA GLY V 333 61.24 39.70 9.44
C GLY V 333 61.22 40.50 8.15
N LEU V 334 61.02 41.81 8.27
CA LEU V 334 61.00 42.66 7.07
C LEU V 334 62.35 42.61 6.33
N GLU V 335 63.43 42.57 7.11
CA GLU V 335 64.77 42.47 6.53
C GLU V 335 64.88 41.19 5.71
N VAL V 336 64.37 40.09 6.26
CA VAL V 336 64.35 38.80 5.53
C VAL V 336 63.58 38.87 4.21
N LEU V 337 62.37 39.41 4.33
CA LEU V 337 61.45 39.59 3.22
C LEU V 337 62.09 40.46 2.16
N ALA V 338 62.93 41.38 2.64
CA ALA V 338 63.59 42.39 1.81
C ALA V 338 64.48 41.81 0.70
N GLN V 339 65.15 40.69 0.93
CA GLN V 339 66.00 40.18 -0.13
C GLN V 339 65.65 38.80 -0.67
N TYR V 340 64.86 38.03 0.08
CA TYR V 340 64.42 36.73 -0.42
C TYR V 340 63.20 36.80 -1.38
N CYS V 341 62.31 37.73 -1.11
CA CYS V 341 61.07 37.84 -1.86
C CYS V 341 61.07 39.15 -2.63
N LYS V 342 61.70 39.11 -3.81
CA LYS V 342 61.87 40.32 -4.61
C LYS V 342 60.61 40.63 -5.41
N GLN V 343 59.77 39.61 -5.59
CA GLN V 343 58.56 39.73 -6.40
C GLN V 343 57.36 40.25 -5.61
N LEU V 344 57.56 40.53 -4.31
CA LEU V 344 56.48 40.95 -3.43
C LEU V 344 55.64 42.12 -4.00
N LYS V 345 54.32 41.90 -4.12
CA LYS V 345 53.41 42.92 -4.65
C LYS V 345 52.51 43.54 -3.56
N ARG V 346 52.15 42.74 -2.55
CA ARG V 346 51.22 43.25 -1.53
C ARG V 346 51.61 42.74 -0.16
N LEU V 347 51.67 43.69 0.77
CA LEU V 347 52.07 43.41 2.14
C LEU V 347 51.17 44.12 3.12
N ARG V 348 50.61 43.36 4.04
CA ARG V 348 49.79 43.95 5.07
C ARG V 348 50.29 43.47 6.43
N ILE V 349 50.63 44.44 7.28
CA ILE V 349 51.08 44.13 8.63
C ILE V 349 50.02 44.62 9.60
N GLU V 350 49.12 43.73 10.02
CA GLU V 350 48.07 44.10 10.97
C GLU V 350 48.71 44.32 12.32
N ARG V 351 47.95 44.86 13.27
CA ARG V 351 48.49 45.02 14.61
C ARG V 351 48.13 43.80 15.46
N GLY V 352 49.07 43.38 16.30
CA GLY V 352 48.94 42.16 17.08
C GLY V 352 48.36 42.35 18.48
N ALA V 353 48.62 41.39 19.37
CA ALA V 353 48.30 41.56 20.79
C ALA V 353 49.17 42.68 21.43
N ASP V 354 48.55 43.82 21.67
CA ASP V 354 49.26 45.06 22.00
C ASP V 354 49.07 45.42 23.47
N GLU V 355 48.80 44.42 24.29
CA GLU V 355 48.57 44.63 25.73
C GLU V 355 49.81 44.31 26.57
N GLN V 356 50.18 43.03 26.60
CA GLN V 356 51.32 42.56 27.41
C GLN V 356 52.57 42.37 26.54
N GLY V 357 53.31 43.45 26.29
CA GLY V 357 54.49 43.38 25.43
C GLY V 357 54.10 42.97 24.03
N MET V 358 54.82 43.51 23.03
CA MET V 358 54.50 43.31 21.62
C MET V 358 54.57 41.87 21.08
N GLU V 359 54.06 40.92 21.86
CA GLU V 359 54.13 39.48 21.55
C GLU V 359 55.53 38.87 21.72
N ASP V 360 56.55 39.69 21.47
CA ASP V 360 57.95 39.40 21.86
C ASP V 360 58.78 40.69 21.71
N GLU V 361 60.06 40.65 22.11
CA GLU V 361 60.89 41.87 22.07
C GLU V 361 61.55 42.13 20.70
N GLU V 362 60.88 41.70 19.63
CA GLU V 362 61.26 42.04 18.24
C GLU V 362 59.99 42.41 17.45
N GLY V 363 58.81 42.11 18.03
CA GLY V 363 57.50 42.31 17.42
C GLY V 363 57.08 43.76 17.33
N LEU V 364 58.02 44.60 16.89
CA LEU V 364 57.77 46.00 16.59
C LEU V 364 58.35 46.19 15.20
N VAL V 365 57.62 46.85 14.32
CA VAL V 365 58.22 47.26 13.06
C VAL V 365 58.44 48.77 13.14
N SER V 366 59.48 49.25 12.45
CA SER V 366 59.96 50.63 12.60
C SER V 366 60.68 51.11 11.34
N GLN V 367 61.31 52.27 11.45
CA GLN V 367 62.04 52.88 10.32
C GLN V 367 62.96 51.85 9.69
N ARG V 368 63.58 51.02 10.55
CA ARG V 368 64.54 50.04 10.10
C ARG V 368 63.90 49.12 9.07
N GLY V 369 62.78 48.51 9.46
CA GLY V 369 62.08 47.57 8.59
C GLY V 369 61.58 48.25 7.33
N LEU V 370 60.90 49.36 7.53
CA LEU V 370 60.33 50.10 6.40
C LEU V 370 61.39 50.41 5.34
N ILE V 371 62.50 51.02 5.77
CA ILE V 371 63.56 51.38 4.82
C ILE V 371 64.23 50.13 4.20
N ALA V 372 64.39 49.06 4.99
CA ALA V 372 64.84 47.78 4.45
C ALA V 372 63.90 47.33 3.31
N LEU V 373 62.62 47.30 3.65
CA LEU V 373 61.56 46.89 2.74
C LEU V 373 61.57 47.67 1.42
N ALA V 374 61.63 48.99 1.56
CA ALA V 374 61.62 49.91 0.41
C ALA V 374 62.71 49.54 -0.59
N GLN V 375 63.87 49.15 -0.07
CA GLN V 375 65.03 48.85 -0.91
C GLN V 375 64.95 47.45 -1.54
N GLY V 376 64.40 46.49 -0.80
CA GLY V 376 64.31 45.12 -1.28
C GLY V 376 63.18 44.85 -2.26
N CYS V 377 61.94 45.20 -1.87
CA CYS V 377 60.75 44.77 -2.59
C CYS V 377 60.21 45.91 -3.44
N GLN V 378 60.92 46.22 -4.52
CA GLN V 378 60.60 47.45 -5.23
C GLN V 378 59.39 47.28 -6.13
N GLU V 379 58.85 46.06 -6.18
CA GLU V 379 57.67 45.80 -7.03
C GLU V 379 56.33 46.03 -6.31
N LEU V 380 56.40 46.30 -4.99
CA LEU V 380 55.22 46.54 -4.15
C LEU V 380 54.18 47.49 -4.74
N GLU V 381 52.94 47.01 -4.80
CA GLU V 381 51.81 47.81 -5.29
C GLU V 381 50.87 48.19 -4.11
N TYR V 382 50.88 47.35 -3.07
CA TYR V 382 50.01 47.56 -1.90
C TYR V 382 50.78 47.31 -0.62
N MET V 383 50.89 48.37 0.19
CA MET V 383 51.57 48.29 1.47
C MET V 383 50.76 48.93 2.57
N ALA V 384 50.37 48.12 3.55
CA ALA V 384 49.62 48.63 4.68
C ALA V 384 50.24 48.10 5.96
N VAL V 385 50.53 49.02 6.85
CA VAL V 385 51.44 48.73 7.96
C VAL V 385 51.00 49.45 9.22
N TYR V 386 50.89 48.69 10.31
CA TYR V 386 50.78 49.27 11.63
C TYR V 386 52.19 49.28 12.20
N VAL V 387 52.73 50.48 12.40
CA VAL V 387 54.14 50.67 12.70
C VAL V 387 54.28 51.21 14.13
N SER V 388 55.32 50.78 14.86
CA SER V 388 55.55 51.22 16.26
C SER V 388 56.38 52.51 16.39
N ASP V 389 57.05 52.90 15.31
CA ASP V 389 57.85 54.12 15.27
C ASP V 389 58.25 54.45 13.83
N ILE V 390 58.12 55.71 13.44
CA ILE V 390 58.61 56.15 12.12
C ILE V 390 59.61 57.31 12.17
N THR V 391 60.22 57.53 11.01
CA THR V 391 61.12 58.64 10.82
C THR V 391 60.87 59.20 9.43
N ASN V 392 60.97 60.52 9.29
CA ASN V 392 60.87 61.12 7.97
C ASN V 392 61.69 60.40 6.90
N GLU V 393 62.80 59.78 7.31
CA GLU V 393 63.72 59.15 6.36
C GLU V 393 63.07 57.93 5.68
N SER V 394 62.32 57.17 6.47
CA SER V 394 61.69 55.96 5.95
C SER V 394 60.63 56.33 4.90
N LEU V 395 59.78 57.28 5.23
CA LEU V 395 58.84 57.76 4.23
C LEU V 395 59.56 58.16 2.95
N GLU V 396 60.70 58.84 3.10
CA GLU V 396 61.49 59.30 1.95
C GLU V 396 61.93 58.13 1.05
N SER V 397 62.35 57.03 1.68
CA SER V 397 62.84 55.88 0.90
C SER V 397 61.72 55.13 0.20
N ILE V 398 60.56 55.05 0.86
CA ILE V 398 59.34 54.54 0.23
C ILE V 398 59.15 55.31 -1.09
N GLY V 399 59.16 56.63 -0.95
CA GLY V 399 58.93 57.52 -2.07
C GLY V 399 59.99 57.40 -3.16
N THR V 400 61.21 57.02 -2.79
CA THR V 400 62.28 56.97 -3.79
C THR V 400 62.37 55.62 -4.52
N TYR V 401 62.16 54.54 -3.78
CA TYR V 401 62.38 53.18 -4.33
C TYR V 401 61.18 52.45 -4.92
N LEU V 402 60.07 52.43 -4.19
CA LEU V 402 58.92 51.68 -4.69
C LEU V 402 57.85 52.57 -5.36
N LYS V 403 58.12 52.90 -6.62
CA LYS V 403 57.13 53.52 -7.47
C LYS V 403 56.03 52.52 -7.63
N ASN V 404 55.13 52.81 -8.57
CA ASN V 404 53.95 51.98 -8.80
C ASN V 404 53.36 51.30 -7.53
N LEU V 405 53.49 52.00 -6.41
CA LEU V 405 52.69 51.76 -5.21
C LEU V 405 51.33 52.39 -5.50
N CYS V 406 50.24 51.64 -5.31
CA CYS V 406 48.90 52.15 -5.64
C CYS V 406 48.11 52.49 -4.38
N ASP V 407 48.46 51.81 -3.29
CA ASP V 407 47.67 51.87 -2.08
C ASP V 407 48.71 51.79 -0.97
N PHE V 408 48.77 52.83 -0.16
CA PHE V 408 49.71 52.86 0.95
C PHE V 408 49.01 53.33 2.22
N ARG V 409 49.14 52.53 3.27
CA ARG V 409 48.51 52.89 4.53
C ARG V 409 49.44 52.65 5.71
N LEU V 410 49.56 53.68 6.54
CA LEU V 410 50.48 53.69 7.65
C LEU V 410 49.68 54.15 8.86
N VAL V 411 49.75 53.39 9.94
CA VAL V 411 49.15 53.83 11.19
C VAL V 411 50.23 53.71 12.24
N LEU V 412 50.50 54.73 13.03
CA LEU V 412 51.48 54.49 14.10
C LEU V 412 50.78 54.24 15.41
N LEU V 413 51.15 53.11 16.00
CA LEU V 413 50.57 52.62 17.25
C LEU V 413 50.66 53.66 18.34
N ASP V 414 49.88 53.49 19.39
CA ASP V 414 49.94 54.47 20.47
C ASP V 414 50.80 53.99 21.64
N ARG V 415 51.32 52.77 21.52
CA ARG V 415 52.15 52.15 22.57
C ARG V 415 53.39 52.98 22.99
N GLU V 416 54.29 53.22 22.03
CA GLU V 416 55.52 53.97 22.28
C GLU V 416 55.27 55.39 22.78
N GLU V 417 56.13 55.83 23.69
CA GLU V 417 56.07 57.17 24.24
C GLU V 417 56.82 58.17 23.36
N ARG V 418 58.08 57.88 23.08
CA ARG V 418 58.90 58.76 22.26
C ARG V 418 58.92 58.24 20.84
N ILE V 419 58.55 59.10 19.89
CA ILE V 419 58.73 58.74 18.49
C ILE V 419 59.94 59.52 17.95
N THR V 420 60.93 58.79 17.41
CA THR V 420 62.19 59.36 16.94
C THR V 420 62.03 60.84 16.53
N ASP V 421 61.72 61.12 15.27
CA ASP V 421 61.43 62.52 14.90
C ASP V 421 59.97 62.57 14.50
N LEU V 422 59.22 63.54 15.02
CA LEU V 422 57.78 63.43 14.80
C LEU V 422 57.17 64.21 13.64
N PRO V 423 57.20 65.55 13.66
CA PRO V 423 56.58 66.24 12.52
C PRO V 423 57.03 65.63 11.18
N LEU V 424 56.10 64.99 10.46
CA LEU V 424 56.47 64.11 9.33
C LEU V 424 56.34 64.80 7.97
N ASP V 425 56.16 66.11 8.01
CA ASP V 425 55.87 66.90 6.83
C ASP V 425 56.74 66.56 5.62
N ASN V 426 58.05 66.51 5.84
CA ASN V 426 58.96 66.38 4.72
C ASN V 426 59.02 64.95 4.14
N GLY V 427 58.68 63.98 5.00
CA GLY V 427 58.55 62.58 4.60
C GLY V 427 57.30 62.30 3.75
N VAL V 428 56.14 62.69 4.28
CA VAL V 428 54.91 62.58 3.49
C VAL V 428 55.09 63.18 2.10
N ARG V 429 55.68 64.39 2.09
CA ARG V 429 55.87 65.14 0.87
C ARG V 429 56.70 64.41 -0.22
N SER V 430 57.77 63.73 0.18
CA SER V 430 58.57 63.01 -0.82
C SER V 430 57.93 61.67 -1.19
N LEU V 431 57.22 61.08 -0.22
CA LEU V 431 56.46 59.87 -0.45
C LEU V 431 55.41 60.09 -1.53
N LEU V 432 54.61 61.15 -1.35
CA LEU V 432 53.55 61.51 -2.32
C LEU V 432 54.11 61.89 -3.69
N ILE V 433 55.36 62.36 -3.69
CA ILE V 433 55.97 62.88 -4.92
C ILE V 433 56.58 61.75 -5.74
N GLY V 434 57.19 60.79 -5.05
CA GLY V 434 57.75 59.62 -5.71
C GLY V 434 56.73 58.57 -6.15
N CYS V 435 55.77 58.23 -5.28
CA CYS V 435 54.74 57.25 -5.60
C CYS V 435 53.59 57.94 -6.32
N LYS V 436 53.76 58.22 -7.60
CA LYS V 436 52.76 59.04 -8.27
C LYS V 436 51.65 58.21 -8.89
N LYS V 437 51.69 56.90 -8.65
CA LYS V 437 50.63 56.05 -9.11
C LYS V 437 49.53 55.87 -8.01
N LEU V 438 49.76 56.51 -6.86
CA LEU V 438 48.96 56.32 -5.64
C LEU V 438 47.48 56.70 -5.72
N ARG V 439 46.59 55.73 -5.54
CA ARG V 439 45.13 55.99 -5.66
C ARG V 439 44.47 56.01 -4.28
N ARG V 440 44.99 55.19 -3.37
CA ARG V 440 44.42 55.11 -2.04
C ARG V 440 45.54 55.39 -1.04
N PHE V 441 45.21 56.13 0.00
CA PHE V 441 46.21 56.62 0.93
C PHE V 441 45.63 56.78 2.33
N ALA V 442 46.27 56.11 3.28
CA ALA V 442 45.85 56.24 4.69
C ALA V 442 47.04 56.60 5.59
N PHE V 443 46.82 57.57 6.46
CA PHE V 443 47.90 58.14 7.24
C PHE V 443 47.32 58.49 8.60
N TYR V 444 47.57 57.61 9.57
CA TYR V 444 46.92 57.71 10.86
C TYR V 444 47.97 57.84 11.97
N LEU V 445 48.05 59.01 12.61
CA LEU V 445 49.15 59.29 13.55
C LEU V 445 48.70 59.57 14.99
N ARG V 446 49.42 60.49 15.64
CA ARG V 446 49.17 60.94 17.01
C ARG V 446 49.27 62.44 16.94
N GLN V 447 48.84 63.18 17.96
CA GLN V 447 48.67 64.64 17.74
C GLN V 447 49.89 65.39 17.13
N GLY V 448 51.06 65.27 17.77
CA GLY V 448 52.25 65.88 17.19
C GLY V 448 52.57 65.52 15.73
N GLY V 449 51.90 64.50 15.22
CA GLY V 449 52.34 63.82 14.00
C GLY V 449 52.54 64.66 12.74
N LEU V 450 51.62 65.59 12.49
CA LEU V 450 51.72 66.35 11.25
C LEU V 450 51.25 67.77 11.50
N THR V 451 51.91 68.73 10.85
CA THR V 451 51.61 70.14 11.00
C THR V 451 50.74 70.60 9.84
N ASP V 452 50.05 71.73 10.04
CA ASP V 452 49.28 72.32 8.95
C ASP V 452 50.06 72.39 7.64
N LEU V 453 51.37 72.53 7.74
CA LEU V 453 52.20 72.63 6.55
C LEU V 453 52.21 71.28 5.85
N GLY V 454 52.38 70.22 6.65
CA GLY V 454 52.35 68.86 6.12
C GLY V 454 50.99 68.49 5.52
N LEU V 455 49.94 68.84 6.27
CA LEU V 455 48.59 68.57 5.81
C LEU V 455 48.40 69.18 4.41
N SER V 456 48.91 70.39 4.20
CA SER V 456 48.73 71.02 2.89
C SER V 456 49.51 70.24 1.82
N TYR V 457 50.63 69.62 2.25
CA TYR V 457 51.48 68.87 1.34
C TYR V 457 50.71 67.71 0.75
N ILE V 458 49.96 67.05 1.64
CA ILE V 458 49.15 65.90 1.27
C ILE V 458 48.14 66.29 0.18
N GLY V 459 47.46 67.44 0.42
CA GLY V 459 46.53 68.02 -0.54
C GLY V 459 47.23 68.42 -1.84
N GLN V 460 48.50 68.81 -1.71
CA GLN V 460 49.23 69.36 -2.83
C GLN V 460 49.83 68.30 -3.73
N TYR V 461 50.26 67.19 -3.13
CA TYR V 461 50.98 66.16 -3.90
C TYR V 461 50.26 64.82 -4.08
N SER V 462 48.93 64.85 -4.19
CA SER V 462 48.20 63.59 -4.34
C SER V 462 47.11 63.66 -5.42
N PRO V 463 47.54 63.96 -6.64
CA PRO V 463 46.65 64.19 -7.79
C PRO V 463 45.86 62.94 -8.19
N ASN V 464 46.35 61.75 -7.82
CA ASN V 464 45.65 60.53 -8.23
C ASN V 464 44.87 59.82 -7.16
N VAL V 465 44.87 60.42 -5.97
CA VAL V 465 44.24 59.78 -4.83
C VAL V 465 42.71 59.95 -4.79
N ARG V 466 42.02 58.82 -4.86
CA ARG V 466 40.59 58.79 -4.83
C ARG V 466 40.08 58.68 -3.36
N TRP V 467 40.81 57.95 -2.53
CA TRP V 467 40.38 57.70 -1.15
C TRP V 467 41.46 58.04 -0.13
N MET V 468 41.07 58.69 0.94
CA MET V 468 42.03 58.99 2.02
C MET V 468 41.44 58.77 3.40
N LEU V 469 42.22 58.09 4.24
CA LEU V 469 41.92 58.01 5.67
C LEU V 469 43.03 58.79 6.40
N LEU V 470 42.66 59.90 7.03
CA LEU V 470 43.61 60.72 7.78
C LEU V 470 43.40 60.52 9.28
N GLY V 471 44.50 60.20 9.95
CA GLY V 471 44.50 59.88 11.36
C GLY V 471 44.45 61.09 12.28
N TYR V 472 45.58 61.41 12.91
CA TYR V 472 45.55 62.53 13.84
C TYR V 472 46.36 63.68 13.27
N VAL V 473 45.99 64.11 12.06
CA VAL V 473 46.82 65.06 11.37
C VAL V 473 46.43 66.52 11.65
N GLY V 474 47.35 67.42 11.28
CA GLY V 474 47.17 68.85 11.43
C GLY V 474 47.24 69.37 12.85
N GLU V 475 47.22 70.70 12.97
CA GLU V 475 47.22 71.42 14.26
C GLU V 475 45.98 72.32 14.40
N SER V 476 45.54 72.93 13.30
CA SER V 476 44.35 73.79 13.29
C SER V 476 43.56 73.76 11.98
N ASP V 477 42.42 74.47 11.97
CA ASP V 477 41.62 74.56 10.75
C ASP V 477 42.45 75.04 9.53
N GLU V 478 43.51 75.82 9.78
CA GLU V 478 44.38 76.28 8.70
C GLU V 478 44.83 75.11 7.84
N GLY V 479 45.04 73.96 8.49
CA GLY V 479 45.56 72.79 7.81
C GLY V 479 44.51 72.15 6.93
N LEU V 480 43.30 72.03 7.47
CA LEU V 480 42.20 71.45 6.74
C LEU V 480 41.94 72.28 5.49
N MET V 481 41.82 73.59 5.71
CA MET V 481 41.57 74.52 4.60
C MET V 481 42.68 74.46 3.53
N GLU V 482 43.94 74.41 3.95
CA GLU V 482 45.03 74.35 2.98
C GLU V 482 44.94 73.05 2.16
N PHE V 483 44.73 71.96 2.89
CA PHE V 483 44.50 70.65 2.32
C PHE V 483 43.40 70.69 1.27
N SER V 484 42.31 71.37 1.64
CA SER V 484 41.09 71.40 0.83
C SER V 484 41.26 72.08 -0.54
N ARG V 485 42.37 72.79 -0.75
CA ARG V 485 42.51 73.41 -2.06
C ARG V 485 43.27 72.47 -2.99
N GLY V 486 43.55 71.27 -2.53
CA GLY V 486 44.16 70.26 -3.39
C GLY V 486 43.23 69.08 -3.68
N CYS V 487 43.83 67.89 -3.78
CA CYS V 487 43.06 66.66 -3.90
C CYS V 487 42.06 66.74 -5.05
N PRO V 488 42.60 66.95 -6.26
CA PRO V 488 41.76 67.18 -7.44
C PRO V 488 40.81 66.00 -7.62
N ASN V 489 41.26 64.81 -7.20
CA ASN V 489 40.50 63.59 -7.45
C ASN V 489 40.00 62.83 -6.24
N LEU V 490 39.98 63.48 -5.07
CA LEU V 490 39.56 62.83 -3.83
C LEU V 490 38.03 62.61 -3.86
N GLN V 491 37.63 61.33 -3.83
CA GLN V 491 36.23 61.00 -3.90
C GLN V 491 35.66 60.74 -2.53
N LYS V 492 36.43 59.99 -1.75
CA LYS V 492 35.99 59.50 -0.44
C LYS V 492 37.01 59.94 0.64
N LEU V 493 36.57 60.65 1.67
CA LEU V 493 37.50 61.12 2.68
C LEU V 493 37.02 60.69 4.06
N GLU V 494 37.87 59.92 4.77
CA GLU V 494 37.59 59.50 6.16
C GLU V 494 38.60 60.15 7.09
N MET V 495 38.13 60.88 8.09
CA MET V 495 39.02 61.47 9.08
C MET V 495 38.51 61.17 10.47
N ARG V 496 39.37 60.71 11.36
CA ARG V 496 38.98 60.64 12.76
C ARG V 496 40.09 61.14 13.67
N GLY V 497 39.75 61.54 14.90
CA GLY V 497 40.71 62.14 15.80
C GLY V 497 41.35 63.45 15.30
N CYS V 498 40.59 64.25 14.56
CA CYS V 498 41.08 65.56 14.18
C CYS V 498 40.37 66.71 14.92
N CYS V 499 41.12 67.79 15.10
CA CYS V 499 40.68 68.93 15.87
C CYS V 499 39.65 69.78 15.11
N PHE V 500 39.75 69.80 13.78
CA PHE V 500 38.96 70.71 12.95
C PHE V 500 37.52 70.99 13.42
N SER V 501 37.05 72.21 13.19
CA SER V 501 35.73 72.65 13.66
C SER V 501 34.66 72.35 12.63
N GLU V 502 33.41 72.45 13.07
CA GLU V 502 32.30 72.28 12.14
C GLU V 502 32.45 73.14 10.88
N ARG V 503 32.62 74.44 11.03
CA ARG V 503 32.65 75.32 9.84
C ARG V 503 33.81 75.01 8.90
N ALA V 504 34.92 74.49 9.46
CA ALA V 504 36.09 74.13 8.68
C ALA V 504 35.83 72.89 7.81
N ILE V 505 35.24 71.87 8.44
CA ILE V 505 34.77 70.69 7.71
C ILE V 505 33.86 71.15 6.55
N ALA V 506 32.81 71.87 6.93
CA ALA V 506 31.86 72.36 5.94
C ALA V 506 32.56 73.11 4.79
N ALA V 507 33.54 73.93 5.13
CA ALA V 507 34.14 74.76 4.11
C ALA V 507 35.08 73.92 3.21
N ALA V 508 35.73 72.92 3.82
CA ALA V 508 36.61 72.04 3.06
C ALA V 508 35.82 71.20 2.07
N VAL V 509 34.62 70.77 2.49
CA VAL V 509 33.78 69.96 1.60
C VAL V 509 33.43 70.78 0.34
N THR V 510 33.11 72.04 0.59
CA THR V 510 32.76 72.99 -0.46
C THR V 510 33.89 73.17 -1.46
N LYS V 511 35.13 73.19 -0.97
CA LYS V 511 36.29 73.37 -1.85
C LYS V 511 36.71 72.13 -2.65
N LEU V 512 36.44 70.95 -2.12
CA LEU V 512 36.88 69.73 -2.80
C LEU V 512 36.03 69.39 -4.04
N PRO V 513 36.64 69.51 -5.21
CA PRO V 513 35.94 69.31 -6.48
C PRO V 513 35.29 67.93 -6.58
N SER V 514 35.98 66.87 -6.12
CA SER V 514 35.52 65.53 -6.45
C SER V 514 34.77 64.81 -5.32
N LEU V 515 34.73 65.41 -4.13
CA LEU V 515 34.24 64.70 -2.96
C LEU V 515 32.80 64.19 -3.12
N ARG V 516 32.56 62.89 -2.91
CA ARG V 516 31.19 62.36 -2.87
C ARG V 516 30.83 61.58 -1.61
N TYR V 517 31.81 61.44 -0.68
CA TYR V 517 31.62 60.70 0.59
C TYR V 517 32.52 61.28 1.68
N LEU V 518 31.93 61.51 2.85
CA LEU V 518 32.68 62.04 3.98
C LEU V 518 32.23 61.34 5.24
N TRP V 519 33.21 60.84 5.99
CA TRP V 519 32.98 60.27 7.31
C TRP V 519 33.99 60.90 8.24
N VAL V 520 33.52 61.43 9.36
CA VAL V 520 34.40 62.13 10.27
C VAL V 520 33.99 61.80 11.68
N GLN V 521 34.97 61.42 12.50
CA GLN V 521 34.71 61.24 13.93
C GLN V 521 35.69 62.13 14.72
N GLY V 522 35.17 62.82 15.74
CA GLY V 522 35.96 63.77 16.49
C GLY V 522 36.16 65.08 15.74
N TYR V 523 35.50 66.12 16.23
CA TYR V 523 35.57 67.45 15.63
C TYR V 523 34.97 68.47 16.61
N ARG V 524 35.47 69.72 16.60
CA ARG V 524 34.93 70.77 17.50
C ARG V 524 33.45 71.00 17.17
N ALA V 525 32.56 70.31 17.89
CA ALA V 525 31.13 70.36 17.61
C ALA V 525 30.50 71.67 18.06
N SER V 526 29.18 71.64 18.22
CA SER V 526 28.40 72.74 18.79
C SER V 526 26.93 72.30 18.77
N MET V 527 26.30 72.27 19.94
CA MET V 527 24.91 71.85 20.05
C MET V 527 24.08 72.59 18.99
N THR V 528 24.47 73.85 18.70
CA THR V 528 23.87 74.63 17.62
C THR V 528 23.51 73.71 16.46
N GLY V 529 24.49 72.91 16.03
CA GLY V 529 24.37 72.05 14.87
C GLY V 529 24.63 72.84 13.60
N GLN V 530 24.21 74.10 13.64
CA GLN V 530 23.97 74.89 12.44
C GLN V 530 25.18 75.31 11.66
N ASP V 531 26.35 74.79 12.02
CA ASP V 531 27.55 75.19 11.29
C ASP V 531 27.85 74.23 10.17
N LEU V 532 27.48 72.97 10.37
CA LEU V 532 27.61 71.97 9.32
C LEU V 532 26.76 72.39 8.13
N MET V 533 25.64 73.05 8.44
CA MET V 533 24.71 73.51 7.41
C MET V 533 25.35 74.34 6.28
N GLN V 534 26.53 74.90 6.51
CA GLN V 534 27.07 75.78 5.50
C GLN V 534 27.69 74.97 4.35
N MET V 535 27.38 73.68 4.33
CA MET V 535 27.72 72.83 3.19
C MET V 535 26.47 72.17 2.61
N ALA V 536 25.29 72.65 3.02
CA ALA V 536 24.05 72.18 2.43
C ALA V 536 23.99 72.49 0.92
N ARG V 537 24.19 71.46 0.10
CA ARG V 537 24.01 71.53 -1.33
C ARG V 537 22.80 70.67 -1.63
N PRO V 538 22.25 70.79 -2.86
CA PRO V 538 21.22 69.83 -3.32
C PRO V 538 21.85 68.46 -3.52
N TYR V 539 21.06 67.39 -3.30
CA TYR V 539 21.56 66.03 -3.44
C TYR V 539 22.63 65.57 -2.41
N TRP V 540 22.89 66.37 -1.39
CA TRP V 540 23.95 66.08 -0.43
C TRP V 540 23.29 65.75 0.87
N ASN V 541 23.40 64.48 1.26
CA ASN V 541 22.75 63.99 2.46
C ASN V 541 23.77 64.07 3.60
N ILE V 542 23.39 64.70 4.71
CA ILE V 542 24.31 64.68 5.85
C ILE V 542 23.59 63.98 6.98
N GLU V 543 24.26 63.00 7.60
CA GLU V 543 23.71 62.23 8.73
C GLU V 543 24.63 62.35 9.92
N LEU V 544 24.05 62.49 11.12
CA LEU V 544 24.83 62.51 12.34
C LEU V 544 24.59 61.26 13.19
N ILE V 545 25.65 60.63 13.66
CA ILE V 545 25.53 59.62 14.69
C ILE V 545 26.03 60.24 15.99
N PRO V 546 25.11 60.72 16.83
CA PRO V 546 25.39 61.49 18.06
C PRO V 546 26.34 60.81 19.04
N SER V 547 26.82 61.59 19.99
CA SER V 547 27.91 61.19 20.87
C SER V 547 27.53 60.17 21.95
N ARG V 548 26.70 59.19 21.60
CA ARG V 548 26.28 58.17 22.55
C ARG V 548 27.42 57.19 22.87
N HIS V 564 31.07 56.76 21.86
CA HIS V 564 32.05 57.34 20.93
C HIS V 564 31.60 58.75 20.50
N PRO V 565 32.56 59.63 20.14
CA PRO V 565 32.27 61.03 19.74
C PRO V 565 31.37 61.10 18.49
N ALA V 566 30.62 62.19 18.32
CA ALA V 566 29.69 62.33 17.19
C ALA V 566 30.35 61.98 15.84
N HIS V 567 29.61 61.27 14.99
CA HIS V 567 30.09 61.01 13.65
C HIS V 567 29.32 61.87 12.66
N ILE V 568 30.00 62.22 11.58
CA ILE V 568 29.34 62.88 10.48
C ILE V 568 29.48 61.97 9.27
N LEU V 569 28.37 61.59 8.68
CA LEU V 569 28.43 60.87 7.44
C LEU V 569 27.73 61.75 6.39
N ALA V 570 28.36 61.98 5.26
CA ALA V 570 27.68 62.70 4.20
C ALA V 570 28.04 62.19 2.81
N TYR V 571 27.08 62.16 1.91
CA TYR V 571 27.30 61.56 0.60
C TYR V 571 26.32 62.17 -0.39
N TYR V 572 26.68 62.14 -1.68
CA TYR V 572 25.72 62.54 -2.70
C TYR V 572 24.77 61.39 -2.93
N SER V 573 23.49 61.73 -3.16
CA SER V 573 22.49 60.76 -3.54
C SER V 573 21.38 61.34 -4.45
N LEU V 574 21.11 60.62 -5.54
CA LEU V 574 19.98 60.91 -6.43
C LEU V 574 18.60 60.57 -5.82
N ALA V 575 18.57 60.00 -4.61
CA ALA V 575 17.35 59.39 -4.08
C ALA V 575 16.68 60.19 -3.00
N GLY V 576 17.45 61.10 -2.40
CA GLY V 576 16.97 61.85 -1.26
C GLY V 576 17.31 61.13 0.01
N GLN V 577 16.82 61.63 1.13
CA GLN V 577 17.11 61.03 2.42
C GLN V 577 16.52 59.63 2.61
N ARG V 578 17.34 58.74 3.19
CA ARG V 578 16.91 57.36 3.45
C ARG V 578 15.69 57.33 4.36
N THR V 579 14.78 56.43 4.01
CA THR V 579 13.60 56.16 4.79
C THR V 579 13.89 55.38 6.09
N ASP V 580 15.03 54.71 6.14
CA ASP V 580 15.21 53.63 7.10
C ASP V 580 16.21 53.89 8.21
N CYS V 581 16.29 55.14 8.66
CA CYS V 581 17.22 55.44 9.75
C CYS V 581 16.76 54.84 11.06
N PRO V 582 17.72 54.32 11.84
CA PRO V 582 17.54 53.97 13.25
C PRO V 582 17.24 55.23 14.06
N THR V 583 16.95 55.05 15.35
CA THR V 583 16.83 56.18 16.28
C THR V 583 18.18 56.82 16.61
N THR V 584 19.23 56.00 16.69
CA THR V 584 20.59 56.52 16.89
C THR V 584 21.18 57.41 15.81
N VAL V 585 20.44 57.70 14.76
CA VAL V 585 21.00 58.48 13.65
C VAL V 585 20.06 59.60 13.31
N ARG V 586 20.58 60.82 13.32
CA ARG V 586 19.75 61.99 13.09
C ARG V 586 20.08 62.56 11.72
N VAL V 587 19.06 62.73 10.88
CA VAL V 587 19.25 63.37 9.58
C VAL V 587 19.23 64.91 9.72
N LEU V 588 20.27 65.58 9.24
CA LEU V 588 20.34 67.01 9.38
C LEU V 588 19.64 67.67 8.20
N LYS V 589 18.59 68.45 8.49
CA LYS V 589 17.88 69.28 7.51
C LYS V 589 17.87 70.76 7.94
N GLU V 590 17.47 71.64 7.02
CA GLU V 590 17.48 73.09 7.27
C GLU V 590 16.72 73.48 8.54
N PRO V 591 16.94 74.71 9.05
CA PRO V 591 16.43 75.17 10.35
C PRO V 591 15.40 74.25 11.03
N ILE V 592 15.73 73.80 12.24
CA ILE V 592 14.90 72.87 13.02
C ILE V 592 13.53 73.47 13.37
N ARG W 1 41.03 48.83 16.42
CA ARG W 1 40.74 47.45 16.82
C ARG W 1 39.86 46.71 15.81
N ARG W 2 40.47 46.24 14.72
CA ARG W 2 39.77 45.50 13.67
C ARG W 2 38.90 44.36 14.25
N ALA W 3 37.76 44.07 13.64
CA ALA W 3 36.81 43.11 14.21
C ALA W 3 37.16 41.63 13.92
N SER W 4 38.04 41.40 12.95
CA SER W 4 38.50 40.05 12.63
C SER W 4 39.63 39.57 13.55
N LEU W 5 40.55 40.49 13.91
CA LEU W 5 41.64 40.19 14.84
C LEU W 5 41.26 40.30 16.31
N HIS W 6 40.16 41.01 16.60
CA HIS W 6 39.65 41.10 17.97
C HIS W 6 39.02 39.76 18.37
N ARG W 7 38.52 39.04 17.37
CA ARG W 7 37.99 37.70 17.56
C ARG W 7 39.13 36.71 17.78
N PHE W 8 40.25 36.91 17.06
CA PHE W 8 41.42 36.03 17.15
C PHE W 8 42.28 36.29 18.38
N LEU W 9 42.56 37.57 18.68
CA LEU W 9 43.43 37.90 19.82
C LEU W 9 42.88 37.32 21.14
N GLU W 10 41.60 36.91 21.11
CA GLU W 10 40.94 36.27 22.24
C GLU W 10 40.79 34.75 22.11
N LYS W 11 40.62 34.26 20.87
CA LYS W 11 40.67 32.81 20.60
C LYS W 11 42.09 32.28 20.76
N ARG W 12 43.04 33.21 20.77
CA ARG W 12 44.46 32.91 20.97
C ARG W 12 44.71 32.64 22.45
N LYS W 13 44.48 33.65 23.28
CA LYS W 13 44.65 33.51 24.73
C LYS W 13 43.60 32.57 25.34
#